data_9E7M
#
_entry.id   9E7M
#
_cell.length_a   1.00
_cell.length_b   1.00
_cell.length_c   1.00
_cell.angle_alpha   90.00
_cell.angle_beta   90.00
_cell.angle_gamma   90.00
#
_symmetry.space_group_name_H-M   'P 1'
#
loop_
_entity.id
_entity.type
_entity.pdbx_description
1 polymer 'Tape measure protein'
2 polymer 'Tail tip assembly protein I'
3 polymer 'Tail tip assembly protein I'
4 polymer 'Tip attachment protein J'
5 polymer 'Tail tip protein L'
6 polymer 'Tail fiber protein'
7 polymer 'Tail tip protein M'
8 polymer 'Tail tube protein'
9 non-polymer 'IRON/SULFUR CLUSTER'
#
loop_
_entity_poly.entity_id
_entity_poly.type
_entity_poly.pdbx_seq_one_letter_code
_entity_poly.pdbx_strand_id
1 'polypeptide(L)' IGPAALKAVYDMARKGARDEIQTQMRDGGLFS Ha,Hb,Hc
2 'polypeptide(L)'
;GGMTGILFSLGASMVLGGVAQMLAPKARTPRIQTTDNGKQNTYFSSLDNMVAQGNVLPVLYGEMRVGSRVVSQEISTADE
GDGGQVVVIG
;
Ia,Ib
3 'polypeptide(L)'
;GGMTGVLFSLGASMVLGGVAQMLAPKARTPRIQTTDNGKQNTYFSSLDNMVAQGNVLPVLYGEMRVGSRVVSQEISTADE
GDGGQVVVIG
;
Ic
4 'polypeptide(L)'
;MGKGSSKGHTPREAKDNLKSTQLLSVIDAISEGPIEGPVDGLKSVLLNSTPVLDTEGNTNISGVTVVFRAGEQEQTPPEG
FESSGSETVLGTEVKYDTPITRTITSANIDRLRFTFGVQALVETTSKGDRNPSEVRLLVQIQRNGGWVTEKDITIKGKTT
SQYLASVVMGNLPPRPFNIRMRRMTPDSTTDQLQNKTLWSSYTEIIDVKQCYPNTALVGVQVDSEQFGSQQVSRNYHLRG
RILQVPSNYNPQTRQYSGIWDGTFKPAYSNNMAWCLWDMLTHPRYGMGKRLGAADVDKWALYVIGQYCDQSVPDGFGGTE
PRITCNAYLTTQRKAWDVLSDFCSAMRCMPVWNGQTLTFVQDRPSDKTWTYNRSNVVMPDDGAPFRYSFSALKDRHNAVE
VNWIDPNNGWETATELVEDTQAIARYGRNVTKMDAFGCTSRGQAHRAGLWLIKTELLETQTVDFSVGAEGLRHVPGDVIE
ICDDDYAGISTGGRVLAVNSQTRTLTLDREITLPSSGTALISLVDGSGNPVSVEVQSVTDGVKVKVSRVPDGVAEYSVWE
LKLPTLRQRLFRCVSIRENDDGTYAITAVQHVPEKEAIVDNGAHFDGEQSGTVNGVTPPAVQHLTAEVTADSGEYQVLAR
WDTPKVVKGVSFLLRLTVTADDGSERLVSTARTTETTYRFTQLALGNYRLTVRAVNAWGQQGDPASVSFRIAAPAAPSRI
ELTPGYFQITATPHLAVYDPTVQFEFWFSEKQIADIRQVETSTRYLGTALYWIAASINIKPGHDYYFYIRSVNTVGKSAF
VEAVGRASDDAEGYLDFFKGKITESHLGKELLEKV
;
Ja,Jb,Jc
5 'polypeptide(L)'
;MQDIRQETLNECTRAEQSASVVLWEIDLTEVGGERYFFCNEQNEKGEPVTWQGRQYQPYPIQGSGFELNGKGTSTRPTLT
VSNLYGMVTGMAEDMQSLVGGTVVRRKVYARFLDAVNFVNGNSYADPEQEVISRWRIEQCSELSAVSASFVLSTPTETDG
AVFPGRIMLANTCTWTYRGDECGYSGPAVADEYDQPTSDITKDKCSKCLSGCKFRNNVGNFGGFLSINKLSQ
;
Lc,Lb,La
6 'polypeptide(L)'
;MAVKISGVLKDGTGKPVQNCTIQLKARRNSTTVVVNTVGSENPDEAGRYSMDVEYGQYSVILQVDGFPPSHAGTITVYED
SQPGTLNDFLCAMT
;
Ta,Tb,Tc,Td,Te,Tf,Tg,Tl,Th,Ti,Tj,Tk
7 'polypeptide(L)'
;MKTFRWKVKPGMDVASVPSVRKVRFGDGYSQRAPAGLNANLKTYSVTLSVPREEATVLESFLEEHGGWKSFLWTPPYEWR
QIKVTCAKWSSRVSMLRVEFSAEFEQVVN
;
Ma,Mb,Mc,Md,Me,Mf
8 'polypeptide(L)'
;VPNPTMPVKGAGTTLWVYKGSGDPYANPLSDVDWSRLAKVKDLTPGELTAESYDDSYLDDEDADWTATGQGQKSAGDTSF
TLAWMPGEQGQQALLAWFNEGDTRAYKIRFPNGTVDVFRGWVSSIGKAVTVITRTVKVTNVGRPSMAEDRST
;
Va,Vb,Vc,Vd,Ve,Vf
#
# COMPACT_ATOMS: atom_id res chain seq x y z
N ILE A 1 -3.49 5.74 19.99
CA ILE A 1 -2.58 5.85 21.11
C ILE A 1 -1.29 5.09 20.82
N GLY A 2 -1.41 3.81 20.48
CA GLY A 2 -0.26 2.98 20.24
C GLY A 2 -0.43 2.04 19.07
N PRO A 3 -0.21 0.75 19.30
CA PRO A 3 -0.29 -0.23 18.21
C PRO A 3 -1.66 -0.33 17.54
N ALA A 4 -2.71 0.20 18.16
CA ALA A 4 -4.01 0.22 17.49
C ALA A 4 -3.94 1.05 16.21
N ALA A 5 -3.31 2.22 16.28
CA ALA A 5 -3.14 3.03 15.08
C ALA A 5 -2.29 2.31 14.05
N LEU A 6 -1.24 1.62 14.50
CA LEU A 6 -0.38 0.90 13.57
C LEU A 6 -1.15 -0.20 12.85
N LYS A 7 -1.96 -0.97 13.58
CA LYS A 7 -2.77 -2.00 12.95
C LYS A 7 -3.77 -1.39 11.98
N ALA A 8 -4.41 -0.29 12.37
CA ALA A 8 -5.36 0.38 11.49
C ALA A 8 -4.70 0.79 10.18
N VAL A 9 -3.54 1.46 10.28
CA VAL A 9 -2.84 1.91 9.09
C VAL A 9 -2.38 0.73 8.25
N TYR A 10 -1.96 -0.36 8.90
CA TYR A 10 -1.51 -1.54 8.17
C TYR A 10 -2.63 -2.14 7.33
N ASP A 11 -3.81 -2.31 7.95
CA ASP A 11 -4.95 -2.84 7.19
C ASP A 11 -5.34 -1.89 6.07
N MET A 12 -5.33 -0.58 6.34
CA MET A 12 -5.71 0.38 5.31
C MET A 12 -4.75 0.32 4.14
N ALA A 13 -3.44 0.21 4.43
CA ALA A 13 -2.44 0.14 3.38
C ALA A 13 -2.56 -1.15 2.57
N ARG A 14 -2.83 -2.26 3.25
CA ARG A 14 -3.04 -3.51 2.53
C ARG A 14 -4.24 -3.40 1.58
N LYS A 15 -5.33 -2.80 2.04
CA LYS A 15 -6.49 -2.62 1.19
C LYS A 15 -6.16 -1.73 0.00
N GLY A 16 -5.44 -0.64 0.24
CA GLY A 16 -5.04 0.22 -0.85
C GLY A 16 -4.17 -0.49 -1.86
N ALA A 17 -3.25 -1.33 -1.39
CA ALA A 17 -2.40 -2.09 -2.30
C ALA A 17 -3.21 -3.07 -3.13
N ARG A 18 -4.21 -3.71 -2.51
CA ARG A 18 -5.08 -4.60 -3.26
C ARG A 18 -5.82 -3.85 -4.35
N ASP A 19 -6.35 -2.67 -4.02
CA ASP A 19 -7.06 -1.88 -5.03
C ASP A 19 -6.12 -1.44 -6.15
N GLU A 20 -4.89 -1.05 -5.80
CA GLU A 20 -3.93 -0.64 -6.82
C GLU A 20 -3.58 -1.79 -7.75
N ILE A 21 -3.37 -2.98 -7.18
CA ILE A 21 -3.07 -4.15 -8.00
C ILE A 21 -4.23 -4.44 -8.95
N GLN A 22 -5.46 -4.37 -8.43
CA GLN A 22 -6.63 -4.64 -9.26
C GLN A 22 -6.75 -3.63 -10.39
N THR A 23 -6.52 -2.35 -10.08
CA THR A 23 -6.70 -1.32 -11.11
C THR A 23 -5.56 -1.30 -12.11
N GLN A 24 -4.38 -1.79 -11.73
CA GLN A 24 -3.25 -1.83 -12.64
C GLN A 24 -3.19 -3.11 -13.46
N MET A 25 -3.87 -4.16 -13.02
CA MET A 25 -3.92 -5.41 -13.76
C MET A 25 -4.90 -5.35 -14.92
N ARG A 26 -5.75 -4.33 -14.95
CA ARG A 26 -6.79 -4.20 -15.96
C ARG A 26 -6.19 -3.94 -17.34
N ASP A 27 -7.07 -3.83 -18.34
CA ASP A 27 -6.64 -3.70 -19.74
C ASP A 27 -5.66 -2.54 -19.88
N GLY A 28 -6.08 -1.35 -19.50
CA GLY A 28 -5.18 -0.22 -19.52
C GLY A 28 -4.15 -0.31 -18.41
N GLY A 29 -3.15 0.56 -18.49
CA GLY A 29 -2.13 0.60 -17.46
C GLY A 29 -0.94 -0.28 -17.79
N LEU A 30 -0.11 -0.53 -16.77
CA LEU A 30 1.17 -1.21 -16.95
C LEU A 30 1.07 -2.73 -16.83
N PHE A 31 -0.12 -3.26 -16.56
CA PHE A 31 -0.35 -4.71 -16.50
C PHE A 31 0.55 -5.37 -15.45
N SER A 32 0.33 -5.00 -14.20
CA SER A 32 1.10 -5.55 -13.09
C SER A 32 0.85 -7.04 -12.94
N GLY B 2 -10.35 -4.95 22.90
CA GLY B 2 -11.62 -4.27 23.02
C GLY B 2 -12.39 -4.22 21.72
N MET B 3 -12.60 -3.02 21.19
CA MET B 3 -13.29 -2.88 19.92
C MET B 3 -12.45 -3.45 18.79
N THR B 4 -13.14 -3.83 17.71
CA THR B 4 -12.49 -4.38 16.52
C THR B 4 -13.00 -3.57 15.33
N GLY B 5 -12.34 -2.45 15.05
CA GLY B 5 -12.76 -1.57 13.99
C GLY B 5 -12.18 -1.95 12.64
N ILE B 6 -12.54 -1.14 11.63
CA ILE B 6 -12.11 -1.33 10.25
C ILE B 6 -12.49 -2.73 9.77
N LEU B 7 -13.80 -2.98 9.65
CA LEU B 7 -14.26 -4.21 9.01
C LEU B 7 -13.95 -4.19 7.51
N PHE B 8 -14.24 -3.07 6.87
CA PHE B 8 -13.96 -2.84 5.45
C PHE B 8 -14.54 -3.95 4.58
N SER B 9 -15.88 -3.98 4.55
CA SER B 9 -16.62 -4.89 3.68
C SER B 9 -16.05 -4.89 2.27
N LEU B 10 -15.88 -6.09 1.70
CA LEU B 10 -15.23 -6.27 0.42
C LEU B 10 -16.13 -6.97 -0.59
N GLY B 11 -17.45 -6.96 -0.38
CA GLY B 11 -18.34 -7.61 -1.32
C GLY B 11 -18.28 -7.01 -2.71
N ALA B 12 -18.01 -5.71 -2.79
CA ALA B 12 -17.96 -5.04 -4.08
C ALA B 12 -16.70 -5.41 -4.86
N SER B 13 -15.57 -5.58 -4.17
CA SER B 13 -14.30 -5.79 -4.85
C SER B 13 -14.25 -7.14 -5.57
N MET B 14 -14.85 -8.18 -5.00
CA MET B 14 -14.77 -9.51 -5.60
C MET B 14 -15.51 -9.57 -6.93
N VAL B 15 -16.66 -8.90 -7.04
CA VAL B 15 -17.43 -8.94 -8.28
C VAL B 15 -16.69 -8.27 -9.42
N LEU B 16 -15.70 -7.43 -9.13
CA LEU B 16 -15.03 -6.67 -10.17
C LEU B 16 -14.39 -7.58 -11.21
N GLY B 17 -13.98 -8.78 -10.83
CA GLY B 17 -13.43 -9.72 -11.78
C GLY B 17 -14.43 -10.61 -12.47
N GLY B 18 -15.72 -10.49 -12.14
CA GLY B 18 -16.73 -11.38 -12.68
C GLY B 18 -17.54 -12.04 -11.59
N VAL B 19 -18.78 -12.43 -11.90
CA VAL B 19 -19.67 -13.03 -10.93
C VAL B 19 -19.74 -14.55 -11.09
N ALA B 20 -19.66 -15.05 -12.32
CA ALA B 20 -19.67 -16.50 -12.53
C ALA B 20 -18.47 -17.16 -11.91
N GLN B 21 -17.39 -16.39 -11.71
CA GLN B 21 -16.20 -16.93 -11.07
C GLN B 21 -16.39 -17.08 -9.57
N MET B 22 -17.44 -16.48 -9.00
CA MET B 22 -17.66 -16.58 -7.57
C MET B 22 -18.22 -17.94 -7.18
N LEU B 23 -18.72 -18.69 -8.14
CA LEU B 23 -19.25 -20.03 -7.91
C LEU B 23 -18.47 -21.12 -8.63
N ALA B 24 -17.73 -20.77 -9.69
CA ALA B 24 -16.96 -21.72 -10.45
C ALA B 24 -15.56 -21.17 -10.68
N PRO B 25 -14.50 -21.94 -10.38
CA PRO B 25 -13.15 -21.45 -10.62
C PRO B 25 -12.82 -21.21 -12.08
N LYS B 26 -13.62 -21.75 -13.00
CA LYS B 26 -13.46 -21.63 -14.45
C LYS B 26 -12.30 -22.47 -14.96
N ALA B 27 -12.46 -23.08 -16.13
CA ALA B 27 -11.43 -23.95 -16.68
C ALA B 27 -10.27 -23.13 -17.21
N ARG B 28 -9.05 -23.64 -17.00
CA ARG B 28 -7.86 -23.01 -17.53
C ARG B 28 -7.79 -23.19 -19.04
N THR B 29 -7.10 -22.27 -19.71
CA THR B 29 -6.94 -22.37 -21.14
C THR B 29 -5.47 -22.40 -21.53
N PRO B 30 -5.09 -23.18 -22.52
CA PRO B 30 -3.69 -23.22 -22.94
C PRO B 30 -3.38 -22.08 -23.90
N ARG B 31 -2.08 -21.91 -24.16
CA ARG B 31 -1.61 -20.88 -25.07
C ARG B 31 -1.54 -21.42 -26.48
N ILE B 32 -1.35 -20.52 -27.44
CA ILE B 32 -1.37 -20.84 -28.86
C ILE B 32 0.05 -20.70 -29.39
N GLN B 33 0.56 -21.76 -30.02
CA GLN B 33 1.86 -21.72 -30.68
C GLN B 33 1.62 -21.48 -32.17
N THR B 34 2.27 -20.44 -32.71
CA THR B 34 2.18 -20.14 -34.13
C THR B 34 2.70 -21.29 -34.96
N THR B 35 3.77 -21.94 -34.49
CA THR B 35 4.37 -23.05 -35.23
C THR B 35 3.38 -24.19 -35.42
N ASP B 36 2.47 -24.40 -34.47
CA ASP B 36 1.49 -25.46 -34.61
C ASP B 36 0.31 -24.80 -35.33
N ASN B 37 0.59 -24.28 -36.53
CA ASN B 37 -0.37 -23.69 -37.45
C ASN B 37 -1.44 -22.85 -36.76
N GLY B 38 -2.70 -23.26 -36.87
CA GLY B 38 -3.77 -22.61 -36.15
C GLY B 38 -4.58 -23.58 -35.30
N LYS B 39 -4.04 -24.78 -35.12
CA LYS B 39 -4.71 -25.79 -34.31
C LYS B 39 -4.77 -25.34 -32.85
N GLN B 40 -5.81 -25.78 -32.14
CA GLN B 40 -5.99 -25.46 -30.74
C GLN B 40 -5.66 -26.68 -29.90
N ASN B 41 -4.75 -26.50 -28.93
CA ASN B 41 -4.35 -27.61 -28.08
C ASN B 41 -5.42 -27.92 -27.05
N THR B 42 -5.73 -29.21 -26.91
CA THR B 42 -6.65 -29.66 -25.88
C THR B 42 -5.90 -29.85 -24.56
N TYR B 43 -6.57 -29.56 -23.45
CA TYR B 43 -5.99 -29.74 -22.13
C TYR B 43 -6.26 -31.11 -21.54
N PHE B 44 -7.03 -31.95 -22.24
CA PHE B 44 -7.37 -33.25 -21.66
C PHE B 44 -7.27 -34.38 -22.68
N SER B 45 -6.56 -34.19 -23.78
CA SER B 45 -6.38 -35.24 -24.77
C SER B 45 -5.08 -34.99 -25.53
N SER B 46 -4.37 -36.07 -25.85
CA SER B 46 -3.12 -36.00 -26.60
C SER B 46 -3.13 -37.10 -27.67
N LEU B 47 -3.61 -36.74 -28.87
CA LEU B 47 -3.71 -37.70 -29.95
C LEU B 47 -2.32 -38.16 -30.41
N ASP B 48 -1.37 -37.24 -30.48
CA ASP B 48 -0.03 -37.55 -30.94
C ASP B 48 0.67 -38.43 -29.92
N ASN B 49 1.53 -39.33 -30.40
CA ASN B 49 2.31 -40.20 -29.52
C ASN B 49 3.66 -39.55 -29.20
N MET B 50 3.86 -39.25 -27.93
CA MET B 50 4.95 -38.41 -27.46
C MET B 50 6.18 -39.28 -27.18
N VAL B 51 7.20 -38.70 -26.54
CA VAL B 51 8.43 -39.41 -26.21
C VAL B 51 8.50 -39.56 -24.69
N ALA B 52 8.82 -40.78 -24.25
CA ALA B 52 8.85 -41.06 -22.83
C ALA B 52 10.10 -40.47 -22.20
N GLN B 53 9.98 -39.27 -21.67
CA GLN B 53 11.08 -38.59 -20.99
C GLN B 53 10.56 -37.43 -20.17
N GLY B 54 10.49 -36.24 -20.79
CA GLY B 54 9.96 -35.10 -20.09
C GLY B 54 8.52 -35.28 -19.68
N ASN B 55 7.69 -35.81 -20.58
CA ASN B 55 6.27 -35.95 -20.27
C ASN B 55 6.09 -36.94 -19.12
N VAL B 56 5.33 -36.52 -18.11
CA VAL B 56 5.07 -37.36 -16.96
C VAL B 56 4.13 -38.49 -17.38
N LEU B 57 4.25 -39.64 -16.71
CA LEU B 57 3.35 -40.77 -16.90
C LEU B 57 1.90 -40.31 -16.86
N PRO B 58 1.19 -40.33 -17.98
CA PRO B 58 -0.16 -39.76 -18.02
C PRO B 58 -1.19 -40.68 -17.40
N VAL B 59 -2.42 -40.20 -17.36
CA VAL B 59 -3.54 -40.94 -16.78
C VAL B 59 -4.72 -40.90 -17.73
N LEU B 60 -5.45 -42.01 -17.80
CA LEU B 60 -6.65 -42.14 -18.63
C LEU B 60 -7.89 -42.24 -17.74
N TYR B 61 -9.01 -41.73 -18.26
CA TYR B 61 -10.27 -41.72 -17.52
C TYR B 61 -11.48 -42.17 -18.32
N GLY B 62 -11.32 -42.50 -19.60
CA GLY B 62 -12.41 -43.07 -20.38
C GLY B 62 -12.38 -42.77 -21.86
N GLU B 63 -12.58 -43.80 -22.67
CA GLU B 63 -12.62 -43.73 -24.14
C GLU B 63 -11.33 -43.07 -24.62
N MET B 64 -11.39 -42.15 -25.58
CA MET B 64 -10.22 -41.42 -26.07
C MET B 64 -9.15 -42.35 -26.63
N ARG B 65 -9.40 -42.83 -27.85
CA ARG B 65 -8.27 -43.31 -28.62
C ARG B 65 -7.20 -42.23 -28.66
N VAL B 66 -6.08 -42.46 -27.97
CA VAL B 66 -4.99 -41.50 -27.87
C VAL B 66 -3.64 -42.18 -28.09
N GLY B 67 -2.61 -41.35 -28.21
CA GLY B 67 -1.26 -41.82 -28.40
C GLY B 67 -0.65 -42.37 -27.13
N SER B 68 0.66 -42.18 -26.98
CA SER B 68 1.38 -42.79 -25.88
C SER B 68 2.71 -42.05 -25.70
N ARG B 69 3.56 -42.61 -24.84
CA ARG B 69 4.93 -42.15 -24.65
C ARG B 69 5.85 -43.33 -24.95
N VAL B 70 6.51 -43.28 -26.12
CA VAL B 70 7.27 -44.44 -26.59
C VAL B 70 8.51 -44.63 -25.72
N VAL B 71 8.69 -45.84 -25.22
CA VAL B 71 9.83 -46.17 -24.35
C VAL B 71 10.94 -46.84 -25.14
N SER B 72 10.62 -47.72 -26.08
CA SER B 72 11.66 -48.38 -26.86
C SER B 72 11.15 -48.72 -28.25
N GLN B 73 11.85 -48.23 -29.26
CA GLN B 73 11.59 -48.53 -30.66
C GLN B 73 12.81 -49.22 -31.24
N GLU B 74 12.61 -50.32 -31.94
CA GLU B 74 13.73 -51.12 -32.43
C GLU B 74 13.27 -51.93 -33.63
N ILE B 75 14.08 -51.95 -34.68
CA ILE B 75 13.74 -52.60 -35.94
C ILE B 75 14.84 -53.61 -36.27
N SER B 76 14.43 -54.84 -36.59
CA SER B 76 15.35 -55.94 -36.81
C SER B 76 14.84 -56.78 -37.98
N THR B 77 15.41 -57.97 -38.13
CA THR B 77 15.01 -58.91 -39.17
C THR B 77 14.08 -59.97 -38.60
N ALA B 78 12.94 -60.15 -39.25
CA ALA B 78 11.91 -61.06 -38.75
C ALA B 78 12.25 -62.50 -39.09
N ASP B 79 11.53 -63.42 -38.44
CA ASP B 79 11.61 -64.84 -38.72
C ASP B 79 10.59 -65.23 -39.78
N GLU B 80 10.92 -66.27 -40.54
CA GLU B 80 10.03 -66.81 -41.57
C GLU B 80 9.22 -67.95 -40.96
N GLY B 81 8.07 -67.58 -40.41
CA GLY B 81 7.18 -68.55 -39.81
C GLY B 81 6.74 -68.15 -38.41
N ASP B 82 5.43 -68.08 -38.19
CA ASP B 82 4.91 -67.69 -36.88
C ASP B 82 5.06 -68.81 -35.86
N GLY B 83 4.91 -70.06 -36.30
CA GLY B 83 4.99 -71.18 -35.40
C GLY B 83 4.43 -72.42 -36.06
N GLY B 84 4.44 -73.51 -35.28
CA GLY B 84 4.00 -74.78 -35.81
C GLY B 84 5.02 -75.36 -36.77
N GLN B 85 4.56 -76.36 -37.52
CA GLN B 85 5.40 -77.03 -38.50
C GLN B 85 5.19 -76.51 -39.92
N VAL B 86 4.28 -75.56 -40.12
CA VAL B 86 4.01 -75.01 -41.45
C VAL B 86 5.02 -73.88 -41.66
N VAL B 87 6.13 -74.22 -42.32
CA VAL B 87 7.28 -73.33 -42.42
C VAL B 87 7.72 -73.17 -43.88
N VAL B 88 6.79 -73.29 -44.82
CA VAL B 88 7.16 -73.24 -46.22
C VAL B 88 7.66 -71.85 -46.59
N ILE B 89 8.54 -71.80 -47.59
CA ILE B 89 9.09 -70.56 -48.11
C ILE B 89 8.67 -70.32 -49.56
N GLY B 90 8.85 -71.32 -50.42
CA GLY B 90 8.53 -71.18 -51.82
C GLY B 90 7.06 -71.38 -52.15
N ILE C 1 2.86 15.67 14.73
CA ILE C 1 3.78 16.37 13.84
C ILE C 1 3.59 15.86 12.41
N GLY C 2 3.78 16.74 11.44
CA GLY C 2 3.50 16.42 10.05
C GLY C 2 4.48 15.46 9.40
N PRO C 3 5.70 15.92 9.15
CA PRO C 3 6.63 15.12 8.33
C PRO C 3 6.96 13.75 8.90
N ALA C 4 7.10 13.62 10.22
CA ALA C 4 7.40 12.32 10.80
C ALA C 4 6.24 11.35 10.57
N ALA C 5 5.02 11.81 10.79
CA ALA C 5 3.85 10.96 10.54
C ALA C 5 3.76 10.60 9.07
N LEU C 6 4.05 11.56 8.18
CA LEU C 6 3.98 11.28 6.75
C LEU C 6 4.98 10.21 6.34
N LYS C 7 6.23 10.34 6.79
CA LYS C 7 7.24 9.34 6.44
C LYS C 7 6.89 7.98 7.04
N ALA C 8 6.36 7.97 8.27
CA ALA C 8 6.00 6.70 8.90
C ALA C 8 4.89 6.01 8.12
N VAL C 9 3.86 6.77 7.73
CA VAL C 9 2.76 6.19 6.99
C VAL C 9 3.23 5.72 5.63
N TYR C 10 4.11 6.47 4.97
CA TYR C 10 4.61 6.04 3.67
C TYR C 10 5.37 4.72 3.78
N ASP C 11 6.27 4.61 4.76
CA ASP C 11 7.02 3.38 4.91
C ASP C 11 6.11 2.21 5.28
N MET C 12 5.10 2.45 6.12
CA MET C 12 4.19 1.38 6.49
C MET C 12 3.38 0.93 5.28
N ALA C 13 2.98 1.87 4.42
CA ALA C 13 2.26 1.52 3.20
C ALA C 13 3.14 0.71 2.27
N ARG C 14 4.42 1.07 2.16
CA ARG C 14 5.33 0.29 1.33
C ARG C 14 5.46 -1.13 1.85
N LYS C 15 5.61 -1.28 3.17
CA LYS C 15 5.69 -2.62 3.75
C LYS C 15 4.41 -3.41 3.49
N GLY C 16 3.25 -2.77 3.65
CA GLY C 16 2.00 -3.45 3.39
C GLY C 16 1.88 -3.90 1.94
N ALA C 17 2.28 -3.04 1.00
CA ALA C 17 2.22 -3.40 -0.41
C ALA C 17 3.15 -4.57 -0.71
N ARG C 18 4.36 -4.56 -0.15
CA ARG C 18 5.26 -5.68 -0.34
C ARG C 18 4.67 -6.96 0.21
N ASP C 19 4.06 -6.90 1.39
CA ASP C 19 3.46 -8.09 1.98
C ASP C 19 2.30 -8.61 1.14
N GLU C 20 1.49 -7.69 0.60
CA GLU C 20 0.38 -8.11 -0.27
C GLU C 20 0.89 -8.77 -1.53
N ILE C 21 1.94 -8.21 -2.13
CA ILE C 21 2.52 -8.82 -3.33
C ILE C 21 3.03 -10.21 -3.00
N GLN C 22 3.71 -10.36 -1.87
CA GLN C 22 4.24 -11.66 -1.48
C GLN C 22 3.12 -12.68 -1.25
N THR C 23 2.04 -12.26 -0.57
CA THR C 23 1.01 -13.22 -0.20
C THR C 23 0.10 -13.58 -1.35
N GLN C 24 -0.12 -12.68 -2.32
CA GLN C 24 -1.04 -13.00 -3.40
C GLN C 24 -0.42 -13.88 -4.47
N MET C 25 0.90 -13.96 -4.53
CA MET C 25 1.60 -14.79 -5.50
C MET C 25 2.03 -16.12 -4.88
N ARG C 26 1.10 -16.96 -4.45
CA ARG C 26 1.45 -18.26 -3.89
C ARG C 26 0.95 -19.41 -4.77
N ASP C 27 -0.36 -19.59 -4.88
CA ASP C 27 -0.90 -20.59 -5.80
C ASP C 27 -2.07 -20.03 -6.58
N GLY C 28 -2.89 -19.22 -5.92
CA GLY C 28 -4.12 -18.73 -6.50
C GLY C 28 -4.25 -17.23 -6.45
N GLY C 29 -5.34 -16.72 -5.90
CA GLY C 29 -5.54 -15.29 -5.92
C GLY C 29 -5.70 -14.80 -7.35
N LEU C 30 -5.32 -13.55 -7.58
CA LEU C 30 -5.34 -12.99 -8.92
C LEU C 30 -4.00 -13.12 -9.62
N PHE C 31 -2.99 -13.68 -8.94
CA PHE C 31 -1.68 -13.96 -9.55
C PHE C 31 -1.05 -12.69 -10.12
N SER C 32 -0.77 -11.75 -9.24
CA SER C 32 -0.17 -10.48 -9.63
C SER C 32 1.21 -10.69 -10.24
N GLY D 1 13.75 14.28 13.87
CA GLY D 1 14.83 13.78 13.03
C GLY D 1 15.96 13.15 13.83
N GLY D 2 16.06 13.53 15.10
CA GLY D 2 17.09 12.95 15.94
C GLY D 2 16.91 11.45 16.14
N MET D 3 15.68 11.02 16.33
CA MET D 3 15.34 9.61 16.50
C MET D 3 14.60 9.13 15.26
N THR D 4 14.81 7.87 14.89
CA THR D 4 14.16 7.27 13.74
C THR D 4 13.68 5.87 14.08
N GLY D 5 12.38 5.63 13.89
CA GLY D 5 11.83 4.30 14.02
C GLY D 5 11.93 3.57 12.69
N ILE D 6 10.81 3.01 12.22
CA ILE D 6 10.72 2.43 10.89
C ILE D 6 11.80 1.37 10.73
N LEU D 7 11.63 0.23 11.41
CA LEU D 7 12.60 -0.84 11.39
C LEU D 7 12.07 -2.10 10.71
N PHE D 8 10.88 -2.53 11.06
CA PHE D 8 10.28 -3.78 10.57
C PHE D 8 11.24 -4.93 10.86
N SER D 9 11.17 -5.99 10.07
CA SER D 9 12.03 -7.16 10.25
C SER D 9 12.14 -7.87 8.91
N LEU D 10 13.36 -7.92 8.36
CA LEU D 10 13.59 -8.57 7.09
C LEU D 10 13.99 -10.03 7.24
N GLY D 11 14.00 -10.55 8.45
CA GLY D 11 14.38 -11.94 8.67
C GLY D 11 13.30 -12.95 8.37
N ALA D 12 12.09 -12.51 8.02
CA ALA D 12 11.00 -13.44 7.78
C ALA D 12 10.38 -13.23 6.41
N SER D 13 10.36 -11.98 5.94
CA SER D 13 9.77 -11.68 4.64
C SER D 13 10.57 -12.32 3.52
N MET D 14 11.89 -12.29 3.63
CA MET D 14 12.76 -12.76 2.55
C MET D 14 13.00 -14.27 2.61
N VAL D 15 12.76 -14.90 3.75
CA VAL D 15 12.86 -16.36 3.81
C VAL D 15 11.65 -17.02 3.15
N LEU D 16 10.56 -16.28 2.99
CA LEU D 16 9.30 -16.87 2.55
C LEU D 16 9.43 -17.56 1.19
N GLY D 17 10.39 -17.13 0.38
CA GLY D 17 10.59 -17.78 -0.91
C GLY D 17 11.46 -19.01 -0.90
N GLY D 18 12.17 -19.25 0.19
CA GLY D 18 13.10 -20.37 0.29
C GLY D 18 14.43 -19.87 0.81
N VAL D 19 15.13 -20.73 1.53
CA VAL D 19 16.34 -20.33 2.24
C VAL D 19 17.57 -20.54 1.34
N ALA D 20 17.47 -21.47 0.40
CA ALA D 20 18.59 -21.70 -0.50
C ALA D 20 18.71 -20.59 -1.54
N GLN D 21 17.60 -19.99 -1.94
CA GLN D 21 17.65 -18.84 -2.83
C GLN D 21 18.27 -17.64 -2.15
N MET D 22 18.46 -17.71 -0.82
CA MET D 22 19.02 -16.60 -0.08
C MET D 22 20.51 -16.45 -0.33
N LEU D 23 21.20 -17.57 -0.58
CA LEU D 23 22.64 -17.58 -0.78
C LEU D 23 23.04 -17.72 -2.24
N ALA D 24 22.18 -18.31 -3.07
CA ALA D 24 22.40 -18.44 -4.50
C ALA D 24 21.19 -17.88 -5.23
N PRO D 25 21.39 -17.16 -6.33
CA PRO D 25 20.27 -16.48 -6.98
C PRO D 25 19.36 -17.39 -7.81
N LYS D 26 19.60 -18.70 -7.82
CA LYS D 26 18.75 -19.67 -8.52
C LYS D 26 18.86 -19.54 -10.03
N ALA D 27 18.75 -20.66 -10.74
CA ALA D 27 18.88 -20.68 -12.19
C ALA D 27 17.54 -20.35 -12.85
N ARG D 28 17.56 -20.21 -14.17
CA ARG D 28 16.38 -19.86 -14.96
C ARG D 28 16.04 -21.01 -15.88
N THR D 29 14.96 -21.73 -15.58
CA THR D 29 14.47 -22.74 -16.49
C THR D 29 13.94 -22.09 -17.77
N PRO D 30 14.08 -22.75 -18.91
CA PRO D 30 13.55 -22.21 -20.16
C PRO D 30 12.04 -22.45 -20.24
N ARG D 31 11.46 -22.07 -21.38
CA ARG D 31 10.04 -22.24 -21.63
C ARG D 31 9.82 -23.52 -22.41
N ILE D 32 8.84 -24.31 -21.99
CA ILE D 32 8.53 -25.57 -22.65
C ILE D 32 7.51 -25.33 -23.76
N GLN D 33 7.78 -25.88 -24.94
CA GLN D 33 6.84 -25.85 -26.06
C GLN D 33 6.27 -27.24 -26.29
N THR D 34 5.16 -27.29 -27.03
CA THR D 34 4.59 -28.57 -27.42
C THR D 34 5.54 -29.34 -28.33
N THR D 35 6.20 -28.64 -29.26
CA THR D 35 7.17 -29.30 -30.14
C THR D 35 8.42 -29.72 -29.37
N ASP D 36 8.87 -28.89 -28.42
CA ASP D 36 10.04 -29.24 -27.63
C ASP D 36 9.82 -30.53 -26.84
N ASN D 37 8.61 -30.71 -26.32
CA ASN D 37 8.18 -31.93 -25.63
C ASN D 37 9.13 -32.19 -24.46
N GLY D 38 9.72 -33.39 -24.36
CA GLY D 38 10.60 -33.66 -23.24
C GLY D 38 11.87 -32.83 -23.26
N LYS D 39 12.34 -32.48 -24.45
CA LYS D 39 13.56 -31.69 -24.57
C LYS D 39 13.34 -30.28 -24.04
N GLN D 40 14.30 -29.79 -23.28
CA GLN D 40 14.28 -28.44 -22.74
C GLN D 40 15.43 -27.66 -23.34
N ASN D 41 15.18 -26.39 -23.68
CA ASN D 41 16.16 -25.54 -24.31
C ASN D 41 17.42 -25.43 -23.47
N THR D 42 18.54 -25.85 -24.03
CA THR D 42 19.83 -25.83 -23.36
C THR D 42 20.58 -24.56 -23.71
N TYR D 43 20.92 -23.76 -22.70
CA TYR D 43 21.76 -22.59 -22.89
C TYR D 43 23.24 -22.92 -22.89
N PHE D 44 23.59 -24.20 -22.87
CA PHE D 44 24.96 -24.61 -23.00
C PHE D 44 25.25 -25.36 -24.30
N SER D 45 24.23 -25.66 -25.10
CA SER D 45 24.46 -26.36 -26.36
C SER D 45 23.25 -26.16 -27.27
N SER D 46 23.52 -26.11 -28.58
CA SER D 46 22.48 -26.05 -29.60
C SER D 46 23.07 -26.71 -30.86
N LEU D 47 22.73 -27.97 -31.05
CA LEU D 47 23.27 -28.74 -32.16
C LEU D 47 22.44 -28.60 -33.43
N ASP D 48 22.45 -27.40 -34.03
CA ASP D 48 21.75 -27.17 -35.28
C ASP D 48 22.29 -25.92 -35.94
N ASN D 49 21.85 -25.69 -37.16
CA ASN D 49 22.22 -24.50 -37.92
C ASN D 49 21.05 -23.53 -37.94
N MET D 50 21.30 -22.30 -37.54
CA MET D 50 20.26 -21.30 -37.39
C MET D 50 20.47 -20.19 -38.42
N VAL D 51 19.39 -19.51 -38.76
CA VAL D 51 19.45 -18.43 -39.74
C VAL D 51 20.21 -17.25 -39.15
N ALA D 52 21.05 -16.62 -39.98
CA ALA D 52 21.90 -15.54 -39.49
C ALA D 52 21.06 -14.36 -39.02
N GLN D 53 20.18 -13.86 -39.89
CA GLN D 53 19.36 -12.72 -39.51
C GLN D 53 18.43 -13.11 -38.37
N GLY D 54 18.17 -12.16 -37.48
CA GLY D 54 17.34 -12.45 -36.33
C GLY D 54 18.02 -13.31 -35.29
N ASN D 55 19.35 -13.37 -35.32
CA ASN D 55 20.12 -14.12 -34.35
C ASN D 55 21.18 -13.19 -33.77
N VAL D 56 21.77 -13.62 -32.67
CA VAL D 56 22.78 -12.86 -31.96
C VAL D 56 24.07 -13.68 -31.88
N LEU D 57 25.20 -13.01 -32.05
CA LEU D 57 26.49 -13.68 -32.12
C LEU D 57 26.75 -14.54 -30.88
N PRO D 58 26.80 -15.86 -31.02
CA PRO D 58 27.04 -16.71 -29.85
C PRO D 58 28.50 -16.70 -29.42
N VAL D 59 28.72 -17.20 -28.19
CA VAL D 59 30.06 -17.32 -27.64
C VAL D 59 30.26 -18.73 -27.10
N LEU D 60 31.53 -19.16 -27.08
CA LEU D 60 31.93 -20.43 -26.51
C LEU D 60 32.91 -20.20 -25.37
N TYR D 61 32.90 -21.09 -24.37
CA TYR D 61 33.83 -20.93 -23.27
C TYR D 61 34.65 -22.19 -23.02
N GLY D 62 34.08 -23.36 -23.30
CA GLY D 62 34.85 -24.58 -23.16
C GLY D 62 34.21 -25.81 -23.79
N GLU D 63 34.98 -26.53 -24.61
CA GLU D 63 34.54 -27.74 -25.28
C GLU D 63 33.19 -27.52 -25.97
N MET D 64 32.19 -28.34 -25.63
CA MET D 64 30.80 -28.13 -26.03
C MET D 64 30.66 -28.07 -27.55
N ARG D 65 30.87 -29.22 -28.18
CA ARG D 65 30.54 -29.38 -29.60
C ARG D 65 29.16 -28.78 -29.88
N VAL D 66 29.05 -28.10 -31.02
CA VAL D 66 27.91 -27.22 -31.25
C VAL D 66 27.76 -26.96 -32.74
N GLY D 67 26.54 -26.59 -33.15
CA GLY D 67 26.26 -26.17 -34.51
C GLY D 67 26.76 -24.78 -34.78
N SER D 68 26.01 -23.99 -35.53
CA SER D 68 26.45 -22.67 -35.93
C SER D 68 25.26 -21.83 -36.38
N ARG D 69 25.57 -20.66 -36.94
CA ARG D 69 24.59 -19.79 -37.57
C ARG D 69 25.02 -19.56 -39.02
N VAL D 70 24.30 -20.16 -39.96
CA VAL D 70 24.74 -20.18 -41.34
C VAL D 70 24.63 -18.78 -41.94
N VAL D 71 25.70 -18.34 -42.60
CA VAL D 71 25.74 -17.03 -43.22
C VAL D 71 25.60 -17.09 -44.74
N SER D 72 26.17 -18.10 -45.39
CA SER D 72 26.05 -18.22 -46.83
C SER D 72 26.03 -19.68 -47.23
N GLN D 73 25.08 -20.06 -48.07
CA GLN D 73 24.95 -21.42 -48.56
C GLN D 73 24.54 -21.37 -50.02
N GLU D 74 25.24 -22.12 -50.86
CA GLU D 74 25.04 -22.02 -52.30
C GLU D 74 25.60 -23.27 -52.97
N ILE D 75 25.03 -23.64 -54.11
CA ILE D 75 25.40 -24.85 -54.85
C ILE D 75 25.85 -24.45 -56.24
N SER D 76 27.02 -24.93 -56.63
CA SER D 76 27.60 -24.65 -57.94
C SER D 76 28.02 -25.97 -58.61
N THR D 77 28.76 -25.85 -59.71
CA THR D 77 29.28 -27.00 -60.43
C THR D 77 30.76 -27.16 -60.10
N ALA D 78 31.14 -28.35 -59.64
CA ALA D 78 32.49 -28.57 -59.16
C ALA D 78 33.48 -28.65 -60.33
N ASP D 79 34.73 -28.36 -60.02
CA ASP D 79 35.82 -28.53 -60.98
C ASP D 79 36.24 -29.99 -61.04
N GLU D 80 36.48 -30.47 -62.26
CA GLU D 80 36.91 -31.84 -62.49
C GLU D 80 38.44 -31.91 -62.50
N GLY D 81 38.99 -31.86 -61.29
CA GLY D 81 40.43 -31.95 -61.12
C GLY D 81 40.87 -31.58 -59.72
N ASP D 82 41.85 -32.30 -59.19
CA ASP D 82 42.37 -31.99 -57.86
C ASP D 82 43.38 -30.85 -57.94
N GLY D 83 44.44 -31.04 -58.71
CA GLY D 83 45.47 -30.03 -58.85
C GLY D 83 46.73 -30.62 -59.44
N GLY D 84 47.72 -29.76 -59.57
CA GLY D 84 48.98 -30.20 -60.18
C GLY D 84 48.77 -30.56 -61.64
N GLN D 85 49.10 -31.80 -61.99
CA GLN D 85 48.99 -32.25 -63.36
C GLN D 85 48.18 -33.54 -63.51
N VAL D 86 47.77 -34.17 -62.41
CA VAL D 86 46.98 -35.40 -62.47
C VAL D 86 45.56 -35.01 -62.86
N VAL D 87 45.22 -35.21 -64.13
CA VAL D 87 43.94 -34.76 -64.66
C VAL D 87 43.26 -35.89 -65.42
N VAL D 88 43.56 -37.13 -65.06
CA VAL D 88 42.93 -38.31 -65.64
C VAL D 88 41.43 -38.18 -65.49
N ILE D 89 40.67 -38.56 -66.51
CA ILE D 89 39.21 -38.49 -66.45
C ILE D 89 38.59 -39.83 -66.77
N GLY D 90 38.95 -40.40 -67.92
CA GLY D 90 38.39 -41.67 -68.35
C GLY D 90 38.79 -42.85 -67.47
N ILE E 1 -10.62 14.92 12.52
CA ILE E 1 -11.85 14.34 12.01
C ILE E 1 -11.57 13.00 11.33
N GLY E 2 -12.55 12.11 11.35
CA GLY E 2 -12.40 10.78 10.83
C GLY E 2 -12.21 10.71 9.33
N PRO E 3 -13.27 11.04 8.58
CA PRO E 3 -13.23 10.81 7.12
C PRO E 3 -12.07 11.50 6.42
N ALA E 4 -11.67 12.69 6.87
CA ALA E 4 -10.50 13.33 6.28
C ALA E 4 -9.25 12.49 6.49
N ALA E 5 -9.05 11.98 7.71
CA ALA E 5 -7.89 11.13 7.98
C ALA E 5 -7.93 9.85 7.15
N LEU E 6 -9.11 9.24 7.04
CA LEU E 6 -9.22 8.01 6.26
C LEU E 6 -8.92 8.26 4.78
N LYS E 7 -9.46 9.34 4.21
CA LYS E 7 -9.17 9.65 2.82
C LYS E 7 -7.70 9.97 2.63
N ALA E 8 -7.09 10.65 3.60
CA ALA E 8 -5.67 10.96 3.50
C ALA E 8 -4.83 9.70 3.48
N VAL E 9 -5.12 8.76 4.39
CA VAL E 9 -4.34 7.52 4.43
C VAL E 9 -4.57 6.70 3.17
N TYR E 10 -5.81 6.65 2.68
CA TYR E 10 -6.09 5.90 1.46
C TYR E 10 -5.31 6.48 0.28
N ASP E 11 -5.34 7.79 0.10
CA ASP E 11 -4.61 8.39 -1.00
C ASP E 11 -3.11 8.32 -0.80
N MET E 12 -2.63 8.25 0.45
CA MET E 12 -1.20 8.11 0.69
C MET E 12 -0.72 6.70 0.37
N ALA E 13 -1.57 5.70 0.59
CA ALA E 13 -1.24 4.31 0.28
C ALA E 13 -1.40 3.97 -1.19
N ARG E 14 -1.56 4.98 -2.05
CA ARG E 14 -1.68 4.74 -3.48
C ARG E 14 -0.33 4.86 -4.17
N LYS E 15 0.33 6.02 -4.05
CA LYS E 15 1.61 6.19 -4.71
C LYS E 15 2.68 5.31 -4.09
N GLY E 16 2.56 5.02 -2.79
CA GLY E 16 3.48 4.05 -2.20
C GLY E 16 3.40 2.70 -2.87
N ALA E 17 2.17 2.20 -3.05
CA ALA E 17 1.99 0.92 -3.72
C ALA E 17 2.41 0.99 -5.18
N ARG E 18 2.16 2.11 -5.84
CA ARG E 18 2.56 2.26 -7.24
C ARG E 18 4.08 2.22 -7.38
N ASP E 19 4.79 2.94 -6.50
CA ASP E 19 6.24 2.91 -6.55
C ASP E 19 6.78 1.53 -6.23
N GLU E 20 6.15 0.84 -5.27
CA GLU E 20 6.58 -0.53 -4.96
C GLU E 20 6.40 -1.45 -6.16
N ILE E 21 5.24 -1.34 -6.82
CA ILE E 21 4.98 -2.11 -8.03
C ILE E 21 6.05 -1.84 -9.08
N GLN E 22 6.38 -0.56 -9.26
CA GLN E 22 7.33 -0.20 -10.31
C GLN E 22 8.75 -0.66 -9.99
N THR E 23 9.17 -0.57 -8.72
CA THR E 23 10.54 -0.94 -8.41
C THR E 23 10.71 -2.45 -8.36
N GLN E 24 9.67 -3.18 -7.93
CA GLN E 24 9.83 -4.63 -7.82
C GLN E 24 9.83 -5.35 -9.16
N MET E 25 9.59 -4.64 -10.26
CA MET E 25 9.54 -5.26 -11.57
C MET E 25 10.69 -4.82 -12.48
N ARG E 26 11.68 -4.10 -11.96
CA ARG E 26 12.64 -3.47 -12.86
C ARG E 26 13.72 -4.45 -13.31
N ASP E 27 14.58 -4.91 -12.40
CA ASP E 27 15.68 -5.79 -12.78
C ASP E 27 15.66 -7.11 -12.02
N GLY E 28 15.64 -7.08 -10.69
CA GLY E 28 15.82 -8.29 -9.92
C GLY E 28 14.80 -8.50 -8.83
N GLY E 29 13.60 -7.99 -9.04
CA GLY E 29 12.50 -8.20 -8.10
C GLY E 29 11.65 -9.37 -8.50
N LEU E 30 10.39 -9.34 -8.06
CA LEU E 30 9.44 -10.40 -8.34
C LEU E 30 8.57 -10.10 -9.54
N PHE E 31 8.86 -9.01 -10.26
CA PHE E 31 8.08 -8.59 -11.44
C PHE E 31 6.61 -8.42 -11.09
N SER E 32 6.36 -7.72 -9.98
CA SER E 32 5.01 -7.46 -9.49
C SER E 32 4.23 -8.75 -9.28
N GLY F 1 -14.05 19.33 4.07
CA GLY F 1 -14.26 19.06 2.66
C GLY F 1 -13.95 20.25 1.78
N GLY F 2 -13.86 21.43 2.39
CA GLY F 2 -13.53 22.63 1.63
C GLY F 2 -12.13 22.58 1.05
N MET F 3 -11.15 22.15 1.83
CA MET F 3 -9.79 22.04 1.36
C MET F 3 -9.55 20.64 0.78
N THR F 4 -8.52 20.55 -0.05
CA THR F 4 -8.11 19.27 -0.66
C THR F 4 -6.62 19.10 -0.37
N GLY F 5 -6.32 18.54 0.81
CA GLY F 5 -4.94 18.29 1.16
C GLY F 5 -4.36 17.11 0.41
N VAL F 6 -3.07 16.91 0.60
CA VAL F 6 -2.31 15.86 -0.08
C VAL F 6 -2.50 16.00 -1.59
N LEU F 7 -1.90 17.04 -2.17
CA LEU F 7 -1.99 17.26 -3.60
C LEU F 7 -1.36 16.10 -4.37
N PHE F 8 -0.22 15.61 -3.90
CA PHE F 8 0.44 14.41 -4.42
C PHE F 8 0.79 14.55 -5.88
N SER F 9 1.68 15.48 -6.21
CA SER F 9 2.08 15.70 -7.58
C SER F 9 2.81 14.49 -8.15
N LEU F 10 2.59 14.23 -9.44
CA LEU F 10 3.21 13.12 -10.15
C LEU F 10 4.08 13.70 -11.26
N GLY F 11 5.39 13.61 -11.08
CA GLY F 11 6.35 14.09 -12.05
C GLY F 11 7.10 12.94 -12.69
N ALA F 12 8.29 12.66 -12.17
CA ALA F 12 9.08 11.54 -12.66
C ALA F 12 8.45 10.18 -12.38
N SER F 13 7.41 10.12 -11.54
CA SER F 13 6.76 8.85 -11.28
C SER F 13 6.24 8.20 -12.55
N MET F 14 5.94 9.00 -13.57
CA MET F 14 5.55 8.47 -14.87
C MET F 14 6.65 8.60 -15.92
N VAL F 15 7.66 9.44 -15.68
CA VAL F 15 8.80 9.52 -16.59
C VAL F 15 9.68 8.28 -16.45
N LEU F 16 9.64 7.64 -15.28
CA LEU F 16 10.61 6.60 -14.96
C LEU F 16 10.60 5.46 -15.97
N GLY F 17 9.49 5.27 -16.68
CA GLY F 17 9.46 4.27 -17.73
C GLY F 17 10.08 4.71 -19.05
N GLY F 18 10.25 5.99 -19.26
CA GLY F 18 10.74 6.53 -20.51
C GLY F 18 9.91 7.73 -20.92
N VAL F 19 10.54 8.62 -21.70
CA VAL F 19 9.91 9.89 -22.07
C VAL F 19 9.11 9.76 -23.36
N ALA F 20 9.62 9.00 -24.33
CA ALA F 20 8.85 8.78 -25.55
C ALA F 20 7.60 7.96 -25.30
N GLN F 21 7.53 7.25 -24.17
CA GLN F 21 6.35 6.45 -23.88
C GLN F 21 5.15 7.33 -23.54
N MET F 22 5.39 8.52 -22.99
CA MET F 22 4.30 9.42 -22.66
C MET F 22 3.87 10.31 -23.82
N LEU F 23 4.54 10.19 -24.97
CA LEU F 23 4.08 10.82 -26.20
C LEU F 23 3.57 9.82 -27.21
N ALA F 24 4.16 8.63 -27.26
CA ALA F 24 3.73 7.55 -28.14
C ALA F 24 3.58 6.28 -27.31
N PRO F 25 2.52 5.49 -27.52
CA PRO F 25 2.26 4.34 -26.65
C PRO F 25 3.08 3.09 -26.95
N LYS F 26 4.14 3.19 -27.74
CA LYS F 26 5.01 2.04 -28.05
C LYS F 26 4.28 0.94 -28.81
N ALA F 27 4.99 -0.12 -29.15
CA ALA F 27 4.43 -1.24 -29.91
C ALA F 27 4.79 -2.54 -29.23
N ARG F 28 4.00 -3.57 -29.50
CA ARG F 28 4.15 -4.87 -28.86
C ARG F 28 4.89 -5.82 -29.80
N THR F 29 6.07 -6.26 -29.37
CA THR F 29 6.83 -7.24 -30.12
C THR F 29 6.25 -8.64 -29.89
N PRO F 30 6.33 -9.51 -30.89
CA PRO F 30 5.83 -10.88 -30.72
C PRO F 30 6.76 -11.69 -29.84
N ARG F 31 6.27 -12.86 -29.45
CA ARG F 31 7.03 -13.79 -28.63
C ARG F 31 7.96 -14.60 -29.54
N ILE F 32 9.18 -14.83 -29.08
CA ILE F 32 10.16 -15.56 -29.88
C ILE F 32 10.07 -17.03 -29.56
N GLN F 33 10.03 -17.87 -30.61
CA GLN F 33 10.03 -19.31 -30.45
C GLN F 33 11.43 -19.87 -30.69
N THR F 34 11.58 -21.18 -30.48
CA THR F 34 12.84 -21.88 -30.70
C THR F 34 12.81 -22.73 -31.96
N THR F 35 11.74 -23.51 -32.15
CA THR F 35 11.60 -24.31 -33.37
C THR F 35 11.45 -23.43 -34.60
N ASP F 36 11.07 -22.17 -34.43
CA ASP F 36 10.97 -21.21 -35.53
C ASP F 36 12.36 -20.74 -35.96
N ASN F 37 13.39 -21.04 -35.16
CA ASN F 37 14.77 -20.62 -35.38
C ASN F 37 14.91 -19.11 -35.23
N GLY F 38 15.06 -18.39 -36.34
CA GLY F 38 15.32 -16.97 -36.25
C GLY F 38 14.42 -16.13 -37.13
N LYS F 39 13.34 -16.72 -37.64
CA LYS F 39 12.40 -15.98 -38.47
C LYS F 39 11.46 -15.19 -37.56
N GLN F 40 11.76 -13.89 -37.40
CA GLN F 40 11.02 -13.04 -36.47
C GLN F 40 9.76 -12.51 -37.15
N ASN F 41 8.71 -13.32 -37.12
CA ASN F 41 7.44 -12.92 -37.71
C ASN F 41 6.78 -11.83 -36.88
N THR F 42 6.10 -10.91 -37.56
CA THR F 42 5.38 -9.82 -36.93
C THR F 42 3.88 -10.11 -36.96
N TYR F 43 3.07 -9.13 -36.54
CA TYR F 43 1.62 -9.30 -36.48
C TYR F 43 0.90 -8.79 -37.72
N PHE F 44 1.59 -8.41 -38.78
CA PHE F 44 0.89 -7.95 -39.98
C PHE F 44 1.42 -8.63 -41.23
N SER F 45 1.90 -9.86 -41.13
CA SER F 45 2.37 -10.60 -42.29
C SER F 45 2.03 -12.07 -42.12
N SER F 46 1.66 -12.72 -43.23
CA SER F 46 1.40 -14.15 -43.22
C SER F 46 1.54 -14.66 -44.65
N LEU F 47 2.60 -15.44 -44.91
CA LEU F 47 2.88 -15.93 -46.24
C LEU F 47 2.61 -17.43 -46.37
N ASP F 48 1.77 -17.98 -45.48
CA ASP F 48 1.45 -19.39 -45.53
C ASP F 48 -0.05 -19.59 -45.32
N ASN F 49 -0.54 -20.73 -45.78
CA ASN F 49 -1.94 -21.05 -45.62
C ASN F 49 -2.23 -21.47 -44.19
N MET F 50 -3.28 -20.89 -43.61
CA MET F 50 -3.68 -21.18 -42.24
C MET F 50 -4.94 -22.03 -42.25
N VAL F 51 -5.38 -22.41 -41.06
CA VAL F 51 -6.56 -23.26 -40.90
C VAL F 51 -7.68 -22.46 -40.25
N ALA F 52 -8.85 -22.47 -40.87
CA ALA F 52 -9.99 -21.68 -40.42
C ALA F 52 -10.92 -22.51 -39.54
N GLN F 53 -10.41 -22.92 -38.39
CA GLN F 53 -11.23 -23.64 -37.40
C GLN F 53 -11.34 -22.77 -36.16
N GLY F 54 -12.54 -22.26 -35.90
CA GLY F 54 -12.77 -21.47 -34.70
C GLY F 54 -11.84 -20.28 -34.56
N ASN F 55 -11.39 -19.73 -35.68
CA ASN F 55 -10.46 -18.61 -35.69
C ASN F 55 -11.17 -17.39 -36.27
N VAL F 56 -10.43 -16.29 -36.38
CA VAL F 56 -10.97 -15.03 -36.86
C VAL F 56 -10.56 -14.83 -38.31
N LEU F 57 -11.37 -14.11 -39.05
CA LEU F 57 -11.09 -13.88 -40.45
C LEU F 57 -10.20 -12.65 -40.59
N PRO F 58 -9.01 -12.77 -41.16
CA PRO F 58 -8.09 -11.63 -41.21
C PRO F 58 -8.58 -10.54 -42.15
N VAL F 59 -8.07 -9.32 -41.93
CA VAL F 59 -8.38 -8.19 -42.78
C VAL F 59 -7.10 -7.70 -43.46
N LEU F 60 -7.26 -7.03 -44.59
CA LEU F 60 -6.15 -6.49 -45.36
C LEU F 60 -6.40 -5.02 -45.64
N TYR F 61 -5.33 -4.22 -45.61
CA TYR F 61 -5.48 -2.77 -45.75
C TYR F 61 -4.75 -2.17 -46.95
N GLY F 62 -3.62 -2.73 -47.37
CA GLY F 62 -2.99 -2.24 -48.58
C GLY F 62 -1.83 -3.05 -49.10
N GLU F 63 -1.88 -3.43 -50.37
CA GLU F 63 -0.81 -4.14 -51.07
C GLU F 63 -0.44 -5.39 -50.27
N MET F 64 0.85 -5.75 -50.26
CA MET F 64 1.41 -6.74 -49.34
C MET F 64 0.74 -8.11 -49.49
N ARG F 65 1.10 -8.76 -50.60
CA ARG F 65 0.70 -10.14 -50.87
C ARG F 65 0.71 -11.00 -49.61
N VAL F 66 -0.38 -11.73 -49.38
CA VAL F 66 -0.59 -12.51 -48.18
C VAL F 66 -1.05 -13.92 -48.54
N GLY F 67 -1.03 -14.79 -47.54
CA GLY F 67 -1.57 -16.12 -47.67
C GLY F 67 -3.07 -16.12 -47.54
N SER F 68 -3.64 -17.09 -46.83
CA SER F 68 -5.09 -17.19 -46.70
C SER F 68 -5.40 -18.16 -45.56
N ARG F 69 -6.69 -18.47 -45.41
CA ARG F 69 -7.16 -19.53 -44.53
C ARG F 69 -7.95 -20.52 -45.37
N VAL F 70 -7.46 -21.75 -45.44
CA VAL F 70 -8.05 -22.75 -46.32
C VAL F 70 -9.41 -23.19 -45.77
N VAL F 71 -10.43 -23.16 -46.61
CA VAL F 71 -11.77 -23.57 -46.21
C VAL F 71 -12.17 -24.91 -46.83
N SER F 72 -11.75 -25.21 -48.05
CA SER F 72 -12.08 -26.49 -48.67
C SER F 72 -10.99 -26.89 -49.65
N GLN F 73 -10.46 -28.10 -49.49
CA GLN F 73 -9.44 -28.65 -50.38
C GLN F 73 -9.89 -30.04 -50.79
N GLU F 74 -9.89 -30.30 -52.10
CA GLU F 74 -10.43 -31.54 -52.63
C GLU F 74 -9.76 -31.84 -53.97
N ILE F 75 -9.55 -33.12 -54.23
CA ILE F 75 -8.97 -33.60 -55.49
C ILE F 75 -9.95 -34.54 -56.16
N SER F 76 -10.23 -34.31 -57.44
CA SER F 76 -11.08 -35.16 -58.23
C SER F 76 -10.38 -35.51 -59.53
N THR F 77 -11.03 -36.35 -60.33
CA THR F 77 -10.49 -36.69 -61.64
C THR F 77 -10.76 -35.57 -62.63
N ALA F 78 -9.70 -35.11 -63.31
CA ALA F 78 -9.84 -34.02 -64.26
C ALA F 78 -10.55 -34.50 -65.51
N ASP F 79 -11.82 -34.14 -65.65
CA ASP F 79 -12.57 -34.52 -66.84
C ASP F 79 -12.09 -33.72 -68.05
N GLU F 80 -12.28 -34.29 -69.24
CA GLU F 80 -11.87 -33.64 -70.47
C GLU F 80 -12.97 -32.68 -70.90
N GLY F 81 -12.61 -31.41 -71.08
CA GLY F 81 -13.57 -30.42 -71.51
C GLY F 81 -12.99 -29.02 -71.56
N ASP F 82 -13.34 -28.26 -72.60
CA ASP F 82 -12.95 -26.87 -72.73
C ASP F 82 -14.19 -26.02 -73.02
N GLY F 83 -13.95 -24.73 -73.26
CA GLY F 83 -15.03 -23.83 -73.61
C GLY F 83 -15.39 -23.91 -75.08
N GLY F 84 -15.89 -25.06 -75.51
CA GLY F 84 -16.21 -25.26 -76.90
C GLY F 84 -16.50 -26.73 -77.17
N GLN F 85 -16.28 -27.13 -78.42
CA GLN F 85 -16.52 -28.49 -78.86
C GLN F 85 -15.25 -29.23 -79.24
N VAL F 86 -14.12 -28.54 -79.34
CA VAL F 86 -12.85 -29.15 -79.73
C VAL F 86 -12.35 -29.97 -78.54
N VAL F 87 -12.48 -31.29 -78.62
CA VAL F 87 -12.19 -32.19 -77.51
C VAL F 87 -11.26 -33.30 -77.95
N VAL F 88 -10.37 -33.01 -78.90
CA VAL F 88 -9.49 -34.04 -79.42
C VAL F 88 -8.54 -34.54 -78.33
N ILE F 89 -8.48 -35.86 -78.18
CA ILE F 89 -7.52 -36.50 -77.28
C ILE F 89 -6.52 -37.37 -78.02
N GLY F 90 -6.39 -37.22 -79.33
CA GLY F 90 -5.43 -38.00 -80.10
C GLY F 90 -3.99 -37.59 -79.85
N MET G 1 -8.60 -7.66 -65.19
CA MET G 1 -9.92 -7.13 -64.88
C MET G 1 -10.20 -7.19 -63.38
N GLY G 2 -10.83 -6.14 -62.85
CA GLY G 2 -11.06 -6.03 -61.42
C GLY G 2 -12.52 -6.09 -61.00
N LYS G 3 -13.10 -4.93 -60.72
CA LYS G 3 -14.51 -4.74 -60.32
C LYS G 3 -14.81 -5.68 -59.15
N GLY G 4 -15.93 -6.39 -59.14
CA GLY G 4 -16.32 -7.17 -57.98
C GLY G 4 -16.15 -8.66 -58.15
N SER G 5 -16.25 -9.15 -59.39
CA SER G 5 -16.10 -10.56 -59.68
C SER G 5 -15.23 -10.71 -60.93
N SER G 6 -14.35 -11.69 -60.94
CA SER G 6 -13.51 -11.93 -62.10
C SER G 6 -13.18 -13.40 -62.22
N LYS G 7 -12.85 -13.82 -63.45
CA LYS G 7 -12.46 -15.20 -63.73
C LYS G 7 -11.37 -15.19 -64.77
N GLY G 8 -10.57 -16.26 -64.78
CA GLY G 8 -9.49 -16.39 -65.74
C GLY G 8 -9.01 -17.81 -65.82
N HIS G 9 -8.37 -18.15 -66.93
CA HIS G 9 -7.89 -19.51 -67.15
C HIS G 9 -6.67 -19.47 -68.05
N THR G 10 -5.95 -20.60 -68.06
CA THR G 10 -4.85 -20.80 -68.99
C THR G 10 -5.11 -22.06 -69.81
N PRO G 11 -4.67 -22.08 -71.07
CA PRO G 11 -4.97 -23.24 -71.94
C PRO G 11 -4.33 -24.51 -71.41
N ARG G 12 -5.17 -25.54 -71.21
CA ARG G 12 -4.66 -26.84 -70.78
C ARG G 12 -3.89 -27.50 -71.91
N GLU G 13 -2.78 -28.15 -71.54
CA GLU G 13 -1.89 -28.80 -72.50
C GLU G 13 -1.58 -30.20 -72.00
N ALA G 14 -2.11 -31.21 -72.68
CA ALA G 14 -1.93 -32.60 -72.27
C ALA G 14 -1.95 -33.55 -73.47
N LYS G 15 -3.06 -34.25 -73.65
CA LYS G 15 -3.27 -35.19 -74.77
C LYS G 15 -2.16 -36.26 -74.70
N ASP G 16 -1.63 -36.71 -75.84
CA ASP G 16 -0.59 -37.74 -75.91
C ASP G 16 -1.04 -39.04 -75.22
N ASN G 17 -2.02 -39.67 -75.87
CA ASN G 17 -2.54 -40.98 -75.52
C ASN G 17 -3.48 -40.89 -74.32
N LEU G 18 -4.50 -41.74 -74.32
CA LEU G 18 -5.53 -41.71 -73.30
C LEU G 18 -4.97 -41.98 -71.91
N LYS G 19 -5.21 -41.05 -71.00
CA LYS G 19 -4.78 -41.18 -69.60
C LYS G 19 -5.84 -40.52 -68.72
N SER G 20 -5.53 -40.40 -67.43
CA SER G 20 -6.44 -39.75 -66.49
C SER G 20 -5.59 -38.94 -65.51
N THR G 21 -5.85 -37.64 -65.45
CA THR G 21 -5.06 -36.72 -64.64
C THR G 21 -5.89 -36.20 -63.47
N GLN G 22 -5.18 -35.81 -62.41
CA GLN G 22 -5.83 -35.29 -61.22
C GLN G 22 -6.20 -33.82 -61.40
N LEU G 23 -6.95 -33.28 -60.43
CA LEU G 23 -7.39 -31.90 -60.49
C LEU G 23 -7.62 -31.42 -59.06
N LEU G 24 -6.65 -30.68 -58.53
CA LEU G 24 -6.78 -30.08 -57.20
C LEU G 24 -7.55 -28.77 -57.27
N SER G 25 -8.59 -28.67 -56.44
CA SER G 25 -9.45 -27.48 -56.40
C SER G 25 -9.54 -27.01 -54.97
N VAL G 26 -9.25 -25.73 -54.72
CA VAL G 26 -9.20 -25.23 -53.35
C VAL G 26 -9.75 -23.81 -53.30
N ILE G 27 -10.48 -23.51 -52.22
CA ILE G 27 -11.06 -22.20 -51.96
C ILE G 27 -10.28 -21.55 -50.82
N ASP G 28 -9.96 -20.27 -50.97
CA ASP G 28 -9.23 -19.52 -49.97
C ASP G 28 -9.98 -18.25 -49.62
N ALA G 29 -10.05 -17.94 -48.33
CA ALA G 29 -10.63 -16.71 -47.83
C ALA G 29 -9.52 -15.74 -47.48
N ILE G 30 -9.56 -14.55 -48.09
CA ILE G 30 -8.45 -13.61 -47.98
C ILE G 30 -8.72 -12.61 -46.86
N SER G 31 -9.79 -11.82 -47.01
CA SER G 31 -10.05 -10.73 -46.08
C SER G 31 -11.54 -10.47 -46.05
N GLU G 32 -11.93 -9.39 -45.37
CA GLU G 32 -13.33 -9.09 -45.09
C GLU G 32 -13.71 -7.75 -45.69
N GLY G 33 -14.99 -7.62 -46.05
CA GLY G 33 -15.50 -6.39 -46.59
C GLY G 33 -15.18 -6.23 -48.05
N PRO G 34 -15.58 -5.11 -48.63
CA PRO G 34 -15.29 -4.88 -50.05
C PRO G 34 -13.81 -4.66 -50.30
N ILE G 35 -13.15 -5.66 -50.86
CA ILE G 35 -11.74 -5.59 -51.16
C ILE G 35 -11.59 -5.23 -52.63
N GLU G 36 -10.38 -4.85 -53.02
CA GLU G 36 -10.07 -4.64 -54.43
C GLU G 36 -9.31 -5.83 -54.98
N GLY G 37 -9.28 -5.92 -56.31
CA GLY G 37 -8.68 -7.05 -56.97
C GLY G 37 -7.17 -6.99 -56.93
N PRO G 38 -6.54 -7.94 -57.63
CA PRO G 38 -5.08 -7.96 -57.67
C PRO G 38 -4.52 -6.77 -58.42
N VAL G 39 -3.27 -6.42 -58.08
CA VAL G 39 -2.63 -5.27 -58.71
C VAL G 39 -2.48 -5.49 -60.20
N ASP G 40 -2.33 -6.74 -60.62
CA ASP G 40 -2.24 -7.08 -62.03
C ASP G 40 -3.28 -8.16 -62.35
N GLY G 41 -3.17 -8.77 -63.52
CA GLY G 41 -4.14 -9.76 -63.91
C GLY G 41 -3.97 -11.08 -63.18
N LEU G 42 -4.19 -12.19 -63.89
CA LEU G 42 -4.22 -13.50 -63.24
C LEU G 42 -2.83 -13.90 -62.76
N LYS G 43 -1.80 -13.15 -63.16
CA LYS G 43 -0.43 -13.44 -62.75
C LYS G 43 -0.22 -13.36 -61.24
N SER G 44 -1.07 -12.58 -60.55
CA SER G 44 -0.86 -12.36 -59.12
C SER G 44 -0.95 -13.66 -58.32
N VAL G 45 -1.59 -14.69 -58.87
CA VAL G 45 -1.67 -15.97 -58.18
C VAL G 45 -0.27 -16.59 -58.17
N LEU G 46 0.28 -16.80 -56.98
CA LEU G 46 1.63 -17.33 -56.80
C LEU G 46 1.53 -18.74 -56.23
N LEU G 47 1.80 -19.74 -57.06
CA LEU G 47 1.86 -21.13 -56.63
C LEU G 47 3.32 -21.50 -56.41
N ASN G 48 3.66 -21.89 -55.18
CA ASN G 48 5.04 -22.20 -54.79
C ASN G 48 5.97 -21.06 -55.16
N SER G 49 5.54 -19.83 -54.83
CA SER G 49 6.37 -18.63 -54.96
C SER G 49 6.77 -18.35 -56.40
N THR G 50 5.98 -18.82 -57.37
CA THR G 50 6.22 -18.43 -58.76
C THR G 50 4.89 -18.09 -59.41
N PRO G 51 4.80 -16.95 -60.08
CA PRO G 51 3.53 -16.56 -60.71
C PRO G 51 3.24 -17.42 -61.93
N VAL G 52 1.97 -17.39 -62.35
CA VAL G 52 1.56 -18.15 -63.52
C VAL G 52 1.82 -17.39 -64.82
N LEU G 53 1.99 -16.07 -64.76
CA LEU G 53 2.37 -15.26 -65.90
C LEU G 53 3.56 -14.40 -65.52
N ASP G 54 4.53 -14.30 -66.41
CA ASP G 54 5.74 -13.54 -66.14
C ASP G 54 5.55 -12.10 -66.60
N THR G 55 6.64 -11.32 -66.60
CA THR G 55 6.56 -9.92 -67.00
C THR G 55 6.14 -9.78 -68.46
N GLU G 56 6.70 -10.63 -69.33
CA GLU G 56 6.37 -10.53 -70.76
C GLU G 56 4.89 -10.82 -71.00
N GLY G 57 4.34 -11.82 -70.31
CA GLY G 57 2.93 -12.15 -70.39
C GLY G 57 2.63 -13.54 -70.89
N ASN G 58 3.59 -14.21 -71.51
CA ASN G 58 3.35 -15.56 -72.00
C ASN G 58 3.15 -16.52 -70.83
N THR G 59 2.33 -17.54 -71.07
CA THR G 59 1.93 -18.46 -70.01
C THR G 59 3.13 -19.22 -69.46
N ASN G 60 3.08 -19.51 -68.17
CA ASN G 60 4.16 -20.22 -67.49
C ASN G 60 3.75 -21.58 -66.94
N ILE G 61 2.50 -21.76 -66.56
CA ILE G 61 2.01 -23.03 -66.03
C ILE G 61 0.92 -23.56 -66.96
N SER G 62 0.50 -24.80 -66.71
CA SER G 62 -0.51 -25.46 -67.51
C SER G 62 -1.89 -24.93 -67.14
N GLY G 63 -2.94 -25.64 -67.56
CA GLY G 63 -4.30 -25.20 -67.33
C GLY G 63 -4.62 -24.93 -65.87
N VAL G 64 -4.75 -23.64 -65.54
CA VAL G 64 -5.05 -23.18 -64.19
C VAL G 64 -6.24 -22.25 -64.27
N THR G 65 -7.28 -22.52 -63.49
CA THR G 65 -8.49 -21.71 -63.50
C THR G 65 -8.64 -21.01 -62.16
N VAL G 66 -8.80 -19.69 -62.21
CA VAL G 66 -8.88 -18.87 -61.00
C VAL G 66 -10.12 -17.99 -61.09
N VAL G 67 -10.95 -18.03 -60.05
CA VAL G 67 -12.12 -17.17 -59.93
C VAL G 67 -12.01 -16.39 -58.63
N PHE G 68 -12.14 -15.07 -58.71
CA PHE G 68 -12.01 -14.20 -57.56
C PHE G 68 -13.30 -13.44 -57.33
N ARG G 69 -13.72 -13.39 -56.06
CA ARG G 69 -14.93 -12.66 -55.68
C ARG G 69 -14.61 -11.80 -54.47
N ALA G 70 -14.68 -10.48 -54.65
CA ALA G 70 -14.52 -9.57 -53.54
C ALA G 70 -15.73 -9.62 -52.61
N GLY G 71 -15.49 -9.49 -51.32
CA GLY G 71 -16.57 -9.59 -50.36
C GLY G 71 -17.55 -8.45 -50.45
N GLU G 72 -18.73 -8.72 -51.00
CA GLU G 72 -19.79 -7.72 -51.13
C GLU G 72 -21.12 -8.43 -51.02
N GLN G 73 -22.11 -7.76 -50.44
CA GLN G 73 -23.40 -8.40 -50.22
C GLN G 73 -24.08 -8.70 -51.54
N GLU G 74 -25.02 -9.64 -51.48
CA GLU G 74 -25.77 -10.15 -52.64
C GLU G 74 -24.87 -10.36 -53.86
N GLN G 75 -23.73 -11.00 -53.62
CA GLN G 75 -22.84 -11.41 -54.69
C GLN G 75 -23.20 -12.82 -55.15
N THR G 76 -22.78 -13.15 -56.37
CA THR G 76 -23.09 -14.45 -56.93
C THR G 76 -22.18 -15.52 -56.35
N PRO G 77 -22.69 -16.72 -56.09
CA PRO G 77 -21.82 -17.76 -55.52
C PRO G 77 -20.86 -18.29 -56.58
N PRO G 78 -19.77 -18.93 -56.16
CA PRO G 78 -18.86 -19.55 -57.12
C PRO G 78 -19.54 -20.72 -57.83
N GLU G 79 -19.08 -20.99 -59.06
CA GLU G 79 -19.73 -21.97 -59.91
C GLU G 79 -18.78 -23.00 -60.52
N GLY G 80 -17.46 -22.83 -60.37
CA GLY G 80 -16.54 -23.75 -61.03
C GLY G 80 -16.59 -25.16 -60.48
N PHE G 81 -16.79 -25.31 -59.18
CA PHE G 81 -16.66 -26.60 -58.51
C PHE G 81 -18.00 -27.07 -57.96
N GLU G 82 -18.15 -28.38 -57.88
CA GLU G 82 -19.40 -29.00 -57.47
C GLU G 82 -19.43 -29.20 -55.96
N SER G 83 -20.64 -29.47 -55.46
CA SER G 83 -20.84 -29.76 -54.05
C SER G 83 -21.28 -31.20 -53.82
N SER G 84 -22.35 -31.64 -54.49
CA SER G 84 -22.86 -33.00 -54.29
C SER G 84 -23.20 -33.62 -55.64
N GLY G 85 -22.77 -34.86 -55.84
CA GLY G 85 -23.04 -35.55 -57.09
C GLY G 85 -23.74 -36.86 -56.93
N SER G 86 -24.81 -37.09 -57.69
CA SER G 86 -25.54 -38.34 -57.71
C SER G 86 -25.18 -39.10 -58.98
N GLU G 87 -24.54 -40.25 -58.83
CA GLU G 87 -24.13 -41.08 -59.96
C GLU G 87 -25.13 -42.19 -60.16
N THR G 88 -25.60 -42.35 -61.39
CA THR G 88 -26.46 -43.47 -61.77
C THR G 88 -25.76 -44.25 -62.86
N VAL G 89 -25.65 -45.57 -62.67
CA VAL G 89 -24.98 -46.46 -63.61
C VAL G 89 -26.04 -47.31 -64.30
N LEU G 90 -25.99 -47.33 -65.63
CA LEU G 90 -26.85 -48.17 -66.44
C LEU G 90 -26.06 -48.52 -67.69
N GLY G 91 -25.35 -49.65 -67.65
CA GLY G 91 -24.43 -50.00 -68.72
C GLY G 91 -25.18 -50.46 -69.96
N THR G 92 -24.84 -49.87 -71.10
CA THR G 92 -25.42 -50.24 -72.37
C THR G 92 -24.50 -49.78 -73.49
N GLU G 93 -24.60 -50.45 -74.63
CA GLU G 93 -23.72 -50.22 -75.77
C GLU G 93 -24.46 -49.43 -76.84
N VAL G 94 -23.82 -48.37 -77.33
CA VAL G 94 -24.40 -47.55 -78.38
C VAL G 94 -24.10 -48.17 -79.73
N LYS G 95 -25.15 -48.40 -80.52
CA LYS G 95 -25.03 -48.96 -81.86
C LYS G 95 -25.40 -47.91 -82.90
N TYR G 96 -24.80 -48.05 -84.09
CA TYR G 96 -25.05 -47.07 -85.15
C TYR G 96 -26.52 -47.04 -85.55
N ASP G 97 -27.14 -48.22 -85.67
CA ASP G 97 -28.53 -48.29 -86.11
C ASP G 97 -29.47 -47.79 -85.03
N THR G 98 -29.19 -48.10 -83.76
CA THR G 98 -30.09 -47.75 -82.66
C THR G 98 -29.39 -46.83 -81.67
N PRO G 99 -29.53 -45.51 -81.79
CA PRO G 99 -29.00 -44.61 -80.76
C PRO G 99 -29.70 -44.83 -79.43
N ILE G 100 -28.98 -44.54 -78.35
CA ILE G 100 -29.45 -44.76 -77.00
C ILE G 100 -30.06 -43.46 -76.48
N THR G 101 -31.28 -43.55 -75.96
CA THR G 101 -31.98 -42.39 -75.42
C THR G 101 -32.28 -42.60 -73.95
N ARG G 102 -32.22 -41.50 -73.20
CA ARG G 102 -32.56 -41.50 -71.79
C ARG G 102 -33.29 -40.21 -71.47
N THR G 103 -34.06 -40.23 -70.39
CA THR G 103 -34.78 -39.04 -69.94
C THR G 103 -34.25 -38.62 -68.58
N ILE G 104 -34.16 -37.31 -68.37
CA ILE G 104 -33.67 -36.73 -67.12
C ILE G 104 -34.83 -35.97 -66.49
N THR G 105 -35.16 -36.33 -65.25
CA THR G 105 -36.29 -35.77 -64.53
C THR G 105 -35.88 -35.58 -63.06
N SER G 106 -35.45 -34.38 -62.72
CA SER G 106 -35.04 -34.08 -61.36
C SER G 106 -35.26 -32.60 -61.09
N ALA G 107 -35.34 -32.26 -59.80
CA ALA G 107 -35.61 -30.88 -59.40
C ALA G 107 -34.34 -30.03 -59.45
N ASN G 108 -33.32 -30.42 -58.68
CA ASN G 108 -32.09 -29.64 -58.57
C ASN G 108 -31.14 -30.07 -59.68
N ILE G 109 -30.99 -29.22 -60.68
CA ILE G 109 -30.10 -29.46 -61.81
C ILE G 109 -29.11 -28.32 -61.88
N ASP G 110 -27.82 -28.63 -61.78
CA ASP G 110 -26.78 -27.64 -62.04
C ASP G 110 -25.87 -28.03 -63.19
N ARG G 111 -25.27 -29.22 -63.15
CA ARG G 111 -24.46 -29.68 -64.26
C ARG G 111 -24.60 -31.19 -64.39
N LEU G 112 -24.33 -31.70 -65.60
CA LEU G 112 -24.48 -33.11 -65.90
C LEU G 112 -23.19 -33.62 -66.53
N ARG G 113 -22.71 -34.77 -66.05
CA ARG G 113 -21.48 -35.37 -66.54
C ARG G 113 -21.78 -36.72 -67.14
N PHE G 114 -21.33 -36.93 -68.37
CA PHE G 114 -21.51 -38.19 -69.08
C PHE G 114 -20.19 -38.94 -69.12
N THR G 115 -20.19 -40.19 -68.69
CA THR G 115 -19.04 -41.07 -68.82
C THR G 115 -19.31 -42.09 -69.91
N PHE G 116 -18.36 -42.23 -70.83
CA PHE G 116 -18.50 -43.13 -71.96
C PHE G 116 -17.24 -43.95 -72.11
N GLY G 117 -17.39 -45.19 -72.57
CA GLY G 117 -16.26 -46.09 -72.63
C GLY G 117 -16.03 -46.76 -73.97
N VAL G 118 -14.82 -47.28 -74.15
CA VAL G 118 -14.43 -48.01 -75.34
C VAL G 118 -13.94 -49.39 -74.92
N GLN G 119 -14.50 -50.43 -75.53
CA GLN G 119 -14.08 -51.80 -75.24
C GLN G 119 -12.64 -52.03 -75.63
N ALA G 120 -12.30 -51.71 -76.89
CA ALA G 120 -10.95 -51.85 -77.39
C ALA G 120 -10.83 -51.01 -78.65
N LEU G 121 -9.60 -50.70 -79.04
CA LEU G 121 -9.39 -49.87 -80.22
C LEU G 121 -8.26 -50.35 -81.12
N VAL G 122 -7.41 -51.28 -80.68
CA VAL G 122 -6.28 -51.71 -81.50
C VAL G 122 -6.77 -52.41 -82.76
N GLU G 123 -6.07 -52.15 -83.87
CA GLU G 123 -6.36 -52.78 -85.16
C GLU G 123 -5.19 -53.65 -85.56
N THR G 124 -5.48 -54.88 -85.99
CA THR G 124 -4.45 -55.84 -86.39
C THR G 124 -4.67 -56.23 -87.85
N THR G 125 -3.61 -56.15 -88.65
CA THR G 125 -3.67 -56.52 -90.05
C THR G 125 -3.27 -57.99 -90.22
N SER G 126 -3.05 -58.41 -91.47
CA SER G 126 -2.67 -59.79 -91.73
C SER G 126 -1.32 -60.13 -91.11
N LYS G 127 -0.33 -59.24 -91.27
CA LYS G 127 0.99 -59.51 -90.72
C LYS G 127 0.96 -59.55 -89.20
N GLY G 128 0.26 -58.60 -88.58
CA GLY G 128 0.14 -58.58 -87.14
C GLY G 128 0.49 -57.23 -86.53
N ASP G 129 0.85 -56.26 -87.37
CA ASP G 129 1.20 -54.94 -86.86
C ASP G 129 -0.02 -54.27 -86.23
N ARG G 130 0.23 -53.50 -85.18
CA ARG G 130 -0.83 -52.86 -84.41
C ARG G 130 -0.92 -51.39 -84.82
N ASN G 131 -2.12 -50.95 -85.18
CA ASN G 131 -2.31 -49.56 -85.57
C ASN G 131 -3.50 -48.97 -84.83
N PRO G 132 -3.40 -47.71 -84.39
CA PRO G 132 -4.54 -47.05 -83.77
C PRO G 132 -5.57 -46.62 -84.81
N SER G 133 -6.77 -46.30 -84.32
CA SER G 133 -7.86 -45.88 -85.18
C SER G 133 -8.57 -44.70 -84.52
N GLU G 134 -9.66 -44.26 -85.14
CA GLU G 134 -10.39 -43.06 -84.73
C GLU G 134 -11.85 -43.42 -84.49
N VAL G 135 -12.42 -42.94 -83.38
CA VAL G 135 -13.82 -43.14 -83.06
C VAL G 135 -14.43 -41.80 -82.69
N ARG G 136 -15.58 -41.49 -83.29
CA ARG G 136 -16.25 -40.21 -83.05
C ARG G 136 -17.67 -40.44 -82.57
N LEU G 137 -18.06 -39.74 -81.52
CA LEU G 137 -19.40 -39.80 -80.95
C LEU G 137 -19.97 -38.40 -80.81
N LEU G 138 -21.28 -38.28 -80.95
CA LEU G 138 -21.97 -37.01 -80.76
C LEU G 138 -23.00 -37.17 -79.65
N VAL G 139 -22.96 -36.27 -78.66
CA VAL G 139 -23.89 -36.26 -77.54
C VAL G 139 -24.81 -35.05 -77.70
N GLN G 140 -26.11 -35.31 -77.65
CA GLN G 140 -27.12 -34.29 -77.91
C GLN G 140 -28.16 -34.31 -76.79
N ILE G 141 -28.72 -33.14 -76.51
CA ILE G 141 -29.78 -32.98 -75.52
C ILE G 141 -30.92 -32.20 -76.17
N GLN G 142 -31.93 -31.90 -75.36
CA GLN G 142 -33.13 -31.21 -75.84
C GLN G 142 -33.02 -29.72 -75.52
N ARG G 143 -33.11 -28.89 -76.56
CA ARG G 143 -33.10 -27.43 -76.41
C ARG G 143 -34.21 -26.84 -77.26
N ASN G 144 -35.28 -26.41 -76.59
CA ASN G 144 -36.43 -25.79 -77.25
C ASN G 144 -37.03 -26.71 -78.32
N GLY G 145 -37.07 -28.01 -78.00
CA GLY G 145 -37.64 -28.99 -78.90
C GLY G 145 -36.78 -29.36 -80.09
N GLY G 146 -35.51 -29.00 -80.08
CA GLY G 146 -34.62 -29.29 -81.19
C GLY G 146 -33.48 -30.21 -80.76
N TRP G 147 -33.17 -31.18 -81.61
CA TRP G 147 -32.11 -32.14 -81.34
C TRP G 147 -30.79 -31.68 -81.96
N VAL G 148 -30.43 -30.44 -81.66
CA VAL G 148 -29.17 -29.88 -82.16
C VAL G 148 -28.02 -30.45 -81.36
N THR G 149 -26.92 -30.78 -82.05
CA THR G 149 -25.79 -31.44 -81.40
C THR G 149 -25.22 -30.56 -80.29
N GLU G 150 -25.13 -31.12 -79.09
CA GLU G 150 -24.58 -30.38 -77.97
C GLU G 150 -23.05 -30.44 -77.94
N LYS G 151 -22.49 -31.64 -78.06
CA LYS G 151 -21.04 -31.78 -77.98
C LYS G 151 -20.61 -32.98 -78.83
N ASP G 152 -19.35 -32.95 -79.25
CA ASP G 152 -18.74 -34.05 -79.96
C ASP G 152 -17.62 -34.65 -79.12
N ILE G 153 -17.10 -35.78 -79.59
CA ILE G 153 -16.00 -36.48 -78.93
C ILE G 153 -15.28 -37.31 -79.99
N THR G 154 -13.95 -37.28 -79.95
CA THR G 154 -13.15 -38.08 -80.87
C THR G 154 -11.94 -38.65 -80.15
N ILE G 155 -11.69 -39.94 -80.38
CA ILE G 155 -10.60 -40.67 -79.73
C ILE G 155 -9.71 -41.26 -80.79
N LYS G 156 -8.39 -41.09 -80.62
CA LYS G 156 -7.38 -41.60 -81.55
C LYS G 156 -6.19 -42.10 -80.71
N GLY G 157 -6.15 -43.41 -80.47
CA GLY G 157 -5.05 -43.99 -79.72
C GLY G 157 -5.13 -45.49 -79.58
N LYS G 158 -4.02 -46.18 -79.81
CA LYS G 158 -4.01 -47.64 -79.73
C LYS G 158 -4.17 -48.10 -78.30
N THR G 159 -5.25 -48.83 -78.02
CA THR G 159 -5.48 -49.40 -76.71
C THR G 159 -6.42 -50.58 -76.85
N THR G 160 -6.17 -51.63 -76.09
CA THR G 160 -7.04 -52.79 -76.03
C THR G 160 -7.74 -52.95 -74.69
N SER G 161 -7.81 -51.88 -73.90
CA SER G 161 -8.45 -51.91 -72.60
C SER G 161 -9.74 -51.11 -72.61
N GLN G 162 -10.67 -51.52 -71.75
CA GLN G 162 -11.96 -50.84 -71.62
C GLN G 162 -11.71 -49.50 -70.94
N TYR G 163 -11.56 -48.46 -71.74
CA TYR G 163 -11.19 -47.14 -71.25
C TYR G 163 -12.41 -46.24 -71.19
N LEU G 164 -12.67 -45.67 -70.02
CA LEU G 164 -13.85 -44.84 -69.79
C LEU G 164 -13.40 -43.42 -69.49
N ALA G 165 -13.95 -42.46 -70.21
CA ALA G 165 -13.68 -41.04 -70.02
C ALA G 165 -14.96 -40.33 -69.62
N SER G 166 -14.81 -39.09 -69.14
CA SER G 166 -15.93 -38.30 -68.65
C SER G 166 -15.89 -36.90 -69.25
N VAL G 167 -17.06 -36.40 -69.64
CA VAL G 167 -17.21 -35.05 -70.19
C VAL G 167 -18.41 -34.40 -69.51
N VAL G 168 -18.22 -33.18 -69.02
CA VAL G 168 -19.26 -32.48 -68.28
C VAL G 168 -19.88 -31.40 -69.16
N MET G 169 -21.08 -30.97 -68.77
CA MET G 169 -21.81 -29.94 -69.48
C MET G 169 -22.71 -29.22 -68.50
N GLY G 170 -23.03 -27.98 -68.83
CA GLY G 170 -23.91 -27.17 -67.99
C GLY G 170 -25.35 -27.25 -68.43
N ASN G 171 -26.20 -27.87 -67.61
CA ASN G 171 -27.60 -28.12 -67.95
C ASN G 171 -28.37 -26.81 -67.89
N LEU G 172 -28.16 -25.97 -68.90
CA LEU G 172 -28.93 -24.74 -69.01
C LEU G 172 -30.42 -24.98 -69.19
N PRO G 173 -30.88 -25.87 -70.06
CA PRO G 173 -32.33 -26.07 -70.22
C PRO G 173 -32.96 -26.66 -68.97
N PRO G 174 -34.00 -26.03 -68.44
CA PRO G 174 -34.67 -26.58 -67.25
C PRO G 174 -35.74 -27.61 -67.63
N ARG G 175 -36.44 -28.15 -66.62
CA ARG G 175 -37.53 -29.10 -66.78
C ARG G 175 -37.00 -30.44 -67.30
N PRO G 176 -37.62 -31.55 -66.92
CA PRO G 176 -37.18 -32.85 -67.45
C PRO G 176 -37.08 -32.85 -68.97
N PHE G 177 -36.02 -33.46 -69.49
CA PHE G 177 -35.79 -33.45 -70.93
C PHE G 177 -35.16 -34.79 -71.32
N ASN G 178 -34.59 -34.84 -72.52
CA ASN G 178 -34.08 -36.08 -73.09
C ASN G 178 -32.63 -35.90 -73.55
N ILE G 179 -31.89 -37.01 -73.51
CA ILE G 179 -30.47 -37.03 -73.83
C ILE G 179 -30.18 -38.25 -74.69
N ARG G 180 -29.34 -38.07 -75.71
CA ARG G 180 -28.97 -39.17 -76.59
C ARG G 180 -27.51 -39.04 -76.99
N MET G 181 -26.95 -40.16 -77.47
CA MET G 181 -25.68 -40.15 -78.17
C MET G 181 -25.78 -41.00 -79.42
N ARG G 182 -24.99 -40.61 -80.43
CA ARG G 182 -24.97 -41.28 -81.71
C ARG G 182 -23.53 -41.52 -82.15
N ARG G 183 -23.27 -42.71 -82.65
CA ARG G 183 -21.95 -43.08 -83.16
C ARG G 183 -21.85 -42.70 -84.63
N MET G 184 -20.78 -42.02 -84.99
CA MET G 184 -20.55 -41.63 -86.38
C MET G 184 -19.71 -42.63 -87.16
N THR G 185 -18.80 -43.32 -86.50
CA THR G 185 -18.00 -44.34 -87.19
C THR G 185 -18.86 -45.56 -87.49
N PRO G 186 -18.93 -46.00 -88.74
CA PRO G 186 -19.77 -47.18 -89.05
C PRO G 186 -19.24 -48.43 -88.36
N ASP G 187 -20.15 -49.35 -88.09
CA ASP G 187 -19.79 -50.59 -87.42
C ASP G 187 -18.78 -51.37 -88.24
N SER G 188 -17.81 -51.97 -87.56
CA SER G 188 -16.81 -52.78 -88.24
C SER G 188 -17.44 -54.05 -88.80
N THR G 189 -17.08 -54.37 -90.04
CA THR G 189 -17.62 -55.57 -90.68
C THR G 189 -16.85 -56.82 -90.25
N THR G 190 -15.53 -56.75 -90.23
CA THR G 190 -14.71 -57.89 -89.86
C THR G 190 -14.56 -57.93 -88.34
N ASP G 191 -13.77 -58.90 -87.85
CA ASP G 191 -13.45 -58.99 -86.44
C ASP G 191 -12.11 -58.32 -86.11
N GLN G 192 -11.45 -57.72 -87.10
CA GLN G 192 -10.17 -57.07 -86.87
C GLN G 192 -10.33 -55.75 -86.12
N LEU G 193 -11.34 -54.97 -86.49
CA LEU G 193 -11.61 -53.70 -85.85
C LEU G 193 -12.57 -53.93 -84.69
N GLN G 194 -12.11 -53.66 -83.48
CA GLN G 194 -12.91 -53.86 -82.27
C GLN G 194 -13.34 -52.54 -81.64
N ASN G 195 -13.46 -51.48 -82.43
CA ASN G 195 -13.83 -50.18 -81.87
C ASN G 195 -15.29 -50.19 -81.45
N LYS G 196 -15.55 -50.55 -80.21
CA LYS G 196 -16.90 -50.56 -79.65
C LYS G 196 -16.99 -49.52 -78.55
N THR G 197 -18.03 -48.69 -78.61
CA THR G 197 -18.28 -47.67 -77.62
C THR G 197 -19.56 -47.98 -76.86
N LEU G 198 -19.58 -47.61 -75.58
CA LEU G 198 -20.73 -47.90 -74.74
C LEU G 198 -20.99 -46.75 -73.78
N TRP G 199 -22.26 -46.61 -73.41
CA TRP G 199 -22.69 -45.71 -72.37
C TRP G 199 -22.23 -46.22 -71.01
N SER G 200 -21.83 -45.28 -70.14
CA SER G 200 -21.46 -45.60 -68.78
C SER G 200 -22.20 -44.66 -67.84
N SER G 201 -21.93 -44.81 -66.54
CA SER G 201 -22.68 -44.09 -65.52
C SER G 201 -22.65 -42.59 -65.77
N TYR G 202 -23.82 -41.96 -65.70
CA TYR G 202 -23.91 -40.52 -65.78
C TYR G 202 -24.20 -39.94 -64.40
N THR G 203 -23.63 -38.77 -64.13
CA THR G 203 -23.65 -38.19 -62.80
C THR G 203 -24.22 -36.79 -62.88
N GLU G 204 -25.24 -36.53 -62.07
CA GLU G 204 -25.85 -35.20 -61.97
C GLU G 204 -25.27 -34.50 -60.74
N ILE G 205 -24.60 -33.37 -60.94
CA ILE G 205 -23.88 -32.70 -59.87
C ILE G 205 -24.51 -31.33 -59.64
N ILE G 206 -24.61 -30.96 -58.36
CA ILE G 206 -25.11 -29.66 -57.95
C ILE G 206 -24.00 -28.94 -57.18
N ASP G 207 -23.72 -27.71 -57.59
CA ASP G 207 -22.65 -26.92 -57.01
C ASP G 207 -23.08 -26.35 -55.66
N VAL G 208 -22.23 -25.50 -55.09
CA VAL G 208 -22.51 -24.89 -53.80
C VAL G 208 -23.49 -23.74 -53.98
N LYS G 209 -24.63 -23.83 -53.32
CA LYS G 209 -25.58 -22.73 -53.28
C LYS G 209 -25.30 -21.76 -52.14
N GLN G 210 -24.40 -22.11 -51.22
CA GLN G 210 -24.09 -21.25 -50.10
C GLN G 210 -23.12 -20.17 -50.55
N CYS G 211 -23.62 -18.94 -50.65
CA CYS G 211 -22.78 -17.81 -51.02
C CYS G 211 -22.19 -17.18 -49.77
N TYR G 212 -21.09 -16.46 -49.97
CA TYR G 212 -20.39 -15.82 -48.86
C TYR G 212 -20.73 -14.34 -48.86
N PRO G 213 -21.41 -13.84 -47.84
CA PRO G 213 -22.01 -12.50 -47.94
C PRO G 213 -21.00 -11.37 -47.99
N ASN G 214 -20.02 -11.34 -47.09
CA ASN G 214 -19.13 -10.19 -47.03
C ASN G 214 -17.67 -10.59 -46.84
N THR G 215 -17.25 -11.72 -47.41
CA THR G 215 -15.88 -12.19 -47.30
C THR G 215 -15.29 -12.34 -48.69
N ALA G 216 -14.11 -11.77 -48.90
CA ALA G 216 -13.42 -11.94 -50.17
C ALA G 216 -12.81 -13.34 -50.25
N LEU G 217 -12.86 -13.93 -51.44
CA LEU G 217 -12.40 -15.30 -51.61
C LEU G 217 -11.89 -15.50 -53.02
N VAL G 218 -11.02 -16.51 -53.17
CA VAL G 218 -10.50 -16.93 -54.46
C VAL G 218 -10.54 -18.45 -54.55
N GLY G 219 -11.03 -18.97 -55.67
CA GLY G 219 -11.05 -20.40 -55.93
C GLY G 219 -10.10 -20.72 -57.08
N VAL G 220 -9.21 -21.67 -56.83
CA VAL G 220 -8.18 -22.02 -57.80
C VAL G 220 -8.22 -23.53 -58.05
N GLN G 221 -8.21 -23.91 -59.32
CA GLN G 221 -8.15 -25.30 -59.75
C GLN G 221 -6.94 -25.49 -60.66
N VAL G 222 -6.11 -26.47 -60.32
CA VAL G 222 -4.86 -26.75 -61.02
C VAL G 222 -4.77 -28.26 -61.26
N ASP G 223 -4.23 -28.64 -62.42
CA ASP G 223 -4.11 -30.06 -62.74
C ASP G 223 -3.24 -30.79 -61.74
N SER G 224 -2.28 -30.11 -61.13
CA SER G 224 -1.47 -30.65 -60.04
C SER G 224 -0.71 -31.92 -60.44
N GLU G 225 -0.34 -32.00 -61.71
CA GLU G 225 0.49 -33.10 -62.21
C GLU G 225 1.97 -32.74 -62.22
N GLN G 226 2.31 -31.56 -62.76
CA GLN G 226 3.70 -31.12 -62.81
C GLN G 226 4.24 -30.74 -61.44
N PHE G 227 3.38 -30.60 -60.44
CA PHE G 227 3.84 -30.30 -59.09
C PHE G 227 4.34 -31.56 -58.41
N GLY G 228 5.01 -31.39 -57.28
CA GLY G 228 5.52 -32.51 -56.53
C GLY G 228 4.42 -33.17 -55.70
N SER G 229 4.81 -34.28 -55.06
CA SER G 229 3.85 -35.03 -54.26
C SER G 229 3.36 -34.24 -53.05
N GLN G 230 4.05 -33.18 -52.67
CA GLN G 230 3.67 -32.37 -51.53
C GLN G 230 2.55 -31.40 -51.92
N GLN G 231 2.05 -30.67 -50.92
CA GLN G 231 1.04 -29.65 -51.16
C GLN G 231 1.68 -28.43 -51.82
N VAL G 232 0.83 -27.51 -52.27
CA VAL G 232 1.27 -26.29 -52.92
C VAL G 232 0.74 -25.09 -52.13
N SER G 233 1.61 -24.12 -51.92
CA SER G 233 1.25 -22.91 -51.18
C SER G 233 0.73 -21.86 -52.13
N ARG G 234 -0.40 -21.25 -51.79
CA ARG G 234 -1.05 -20.24 -52.61
C ARG G 234 -0.87 -18.88 -51.95
N ASN G 235 -0.12 -18.01 -52.60
CA ASN G 235 0.03 -16.62 -52.17
C ASN G 235 -0.54 -15.69 -53.23
N TYR G 236 -1.31 -14.71 -52.78
CA TYR G 236 -2.00 -13.79 -53.68
C TYR G 236 -1.57 -12.37 -53.38
N HIS G 237 -1.36 -11.59 -54.44
CA HIS G 237 -0.85 -10.22 -54.35
C HIS G 237 -2.04 -9.28 -54.61
N LEU G 238 -2.75 -8.95 -53.54
CA LEU G 238 -4.01 -8.22 -53.62
C LEU G 238 -3.84 -6.79 -53.12
N ARG G 239 -4.82 -5.96 -53.46
CA ARG G 239 -4.87 -4.59 -52.99
C ARG G 239 -5.52 -4.54 -51.61
N GLY G 240 -5.86 -3.35 -51.14
CA GLY G 240 -6.40 -3.17 -49.82
C GLY G 240 -7.91 -3.15 -49.80
N ARG G 241 -8.45 -2.60 -48.71
CA ARG G 241 -9.89 -2.53 -48.49
C ARG G 241 -10.45 -1.18 -48.89
N ILE G 242 -11.66 -1.20 -49.45
CA ILE G 242 -12.37 0.03 -49.80
C ILE G 242 -12.75 0.74 -48.51
N LEU G 243 -12.20 1.94 -48.28
CA LEU G 243 -12.45 2.69 -47.08
C LEU G 243 -13.39 3.86 -47.34
N GLN G 244 -13.90 4.44 -46.25
CA GLN G 244 -14.76 5.62 -46.32
C GLN G 244 -13.92 6.89 -46.23
N VAL G 245 -13.19 7.15 -47.32
CA VAL G 245 -12.33 8.31 -47.47
C VAL G 245 -13.19 9.56 -47.70
N PRO G 246 -12.79 10.71 -47.17
CA PRO G 246 -13.55 11.95 -47.41
C PRO G 246 -13.62 12.29 -48.89
N SER G 247 -14.72 12.94 -49.26
CA SER G 247 -14.96 13.26 -50.67
C SER G 247 -13.89 14.19 -51.22
N ASN G 248 -13.45 15.16 -50.41
CA ASN G 248 -12.43 16.10 -50.87
C ASN G 248 -11.13 15.39 -51.20
N TYR G 249 -10.85 14.27 -50.55
CA TYR G 249 -9.59 13.58 -50.72
C TYR G 249 -9.55 12.85 -52.07
N ASN G 250 -8.42 12.97 -52.76
CA ASN G 250 -8.17 12.18 -53.96
C ASN G 250 -7.18 11.08 -53.62
N PRO G 251 -7.56 9.81 -53.68
CA PRO G 251 -6.66 8.73 -53.26
C PRO G 251 -5.62 8.33 -54.29
N GLN G 252 -5.50 9.07 -55.40
CA GLN G 252 -4.52 8.78 -56.43
C GLN G 252 -3.25 9.62 -56.24
N THR G 253 -3.40 10.93 -56.19
CA THR G 253 -2.28 11.84 -56.01
C THR G 253 -2.21 12.43 -54.61
N ARG G 254 -3.21 12.14 -53.75
CA ARG G 254 -3.25 12.63 -52.38
C ARG G 254 -3.20 14.15 -52.33
N GLN G 255 -4.09 14.77 -53.10
CA GLN G 255 -4.19 16.22 -53.19
C GLN G 255 -5.54 16.65 -52.64
N TYR G 256 -5.52 17.62 -51.73
CA TYR G 256 -6.74 18.22 -51.19
C TYR G 256 -7.07 19.48 -51.98
N SER G 257 -8.37 19.76 -52.11
CA SER G 257 -8.80 20.93 -52.85
C SER G 257 -10.14 21.39 -52.29
N GLY G 258 -10.12 22.49 -51.53
CA GLY G 258 -11.33 23.09 -51.02
C GLY G 258 -11.61 22.68 -49.58
N ILE G 259 -12.69 23.27 -49.06
CA ILE G 259 -13.14 23.02 -47.69
C ILE G 259 -13.80 21.64 -47.63
N TRP G 260 -13.60 20.93 -46.53
CA TRP G 260 -14.15 19.60 -46.34
C TRP G 260 -15.42 19.65 -45.49
N ASP G 261 -16.45 18.94 -45.94
CA ASP G 261 -17.69 18.74 -45.23
C ASP G 261 -17.74 17.33 -44.68
N GLY G 262 -18.79 17.03 -43.91
CA GLY G 262 -18.92 15.72 -43.31
C GLY G 262 -19.35 14.64 -44.28
N THR G 263 -19.13 14.86 -45.56
CA THR G 263 -19.44 13.86 -46.57
C THR G 263 -18.37 12.78 -46.61
N PHE G 264 -18.76 11.61 -47.09
CA PHE G 264 -17.85 10.49 -47.27
C PHE G 264 -18.05 9.88 -48.65
N LYS G 265 -16.99 9.29 -49.18
CA LYS G 265 -17.03 8.58 -50.46
C LYS G 265 -16.41 7.21 -50.28
N PRO G 266 -17.05 6.15 -50.73
CA PRO G 266 -16.44 4.83 -50.66
C PRO G 266 -15.39 4.65 -51.74
N ALA G 267 -14.12 4.58 -51.37
CA ALA G 267 -13.08 4.48 -52.38
C ALA G 267 -11.88 3.76 -51.78
N TYR G 268 -11.02 3.26 -52.64
CA TYR G 268 -9.78 2.65 -52.18
C TYR G 268 -8.87 3.72 -51.58
N SER G 269 -8.02 3.29 -50.65
CA SER G 269 -7.03 4.20 -50.09
C SER G 269 -5.87 3.40 -49.53
N ASN G 270 -4.76 4.12 -49.33
CA ASN G 270 -3.59 3.58 -48.67
C ASN G 270 -3.16 4.46 -47.51
N ASN G 271 -4.03 5.38 -47.08
CA ASN G 271 -3.72 6.34 -46.05
C ASN G 271 -3.71 5.66 -44.68
N MET G 272 -3.35 6.42 -43.65
CA MET G 272 -3.16 5.87 -42.32
C MET G 272 -4.27 6.27 -41.36
N ALA G 273 -4.56 7.57 -41.26
CA ALA G 273 -5.57 8.02 -40.31
C ALA G 273 -6.93 7.42 -40.63
N TRP G 274 -7.30 7.41 -41.91
CA TRP G 274 -8.56 6.81 -42.31
C TRP G 274 -8.58 5.30 -42.14
N CYS G 275 -7.41 4.67 -42.12
CA CYS G 275 -7.34 3.27 -41.71
C CYS G 275 -7.82 3.12 -40.26
N LEU G 276 -7.36 4.00 -39.38
CA LEU G 276 -7.85 3.97 -38.01
C LEU G 276 -9.33 4.28 -37.95
N TRP G 277 -9.79 5.23 -38.77
CA TRP G 277 -11.22 5.55 -38.78
C TRP G 277 -12.06 4.35 -39.16
N ASP G 278 -11.62 3.60 -40.18
CA ASP G 278 -12.34 2.39 -40.57
C ASP G 278 -12.26 1.34 -39.48
N MET G 279 -11.12 1.22 -38.81
CA MET G 279 -10.99 0.26 -37.72
C MET G 279 -11.96 0.59 -36.59
N LEU G 280 -12.10 1.87 -36.26
CA LEU G 280 -12.76 2.26 -35.02
C LEU G 280 -14.28 2.24 -35.16
N THR G 281 -14.81 3.02 -36.09
CA THR G 281 -16.26 3.11 -36.29
C THR G 281 -16.66 2.30 -37.51
N HIS G 282 -16.86 1.00 -37.29
CA HIS G 282 -17.37 0.12 -38.32
C HIS G 282 -18.23 -0.94 -37.65
N PRO G 283 -19.43 -1.20 -38.16
CA PRO G 283 -20.25 -2.28 -37.59
C PRO G 283 -19.69 -3.64 -37.97
N ARG G 284 -20.43 -4.70 -37.65
CA ARG G 284 -20.06 -6.07 -38.03
C ARG G 284 -18.82 -6.54 -37.28
N TYR G 285 -17.65 -6.03 -37.64
CA TYR G 285 -16.41 -6.51 -37.06
C TYR G 285 -15.58 -5.43 -36.36
N GLY G 286 -15.83 -4.15 -36.61
CA GLY G 286 -14.97 -3.13 -36.07
C GLY G 286 -15.50 -2.41 -34.84
N MET G 287 -16.12 -3.17 -33.92
CA MET G 287 -16.68 -2.65 -32.66
C MET G 287 -17.42 -1.33 -32.85
N GLY G 288 -18.16 -1.21 -33.95
CA GLY G 288 -18.99 -0.03 -34.15
C GLY G 288 -20.24 -0.01 -33.30
N LYS G 289 -20.64 -1.16 -32.76
CA LYS G 289 -21.84 -1.21 -31.93
C LYS G 289 -21.60 -0.62 -30.55
N ARG G 290 -20.35 -0.43 -30.14
CA ARG G 290 -20.06 0.14 -28.83
C ARG G 290 -20.07 1.67 -28.85
N LEU G 291 -19.70 2.28 -29.96
CA LEU G 291 -19.60 3.73 -30.05
C LEU G 291 -20.09 4.18 -31.41
N GLY G 292 -20.79 5.31 -31.43
CA GLY G 292 -21.32 5.86 -32.66
C GLY G 292 -20.25 6.60 -33.45
N ALA G 293 -20.68 7.18 -34.57
CA ALA G 293 -19.78 7.97 -35.40
C ALA G 293 -19.51 9.34 -34.79
N ALA G 294 -20.42 9.85 -33.95
CA ALA G 294 -20.27 11.17 -33.37
C ALA G 294 -19.40 11.19 -32.13
N ASP G 295 -18.94 10.02 -31.66
CA ASP G 295 -18.13 9.96 -30.45
C ASP G 295 -16.64 10.10 -30.72
N VAL G 296 -16.22 10.23 -31.97
CA VAL G 296 -14.82 10.34 -32.31
C VAL G 296 -14.61 11.61 -33.13
N ASP G 297 -13.49 12.29 -32.85
CA ASP G 297 -13.19 13.58 -33.49
C ASP G 297 -12.66 13.31 -34.89
N LYS G 298 -13.55 13.38 -35.88
CA LYS G 298 -13.12 13.14 -37.25
C LYS G 298 -12.29 14.28 -37.81
N TRP G 299 -12.41 15.49 -37.27
CA TRP G 299 -11.61 16.60 -37.78
C TRP G 299 -10.14 16.43 -37.40
N ALA G 300 -9.87 15.91 -36.20
CA ALA G 300 -8.51 15.58 -35.84
C ALA G 300 -7.95 14.51 -36.76
N LEU G 301 -8.79 13.53 -37.13
CA LEU G 301 -8.35 12.51 -38.08
C LEU G 301 -8.03 13.14 -39.43
N TYR G 302 -8.84 14.10 -39.87
CA TYR G 302 -8.57 14.77 -41.14
C TYR G 302 -7.26 15.53 -41.10
N VAL G 303 -6.99 16.23 -39.98
CA VAL G 303 -5.73 16.94 -39.85
C VAL G 303 -4.56 15.97 -39.86
N ILE G 304 -4.69 14.85 -39.15
CA ILE G 304 -3.63 13.85 -39.14
C ILE G 304 -3.37 13.32 -40.54
N GLY G 305 -4.44 12.97 -41.25
CA GLY G 305 -4.28 12.45 -42.61
C GLY G 305 -3.65 13.47 -43.54
N GLN G 306 -3.99 14.74 -43.38
CA GLN G 306 -3.32 15.78 -44.14
C GLN G 306 -1.85 15.87 -43.80
N TYR G 307 -1.50 15.64 -42.52
CA TYR G 307 -0.11 15.65 -42.10
C TYR G 307 0.66 14.42 -42.54
N CYS G 308 -0.02 13.30 -42.78
CA CYS G 308 0.66 12.05 -43.10
C CYS G 308 1.15 11.98 -44.54
N ASP G 309 0.82 12.96 -45.37
CA ASP G 309 1.24 13.00 -46.77
C ASP G 309 1.98 14.32 -46.98
N GLN G 310 3.27 14.35 -46.68
CA GLN G 310 4.07 15.55 -46.82
C GLN G 310 5.23 15.39 -47.80
N SER G 311 5.37 14.23 -48.44
CA SER G 311 6.40 14.01 -49.46
C SER G 311 7.80 14.26 -48.90
N VAL G 312 8.17 13.45 -47.91
CA VAL G 312 9.48 13.53 -47.29
C VAL G 312 10.49 12.91 -48.25
N PRO G 313 11.75 13.35 -48.25
CA PRO G 313 12.75 12.73 -49.13
C PRO G 313 13.22 11.40 -48.59
N ASP G 314 13.36 10.44 -49.50
CA ASP G 314 13.84 9.11 -49.16
C ASP G 314 15.33 8.98 -49.47
N GLY G 315 15.91 7.83 -49.08
CA GLY G 315 17.33 7.64 -49.24
C GLY G 315 17.76 7.55 -50.70
N PHE G 316 16.95 6.91 -51.53
CA PHE G 316 17.31 6.72 -52.93
C PHE G 316 17.20 8.00 -53.76
N GLY G 317 16.68 9.08 -53.17
CA GLY G 317 16.47 10.31 -53.90
C GLY G 317 15.05 10.51 -54.38
N GLY G 318 14.14 9.62 -54.03
CA GLY G 318 12.76 9.73 -54.45
C GLY G 318 11.94 10.59 -53.52
N THR G 319 10.64 10.62 -53.80
CA THR G 319 9.68 11.40 -53.02
C THR G 319 8.54 10.47 -52.62
N GLU G 320 8.39 10.22 -51.33
CA GLU G 320 7.37 9.30 -50.85
C GLU G 320 6.63 9.89 -49.66
N PRO G 321 5.41 9.43 -49.38
CA PRO G 321 4.70 9.87 -48.18
C PRO G 321 5.39 9.41 -46.91
N ARG G 322 5.14 10.14 -45.83
CA ARG G 322 5.82 9.86 -44.57
C ARG G 322 5.49 8.48 -44.06
N ILE G 323 4.22 8.24 -43.72
CA ILE G 323 3.79 6.97 -43.14
C ILE G 323 2.64 6.41 -43.95
N THR G 324 2.72 5.12 -44.26
CA THR G 324 1.74 4.43 -45.08
C THR G 324 1.38 3.11 -44.43
N CYS G 325 0.09 2.79 -44.42
CA CYS G 325 -0.40 1.59 -43.74
C CYS G 325 -0.46 0.42 -44.71
N ASN G 326 0.30 -0.63 -44.42
CA ASN G 326 0.24 -1.89 -45.15
C ASN G 326 0.24 -2.99 -44.10
N ALA G 327 -0.94 -3.39 -43.63
CA ALA G 327 -1.07 -4.32 -42.52
C ALA G 327 -1.97 -5.48 -42.90
N TYR G 328 -1.76 -6.62 -42.23
CA TYR G 328 -2.58 -7.81 -42.40
C TYR G 328 -2.81 -8.41 -41.01
N LEU G 329 -3.87 -7.97 -40.35
CA LEU G 329 -4.18 -8.44 -39.00
C LEU G 329 -4.82 -9.81 -39.11
N THR G 330 -4.09 -10.85 -38.72
CA THR G 330 -4.54 -12.22 -38.87
C THR G 330 -4.75 -12.95 -37.55
N THR G 331 -4.56 -12.28 -36.42
CA THR G 331 -4.72 -12.91 -35.12
C THR G 331 -5.60 -12.05 -34.23
N GLN G 332 -6.43 -12.71 -33.41
CA GLN G 332 -7.30 -11.99 -32.50
C GLN G 332 -6.51 -11.47 -31.32
N ARG G 333 -6.70 -10.20 -30.99
CA ARG G 333 -5.98 -9.56 -29.91
C ARG G 333 -6.84 -8.44 -29.34
N LYS G 334 -6.44 -7.94 -28.18
CA LYS G 334 -7.22 -6.91 -27.50
C LYS G 334 -7.30 -5.66 -28.36
N ALA G 335 -8.45 -4.99 -28.29
CA ALA G 335 -8.65 -3.78 -29.08
C ALA G 335 -7.65 -2.70 -28.69
N TRP G 336 -7.37 -2.58 -27.39
CA TRP G 336 -6.43 -1.56 -26.94
C TRP G 336 -5.05 -1.78 -27.54
N ASP G 337 -4.65 -3.04 -27.73
CA ASP G 337 -3.34 -3.31 -28.31
C ASP G 337 -3.24 -2.79 -29.74
N VAL G 338 -4.27 -3.06 -30.55
CA VAL G 338 -4.27 -2.58 -31.92
C VAL G 338 -4.32 -1.06 -31.97
N LEU G 339 -5.13 -0.46 -31.10
CA LEU G 339 -5.22 1.00 -31.06
C LEU G 339 -3.87 1.61 -30.68
N SER G 340 -3.19 1.03 -29.69
CA SER G 340 -1.89 1.54 -29.28
C SER G 340 -0.86 1.37 -30.39
N ASP G 341 -0.91 0.25 -31.11
CA ASP G 341 0.00 0.06 -32.24
C ASP G 341 -0.22 1.12 -33.31
N PHE G 342 -1.48 1.38 -33.65
CA PHE G 342 -1.79 2.40 -34.65
C PHE G 342 -1.29 3.77 -34.20
N CYS G 343 -1.57 4.14 -32.94
CA CYS G 343 -1.15 5.44 -32.44
C CYS G 343 0.37 5.55 -32.39
N SER G 344 1.07 4.48 -32.03
CA SER G 344 2.52 4.52 -32.01
C SER G 344 3.08 4.72 -33.40
N ALA G 345 2.49 4.05 -34.40
CA ALA G 345 2.92 4.25 -35.77
C ALA G 345 2.68 5.70 -36.21
N MET G 346 1.55 6.28 -35.80
CA MET G 346 1.26 7.67 -36.15
C MET G 346 1.91 8.67 -35.19
N ARG G 347 2.57 8.21 -34.13
CA ARG G 347 3.12 9.11 -33.10
C ARG G 347 2.05 10.00 -32.51
N CYS G 348 0.88 9.42 -32.25
CA CYS G 348 -0.26 10.14 -31.69
C CYS G 348 -0.67 9.50 -30.37
N MET G 349 -1.48 10.23 -29.61
CA MET G 349 -2.00 9.75 -28.34
C MET G 349 -3.49 10.10 -28.25
N PRO G 350 -4.34 9.16 -27.82
CA PRO G 350 -5.77 9.44 -27.74
C PRO G 350 -6.22 9.89 -26.36
N VAL G 351 -7.13 10.85 -26.34
CA VAL G 351 -7.67 11.40 -25.10
C VAL G 351 -9.16 11.63 -25.26
N TRP G 352 -9.85 11.63 -24.12
CA TRP G 352 -11.28 11.96 -24.07
C TRP G 352 -11.38 13.44 -23.70
N ASN G 353 -11.22 14.30 -24.70
CA ASN G 353 -11.14 15.74 -24.52
C ASN G 353 -12.39 16.37 -25.12
N GLY G 354 -13.06 17.21 -24.33
CA GLY G 354 -14.24 17.90 -24.81
C GLY G 354 -15.36 16.96 -25.18
N GLN G 355 -15.65 16.00 -24.28
CA GLN G 355 -16.64 14.95 -24.47
C GLN G 355 -16.65 14.38 -25.87
N THR G 356 -15.47 14.09 -26.41
CA THR G 356 -15.31 13.46 -27.72
C THR G 356 -13.89 12.95 -27.84
N LEU G 357 -13.73 11.68 -28.18
CA LEU G 357 -12.39 11.10 -28.30
C LEU G 357 -11.63 11.78 -29.43
N THR G 358 -10.39 12.19 -29.14
CA THR G 358 -9.57 12.91 -30.10
C THR G 358 -8.13 12.43 -29.96
N PHE G 359 -7.31 12.82 -30.93
CA PHE G 359 -5.92 12.39 -31.00
C PHE G 359 -5.00 13.60 -31.09
N VAL G 360 -3.87 13.52 -30.41
CA VAL G 360 -2.90 14.62 -30.38
C VAL G 360 -1.53 14.06 -30.75
N GLN G 361 -0.85 14.73 -31.68
CA GLN G 361 0.49 14.35 -32.11
C GLN G 361 1.47 15.48 -31.78
N ASP G 362 2.75 15.19 -31.96
CA ASP G 362 3.80 16.15 -31.66
C ASP G 362 4.14 17.01 -32.88
N ARG G 363 3.10 17.64 -33.41
CA ARG G 363 3.25 18.55 -34.53
C ARG G 363 3.52 19.96 -34.00
N PRO G 364 4.54 20.66 -34.49
CA PRO G 364 4.80 22.01 -33.99
C PRO G 364 3.62 22.93 -34.25
N SER G 365 3.37 23.82 -33.28
CA SER G 365 2.23 24.73 -33.35
C SER G 365 2.57 25.99 -32.57
N ASP G 366 1.68 26.97 -32.63
CA ASP G 366 1.86 28.25 -31.97
C ASP G 366 1.40 28.19 -30.53
N LYS G 367 2.07 28.96 -29.67
CA LYS G 367 1.75 28.98 -28.25
C LYS G 367 0.29 29.38 -28.03
N THR G 368 -0.36 28.72 -27.08
CA THR G 368 -1.74 29.02 -26.72
C THR G 368 -1.83 30.03 -25.59
N TRP G 369 -1.17 29.76 -24.47
CA TRP G 369 -1.25 30.62 -23.31
C TRP G 369 0.11 30.70 -22.62
N THR G 370 0.24 31.67 -21.73
CA THR G 370 1.47 31.90 -21.00
C THR G 370 1.19 31.97 -19.51
N TYR G 371 2.09 31.39 -18.71
CA TYR G 371 1.93 31.38 -17.27
C TYR G 371 3.18 31.96 -16.62
N ASN G 372 2.98 32.69 -15.54
CA ASN G 372 4.08 33.16 -14.72
C ASN G 372 3.80 32.76 -13.28
N ARG G 373 4.63 33.25 -12.37
CA ARG G 373 4.53 32.82 -10.98
C ARG G 373 3.24 33.33 -10.32
N SER G 374 2.68 34.44 -10.81
CA SER G 374 1.49 35.00 -10.18
C SER G 374 0.22 34.23 -10.53
N ASN G 375 0.24 33.38 -11.55
CA ASN G 375 -0.93 32.60 -11.92
C ASN G 375 -0.95 31.22 -11.28
N VAL G 376 0.04 30.87 -10.47
CA VAL G 376 0.13 29.56 -9.84
C VAL G 376 0.21 29.74 -8.33
N VAL G 377 0.12 28.62 -7.61
CA VAL G 377 0.02 28.61 -6.15
C VAL G 377 1.13 27.75 -5.56
N MET G 378 1.82 28.28 -4.55
CA MET G 378 2.75 27.47 -3.79
C MET G 378 2.01 26.77 -2.66
N PRO G 379 1.96 25.43 -2.65
CA PRO G 379 1.11 24.75 -1.66
C PRO G 379 1.53 24.98 -0.22
N ASP G 380 2.74 24.52 0.14
CA ASP G 380 3.29 24.78 1.45
C ASP G 380 4.78 25.10 1.47
N ASP G 381 5.55 24.66 0.47
CA ASP G 381 7.00 24.74 0.52
C ASP G 381 7.55 26.05 0.00
N GLY G 382 6.72 26.89 -0.62
CA GLY G 382 7.12 28.19 -1.11
C GLY G 382 7.50 28.20 -2.58
N ALA G 383 7.76 27.04 -3.15
CA ALA G 383 8.14 26.94 -4.56
C ALA G 383 7.03 26.28 -5.35
N PRO G 384 6.38 27.00 -6.27
CA PRO G 384 5.20 26.44 -6.95
C PRO G 384 5.53 25.49 -8.10
N PHE G 385 6.58 25.77 -8.86
CA PHE G 385 6.91 24.91 -9.99
C PHE G 385 7.77 23.73 -9.53
N ARG G 386 7.49 22.55 -10.08
CA ARG G 386 8.19 21.34 -9.65
C ARG G 386 8.73 20.64 -10.88
N TYR G 387 10.03 20.74 -11.10
CA TYR G 387 10.68 20.18 -12.28
C TYR G 387 11.26 18.80 -11.97
N SER G 388 11.48 18.03 -13.04
CA SER G 388 12.11 16.73 -12.95
C SER G 388 12.68 16.39 -14.31
N PHE G 389 13.62 15.45 -14.34
CA PHE G 389 14.30 15.09 -15.56
C PHE G 389 14.23 13.57 -15.76
N SER G 390 14.69 13.12 -16.91
CA SER G 390 14.67 11.71 -17.26
C SER G 390 15.83 11.00 -16.57
N ALA G 391 16.04 9.73 -16.89
CA ALA G 391 17.06 8.91 -16.26
C ALA G 391 18.12 8.50 -17.28
N LEU G 392 19.34 8.32 -16.80
CA LEU G 392 20.45 7.99 -17.69
C LEU G 392 20.23 6.65 -18.37
N LYS G 393 19.80 5.64 -17.62
CA LYS G 393 19.53 4.34 -18.23
C LYS G 393 18.26 4.35 -19.06
N ASP G 394 17.46 5.42 -18.97
CA ASP G 394 16.23 5.53 -19.73
C ASP G 394 16.42 6.20 -21.08
N ARG G 395 17.53 6.90 -21.29
CA ARG G 395 17.76 7.64 -22.53
C ARG G 395 18.35 6.72 -23.58
N HIS G 396 17.51 6.26 -24.50
CA HIS G 396 17.94 5.31 -25.52
C HIS G 396 18.73 6.00 -26.62
N ASN G 397 19.79 5.33 -27.08
CA ASN G 397 20.67 5.84 -28.13
C ASN G 397 20.75 4.94 -29.35
N ALA G 398 20.45 3.65 -29.23
CA ALA G 398 20.47 2.72 -30.35
C ALA G 398 19.15 1.99 -30.40
N VAL G 399 18.51 2.00 -31.56
CA VAL G 399 17.19 1.39 -31.74
C VAL G 399 17.22 0.51 -32.98
N GLU G 400 16.75 -0.72 -32.83
CA GLU G 400 16.60 -1.65 -33.95
C GLU G 400 15.12 -1.83 -34.22
N VAL G 401 14.70 -1.48 -35.43
CA VAL G 401 13.29 -1.55 -35.83
C VAL G 401 13.12 -2.64 -36.88
N ASN G 402 12.05 -3.41 -36.75
CA ASN G 402 11.72 -4.47 -37.69
C ASN G 402 10.70 -3.97 -38.69
N TRP G 403 10.96 -4.19 -39.98
CA TRP G 403 10.05 -3.79 -41.04
C TRP G 403 10.00 -4.88 -42.10
N ILE G 404 8.91 -4.90 -42.85
CA ILE G 404 8.74 -5.88 -43.92
C ILE G 404 9.35 -5.34 -45.19
N ASP G 405 10.19 -6.14 -45.85
CA ASP G 405 10.93 -5.70 -47.02
C ASP G 405 10.30 -6.29 -48.28
N PRO G 406 9.49 -5.54 -49.01
CA PRO G 406 8.87 -6.08 -50.23
C PRO G 406 9.87 -6.35 -51.33
N ASN G 407 11.05 -5.73 -51.29
CA ASN G 407 11.99 -5.86 -52.40
C ASN G 407 12.52 -7.29 -52.50
N ASN G 408 12.97 -7.87 -51.39
CA ASN G 408 13.62 -9.17 -51.46
C ASN G 408 12.61 -10.32 -51.47
N GLY G 409 11.90 -10.52 -50.38
CA GLY G 409 11.00 -11.65 -50.29
C GLY G 409 9.77 -11.45 -49.43
N TRP G 410 9.42 -10.20 -49.15
CA TRP G 410 8.37 -9.87 -48.20
C TRP G 410 8.66 -10.51 -46.83
N GLU G 411 9.92 -10.40 -46.41
CA GLU G 411 10.37 -10.96 -45.15
C GLU G 411 10.68 -9.83 -44.17
N THR G 412 10.80 -10.20 -42.91
CA THR G 412 11.17 -9.23 -41.88
C THR G 412 12.65 -8.88 -41.99
N ALA G 413 12.98 -7.63 -41.68
CA ALA G 413 14.35 -7.16 -41.69
C ALA G 413 14.53 -6.12 -40.60
N THR G 414 15.68 -6.15 -39.96
CA THR G 414 15.98 -5.24 -38.85
C THR G 414 16.94 -4.16 -39.32
N GLU G 415 16.57 -2.91 -39.07
CA GLU G 415 17.41 -1.76 -39.37
C GLU G 415 17.68 -1.00 -38.08
N LEU G 416 18.94 -0.68 -37.83
CA LEU G 416 19.34 -0.04 -36.59
C LEU G 416 19.73 1.42 -36.83
N VAL G 417 19.48 2.26 -35.83
CA VAL G 417 19.78 3.68 -35.88
C VAL G 417 20.41 4.09 -34.56
N GLU G 418 21.44 4.93 -34.63
CA GLU G 418 22.13 5.39 -33.44
C GLU G 418 22.77 6.74 -33.73
N ASP G 419 23.26 7.37 -32.68
CA ASP G 419 23.94 8.66 -32.76
C ASP G 419 25.30 8.55 -32.12
N THR G 420 26.33 9.04 -32.81
CA THR G 420 27.69 8.92 -32.30
C THR G 420 27.91 9.80 -31.07
N GLN G 421 27.44 11.05 -31.13
CA GLN G 421 27.62 11.96 -30.00
C GLN G 421 26.85 11.49 -28.77
N ALA G 422 25.65 10.93 -28.98
CA ALA G 422 24.91 10.36 -27.86
C ALA G 422 25.66 9.18 -27.25
N ILE G 423 26.32 8.38 -28.09
CA ILE G 423 27.13 7.28 -27.59
C ILE G 423 28.31 7.81 -26.78
N ALA G 424 28.90 8.93 -27.22
CA ALA G 424 30.04 9.48 -26.50
C ALA G 424 29.62 10.08 -25.16
N ARG G 425 28.46 10.73 -25.11
CA ARG G 425 28.04 11.42 -23.89
C ARG G 425 27.55 10.45 -22.84
N TYR G 426 26.48 9.73 -23.13
CA TYR G 426 25.92 8.72 -22.24
C TYR G 426 26.49 7.35 -22.62
N GLY G 427 25.92 6.30 -22.06
CA GLY G 427 26.24 4.96 -22.49
C GLY G 427 25.44 4.55 -23.71
N ARG G 428 25.62 3.30 -24.11
CA ARG G 428 24.86 2.73 -25.21
C ARG G 428 23.62 2.04 -24.65
N ASN G 429 22.45 2.44 -25.12
CA ASN G 429 21.18 1.90 -24.65
C ASN G 429 20.42 1.34 -25.86
N VAL G 430 20.43 0.03 -26.02
CA VAL G 430 19.82 -0.60 -27.17
C VAL G 430 18.36 -0.96 -26.86
N THR G 431 17.50 -0.73 -27.85
CA THR G 431 16.07 -1.01 -27.71
C THR G 431 15.52 -1.53 -29.02
N LYS G 432 14.63 -2.52 -28.94
CA LYS G 432 13.97 -3.07 -30.12
C LYS G 432 12.59 -2.45 -30.29
N MET G 433 12.14 -2.38 -31.54
CA MET G 433 10.82 -1.84 -31.84
C MET G 433 10.30 -2.48 -33.13
N ASP G 434 8.97 -2.60 -33.21
CA ASP G 434 8.29 -3.09 -34.39
C ASP G 434 7.51 -1.95 -35.01
N ALA G 435 7.97 -1.47 -36.16
CA ALA G 435 7.23 -0.43 -36.88
C ALA G 435 5.99 -1.03 -37.49
N PHE G 436 4.84 -0.40 -37.26
CA PHE G 436 3.56 -0.98 -37.69
C PHE G 436 3.34 -0.76 -39.18
N GLY G 437 3.12 -1.85 -39.90
CA GLY G 437 2.76 -1.79 -41.30
C GLY G 437 3.78 -1.07 -42.15
N CYS G 438 5.06 -1.39 -41.96
CA CYS G 438 6.14 -0.74 -42.70
C CYS G 438 6.53 -1.60 -43.90
N THR G 439 6.55 -0.99 -45.07
CA THR G 439 6.98 -1.65 -46.30
C THR G 439 7.96 -0.78 -47.05
N SER G 440 8.84 -0.10 -46.31
CA SER G 440 9.84 0.77 -46.90
C SER G 440 10.88 1.10 -45.84
N ARG G 441 12.16 0.98 -46.22
CA ARG G 441 13.24 1.27 -45.27
C ARG G 441 13.19 2.70 -44.78
N GLY G 442 12.75 3.63 -45.64
CA GLY G 442 12.74 5.03 -45.25
C GLY G 442 11.83 5.31 -44.08
N GLN G 443 10.64 4.70 -44.08
CA GLN G 443 9.70 4.94 -43.00
C GLN G 443 10.23 4.40 -41.67
N ALA G 444 10.81 3.20 -41.69
CA ALA G 444 11.38 2.64 -40.47
C ALA G 444 12.54 3.49 -39.96
N HIS G 445 13.40 3.95 -40.87
CA HIS G 445 14.50 4.82 -40.47
C HIS G 445 13.98 6.11 -39.86
N ARG G 446 12.95 6.70 -40.46
CA ARG G 446 12.37 7.93 -39.92
C ARG G 446 11.79 7.69 -38.54
N ALA G 447 11.10 6.57 -38.35
CA ALA G 447 10.51 6.29 -37.04
C ALA G 447 11.60 6.14 -35.97
N GLY G 448 12.66 5.39 -36.28
CA GLY G 448 13.74 5.25 -35.32
C GLY G 448 14.41 6.56 -35.01
N LEU G 449 14.66 7.37 -36.04
CA LEU G 449 15.28 8.67 -35.84
C LEU G 449 14.40 9.58 -34.99
N TRP G 450 13.09 9.55 -35.24
CA TRP G 450 12.20 10.36 -34.42
C TRP G 450 12.24 9.92 -32.97
N LEU G 451 12.24 8.60 -32.73
CA LEU G 451 12.27 8.14 -31.35
C LEU G 451 13.54 8.59 -30.65
N ILE G 452 14.70 8.38 -31.28
CA ILE G 452 15.95 8.75 -30.60
C ILE G 452 16.05 10.26 -30.42
N LYS G 453 15.60 11.04 -31.41
CA LYS G 453 15.68 12.49 -31.29
C LYS G 453 14.75 13.02 -30.22
N THR G 454 13.48 12.61 -30.24
CA THR G 454 12.54 13.06 -29.22
C THR G 454 12.88 12.52 -27.85
N GLU G 455 13.72 11.49 -27.78
CA GLU G 455 14.19 11.01 -26.49
C GLU G 455 15.44 11.74 -26.01
N LEU G 456 16.24 12.29 -26.92
CA LEU G 456 17.46 12.99 -26.54
C LEU G 456 17.24 14.46 -26.24
N LEU G 457 16.23 15.08 -26.85
CA LEU G 457 15.99 16.51 -26.68
C LEU G 457 15.02 16.80 -25.53
N GLU G 458 13.82 16.24 -25.60
CA GLU G 458 12.82 16.45 -24.56
C GLU G 458 13.15 15.61 -23.34
N THR G 459 13.78 16.22 -22.34
CA THR G 459 14.17 15.50 -21.14
C THR G 459 13.72 16.16 -19.85
N GLN G 460 12.87 17.19 -19.91
CA GLN G 460 12.47 17.95 -18.74
C GLN G 460 10.96 17.99 -18.64
N THR G 461 10.42 17.59 -17.48
CA THR G 461 8.98 17.59 -17.26
C THR G 461 8.68 18.35 -15.98
N VAL G 462 7.67 19.20 -16.03
CA VAL G 462 7.31 20.07 -14.92
C VAL G 462 5.85 19.86 -14.54
N ASP G 463 5.59 19.86 -13.24
CA ASP G 463 4.25 19.82 -12.69
C ASP G 463 4.02 21.12 -11.93
N PHE G 464 2.82 21.66 -12.09
CA PHE G 464 2.43 22.85 -11.33
C PHE G 464 0.91 22.87 -11.17
N SER G 465 0.39 23.95 -10.63
CA SER G 465 -1.04 24.08 -10.36
C SER G 465 -1.60 25.30 -11.07
N VAL G 466 -2.92 25.32 -11.20
CA VAL G 466 -3.62 26.28 -12.04
C VAL G 466 -4.91 26.68 -11.34
N GLY G 467 -5.24 27.96 -11.38
CA GLY G 467 -6.49 28.42 -10.82
C GLY G 467 -7.69 27.96 -11.62
N ALA G 468 -8.87 28.04 -11.00
CA ALA G 468 -10.09 27.55 -11.64
C ALA G 468 -10.35 28.26 -12.95
N GLU G 469 -10.03 29.55 -13.02
CA GLU G 469 -10.33 30.33 -14.22
C GLU G 469 -9.57 29.80 -15.42
N GLY G 470 -8.30 29.44 -15.24
CA GLY G 470 -7.54 28.85 -16.32
C GLY G 470 -7.72 27.35 -16.49
N LEU G 471 -8.38 26.69 -15.54
CA LEU G 471 -8.55 25.24 -15.61
C LEU G 471 -9.33 24.84 -16.85
N ARG G 472 -10.61 25.24 -16.92
CA ARG G 472 -11.40 24.96 -18.10
C ARG G 472 -10.87 25.65 -19.34
N HIS G 473 -10.09 26.71 -19.17
CA HIS G 473 -9.55 27.42 -20.32
C HIS G 473 -8.58 26.53 -21.10
N VAL G 474 -7.87 25.64 -20.43
CA VAL G 474 -6.90 24.75 -21.05
C VAL G 474 -7.54 23.37 -21.16
N PRO G 475 -7.89 22.91 -22.37
CA PRO G 475 -8.55 21.61 -22.51
C PRO G 475 -7.62 20.44 -22.23
N GLY G 476 -6.37 20.58 -22.62
CA GLY G 476 -5.41 19.52 -22.47
C GLY G 476 -4.73 19.17 -23.78
N ASP G 477 -3.53 18.59 -23.69
CA ASP G 477 -2.74 18.24 -24.87
C ASP G 477 -2.50 19.45 -25.76
N VAL G 478 -2.21 20.59 -25.14
CA VAL G 478 -1.95 21.82 -25.88
C VAL G 478 -0.54 22.29 -25.61
N ILE G 479 -0.14 23.35 -26.31
CA ILE G 479 1.19 23.94 -26.19
C ILE G 479 1.04 25.30 -25.51
N GLU G 480 2.01 25.63 -24.65
CA GLU G 480 1.98 26.87 -23.91
C GLU G 480 3.39 27.18 -23.44
N ILE G 481 3.52 28.27 -22.67
CA ILE G 481 4.82 28.66 -22.14
C ILE G 481 4.71 28.89 -20.64
N CYS G 482 5.69 28.36 -19.91
CA CYS G 482 5.79 28.51 -18.46
C CYS G 482 6.90 29.53 -18.18
N ASP G 483 6.51 30.80 -18.05
CA ASP G 483 7.46 31.88 -17.83
C ASP G 483 7.78 31.94 -16.35
N ASP G 484 8.91 31.37 -15.96
CA ASP G 484 9.33 31.30 -14.56
C ASP G 484 10.47 32.27 -14.34
N ASP G 485 10.32 33.14 -13.34
CA ASP G 485 11.37 34.09 -13.00
C ASP G 485 12.32 33.59 -11.92
N TYR G 486 12.04 32.43 -11.32
CA TYR G 486 12.94 31.88 -10.32
C TYR G 486 14.07 31.07 -10.93
N ALA G 487 13.80 30.36 -12.02
CA ALA G 487 14.82 29.58 -12.71
C ALA G 487 15.60 30.41 -13.72
N GLY G 488 14.98 31.45 -14.27
CA GLY G 488 15.64 32.30 -15.23
C GLY G 488 16.49 33.40 -14.65
N ILE G 489 16.59 33.47 -13.31
CA ILE G 489 17.32 34.49 -12.55
C ILE G 489 17.16 35.85 -13.20
N SER G 490 15.91 36.28 -13.34
CA SER G 490 15.57 37.57 -13.92
C SER G 490 14.16 37.91 -13.46
N THR G 491 13.54 38.91 -14.11
CA THR G 491 12.16 39.30 -13.81
C THR G 491 11.34 39.09 -15.07
N GLY G 492 10.61 37.98 -15.13
CA GLY G 492 9.73 37.73 -16.25
C GLY G 492 8.56 38.69 -16.30
N GLY G 493 7.99 39.00 -15.13
CA GLY G 493 6.86 39.91 -15.05
C GLY G 493 5.69 39.27 -14.33
N ARG G 494 4.81 40.10 -13.78
CA ARG G 494 3.64 39.60 -13.07
C ARG G 494 2.51 40.62 -13.22
N VAL G 495 1.51 40.54 -12.35
CA VAL G 495 0.35 41.41 -12.44
C VAL G 495 0.77 42.85 -12.17
N LEU G 496 0.48 43.74 -13.11
CA LEU G 496 0.74 45.15 -12.89
C LEU G 496 -0.35 45.74 -11.99
N ALA G 497 0.02 46.79 -11.24
CA ALA G 497 -0.89 47.33 -10.24
C ALA G 497 -1.92 48.28 -10.87
N VAL G 498 -1.46 49.41 -11.40
CA VAL G 498 -2.32 50.44 -11.95
C VAL G 498 -1.62 51.01 -13.18
N ASN G 499 -2.38 51.69 -14.04
CA ASN G 499 -1.84 52.33 -15.23
C ASN G 499 -2.49 53.70 -15.38
N SER G 500 -2.11 54.40 -16.45
CA SER G 500 -2.69 55.68 -16.80
C SER G 500 -2.86 55.73 -18.31
N GLN G 501 -3.22 56.90 -18.83
CA GLN G 501 -3.50 57.05 -20.25
C GLN G 501 -2.84 58.26 -20.90
N THR G 502 -2.54 59.32 -20.16
CA THR G 502 -1.97 60.51 -20.77
C THR G 502 -0.56 60.24 -21.27
N ARG G 503 0.36 59.93 -20.36
CA ARG G 503 1.71 59.52 -20.72
C ARG G 503 1.80 58.01 -20.85
N THR G 504 0.68 57.31 -20.65
CA THR G 504 0.63 55.84 -20.63
C THR G 504 1.55 55.28 -19.55
N LEU G 505 1.53 55.92 -18.38
CA LEU G 505 2.32 55.46 -17.24
C LEU G 505 1.72 54.16 -16.71
N THR G 506 2.40 53.06 -16.94
CA THR G 506 2.00 51.75 -16.41
C THR G 506 2.86 51.44 -15.19
N LEU G 507 2.21 51.24 -14.04
CA LEU G 507 2.92 51.00 -12.80
C LEU G 507 2.73 49.55 -12.38
N ASP G 508 3.83 48.83 -12.22
CA ASP G 508 3.82 47.42 -11.89
C ASP G 508 4.06 47.22 -10.40
N ARG G 509 4.14 45.95 -9.98
CA ARG G 509 4.46 45.63 -8.59
C ARG G 509 5.74 44.80 -8.49
N GLU G 510 6.59 44.85 -9.51
CA GLU G 510 7.87 44.18 -9.47
C GLU G 510 8.92 45.04 -10.15
N ILE G 511 10.15 44.99 -9.65
CA ILE G 511 11.25 45.71 -10.27
C ILE G 511 11.60 45.07 -11.60
N THR G 512 11.79 45.88 -12.63
CA THR G 512 12.07 45.41 -13.97
C THR G 512 13.47 45.82 -14.40
N LEU G 513 13.83 45.43 -15.62
CA LEU G 513 15.15 45.72 -16.17
C LEU G 513 15.08 45.66 -17.69
N PRO G 514 15.49 46.71 -18.39
CA PRO G 514 15.37 46.74 -19.85
C PRO G 514 16.56 46.07 -20.53
N SER G 515 16.41 45.92 -21.85
CA SER G 515 17.46 45.30 -22.64
C SER G 515 18.66 46.23 -22.74
N SER G 516 19.72 45.73 -23.41
CA SER G 516 20.96 46.52 -23.49
C SER G 516 20.89 47.57 -24.59
N GLY G 517 20.78 47.13 -25.85
CA GLY G 517 20.78 48.09 -26.93
C GLY G 517 19.98 47.75 -28.17
N THR G 518 19.18 46.68 -28.15
CA THR G 518 18.55 46.19 -29.37
C THR G 518 17.04 46.34 -29.38
N ALA G 519 16.33 45.73 -28.44
CA ALA G 519 14.87 45.72 -28.46
C ALA G 519 14.35 45.00 -27.22
N LEU G 520 13.06 45.20 -26.94
CA LEU G 520 12.38 44.55 -25.83
C LEU G 520 10.89 44.83 -25.96
N ILE G 521 10.06 43.85 -25.61
CA ILE G 521 8.61 44.00 -25.73
C ILE G 521 7.95 43.62 -24.41
N SER G 522 6.72 44.07 -24.24
CA SER G 522 5.90 43.67 -23.11
C SER G 522 4.50 43.33 -23.61
N LEU G 523 3.98 42.20 -23.15
CA LEU G 523 2.67 41.72 -23.57
C LEU G 523 1.71 41.75 -22.39
N VAL G 524 0.50 42.24 -22.65
CA VAL G 524 -0.59 42.31 -21.70
C VAL G 524 -1.84 41.70 -22.34
N ASP G 525 -2.95 41.75 -21.62
CA ASP G 525 -4.22 41.23 -22.15
C ASP G 525 -5.22 42.36 -22.33
N GLY G 526 -6.30 42.06 -23.05
CA GLY G 526 -7.33 43.04 -23.32
C GLY G 526 -8.73 42.59 -22.95
N SER G 527 -9.74 43.29 -23.49
CA SER G 527 -11.13 42.95 -23.17
C SER G 527 -11.50 41.57 -23.69
N GLY G 528 -11.09 41.24 -24.92
CA GLY G 528 -11.40 39.96 -25.50
C GLY G 528 -10.35 38.92 -25.16
N ASN G 529 -9.54 39.22 -24.15
CA ASN G 529 -8.42 38.38 -23.73
C ASN G 529 -7.50 37.98 -24.88
N PRO G 530 -6.97 38.94 -25.66
CA PRO G 530 -5.90 38.62 -26.60
C PRO G 530 -4.53 38.81 -25.95
N VAL G 531 -3.47 38.60 -26.71
CA VAL G 531 -2.13 38.92 -26.24
C VAL G 531 -1.64 40.17 -26.97
N SER G 532 -1.87 41.33 -26.38
CA SER G 532 -1.47 42.59 -26.98
C SER G 532 -0.01 42.85 -26.63
N VAL G 533 0.84 42.91 -27.64
CA VAL G 533 2.27 43.13 -27.47
C VAL G 533 2.59 44.57 -27.84
N GLU G 534 3.41 45.22 -27.01
CA GLU G 534 3.86 46.57 -27.27
C GLU G 534 5.36 46.64 -27.09
N VAL G 535 6.05 47.21 -28.07
CA VAL G 535 7.48 47.46 -27.93
C VAL G 535 7.68 48.54 -26.87
N GLN G 536 8.60 48.28 -25.95
CA GLN G 536 8.87 49.22 -24.87
C GLN G 536 9.42 50.53 -25.42
N SER G 537 8.66 51.62 -25.27
CA SER G 537 9.07 52.89 -25.85
C SER G 537 10.22 53.52 -25.07
N VAL G 538 9.98 53.86 -23.80
CA VAL G 538 11.01 54.40 -22.93
C VAL G 538 10.87 53.73 -21.58
N THR G 539 12.01 53.41 -20.96
CA THR G 539 12.02 52.75 -19.65
C THR G 539 12.12 53.78 -18.53
N ASP G 540 11.14 54.69 -18.52
CA ASP G 540 11.13 55.76 -17.53
C ASP G 540 11.12 55.20 -16.13
N GLY G 541 11.97 55.76 -15.26
CA GLY G 541 12.06 55.26 -13.90
C GLY G 541 12.39 53.79 -13.89
N VAL G 542 11.89 53.08 -12.88
CA VAL G 542 12.08 51.64 -12.79
C VAL G 542 10.73 50.94 -12.67
N LYS G 543 9.96 51.27 -11.63
CA LYS G 543 8.64 50.66 -11.45
C LYS G 543 7.68 51.10 -12.55
N VAL G 544 7.69 52.39 -12.88
CA VAL G 544 6.81 52.93 -13.91
C VAL G 544 7.38 52.59 -15.28
N LYS G 545 6.51 52.57 -16.29
CA LYS G 545 6.89 52.23 -17.65
C LYS G 545 6.00 53.01 -18.61
N VAL G 546 6.44 53.12 -19.86
CA VAL G 546 5.68 53.84 -20.88
C VAL G 546 5.48 52.92 -22.07
N SER G 547 4.22 52.70 -22.45
CA SER G 547 3.87 51.96 -23.65
C SER G 547 3.41 52.94 -24.72
N ARG G 548 3.93 52.79 -25.93
CA ARG G 548 3.63 53.75 -26.99
C ARG G 548 2.15 53.80 -27.28
N VAL G 549 1.52 52.65 -27.47
CA VAL G 549 0.10 52.58 -27.79
C VAL G 549 -0.56 51.52 -26.92
N PRO G 550 -1.00 51.86 -25.71
CA PRO G 550 -1.71 50.90 -24.88
C PRO G 550 -3.20 50.86 -25.22
N ASP G 551 -3.84 49.77 -24.80
CA ASP G 551 -5.27 49.61 -24.93
C ASP G 551 -5.91 49.81 -23.57
N GLY G 552 -6.92 50.67 -23.50
CA GLY G 552 -7.57 50.98 -22.24
C GLY G 552 -8.60 49.94 -21.84
N VAL G 553 -8.14 48.73 -21.54
CA VAL G 553 -9.02 47.65 -21.16
C VAL G 553 -8.50 46.94 -19.92
N ALA G 554 -7.25 47.22 -19.56
CA ALA G 554 -6.66 46.66 -18.36
C ALA G 554 -7.21 47.39 -17.13
N GLU G 555 -7.58 46.64 -16.10
CA GLU G 555 -8.26 47.23 -14.95
C GLU G 555 -7.38 47.21 -13.70
N TYR G 556 -7.09 46.04 -13.13
CA TYR G 556 -6.05 45.96 -12.11
C TYR G 556 -5.26 44.68 -12.21
N SER G 557 -5.88 43.62 -12.73
CA SER G 557 -5.36 42.27 -12.60
C SER G 557 -4.66 41.77 -13.84
N VAL G 558 -4.54 42.61 -14.88
CA VAL G 558 -3.78 42.23 -16.04
C VAL G 558 -2.35 41.92 -15.63
N TRP G 559 -1.74 40.95 -16.32
CA TRP G 559 -0.38 40.53 -16.05
C TRP G 559 0.50 40.93 -17.21
N GLU G 560 1.61 41.61 -16.90
CA GLU G 560 2.57 42.03 -17.90
C GLU G 560 3.69 41.02 -17.98
N LEU G 561 4.05 40.63 -19.19
CA LEU G 561 5.20 39.75 -19.41
C LEU G 561 6.21 40.46 -20.29
N LYS G 562 7.47 40.46 -19.88
CA LYS G 562 8.52 41.24 -20.53
C LYS G 562 9.43 40.27 -21.26
N LEU G 563 9.56 40.45 -22.58
CA LEU G 563 10.35 39.59 -23.42
C LEU G 563 11.54 40.35 -23.98
N PRO G 564 12.77 39.94 -23.64
CA PRO G 564 13.96 40.54 -24.26
C PRO G 564 14.37 39.82 -25.53
N THR G 565 15.48 40.23 -26.12
CA THR G 565 16.06 39.50 -27.24
C THR G 565 17.02 38.43 -26.74
N LEU G 566 17.57 37.67 -27.69
CA LEU G 566 18.53 36.59 -27.44
C LEU G 566 18.12 35.69 -26.28
N ARG G 567 16.82 35.49 -26.12
CA ARG G 567 16.28 34.69 -25.03
C ARG G 567 15.58 33.47 -25.60
N GLN G 568 15.91 32.29 -25.07
CA GLN G 568 15.29 31.04 -25.52
C GLN G 568 14.01 30.84 -24.73
N ARG G 569 12.89 31.23 -25.31
CA ARG G 569 11.60 31.11 -24.65
C ARG G 569 11.27 29.63 -24.45
N LEU G 570 10.68 29.31 -23.29
CA LEU G 570 10.49 27.93 -22.86
C LEU G 570 9.09 27.45 -23.22
N PHE G 571 9.00 26.58 -24.23
CA PHE G 571 7.73 25.98 -24.61
C PHE G 571 7.46 24.75 -23.75
N ARG G 572 6.21 24.30 -23.76
CA ARG G 572 5.81 23.33 -22.76
C ARG G 572 4.46 22.75 -23.12
N CYS G 573 4.36 21.41 -23.17
CA CYS G 573 3.17 20.73 -23.65
C CYS G 573 2.50 19.93 -22.53
N VAL G 574 1.20 20.13 -22.38
CA VAL G 574 0.40 19.55 -21.30
C VAL G 574 0.07 18.10 -21.66
N SER G 575 0.24 17.18 -20.72
CA SER G 575 -0.27 15.82 -20.90
C SER G 575 -1.30 15.44 -19.86
N ILE G 576 -0.98 15.58 -18.58
CA ILE G 576 -1.80 15.10 -17.47
C ILE G 576 -2.41 16.29 -16.76
N ARG G 577 -3.73 16.29 -16.63
CA ARG G 577 -4.44 17.34 -15.93
C ARG G 577 -5.29 16.71 -14.83
N GLU G 578 -5.23 17.26 -13.62
CA GLU G 578 -5.89 16.69 -12.46
C GLU G 578 -6.84 17.71 -11.84
N ASN G 579 -8.01 17.25 -11.45
CA ASN G 579 -9.00 18.07 -10.77
C ASN G 579 -9.05 17.75 -9.28
N ASP G 580 -9.64 18.66 -8.52
CA ASP G 580 -9.81 18.46 -7.09
C ASP G 580 -10.94 19.36 -6.60
N ASP G 581 -11.52 18.98 -5.46
CA ASP G 581 -12.67 19.72 -4.93
C ASP G 581 -12.27 21.01 -4.25
N GLY G 582 -10.98 21.23 -4.01
CA GLY G 582 -10.54 22.53 -3.55
C GLY G 582 -10.55 23.60 -4.62
N THR G 583 -10.99 23.22 -5.81
CA THR G 583 -11.10 24.12 -6.96
C THR G 583 -9.71 24.63 -7.37
N TYR G 584 -8.91 23.70 -7.88
CA TYR G 584 -7.71 24.03 -8.61
C TYR G 584 -7.36 22.84 -9.50
N ALA G 585 -6.45 23.07 -10.42
CA ALA G 585 -6.04 22.07 -11.39
C ALA G 585 -4.56 21.75 -11.19
N ILE G 586 -4.21 20.50 -11.42
CA ILE G 586 -2.82 20.06 -11.39
C ILE G 586 -2.42 19.68 -12.81
N THR G 587 -1.43 20.38 -13.37
CA THR G 587 -0.99 20.16 -14.73
C THR G 587 0.39 19.52 -14.71
N ALA G 588 0.51 18.38 -15.40
CA ALA G 588 1.78 17.70 -15.62
C ALA G 588 2.11 17.83 -17.10
N VAL G 589 3.30 18.34 -17.40
CA VAL G 589 3.66 18.78 -18.74
C VAL G 589 5.12 18.45 -19.01
N GLN G 590 5.50 18.40 -20.29
CA GLN G 590 6.89 18.16 -20.67
C GLN G 590 7.43 19.26 -21.57
N HIS G 591 8.73 19.45 -21.49
CA HIS G 591 9.43 20.40 -22.36
C HIS G 591 9.40 19.91 -23.80
N VAL G 592 9.13 20.82 -24.74
CA VAL G 592 9.11 20.46 -26.15
C VAL G 592 9.83 21.53 -26.96
N PRO G 593 10.68 21.15 -27.92
CA PRO G 593 11.22 22.11 -28.87
C PRO G 593 10.38 22.13 -30.14
N GLU G 594 10.68 23.10 -31.00
CA GLU G 594 9.97 23.26 -32.26
C GLU G 594 10.79 22.80 -33.46
N LYS G 595 11.99 22.27 -33.25
CA LYS G 595 12.86 21.84 -34.34
C LYS G 595 13.04 20.33 -34.24
N GLU G 596 12.09 19.59 -34.77
CA GLU G 596 12.26 18.16 -35.00
C GLU G 596 11.88 17.74 -36.40
N ALA G 597 10.84 18.36 -36.97
CA ALA G 597 10.45 18.02 -38.34
C ALA G 597 11.56 18.36 -39.32
N ILE G 598 12.33 19.40 -39.04
CA ILE G 598 13.46 19.75 -39.90
C ILE G 598 14.53 18.65 -39.82
N VAL G 599 14.80 18.14 -38.62
CA VAL G 599 15.84 17.12 -38.48
C VAL G 599 15.34 15.73 -38.81
N ASP G 600 14.03 15.52 -38.86
CA ASP G 600 13.50 14.19 -39.13
C ASP G 600 13.45 13.86 -40.61
N ASN G 601 13.57 14.85 -41.49
CA ASN G 601 13.62 14.56 -42.92
C ASN G 601 14.96 13.98 -43.35
N GLY G 602 15.99 14.09 -42.52
CA GLY G 602 17.27 13.48 -42.82
C GLY G 602 17.19 11.97 -42.80
N ALA G 603 17.22 11.36 -43.97
CA ALA G 603 17.05 9.93 -44.13
C ALA G 603 18.42 9.26 -44.35
N HIS G 604 18.37 7.98 -44.70
CA HIS G 604 19.57 7.23 -45.05
C HIS G 604 20.37 7.95 -46.14
N PHE G 605 19.67 8.45 -47.17
CA PHE G 605 20.21 9.40 -48.14
C PHE G 605 21.43 8.87 -48.88
N ASP G 606 21.62 7.55 -48.91
CA ASP G 606 22.68 6.96 -49.72
C ASP G 606 22.14 6.06 -50.82
N GLY G 607 21.26 5.13 -50.48
CA GLY G 607 20.57 4.30 -51.49
C GLY G 607 21.31 3.12 -52.07
N GLU G 608 22.60 3.30 -52.38
CA GLU G 608 23.48 2.32 -53.02
C GLU G 608 22.77 1.53 -54.12
N GLN G 609 22.30 0.33 -53.81
CA GLN G 609 21.50 -0.43 -54.77
C GLN G 609 20.12 -0.74 -54.21
N SER G 610 20.10 -1.46 -53.08
CA SER G 610 18.88 -1.99 -52.47
C SER G 610 17.89 -2.51 -53.53
N GLY G 611 18.41 -3.13 -54.57
CA GLY G 611 17.61 -3.62 -55.68
C GLY G 611 17.66 -5.14 -55.75
N THR G 612 16.53 -5.75 -56.10
CA THR G 612 16.46 -7.19 -56.18
C THR G 612 17.39 -7.73 -57.27
N VAL G 613 17.38 -7.09 -58.44
CA VAL G 613 18.15 -7.53 -59.60
C VAL G 613 17.92 -9.01 -59.84
N ASN G 614 18.87 -9.84 -59.41
CA ASN G 614 18.76 -11.29 -59.51
C ASN G 614 18.24 -11.91 -58.22
N GLY G 615 17.53 -11.14 -57.40
CA GLY G 615 17.04 -11.64 -56.13
C GLY G 615 16.16 -12.87 -56.26
N VAL G 616 16.37 -13.84 -55.36
CA VAL G 616 15.66 -15.11 -55.27
C VAL G 616 15.24 -15.64 -56.63
N THR G 617 16.14 -15.59 -57.60
CA THR G 617 15.83 -16.01 -58.97
C THR G 617 16.84 -17.06 -59.42
N PRO G 618 16.41 -18.27 -59.75
CA PRO G 618 17.35 -19.30 -60.19
C PRO G 618 17.70 -19.12 -61.65
N PRO G 619 18.99 -19.03 -61.97
CA PRO G 619 19.40 -18.84 -63.37
C PRO G 619 19.08 -20.05 -64.21
N ALA G 620 19.03 -19.83 -65.52
CA ALA G 620 18.74 -20.89 -66.46
C ALA G 620 19.84 -21.94 -66.46
N VAL G 621 19.44 -23.19 -66.67
CA VAL G 621 20.38 -24.30 -66.71
C VAL G 621 21.13 -24.26 -68.04
N GLN G 622 22.45 -24.32 -67.97
CA GLN G 622 23.29 -24.30 -69.16
C GLN G 622 23.60 -25.71 -69.64
N HIS G 623 24.13 -25.79 -70.86
CA HIS G 623 24.57 -27.04 -71.47
C HIS G 623 23.44 -28.07 -71.50
N LEU G 624 22.35 -27.69 -72.16
CA LEU G 624 21.14 -28.49 -72.21
C LEU G 624 21.26 -29.63 -73.21
N THR G 625 22.24 -30.52 -73.05
CA THR G 625 22.54 -31.46 -74.11
C THR G 625 21.71 -32.73 -73.97
N ALA G 626 21.25 -33.23 -75.11
CA ALA G 626 20.42 -34.43 -75.15
C ALA G 626 20.70 -35.16 -76.46
N GLU G 627 20.91 -36.46 -76.37
CA GLU G 627 21.30 -37.26 -77.51
C GLU G 627 20.52 -38.58 -77.52
N VAL G 628 20.66 -39.30 -78.62
CA VAL G 628 20.00 -40.59 -78.81
C VAL G 628 21.08 -41.65 -79.08
N THR G 629 20.84 -42.87 -78.63
CA THR G 629 21.78 -43.94 -78.82
C THR G 629 21.03 -45.26 -78.90
N ALA G 630 21.72 -46.28 -79.42
CA ALA G 630 21.16 -47.61 -79.58
C ALA G 630 22.00 -48.59 -78.77
N ASP G 631 21.38 -49.24 -77.79
CA ASP G 631 22.03 -50.29 -77.03
C ASP G 631 21.02 -51.38 -76.71
N SER G 632 21.51 -52.62 -76.65
CA SER G 632 20.67 -53.80 -76.44
C SER G 632 19.54 -53.88 -77.46
N GLY G 633 19.77 -53.36 -78.65
CA GLY G 633 18.74 -53.38 -79.68
C GLY G 633 17.61 -52.41 -79.45
N GLU G 634 17.79 -51.41 -78.59
CA GLU G 634 16.74 -50.46 -78.28
C GLU G 634 17.29 -49.04 -78.32
N TYR G 635 16.41 -48.08 -78.55
CA TYR G 635 16.77 -46.68 -78.61
C TYR G 635 16.57 -46.04 -77.24
N GLN G 636 17.67 -45.55 -76.65
CA GLN G 636 17.65 -44.83 -75.39
C GLN G 636 18.03 -43.38 -75.65
N VAL G 637 17.29 -42.45 -75.05
CA VAL G 637 17.63 -41.03 -75.17
C VAL G 637 18.17 -40.57 -73.81
N LEU G 638 19.26 -39.81 -73.86
CA LEU G 638 19.93 -39.31 -72.67
C LEU G 638 19.86 -37.78 -72.66
N ALA G 639 19.63 -37.21 -71.48
CA ALA G 639 19.63 -35.77 -71.30
C ALA G 639 20.50 -35.44 -70.11
N ARG G 640 21.49 -34.58 -70.31
CA ARG G 640 22.35 -34.13 -69.23
C ARG G 640 22.59 -32.63 -69.37
N TRP G 641 22.91 -32.02 -68.24
CA TRP G 641 23.16 -30.58 -68.18
C TRP G 641 24.13 -30.32 -67.03
N ASP G 642 24.23 -29.07 -66.60
CA ASP G 642 25.06 -28.71 -65.46
C ASP G 642 24.25 -27.87 -64.49
N THR G 643 24.64 -27.94 -63.22
CA THR G 643 23.95 -27.23 -62.16
C THR G 643 24.35 -25.77 -62.18
N PRO G 644 23.40 -24.84 -62.29
CA PRO G 644 23.73 -23.42 -62.31
C PRO G 644 24.02 -22.90 -60.90
N LYS G 645 24.23 -21.59 -60.82
CA LYS G 645 24.52 -20.92 -59.55
C LYS G 645 23.21 -20.61 -58.84
N VAL G 646 22.72 -21.58 -58.08
CA VAL G 646 21.48 -21.45 -57.33
C VAL G 646 21.76 -21.73 -55.86
N VAL G 647 21.24 -20.86 -54.99
CA VAL G 647 21.50 -20.96 -53.56
C VAL G 647 20.43 -21.79 -52.90
N LYS G 648 20.81 -22.41 -51.78
CA LYS G 648 19.96 -23.33 -51.01
C LYS G 648 19.62 -24.54 -51.90
N GLY G 649 18.46 -25.14 -51.71
CA GLY G 649 18.13 -26.34 -52.45
C GLY G 649 17.90 -26.08 -53.93
N VAL G 650 17.95 -27.16 -54.70
CA VAL G 650 17.75 -27.08 -56.14
C VAL G 650 17.21 -28.42 -56.63
N SER G 651 16.23 -28.36 -57.53
CA SER G 651 15.69 -29.53 -58.19
C SER G 651 15.46 -29.18 -59.65
N PHE G 652 15.21 -30.21 -60.46
CA PHE G 652 15.05 -30.03 -61.90
C PHE G 652 13.70 -30.56 -62.35
N LEU G 653 12.97 -29.74 -63.11
CA LEU G 653 11.69 -30.11 -63.69
C LEU G 653 11.87 -30.29 -65.19
N LEU G 654 11.39 -31.42 -65.71
CA LEU G 654 11.55 -31.77 -67.12
C LEU G 654 10.19 -31.98 -67.75
N ARG G 655 9.96 -31.34 -68.89
CA ARG G 655 8.72 -31.50 -69.63
C ARG G 655 9.04 -31.88 -71.07
N LEU G 656 8.52 -33.02 -71.51
CA LEU G 656 8.73 -33.52 -72.86
C LEU G 656 7.46 -33.26 -73.68
N THR G 657 7.63 -32.59 -74.81
CA THR G 657 6.52 -32.27 -75.69
C THR G 657 6.77 -32.84 -77.08
N VAL G 658 5.70 -33.20 -77.77
CA VAL G 658 5.77 -33.82 -79.09
C VAL G 658 5.04 -32.94 -80.09
N THR G 659 5.70 -32.65 -81.21
CA THR G 659 5.06 -31.87 -82.26
C THR G 659 4.01 -32.73 -82.96
N ALA G 660 2.80 -32.18 -83.10
CA ALA G 660 1.69 -32.93 -83.67
C ALA G 660 1.72 -32.87 -85.19
N ASP G 661 0.75 -33.54 -85.80
CA ASP G 661 0.71 -33.61 -87.26
C ASP G 661 0.25 -32.28 -87.87
N ASP G 662 -0.74 -31.65 -87.26
CA ASP G 662 -1.22 -30.36 -87.77
C ASP G 662 -0.23 -29.24 -87.52
N GLY G 663 0.65 -29.38 -86.53
CA GLY G 663 1.64 -28.37 -86.23
C GLY G 663 1.54 -27.81 -84.83
N SER G 664 0.71 -28.44 -84.00
CA SER G 664 0.52 -27.99 -82.64
C SER G 664 1.51 -28.66 -81.70
N GLU G 665 1.40 -28.33 -80.42
CA GLU G 665 2.29 -28.85 -79.38
C GLU G 665 1.54 -29.86 -78.52
N ARG G 666 2.28 -30.55 -77.66
CA ARG G 666 1.71 -31.59 -76.81
C ARG G 666 2.46 -31.59 -75.47
N LEU G 667 2.20 -32.60 -74.65
CA LEU G 667 2.90 -32.75 -73.37
C LEU G 667 2.80 -34.21 -72.95
N VAL G 668 3.94 -34.87 -72.79
CA VAL G 668 3.99 -36.26 -72.35
C VAL G 668 5.09 -36.40 -71.30
N SER G 669 4.75 -37.05 -70.18
CA SER G 669 5.72 -37.50 -69.18
C SER G 669 6.52 -36.33 -68.59
N THR G 670 5.81 -35.47 -67.85
CA THR G 670 6.48 -34.49 -67.01
C THR G 670 7.10 -35.19 -65.79
N ALA G 671 8.22 -34.64 -65.32
CA ALA G 671 8.92 -35.27 -64.20
C ALA G 671 9.67 -34.23 -63.40
N ARG G 672 9.96 -34.57 -62.15
CA ARG G 672 10.81 -33.79 -61.27
C ARG G 672 11.86 -34.70 -60.66
N THR G 673 13.10 -34.20 -60.57
CA THR G 673 14.20 -35.03 -60.09
C THR G 673 15.25 -34.14 -59.43
N THR G 674 16.29 -34.79 -58.92
CA THR G 674 17.46 -34.13 -58.34
C THR G 674 18.74 -34.45 -59.08
N GLU G 675 18.92 -35.69 -59.51
CA GLU G 675 20.11 -36.07 -60.28
C GLU G 675 20.10 -35.38 -61.63
N THR G 676 21.30 -35.18 -62.19
CA THR G 676 21.42 -34.44 -63.43
C THR G 676 20.97 -35.28 -64.63
N THR G 677 21.66 -36.38 -64.88
CA THR G 677 21.35 -37.19 -66.06
C THR G 677 19.98 -37.84 -65.93
N TYR G 678 19.26 -37.90 -67.06
CA TYR G 678 17.98 -38.60 -67.11
C TYR G 678 17.86 -39.31 -68.46
N ARG G 679 17.47 -40.57 -68.44
CA ARG G 679 17.34 -41.38 -69.64
C ARG G 679 15.89 -41.77 -69.84
N PHE G 680 15.38 -41.58 -71.06
CA PHE G 680 14.05 -42.06 -71.44
C PHE G 680 14.19 -43.19 -72.45
N THR G 681 13.13 -44.01 -72.50
CA THR G 681 13.05 -45.17 -73.36
C THR G 681 11.62 -45.33 -73.86
N GLN G 682 11.45 -46.19 -74.86
CA GLN G 682 10.15 -46.51 -75.44
C GLN G 682 9.47 -45.26 -76.00
N LEU G 683 10.15 -44.63 -76.95
CA LEU G 683 9.63 -43.47 -77.66
C LEU G 683 9.25 -43.87 -79.08
N ALA G 684 8.41 -43.05 -79.70
CA ALA G 684 7.89 -43.36 -81.02
C ALA G 684 7.65 -42.05 -81.78
N LEU G 685 6.86 -42.12 -82.84
CA LEU G 685 6.48 -40.97 -83.66
C LEU G 685 7.70 -40.34 -84.32
N GLY G 686 8.09 -39.15 -83.85
CA GLY G 686 9.11 -38.39 -84.53
C GLY G 686 9.62 -37.19 -83.75
N ASN G 687 9.76 -36.05 -84.43
CA ASN G 687 10.38 -34.87 -83.83
C ASN G 687 9.66 -34.45 -82.56
N TYR G 688 10.43 -34.09 -81.54
CA TYR G 688 9.89 -33.63 -80.27
C TYR G 688 10.90 -32.70 -79.61
N ARG G 689 10.58 -32.25 -78.40
CA ARG G 689 11.36 -31.25 -77.70
C ARG G 689 11.32 -31.55 -76.20
N LEU G 690 12.39 -31.16 -75.51
CA LEU G 690 12.52 -31.35 -74.07
C LEU G 690 12.85 -30.01 -73.44
N THR G 691 12.15 -29.66 -72.36
CA THR G 691 12.35 -28.42 -71.65
C THR G 691 12.81 -28.72 -70.22
N VAL G 692 13.87 -28.05 -69.80
CA VAL G 692 14.49 -28.23 -68.49
C VAL G 692 14.36 -26.93 -67.72
N ARG G 693 13.96 -27.01 -66.46
CA ARG G 693 13.88 -25.84 -65.59
C ARG G 693 14.49 -26.17 -64.25
N ALA G 694 15.16 -25.19 -63.66
CA ALA G 694 15.79 -25.32 -62.35
C ALA G 694 14.93 -24.60 -61.32
N VAL G 695 14.70 -25.25 -60.18
CA VAL G 695 13.86 -24.70 -59.13
C VAL G 695 14.62 -24.69 -57.82
N ASN G 696 14.31 -23.70 -56.99
CA ASN G 696 14.95 -23.53 -55.70
C ASN G 696 14.14 -24.27 -54.62
N ALA G 697 14.37 -23.95 -53.35
CA ALA G 697 13.75 -24.70 -52.25
C ALA G 697 12.23 -24.75 -52.39
N TRP G 698 11.59 -23.58 -52.56
CA TRP G 698 10.16 -23.56 -52.78
C TRP G 698 9.74 -23.98 -54.17
N GLY G 699 10.68 -24.16 -55.09
CA GLY G 699 10.33 -24.53 -56.43
C GLY G 699 10.01 -23.38 -57.35
N GLN G 700 10.52 -22.20 -57.06
CA GLN G 700 10.34 -21.06 -57.96
C GLN G 700 11.01 -21.37 -59.29
N GLN G 701 10.23 -21.33 -60.36
CA GLN G 701 10.73 -21.71 -61.68
C GLN G 701 11.78 -20.72 -62.16
N GLY G 702 12.80 -21.24 -62.83
CA GLY G 702 13.80 -20.43 -63.48
C GLY G 702 13.51 -20.22 -64.96
N ASP G 703 14.51 -19.72 -65.67
CA ASP G 703 14.38 -19.54 -67.11
C ASP G 703 14.54 -20.87 -67.81
N PRO G 704 13.59 -21.29 -68.65
CA PRO G 704 13.65 -22.63 -69.24
C PRO G 704 14.75 -22.75 -70.28
N ALA G 705 15.21 -23.99 -70.46
CA ALA G 705 16.18 -24.33 -71.50
C ALA G 705 15.62 -25.50 -72.31
N SER G 706 15.47 -25.30 -73.61
CA SER G 706 14.77 -26.27 -74.45
C SER G 706 15.68 -26.78 -75.57
N VAL G 707 15.61 -28.08 -75.81
CA VAL G 707 16.35 -28.72 -76.90
C VAL G 707 15.38 -29.58 -77.70
N SER G 708 15.41 -29.43 -79.03
CA SER G 708 14.48 -30.12 -79.91
C SER G 708 15.27 -31.01 -80.88
N PHE G 709 14.73 -32.20 -81.13
CA PHE G 709 15.36 -33.12 -82.07
C PHE G 709 14.34 -34.19 -82.47
N ARG G 710 14.66 -34.92 -83.52
CA ARG G 710 13.80 -35.97 -84.05
C ARG G 710 14.38 -37.34 -83.73
N ILE G 711 13.48 -38.33 -83.65
CA ILE G 711 13.89 -39.73 -83.61
C ILE G 711 13.12 -40.48 -84.69
N ALA G 712 13.84 -41.30 -85.46
CA ALA G 712 13.24 -42.16 -86.46
C ALA G 712 14.29 -43.17 -86.90
N ALA G 713 13.84 -44.27 -87.49
CA ALA G 713 14.74 -45.28 -88.04
C ALA G 713 14.13 -45.91 -89.28
N PRO G 714 14.06 -45.15 -90.38
CA PRO G 714 13.73 -45.79 -91.67
C PRO G 714 14.73 -46.87 -92.01
N ALA G 715 16.00 -46.49 -92.11
CA ALA G 715 17.10 -47.41 -92.43
C ALA G 715 16.84 -48.12 -93.77
N ALA G 716 16.77 -47.32 -94.82
CA ALA G 716 16.59 -47.86 -96.15
C ALA G 716 17.82 -48.65 -96.57
N PRO G 717 17.66 -49.84 -97.17
CA PRO G 717 18.83 -50.64 -97.56
C PRO G 717 19.68 -49.93 -98.60
N SER G 718 20.99 -49.92 -98.36
CA SER G 718 21.90 -49.27 -99.30
C SER G 718 22.15 -50.14 -100.53
N ARG G 719 22.25 -51.46 -100.35
CA ARG G 719 22.54 -52.35 -101.45
C ARG G 719 22.07 -53.75 -101.10
N ILE G 720 22.04 -54.61 -102.11
CA ILE G 720 21.62 -56.01 -101.95
C ILE G 720 22.58 -56.89 -102.74
N GLU G 721 22.94 -58.03 -102.15
CA GLU G 721 23.85 -58.98 -102.78
C GLU G 721 23.12 -60.30 -102.97
N LEU G 722 23.18 -60.84 -104.19
CA LEU G 722 22.53 -62.10 -104.54
C LEU G 722 23.59 -63.08 -105.01
N THR G 723 23.63 -64.25 -104.39
CA THR G 723 24.54 -65.32 -104.76
C THR G 723 23.76 -66.45 -105.40
N PRO G 724 23.94 -66.74 -106.68
CA PRO G 724 23.19 -67.82 -107.31
C PRO G 724 23.68 -69.19 -106.85
N GLY G 725 22.82 -70.18 -107.01
CA GLY G 725 23.17 -71.54 -106.67
C GLY G 725 22.08 -72.49 -107.09
N TYR G 726 22.24 -73.76 -106.70
CA TYR G 726 21.42 -74.84 -107.24
C TYR G 726 19.98 -74.62 -106.81
N PHE G 727 19.19 -74.05 -107.71
CA PHE G 727 17.81 -73.67 -107.43
C PHE G 727 17.72 -72.84 -106.17
N GLN G 728 18.68 -71.92 -105.98
CA GLN G 728 18.69 -71.10 -104.78
C GLN G 728 19.34 -69.76 -105.08
N ILE G 729 18.94 -68.75 -104.31
CA ILE G 729 19.52 -67.42 -104.39
C ILE G 729 19.76 -66.93 -102.96
N THR G 730 21.02 -66.83 -102.57
CA THR G 730 21.38 -66.31 -101.27
C THR G 730 21.26 -64.79 -101.30
N ALA G 731 20.28 -64.25 -100.58
CA ALA G 731 20.00 -62.82 -100.57
C ALA G 731 20.48 -62.22 -99.27
N THR G 732 21.30 -61.17 -99.37
CA THR G 732 21.75 -60.46 -98.17
C THR G 732 21.76 -58.95 -98.42
N PRO G 733 20.97 -58.19 -97.68
CA PRO G 733 20.99 -56.73 -97.82
C PRO G 733 21.97 -56.07 -96.87
N HIS G 734 22.40 -54.87 -97.26
CA HIS G 734 23.28 -54.06 -96.45
C HIS G 734 22.82 -52.62 -96.52
N LEU G 735 23.06 -51.87 -95.44
CA LEU G 735 22.67 -50.48 -95.34
C LEU G 735 23.85 -49.65 -94.88
N ALA G 736 23.83 -48.37 -95.24
CA ALA G 736 24.98 -47.50 -95.02
C ALA G 736 25.28 -47.34 -93.53
N VAL G 737 24.27 -47.03 -92.73
CA VAL G 737 24.44 -46.78 -91.31
C VAL G 737 24.00 -48.05 -90.58
N TYR G 738 24.95 -48.78 -90.02
CA TYR G 738 24.64 -50.02 -89.34
C TYR G 738 23.87 -49.74 -88.06
N ASP G 739 22.93 -50.63 -87.73
CA ASP G 739 22.07 -50.45 -86.57
C ASP G 739 21.66 -51.81 -86.02
N PRO G 740 22.11 -52.17 -84.82
CA PRO G 740 21.82 -53.51 -84.29
C PRO G 740 20.43 -53.64 -83.70
N THR G 741 19.42 -53.10 -84.40
CA THR G 741 18.04 -53.33 -84.02
C THR G 741 17.13 -53.50 -85.23
N VAL G 742 17.69 -53.72 -86.42
CA VAL G 742 16.94 -53.73 -87.67
C VAL G 742 17.04 -55.09 -88.32
N GLN G 743 15.89 -55.67 -88.66
CA GLN G 743 15.81 -56.85 -89.50
C GLN G 743 15.37 -56.43 -90.90
N PHE G 744 15.38 -57.37 -91.83
CA PHE G 744 14.88 -57.14 -93.18
C PHE G 744 13.86 -58.21 -93.50
N GLU G 745 12.69 -57.79 -93.99
CA GLU G 745 11.65 -58.71 -94.41
C GLU G 745 11.56 -58.71 -95.93
N PHE G 746 11.45 -59.91 -96.49
CA PHE G 746 11.52 -60.13 -97.93
C PHE G 746 10.18 -60.63 -98.47
N TRP G 747 9.92 -60.30 -99.72
CA TRP G 747 8.75 -60.76 -100.45
C TRP G 747 9.19 -61.25 -101.83
N PHE G 748 8.64 -62.39 -102.24
CA PHE G 748 9.04 -63.08 -103.46
C PHE G 748 7.99 -62.87 -104.55
N SER G 749 8.46 -62.65 -105.77
CA SER G 749 7.54 -62.60 -106.91
C SER G 749 8.24 -63.09 -108.16
N GLU G 750 7.43 -63.50 -109.14
CA GLU G 750 7.93 -63.99 -110.41
C GLU G 750 7.79 -62.99 -111.55
N LYS G 751 6.80 -62.12 -111.49
CA LYS G 751 6.56 -61.12 -112.52
C LYS G 751 6.53 -59.74 -111.90
N GLN G 752 7.28 -58.81 -112.48
CA GLN G 752 7.33 -57.45 -111.96
C GLN G 752 5.99 -56.75 -112.16
N ILE G 753 5.60 -55.96 -111.16
CA ILE G 753 4.33 -55.24 -111.20
C ILE G 753 4.61 -53.75 -111.31
N ALA G 754 3.62 -53.02 -111.83
CA ALA G 754 3.75 -51.59 -112.09
C ALA G 754 3.32 -50.74 -110.90
N ASP G 755 2.95 -51.36 -109.79
CA ASP G 755 2.49 -50.63 -108.62
C ASP G 755 3.32 -51.03 -107.40
N ILE G 756 3.62 -50.05 -106.56
CA ILE G 756 4.41 -50.28 -105.35
C ILE G 756 3.57 -50.26 -104.09
N ARG G 757 2.28 -49.89 -104.18
CA ARG G 757 1.40 -49.88 -103.01
C ARG G 757 0.68 -51.20 -102.80
N GLN G 758 0.34 -51.90 -103.86
CA GLN G 758 -0.37 -53.17 -103.77
C GLN G 758 0.57 -54.35 -103.49
N VAL G 759 1.81 -54.07 -103.10
CA VAL G 759 2.79 -55.15 -102.89
C VAL G 759 2.32 -56.10 -101.81
N GLU G 760 1.67 -55.57 -100.77
CA GLU G 760 1.16 -56.43 -99.69
C GLU G 760 0.11 -57.41 -100.21
N THR G 761 -0.61 -57.04 -101.28
CA THR G 761 -1.64 -57.89 -101.84
C THR G 761 -1.25 -58.45 -103.21
N SER G 762 0.02 -58.31 -103.58
CA SER G 762 0.51 -58.83 -104.85
C SER G 762 1.55 -59.92 -104.67
N THR G 763 2.54 -59.70 -103.82
CA THR G 763 3.59 -60.68 -103.56
C THR G 763 3.21 -61.51 -102.33
N ARG G 764 4.10 -62.41 -101.94
CA ARG G 764 3.90 -63.28 -100.80
C ARG G 764 5.00 -63.05 -99.77
N TYR G 765 4.61 -63.01 -98.50
CA TYR G 765 5.58 -62.89 -97.43
C TYR G 765 6.34 -64.20 -97.24
N LEU G 766 7.65 -64.11 -97.13
CA LEU G 766 8.49 -65.30 -96.94
C LEU G 766 9.28 -65.29 -95.65
N GLY G 767 9.68 -64.14 -95.15
CA GLY G 767 10.41 -64.10 -93.88
C GLY G 767 11.10 -62.81 -93.54
N THR G 768 11.36 -62.62 -92.24
CA THR G 768 12.09 -61.47 -91.71
C THR G 768 13.34 -61.99 -91.00
N ALA G 769 14.51 -61.68 -91.55
CA ALA G 769 15.76 -62.17 -91.00
C ALA G 769 16.87 -61.18 -91.33
N LEU G 770 18.12 -61.64 -91.22
CA LEU G 770 19.29 -60.89 -91.68
C LEU G 770 19.71 -61.30 -93.09
N TYR G 771 19.52 -62.57 -93.44
CA TYR G 771 19.79 -63.08 -94.77
C TYR G 771 18.72 -64.10 -95.11
N TRP G 772 18.66 -64.51 -96.38
CA TRP G 772 17.68 -65.51 -96.77
C TRP G 772 18.24 -66.40 -97.86
N ILE G 773 17.69 -67.62 -97.94
CA ILE G 773 18.01 -68.59 -98.98
C ILE G 773 16.73 -68.90 -99.73
N ALA G 774 16.71 -68.60 -101.03
CA ALA G 774 15.51 -68.81 -101.84
C ALA G 774 15.58 -70.14 -102.57
N ALA G 775 15.70 -71.21 -101.79
CA ALA G 775 15.78 -72.56 -102.32
C ALA G 775 14.38 -73.10 -102.57
N SER G 776 14.10 -73.50 -103.80
CA SER G 776 12.79 -74.01 -104.19
C SER G 776 12.98 -75.08 -105.25
N ILE G 777 11.88 -75.72 -105.63
CA ILE G 777 11.90 -76.71 -106.69
C ILE G 777 11.15 -76.25 -107.94
N ASN G 778 10.13 -75.40 -107.79
CA ASN G 778 9.41 -74.90 -108.96
C ASN G 778 10.24 -73.90 -109.75
N ILE G 779 11.24 -73.28 -109.13
CA ILE G 779 12.05 -72.30 -109.82
C ILE G 779 12.98 -73.00 -110.81
N LYS G 780 13.32 -72.29 -111.88
CA LYS G 780 14.20 -72.82 -112.91
C LYS G 780 15.29 -71.81 -113.22
N PRO G 781 16.49 -72.28 -113.58
CA PRO G 781 17.56 -71.35 -113.93
C PRO G 781 17.22 -70.55 -115.19
N GLY G 782 17.75 -69.33 -115.25
CA GLY G 782 17.54 -68.46 -116.38
C GLY G 782 16.32 -67.56 -116.28
N HIS G 783 15.44 -67.81 -115.31
CA HIS G 783 14.27 -66.97 -115.13
C HIS G 783 14.56 -65.85 -114.13
N ASP G 784 13.88 -64.73 -114.30
CA ASP G 784 14.06 -63.55 -113.46
C ASP G 784 13.11 -63.62 -112.29
N TYR G 785 13.64 -63.40 -111.08
CA TYR G 785 12.86 -63.47 -109.85
C TYR G 785 13.05 -62.18 -109.08
N TYR G 786 11.93 -61.61 -108.61
CA TYR G 786 11.94 -60.28 -108.01
C TYR G 786 11.82 -60.38 -106.50
N PHE G 787 12.73 -59.71 -105.80
CA PHE G 787 12.77 -59.65 -104.35
C PHE G 787 12.42 -58.24 -103.92
N TYR G 788 11.44 -58.12 -103.02
CA TYR G 788 11.07 -56.84 -102.42
C TYR G 788 11.49 -56.89 -100.96
N ILE G 789 12.49 -56.10 -100.59
CA ILE G 789 13.07 -56.12 -99.26
C ILE G 789 12.77 -54.79 -98.58
N ARG G 790 12.32 -54.85 -97.33
CA ARG G 790 12.18 -53.62 -96.55
C ARG G 790 12.65 -53.85 -95.11
N SER G 791 13.19 -52.81 -94.51
CA SER G 791 13.74 -52.88 -93.17
C SER G 791 12.64 -52.71 -92.12
N VAL G 792 12.78 -53.43 -91.02
CA VAL G 792 11.80 -53.42 -89.93
C VAL G 792 12.54 -53.33 -88.61
N ASN G 793 12.06 -52.46 -87.73
CA ASN G 793 12.58 -52.37 -86.37
C ASN G 793 11.40 -52.23 -85.42
N THR G 794 11.69 -51.94 -84.15
CA THR G 794 10.63 -51.77 -83.17
C THR G 794 9.78 -50.55 -83.49
N VAL G 795 10.41 -49.46 -83.95
CA VAL G 795 9.69 -48.22 -84.19
C VAL G 795 8.74 -48.38 -85.36
N GLY G 796 9.27 -48.68 -86.55
CA GLY G 796 8.44 -48.75 -87.73
C GLY G 796 9.03 -49.54 -88.88
N LYS G 797 8.88 -49.01 -90.10
CA LYS G 797 9.29 -49.72 -91.29
C LYS G 797 10.08 -48.80 -92.22
N SER G 798 10.41 -49.28 -93.42
CA SER G 798 11.18 -48.48 -94.37
C SER G 798 10.53 -48.49 -95.75
N ALA G 799 11.24 -47.96 -96.74
CA ALA G 799 10.78 -47.98 -98.12
C ALA G 799 11.20 -49.27 -98.80
N PHE G 800 10.39 -49.73 -99.74
CA PHE G 800 10.65 -50.99 -100.42
C PHE G 800 11.84 -50.87 -101.37
N VAL G 801 12.58 -51.97 -101.50
CA VAL G 801 13.71 -52.06 -102.40
C VAL G 801 13.51 -53.28 -103.30
N GLU G 802 13.72 -53.09 -104.61
CA GLU G 802 13.51 -54.14 -105.60
C GLU G 802 14.84 -54.67 -106.09
N ALA G 803 14.96 -55.99 -106.16
CA ALA G 803 16.14 -56.66 -106.69
C ALA G 803 15.70 -57.77 -107.63
N VAL G 804 16.54 -58.07 -108.62
CA VAL G 804 16.28 -59.09 -109.61
C VAL G 804 17.40 -60.14 -109.51
N GLY G 805 17.00 -61.41 -109.46
CA GLY G 805 17.98 -62.48 -109.32
C GLY G 805 17.61 -63.69 -110.15
N ARG G 806 18.63 -64.47 -110.47
CA ARG G 806 18.50 -65.73 -111.18
C ARG G 806 19.35 -66.78 -110.49
N ALA G 807 19.26 -68.01 -110.99
CA ALA G 807 20.06 -69.12 -110.47
C ALA G 807 21.39 -69.18 -111.23
N SER G 808 22.13 -70.27 -111.05
CA SER G 808 23.38 -70.44 -111.76
C SER G 808 23.13 -70.61 -113.26
N ASP G 809 23.96 -69.94 -114.06
CA ASP G 809 23.82 -69.97 -115.52
C ASP G 809 24.66 -71.10 -116.12
N ASP G 810 24.32 -72.33 -115.70
CA ASP G 810 24.96 -73.53 -116.21
C ASP G 810 26.47 -73.51 -115.98
N ALA G 811 27.21 -73.08 -116.99
CA ALA G 811 28.68 -72.95 -116.96
C ALA G 811 29.27 -74.34 -116.71
N GLU G 812 30.36 -74.46 -115.95
CA GLU G 812 30.98 -75.75 -115.68
C GLU G 812 31.20 -76.02 -114.20
N GLY G 813 30.78 -75.12 -113.32
CA GLY G 813 31.03 -75.29 -111.90
C GLY G 813 30.21 -76.37 -111.23
N TYR G 814 29.31 -77.05 -111.96
CA TYR G 814 28.43 -78.04 -111.38
C TYR G 814 28.54 -79.37 -112.11
N LEU G 815 29.71 -79.68 -112.64
CA LEU G 815 29.87 -80.83 -113.52
C LEU G 815 30.91 -81.84 -113.04
N ASP G 816 32.01 -81.39 -112.44
CA ASP G 816 33.09 -82.29 -112.09
C ASP G 816 32.71 -83.16 -110.90
N PHE G 817 31.70 -84.02 -111.08
CA PHE G 817 31.25 -84.91 -110.02
C PHE G 817 31.03 -86.33 -110.50
N PHE G 818 31.26 -86.63 -111.79
CA PHE G 818 30.88 -87.91 -112.37
C PHE G 818 32.02 -88.46 -113.21
N LYS G 819 33.25 -88.24 -112.77
CA LYS G 819 34.43 -88.74 -113.47
C LYS G 819 34.54 -90.24 -113.24
N GLY G 820 34.20 -91.02 -114.28
CA GLY G 820 34.22 -92.46 -114.18
C GLY G 820 32.97 -93.08 -113.59
N LYS G 821 32.10 -92.28 -113.01
CA LYS G 821 30.83 -92.73 -112.46
C LYS G 821 29.78 -92.74 -113.58
N ILE G 822 28.49 -92.74 -113.19
CA ILE G 822 27.33 -92.91 -114.06
C ILE G 822 27.52 -94.12 -114.97
N THR G 823 27.35 -95.30 -114.39
CA THR G 823 27.38 -96.57 -115.12
C THR G 823 26.03 -96.81 -115.79
N GLU G 824 25.82 -98.04 -116.25
CA GLU G 824 24.63 -98.39 -117.02
C GLU G 824 23.34 -98.21 -116.22
N SER G 825 23.40 -98.40 -114.90
CA SER G 825 22.18 -98.51 -114.11
C SER G 825 21.33 -97.24 -114.19
N HIS G 826 21.97 -96.07 -114.25
CA HIS G 826 21.20 -94.82 -114.22
C HIS G 826 20.50 -94.55 -115.53
N LEU G 827 20.82 -95.31 -116.58
CA LEU G 827 20.12 -95.17 -117.85
C LEU G 827 18.83 -96.00 -117.84
N GLY G 828 18.07 -95.91 -118.93
CA GLY G 828 16.83 -96.65 -119.05
C GLY G 828 16.80 -97.62 -120.20
N LYS G 829 15.70 -97.62 -120.96
CA LYS G 829 15.57 -98.50 -122.10
C LYS G 829 16.36 -98.02 -123.32
N GLU G 830 16.70 -96.73 -123.38
CA GLU G 830 17.45 -96.21 -124.51
C GLU G 830 18.83 -96.85 -124.61
N LEU G 831 19.50 -97.05 -123.48
CA LEU G 831 20.80 -97.71 -123.50
C LEU G 831 20.68 -99.12 -124.04
N LEU G 832 19.68 -99.87 -123.56
CA LEU G 832 19.52 -101.26 -124.00
C LEU G 832 19.17 -101.36 -125.47
N GLU G 833 18.33 -100.44 -125.96
CA GLU G 833 17.95 -100.50 -127.37
C GLU G 833 19.07 -100.02 -128.28
N LYS G 834 19.94 -99.13 -127.79
CA LYS G 834 21.01 -98.60 -128.62
C LYS G 834 22.30 -99.39 -128.50
N VAL G 835 22.47 -100.18 -127.45
CA VAL G 835 23.69 -100.96 -127.28
C VAL G 835 23.62 -102.21 -128.14
N MET H 1 46.14 -29.48 -37.15
CA MET H 1 46.99 -28.32 -36.90
C MET H 1 46.10 -27.17 -36.47
N GLY H 2 46.45 -26.52 -35.36
CA GLY H 2 45.60 -25.48 -34.79
C GLY H 2 46.06 -24.07 -35.07
N LYS H 3 46.57 -23.39 -34.04
CA LYS H 3 47.06 -22.01 -34.13
C LYS H 3 45.89 -21.14 -34.61
N GLY H 4 46.00 -20.44 -35.73
CA GLY H 4 44.90 -19.66 -36.24
C GLY H 4 44.29 -20.23 -37.50
N SER H 5 44.65 -19.67 -38.65
CA SER H 5 44.16 -20.18 -39.92
C SER H 5 44.59 -21.63 -40.12
N SER H 6 43.68 -22.44 -40.63
CA SER H 6 44.00 -23.83 -40.93
C SER H 6 43.13 -24.32 -42.07
N LYS H 7 43.61 -25.35 -42.77
CA LYS H 7 42.88 -25.90 -43.90
C LYS H 7 43.14 -27.39 -44.00
N GLY H 8 42.20 -28.10 -44.62
CA GLY H 8 42.32 -29.53 -44.79
C GLY H 8 41.38 -30.03 -45.87
N HIS H 9 41.68 -31.21 -46.38
CA HIS H 9 40.91 -31.79 -47.47
C HIS H 9 41.05 -33.30 -47.45
N THR H 10 40.18 -33.97 -48.20
CA THR H 10 40.23 -35.40 -48.41
C THR H 10 40.25 -35.70 -49.89
N PRO H 11 40.90 -36.80 -50.28
CA PRO H 11 40.98 -37.14 -51.71
C PRO H 11 39.60 -37.40 -52.30
N ARG H 12 39.30 -36.68 -53.38
CA ARG H 12 38.01 -36.84 -54.04
C ARG H 12 38.00 -38.07 -54.95
N GLU H 13 36.92 -38.84 -54.88
CA GLU H 13 36.70 -39.97 -55.77
C GLU H 13 35.63 -39.56 -56.78
N ALA H 14 35.99 -39.57 -58.06
CA ALA H 14 35.19 -39.00 -59.13
C ALA H 14 35.48 -39.78 -60.41
N LYS H 15 35.23 -39.14 -61.56
CA LYS H 15 35.65 -39.61 -62.87
C LYS H 15 34.81 -40.81 -63.31
N ASP H 16 35.38 -41.68 -64.14
CA ASP H 16 34.74 -42.94 -64.52
C ASP H 16 33.41 -42.66 -65.22
N ASN H 17 33.47 -42.30 -66.51
CA ASN H 17 32.33 -41.82 -67.28
C ASN H 17 31.93 -40.45 -66.73
N LEU H 18 32.82 -39.48 -66.96
CA LEU H 18 32.66 -38.09 -66.60
C LEU H 18 31.23 -37.59 -66.77
N LYS H 19 30.71 -36.97 -65.72
CA LYS H 19 29.42 -36.29 -65.69
C LYS H 19 29.61 -34.93 -65.04
N SER H 20 28.49 -34.26 -64.74
CA SER H 20 28.50 -33.00 -64.02
C SER H 20 28.17 -33.26 -62.55
N THR H 21 29.06 -32.79 -61.67
CA THR H 21 28.92 -33.04 -60.25
C THR H 21 28.62 -31.74 -59.52
N GLN H 22 27.71 -31.81 -58.54
CA GLN H 22 27.36 -30.64 -57.76
C GLN H 22 28.42 -30.35 -56.72
N LEU H 23 28.32 -29.17 -56.12
CA LEU H 23 29.27 -28.76 -55.09
C LEU H 23 28.58 -27.79 -54.14
N LEU H 24 28.40 -28.21 -52.90
CA LEU H 24 27.78 -27.40 -51.86
C LEU H 24 28.87 -26.73 -51.03
N SER H 25 28.88 -25.40 -51.04
CA SER H 25 29.84 -24.61 -50.29
C SER H 25 29.09 -23.74 -49.30
N VAL H 26 29.46 -23.82 -48.03
CA VAL H 26 28.71 -23.11 -46.99
C VAL H 26 29.69 -22.59 -45.93
N ILE H 27 29.43 -21.36 -45.48
CA ILE H 27 30.20 -20.69 -44.45
C ILE H 27 29.37 -20.66 -43.17
N ASP H 28 30.00 -20.97 -42.04
CA ASP H 28 29.35 -21.01 -40.75
C ASP H 28 30.09 -20.12 -39.76
N ALA H 29 29.35 -19.30 -39.03
CA ALA H 29 29.90 -18.48 -37.96
C ALA H 29 29.67 -19.20 -36.64
N ILE H 30 30.75 -19.47 -35.92
CA ILE H 30 30.68 -20.33 -34.75
C ILE H 30 30.52 -19.51 -33.48
N SER H 31 31.48 -18.64 -33.21
CA SER H 31 31.49 -17.90 -31.95
C SER H 31 32.23 -16.59 -32.16
N GLU H 32 32.57 -15.93 -31.05
CA GLU H 32 33.19 -14.61 -31.08
C GLU H 32 34.52 -14.64 -30.34
N GLY H 33 35.42 -13.75 -30.75
CA GLY H 33 36.69 -13.61 -30.11
C GLY H 33 37.67 -14.67 -30.56
N PRO H 34 38.91 -14.56 -30.11
CA PRO H 34 39.90 -15.58 -30.46
C PRO H 34 39.53 -16.93 -29.90
N ILE H 35 39.17 -17.87 -30.77
CA ILE H 35 38.78 -19.20 -30.37
C ILE H 35 39.97 -20.13 -30.59
N GLU H 36 39.88 -21.33 -30.02
CA GLU H 36 40.85 -22.38 -30.32
C GLU H 36 40.25 -23.36 -31.32
N GLY H 37 41.14 -24.10 -32.00
CA GLY H 37 40.72 -25.01 -33.01
C GLY H 37 40.08 -26.26 -32.43
N PRO H 38 39.75 -27.20 -33.29
CA PRO H 38 39.14 -28.45 -32.83
C PRO H 38 40.08 -29.25 -31.95
N VAL H 39 39.49 -30.09 -31.09
CA VAL H 39 40.28 -30.88 -30.16
C VAL H 39 41.20 -31.83 -30.91
N ASP H 40 40.77 -32.29 -32.08
CA ASP H 40 41.53 -33.21 -32.90
C ASP H 40 42.04 -32.51 -34.16
N GLY H 41 42.66 -33.26 -35.06
CA GLY H 41 43.18 -32.69 -36.28
C GLY H 41 42.10 -32.21 -37.23
N LEU H 42 41.36 -33.16 -37.82
CA LEU H 42 40.31 -32.80 -38.76
C LEU H 42 39.01 -33.58 -38.56
N LYS H 43 39.01 -34.69 -37.82
CA LYS H 43 37.82 -35.50 -37.65
C LYS H 43 36.87 -34.89 -36.62
N SER H 44 36.58 -33.61 -36.83
CA SER H 44 35.64 -32.89 -35.97
C SER H 44 34.45 -32.33 -36.72
N VAL H 45 34.52 -32.14 -38.03
CA VAL H 45 33.35 -31.74 -38.79
C VAL H 45 32.41 -32.94 -38.87
N LEU H 46 31.14 -32.73 -38.54
CA LEU H 46 30.16 -33.79 -38.45
C LEU H 46 29.01 -33.48 -39.41
N LEU H 47 29.05 -34.11 -40.57
CA LEU H 47 27.97 -33.99 -41.56
C LEU H 47 26.97 -35.10 -41.28
N ASN H 48 25.77 -34.71 -40.87
CA ASN H 48 24.73 -35.66 -40.46
C ASN H 48 25.24 -36.59 -39.36
N SER H 49 25.86 -36.00 -38.35
CA SER H 49 26.27 -36.69 -37.13
C SER H 49 27.27 -37.82 -37.40
N THR H 50 28.11 -37.66 -38.42
CA THR H 50 29.20 -38.61 -38.62
C THR H 50 30.45 -37.86 -39.06
N PRO H 51 31.59 -38.11 -38.43
CA PRO H 51 32.82 -37.41 -38.81
C PRO H 51 33.36 -37.91 -40.14
N VAL H 52 34.25 -37.11 -40.73
CA VAL H 52 34.86 -37.49 -42.00
C VAL H 52 36.04 -38.43 -41.81
N LEU H 53 36.58 -38.53 -40.61
CA LEU H 53 37.62 -39.49 -40.28
C LEU H 53 37.23 -40.22 -39.00
N ASP H 54 37.48 -41.52 -38.96
CA ASP H 54 37.12 -42.31 -37.80
C ASP H 54 38.30 -42.35 -36.82
N THR H 55 38.20 -43.21 -35.81
CA THR H 55 39.26 -43.31 -34.80
C THR H 55 40.56 -43.78 -35.43
N GLU H 56 40.50 -44.76 -36.33
CA GLU H 56 41.71 -45.27 -36.96
C GLU H 56 42.40 -44.19 -37.79
N GLY H 57 41.63 -43.39 -38.51
CA GLY H 57 42.15 -42.27 -39.27
C GLY H 57 41.91 -42.35 -40.76
N ASN H 58 41.52 -43.52 -41.28
CA ASN H 58 41.28 -43.64 -42.70
C ASN H 58 40.05 -42.82 -43.11
N THR H 59 40.07 -42.33 -44.34
CA THR H 59 39.03 -41.44 -44.83
C THR H 59 37.68 -42.15 -44.84
N ASN H 60 36.64 -41.39 -44.52
CA ASN H 60 35.28 -41.92 -44.46
C ASN H 60 34.35 -41.32 -45.50
N ILE H 61 34.54 -40.05 -45.88
CA ILE H 61 33.73 -39.41 -46.89
C ILE H 61 34.61 -39.05 -48.08
N SER H 62 33.98 -38.61 -49.16
CA SER H 62 34.67 -38.26 -50.39
C SER H 62 35.31 -36.89 -50.22
N GLY H 63 35.73 -36.27 -51.33
CA GLY H 63 36.42 -35.01 -51.29
C GLY H 63 35.67 -33.91 -50.56
N VAL H 64 36.16 -33.56 -49.37
CA VAL H 64 35.57 -32.53 -48.53
C VAL H 64 36.68 -31.56 -48.16
N THR H 65 36.46 -30.27 -48.40
CA THR H 65 37.46 -29.25 -48.11
C THR H 65 36.95 -28.36 -46.98
N VAL H 66 37.75 -28.21 -45.94
CA VAL H 66 37.36 -27.45 -44.75
C VAL H 66 38.45 -26.44 -44.44
N VAL H 67 38.07 -25.17 -44.30
CA VAL H 67 38.99 -24.11 -43.93
C VAL H 67 38.45 -23.43 -42.67
N PHE H 68 39.28 -23.33 -41.64
CA PHE H 68 38.87 -22.77 -40.36
C PHE H 68 39.67 -21.51 -40.06
N ARG H 69 38.98 -20.46 -39.65
CA ARG H 69 39.60 -19.21 -39.27
C ARG H 69 39.12 -18.82 -37.88
N ALA H 70 40.06 -18.64 -36.96
CA ALA H 70 39.74 -18.20 -35.61
C ALA H 70 39.41 -16.72 -35.60
N GLY H 71 38.64 -16.31 -34.61
CA GLY H 71 38.21 -14.93 -34.51
C GLY H 71 39.27 -13.98 -34.01
N GLU H 72 40.31 -13.75 -34.82
CA GLU H 72 41.38 -12.84 -34.47
C GLU H 72 41.43 -11.71 -35.50
N GLN H 73 41.82 -10.52 -35.04
CA GLN H 73 41.86 -9.38 -35.94
C GLN H 73 42.99 -9.53 -36.96
N GLU H 74 42.98 -8.65 -37.96
CA GLU H 74 43.85 -8.70 -39.13
C GLU H 74 44.11 -10.12 -39.60
N GLN H 75 43.03 -10.90 -39.79
CA GLN H 75 43.16 -12.25 -40.32
C GLN H 75 42.94 -12.22 -41.84
N THR H 76 43.42 -13.27 -42.50
CA THR H 76 43.28 -13.35 -43.94
C THR H 76 41.88 -13.86 -44.31
N PRO H 77 41.27 -13.32 -45.37
CA PRO H 77 39.92 -13.77 -45.72
C PRO H 77 39.94 -15.16 -46.30
N PRO H 78 38.82 -15.86 -46.28
CA PRO H 78 38.75 -17.17 -46.94
C PRO H 78 38.94 -17.04 -48.44
N GLU H 79 39.50 -18.09 -49.04
CA GLU H 79 39.86 -18.05 -50.45
C GLU H 79 39.33 -19.21 -51.27
N GLY H 80 38.69 -20.20 -50.65
CA GLY H 80 38.25 -21.37 -51.40
C GLY H 80 37.15 -21.06 -52.40
N PHE H 81 36.24 -20.16 -52.05
CA PHE H 81 35.04 -19.92 -52.83
C PHE H 81 35.04 -18.53 -53.43
N GLU H 82 34.37 -18.42 -54.58
CA GLU H 82 34.28 -17.18 -55.33
C GLU H 82 33.12 -16.33 -54.84
N SER H 83 33.15 -15.06 -55.23
CA SER H 83 32.09 -14.12 -54.90
C SER H 83 31.35 -13.64 -56.13
N SER H 84 32.06 -13.14 -57.14
CA SER H 84 31.42 -12.65 -58.36
C SER H 84 32.20 -13.13 -59.57
N GLY H 85 31.50 -13.72 -60.53
CA GLY H 85 32.12 -14.24 -61.73
C GLY H 85 31.63 -13.51 -62.98
N SER H 86 32.56 -13.26 -63.90
CA SER H 86 32.25 -12.67 -65.20
C SER H 86 32.59 -13.67 -66.28
N GLU H 87 31.57 -14.12 -67.01
CA GLU H 87 31.75 -15.11 -68.06
C GLU H 87 31.75 -14.42 -69.42
N THR H 88 32.76 -14.72 -70.24
CA THR H 88 32.82 -14.25 -71.61
C THR H 88 32.86 -15.46 -72.53
N VAL H 89 31.99 -15.48 -73.54
CA VAL H 89 31.86 -16.60 -74.45
C VAL H 89 32.61 -16.28 -75.74
N LEU H 90 33.43 -17.23 -76.20
CA LEU H 90 34.19 -17.08 -77.43
C LEU H 90 34.14 -18.43 -78.14
N GLY H 91 33.35 -18.51 -79.20
CA GLY H 91 33.20 -19.74 -79.94
C GLY H 91 34.28 -19.95 -80.97
N THR H 92 35.21 -20.87 -80.69
CA THR H 92 36.29 -21.15 -81.61
C THR H 92 36.83 -22.54 -81.33
N GLU H 93 37.50 -23.11 -82.34
CA GLU H 93 38.00 -24.47 -82.29
C GLU H 93 39.52 -24.46 -82.31
N VAL H 94 40.13 -25.25 -81.45
CA VAL H 94 41.59 -25.34 -81.37
C VAL H 94 42.08 -26.36 -82.37
N LYS H 95 43.04 -25.96 -83.20
CA LYS H 95 43.64 -26.81 -84.21
C LYS H 95 45.13 -26.97 -83.93
N TYR H 96 45.68 -28.13 -84.33
CA TYR H 96 47.08 -28.39 -84.07
C TYR H 96 47.97 -27.37 -84.76
N ASP H 97 47.68 -27.06 -86.03
CA ASP H 97 48.52 -26.13 -86.79
C ASP H 97 48.40 -24.71 -86.25
N THR H 98 47.20 -24.30 -85.86
CA THR H 98 46.97 -22.93 -85.39
C THR H 98 46.49 -22.93 -83.95
N PRO H 99 47.37 -22.73 -82.97
CA PRO H 99 46.91 -22.57 -81.59
C PRO H 99 46.10 -21.29 -81.42
N ILE H 100 45.26 -21.29 -80.39
CA ILE H 100 44.36 -20.19 -80.10
C ILE H 100 44.96 -19.34 -78.99
N THR H 101 45.09 -18.03 -79.23
CA THR H 101 45.67 -17.11 -78.27
C THR H 101 44.67 -16.04 -77.89
N ARG H 102 44.63 -15.70 -76.61
CA ARG H 102 43.79 -14.61 -76.12
C ARG H 102 44.56 -13.84 -75.07
N THR H 103 44.13 -12.61 -74.81
CA THR H 103 44.74 -11.79 -73.78
C THR H 103 43.65 -11.21 -72.89
N ILE H 104 43.97 -11.02 -71.62
CA ILE H 104 43.02 -10.50 -70.65
C ILE H 104 43.49 -9.13 -70.17
N THR H 105 42.54 -8.25 -69.89
CA THR H 105 42.85 -6.90 -69.42
C THR H 105 41.77 -6.51 -68.42
N SER H 106 42.07 -6.65 -67.13
CA SER H 106 41.14 -6.28 -66.08
C SER H 106 41.92 -5.91 -64.83
N ALA H 107 41.28 -5.11 -63.97
CA ALA H 107 41.93 -4.65 -62.75
C ALA H 107 41.87 -5.72 -61.66
N ASN H 108 40.68 -6.20 -61.34
CA ASN H 108 40.48 -7.19 -60.30
C ASN H 108 40.66 -8.58 -60.88
N ILE H 109 41.68 -9.29 -60.43
CA ILE H 109 41.97 -10.65 -60.88
C ILE H 109 42.19 -11.51 -59.64
N ASP H 110 41.38 -12.56 -59.48
CA ASP H 110 41.62 -13.55 -58.45
C ASP H 110 41.85 -14.94 -59.02
N ARG H 111 40.89 -15.47 -59.79
CA ARG H 111 41.06 -16.80 -60.38
C ARG H 111 40.42 -16.82 -61.75
N LEU H 112 40.85 -17.79 -62.57
CA LEU H 112 40.37 -17.89 -63.94
C LEU H 112 39.95 -19.33 -64.21
N ARG H 113 38.79 -19.49 -64.84
CA ARG H 113 38.24 -20.80 -65.17
C ARG H 113 38.10 -20.93 -66.68
N PHE H 114 38.65 -22.00 -67.23
CA PHE H 114 38.57 -22.28 -68.66
C PHE H 114 37.59 -23.42 -68.89
N THR H 115 36.64 -23.19 -69.79
CA THR H 115 35.72 -24.24 -70.22
C THR H 115 36.05 -24.63 -71.64
N PHE H 116 36.18 -25.94 -71.89
CA PHE H 116 36.53 -26.46 -73.20
C PHE H 116 35.64 -27.65 -73.51
N GLY H 117 35.37 -27.83 -74.80
CA GLY H 117 34.45 -28.87 -75.20
C GLY H 117 34.97 -29.84 -76.24
N VAL H 118 34.30 -30.99 -76.35
CA VAL H 118 34.60 -32.01 -77.34
C VAL H 118 33.33 -32.26 -78.14
N GLN H 119 33.44 -32.18 -79.47
CA GLN H 119 32.29 -32.43 -80.32
C GLN H 119 31.82 -33.88 -80.21
N ALA H 120 32.74 -34.82 -80.36
CA ALA H 120 32.44 -36.24 -80.24
C ALA H 120 33.72 -36.98 -79.96
N LEU H 121 33.59 -38.19 -79.43
CA LEU H 121 34.77 -38.99 -79.11
C LEU H 121 34.60 -40.46 -79.47
N VAL H 122 33.61 -40.81 -80.30
CA VAL H 122 33.38 -42.20 -80.64
C VAL H 122 34.24 -42.61 -81.83
N GLU H 123 34.57 -43.90 -81.88
CA GLU H 123 35.31 -44.48 -82.99
C GLU H 123 34.54 -45.67 -83.54
N THR H 124 34.54 -45.81 -84.87
CA THR H 124 33.81 -46.86 -85.54
C THR H 124 34.71 -47.52 -86.57
N THR H 125 34.86 -48.84 -86.47
CA THR H 125 35.66 -49.61 -87.41
C THR H 125 34.76 -50.12 -88.54
N SER H 126 35.29 -51.06 -89.34
CA SER H 126 34.52 -51.60 -90.45
C SER H 126 33.25 -52.30 -89.97
N LYS H 127 33.37 -53.12 -88.92
CA LYS H 127 32.20 -53.83 -88.40
C LYS H 127 31.20 -52.86 -87.80
N GLY H 128 31.68 -51.89 -87.02
CA GLY H 128 30.81 -50.90 -86.43
C GLY H 128 30.87 -50.85 -84.91
N ASP H 129 31.94 -51.39 -84.34
CA ASP H 129 32.12 -51.36 -82.89
C ASP H 129 32.38 -49.93 -82.43
N ARG H 130 31.96 -49.65 -81.19
CA ARG H 130 32.09 -48.32 -80.61
C ARG H 130 33.13 -48.40 -79.50
N ASN H 131 34.20 -47.62 -79.62
CA ASN H 131 35.27 -47.61 -78.64
C ASN H 131 35.62 -46.20 -78.23
N PRO H 132 36.07 -46.00 -77.00
CA PRO H 132 36.50 -44.66 -76.58
C PRO H 132 37.86 -44.31 -77.17
N SER H 133 38.28 -43.06 -76.94
CA SER H 133 39.55 -42.58 -77.44
C SER H 133 40.14 -41.58 -76.47
N GLU H 134 41.46 -41.41 -76.56
CA GLU H 134 42.22 -40.52 -75.68
C GLU H 134 42.46 -39.20 -76.37
N VAL H 135 42.23 -38.10 -75.67
CA VAL H 135 42.50 -36.75 -76.17
C VAL H 135 43.15 -35.95 -75.06
N ARG H 136 44.29 -35.34 -75.34
CA ARG H 136 45.02 -34.54 -74.36
C ARG H 136 45.22 -33.13 -74.88
N LEU H 137 44.97 -32.14 -74.01
CA LEU H 137 45.17 -30.74 -74.31
C LEU H 137 46.06 -30.13 -73.24
N LEU H 138 46.84 -29.12 -73.62
CA LEU H 138 47.64 -28.36 -72.66
C LEU H 138 47.25 -26.90 -72.70
N VAL H 139 46.96 -26.33 -71.53
CA VAL H 139 46.61 -24.93 -71.38
C VAL H 139 47.79 -24.21 -70.73
N GLN H 140 48.26 -23.15 -71.38
CA GLN H 140 49.46 -22.43 -70.97
C GLN H 140 49.16 -20.95 -70.87
N ILE H 141 49.88 -20.28 -69.96
CA ILE H 141 49.75 -18.85 -69.76
C ILE H 141 51.14 -18.22 -69.82
N GLN H 142 51.18 -16.93 -70.12
CA GLN H 142 52.44 -16.19 -70.23
C GLN H 142 52.82 -15.65 -68.86
N ARG H 143 53.95 -16.11 -68.33
CA ARG H 143 54.45 -15.67 -67.03
C ARG H 143 55.95 -15.43 -67.14
N ASN H 144 56.46 -14.57 -66.26
CA ASN H 144 57.88 -14.22 -66.15
C ASN H 144 58.55 -14.01 -67.50
N GLY H 145 57.77 -13.51 -68.47
CA GLY H 145 58.28 -13.27 -69.80
C GLY H 145 58.48 -14.50 -70.64
N GLY H 146 58.02 -15.67 -70.18
CA GLY H 146 58.18 -16.90 -70.92
C GLY H 146 56.87 -17.65 -71.03
N TRP H 147 56.87 -18.66 -71.90
CA TRP H 147 55.70 -19.49 -72.15
C TRP H 147 56.02 -20.90 -71.69
N VAL H 148 55.38 -21.35 -70.61
CA VAL H 148 55.58 -22.68 -70.08
C VAL H 148 54.21 -23.27 -69.73
N THR H 149 54.10 -24.58 -69.85
CA THR H 149 52.82 -25.25 -69.63
C THR H 149 52.31 -25.01 -68.22
N GLU H 150 51.04 -24.64 -68.10
CA GLU H 150 50.41 -24.40 -66.82
C GLU H 150 49.59 -25.58 -66.34
N LYS H 151 48.74 -26.15 -67.20
CA LYS H 151 47.91 -27.27 -66.81
C LYS H 151 47.69 -28.17 -68.01
N ASP H 152 47.39 -29.43 -67.74
CA ASP H 152 47.08 -30.42 -68.76
C ASP H 152 45.69 -30.98 -68.51
N ILE H 153 45.10 -31.56 -69.56
CA ILE H 153 43.80 -32.21 -69.48
C ILE H 153 43.84 -33.44 -70.38
N THR H 154 43.22 -34.53 -69.90
CA THR H 154 43.10 -35.75 -70.69
C THR H 154 41.71 -36.34 -70.53
N ILE H 155 41.15 -36.82 -71.64
CA ILE H 155 39.82 -37.41 -71.68
C ILE H 155 39.92 -38.77 -72.34
N LYS H 156 39.34 -39.78 -71.71
CA LYS H 156 39.45 -41.17 -72.17
C LYS H 156 38.08 -41.86 -72.09
N GLY H 157 37.04 -41.20 -72.54
CA GLY H 157 35.71 -41.75 -72.46
C GLY H 157 35.03 -41.79 -73.82
N LYS H 158 34.11 -42.75 -73.96
CA LYS H 158 33.32 -42.87 -75.18
C LYS H 158 32.11 -41.96 -75.10
N THR H 159 32.08 -40.94 -75.95
CA THR H 159 31.00 -39.95 -75.91
C THR H 159 30.80 -39.41 -77.32
N THR H 160 29.56 -39.44 -77.80
CA THR H 160 29.22 -38.86 -79.09
C THR H 160 28.57 -37.49 -78.97
N SER H 161 28.38 -36.99 -77.76
CA SER H 161 27.79 -35.67 -77.54
C SER H 161 28.86 -34.65 -77.21
N GLN H 162 28.52 -33.38 -77.41
CA GLN H 162 29.43 -32.25 -77.18
C GLN H 162 29.58 -32.06 -75.68
N TYR H 163 30.61 -32.67 -75.12
CA TYR H 163 30.86 -32.59 -73.68
C TYR H 163 31.74 -31.38 -73.38
N LEU H 164 31.26 -30.47 -72.54
CA LEU H 164 32.00 -29.29 -72.15
C LEU H 164 32.38 -29.39 -70.68
N ALA H 165 33.67 -29.34 -70.40
CA ALA H 165 34.21 -29.40 -69.05
C ALA H 165 34.84 -28.08 -68.67
N SER H 166 35.12 -27.92 -67.37
CA SER H 166 35.66 -26.68 -66.85
C SER H 166 36.80 -26.99 -65.88
N VAL H 167 37.86 -26.20 -65.95
CA VAL H 167 39.01 -26.30 -65.06
C VAL H 167 39.32 -24.94 -64.48
N VAL H 168 39.53 -24.88 -63.17
CA VAL H 168 39.79 -23.63 -62.46
C VAL H 168 41.27 -23.56 -62.12
N MET H 169 41.85 -22.37 -62.28
CA MET H 169 43.24 -22.15 -61.92
C MET H 169 43.34 -20.82 -61.17
N GLY H 170 44.34 -20.73 -60.31
CA GLY H 170 44.57 -19.53 -59.54
C GLY H 170 45.59 -18.63 -60.20
N ASN H 171 45.19 -17.40 -60.52
CA ASN H 171 46.03 -16.48 -61.26
C ASN H 171 47.01 -15.80 -60.31
N LEU H 172 48.21 -16.35 -60.21
CA LEU H 172 49.27 -15.73 -59.43
C LEU H 172 49.94 -14.56 -60.16
N PRO H 173 50.33 -14.69 -61.45
CA PRO H 173 51.00 -13.58 -62.12
C PRO H 173 50.10 -12.36 -62.23
N PRO H 174 50.63 -11.16 -61.98
CA PRO H 174 49.86 -9.93 -62.19
C PRO H 174 50.03 -9.41 -63.60
N ARG H 175 49.36 -8.28 -63.91
CA ARG H 175 49.51 -7.54 -65.17
C ARG H 175 48.89 -8.33 -66.33
N PRO H 176 48.30 -7.66 -67.31
CA PRO H 176 47.70 -8.39 -68.43
C PRO H 176 48.69 -9.33 -69.11
N PHE H 177 48.24 -10.55 -69.40
CA PHE H 177 49.09 -11.53 -70.07
C PHE H 177 48.33 -12.25 -71.17
N ASN H 178 48.89 -13.33 -71.68
CA ASN H 178 48.29 -14.11 -72.76
C ASN H 178 48.05 -15.55 -72.30
N ILE H 179 47.03 -16.16 -72.90
CA ILE H 179 46.58 -17.51 -72.57
C ILE H 179 46.32 -18.28 -73.85
N ARG H 180 46.76 -19.53 -73.90
CA ARG H 180 46.61 -20.36 -75.08
C ARG H 180 46.39 -21.81 -74.67
N MET H 181 45.95 -22.64 -75.62
CA MET H 181 46.01 -24.09 -75.47
C MET H 181 46.49 -24.72 -76.77
N ARG H 182 46.99 -25.94 -76.63
CA ARG H 182 47.48 -26.74 -77.74
C ARG H 182 46.93 -28.15 -77.60
N ARG H 183 46.87 -28.84 -78.74
CA ARG H 183 46.37 -30.21 -78.83
C ARG H 183 47.48 -31.14 -79.26
N MET H 184 47.78 -32.14 -78.43
CA MET H 184 48.76 -33.17 -78.77
C MET H 184 48.23 -34.15 -79.82
N THR H 185 46.96 -34.53 -79.70
CA THR H 185 46.42 -35.52 -80.63
C THR H 185 46.43 -34.98 -82.05
N PRO H 186 47.05 -35.67 -83.00
CA PRO H 186 47.08 -35.16 -84.37
C PRO H 186 45.68 -35.07 -84.96
N ASP H 187 45.51 -34.15 -85.90
CA ASP H 187 44.21 -33.92 -86.51
C ASP H 187 43.71 -35.19 -87.19
N SER H 188 42.39 -35.24 -87.37
CA SER H 188 41.77 -36.41 -87.99
C SER H 188 42.21 -36.53 -89.44
N THR H 189 42.50 -37.76 -89.86
CA THR H 189 42.86 -38.05 -91.24
C THR H 189 41.71 -38.62 -92.04
N THR H 190 40.89 -39.46 -91.42
CA THR H 190 39.71 -40.03 -92.07
C THR H 190 38.46 -39.46 -91.41
N ASP H 191 37.31 -39.94 -91.85
CA ASP H 191 36.04 -39.59 -91.23
C ASP H 191 35.68 -40.53 -90.09
N GLN H 192 36.47 -41.56 -89.84
CA GLN H 192 36.17 -42.53 -88.78
C GLN H 192 36.50 -42.00 -87.40
N LEU H 193 37.32 -40.97 -87.29
CA LEU H 193 37.65 -40.35 -86.02
C LEU H 193 37.23 -38.88 -86.06
N GLN H 194 36.59 -38.42 -84.99
CA GLN H 194 36.09 -37.06 -84.95
C GLN H 194 36.35 -36.40 -83.60
N ASN H 195 37.53 -36.64 -83.02
CA ASN H 195 37.88 -36.05 -81.72
C ASN H 195 38.23 -34.58 -81.93
N LYS H 196 37.19 -33.77 -82.07
CA LYS H 196 37.33 -32.33 -82.23
C LYS H 196 37.16 -31.65 -80.89
N THR H 197 38.09 -30.78 -80.54
CA THR H 197 38.07 -30.03 -79.29
C THR H 197 38.00 -28.54 -79.61
N LEU H 198 37.30 -27.79 -78.76
CA LEU H 198 37.11 -26.37 -79.00
C LEU H 198 37.15 -25.59 -77.70
N TRP H 199 37.54 -24.32 -77.84
CA TRP H 199 37.46 -23.35 -76.75
C TRP H 199 35.99 -23.03 -76.45
N SER H 200 35.69 -22.85 -75.17
CA SER H 200 34.37 -22.41 -74.76
C SER H 200 34.53 -21.25 -73.78
N SER H 201 33.41 -20.73 -73.30
CA SER H 201 33.40 -19.50 -72.52
C SER H 201 34.33 -19.61 -71.31
N TYR H 202 35.16 -18.60 -71.12
CA TYR H 202 36.03 -18.54 -69.96
C TYR H 202 35.52 -17.50 -68.98
N THR H 203 35.71 -17.77 -67.70
CA THR H 203 35.10 -16.97 -66.64
C THR H 203 36.20 -16.48 -65.70
N GLU H 204 36.23 -15.17 -65.46
CA GLU H 204 37.14 -14.59 -64.48
C GLU H 204 36.36 -14.37 -63.18
N ILE H 205 36.82 -15.01 -62.10
CA ILE H 205 36.08 -15.01 -60.84
C ILE H 205 36.89 -14.26 -59.79
N ILE H 206 36.17 -13.46 -59.00
CA ILE H 206 36.72 -12.63 -57.95
C ILE H 206 36.17 -13.14 -56.62
N ASP H 207 37.07 -13.54 -55.72
CA ASP H 207 36.66 -14.05 -54.43
C ASP H 207 36.21 -12.92 -53.52
N VAL H 208 35.68 -13.30 -52.36
CA VAL H 208 35.14 -12.33 -51.42
C VAL H 208 36.29 -11.67 -50.68
N LYS H 209 36.43 -10.35 -50.85
CA LYS H 209 37.43 -9.59 -50.12
C LYS H 209 36.97 -9.20 -48.74
N GLN H 210 35.68 -9.33 -48.43
CA GLN H 210 35.16 -8.94 -47.14
C GLN H 210 35.66 -9.92 -46.08
N CYS H 211 36.66 -9.52 -45.31
CA CYS H 211 37.18 -10.37 -44.27
C CYS H 211 36.23 -10.33 -43.07
N TYR H 212 36.61 -10.99 -41.99
CA TYR H 212 35.80 -10.96 -40.78
C TYR H 212 36.72 -10.62 -39.61
N PRO H 213 36.52 -9.49 -38.96
CA PRO H 213 37.54 -9.00 -38.02
C PRO H 213 37.71 -9.85 -36.78
N ASN H 214 36.62 -10.18 -36.08
CA ASN H 214 36.78 -10.84 -34.79
C ASN H 214 35.78 -11.97 -34.59
N THR H 215 35.36 -12.64 -35.65
CA THR H 215 34.43 -13.76 -35.57
C THR H 215 35.09 -15.02 -36.10
N ALA H 216 34.96 -16.11 -35.35
CA ALA H 216 35.47 -17.39 -35.81
C ALA H 216 34.49 -18.05 -36.78
N LEU H 217 35.02 -18.61 -37.86
CA LEU H 217 34.17 -19.17 -38.91
C LEU H 217 34.84 -20.38 -39.52
N VAL H 218 34.01 -21.24 -40.12
CA VAL H 218 34.46 -22.42 -40.84
C VAL H 218 33.75 -22.48 -42.19
N GLY H 219 34.51 -22.70 -43.25
CA GLY H 219 33.95 -22.86 -44.56
C GLY H 219 34.15 -24.28 -45.06
N VAL H 220 33.06 -24.93 -45.48
CA VAL H 220 33.11 -26.34 -45.86
C VAL H 220 32.50 -26.49 -47.26
N GLN H 221 33.20 -27.21 -48.12
CA GLN H 221 32.74 -27.55 -49.46
C GLN H 221 32.73 -29.06 -49.61
N VAL H 222 31.56 -29.60 -50.01
CA VAL H 222 31.34 -31.03 -50.14
C VAL H 222 30.69 -31.29 -51.48
N ASP H 223 31.06 -32.40 -52.12
CA ASP H 223 30.49 -32.72 -53.42
C ASP H 223 28.97 -32.90 -53.35
N SER H 224 28.47 -33.33 -52.20
CA SER H 224 27.02 -33.44 -51.95
C SER H 224 26.32 -34.34 -52.97
N GLU H 225 26.99 -35.39 -53.40
CA GLU H 225 26.39 -36.37 -54.30
C GLU H 225 25.89 -37.60 -53.54
N GLN H 226 26.68 -38.08 -52.58
CA GLN H 226 26.31 -39.25 -51.80
C GLN H 226 25.30 -38.93 -50.70
N PHE H 227 24.97 -37.66 -50.48
CA PHE H 227 23.98 -37.28 -49.51
C PHE H 227 22.58 -37.34 -50.12
N GLY H 228 21.57 -37.27 -49.26
CA GLY H 228 20.19 -37.30 -49.71
C GLY H 228 19.75 -35.98 -50.29
N SER H 229 18.52 -35.99 -50.81
CA SER H 229 17.97 -34.77 -51.42
C SER H 229 17.79 -33.65 -50.40
N GLN H 230 17.76 -33.98 -49.11
CA GLN H 230 17.59 -32.98 -48.08
C GLN H 230 18.90 -32.26 -47.81
N GLN H 231 18.86 -31.27 -46.92
CA GLN H 231 20.05 -30.55 -46.52
C GLN H 231 20.89 -31.41 -45.58
N VAL H 232 22.08 -30.91 -45.25
CA VAL H 232 23.01 -31.61 -44.37
C VAL H 232 23.34 -30.70 -43.19
N SER H 233 23.22 -31.24 -41.98
CA SER H 233 23.50 -30.48 -40.77
C SER H 233 24.99 -30.58 -40.45
N ARG H 234 25.58 -29.45 -40.09
CA ARG H 234 27.00 -29.37 -39.77
C ARG H 234 27.14 -29.16 -38.26
N ASN H 235 27.82 -30.10 -37.60
CA ASN H 235 28.16 -29.97 -36.19
C ASN H 235 29.67 -30.01 -36.04
N TYR H 236 30.20 -29.14 -35.18
CA TYR H 236 31.64 -29.01 -34.99
C TYR H 236 32.00 -29.23 -33.53
N HIS H 237 33.07 -29.97 -33.31
CA HIS H 237 33.55 -30.32 -31.97
C HIS H 237 34.73 -29.40 -31.67
N LEU H 238 34.43 -28.21 -31.19
CA LEU H 238 35.42 -27.15 -31.03
C LEU H 238 35.77 -26.95 -29.57
N ARG H 239 36.89 -26.25 -29.35
CA ARG H 239 37.33 -25.91 -28.01
C ARG H 239 36.73 -24.57 -27.61
N GLY H 240 37.19 -24.03 -26.49
CA GLY H 240 36.65 -22.79 -25.96
C GLY H 240 37.34 -21.57 -26.52
N ARG H 241 37.17 -20.46 -25.81
CA ARG H 241 37.69 -19.17 -26.22
C ARG H 241 38.88 -18.79 -25.34
N ILE H 242 39.91 -18.22 -25.98
CA ILE H 242 41.09 -17.74 -25.26
C ILE H 242 40.65 -16.68 -24.25
N LEU H 243 40.95 -16.92 -22.98
CA LEU H 243 40.59 -16.01 -21.90
C LEU H 243 41.84 -15.39 -21.29
N GLN H 244 41.63 -14.31 -20.55
CA GLN H 244 42.70 -13.70 -19.78
C GLN H 244 42.81 -14.39 -18.43
N VAL H 245 43.98 -14.93 -18.12
CA VAL H 245 44.19 -15.78 -16.96
C VAL H 245 45.40 -15.28 -16.20
N PRO H 246 45.42 -15.36 -14.87
CA PRO H 246 46.59 -14.88 -14.12
C PRO H 246 47.86 -15.65 -14.48
N SER H 247 48.99 -14.95 -14.42
CA SER H 247 50.26 -15.55 -14.80
C SER H 247 50.61 -16.72 -13.89
N ASN H 248 50.22 -16.64 -12.62
CA ASN H 248 50.48 -17.72 -11.68
C ASN H 248 49.75 -19.00 -12.06
N TYR H 249 48.71 -18.91 -12.86
CA TYR H 249 47.84 -20.05 -13.15
C TYR H 249 48.39 -20.87 -14.30
N ASN H 250 48.40 -22.19 -14.13
CA ASN H 250 48.71 -23.10 -15.22
C ASN H 250 47.41 -23.72 -15.72
N PRO H 251 46.99 -23.46 -16.96
CA PRO H 251 45.69 -23.95 -17.43
C PRO H 251 45.69 -25.40 -17.87
N GLN H 252 46.79 -26.13 -17.69
CA GLN H 252 46.87 -27.53 -18.07
C GLN H 252 46.60 -28.46 -16.90
N THR H 253 47.33 -28.29 -15.81
CA THR H 253 47.16 -29.12 -14.62
C THR H 253 46.44 -28.38 -13.50
N ARG H 254 46.15 -27.09 -13.67
CA ARG H 254 45.46 -26.28 -12.67
C ARG H 254 46.23 -26.27 -11.35
N GLN H 255 47.48 -25.83 -11.42
CA GLN H 255 48.35 -25.76 -10.27
C GLN H 255 48.82 -24.33 -10.08
N TYR H 256 48.70 -23.83 -8.85
CA TYR H 256 49.18 -22.51 -8.48
C TYR H 256 50.54 -22.63 -7.82
N SER H 257 51.44 -21.69 -8.16
CA SER H 257 52.80 -21.75 -7.62
C SER H 257 53.28 -20.32 -7.43
N GLY H 258 53.12 -19.79 -6.22
CA GLY H 258 53.62 -18.49 -5.86
C GLY H 258 52.52 -17.48 -5.64
N ILE H 259 52.95 -16.28 -5.25
CA ILE H 259 52.04 -15.16 -5.04
C ILE H 259 51.68 -14.55 -6.39
N TRP H 260 50.42 -14.15 -6.53
CA TRP H 260 49.91 -13.62 -7.79
C TRP H 260 49.81 -12.10 -7.72
N ASP H 261 50.23 -11.44 -8.80
CA ASP H 261 50.09 -10.00 -8.95
C ASP H 261 49.15 -9.71 -10.11
N GLY H 262 48.72 -8.46 -10.22
CA GLY H 262 47.70 -8.11 -11.19
C GLY H 262 48.18 -8.14 -12.62
N THR H 263 48.53 -9.34 -13.10
CA THR H 263 48.98 -9.55 -14.47
C THR H 263 48.09 -10.60 -15.12
N PHE H 264 47.80 -10.40 -16.40
CA PHE H 264 46.95 -11.31 -17.16
C PHE H 264 47.68 -11.75 -18.42
N LYS H 265 47.50 -13.00 -18.80
CA LYS H 265 48.03 -13.51 -20.06
C LYS H 265 46.91 -14.19 -20.84
N PRO H 266 46.99 -14.18 -22.17
CA PRO H 266 45.95 -14.84 -22.98
C PRO H 266 46.25 -16.32 -23.10
N ALA H 267 45.37 -17.15 -22.58
CA ALA H 267 45.53 -18.60 -22.65
C ALA H 267 44.15 -19.24 -22.66
N TYR H 268 44.10 -20.49 -23.12
CA TYR H 268 42.86 -21.24 -23.07
C TYR H 268 42.58 -21.68 -21.66
N SER H 269 41.30 -21.65 -21.27
CA SER H 269 40.89 -22.12 -19.96
C SER H 269 39.39 -22.35 -19.97
N ASN H 270 38.94 -23.20 -19.05
CA ASN H 270 37.52 -23.42 -18.81
C ASN H 270 37.17 -23.22 -17.35
N ASN H 271 37.97 -22.44 -16.63
CA ASN H 271 37.71 -22.19 -15.22
C ASN H 271 36.49 -21.31 -15.04
N MET H 272 35.80 -21.49 -13.92
CA MET H 272 34.54 -20.79 -13.69
C MET H 272 34.75 -19.32 -13.40
N ALA H 273 35.67 -19.01 -12.49
CA ALA H 273 35.85 -17.63 -12.03
C ALA H 273 36.30 -16.73 -13.17
N TRP H 274 37.28 -17.18 -13.96
CA TRP H 274 37.75 -16.37 -15.06
C TRP H 274 36.78 -16.35 -16.22
N CYS H 275 35.95 -17.39 -16.35
CA CYS H 275 34.79 -17.31 -17.23
C CYS H 275 33.92 -16.13 -16.86
N LEU H 276 33.59 -16.00 -15.58
CA LEU H 276 32.79 -14.87 -15.13
C LEU H 276 33.54 -13.55 -15.30
N TRP H 277 34.85 -13.56 -15.10
CA TRP H 277 35.64 -12.35 -15.28
C TRP H 277 35.57 -11.84 -16.71
N ASP H 278 35.70 -12.74 -17.68
CA ASP H 278 35.53 -12.35 -19.08
C ASP H 278 34.09 -11.95 -19.37
N MET H 279 33.13 -12.58 -18.68
CA MET H 279 31.73 -12.21 -18.83
C MET H 279 31.50 -10.76 -18.41
N LEU H 280 32.10 -10.34 -17.29
CA LEU H 280 31.81 -9.01 -16.74
C LEU H 280 32.56 -7.92 -17.48
N THR H 281 33.88 -7.95 -17.46
CA THR H 281 34.70 -6.90 -18.02
C THR H 281 35.26 -7.35 -19.37
N HIS H 282 34.75 -6.76 -20.44
CA HIS H 282 35.28 -6.96 -21.78
C HIS H 282 34.71 -5.90 -22.71
N PRO H 283 35.52 -5.27 -23.54
CA PRO H 283 34.98 -4.32 -24.51
C PRO H 283 34.23 -5.03 -25.62
N ARG H 284 33.82 -4.29 -26.65
CA ARG H 284 33.15 -4.85 -27.81
C ARG H 284 31.77 -5.38 -27.43
N TYR H 285 31.70 -6.55 -26.79
CA TYR H 285 30.43 -7.19 -26.49
C TYR H 285 30.20 -7.50 -25.03
N GLY H 286 31.23 -7.45 -24.18
CA GLY H 286 31.05 -7.86 -22.80
C GLY H 286 30.71 -6.75 -21.83
N MET H 287 29.93 -5.78 -22.30
CA MET H 287 29.52 -4.59 -21.53
C MET H 287 30.66 -4.01 -20.68
N GLY H 288 31.87 -3.98 -21.23
CA GLY H 288 32.97 -3.35 -20.55
C GLY H 288 33.05 -1.85 -20.72
N LYS H 289 32.13 -1.26 -21.49
CA LYS H 289 32.18 0.17 -21.72
C LYS H 289 31.63 0.97 -20.54
N ARG H 290 30.94 0.33 -19.60
CA ARG H 290 30.46 1.04 -18.44
C ARG H 290 31.38 0.88 -17.23
N LEU H 291 31.76 -0.36 -16.93
CA LEU H 291 32.64 -0.66 -15.81
C LEU H 291 33.99 -1.14 -16.32
N GLY H 292 35.05 -0.70 -15.66
CA GLY H 292 36.40 -1.06 -16.02
C GLY H 292 36.90 -2.26 -15.26
N ALA H 293 38.23 -2.33 -15.13
CA ALA H 293 38.87 -3.41 -14.39
C ALA H 293 39.04 -3.08 -12.91
N ALA H 294 38.67 -1.88 -12.47
CA ALA H 294 38.81 -1.49 -11.08
C ALA H 294 37.50 -1.55 -10.31
N ASP H 295 36.38 -1.86 -10.97
CA ASP H 295 35.10 -1.93 -10.29
C ASP H 295 34.72 -3.34 -9.86
N VAL H 296 35.55 -4.34 -10.15
CA VAL H 296 35.26 -5.72 -9.80
C VAL H 296 36.41 -6.29 -8.99
N ASP H 297 36.08 -7.00 -7.92
CA ASP H 297 37.05 -7.53 -6.98
C ASP H 297 37.73 -8.73 -7.62
N LYS H 298 38.87 -8.49 -8.28
CA LYS H 298 39.55 -9.58 -8.96
C LYS H 298 40.18 -10.56 -7.97
N TRP H 299 40.49 -10.11 -6.76
CA TRP H 299 41.09 -11.02 -5.78
C TRP H 299 40.07 -12.03 -5.27
N ALA H 300 38.82 -11.60 -5.09
CA ALA H 300 37.77 -12.55 -4.77
C ALA H 300 37.61 -13.57 -5.89
N LEU H 301 37.74 -13.12 -7.15
CA LEU H 301 37.68 -14.04 -8.27
C LEU H 301 38.83 -15.03 -8.22
N TYR H 302 40.03 -14.57 -7.86
CA TYR H 302 41.17 -15.47 -7.74
C TYR H 302 40.93 -16.51 -6.65
N VAL H 303 40.39 -16.09 -5.51
CA VAL H 303 40.10 -17.04 -4.44
C VAL H 303 39.06 -18.06 -4.89
N ILE H 304 38.02 -17.60 -5.59
CA ILE H 304 37.00 -18.50 -6.09
C ILE H 304 37.61 -19.51 -7.05
N GLY H 305 38.41 -19.04 -8.00
CA GLY H 305 39.04 -19.94 -8.96
C GLY H 305 39.96 -20.95 -8.28
N GLN H 306 40.66 -20.52 -7.24
CA GLN H 306 41.47 -21.46 -6.47
C GLN H 306 40.60 -22.50 -5.78
N TYR H 307 39.41 -22.10 -5.33
CA TYR H 307 38.50 -23.02 -4.67
C TYR H 307 37.80 -23.97 -5.64
N CYS H 308 37.66 -23.58 -6.91
CA CYS H 308 36.90 -24.36 -7.86
C CYS H 308 37.65 -25.57 -8.40
N ASP H 309 38.92 -25.74 -8.05
CA ASP H 309 39.73 -26.87 -8.50
C ASP H 309 40.25 -27.60 -7.26
N GLN H 310 39.46 -28.55 -6.76
CA GLN H 310 39.83 -29.30 -5.57
C GLN H 310 39.88 -30.80 -5.78
N SER H 311 39.63 -31.29 -7.00
CA SER H 311 39.69 -32.71 -7.31
C SER H 311 38.79 -33.52 -6.39
N VAL H 312 37.49 -33.24 -6.47
CA VAL H 312 36.50 -33.96 -5.68
C VAL H 312 36.28 -35.34 -6.31
N PRO H 313 35.95 -36.37 -5.53
CA PRO H 313 35.75 -37.69 -6.13
C PRO H 313 34.44 -37.76 -6.91
N ASP H 314 34.44 -38.57 -7.96
CA ASP H 314 33.24 -38.88 -8.71
C ASP H 314 32.78 -40.32 -8.43
N GLY H 315 31.65 -40.69 -9.05
CA GLY H 315 31.12 -42.02 -8.83
C GLY H 315 31.85 -43.11 -9.60
N PHE H 316 32.64 -42.73 -10.60
CA PHE H 316 33.43 -43.68 -11.36
C PHE H 316 34.82 -43.89 -10.76
N GLY H 317 35.12 -43.26 -9.64
CA GLY H 317 36.40 -43.41 -8.99
C GLY H 317 37.45 -42.39 -9.35
N GLY H 318 37.14 -41.47 -10.27
CA GLY H 318 38.11 -40.49 -10.71
C GLY H 318 38.09 -39.23 -9.85
N THR H 319 38.99 -38.32 -10.20
CA THR H 319 39.12 -37.03 -9.54
C THR H 319 38.92 -35.95 -10.59
N GLU H 320 37.93 -35.10 -10.39
CA GLU H 320 37.66 -34.04 -11.34
C GLU H 320 37.40 -32.73 -10.62
N PRO H 321 37.60 -31.60 -11.30
CA PRO H 321 37.29 -30.31 -10.67
C PRO H 321 35.80 -30.17 -10.37
N ARG H 322 35.50 -29.38 -9.34
CA ARG H 322 34.13 -29.29 -8.85
C ARG H 322 33.19 -28.72 -9.90
N ILE H 323 33.52 -27.55 -10.46
CA ILE H 323 32.66 -26.88 -11.43
C ILE H 323 33.49 -26.40 -12.61
N THR H 324 32.84 -26.29 -13.76
CA THR H 324 33.51 -25.91 -15.00
C THR H 324 32.50 -25.51 -16.07
N CYS H 325 32.66 -24.34 -16.67
CA CYS H 325 31.82 -23.97 -17.81
C CYS H 325 32.11 -24.85 -19.01
N ASN H 326 31.04 -25.31 -19.65
CA ASN H 326 31.10 -25.83 -21.00
C ASN H 326 29.90 -25.30 -21.78
N ALA H 327 29.62 -24.02 -21.63
CA ALA H 327 28.38 -23.44 -22.11
C ALA H 327 28.54 -22.88 -23.52
N TYR H 328 27.39 -22.66 -24.16
CA TYR H 328 27.33 -22.06 -25.49
C TYR H 328 26.13 -21.13 -25.50
N LEU H 329 26.38 -19.87 -25.14
CA LEU H 329 25.31 -18.88 -25.12
C LEU H 329 24.96 -18.50 -26.55
N THR H 330 23.67 -18.61 -26.90
CA THR H 330 23.27 -18.38 -28.28
C THR H 330 22.00 -17.55 -28.41
N THR H 331 21.48 -17.01 -27.31
CA THR H 331 20.27 -16.20 -27.35
C THR H 331 20.51 -14.92 -26.57
N GLN H 332 19.90 -13.83 -27.04
CA GLN H 332 20.06 -12.53 -26.40
C GLN H 332 19.11 -12.43 -25.21
N ARG H 333 19.67 -12.37 -24.01
CA ARG H 333 18.89 -12.25 -22.78
C ARG H 333 19.50 -11.16 -21.92
N LYS H 334 18.77 -10.79 -20.86
CA LYS H 334 19.22 -9.72 -19.99
C LYS H 334 20.54 -10.09 -19.34
N ALA H 335 21.44 -9.10 -19.23
CA ALA H 335 22.74 -9.34 -18.61
C ALA H 335 22.59 -9.77 -17.16
N TRP H 336 21.60 -9.20 -16.46
CA TRP H 336 21.35 -9.60 -15.09
C TRP H 336 21.01 -11.08 -15.00
N ASP H 337 20.24 -11.57 -15.98
CA ASP H 337 19.86 -12.98 -15.98
C ASP H 337 21.09 -13.88 -16.14
N VAL H 338 21.99 -13.53 -17.06
CA VAL H 338 23.19 -14.32 -17.26
C VAL H 338 24.07 -14.28 -16.02
N LEU H 339 24.20 -13.11 -15.40
CA LEU H 339 24.99 -13.01 -14.18
C LEU H 339 24.40 -13.85 -13.06
N SER H 340 23.07 -13.85 -12.94
CA SER H 340 22.42 -14.66 -11.92
C SER H 340 22.64 -16.14 -12.18
N ASP H 341 22.56 -16.56 -13.44
CA ASP H 341 22.83 -17.96 -13.77
C ASP H 341 24.26 -18.35 -13.40
N PHE H 342 25.22 -17.49 -13.76
CA PHE H 342 26.61 -17.74 -13.40
C PHE H 342 26.76 -17.88 -11.89
N CYS H 343 26.25 -16.91 -11.13
CA CYS H 343 26.41 -16.94 -9.69
C CYS H 343 25.70 -18.14 -9.06
N SER H 344 24.60 -18.59 -9.64
CA SER H 344 23.99 -19.84 -9.19
C SER H 344 24.92 -21.02 -9.45
N ALA H 345 25.70 -20.96 -10.51
CA ALA H 345 26.62 -22.07 -10.79
C ALA H 345 27.70 -22.18 -9.71
N MET H 346 28.30 -21.06 -9.29
CA MET H 346 29.32 -21.14 -8.25
C MET H 346 28.76 -21.03 -6.85
N ARG H 347 27.44 -20.96 -6.70
CA ARG H 347 26.81 -20.75 -5.39
C ARG H 347 27.34 -19.47 -4.74
N CYS H 348 27.54 -18.44 -5.55
CA CYS H 348 28.06 -17.16 -5.09
C CYS H 348 26.94 -16.13 -5.06
N MET H 349 27.24 -14.98 -4.45
CA MET H 349 26.31 -13.88 -4.35
C MET H 349 27.11 -12.59 -4.56
N PRO H 350 26.67 -11.71 -5.46
CA PRO H 350 27.38 -10.45 -5.70
C PRO H 350 26.84 -9.29 -4.89
N VAL H 351 27.75 -8.47 -4.38
CA VAL H 351 27.40 -7.30 -3.57
C VAL H 351 28.35 -6.16 -3.88
N TRP H 352 27.82 -4.94 -3.79
CA TRP H 352 28.63 -3.72 -3.92
C TRP H 352 29.19 -3.39 -2.56
N ASN H 353 30.32 -4.00 -2.23
CA ASN H 353 30.94 -3.86 -0.91
C ASN H 353 32.26 -3.13 -1.07
N GLY H 354 32.50 -2.16 -0.17
CA GLY H 354 33.76 -1.46 -0.16
C GLY H 354 34.10 -0.85 -1.50
N GLN H 355 33.14 -0.11 -2.06
CA GLN H 355 33.25 0.53 -3.38
C GLN H 355 33.81 -0.42 -4.44
N THR H 356 33.46 -1.72 -4.33
CA THR H 356 33.85 -2.68 -5.35
C THR H 356 32.80 -3.78 -5.41
N LEU H 357 32.57 -4.30 -6.61
CA LEU H 357 31.65 -5.43 -6.78
C LEU H 357 32.40 -6.71 -6.42
N THR H 358 31.97 -7.38 -5.35
CA THR H 358 32.63 -8.59 -4.89
C THR H 358 31.62 -9.74 -4.85
N PHE H 359 32.16 -10.95 -4.78
CA PHE H 359 31.36 -12.17 -4.80
C PHE H 359 31.69 -12.99 -3.57
N VAL H 360 30.67 -13.54 -2.92
CA VAL H 360 30.85 -14.35 -1.73
C VAL H 360 30.15 -15.69 -1.88
N GLN H 361 30.86 -16.76 -1.56
CA GLN H 361 30.35 -18.11 -1.74
C GLN H 361 30.11 -18.77 -0.39
N ASP H 362 29.50 -19.95 -0.44
CA ASP H 362 29.21 -20.72 0.76
C ASP H 362 30.39 -21.62 1.11
N ARG H 363 31.46 -20.98 1.57
CA ARG H 363 32.68 -21.65 1.94
C ARG H 363 32.89 -21.55 3.45
N PRO H 364 33.27 -22.64 4.11
CA PRO H 364 33.52 -22.56 5.56
C PRO H 364 34.68 -21.62 5.87
N SER H 365 34.41 -20.67 6.78
CA SER H 365 35.43 -19.70 7.17
C SER H 365 35.47 -19.54 8.69
N ASP H 366 36.29 -18.62 9.17
CA ASP H 366 36.49 -18.41 10.59
C ASP H 366 35.69 -17.21 11.08
N LYS H 367 35.35 -17.24 12.36
CA LYS H 367 34.59 -16.16 12.97
C LYS H 367 35.36 -14.84 12.90
N THR H 368 34.63 -13.75 12.67
CA THR H 368 35.21 -12.43 12.57
C THR H 368 35.05 -11.61 13.86
N TRP H 369 33.80 -11.43 14.31
CA TRP H 369 33.53 -10.68 15.52
C TRP H 369 32.44 -11.41 16.29
N THR H 370 32.20 -10.99 17.52
CA THR H 370 31.19 -11.63 18.37
C THR H 370 30.30 -10.59 19.02
N TYR H 371 29.04 -10.96 19.26
CA TYR H 371 28.05 -10.07 19.84
C TYR H 371 27.37 -10.75 21.03
N ASN H 372 27.00 -9.94 22.02
CA ASN H 372 26.26 -10.43 23.17
C ASN H 372 25.01 -9.59 23.38
N ARG H 373 24.35 -9.78 24.53
CA ARG H 373 23.11 -9.07 24.82
C ARG H 373 23.31 -7.60 25.16
N SER H 374 24.55 -7.13 25.25
CA SER H 374 24.82 -5.75 25.60
C SER H 374 25.12 -4.88 24.38
N ASN H 375 25.77 -5.44 23.35
CA ASN H 375 26.02 -4.67 22.14
C ASN H 375 24.78 -4.46 21.29
N VAL H 376 23.67 -5.12 21.62
CA VAL H 376 22.41 -4.94 20.90
C VAL H 376 21.51 -3.98 21.65
N VAL H 377 20.46 -3.48 20.98
CA VAL H 377 19.53 -2.53 21.56
C VAL H 377 18.10 -3.06 21.38
N MET H 378 17.34 -3.09 22.47
CA MET H 378 15.92 -3.43 22.38
C MET H 378 15.13 -2.16 22.06
N PRO H 379 14.41 -2.11 20.94
CA PRO H 379 13.71 -0.87 20.58
C PRO H 379 12.65 -0.45 21.59
N ASP H 380 11.62 -1.27 21.77
CA ASP H 380 10.59 -0.98 22.76
C ASP H 380 10.07 -2.20 23.51
N ASP H 381 10.30 -3.42 23.04
CA ASP H 381 9.62 -4.58 23.57
C ASP H 381 10.45 -5.36 24.58
N GLY H 382 11.77 -5.21 24.55
CA GLY H 382 12.66 -5.91 25.46
C GLY H 382 13.42 -7.04 24.81
N ALA H 383 12.98 -7.49 23.63
CA ALA H 383 13.65 -8.57 22.92
C ALA H 383 14.54 -7.98 21.85
N PRO H 384 15.86 -8.06 21.96
CA PRO H 384 16.74 -7.48 20.93
C PRO H 384 16.93 -8.39 19.72
N PHE H 385 16.86 -9.70 19.92
CA PHE H 385 17.03 -10.66 18.83
C PHE H 385 15.68 -11.19 18.37
N ARG H 386 15.46 -11.17 17.05
CA ARG H 386 14.22 -11.66 16.45
C ARG H 386 14.56 -12.81 15.52
N TYR H 387 14.20 -14.03 15.91
CA TYR H 387 14.51 -15.20 15.12
C TYR H 387 13.32 -15.60 14.25
N SER H 388 13.60 -16.36 13.20
CA SER H 388 12.57 -16.86 12.31
C SER H 388 13.09 -18.13 11.63
N PHE H 389 12.17 -18.94 11.15
CA PHE H 389 12.48 -20.23 10.55
C PHE H 389 11.79 -20.35 9.20
N SER H 390 12.21 -21.36 8.44
CA SER H 390 11.62 -21.61 7.14
C SER H 390 10.25 -22.27 7.30
N ALA H 391 9.62 -22.57 6.17
CA ALA H 391 8.28 -23.15 6.15
C ALA H 391 8.34 -24.61 5.74
N LEU H 392 7.28 -25.35 6.06
CA LEU H 392 7.23 -26.78 5.73
C LEU H 392 7.29 -26.99 4.23
N LYS H 393 6.51 -26.21 3.47
CA LYS H 393 6.49 -26.37 2.03
C LYS H 393 7.67 -25.70 1.34
N ASP H 394 8.49 -24.95 2.09
CA ASP H 394 9.66 -24.32 1.52
C ASP H 394 10.90 -25.20 1.62
N ARG H 395 10.84 -26.29 2.38
CA ARG H 395 12.00 -27.16 2.57
C ARG H 395 11.94 -28.29 1.56
N HIS H 396 12.78 -28.19 0.52
CA HIS H 396 12.77 -29.17 -0.55
C HIS H 396 13.61 -30.39 -0.20
N ASN H 397 13.15 -31.55 -0.67
CA ASN H 397 13.87 -32.80 -0.52
C ASN H 397 14.24 -33.44 -1.84
N ALA H 398 13.36 -33.42 -2.83
CA ALA H 398 13.61 -34.02 -4.13
C ALA H 398 13.84 -32.89 -5.14
N VAL H 399 14.97 -32.93 -5.83
CA VAL H 399 15.28 -31.98 -6.89
C VAL H 399 15.77 -32.74 -8.11
N GLU H 400 15.26 -32.35 -9.28
CA GLU H 400 15.69 -32.91 -10.55
C GLU H 400 16.45 -31.83 -11.30
N VAL H 401 17.66 -32.14 -11.74
CA VAL H 401 18.55 -31.17 -12.36
C VAL H 401 18.82 -31.60 -13.80
N ASN H 402 18.76 -30.65 -14.72
CA ASN H 402 19.01 -30.91 -16.13
C ASN H 402 20.47 -30.59 -16.45
N TRP H 403 21.16 -31.55 -17.07
CA TRP H 403 22.54 -31.38 -17.47
C TRP H 403 22.71 -31.99 -18.85
N ILE H 404 23.63 -31.43 -19.62
CA ILE H 404 23.92 -31.96 -20.94
C ILE H 404 24.88 -33.14 -20.80
N ASP H 405 24.65 -34.18 -21.58
CA ASP H 405 25.38 -35.44 -21.41
C ASP H 405 26.32 -35.65 -22.59
N PRO H 406 27.61 -35.32 -22.45
CA PRO H 406 28.52 -35.46 -23.59
C PRO H 406 28.74 -36.89 -24.02
N ASN H 407 28.41 -37.87 -23.18
CA ASN H 407 28.73 -39.25 -23.49
C ASN H 407 27.80 -39.78 -24.57
N ASN H 408 26.50 -39.84 -24.29
CA ASN H 408 25.57 -40.46 -25.22
C ASN H 408 25.45 -39.70 -26.54
N GLY H 409 24.84 -38.52 -26.51
CA GLY H 409 24.62 -37.78 -27.74
C GLY H 409 24.65 -36.27 -27.59
N TRP H 410 25.19 -35.79 -26.47
CA TRP H 410 25.13 -34.37 -26.12
C TRP H 410 23.69 -33.89 -26.09
N GLU H 411 22.87 -34.59 -25.31
CA GLU H 411 21.46 -34.28 -25.14
C GLU H 411 21.21 -33.94 -23.68
N THR H 412 20.08 -33.29 -23.42
CA THR H 412 19.71 -32.99 -22.04
C THR H 412 19.33 -34.27 -21.30
N ALA H 413 19.58 -34.28 -20.00
CA ALA H 413 19.24 -35.42 -19.17
C ALA H 413 18.95 -34.93 -17.75
N THR H 414 18.00 -35.59 -17.10
CA THR H 414 17.56 -35.21 -15.77
C THR H 414 18.11 -36.18 -14.75
N GLU H 415 18.75 -35.65 -13.72
CA GLU H 415 19.26 -36.43 -12.60
C GLU H 415 18.52 -36.03 -11.34
N LEU H 416 17.99 -37.01 -10.61
CA LEU H 416 17.13 -36.77 -9.47
C LEU H 416 17.87 -37.10 -8.18
N VAL H 417 17.77 -36.21 -7.20
CA VAL H 417 18.38 -36.42 -5.89
C VAL H 417 17.33 -36.17 -4.81
N GLU H 418 17.44 -36.95 -3.73
CA GLU H 418 16.50 -36.85 -2.62
C GLU H 418 17.14 -37.45 -1.37
N ASP H 419 16.44 -37.28 -0.25
CA ASP H 419 16.85 -37.81 1.05
C ASP H 419 15.72 -38.62 1.64
N THR H 420 16.06 -39.74 2.27
CA THR H 420 15.03 -40.63 2.82
C THR H 420 14.48 -40.10 4.14
N GLN H 421 15.37 -39.72 5.06
CA GLN H 421 14.93 -39.23 6.37
C GLN H 421 14.17 -37.92 6.23
N ALA H 422 14.58 -37.06 5.30
CA ALA H 422 13.81 -35.84 5.04
C ALA H 422 12.42 -36.16 4.51
N ILE H 423 12.31 -37.22 3.69
CA ILE H 423 11.00 -37.66 3.23
C ILE H 423 10.17 -38.16 4.40
N ALA H 424 10.80 -38.87 5.34
CA ALA H 424 10.05 -39.39 6.50
C ALA H 424 9.59 -38.25 7.41
N ARG H 425 10.40 -37.22 7.57
CA ARG H 425 10.07 -36.15 8.51
C ARG H 425 9.06 -35.17 7.91
N TYR H 426 9.42 -34.52 6.83
CA TYR H 426 8.55 -33.58 6.14
C TYR H 426 7.83 -34.30 5.01
N GLY H 427 7.17 -33.54 4.14
CA GLY H 427 6.59 -34.09 2.93
C GLY H 427 7.50 -33.93 1.73
N ARG H 428 7.29 -34.78 0.72
CA ARG H 428 8.07 -34.68 -0.50
C ARG H 428 7.76 -33.38 -1.23
N ASN H 429 8.81 -32.65 -1.59
CA ASN H 429 8.68 -31.38 -2.31
C ASN H 429 9.63 -31.39 -3.49
N VAL H 430 9.10 -31.58 -4.69
CA VAL H 430 9.91 -31.63 -5.89
C VAL H 430 10.28 -30.22 -6.32
N THR H 431 11.42 -30.10 -6.98
CA THR H 431 11.87 -28.82 -7.53
C THR H 431 12.72 -29.08 -8.75
N LYS H 432 12.62 -28.18 -9.72
CA LYS H 432 13.38 -28.26 -10.96
C LYS H 432 14.53 -27.28 -10.93
N MET H 433 15.68 -27.72 -11.44
CA MET H 433 16.88 -26.90 -11.50
C MET H 433 17.57 -27.09 -12.84
N ASP H 434 18.31 -26.07 -13.25
CA ASP H 434 19.15 -26.14 -14.45
C ASP H 434 20.60 -25.91 -14.02
N ALA H 435 21.45 -26.89 -14.27
CA ALA H 435 22.86 -26.80 -13.90
C ALA H 435 23.61 -26.17 -15.08
N PHE H 436 24.10 -24.96 -14.86
CA PHE H 436 24.79 -24.23 -15.92
C PHE H 436 26.04 -25.00 -16.34
N GLY H 437 26.23 -25.15 -17.65
CA GLY H 437 27.27 -26.01 -18.15
C GLY H 437 27.08 -27.44 -17.68
N CYS H 438 27.94 -27.88 -16.75
CA CYS H 438 27.78 -29.16 -16.07
C CYS H 438 27.67 -30.32 -17.06
N THR H 439 28.75 -30.62 -17.77
CA THR H 439 28.82 -31.79 -18.62
C THR H 439 29.34 -33.00 -17.87
N SER H 440 28.72 -33.31 -16.73
CA SER H 440 29.11 -34.47 -15.94
C SER H 440 27.99 -34.79 -14.96
N ARG H 441 27.70 -36.08 -14.81
CA ARG H 441 26.69 -36.50 -13.85
C ARG H 441 27.09 -36.12 -12.44
N GLY H 442 28.38 -36.26 -12.12
CA GLY H 442 28.84 -35.96 -10.77
C GLY H 442 28.59 -34.53 -10.37
N GLN H 443 28.81 -33.59 -11.29
CA GLN H 443 28.63 -32.18 -10.97
C GLN H 443 27.17 -31.86 -10.69
N ALA H 444 26.26 -32.40 -11.51
CA ALA H 444 24.84 -32.19 -11.26
C ALA H 444 24.41 -32.81 -9.94
N HIS H 445 24.89 -34.01 -9.64
CA HIS H 445 24.58 -34.65 -8.37
C HIS H 445 25.08 -33.81 -7.20
N ARG H 446 26.29 -33.28 -7.31
CA ARG H 446 26.84 -32.45 -6.24
C ARG H 446 26.03 -31.17 -6.06
N ALA H 447 25.60 -30.56 -7.16
CA ALA H 447 24.78 -29.36 -7.06
C ALA H 447 23.46 -29.64 -6.36
N GLY H 448 22.79 -30.74 -6.74
CA GLY H 448 21.55 -31.08 -6.08
C GLY H 448 21.74 -31.39 -4.60
N LEU H 449 22.81 -32.12 -4.27
CA LEU H 449 23.09 -32.43 -2.88
C LEU H 449 23.36 -31.16 -2.08
N TRP H 450 24.09 -30.21 -2.66
CA TRP H 450 24.31 -28.94 -1.98
C TRP H 450 23.00 -28.22 -1.73
N LEU H 451 22.12 -28.20 -2.73
CA LEU H 451 20.83 -27.56 -2.56
C LEU H 451 20.07 -28.18 -1.40
N ILE H 452 19.97 -29.50 -1.39
CA ILE H 452 19.19 -30.18 -0.35
C ILE H 452 19.83 -29.96 1.02
N LYS H 453 21.15 -30.11 1.12
CA LYS H 453 21.79 -30.04 2.43
C LYS H 453 21.74 -28.62 3.00
N THR H 454 22.03 -27.62 2.16
CA THR H 454 21.91 -26.24 2.61
C THR H 454 20.49 -25.91 3.03
N GLU H 455 19.49 -26.38 2.29
CA GLU H 455 18.12 -26.07 2.67
C GLU H 455 17.73 -26.77 3.97
N LEU H 456 18.19 -28.01 4.15
CA LEU H 456 17.77 -28.79 5.32
C LEU H 456 18.47 -28.33 6.60
N LEU H 457 19.74 -27.95 6.51
CA LEU H 457 20.48 -27.59 7.71
C LEU H 457 20.30 -26.13 8.09
N GLU H 458 20.55 -25.20 7.16
CA GLU H 458 20.41 -23.78 7.43
C GLU H 458 18.94 -23.42 7.36
N THR H 459 18.29 -23.33 8.53
CA THR H 459 16.86 -23.10 8.59
C THR H 459 16.47 -22.01 9.58
N GLN H 460 17.44 -21.24 10.07
CA GLN H 460 17.17 -20.22 11.09
C GLN H 460 17.83 -18.92 10.67
N THR H 461 17.09 -17.81 10.79
CA THR H 461 17.60 -16.48 10.47
C THR H 461 17.23 -15.50 11.58
N VAL H 462 18.18 -14.65 11.97
CA VAL H 462 17.97 -13.72 13.08
C VAL H 462 18.20 -12.30 12.57
N ASP H 463 17.29 -11.40 12.94
CA ASP H 463 17.43 -9.97 12.70
C ASP H 463 17.67 -9.33 14.06
N PHE H 464 18.71 -8.51 14.14
CA PHE H 464 19.05 -7.79 15.37
C PHE H 464 19.72 -6.48 14.98
N SER H 465 20.02 -5.66 15.98
CA SER H 465 20.55 -4.32 15.74
C SER H 465 21.96 -4.20 16.30
N VAL H 466 22.69 -3.20 15.79
CA VAL H 466 24.10 -3.04 16.05
C VAL H 466 24.39 -1.57 16.32
N GLY H 467 25.27 -1.30 17.28
CA GLY H 467 25.67 0.07 17.57
C GLY H 467 26.47 0.72 16.48
N ALA H 468 27.17 1.82 16.80
CA ALA H 468 27.91 2.56 15.79
C ALA H 468 29.14 1.80 15.31
N GLU H 469 29.85 1.15 16.24
CA GLU H 469 31.12 0.51 15.89
C GLU H 469 30.94 -0.61 14.89
N GLY H 470 29.88 -1.41 15.05
CA GLY H 470 29.69 -2.54 14.15
C GLY H 470 29.28 -2.14 12.75
N LEU H 471 28.65 -0.97 12.60
CA LEU H 471 28.26 -0.55 11.26
C LEU H 471 29.46 -0.41 10.35
N ARG H 472 30.47 0.34 10.80
CA ARG H 472 31.75 0.38 10.09
C ARG H 472 32.47 -0.97 10.12
N HIS H 473 32.38 -1.70 11.23
CA HIS H 473 33.23 -2.88 11.36
C HIS H 473 32.86 -3.96 10.36
N VAL H 474 31.64 -4.49 10.45
CA VAL H 474 31.23 -5.54 9.51
C VAL H 474 30.77 -4.88 8.22
N PRO H 475 31.38 -5.21 7.08
CA PRO H 475 30.99 -4.65 5.79
C PRO H 475 30.01 -5.49 4.99
N GLY H 476 29.42 -6.51 5.59
CA GLY H 476 28.55 -7.42 4.90
C GLY H 476 29.29 -8.68 4.48
N ASP H 477 28.50 -9.71 4.18
CA ASP H 477 28.98 -11.03 3.78
C ASP H 477 30.15 -11.49 4.63
N VAL H 478 29.99 -11.40 5.95
CA VAL H 478 30.95 -11.90 6.92
C VAL H 478 30.22 -12.82 7.88
N ILE H 479 30.98 -13.52 8.71
CA ILE H 479 30.45 -14.52 9.62
C ILE H 479 30.86 -14.15 11.05
N GLU H 480 29.89 -14.21 11.96
CA GLU H 480 30.11 -13.86 13.36
C GLU H 480 29.37 -14.87 14.23
N ILE H 481 29.40 -14.65 15.54
CA ILE H 481 28.73 -15.52 16.51
C ILE H 481 27.85 -14.66 17.39
N CYS H 482 26.60 -15.08 17.57
CA CYS H 482 25.60 -14.33 18.32
C CYS H 482 25.41 -15.01 19.68
N ASP H 483 26.12 -14.53 20.69
CA ASP H 483 26.03 -15.06 22.05
C ASP H 483 24.80 -14.48 22.73
N ASP H 484 23.69 -15.20 22.63
CA ASP H 484 22.44 -14.79 23.26
C ASP H 484 22.24 -15.60 24.54
N ASP H 485 22.24 -14.91 25.67
CA ASP H 485 22.06 -15.59 26.95
C ASP H 485 20.60 -15.82 27.30
N TYR H 486 19.67 -15.22 26.56
CA TYR H 486 18.25 -15.46 26.79
C TYR H 486 17.78 -16.76 26.17
N ALA H 487 18.38 -17.18 25.06
CA ALA H 487 18.03 -18.44 24.42
C ALA H 487 18.83 -19.62 24.97
N GLY H 488 20.04 -19.36 25.46
CA GLY H 488 20.87 -20.40 26.01
C GLY H 488 20.66 -20.67 27.49
N ILE H 489 19.66 -20.05 28.11
CA ILE H 489 19.36 -20.11 29.54
C ILE H 489 20.63 -20.27 30.36
N SER H 490 21.55 -19.32 30.23
CA SER H 490 22.81 -19.35 30.95
C SER H 490 23.35 -17.92 30.98
N THR H 491 24.63 -17.78 31.33
CA THR H 491 25.27 -16.47 31.43
C THR H 491 26.41 -16.42 30.42
N GLY H 492 26.12 -15.91 29.22
CA GLY H 492 27.16 -15.77 28.22
C GLY H 492 28.21 -14.74 28.60
N GLY H 493 27.78 -13.67 29.26
CA GLY H 493 28.70 -12.63 29.68
C GLY H 493 28.40 -11.30 29.02
N ARG H 494 28.93 -10.22 29.59
CA ARG H 494 28.71 -8.88 29.05
C ARG H 494 29.85 -7.98 29.53
N VAL H 495 29.66 -6.68 29.42
CA VAL H 495 30.67 -5.72 29.85
C VAL H 495 31.04 -5.96 31.31
N LEU H 496 32.34 -6.01 31.58
CA LEU H 496 32.81 -6.11 32.94
C LEU H 496 32.89 -4.72 33.57
N ALA H 497 32.87 -4.68 34.91
CA ALA H 497 32.87 -3.38 35.58
C ALA H 497 34.29 -2.81 35.70
N VAL H 498 35.12 -3.44 36.51
CA VAL H 498 36.52 -3.04 36.70
C VAL H 498 37.34 -4.30 36.98
N ASN H 499 38.66 -4.14 37.05
CA ASN H 499 39.57 -5.25 37.25
C ASN H 499 40.74 -4.80 38.12
N SER H 500 41.63 -5.74 38.43
CA SER H 500 42.84 -5.45 39.20
C SER H 500 44.07 -5.97 38.45
N GLN H 501 45.23 -5.91 39.08
CA GLN H 501 46.45 -6.36 38.41
C GLN H 501 47.21 -7.40 39.20
N THR H 502 47.21 -7.29 40.54
CA THR H 502 48.02 -8.18 41.35
C THR H 502 47.45 -9.59 41.35
N ARG H 503 46.24 -9.74 41.88
CA ARG H 503 45.53 -11.01 41.86
C ARG H 503 44.71 -11.19 40.59
N THR H 504 44.69 -10.16 39.73
CA THR H 504 43.90 -10.17 38.50
C THR H 504 42.42 -10.38 38.81
N LEU H 505 41.94 -9.70 39.85
CA LEU H 505 40.55 -9.78 40.26
C LEU H 505 39.71 -9.00 39.28
N THR H 506 39.04 -9.71 38.37
CA THR H 506 38.12 -9.09 37.43
C THR H 506 36.71 -9.11 38.00
N LEU H 507 36.06 -7.96 38.02
CA LEU H 507 34.73 -7.84 38.60
C LEU H 507 33.73 -7.51 37.50
N ASP H 508 32.85 -8.46 37.20
CA ASP H 508 31.86 -8.32 36.15
C ASP H 508 30.56 -7.76 36.73
N ARG H 509 29.48 -7.82 35.97
CA ARG H 509 28.17 -7.40 36.46
C ARG H 509 27.14 -8.50 36.32
N GLU H 510 27.57 -9.76 36.41
CA GLU H 510 26.65 -10.88 36.46
C GLU H 510 27.18 -11.93 37.42
N ILE H 511 26.38 -12.98 37.62
CA ILE H 511 26.76 -14.13 38.43
C ILE H 511 27.09 -15.26 37.45
N THR H 512 28.36 -15.64 37.40
CA THR H 512 28.80 -16.64 36.45
C THR H 512 28.75 -18.04 37.06
N LEU H 513 29.02 -19.04 36.23
CA LEU H 513 28.95 -20.43 36.63
C LEU H 513 30.01 -21.22 35.87
N PRO H 514 30.95 -21.85 36.58
CA PRO H 514 32.03 -22.56 35.88
C PRO H 514 31.59 -23.95 35.44
N SER H 515 32.45 -24.59 34.65
CA SER H 515 32.18 -25.93 34.17
C SER H 515 32.22 -26.93 35.32
N SER H 516 31.91 -28.18 35.02
CA SER H 516 31.85 -29.19 36.06
C SER H 516 33.25 -29.68 36.44
N GLY H 517 33.95 -30.33 35.51
CA GLY H 517 35.26 -30.85 35.84
C GLY H 517 36.29 -30.88 34.73
N THR H 518 36.06 -30.19 33.60
CA THR H 518 36.93 -30.34 32.45
C THR H 518 37.74 -29.09 32.11
N ALA H 519 37.09 -27.96 31.81
CA ALA H 519 37.80 -26.76 31.38
C ALA H 519 36.79 -25.65 31.15
N LEU H 520 37.31 -24.43 31.00
CA LEU H 520 36.52 -23.24 30.70
C LEU H 520 37.48 -22.11 30.39
N ILE H 521 37.09 -21.23 29.46
CA ILE H 521 37.93 -20.10 29.10
C ILE H 521 37.08 -18.84 29.09
N SER H 522 37.74 -17.69 29.13
CA SER H 522 37.07 -16.41 28.99
C SER H 522 37.88 -15.55 28.03
N LEU H 523 37.19 -14.95 27.06
CA LEU H 523 37.84 -14.09 26.09
C LEU H 523 37.45 -12.64 26.35
N VAL H 524 38.45 -11.78 26.40
CA VAL H 524 38.30 -10.34 26.52
C VAL H 524 39.07 -9.70 25.37
N ASP H 525 39.08 -8.38 25.34
CA ASP H 525 39.84 -7.64 24.34
C ASP H 525 41.02 -6.92 24.99
N GLY H 526 42.00 -6.57 24.16
CA GLY H 526 43.18 -5.88 24.64
C GLY H 526 43.24 -4.43 24.21
N SER H 527 44.34 -4.04 23.55
CA SER H 527 44.50 -2.66 23.07
C SER H 527 44.18 -2.55 21.58
N GLY H 528 44.84 -3.36 20.75
CA GLY H 528 44.62 -3.30 19.33
C GLY H 528 43.39 -4.05 18.87
N ASN H 529 42.32 -3.95 19.67
CA ASN H 529 41.07 -4.68 19.48
C ASN H 529 41.30 -6.14 19.11
N PRO H 530 42.09 -6.90 19.89
CA PRO H 530 42.22 -8.32 19.61
C PRO H 530 41.19 -9.14 20.37
N VAL H 531 41.27 -10.46 20.28
CA VAL H 531 40.44 -11.36 21.08
C VAL H 531 41.40 -12.23 21.88
N SER H 532 41.72 -11.79 23.09
CA SER H 532 42.63 -12.52 23.97
C SER H 532 41.82 -13.50 24.82
N VAL H 533 42.19 -14.76 24.75
CA VAL H 533 41.53 -15.82 25.50
C VAL H 533 42.43 -16.22 26.67
N GLU H 534 41.84 -16.30 27.86
CA GLU H 534 42.56 -16.75 29.04
C GLU H 534 41.80 -17.90 29.68
N VAL H 535 42.53 -18.94 30.06
CA VAL H 535 41.93 -20.03 30.81
C VAL H 535 41.61 -19.55 32.22
N GLN H 536 40.51 -20.04 32.77
CA GLN H 536 40.06 -19.66 34.10
C GLN H 536 40.30 -20.80 35.07
N SER H 537 40.87 -20.48 36.23
CA SER H 537 41.16 -21.48 37.25
C SER H 537 40.07 -21.57 38.31
N VAL H 538 39.81 -20.48 39.02
CA VAL H 538 38.91 -20.49 40.16
C VAL H 538 37.98 -19.29 40.10
N THR H 539 36.72 -19.51 40.48
CA THR H 539 35.69 -18.48 40.51
C THR H 539 35.45 -18.10 41.96
N ASP H 540 36.28 -17.18 42.46
CA ASP H 540 36.23 -16.77 43.85
C ASP H 540 35.24 -15.62 43.98
N GLY H 541 34.36 -15.70 44.98
CA GLY H 541 33.42 -14.63 45.23
C GLY H 541 32.25 -14.57 44.30
N VAL H 542 31.92 -15.68 43.62
CA VAL H 542 30.75 -15.79 42.75
C VAL H 542 30.93 -14.89 41.53
N LYS H 543 30.91 -13.57 41.74
CA LYS H 543 31.01 -12.63 40.63
C LYS H 543 32.43 -12.20 40.31
N VAL H 544 33.40 -12.50 41.17
CA VAL H 544 34.78 -12.11 40.94
C VAL H 544 35.50 -13.23 40.21
N LYS H 545 36.41 -12.86 39.32
CA LYS H 545 37.14 -13.78 38.46
C LYS H 545 38.63 -13.64 38.72
N VAL H 546 39.35 -14.75 38.60
CA VAL H 546 40.80 -14.79 38.76
C VAL H 546 41.37 -15.36 37.47
N SER H 547 41.70 -14.49 36.52
CA SER H 547 42.32 -14.93 35.28
C SER H 547 43.79 -15.26 35.52
N ARG H 548 44.37 -16.01 34.58
CA ARG H 548 45.76 -16.43 34.73
C ARG H 548 46.72 -15.32 34.33
N VAL H 549 46.68 -14.91 33.07
CA VAL H 549 47.59 -13.88 32.58
C VAL H 549 46.77 -12.85 31.79
N PRO H 550 46.25 -11.82 32.44
CA PRO H 550 45.53 -10.77 31.71
C PRO H 550 46.50 -9.75 31.10
N ASP H 551 45.99 -9.01 30.14
CA ASP H 551 46.73 -7.90 29.53
C ASP H 551 46.32 -6.61 30.21
N GLY H 552 47.31 -5.81 30.59
CA GLY H 552 47.05 -4.59 31.33
C GLY H 552 46.58 -3.44 30.47
N VAL H 553 45.62 -3.69 29.58
CA VAL H 553 45.08 -2.67 28.70
C VAL H 553 43.56 -2.72 28.72
N ALA H 554 42.99 -3.41 29.71
CA ALA H 554 41.55 -3.49 29.84
C ALA H 554 41.00 -2.23 30.48
N GLU H 555 39.94 -1.68 29.91
CA GLU H 555 39.31 -0.46 30.39
C GLU H 555 38.12 -0.81 31.27
N TYR H 556 37.28 0.18 31.55
CA TYR H 556 36.03 -0.12 32.26
C TYR H 556 35.02 -0.81 31.35
N SER H 557 34.84 -0.31 30.13
CA SER H 557 33.70 -0.70 29.30
C SER H 557 34.03 -1.86 28.36
N VAL H 558 34.90 -2.75 28.77
CA VAL H 558 35.31 -3.86 27.94
C VAL H 558 34.40 -5.04 28.25
N TRP H 559 34.22 -5.92 27.27
CA TRP H 559 33.28 -7.02 27.40
C TRP H 559 34.00 -8.36 27.52
N GLU H 560 33.41 -9.26 28.30
CA GLU H 560 33.94 -10.59 28.52
C GLU H 560 32.95 -11.62 28.03
N LEU H 561 33.47 -12.68 27.40
CA LEU H 561 32.66 -13.80 26.96
C LEU H 561 33.20 -15.07 27.59
N LYS H 562 32.30 -15.91 28.11
CA LYS H 562 32.71 -17.08 28.87
C LYS H 562 32.33 -18.32 28.07
N LEU H 563 33.34 -19.12 27.70
CA LEU H 563 33.16 -20.27 26.84
C LEU H 563 33.39 -21.55 27.63
N PRO H 564 32.35 -22.39 27.77
CA PRO H 564 32.54 -23.70 28.40
C PRO H 564 32.90 -24.78 27.38
N THR H 565 32.99 -26.02 27.84
CA THR H 565 33.14 -27.15 26.93
C THR H 565 31.75 -27.70 26.57
N LEU H 566 31.75 -28.74 25.73
CA LEU H 566 30.56 -29.44 25.26
C LEU H 566 29.42 -28.49 24.90
N ARG H 567 29.75 -27.36 24.28
CA ARG H 567 28.77 -26.35 23.90
C ARG H 567 28.84 -26.13 22.40
N GLN H 568 27.68 -26.17 21.75
CA GLN H 568 27.58 -25.95 20.31
C GLN H 568 27.43 -24.45 20.06
N ARG H 569 28.52 -23.80 19.68
CA ARG H 569 28.49 -22.37 19.41
C ARG H 569 27.66 -22.07 18.17
N LEU H 570 26.94 -20.96 18.20
CA LEU H 570 26.03 -20.57 17.13
C LEU H 570 26.74 -19.60 16.20
N PHE H 571 26.68 -19.88 14.90
CA PHE H 571 27.30 -19.05 13.88
C PHE H 571 26.24 -18.38 13.03
N ARG H 572 26.60 -17.23 12.45
CA ARG H 572 25.68 -16.43 11.67
C ARG H 572 26.42 -15.78 10.52
N CYS H 573 25.87 -15.86 9.32
CA CYS H 573 26.45 -15.23 8.15
C CYS H 573 25.66 -13.96 7.83
N VAL H 574 26.35 -12.82 7.84
CA VAL H 574 25.68 -11.56 7.53
C VAL H 574 25.27 -11.56 6.06
N SER H 575 24.00 -11.25 5.80
CA SER H 575 23.51 -11.27 4.43
C SER H 575 22.80 -9.98 4.06
N ILE H 576 22.22 -9.29 5.05
CA ILE H 576 21.47 -8.07 4.81
C ILE H 576 21.89 -7.04 5.84
N ARG H 577 21.81 -5.76 5.47
CA ARG H 577 22.05 -4.67 6.39
C ARG H 577 21.06 -3.54 6.08
N GLU H 578 20.87 -2.65 7.05
CA GLU H 578 19.98 -1.51 6.90
C GLU H 578 20.49 -0.40 7.79
N ASN H 579 20.62 0.81 7.22
CA ASN H 579 21.11 1.94 7.97
C ASN H 579 19.96 2.88 8.35
N ASP H 580 20.27 3.86 9.19
CA ASP H 580 19.32 4.89 9.57
C ASP H 580 20.10 6.08 10.09
N ASP H 581 19.41 7.21 10.22
CA ASP H 581 20.06 8.46 10.62
C ASP H 581 20.34 8.53 12.11
N GLY H 582 19.87 7.58 12.89
CA GLY H 582 20.27 7.46 14.28
C GLY H 582 21.58 6.73 14.46
N THR H 583 22.24 6.36 13.36
CA THR H 583 23.52 5.65 13.35
C THR H 583 23.46 4.35 14.14
N TYR H 584 22.63 3.42 13.62
CA TYR H 584 22.71 2.04 14.05
C TYR H 584 22.37 1.15 12.87
N ALA H 585 22.56 -0.15 13.04
CA ALA H 585 22.39 -1.12 11.97
C ALA H 585 21.25 -2.07 12.30
N ILE H 586 20.67 -2.64 11.25
CA ILE H 586 19.56 -3.58 11.38
C ILE H 586 19.97 -4.89 10.72
N THR H 587 21.26 -5.24 10.82
CA THR H 587 21.80 -6.37 10.09
C THR H 587 20.95 -7.62 10.27
N ALA H 588 20.60 -8.24 9.15
CA ALA H 588 19.82 -9.47 9.12
C ALA H 588 20.73 -10.60 8.64
N VAL H 589 20.83 -11.66 9.44
CA VAL H 589 21.79 -12.73 9.19
C VAL H 589 21.07 -14.07 9.29
N GLN H 590 21.79 -15.12 8.88
CA GLN H 590 21.24 -16.46 8.79
C GLN H 590 22.28 -17.46 9.27
N HIS H 591 21.82 -18.50 9.96
CA HIS H 591 22.73 -19.40 10.68
C HIS H 591 23.34 -20.43 9.75
N VAL H 592 24.65 -20.63 9.87
CA VAL H 592 25.37 -21.53 8.98
C VAL H 592 26.17 -22.55 9.79
N PRO H 593 26.17 -23.82 9.40
CA PRO H 593 27.11 -24.77 9.97
C PRO H 593 28.37 -24.84 9.12
N GLU H 594 29.40 -25.46 9.69
CA GLU H 594 30.68 -25.60 9.01
C GLU H 594 30.92 -26.98 8.44
N LYS H 595 30.12 -27.97 8.84
CA LYS H 595 30.31 -29.35 8.37
C LYS H 595 29.37 -29.62 7.20
N GLU H 596 29.70 -29.00 6.07
CA GLU H 596 28.88 -29.18 4.88
C GLU H 596 29.73 -29.58 3.68
N ALA H 597 30.98 -29.11 3.63
CA ALA H 597 31.86 -29.47 2.52
C ALA H 597 32.16 -30.96 2.51
N ILE H 598 32.40 -31.54 3.69
CA ILE H 598 32.68 -32.97 3.76
C ILE H 598 31.47 -33.78 3.31
N VAL H 599 30.27 -33.38 3.74
CA VAL H 599 29.07 -34.07 3.30
C VAL H 599 28.88 -33.92 1.79
N ASP H 600 29.23 -32.76 1.26
CA ASP H 600 29.01 -32.49 -0.16
C ASP H 600 29.98 -33.25 -1.04
N ASN H 601 31.21 -33.47 -0.57
CA ASN H 601 32.21 -34.15 -1.39
C ASN H 601 31.80 -35.56 -1.77
N GLY H 602 30.96 -36.22 -0.98
CA GLY H 602 30.51 -37.56 -1.30
C GLY H 602 29.42 -37.58 -2.35
N ALA H 603 29.76 -38.02 -3.55
CA ALA H 603 28.81 -38.11 -4.65
C ALA H 603 28.02 -39.42 -4.53
N HIS H 604 27.33 -39.80 -5.61
CA HIS H 604 26.54 -41.03 -5.58
C HIS H 604 27.41 -42.27 -5.49
N PHE H 605 28.67 -42.20 -5.89
CA PHE H 605 29.58 -43.34 -5.89
C PHE H 605 28.92 -44.55 -6.57
N ASP H 606 28.33 -44.28 -7.73
CA ASP H 606 27.60 -45.28 -8.49
C ASP H 606 27.77 -44.94 -9.96
N GLY H 607 26.91 -45.50 -10.80
CA GLY H 607 27.01 -45.26 -12.22
C GLY H 607 27.08 -46.55 -13.00
N GLU H 608 27.38 -47.64 -12.29
CA GLU H 608 27.41 -49.01 -12.81
C GLU H 608 27.97 -49.09 -14.22
N GLN H 609 29.12 -48.44 -14.45
CA GLN H 609 29.81 -48.38 -15.74
C GLN H 609 28.83 -48.23 -16.91
N SER H 610 29.09 -48.96 -18.00
CA SER H 610 28.22 -48.98 -19.18
C SER H 610 28.02 -47.56 -19.74
N GLY H 611 29.14 -46.90 -20.02
CA GLY H 611 29.11 -45.55 -20.53
C GLY H 611 28.61 -45.45 -21.96
N THR H 612 29.33 -46.08 -22.89
CA THR H 612 28.97 -46.05 -24.31
C THR H 612 28.35 -47.36 -24.79
N VAL H 613 29.03 -48.48 -24.55
CA VAL H 613 28.58 -49.81 -24.95
C VAL H 613 28.35 -49.85 -26.45
N ASN H 614 27.14 -49.47 -26.89
CA ASN H 614 26.78 -49.48 -28.30
C ASN H 614 25.93 -48.26 -28.66
N GLY H 615 26.19 -47.13 -28.01
CA GLY H 615 25.35 -45.96 -28.25
C GLY H 615 25.43 -45.49 -29.68
N VAL H 616 24.25 -45.23 -30.26
CA VAL H 616 24.03 -44.65 -31.59
C VAL H 616 25.07 -45.11 -32.61
N THR H 617 25.36 -46.40 -32.65
CA THR H 617 26.34 -46.96 -33.57
C THR H 617 25.70 -48.13 -34.32
N PRO H 618 25.13 -47.87 -35.49
CA PRO H 618 24.46 -48.94 -36.24
C PRO H 618 25.46 -49.99 -36.67
N PRO H 619 25.18 -51.26 -36.38
CA PRO H 619 26.12 -52.32 -36.76
C PRO H 619 26.13 -52.55 -38.26
N ALA H 620 27.19 -53.21 -38.72
CA ALA H 620 27.34 -53.51 -40.13
C ALA H 620 26.28 -54.50 -40.60
N VAL H 621 25.90 -54.37 -41.86
CA VAL H 621 24.89 -55.25 -42.46
C VAL H 621 25.52 -56.61 -42.71
N GLN H 622 24.82 -57.67 -42.30
CA GLN H 622 25.31 -59.02 -42.47
C GLN H 622 24.79 -59.61 -43.79
N HIS H 623 25.45 -60.70 -44.22
CA HIS H 623 25.05 -61.48 -45.38
C HIS H 623 24.99 -60.62 -46.64
N LEU H 624 26.13 -60.01 -46.95
CA LEU H 624 26.25 -59.23 -48.18
C LEU H 624 26.38 -60.14 -49.38
N THR H 625 25.27 -60.71 -49.86
CA THR H 625 25.33 -61.57 -51.03
C THR H 625 24.99 -60.79 -52.29
N ALA H 626 25.78 -61.00 -53.34
CA ALA H 626 25.61 -60.30 -54.60
C ALA H 626 26.04 -61.23 -55.72
N GLU H 627 25.16 -61.41 -56.71
CA GLU H 627 25.38 -62.38 -57.77
C GLU H 627 25.02 -61.76 -59.12
N VAL H 628 25.39 -62.48 -60.18
CA VAL H 628 25.13 -62.06 -61.55
C VAL H 628 24.32 -63.17 -62.24
N THR H 629 23.29 -62.78 -62.97
CA THR H 629 22.42 -63.71 -63.67
C THR H 629 22.21 -63.22 -65.09
N ALA H 630 21.70 -64.13 -65.93
CA ALA H 630 21.43 -63.84 -67.33
C ALA H 630 19.94 -64.02 -67.59
N ASP H 631 19.25 -62.90 -67.85
CA ASP H 631 17.83 -62.93 -68.15
C ASP H 631 17.55 -62.00 -69.32
N SER H 632 16.65 -62.44 -70.21
CA SER H 632 16.30 -61.69 -71.42
C SER H 632 17.54 -61.36 -72.26
N GLY H 633 18.52 -62.27 -72.27
CA GLY H 633 19.74 -62.03 -73.00
C GLY H 633 20.62 -60.94 -72.44
N GLU H 634 20.41 -60.55 -71.19
CA GLU H 634 21.16 -59.46 -70.57
C GLU H 634 21.67 -59.90 -69.21
N TYR H 635 22.83 -59.37 -68.83
CA TYR H 635 23.41 -59.65 -67.53
C TYR H 635 22.87 -58.66 -66.51
N GLN H 636 22.34 -59.19 -65.41
CA GLN H 636 21.77 -58.39 -64.35
C GLN H 636 22.43 -58.77 -63.03
N VAL H 637 22.71 -57.76 -62.21
CA VAL H 637 23.39 -57.95 -60.93
C VAL H 637 22.38 -57.74 -59.81
N LEU H 638 22.27 -58.73 -58.93
CA LEU H 638 21.39 -58.67 -57.77
C LEU H 638 22.24 -58.57 -56.50
N ALA H 639 21.80 -57.71 -55.57
CA ALA H 639 22.49 -57.55 -54.30
C ALA H 639 21.45 -57.54 -53.19
N ARG H 640 21.59 -58.44 -52.23
CA ARG H 640 20.70 -58.49 -51.09
C ARG H 640 21.51 -58.74 -49.81
N TRP H 641 20.93 -58.31 -48.70
CA TRP H 641 21.58 -58.40 -47.40
C TRP H 641 20.49 -58.55 -46.33
N ASP H 642 20.84 -58.29 -45.07
CA ASP H 642 19.90 -58.39 -43.97
C ASP H 642 19.98 -57.14 -43.11
N THR H 643 18.84 -56.75 -42.56
CA THR H 643 18.77 -55.56 -41.73
C THR H 643 19.44 -55.79 -40.39
N PRO H 644 20.34 -54.91 -39.95
CA PRO H 644 20.94 -55.07 -38.62
C PRO H 644 20.08 -54.49 -37.52
N LYS H 645 20.61 -54.46 -36.30
CA LYS H 645 19.87 -53.97 -35.13
C LYS H 645 19.99 -52.44 -35.03
N VAL H 646 19.30 -51.77 -35.93
CA VAL H 646 19.28 -50.32 -35.96
C VAL H 646 18.15 -49.83 -35.07
N VAL H 647 18.32 -48.63 -34.49
CA VAL H 647 17.43 -48.18 -33.43
C VAL H 647 16.03 -47.86 -33.95
N LYS H 648 15.89 -46.84 -34.80
CA LYS H 648 14.57 -46.52 -35.34
C LYS H 648 14.50 -46.60 -36.86
N GLY H 649 15.37 -45.90 -37.58
CA GLY H 649 15.25 -45.76 -39.02
C GLY H 649 16.43 -46.41 -39.74
N VAL H 650 16.12 -47.19 -40.76
CA VAL H 650 17.13 -47.85 -41.58
C VAL H 650 17.15 -47.19 -42.95
N SER H 651 18.33 -46.76 -43.38
CA SER H 651 18.56 -46.40 -44.76
C SER H 651 19.86 -47.05 -45.20
N PHE H 652 19.90 -47.52 -46.44
CA PHE H 652 21.07 -48.24 -46.94
C PHE H 652 21.76 -47.40 -48.01
N LEU H 653 23.05 -47.16 -47.80
CA LEU H 653 23.88 -46.42 -48.73
C LEU H 653 24.71 -47.42 -49.53
N LEU H 654 24.63 -47.34 -50.85
CA LEU H 654 25.28 -48.27 -51.75
C LEU H 654 26.25 -47.51 -52.64
N ARG H 655 27.52 -47.93 -52.63
CA ARG H 655 28.56 -47.28 -53.41
C ARG H 655 29.28 -48.32 -54.25
N LEU H 656 29.30 -48.12 -55.56
CA LEU H 656 29.89 -49.08 -56.49
C LEU H 656 31.18 -48.49 -57.04
N THR H 657 32.29 -49.20 -56.84
CA THR H 657 33.59 -48.78 -57.32
C THR H 657 34.13 -49.79 -58.32
N VAL H 658 34.94 -49.32 -59.26
CA VAL H 658 35.50 -50.17 -60.31
C VAL H 658 37.02 -50.10 -60.23
N THR H 659 37.66 -51.26 -60.22
CA THR H 659 39.12 -51.32 -60.23
C THR H 659 39.65 -50.86 -61.58
N ALA H 660 40.58 -49.92 -61.56
CA ALA H 660 41.12 -49.35 -62.78
C ALA H 660 42.24 -50.22 -63.35
N ASP H 661 42.67 -49.88 -64.56
CA ASP H 661 43.72 -50.65 -65.22
C ASP H 661 45.05 -50.54 -64.49
N ASP H 662 45.41 -49.33 -64.06
CA ASP H 662 46.68 -49.16 -63.35
C ASP H 662 46.63 -49.76 -61.95
N GLY H 663 45.48 -49.72 -61.30
CA GLY H 663 45.34 -50.29 -59.97
C GLY H 663 44.53 -49.42 -59.03
N SER H 664 44.13 -48.25 -59.50
CA SER H 664 43.35 -47.32 -58.69
C SER H 664 41.89 -47.73 -58.72
N GLU H 665 41.01 -46.86 -58.22
CA GLU H 665 39.58 -47.14 -58.18
C GLU H 665 38.82 -46.05 -58.93
N ARG H 666 37.63 -46.41 -59.39
CA ARG H 666 36.75 -45.51 -60.11
C ARG H 666 35.35 -45.63 -59.55
N LEU H 667 34.71 -44.50 -59.27
CA LEU H 667 33.38 -44.48 -58.66
C LEU H 667 32.33 -44.44 -59.75
N VAL H 668 31.41 -45.41 -59.74
CA VAL H 668 30.29 -45.46 -60.66
C VAL H 668 29.01 -45.47 -59.84
N SER H 669 28.29 -44.34 -59.86
CA SER H 669 26.98 -44.20 -59.24
C SER H 669 26.98 -44.39 -57.73
N THR H 670 25.89 -43.98 -57.09
CA THR H 670 25.67 -44.22 -55.67
C THR H 670 24.18 -44.16 -55.41
N ALA H 671 23.76 -44.75 -54.30
CA ALA H 671 22.33 -44.83 -54.03
C ALA H 671 22.07 -44.80 -52.53
N ARG H 672 20.91 -44.27 -52.16
CA ARG H 672 20.41 -44.33 -50.79
C ARG H 672 18.97 -44.84 -50.86
N THR H 673 18.75 -46.08 -50.42
CA THR H 673 17.45 -46.73 -50.56
C THR H 673 16.96 -47.21 -49.19
N THR H 674 15.76 -47.79 -49.20
CA THR H 674 15.19 -48.41 -48.02
C THR H 674 14.93 -49.90 -48.19
N GLU H 675 14.52 -50.34 -49.38
CA GLU H 675 14.32 -51.75 -49.64
C GLU H 675 15.65 -52.49 -49.60
N THR H 676 15.59 -53.76 -49.21
CA THR H 676 16.81 -54.55 -49.07
C THR H 676 17.40 -54.91 -50.43
N THR H 677 16.63 -55.58 -51.26
CA THR H 677 17.14 -56.02 -52.55
C THR H 677 17.40 -54.83 -53.47
N TYR H 678 18.49 -54.90 -54.22
CA TYR H 678 18.79 -53.92 -55.25
C TYR H 678 19.25 -54.64 -56.51
N ARG H 679 18.98 -54.03 -57.66
CA ARG H 679 19.35 -54.59 -58.95
C ARG H 679 20.05 -53.53 -59.79
N PHE H 680 21.21 -53.90 -60.33
CA PHE H 680 21.94 -53.04 -61.25
C PHE H 680 21.63 -53.42 -62.69
N THR H 681 22.14 -52.63 -63.63
CA THR H 681 21.81 -52.82 -65.03
C THR H 681 22.86 -52.14 -65.90
N GLN H 682 23.21 -52.78 -67.01
CA GLN H 682 24.14 -52.24 -68.00
C GLN H 682 25.51 -51.95 -67.39
N LEU H 683 26.15 -53.01 -66.92
CA LEU H 683 27.49 -52.94 -66.36
C LEU H 683 28.50 -53.45 -67.37
N ALA H 684 29.63 -52.76 -67.47
CA ALA H 684 30.67 -53.14 -68.43
C ALA H 684 32.01 -53.31 -67.73
N LEU H 685 33.07 -53.46 -68.51
CA LEU H 685 34.44 -53.63 -68.01
C LEU H 685 34.51 -54.94 -67.22
N GLY H 686 35.44 -55.02 -66.27
CA GLY H 686 35.68 -56.26 -65.56
C GLY H 686 35.42 -56.20 -64.06
N ASN H 687 36.48 -56.38 -63.28
CA ASN H 687 36.33 -56.48 -61.83
C ASN H 687 35.82 -55.19 -61.23
N TYR H 688 34.99 -55.31 -60.20
CA TYR H 688 34.54 -54.15 -59.43
C TYR H 688 34.07 -54.62 -58.06
N ARG H 689 33.62 -53.67 -57.25
CA ARG H 689 33.31 -53.92 -55.85
C ARG H 689 32.14 -53.05 -55.43
N LEU H 690 31.38 -53.54 -54.45
CA LEU H 690 30.22 -52.87 -53.91
C LEU H 690 30.39 -52.71 -52.42
N THR H 691 30.11 -51.51 -51.91
CA THR H 691 30.18 -51.20 -50.49
C THR H 691 28.78 -50.82 -50.01
N VAL H 692 28.37 -51.42 -48.89
CA VAL H 692 27.04 -51.24 -48.33
C VAL H 692 27.21 -50.71 -46.92
N ARG H 693 26.46 -49.66 -46.58
CA ARG H 693 26.46 -49.09 -45.24
C ARG H 693 25.04 -48.88 -44.77
N ALA H 694 24.84 -49.00 -43.46
CA ALA H 694 23.54 -48.78 -42.84
C ALA H 694 23.61 -47.49 -42.05
N VAL H 695 22.66 -46.59 -42.29
CA VAL H 695 22.60 -45.30 -41.61
C VAL H 695 21.25 -45.17 -40.91
N ASN H 696 21.28 -44.62 -39.70
CA ASN H 696 20.11 -44.48 -38.84
C ASN H 696 19.32 -43.22 -39.18
N ALA H 697 18.43 -42.82 -38.26
CA ALA H 697 17.51 -41.72 -38.54
C ALA H 697 18.26 -40.45 -38.94
N TRP H 698 19.32 -40.10 -38.20
CA TRP H 698 20.13 -38.95 -38.59
C TRP H 698 21.10 -39.24 -39.72
N GLY H 699 21.18 -40.49 -40.18
CA GLY H 699 22.07 -40.82 -41.26
C GLY H 699 23.51 -41.03 -40.83
N GLN H 700 23.75 -41.37 -39.57
CA GLN H 700 25.09 -41.67 -39.13
C GLN H 700 25.58 -42.97 -39.76
N GLN H 701 26.76 -42.92 -40.36
CA GLN H 701 27.28 -44.08 -41.07
C GLN H 701 27.63 -45.19 -40.10
N GLY H 702 27.39 -46.43 -40.52
CA GLY H 702 27.80 -47.60 -39.77
C GLY H 702 29.10 -48.18 -40.28
N ASP H 703 29.40 -49.39 -39.83
CA ASP H 703 30.58 -50.10 -40.29
C ASP H 703 30.34 -50.61 -41.71
N PRO H 704 31.21 -50.30 -42.67
CA PRO H 704 30.96 -50.71 -44.06
C PRO H 704 31.12 -52.21 -44.24
N ALA H 705 30.43 -52.72 -45.26
CA ALA H 705 30.59 -54.11 -45.70
C ALA H 705 30.81 -54.11 -47.21
N SER H 706 31.88 -54.75 -47.65
CA SER H 706 32.28 -54.70 -49.05
C SER H 706 32.38 -56.09 -49.65
N VAL H 707 31.91 -56.24 -50.88
CA VAL H 707 32.01 -57.49 -51.63
C VAL H 707 32.42 -57.17 -53.06
N SER H 708 33.38 -57.93 -53.58
CA SER H 708 33.95 -57.68 -54.89
C SER H 708 33.76 -58.89 -55.79
N PHE H 709 33.60 -58.64 -57.09
CA PHE H 709 33.44 -59.70 -58.08
C PHE H 709 33.64 -59.09 -59.46
N ARG H 710 33.57 -59.93 -60.49
CA ARG H 710 33.83 -59.50 -61.85
C ARG H 710 32.80 -60.11 -62.79
N ILE H 711 32.64 -59.47 -63.95
CA ILE H 711 31.74 -59.94 -64.99
C ILE H 711 32.52 -60.10 -66.28
N ALA H 712 32.21 -61.16 -67.03
CA ALA H 712 32.83 -61.43 -68.31
C ALA H 712 31.96 -62.43 -69.06
N ALA H 713 32.18 -62.52 -70.38
CA ALA H 713 31.43 -63.44 -71.23
C ALA H 713 32.31 -63.90 -72.38
N PRO H 714 33.26 -64.79 -72.10
CA PRO H 714 34.07 -65.34 -73.21
C PRO H 714 33.27 -66.23 -74.13
N ALA H 715 32.58 -67.24 -73.59
CA ALA H 715 31.80 -68.20 -74.37
C ALA H 715 32.61 -68.78 -75.52
N ALA H 716 33.83 -69.24 -75.20
CA ALA H 716 34.71 -69.78 -76.22
C ALA H 716 34.10 -71.05 -76.82
N PRO H 717 34.20 -71.25 -78.13
CA PRO H 717 33.59 -72.42 -78.76
C PRO H 717 34.35 -73.70 -78.45
N SER H 718 34.02 -74.32 -77.30
CA SER H 718 34.76 -75.49 -76.85
C SER H 718 34.80 -76.60 -77.89
N ARG H 719 33.78 -76.69 -78.74
CA ARG H 719 33.81 -77.68 -79.81
C ARG H 719 33.09 -77.13 -81.02
N ILE H 720 33.37 -77.70 -82.18
CA ILE H 720 32.77 -77.31 -83.45
C ILE H 720 32.37 -78.56 -84.21
N GLU H 721 31.20 -78.53 -84.83
CA GLU H 721 30.72 -79.66 -85.62
C GLU H 721 30.48 -79.20 -87.06
N LEU H 722 31.08 -79.92 -88.00
CA LEU H 722 30.97 -79.61 -89.42
C LEU H 722 30.28 -80.77 -90.13
N THR H 723 29.23 -80.44 -90.88
CA THR H 723 28.51 -81.41 -91.69
C THR H 723 28.78 -81.13 -93.16
N PRO H 724 29.58 -81.95 -93.83
CA PRO H 724 29.80 -81.74 -95.27
C PRO H 724 28.57 -82.11 -96.09
N GLY H 725 28.49 -81.53 -97.28
CA GLY H 725 27.39 -81.83 -98.17
C GLY H 725 27.64 -81.29 -99.56
N TYR H 726 26.55 -81.05 -100.27
CA TYR H 726 26.58 -80.57 -101.65
C TYR H 726 26.99 -79.11 -101.65
N PHE H 727 28.30 -78.89 -101.68
CA PHE H 727 28.89 -77.55 -101.59
C PHE H 727 28.40 -76.82 -100.34
N GLN H 728 28.20 -77.59 -99.28
CA GLN H 728 27.72 -77.08 -98.00
C GLN H 728 28.62 -77.58 -96.90
N ILE H 729 28.90 -76.73 -95.93
CA ILE H 729 29.57 -77.11 -94.69
C ILE H 729 28.75 -76.53 -93.56
N THR H 730 27.81 -77.33 -93.04
CA THR H 730 26.97 -76.89 -91.93
C THR H 730 27.82 -76.79 -90.67
N ALA H 731 28.05 -75.56 -90.19
CA ALA H 731 28.94 -75.31 -89.08
C ALA H 731 28.12 -74.96 -87.84
N THR H 732 28.19 -75.80 -86.82
CA THR H 732 27.50 -75.56 -85.55
C THR H 732 28.49 -75.58 -84.40
N PRO H 733 28.72 -74.45 -83.74
CA PRO H 733 29.62 -74.44 -82.58
C PRO H 733 28.87 -74.74 -81.29
N HIS H 734 29.60 -75.32 -80.35
CA HIS H 734 29.10 -75.58 -79.01
C HIS H 734 30.14 -75.11 -77.99
N LEU H 735 29.64 -74.64 -76.86
CA LEU H 735 30.48 -74.14 -75.78
C LEU H 735 30.07 -74.81 -74.48
N ALA H 736 30.87 -74.60 -73.44
CA ALA H 736 30.68 -75.33 -72.19
C ALA H 736 29.55 -74.74 -71.35
N VAL H 737 29.70 -73.48 -70.93
CA VAL H 737 28.76 -72.83 -70.03
C VAL H 737 27.79 -72.02 -70.88
N TYR H 738 26.61 -72.59 -71.13
CA TYR H 738 25.64 -71.95 -72.01
C TYR H 738 25.14 -70.64 -71.40
N ASP H 739 24.86 -69.68 -72.28
CA ASP H 739 24.24 -68.43 -71.89
C ASP H 739 23.49 -67.83 -73.08
N PRO H 740 22.22 -67.46 -72.92
CA PRO H 740 21.40 -67.00 -74.04
C PRO H 740 21.62 -65.53 -74.40
N THR H 741 22.89 -65.14 -74.55
CA THR H 741 23.22 -63.78 -74.94
C THR H 741 24.39 -63.72 -75.92
N VAL H 742 24.84 -64.85 -76.47
CA VAL H 742 26.04 -64.91 -77.29
C VAL H 742 25.68 -65.44 -78.67
N GLN H 743 26.12 -64.72 -79.69
CA GLN H 743 26.08 -65.17 -81.07
C GLN H 743 27.49 -65.53 -81.52
N PHE H 744 27.60 -66.10 -82.72
CA PHE H 744 28.88 -66.49 -83.29
C PHE H 744 29.10 -65.71 -84.58
N GLU H 745 30.25 -65.06 -84.67
CA GLU H 745 30.67 -64.35 -85.86
C GLU H 745 31.65 -65.22 -86.64
N PHE H 746 31.39 -65.40 -87.93
CA PHE H 746 32.14 -66.32 -88.77
C PHE H 746 32.99 -65.56 -89.79
N TRP H 747 34.15 -66.11 -90.09
CA TRP H 747 35.04 -65.60 -91.11
C TRP H 747 35.49 -66.74 -92.01
N PHE H 748 35.49 -66.49 -93.32
CA PHE H 748 35.71 -67.50 -94.34
C PHE H 748 37.07 -67.31 -94.98
N SER H 749 37.80 -68.41 -95.19
CA SER H 749 39.09 -68.33 -95.86
C SER H 749 39.30 -69.58 -96.70
N GLU H 750 40.11 -69.43 -97.74
CA GLU H 750 40.50 -70.55 -98.59
C GLU H 750 41.93 -71.03 -98.33
N LYS H 751 42.83 -70.12 -97.96
CA LYS H 751 44.21 -70.47 -97.68
C LYS H 751 44.56 -70.00 -96.28
N GLN H 752 45.21 -70.88 -95.52
CA GLN H 752 45.58 -70.55 -94.14
C GLN H 752 46.61 -69.44 -94.13
N ILE H 753 46.43 -68.49 -93.22
CA ILE H 753 47.31 -67.34 -93.09
C ILE H 753 48.30 -67.57 -91.97
N ALA H 754 49.47 -66.94 -92.09
CA ALA H 754 50.55 -67.20 -91.14
C ALA H 754 50.19 -66.77 -89.72
N ASP H 755 49.55 -65.61 -89.58
CA ASP H 755 49.26 -65.04 -88.28
C ASP H 755 47.76 -65.02 -88.04
N ILE H 756 47.34 -65.51 -86.88
CA ILE H 756 45.92 -65.57 -86.54
C ILE H 756 45.45 -64.32 -85.81
N ARG H 757 46.37 -63.44 -85.40
CA ARG H 757 45.97 -62.28 -84.63
C ARG H 757 45.34 -61.18 -85.49
N GLN H 758 45.58 -61.20 -86.80
CA GLN H 758 45.03 -60.19 -87.70
C GLN H 758 44.17 -60.82 -88.78
N VAL H 759 43.30 -61.76 -88.41
CA VAL H 759 42.43 -62.38 -89.39
C VAL H 759 41.37 -61.40 -89.89
N GLU H 760 41.09 -60.35 -89.10
CA GLU H 760 40.07 -59.39 -89.52
C GLU H 760 40.47 -58.67 -90.80
N THR H 761 41.76 -58.53 -91.05
CA THR H 761 42.22 -57.89 -92.28
C THR H 761 42.38 -58.91 -93.41
N SER H 762 42.68 -60.16 -93.09
CA SER H 762 42.92 -61.18 -94.11
C SER H 762 41.66 -61.94 -94.48
N THR H 763 40.91 -62.41 -93.51
CA THR H 763 39.71 -63.20 -93.79
C THR H 763 38.59 -62.30 -94.28
N ARG H 764 37.51 -62.93 -94.73
CA ARG H 764 36.35 -62.24 -95.28
C ARG H 764 35.17 -62.36 -94.32
N TYR H 765 34.54 -61.23 -94.02
CA TYR H 765 33.34 -61.24 -93.21
C TYR H 765 32.20 -61.95 -93.95
N LEU H 766 31.50 -62.82 -93.24
CA LEU H 766 30.38 -63.51 -93.87
C LEU H 766 29.08 -63.38 -93.09
N GLY H 767 29.14 -63.37 -91.76
CA GLY H 767 27.91 -63.24 -91.00
C GLY H 767 28.14 -63.39 -89.51
N THR H 768 27.08 -63.10 -88.77
CA THR H 768 27.05 -63.21 -87.31
C THR H 768 25.67 -63.76 -86.94
N ALA H 769 25.62 -65.05 -86.59
CA ALA H 769 24.35 -65.70 -86.35
C ALA H 769 24.56 -66.85 -85.36
N LEU H 770 23.60 -67.77 -85.31
CA LEU H 770 23.74 -68.99 -84.52
C LEU H 770 24.28 -70.14 -85.36
N TYR H 771 23.97 -70.15 -86.65
CA TYR H 771 24.50 -71.15 -87.58
C TYR H 771 24.58 -70.52 -88.95
N TRP H 772 25.44 -71.09 -89.79
CA TRP H 772 25.61 -70.59 -91.16
C TRP H 772 25.80 -71.74 -92.12
N ILE H 773 25.28 -71.57 -93.33
CA ILE H 773 25.38 -72.54 -94.41
C ILE H 773 26.22 -71.91 -95.50
N ALA H 774 27.40 -72.49 -95.76
CA ALA H 774 28.36 -71.91 -96.70
C ALA H 774 28.04 -72.42 -98.10
N ALA H 775 27.18 -71.71 -98.80
CA ALA H 775 26.75 -72.07 -100.15
C ALA H 775 27.41 -71.12 -101.14
N SER H 776 28.22 -71.67 -102.04
CA SER H 776 28.90 -70.88 -103.06
C SER H 776 29.09 -71.73 -104.30
N ILE H 777 29.51 -71.08 -105.38
CA ILE H 777 29.83 -71.77 -106.63
C ILE H 777 31.33 -71.99 -106.77
N ASN H 778 32.13 -71.02 -106.36
CA ASN H 778 33.59 -71.14 -106.48
C ASN H 778 34.15 -72.26 -105.62
N ILE H 779 33.43 -72.67 -104.57
CA ILE H 779 33.90 -73.74 -103.72
C ILE H 779 33.85 -75.05 -104.49
N LYS H 780 34.96 -75.79 -104.46
CA LYS H 780 35.08 -77.08 -105.13
C LYS H 780 35.54 -78.13 -104.13
N PRO H 781 35.06 -79.35 -104.26
CA PRO H 781 35.57 -80.43 -103.42
C PRO H 781 37.04 -80.72 -103.72
N GLY H 782 37.68 -81.39 -102.78
CA GLY H 782 39.11 -81.59 -102.85
C GLY H 782 39.94 -80.47 -102.28
N HIS H 783 39.31 -79.47 -101.65
CA HIS H 783 40.00 -78.34 -101.08
C HIS H 783 39.55 -78.13 -99.65
N ASP H 784 40.49 -77.73 -98.80
CA ASP H 784 40.20 -77.43 -97.41
C ASP H 784 39.82 -75.96 -97.27
N TYR H 785 38.81 -75.69 -96.45
CA TYR H 785 38.34 -74.32 -96.25
C TYR H 785 38.39 -73.98 -94.77
N TYR H 786 38.84 -72.76 -94.45
CA TYR H 786 39.12 -72.37 -93.09
C TYR H 786 37.99 -71.50 -92.54
N PHE H 787 37.46 -71.90 -91.39
CA PHE H 787 36.42 -71.16 -90.69
C PHE H 787 37.02 -70.59 -89.41
N TYR H 788 36.88 -69.29 -89.21
CA TYR H 788 37.30 -68.64 -87.98
C TYR H 788 36.06 -68.15 -87.25
N ILE H 789 35.84 -68.65 -86.03
CA ILE H 789 34.63 -68.38 -85.28
C ILE H 789 35.01 -67.62 -84.02
N ARG H 790 34.25 -66.56 -83.72
CA ARG H 790 34.41 -65.85 -82.46
C ARG H 790 33.05 -65.65 -81.82
N SER H 791 33.06 -65.45 -80.50
CA SER H 791 31.83 -65.27 -79.73
C SER H 791 31.58 -63.78 -79.54
N VAL H 792 30.35 -63.34 -79.81
CA VAL H 792 29.99 -61.93 -79.79
C VAL H 792 28.80 -61.76 -78.86
N ASN H 793 28.86 -60.79 -77.96
CA ASN H 793 27.72 -60.41 -77.13
C ASN H 793 27.77 -58.91 -76.92
N THR H 794 26.85 -58.41 -76.07
CA THR H 794 26.81 -56.99 -75.79
C THR H 794 28.05 -56.54 -75.03
N VAL H 795 28.56 -57.37 -74.13
CA VAL H 795 29.72 -56.98 -73.33
C VAL H 795 30.95 -56.78 -74.20
N GLY H 796 31.21 -57.72 -75.11
CA GLY H 796 32.38 -57.62 -75.95
C GLY H 796 32.64 -58.81 -76.85
N LYS H 797 33.89 -59.26 -76.88
CA LYS H 797 34.31 -60.29 -77.82
C LYS H 797 35.04 -61.41 -77.10
N SER H 798 35.64 -62.33 -77.85
CA SER H 798 36.41 -63.43 -77.27
C SER H 798 37.53 -63.78 -78.24
N ALA H 799 38.14 -64.94 -78.02
CA ALA H 799 39.22 -65.41 -78.87
C ALA H 799 38.67 -66.06 -80.13
N PHE H 800 39.58 -66.34 -81.07
CA PHE H 800 39.21 -66.94 -82.34
C PHE H 800 39.51 -68.43 -82.33
N VAL H 801 38.58 -69.22 -82.86
CA VAL H 801 38.76 -70.66 -83.03
C VAL H 801 38.82 -70.95 -84.53
N GLU H 802 39.84 -71.69 -84.95
CA GLU H 802 40.07 -72.00 -86.35
C GLU H 802 39.74 -73.47 -86.60
N ALA H 803 38.95 -73.72 -87.64
CA ALA H 803 38.55 -75.06 -88.01
C ALA H 803 38.73 -75.26 -89.51
N VAL H 804 38.99 -76.49 -89.91
CA VAL H 804 39.18 -76.86 -91.30
C VAL H 804 38.02 -77.73 -91.74
N GLY H 805 37.42 -77.39 -92.87
CA GLY H 805 36.25 -78.09 -93.35
C GLY H 805 36.44 -78.57 -94.77
N ARG H 806 35.75 -79.66 -95.09
CA ARG H 806 35.79 -80.32 -96.38
C ARG H 806 34.37 -80.51 -96.90
N ALA H 807 34.24 -80.60 -98.21
CA ALA H 807 32.95 -80.84 -98.85
C ALA H 807 32.62 -82.33 -98.79
N SER H 808 31.61 -82.75 -99.53
CA SER H 808 31.22 -84.16 -99.60
C SER H 808 31.83 -84.78 -100.85
N ASP H 809 32.84 -85.62 -100.66
CA ASP H 809 33.50 -86.27 -101.80
C ASP H 809 32.57 -87.27 -102.47
N ASP H 810 31.76 -87.99 -101.68
CA ASP H 810 30.91 -89.02 -102.24
C ASP H 810 29.81 -88.41 -103.09
N ALA H 811 29.64 -88.96 -104.31
CA ALA H 811 28.60 -88.51 -105.22
C ALA H 811 27.70 -89.63 -105.70
N GLU H 812 28.03 -90.88 -105.40
CA GLU H 812 27.20 -92.00 -105.84
C GLU H 812 25.82 -91.94 -105.21
N GLY H 813 25.75 -91.66 -103.91
CA GLY H 813 24.47 -91.56 -103.24
C GLY H 813 23.61 -90.41 -103.70
N TYR H 814 24.24 -89.32 -104.18
CA TYR H 814 23.47 -88.19 -104.69
C TYR H 814 22.73 -88.54 -105.97
N LEU H 815 23.07 -89.66 -106.62
CA LEU H 815 22.37 -90.11 -107.81
C LEU H 815 21.79 -91.51 -107.68
N ASP H 816 21.97 -92.17 -106.53
CA ASP H 816 21.48 -93.53 -106.38
C ASP H 816 19.96 -93.59 -106.51
N PHE H 817 19.25 -92.62 -105.93
CA PHE H 817 17.80 -92.60 -106.02
C PHE H 817 17.33 -92.35 -107.44
N PHE H 818 18.16 -91.72 -108.26
CA PHE H 818 17.82 -91.42 -109.65
C PHE H 818 18.28 -92.58 -110.53
N LYS H 819 17.33 -93.23 -111.19
CA LYS H 819 17.61 -94.41 -112.00
C LYS H 819 16.71 -94.41 -113.23
N GLY H 820 17.32 -94.41 -114.41
CA GLY H 820 16.56 -94.44 -115.64
C GLY H 820 15.66 -93.23 -115.84
N LYS H 821 16.10 -92.07 -115.37
CA LYS H 821 15.34 -90.83 -115.51
C LYS H 821 16.00 -89.85 -116.47
N ILE H 822 16.91 -90.32 -117.32
CA ILE H 822 17.64 -89.47 -118.25
C ILE H 822 17.34 -89.95 -119.66
N THR H 823 16.96 -89.02 -120.54
CA THR H 823 16.63 -89.31 -121.92
C THR H 823 17.81 -88.96 -122.82
N GLU H 824 17.64 -89.22 -124.12
CA GLU H 824 18.71 -88.99 -125.08
C GLU H 824 19.11 -87.52 -125.15
N SER H 825 18.18 -86.61 -124.86
CA SER H 825 18.49 -85.18 -124.93
C SER H 825 19.52 -84.78 -123.87
N HIS H 826 19.73 -85.59 -122.84
CA HIS H 826 20.72 -85.32 -121.81
C HIS H 826 21.98 -86.15 -121.99
N LEU H 827 22.31 -86.48 -123.24
CA LEU H 827 23.53 -87.20 -123.57
C LEU H 827 24.43 -86.33 -124.45
N GLY H 828 25.73 -86.57 -124.35
CA GLY H 828 26.68 -85.81 -125.15
C GLY H 828 26.57 -86.15 -126.63
N LYS H 829 26.91 -85.16 -127.46
CA LYS H 829 26.86 -85.36 -128.91
C LYS H 829 27.90 -86.37 -129.37
N GLU H 830 29.07 -86.37 -128.73
CA GLU H 830 30.12 -87.31 -129.13
C GLU H 830 29.68 -88.76 -128.92
N LEU H 831 29.01 -89.03 -127.81
CA LEU H 831 28.52 -90.39 -127.57
C LEU H 831 27.46 -90.77 -128.59
N LEU H 832 26.59 -89.83 -128.95
CA LEU H 832 25.54 -90.12 -129.94
C LEU H 832 26.16 -90.43 -131.30
N GLU H 833 27.12 -89.62 -131.74
CA GLU H 833 27.73 -89.85 -133.05
C GLU H 833 28.68 -91.04 -133.05
N LYS H 834 29.17 -91.46 -131.89
CA LYS H 834 29.97 -92.68 -131.82
C LYS H 834 29.14 -93.90 -132.20
N VAL H 835 27.90 -93.96 -131.72
CA VAL H 835 27.04 -95.10 -131.99
C VAL H 835 25.99 -94.75 -133.04
N MET I 1 -10.75 -60.12 -25.95
CA MET I 1 -10.40 -60.52 -24.59
C MET I 1 -9.77 -59.38 -23.79
N GLY I 2 -10.12 -59.30 -22.52
CA GLY I 2 -9.68 -58.21 -21.67
C GLY I 2 -8.85 -58.62 -20.46
N LYS I 3 -9.50 -58.61 -19.29
CA LYS I 3 -8.90 -58.94 -17.98
C LYS I 3 -7.63 -58.12 -17.82
N GLY I 4 -6.54 -58.68 -17.31
CA GLY I 4 -5.35 -57.91 -17.01
C GLY I 4 -4.25 -58.00 -18.05
N SER I 5 -4.17 -59.12 -18.74
CA SER I 5 -3.17 -59.32 -19.78
C SER I 5 -3.83 -59.94 -20.99
N SER I 6 -3.39 -59.53 -22.19
CA SER I 6 -3.96 -60.08 -23.41
C SER I 6 -2.93 -60.07 -24.51
N LYS I 7 -3.14 -60.92 -25.52
CA LYS I 7 -2.27 -60.97 -26.68
C LYS I 7 -3.10 -61.33 -27.90
N GLY I 8 -2.60 -60.95 -29.07
CA GLY I 8 -3.30 -61.21 -30.30
C GLY I 8 -2.39 -61.02 -31.50
N HIS I 9 -2.80 -61.61 -32.62
CA HIS I 9 -2.01 -61.54 -33.84
C HIS I 9 -2.92 -61.73 -35.04
N THR I 10 -2.40 -61.33 -36.21
CA THR I 10 -3.10 -61.55 -37.46
C THR I 10 -2.28 -62.46 -38.37
N PRO I 11 -2.92 -63.34 -39.13
CA PRO I 11 -2.17 -64.23 -40.02
C PRO I 11 -1.41 -63.47 -41.09
N ARG I 12 -0.08 -63.55 -41.06
CA ARG I 12 0.73 -62.81 -42.01
C ARG I 12 0.67 -63.44 -43.39
N GLU I 13 0.61 -62.59 -44.41
CA GLU I 13 0.79 -63.02 -45.80
C GLU I 13 2.22 -62.69 -46.19
N ALA I 14 2.98 -63.72 -46.54
CA ALA I 14 4.42 -63.61 -46.66
C ALA I 14 4.90 -64.63 -47.68
N LYS I 15 6.18 -64.99 -47.60
CA LYS I 15 6.81 -66.04 -48.40
C LYS I 15 6.93 -65.61 -49.86
N ASP I 16 6.58 -66.51 -50.78
CA ASP I 16 6.75 -66.30 -52.21
C ASP I 16 8.23 -66.03 -52.52
N ASN I 17 9.00 -67.11 -52.37
CA ASN I 17 10.41 -67.16 -52.74
C ASN I 17 11.29 -66.53 -51.66
N LEU I 18 12.47 -67.11 -51.48
CA LEU I 18 13.40 -66.71 -50.43
C LEU I 18 13.76 -65.24 -50.54
N LYS I 19 13.44 -64.47 -49.49
CA LYS I 19 13.73 -63.05 -49.41
C LYS I 19 14.02 -62.71 -47.94
N SER I 20 14.08 -61.42 -47.62
CA SER I 20 14.27 -60.98 -46.26
C SER I 20 13.27 -59.85 -45.96
N THR I 21 12.82 -59.80 -44.71
CA THR I 21 11.81 -58.84 -44.29
C THR I 21 12.24 -58.15 -43.01
N GLN I 22 11.77 -56.92 -42.83
CA GLN I 22 12.06 -56.16 -41.63
C GLN I 22 10.99 -56.42 -40.57
N LEU I 23 11.22 -55.90 -39.37
CA LEU I 23 10.30 -56.10 -38.27
C LEU I 23 10.46 -54.95 -37.28
N LEU I 24 9.50 -54.04 -37.26
CA LEU I 24 9.47 -52.93 -36.32
C LEU I 24 8.73 -53.37 -35.07
N SER I 25 9.45 -53.38 -33.94
CA SER I 25 8.89 -53.76 -32.65
C SER I 25 9.02 -52.57 -31.70
N VAL I 26 7.90 -52.09 -31.18
CA VAL I 26 7.88 -50.90 -30.36
C VAL I 26 6.96 -51.09 -29.17
N ILE I 27 7.41 -50.64 -27.99
CA ILE I 27 6.65 -50.70 -26.76
C ILE I 27 6.22 -49.30 -26.37
N ASP I 28 4.96 -49.14 -26.00
CA ASP I 28 4.40 -47.87 -25.61
C ASP I 28 3.81 -47.95 -24.21
N ALA I 29 3.94 -46.84 -23.47
CA ALA I 29 3.36 -46.71 -22.14
C ALA I 29 2.16 -45.79 -22.24
N ILE I 30 1.00 -46.28 -21.81
CA ILE I 30 -0.25 -45.56 -22.04
C ILE I 30 -0.59 -44.70 -20.83
N SER I 31 -0.76 -45.34 -19.67
CA SER I 31 -1.24 -44.65 -18.48
C SER I 31 -0.69 -45.36 -17.25
N GLU I 32 -1.22 -45.02 -16.09
CA GLU I 32 -0.76 -45.55 -14.82
C GLU I 32 -1.92 -46.14 -14.04
N GLY I 33 -1.61 -47.12 -13.20
CA GLY I 33 -2.61 -47.77 -12.40
C GLY I 33 -3.34 -48.85 -13.17
N PRO I 34 -4.22 -49.58 -12.51
CA PRO I 34 -4.98 -50.63 -13.21
C PRO I 34 -5.96 -50.03 -14.20
N ILE I 35 -5.67 -50.19 -15.48
CA ILE I 35 -6.49 -49.65 -16.56
C ILE I 35 -7.37 -50.77 -17.06
N GLU I 36 -8.46 -50.40 -17.74
CA GLU I 36 -9.27 -51.39 -18.43
C GLU I 36 -8.77 -51.54 -19.86
N GLY I 37 -9.00 -52.72 -20.43
CA GLY I 37 -8.51 -53.04 -21.74
C GLY I 37 -9.19 -52.23 -22.83
N PRO I 38 -8.95 -52.60 -24.09
CA PRO I 38 -9.61 -51.89 -25.19
C PRO I 38 -11.11 -52.11 -25.16
N VAL I 39 -11.83 -51.12 -25.68
CA VAL I 39 -13.29 -51.22 -25.75
C VAL I 39 -13.70 -52.41 -26.60
N ASP I 40 -12.99 -52.67 -27.68
CA ASP I 40 -13.27 -53.71 -28.64
C ASP I 40 -12.35 -54.92 -28.46
N GLY I 41 -12.42 -55.87 -29.39
CA GLY I 41 -11.54 -57.03 -29.32
C GLY I 41 -10.07 -56.73 -29.56
N LEU I 42 -9.68 -56.54 -30.82
CA LEU I 42 -8.30 -56.22 -31.16
C LEU I 42 -8.19 -55.06 -32.13
N LYS I 43 -9.27 -54.67 -32.79
CA LYS I 43 -9.24 -53.62 -33.80
C LYS I 43 -9.18 -52.23 -33.20
N SER I 44 -8.88 -52.10 -31.91
CA SER I 44 -8.66 -50.78 -31.34
C SER I 44 -7.32 -50.21 -31.75
N VAL I 45 -6.34 -51.05 -32.08
CA VAL I 45 -5.03 -50.56 -32.47
C VAL I 45 -5.13 -49.88 -33.82
N LEU I 46 -4.69 -48.63 -33.89
CA LEU I 46 -4.76 -47.82 -35.10
C LEU I 46 -3.36 -47.45 -35.52
N LEU I 47 -2.94 -47.93 -36.69
CA LEU I 47 -1.66 -47.58 -37.29
C LEU I 47 -1.94 -46.61 -38.43
N ASN I 48 -1.41 -45.40 -38.34
CA ASN I 48 -1.68 -44.35 -39.33
C ASN I 48 -3.18 -44.15 -39.51
N SER I 49 -3.89 -44.07 -38.39
CA SER I 49 -5.32 -43.75 -38.35
C SER I 49 -6.17 -44.77 -39.10
N THR I 50 -5.75 -46.04 -39.10
CA THR I 50 -6.62 -47.08 -39.63
C THR I 50 -6.46 -48.34 -38.79
N PRO I 51 -7.56 -48.96 -38.36
CA PRO I 51 -7.47 -50.16 -37.55
C PRO I 51 -7.03 -51.36 -38.37
N VAL I 52 -6.61 -52.41 -37.67
CA VAL I 52 -6.19 -53.64 -38.33
C VAL I 52 -7.35 -54.57 -38.66
N LEU I 53 -8.52 -54.36 -38.04
CA LEU I 53 -9.74 -55.08 -38.37
C LEU I 53 -10.85 -54.06 -38.57
N ASP I 54 -11.69 -54.30 -39.57
CA ASP I 54 -12.77 -53.38 -39.88
C ASP I 54 -14.03 -53.79 -39.12
N THR I 55 -15.16 -53.16 -39.45
CA THR I 55 -16.42 -53.48 -38.78
C THR I 55 -16.82 -54.93 -39.04
N GLU I 56 -16.65 -55.39 -40.28
CA GLU I 56 -17.03 -56.76 -40.61
C GLU I 56 -16.20 -57.77 -39.81
N GLY I 57 -14.90 -57.51 -39.66
CA GLY I 57 -14.02 -58.35 -38.86
C GLY I 57 -12.89 -58.98 -39.63
N ASN I 58 -12.95 -58.99 -40.96
CA ASN I 58 -11.87 -59.59 -41.75
C ASN I 58 -10.59 -58.78 -41.60
N THR I 59 -9.46 -59.47 -41.70
CA THR I 59 -8.17 -58.83 -41.49
C THR I 59 -7.92 -57.74 -42.52
N ASN I 60 -7.29 -56.67 -42.09
CA ASN I 60 -6.99 -55.53 -42.94
C ASN I 60 -5.51 -55.31 -43.19
N ILE I 61 -4.65 -55.67 -42.24
CA ILE I 61 -3.21 -55.54 -42.39
C ILE I 61 -2.59 -56.93 -42.29
N SER I 62 -1.29 -57.00 -42.58
CA SER I 62 -0.55 -58.25 -42.55
C SER I 62 -0.24 -58.61 -41.10
N GLY I 63 0.69 -59.53 -40.91
CA GLY I 63 1.02 -60.01 -39.58
C GLY I 63 1.41 -58.92 -38.60
N VAL I 64 0.52 -58.66 -37.65
CA VAL I 64 0.72 -57.67 -36.61
C VAL I 64 0.48 -58.35 -35.27
N THR I 65 1.47 -58.31 -34.38
CA THR I 65 1.36 -58.97 -33.08
C THR I 65 1.30 -57.90 -32.01
N VAL I 66 0.24 -57.93 -31.20
CA VAL I 66 0.00 -56.93 -30.18
C VAL I 66 -0.18 -57.64 -28.84
N VAL I 67 0.59 -57.20 -27.84
CA VAL I 67 0.46 -57.71 -26.47
C VAL I 67 0.17 -56.52 -25.56
N PHE I 68 -0.89 -56.62 -24.77
CA PHE I 68 -1.32 -55.54 -23.90
C PHE I 68 -1.27 -55.99 -22.45
N ARG I 69 -0.71 -55.14 -21.59
CA ARG I 69 -0.62 -55.43 -20.16
C ARG I 69 -1.10 -54.21 -19.39
N ALA I 70 -2.24 -54.36 -18.71
CA ALA I 70 -2.72 -53.31 -17.82
C ALA I 70 -1.81 -53.20 -16.61
N GLY I 71 -1.53 -51.97 -16.19
CA GLY I 71 -0.63 -51.76 -15.08
C GLY I 71 -1.17 -52.28 -13.77
N GLU I 72 -0.60 -53.38 -13.29
CA GLU I 72 -1.01 -54.00 -12.04
C GLU I 72 0.19 -54.71 -11.45
N GLN I 73 0.32 -54.69 -10.13
CA GLN I 73 1.52 -55.19 -9.48
C GLN I 73 1.70 -56.68 -9.74
N GLU I 74 2.94 -57.15 -9.55
CA GLU I 74 3.37 -58.52 -9.79
C GLU I 74 2.79 -59.10 -11.07
N GLN I 75 2.76 -58.30 -12.13
CA GLN I 75 2.33 -58.78 -13.44
C GLN I 75 3.50 -59.44 -14.17
N THR I 76 3.16 -60.20 -15.21
CA THR I 76 4.18 -60.91 -15.96
C THR I 76 4.84 -59.97 -16.96
N PRO I 77 6.16 -60.07 -17.17
CA PRO I 77 6.82 -59.18 -18.11
C PRO I 77 6.47 -59.56 -19.54
N PRO I 78 6.61 -58.65 -20.49
CA PRO I 78 6.40 -58.99 -21.90
C PRO I 78 7.45 -59.98 -22.38
N GLU I 79 7.06 -60.80 -23.36
CA GLU I 79 7.91 -61.89 -23.81
C GLU I 79 8.16 -61.91 -25.31
N GLY I 80 7.47 -61.06 -26.09
CA GLY I 80 7.62 -61.13 -27.53
C GLY I 80 8.99 -60.73 -28.02
N PHE I 81 9.59 -59.71 -27.41
CA PHE I 81 10.81 -59.10 -27.91
C PHE I 81 11.99 -59.43 -27.02
N GLU I 82 13.16 -59.51 -27.64
CA GLU I 82 14.40 -59.88 -26.96
C GLU I 82 15.05 -58.65 -26.34
N SER I 83 16.00 -58.91 -25.44
CA SER I 83 16.79 -57.86 -24.81
C SER I 83 18.25 -57.94 -25.22
N SER I 84 18.90 -59.09 -25.01
CA SER I 84 20.31 -59.23 -25.34
C SER I 84 20.55 -60.57 -26.00
N GLY I 85 21.31 -60.56 -27.09
CA GLY I 85 21.61 -61.79 -27.80
C GLY I 85 23.09 -62.07 -27.97
N SER I 86 23.50 -63.32 -27.75
CA SER I 86 24.87 -63.75 -27.96
C SER I 86 24.91 -64.66 -29.17
N GLU I 87 25.71 -64.28 -30.17
CA GLU I 87 25.83 -65.03 -31.41
C GLU I 87 27.15 -65.78 -31.44
N THR I 88 27.09 -67.09 -31.71
CA THR I 88 28.29 -67.89 -31.91
C THR I 88 28.24 -68.53 -33.27
N VAL I 89 29.35 -68.48 -34.00
CA VAL I 89 29.42 -68.93 -35.38
C VAL I 89 30.41 -70.08 -35.47
N LEU I 90 30.00 -71.18 -36.10
CA LEU I 90 30.90 -72.28 -36.41
C LEU I 90 30.42 -72.88 -37.73
N GLY I 91 31.04 -72.45 -38.83
CA GLY I 91 30.57 -72.83 -40.14
C GLY I 91 30.79 -74.31 -40.41
N THR I 92 29.71 -75.08 -40.48
CA THR I 92 29.78 -76.50 -40.79
C THR I 92 28.69 -76.83 -41.80
N GLU I 93 28.87 -77.94 -42.50
CA GLU I 93 27.92 -78.41 -43.51
C GLU I 93 27.26 -79.69 -43.02
N VAL I 94 25.93 -79.72 -43.08
CA VAL I 94 25.16 -80.88 -42.64
C VAL I 94 25.08 -81.88 -43.78
N LYS I 95 25.44 -83.13 -43.48
CA LYS I 95 25.42 -84.23 -44.45
C LYS I 95 24.44 -85.29 -43.99
N TYR I 96 23.85 -85.99 -44.97
CA TYR I 96 22.85 -87.01 -44.66
C TYR I 96 23.42 -88.12 -43.80
N ASP I 97 24.65 -88.57 -44.13
CA ASP I 97 25.24 -89.69 -43.40
C ASP I 97 25.65 -89.29 -41.99
N THR I 98 26.15 -88.06 -41.82
CA THR I 98 26.65 -87.60 -40.51
C THR I 98 25.87 -86.39 -40.04
N PRO I 99 24.84 -86.57 -39.22
CA PRO I 99 24.19 -85.41 -38.59
C PRO I 99 25.14 -84.70 -37.64
N ILE I 100 24.84 -83.42 -37.41
CA ILE I 100 25.70 -82.54 -36.62
C ILE I 100 25.04 -82.26 -35.28
N THR I 101 25.79 -82.47 -34.20
CA THR I 101 25.29 -82.28 -32.84
C THR I 101 26.05 -81.15 -32.17
N ARG I 102 25.33 -80.33 -31.41
CA ARG I 102 25.93 -79.24 -30.66
C ARG I 102 25.31 -79.17 -29.28
N THR I 103 26.13 -78.99 -28.25
CA THR I 103 25.65 -78.86 -26.89
C THR I 103 25.88 -77.44 -26.41
N ILE I 104 24.96 -76.94 -25.59
CA ILE I 104 25.03 -75.59 -25.07
C ILE I 104 25.15 -75.64 -23.55
N THR I 105 25.84 -74.65 -22.99
CA THR I 105 26.00 -74.56 -21.54
C THR I 105 25.95 -73.08 -21.17
N SER I 106 24.81 -72.65 -20.64
CA SER I 106 24.65 -71.27 -20.22
C SER I 106 23.65 -71.20 -19.08
N ALA I 107 23.72 -70.11 -18.33
CA ALA I 107 22.84 -69.94 -17.17
C ALA I 107 21.47 -69.43 -17.59
N ASN I 108 21.43 -68.31 -18.31
CA ASN I 108 20.17 -67.68 -18.70
C ASN I 108 19.77 -68.20 -20.08
N ILE I 109 18.63 -68.87 -20.15
CA ILE I 109 18.09 -69.41 -21.39
C ILE I 109 16.65 -68.92 -21.54
N ASP I 110 16.40 -68.09 -22.54
CA ASP I 110 15.03 -67.66 -22.85
C ASP I 110 14.59 -68.13 -24.23
N ARG I 111 15.33 -67.80 -25.28
CA ARG I 111 15.02 -68.27 -26.62
C ARG I 111 16.30 -68.51 -27.38
N LEU I 112 16.23 -69.35 -28.41
CA LEU I 112 17.42 -69.72 -29.16
C LEU I 112 17.06 -69.80 -30.63
N ARG I 113 17.89 -69.22 -31.49
CA ARG I 113 17.62 -69.22 -32.93
C ARG I 113 18.81 -69.78 -33.69
N PHE I 114 18.51 -70.50 -34.76
CA PHE I 114 19.50 -71.09 -35.64
C PHE I 114 19.42 -70.43 -37.02
N THR I 115 20.58 -70.10 -37.57
CA THR I 115 20.69 -69.62 -38.95
C THR I 115 21.31 -70.71 -39.79
N PHE I 116 20.67 -71.03 -40.91
CA PHE I 116 21.13 -72.09 -41.79
C PHE I 116 21.17 -71.58 -43.22
N GLY I 117 22.14 -72.09 -43.98
CA GLY I 117 22.42 -71.58 -45.31
C GLY I 117 22.25 -72.63 -46.39
N VAL I 118 22.03 -72.15 -47.61
CA VAL I 118 22.00 -72.97 -48.82
C VAL I 118 23.02 -72.39 -49.78
N GLN I 119 23.97 -73.22 -50.21
CA GLN I 119 25.02 -72.74 -51.12
C GLN I 119 24.44 -72.39 -52.49
N ALA I 120 23.65 -73.29 -53.06
CA ALA I 120 23.02 -73.06 -54.36
C ALA I 120 21.83 -73.98 -54.49
N LEU I 121 20.90 -73.61 -55.36
CA LEU I 121 19.68 -74.40 -55.51
C LEU I 121 19.23 -74.62 -56.95
N VAL I 122 19.90 -74.05 -57.96
CA VAL I 122 19.41 -74.19 -59.33
C VAL I 122 19.69 -75.60 -59.85
N GLU I 123 18.93 -75.98 -60.87
CA GLU I 123 19.11 -77.25 -61.57
C GLU I 123 19.24 -76.97 -63.06
N THR I 124 20.12 -77.72 -63.72
CA THR I 124 20.38 -77.54 -65.14
C THR I 124 20.25 -78.88 -65.84
N THR I 125 19.43 -78.93 -66.89
CA THR I 125 19.25 -80.14 -67.68
C THR I 125 20.20 -80.10 -68.89
N SER I 126 19.99 -81.00 -69.84
CA SER I 126 20.84 -81.04 -71.03
C SER I 126 20.74 -79.76 -71.84
N LYS I 127 19.51 -79.27 -72.04
CA LYS I 127 19.33 -78.04 -72.82
C LYS I 127 19.91 -76.83 -72.09
N GLY I 128 19.65 -76.73 -70.79
CA GLY I 128 20.19 -75.64 -70.00
C GLY I 128 19.13 -74.84 -69.26
N ASP I 129 17.90 -75.35 -69.22
CA ASP I 129 16.84 -74.66 -68.50
C ASP I 129 17.10 -74.67 -67.00
N ARG I 130 16.60 -73.65 -66.32
CA ARG I 130 16.80 -73.47 -64.89
C ARG I 130 15.49 -73.77 -64.18
N ASN I 131 15.54 -74.66 -63.20
CA ASN I 131 14.36 -75.05 -62.45
C ASN I 131 14.62 -74.98 -60.96
N PRO I 132 13.61 -74.66 -60.17
CA PRO I 132 13.76 -74.68 -58.70
C PRO I 132 13.76 -76.10 -58.16
N SER I 133 14.18 -76.22 -56.90
CA SER I 133 14.24 -77.51 -56.23
C SER I 133 13.87 -77.34 -54.77
N GLU I 134 13.42 -78.43 -54.15
CA GLU I 134 12.93 -78.45 -52.78
C GLU I 134 13.94 -79.13 -51.87
N VAL I 135 14.18 -78.54 -50.71
CA VAL I 135 15.08 -79.11 -49.70
C VAL I 135 14.38 -79.05 -48.35
N ARG I 136 14.39 -80.15 -47.62
CA ARG I 136 13.75 -80.22 -46.31
C ARG I 136 14.76 -80.63 -45.25
N LEU I 137 14.75 -79.93 -44.12
CA LEU I 137 15.62 -80.20 -42.99
C LEU I 137 14.79 -80.32 -41.73
N LEU I 138 15.29 -81.08 -40.77
CA LEU I 138 14.64 -81.20 -39.46
C LEU I 138 15.65 -80.83 -38.38
N VAL I 139 15.25 -79.92 -37.49
CA VAL I 139 16.05 -79.54 -36.34
C VAL I 139 15.38 -80.08 -35.09
N GLN I 140 16.13 -80.84 -34.29
CA GLN I 140 15.59 -81.57 -33.16
C GLN I 140 16.39 -81.25 -31.91
N ILE I 141 15.72 -81.32 -30.76
CA ILE I 141 16.31 -81.10 -29.46
C ILE I 141 16.01 -82.31 -28.58
N GLN I 142 16.55 -82.28 -27.36
CA GLN I 142 16.34 -83.35 -26.39
C GLN I 142 15.31 -82.88 -25.38
N ARG I 143 14.17 -83.58 -25.34
CA ARG I 143 13.06 -83.24 -24.44
C ARG I 143 12.77 -84.45 -23.56
N ASN I 144 13.15 -84.36 -22.29
CA ASN I 144 12.95 -85.44 -21.32
C ASN I 144 13.55 -86.75 -21.81
N GLY I 145 14.76 -86.67 -22.36
CA GLY I 145 15.44 -87.84 -22.85
C GLY I 145 14.99 -88.33 -24.21
N GLY I 146 14.12 -87.58 -24.89
CA GLY I 146 13.62 -87.96 -26.20
C GLY I 146 14.08 -86.98 -27.26
N TRP I 147 14.60 -87.52 -28.36
CA TRP I 147 15.09 -86.71 -29.47
C TRP I 147 13.97 -86.46 -30.49
N VAL I 148 12.88 -85.88 -29.99
CA VAL I 148 11.74 -85.61 -30.85
C VAL I 148 12.05 -84.43 -31.77
N THR I 149 11.34 -84.39 -32.90
CA THR I 149 11.54 -83.32 -33.86
C THR I 149 10.96 -82.02 -33.30
N GLU I 150 11.80 -81.01 -33.16
CA GLU I 150 11.34 -79.72 -32.66
C GLU I 150 10.79 -78.84 -33.77
N LYS I 151 11.44 -78.84 -34.94
CA LYS I 151 10.97 -77.99 -36.02
C LYS I 151 11.40 -78.59 -37.35
N ASP I 152 10.57 -78.39 -38.36
CA ASP I 152 10.90 -78.76 -39.73
C ASP I 152 11.15 -77.50 -40.53
N ILE I 153 11.75 -77.67 -41.71
CA ILE I 153 12.04 -76.58 -42.63
C ILE I 153 11.95 -77.11 -44.05
N THR I 154 11.35 -76.32 -44.93
CA THR I 154 11.30 -76.65 -46.34
C THR I 154 11.55 -75.40 -47.16
N ILE I 155 12.33 -75.56 -48.23
CA ILE I 155 12.64 -74.47 -49.16
C ILE I 155 12.30 -74.93 -50.57
N LYS I 156 11.58 -74.09 -51.30
CA LYS I 156 11.13 -74.41 -52.65
C LYS I 156 11.43 -73.27 -53.61
N GLY I 157 12.64 -72.72 -53.54
CA GLY I 157 13.04 -71.61 -54.37
C GLY I 157 14.02 -72.01 -55.46
N LYS I 158 14.47 -71.00 -56.21
CA LYS I 158 15.47 -71.18 -57.26
C LYS I 158 16.48 -70.05 -57.13
N THR I 159 17.68 -70.38 -56.68
CA THR I 159 18.74 -69.39 -56.56
C THR I 159 20.09 -70.08 -56.67
N THR I 160 21.09 -69.30 -57.04
CA THR I 160 22.48 -69.75 -57.06
C THR I 160 23.34 -68.96 -56.09
N SER I 161 22.73 -68.27 -55.13
CA SER I 161 23.44 -67.50 -54.12
C SER I 161 23.29 -68.15 -52.75
N GLN I 162 24.34 -68.02 -51.95
CA GLN I 162 24.36 -68.60 -50.60
C GLN I 162 23.37 -67.84 -49.73
N TYR I 163 22.20 -68.44 -49.52
CA TYR I 163 21.09 -67.80 -48.81
C TYR I 163 21.03 -68.32 -47.37
N LEU I 164 21.04 -67.40 -46.42
CA LEU I 164 21.01 -67.72 -45.00
C LEU I 164 19.65 -67.30 -44.43
N ALA I 165 19.00 -68.21 -43.72
CA ALA I 165 17.70 -67.97 -43.12
C ALA I 165 17.74 -68.31 -41.64
N SER I 166 17.04 -67.52 -40.83
CA SER I 166 17.07 -67.65 -39.38
C SER I 166 15.70 -68.07 -38.85
N VAL I 167 15.69 -69.07 -37.97
CA VAL I 167 14.47 -69.57 -37.34
C VAL I 167 14.69 -69.66 -35.84
N VAL I 168 13.73 -69.15 -35.07
CA VAL I 168 13.86 -69.07 -33.62
C VAL I 168 12.91 -70.07 -32.98
N MET I 169 13.28 -70.51 -31.79
CA MET I 169 12.44 -71.39 -30.97
C MET I 169 12.55 -70.96 -29.52
N GLY I 170 11.51 -71.29 -28.76
CA GLY I 170 11.49 -71.01 -27.34
C GLY I 170 12.02 -72.19 -26.55
N ASN I 171 13.07 -71.97 -25.77
CA ASN I 171 13.70 -73.05 -25.01
C ASN I 171 12.88 -73.30 -23.74
N LEU I 172 11.94 -74.23 -23.82
CA LEU I 172 11.22 -74.66 -22.63
C LEU I 172 12.05 -75.60 -21.76
N PRO I 173 12.71 -76.64 -22.31
CA PRO I 173 13.48 -77.56 -21.45
C PRO I 173 14.62 -76.84 -20.75
N PRO I 174 14.80 -77.07 -19.45
CA PRO I 174 15.93 -76.48 -18.74
C PRO I 174 17.18 -77.34 -18.83
N ARG I 175 18.28 -76.90 -18.20
CA ARG I 175 19.52 -77.64 -18.08
C ARG I 175 20.22 -77.74 -19.43
N PRO I 176 21.55 -77.73 -19.46
CA PRO I 176 22.26 -77.91 -20.74
C PRO I 176 21.83 -79.19 -21.46
N PHE I 177 21.62 -79.07 -22.76
CA PHE I 177 21.19 -80.21 -23.57
C PHE I 177 21.91 -80.16 -24.91
N ASN I 178 21.43 -80.95 -25.86
CA ASN I 178 22.04 -81.07 -27.18
C ASN I 178 20.99 -80.84 -28.26
N ILE I 179 21.46 -80.35 -29.40
CA ILE I 179 20.61 -80.02 -30.54
C ILE I 179 21.24 -80.62 -31.79
N ARG I 180 20.41 -81.19 -32.66
CA ARG I 180 20.89 -81.85 -33.87
C ARG I 180 20.04 -81.43 -35.05
N MET I 181 20.54 -81.72 -36.25
CA MET I 181 19.80 -81.52 -37.48
C MET I 181 20.00 -82.71 -38.40
N ARG I 182 19.00 -82.95 -39.24
CA ARG I 182 19.02 -84.06 -40.18
C ARG I 182 18.45 -83.59 -41.52
N ARG I 183 19.16 -83.91 -42.59
CA ARG I 183 18.72 -83.59 -43.93
C ARG I 183 17.91 -84.74 -44.49
N MET I 184 16.73 -84.44 -45.04
CA MET I 184 15.90 -85.48 -45.62
C MET I 184 16.15 -85.69 -47.11
N THR I 185 16.47 -84.63 -47.84
CA THR I 185 16.80 -84.79 -49.25
C THR I 185 18.13 -85.53 -49.38
N PRO I 186 18.18 -86.62 -50.14
CA PRO I 186 19.43 -87.38 -50.26
C PRO I 186 20.53 -86.55 -50.91
N ASP I 187 21.77 -86.95 -50.64
CA ASP I 187 22.92 -86.21 -51.14
C ASP I 187 22.92 -86.18 -52.67
N SER I 188 23.66 -85.22 -53.21
CA SER I 188 23.79 -85.10 -54.65
C SER I 188 24.58 -86.27 -55.21
N THR I 189 24.18 -86.72 -56.39
CA THR I 189 24.86 -87.81 -57.09
C THR I 189 25.68 -87.31 -58.27
N THR I 190 25.12 -86.41 -59.06
CA THR I 190 25.81 -85.80 -60.19
C THR I 190 26.21 -84.37 -59.84
N ASP I 191 26.81 -83.70 -60.81
CA ASP I 191 27.13 -82.28 -60.67
C ASP I 191 26.00 -81.37 -61.10
N GLN I 192 24.93 -81.93 -61.68
CA GLN I 192 23.81 -81.11 -62.14
C GLN I 192 22.94 -80.62 -61.01
N LEU I 193 22.98 -81.28 -59.85
CA LEU I 193 22.26 -80.83 -58.66
C LEU I 193 23.27 -80.47 -57.59
N GLN I 194 23.06 -79.32 -56.95
CA GLN I 194 24.01 -78.83 -55.95
C GLN I 194 23.30 -78.24 -54.74
N ASN I 195 22.16 -78.81 -54.35
CA ASN I 195 21.45 -78.32 -53.19
C ASN I 195 22.19 -78.71 -51.92
N LYS I 196 23.14 -77.90 -51.49
CA LYS I 196 23.94 -78.15 -50.30
C LYS I 196 23.46 -77.25 -49.18
N THR I 197 23.16 -77.84 -48.03
CA THR I 197 22.72 -77.12 -46.85
C THR I 197 23.84 -77.10 -45.83
N LEU I 198 24.01 -75.95 -45.18
CA LEU I 198 25.06 -75.76 -44.20
C LEU I 198 24.50 -75.13 -42.93
N TRP I 199 25.19 -75.39 -41.83
CA TRP I 199 24.88 -74.81 -40.54
C TRP I 199 25.69 -73.55 -40.31
N SER I 200 25.02 -72.48 -39.93
CA SER I 200 25.64 -71.18 -39.68
C SER I 200 25.48 -70.82 -38.22
N SER I 201 25.81 -69.57 -37.89
CA SER I 201 25.83 -69.12 -36.50
C SER I 201 24.47 -69.30 -35.84
N TYR I 202 24.49 -69.69 -34.57
CA TYR I 202 23.28 -69.71 -33.76
C TYR I 202 23.40 -68.65 -32.67
N THR I 203 22.25 -68.08 -32.31
CA THR I 203 22.20 -66.97 -31.39
C THR I 203 21.26 -67.30 -30.25
N GLU I 204 21.76 -67.19 -29.02
CA GLU I 204 20.96 -67.38 -27.82
C GLU I 204 20.55 -66.01 -27.29
N ILE I 205 19.24 -65.76 -27.22
CA ILE I 205 18.72 -64.44 -26.86
C ILE I 205 17.94 -64.56 -25.57
N ILE I 206 18.11 -63.55 -24.70
CA ILE I 206 17.39 -63.43 -23.46
C ILE I 206 16.54 -62.17 -23.51
N ASP I 207 15.26 -62.32 -23.22
CA ASP I 207 14.31 -61.21 -23.29
C ASP I 207 14.47 -60.32 -22.07
N VAL I 208 13.61 -59.31 -21.97
CA VAL I 208 13.66 -58.37 -20.87
C VAL I 208 13.08 -59.03 -19.62
N LYS I 209 13.80 -58.93 -18.51
CA LYS I 209 13.29 -59.36 -17.22
C LYS I 209 12.76 -58.20 -16.39
N GLN I 210 12.94 -56.97 -16.86
CA GLN I 210 12.52 -55.78 -16.12
C GLN I 210 11.03 -55.58 -16.36
N CYS I 211 10.22 -56.22 -15.53
CA CYS I 211 8.79 -56.09 -15.62
C CYS I 211 8.35 -54.67 -15.23
N TYR I 212 7.20 -54.26 -15.76
CA TYR I 212 6.68 -52.94 -15.46
C TYR I 212 5.68 -53.07 -14.34
N PRO I 213 5.92 -52.45 -13.20
CA PRO I 213 5.12 -52.74 -12.00
C PRO I 213 3.67 -52.29 -12.07
N ASN I 214 3.43 -51.02 -12.41
CA ASN I 214 2.08 -50.48 -12.30
C ASN I 214 1.69 -49.59 -13.46
N THR I 215 2.37 -49.71 -14.61
CA THR I 215 2.10 -48.87 -15.77
C THR I 215 1.53 -49.73 -16.88
N ALA I 216 0.44 -49.27 -17.49
CA ALA I 216 -0.13 -49.96 -18.63
C ALA I 216 0.78 -49.81 -19.84
N LEU I 217 0.97 -50.90 -20.57
CA LEU I 217 1.86 -50.86 -21.73
C LEU I 217 1.29 -51.75 -22.83
N VAL I 218 1.67 -51.41 -24.07
CA VAL I 218 1.28 -52.17 -25.25
C VAL I 218 2.52 -52.34 -26.12
N GLY I 219 2.83 -53.60 -26.47
CA GLY I 219 3.93 -53.89 -27.36
C GLY I 219 3.39 -54.36 -28.70
N VAL I 220 3.81 -53.70 -29.76
CA VAL I 220 3.32 -53.99 -31.11
C VAL I 220 4.50 -54.28 -32.01
N GLN I 221 4.42 -55.39 -32.74
CA GLN I 221 5.39 -55.77 -33.75
C GLN I 221 4.71 -55.89 -35.10
N VAL I 222 5.23 -55.17 -36.10
CA VAL I 222 4.66 -55.12 -37.43
C VAL I 222 5.79 -55.33 -38.43
N ASP I 223 5.50 -56.07 -39.51
CA ASP I 223 6.53 -56.34 -40.51
C ASP I 223 7.08 -55.05 -41.12
N SER I 224 6.26 -54.01 -41.20
CA SER I 224 6.67 -52.69 -41.67
C SER I 224 7.26 -52.73 -43.08
N GLU I 225 6.77 -53.64 -43.90
CA GLU I 225 7.18 -53.68 -45.30
C GLU I 225 6.29 -52.79 -46.17
N GLN I 226 4.97 -52.94 -46.02
CA GLN I 226 4.01 -52.15 -46.80
C GLN I 226 3.95 -50.70 -46.33
N PHE I 227 4.53 -50.37 -45.18
CA PHE I 227 4.54 -49.00 -44.73
C PHE I 227 5.62 -48.20 -45.45
N GLY I 228 5.45 -46.86 -45.44
CA GLY I 228 6.37 -45.98 -46.12
C GLY I 228 7.66 -45.78 -45.34
N SER I 229 8.57 -45.03 -45.95
CA SER I 229 9.86 -44.77 -45.33
C SER I 229 9.74 -43.97 -44.04
N GLN I 230 8.61 -43.30 -43.84
CA GLN I 230 8.40 -42.53 -42.63
C GLN I 230 8.01 -43.45 -41.47
N GLN I 231 7.90 -42.88 -40.28
CA GLN I 231 7.49 -43.64 -39.11
C GLN I 231 5.99 -43.93 -39.18
N VAL I 232 5.49 -44.64 -38.17
CA VAL I 232 4.08 -44.97 -38.08
C VAL I 232 3.56 -44.52 -36.72
N SER I 233 2.42 -43.85 -36.73
CA SER I 233 1.80 -43.37 -35.51
C SER I 233 0.86 -44.43 -34.96
N ARG I 234 0.95 -44.69 -33.66
CA ARG I 234 0.14 -45.71 -33.00
C ARG I 234 -0.88 -45.02 -32.10
N ASN I 235 -2.15 -45.36 -32.29
CA ASN I 235 -3.22 -44.89 -31.42
C ASN I 235 -3.97 -46.09 -30.85
N TYR I 236 -4.48 -45.94 -29.64
CA TYR I 236 -5.15 -47.04 -28.96
C TYR I 236 -6.44 -46.56 -28.34
N HIS I 237 -7.54 -47.21 -28.70
CA HIS I 237 -8.88 -46.82 -28.26
C HIS I 237 -9.19 -47.57 -26.98
N LEU I 238 -8.60 -47.12 -25.89
CA LEU I 238 -8.65 -47.82 -24.60
C LEU I 238 -9.77 -47.28 -23.73
N ARG I 239 -10.12 -48.05 -22.72
CA ARG I 239 -11.11 -47.66 -21.72
C ARG I 239 -10.41 -46.80 -20.66
N GLY I 240 -11.11 -46.54 -19.56
CA GLY I 240 -10.59 -45.71 -18.50
C GLY I 240 -9.87 -46.49 -17.44
N ARG I 241 -9.63 -45.81 -16.31
CA ARG I 241 -8.90 -46.39 -15.19
C ARG I 241 -9.86 -46.89 -14.13
N ILE I 242 -9.56 -48.07 -13.57
CA ILE I 242 -10.38 -48.64 -12.51
C ILE I 242 -10.31 -47.75 -11.29
N LEU I 243 -11.46 -47.27 -10.83
CA LEU I 243 -11.55 -46.39 -9.68
C LEU I 243 -12.23 -47.09 -8.52
N GLN I 244 -12.06 -46.51 -7.33
CA GLN I 244 -12.78 -46.95 -6.15
C GLN I 244 -14.15 -46.28 -6.13
N VAL I 245 -15.20 -47.08 -6.28
CA VAL I 245 -16.57 -46.59 -6.42
C VAL I 245 -17.40 -47.13 -5.27
N PRO I 246 -18.39 -46.38 -4.76
CA PRO I 246 -19.22 -46.90 -3.68
C PRO I 246 -19.94 -48.19 -4.07
N SER I 247 -20.10 -49.08 -3.10
CA SER I 247 -20.70 -50.38 -3.38
C SER I 247 -22.13 -50.22 -3.85
N ASN I 248 -22.85 -49.23 -3.33
CA ASN I 248 -24.23 -48.99 -3.74
C ASN I 248 -24.34 -48.60 -5.21
N TYR I 249 -23.26 -48.14 -5.82
CA TYR I 249 -23.28 -47.56 -7.16
C TYR I 249 -23.06 -48.65 -8.19
N ASN I 250 -24.06 -48.87 -9.05
CA ASN I 250 -23.86 -49.72 -10.21
C ASN I 250 -23.22 -48.89 -11.33
N PRO I 251 -22.07 -49.30 -11.86
CA PRO I 251 -21.37 -48.49 -12.86
C PRO I 251 -21.82 -48.72 -14.30
N GLN I 252 -22.92 -49.43 -14.52
CA GLN I 252 -23.41 -49.71 -15.87
C GLN I 252 -24.66 -48.91 -16.18
N THR I 253 -25.69 -49.01 -15.35
CA THR I 253 -26.92 -48.25 -15.52
C THR I 253 -26.97 -47.00 -14.66
N ARG I 254 -25.99 -46.81 -13.78
CA ARG I 254 -25.92 -45.64 -12.89
C ARG I 254 -27.17 -45.53 -12.04
N GLN I 255 -27.48 -46.60 -11.32
CA GLN I 255 -28.65 -46.68 -10.46
C GLN I 255 -28.22 -46.89 -9.02
N TYR I 256 -28.79 -46.12 -8.11
CA TYR I 256 -28.56 -46.27 -6.69
C TYR I 256 -29.71 -47.04 -6.06
N SER I 257 -29.40 -47.93 -5.12
CA SER I 257 -30.42 -48.75 -4.48
C SER I 257 -30.01 -48.99 -3.04
N GLY I 258 -30.50 -48.16 -2.13
CA GLY I 258 -30.27 -48.33 -0.71
C GLY I 258 -29.35 -47.25 -0.15
N ILE I 259 -29.14 -47.34 1.16
CA ILE I 259 -28.26 -46.43 1.88
C ILE I 259 -26.81 -46.83 1.63
N TRP I 260 -25.93 -45.85 1.50
CA TRP I 260 -24.53 -46.08 1.19
C TRP I 260 -23.70 -45.99 2.47
N ASP I 261 -22.77 -46.92 2.63
CA ASP I 261 -21.83 -46.93 3.74
C ASP I 261 -20.42 -46.62 3.23
N GLY I 262 -19.51 -46.38 4.16
CA GLY I 262 -18.15 -46.05 3.78
C GLY I 262 -17.39 -47.23 3.22
N THR I 263 -17.93 -47.85 2.16
CA THR I 263 -17.33 -49.01 1.52
C THR I 263 -17.04 -48.68 0.08
N PHE I 264 -15.84 -49.02 -0.38
CA PHE I 264 -15.43 -48.80 -1.76
C PHE I 264 -15.07 -50.13 -2.41
N LYS I 265 -15.41 -50.29 -3.68
CA LYS I 265 -14.98 -51.45 -4.43
C LYS I 265 -14.31 -51.01 -5.72
N PRO I 266 -13.35 -51.79 -6.21
CA PRO I 266 -12.68 -51.44 -7.48
C PRO I 266 -13.59 -51.77 -8.65
N ALA I 267 -13.92 -50.75 -9.45
CA ALA I 267 -14.73 -50.96 -10.63
C ALA I 267 -14.41 -49.86 -11.63
N TYR I 268 -14.74 -50.10 -12.89
CA TYR I 268 -14.58 -49.07 -13.90
C TYR I 268 -15.72 -48.07 -13.83
N SER I 269 -15.38 -46.80 -14.00
CA SER I 269 -16.39 -45.75 -14.00
C SER I 269 -15.84 -44.53 -14.73
N ASN I 270 -16.73 -43.69 -15.21
CA ASN I 270 -16.39 -42.43 -15.85
C ASN I 270 -17.17 -41.30 -15.22
N ASN I 271 -17.39 -41.38 -13.92
CA ASN I 271 -18.10 -40.35 -13.18
C ASN I 271 -17.11 -39.29 -12.71
N MET I 272 -17.52 -38.02 -12.82
CA MET I 272 -16.60 -36.92 -12.55
C MET I 272 -16.30 -36.78 -11.07
N ALA I 273 -17.32 -36.89 -10.23
CA ALA I 273 -17.11 -36.69 -8.80
C ALA I 273 -16.19 -37.75 -8.22
N TRP I 274 -16.40 -39.02 -8.58
CA TRP I 274 -15.55 -40.07 -8.05
C TRP I 274 -14.17 -40.05 -8.68
N CYS I 275 -14.06 -39.56 -9.92
CA CYS I 275 -12.75 -39.35 -10.50
C CYS I 275 -11.98 -38.29 -9.72
N LEU I 276 -12.65 -37.21 -9.32
CA LEU I 276 -12.00 -36.20 -8.49
C LEU I 276 -11.62 -36.79 -7.13
N TRP I 277 -12.49 -37.63 -6.56
CA TRP I 277 -12.16 -38.25 -5.29
C TRP I 277 -10.92 -39.12 -5.39
N ASP I 278 -10.80 -39.86 -6.50
CA ASP I 278 -9.58 -40.64 -6.75
C ASP I 278 -8.38 -39.73 -6.91
N MET I 279 -8.55 -38.60 -7.59
CA MET I 279 -7.45 -37.64 -7.75
C MET I 279 -6.97 -37.12 -6.41
N LEU I 280 -7.90 -36.73 -5.53
CA LEU I 280 -7.54 -36.10 -4.27
C LEU I 280 -6.74 -37.04 -3.38
N THR I 281 -7.27 -38.24 -3.15
CA THR I 281 -6.63 -39.21 -2.27
C THR I 281 -6.21 -40.43 -3.09
N HIS I 282 -4.90 -40.66 -3.16
CA HIS I 282 -4.31 -41.83 -3.80
C HIS I 282 -2.82 -41.87 -3.50
N PRO I 283 -2.25 -43.04 -3.27
CA PRO I 283 -0.78 -43.10 -3.13
C PRO I 283 -0.11 -42.88 -4.47
N ARG I 284 1.21 -43.04 -4.52
CA ARG I 284 1.99 -42.76 -5.73
C ARG I 284 1.84 -41.32 -6.16
N TYR I 285 0.90 -41.06 -7.07
CA TYR I 285 0.77 -39.75 -7.70
C TYR I 285 -0.39 -38.92 -7.16
N GLY I 286 -1.26 -39.51 -6.34
CA GLY I 286 -2.47 -38.81 -5.94
C GLY I 286 -2.42 -38.11 -4.60
N MET I 287 -1.29 -37.47 -4.30
CA MET I 287 -1.03 -36.76 -3.04
C MET I 287 -1.65 -37.49 -1.84
N GLY I 288 -1.42 -38.80 -1.78
CA GLY I 288 -1.88 -39.56 -0.65
C GLY I 288 -1.01 -39.39 0.58
N LYS I 289 0.29 -39.15 0.38
CA LYS I 289 1.19 -38.93 1.50
C LYS I 289 1.04 -37.56 2.13
N ARG I 290 0.25 -36.68 1.52
CA ARG I 290 0.03 -35.33 2.04
C ARG I 290 -1.24 -35.21 2.88
N LEU I 291 -2.35 -35.78 2.42
CA LEU I 291 -3.60 -35.74 3.15
C LEU I 291 -4.21 -37.13 3.18
N GLY I 292 -4.90 -37.43 4.28
CA GLY I 292 -5.52 -38.72 4.46
C GLY I 292 -6.85 -38.82 3.75
N ALA I 293 -7.52 -39.95 3.96
CA ALA I 293 -8.84 -40.17 3.39
C ALA I 293 -9.93 -39.54 4.22
N ALA I 294 -9.65 -39.13 5.45
CA ALA I 294 -10.64 -38.53 6.33
C ALA I 294 -10.68 -37.01 6.25
N ASP I 295 -9.81 -36.40 5.44
CA ASP I 295 -9.76 -34.95 5.34
C ASP I 295 -10.73 -34.39 4.32
N VAL I 296 -11.33 -35.23 3.48
CA VAL I 296 -12.24 -34.78 2.44
C VAL I 296 -13.63 -35.33 2.71
N ASP I 297 -14.63 -34.52 2.40
CA ASP I 297 -16.04 -34.84 2.67
C ASP I 297 -16.51 -35.78 1.57
N LYS I 298 -16.47 -37.08 1.84
CA LYS I 298 -16.90 -38.05 0.83
C LYS I 298 -18.41 -38.05 0.64
N TRP I 299 -19.18 -37.60 1.63
CA TRP I 299 -20.63 -37.57 1.46
C TRP I 299 -21.04 -36.47 0.49
N ALA I 300 -20.34 -35.33 0.51
CA ALA I 300 -20.57 -34.31 -0.49
C ALA I 300 -20.26 -34.83 -1.88
N LEU I 301 -19.19 -35.62 -2.00
CA LEU I 301 -18.87 -36.25 -3.28
C LEU I 301 -19.99 -37.20 -3.71
N TYR I 302 -20.54 -37.96 -2.77
CA TYR I 302 -21.65 -38.86 -3.09
C TYR I 302 -22.85 -38.08 -3.60
N VAL I 303 -23.19 -36.97 -2.95
CA VAL I 303 -24.31 -36.15 -3.40
C VAL I 303 -24.03 -35.58 -4.78
N ILE I 304 -22.81 -35.11 -5.02
CA ILE I 304 -22.44 -34.57 -6.33
C ILE I 304 -22.58 -35.64 -7.40
N GLY I 305 -22.09 -36.84 -7.12
CA GLY I 305 -22.20 -37.92 -8.10
C GLY I 305 -23.62 -38.32 -8.37
N GLN I 306 -24.45 -38.33 -7.33
CA GLN I 306 -25.87 -38.64 -7.52
C GLN I 306 -26.53 -37.58 -8.38
N TYR I 307 -26.17 -36.31 -8.19
CA TYR I 307 -26.74 -35.22 -8.98
C TYR I 307 -26.19 -35.20 -10.40
N CYS I 308 -25.00 -35.77 -10.63
CA CYS I 308 -24.39 -35.70 -11.94
C CYS I 308 -25.20 -36.46 -12.99
N ASP I 309 -25.75 -37.61 -12.62
CA ASP I 309 -26.52 -38.43 -13.55
C ASP I 309 -28.00 -38.12 -13.37
N GLN I 310 -28.52 -37.25 -14.24
CA GLN I 310 -29.92 -36.87 -14.16
C GLN I 310 -30.67 -37.04 -15.48
N SER I 311 -30.06 -37.61 -16.51
CA SER I 311 -30.71 -37.89 -17.78
C SER I 311 -31.31 -36.61 -18.38
N VAL I 312 -30.44 -35.67 -18.68
CA VAL I 312 -30.82 -34.40 -19.31
C VAL I 312 -31.20 -34.71 -20.76
N PRO I 313 -32.13 -33.97 -21.36
CA PRO I 313 -32.46 -34.22 -22.78
C PRO I 313 -31.47 -33.56 -23.73
N ASP I 314 -30.94 -34.34 -24.66
CA ASP I 314 -29.99 -33.85 -25.64
C ASP I 314 -30.70 -33.37 -26.91
N GLY I 315 -29.94 -32.66 -27.74
CA GLY I 315 -30.52 -32.12 -28.96
C GLY I 315 -30.92 -33.19 -29.95
N PHE I 316 -30.16 -34.27 -30.01
CA PHE I 316 -30.48 -35.35 -30.96
C PHE I 316 -31.68 -36.19 -30.53
N GLY I 317 -32.44 -35.78 -29.51
CA GLY I 317 -33.54 -36.57 -29.03
C GLY I 317 -33.15 -37.69 -28.10
N GLY I 318 -31.87 -37.81 -27.76
CA GLY I 318 -31.41 -38.87 -26.89
C GLY I 318 -31.44 -38.47 -25.43
N THR I 319 -30.93 -39.38 -24.60
CA THR I 319 -30.86 -39.19 -23.15
C THR I 319 -29.43 -39.49 -22.71
N GLU I 320 -28.74 -38.50 -22.19
CA GLU I 320 -27.36 -38.67 -21.77
C GLU I 320 -27.16 -38.05 -20.39
N PRO I 321 -26.16 -38.52 -19.64
CA PRO I 321 -25.83 -37.87 -18.37
C PRO I 321 -25.32 -36.45 -18.58
N ARG I 322 -25.48 -35.63 -17.55
CA ARG I 322 -25.14 -34.22 -17.66
C ARG I 322 -23.67 -34.03 -17.96
N ILE I 323 -22.78 -34.64 -17.16
CA ILE I 323 -21.35 -34.48 -17.33
C ILE I 323 -20.68 -35.84 -17.30
N THR I 324 -19.80 -36.06 -18.26
CA THR I 324 -19.04 -37.30 -18.38
C THR I 324 -17.56 -36.99 -18.22
N CYS I 325 -16.87 -37.76 -17.39
CA CYS I 325 -15.46 -37.54 -17.15
C CYS I 325 -14.64 -38.12 -18.30
N ASN I 326 -13.90 -37.26 -18.98
CA ASN I 326 -12.98 -37.69 -20.03
C ASN I 326 -11.78 -36.73 -19.98
N ALA I 327 -10.73 -37.16 -19.30
CA ALA I 327 -9.50 -36.40 -19.22
C ALA I 327 -8.32 -37.31 -19.53
N TYR I 328 -7.33 -36.78 -20.25
CA TYR I 328 -6.05 -37.43 -20.49
C TYR I 328 -4.95 -36.44 -20.12
N LEU I 329 -4.61 -36.38 -18.84
CA LEU I 329 -3.59 -35.45 -18.37
C LEU I 329 -2.22 -35.99 -18.73
N THR I 330 -1.50 -35.27 -19.59
CA THR I 330 -0.21 -35.72 -20.06
C THR I 330 0.89 -34.69 -19.85
N THR I 331 0.63 -33.64 -19.07
CA THR I 331 1.63 -32.61 -18.80
C THR I 331 1.62 -32.28 -17.32
N GLN I 332 2.81 -32.16 -16.74
CA GLN I 332 2.91 -31.79 -15.33
C GLN I 332 2.52 -30.33 -15.14
N ARG I 333 1.69 -30.09 -14.13
CA ARG I 333 1.21 -28.75 -13.83
C ARG I 333 0.81 -28.69 -12.36
N LYS I 334 0.63 -27.47 -11.88
CA LYS I 334 0.34 -27.26 -10.46
C LYS I 334 -0.92 -28.01 -10.05
N ALA I 335 -0.87 -28.62 -8.87
CA ALA I 335 -2.00 -29.40 -8.38
C ALA I 335 -3.23 -28.53 -8.18
N TRP I 336 -3.03 -27.29 -7.74
CA TRP I 336 -4.17 -26.39 -7.54
C TRP I 336 -4.89 -26.13 -8.85
N ASP I 337 -4.12 -25.97 -9.94
CA ASP I 337 -4.72 -25.72 -11.24
C ASP I 337 -5.55 -26.92 -11.70
N VAL I 338 -5.03 -28.13 -11.52
CA VAL I 338 -5.78 -29.33 -11.91
C VAL I 338 -7.04 -29.45 -11.08
N LEU I 339 -6.94 -29.17 -9.77
CA LEU I 339 -8.12 -29.23 -8.92
C LEU I 339 -9.18 -28.23 -9.36
N SER I 340 -8.75 -27.00 -9.69
CA SER I 340 -9.71 -26.00 -10.15
C SER I 340 -10.35 -26.41 -11.47
N ASP I 341 -9.55 -26.97 -12.39
CA ASP I 341 -10.10 -27.42 -13.66
C ASP I 341 -11.12 -28.53 -13.46
N PHE I 342 -10.81 -29.48 -12.57
CA PHE I 342 -11.78 -30.53 -12.26
C PHE I 342 -13.04 -29.94 -11.65
N CYS I 343 -12.90 -28.98 -10.75
CA CYS I 343 -14.05 -28.43 -10.03
C CYS I 343 -14.87 -27.48 -10.89
N SER I 344 -14.31 -26.99 -12.00
CA SER I 344 -15.04 -26.07 -12.86
C SER I 344 -16.04 -26.77 -13.76
N ALA I 345 -15.91 -28.08 -13.98
CA ALA I 345 -16.83 -28.77 -14.86
C ALA I 345 -18.17 -29.02 -14.18
N MET I 346 -18.14 -29.56 -12.97
CA MET I 346 -19.37 -29.82 -12.26
C MET I 346 -19.94 -28.59 -11.58
N ARG I 347 -19.40 -27.40 -11.86
CA ARG I 347 -19.91 -26.14 -11.33
C ARG I 347 -19.94 -26.15 -9.80
N CYS I 348 -18.80 -26.48 -9.22
CA CYS I 348 -18.65 -26.60 -7.78
C CYS I 348 -17.56 -25.66 -7.30
N MET I 349 -17.38 -25.62 -5.98
CA MET I 349 -16.37 -24.80 -5.35
C MET I 349 -15.93 -25.50 -4.07
N PRO I 350 -14.61 -25.64 -3.84
CA PRO I 350 -14.13 -26.30 -2.63
C PRO I 350 -13.88 -25.31 -1.50
N VAL I 351 -14.15 -25.75 -0.28
CA VAL I 351 -13.98 -24.92 0.90
C VAL I 351 -13.61 -25.80 2.09
N TRP I 352 -12.88 -25.22 3.04
CA TRP I 352 -12.50 -25.91 4.27
C TRP I 352 -13.55 -25.61 5.32
N ASN I 353 -14.62 -26.40 5.32
CA ASN I 353 -15.76 -26.19 6.18
C ASN I 353 -15.84 -27.32 7.19
N GLY I 354 -16.09 -26.95 8.46
CA GLY I 354 -16.27 -27.95 9.49
C GLY I 354 -15.09 -28.87 9.59
N GLN I 355 -13.88 -28.30 9.60
CA GLN I 355 -12.62 -29.03 9.68
C GLN I 355 -12.53 -30.15 8.64
N THR I 356 -13.21 -29.98 7.50
CA THR I 356 -13.13 -30.95 6.42
C THR I 356 -13.23 -30.21 5.09
N LEU I 357 -12.56 -30.73 4.07
CA LEU I 357 -12.70 -30.18 2.73
C LEU I 357 -14.02 -30.65 2.14
N THR I 358 -14.88 -29.71 1.76
CA THR I 358 -16.17 -30.03 1.18
C THR I 358 -16.35 -29.21 -0.09
N PHE I 359 -17.38 -29.58 -0.87
CA PHE I 359 -17.65 -28.95 -2.15
C PHE I 359 -19.10 -28.50 -2.19
N VAL I 360 -19.33 -27.31 -2.74
CA VAL I 360 -20.67 -26.75 -2.84
C VAL I 360 -20.95 -26.39 -4.29
N GLN I 361 -22.23 -26.39 -4.65
CA GLN I 361 -22.64 -26.06 -6.00
C GLN I 361 -23.97 -25.32 -5.95
N ASP I 362 -24.41 -24.83 -7.11
CA ASP I 362 -25.63 -24.04 -7.21
C ASP I 362 -26.84 -24.95 -7.46
N ARG I 363 -27.00 -25.90 -6.57
CA ARG I 363 -28.15 -26.78 -6.56
C ARG I 363 -29.31 -26.10 -5.84
N PRO I 364 -30.50 -26.05 -6.43
CA PRO I 364 -31.66 -25.48 -5.73
C PRO I 364 -31.91 -26.20 -4.42
N SER I 365 -31.85 -25.45 -3.32
CA SER I 365 -32.02 -26.00 -1.98
C SER I 365 -33.02 -25.13 -1.22
N ASP I 366 -33.25 -25.51 0.04
CA ASP I 366 -34.22 -24.83 0.88
C ASP I 366 -33.56 -23.75 1.72
N LYS I 367 -34.38 -22.85 2.23
CA LYS I 367 -33.91 -21.80 3.13
C LYS I 367 -33.42 -22.40 4.44
N THR I 368 -32.41 -21.78 5.02
CA THR I 368 -31.82 -22.24 6.28
C THR I 368 -32.17 -21.34 7.46
N TRP I 369 -31.97 -20.03 7.33
CA TRP I 369 -32.19 -19.14 8.45
C TRP I 369 -32.59 -17.77 7.91
N THR I 370 -33.14 -16.94 8.79
CA THR I 370 -33.67 -15.64 8.39
C THR I 370 -32.96 -14.52 9.13
N TYR I 371 -32.83 -13.37 8.48
CA TYR I 371 -32.20 -12.21 9.10
C TYR I 371 -32.96 -10.95 8.73
N ASN I 372 -33.11 -10.05 9.71
CA ASN I 372 -33.73 -8.75 9.51
C ASN I 372 -32.91 -7.73 10.29
N ARG I 373 -33.50 -6.54 10.50
CA ARG I 373 -32.76 -5.46 11.15
C ARG I 373 -32.35 -5.83 12.58
N SER I 374 -33.18 -6.61 13.28
CA SER I 374 -32.88 -6.92 14.67
C SER I 374 -31.66 -7.83 14.82
N ASN I 375 -31.47 -8.78 13.90
CA ASN I 375 -30.38 -9.72 14.05
C ASN I 375 -29.06 -9.18 13.54
N VAL I 376 -29.06 -8.11 12.76
CA VAL I 376 -27.85 -7.52 12.22
C VAL I 376 -27.50 -6.27 12.99
N VAL I 377 -26.26 -5.81 12.81
CA VAL I 377 -25.71 -4.66 13.53
C VAL I 377 -25.29 -3.62 12.51
N MET I 378 -25.71 -2.35 12.72
CA MET I 378 -25.28 -1.38 11.72
C MET I 378 -23.99 -0.71 12.17
N PRO I 379 -23.14 -0.30 11.25
CA PRO I 379 -21.96 0.48 11.61
C PRO I 379 -22.32 1.92 11.92
N ASP I 380 -21.31 2.77 12.10
CA ASP I 380 -21.55 4.17 12.39
C ASP I 380 -22.25 4.89 11.25
N ASP I 381 -22.19 4.36 10.03
CA ASP I 381 -22.77 5.04 8.88
C ASP I 381 -24.28 5.20 9.03
N GLY I 382 -24.96 4.16 9.49
CA GLY I 382 -26.40 4.24 9.69
C GLY I 382 -27.19 3.08 9.14
N ALA I 383 -26.68 2.43 8.09
CA ALA I 383 -27.40 1.34 7.45
C ALA I 383 -26.60 0.05 7.53
N PRO I 384 -27.24 -1.07 7.87
CA PRO I 384 -26.50 -2.31 8.12
C PRO I 384 -26.20 -3.14 6.88
N PHE I 385 -27.05 -3.09 5.86
CA PHE I 385 -26.89 -3.91 4.67
C PHE I 385 -26.21 -3.11 3.57
N ARG I 386 -25.14 -3.67 3.00
CA ARG I 386 -24.42 -3.02 1.90
C ARG I 386 -24.55 -3.88 0.65
N TYR I 387 -25.24 -3.35 -0.35
CA TYR I 387 -25.49 -4.05 -1.60
C TYR I 387 -24.52 -3.58 -2.69
N SER I 388 -24.36 -4.40 -3.71
CA SER I 388 -23.51 -4.08 -4.85
C SER I 388 -23.96 -4.90 -6.04
N PHE I 389 -23.65 -4.42 -7.23
CA PHE I 389 -24.07 -5.04 -8.47
C PHE I 389 -22.86 -5.27 -9.37
N SER I 390 -23.10 -6.00 -10.46
CA SER I 390 -22.04 -6.31 -11.41
C SER I 390 -21.78 -5.11 -12.31
N ALA I 391 -20.90 -5.27 -13.29
CA ALA I 391 -20.53 -4.20 -14.19
C ALA I 391 -21.07 -4.46 -15.59
N LEU I 392 -21.20 -3.38 -16.37
CA LEU I 392 -21.75 -3.49 -17.72
C LEU I 392 -20.91 -4.44 -18.58
N LYS I 393 -19.61 -4.19 -18.65
CA LYS I 393 -18.73 -5.01 -19.47
C LYS I 393 -18.34 -6.30 -18.79
N ASP I 394 -18.70 -6.49 -17.53
CA ASP I 394 -18.43 -7.75 -16.84
C ASP I 394 -19.48 -8.80 -17.17
N ARG I 395 -20.67 -8.39 -17.59
CA ARG I 395 -21.76 -9.33 -17.84
C ARG I 395 -21.59 -9.94 -19.23
N HIS I 396 -21.06 -11.15 -19.28
CA HIS I 396 -20.85 -11.84 -20.54
C HIS I 396 -22.16 -12.40 -21.08
N ASN I 397 -22.30 -12.37 -22.40
CA ASN I 397 -23.45 -12.95 -23.07
C ASN I 397 -23.11 -13.75 -24.33
N ALA I 398 -21.86 -13.74 -24.79
CA ALA I 398 -21.41 -14.60 -25.87
C ALA I 398 -20.24 -15.43 -25.37
N VAL I 399 -20.35 -16.75 -25.47
CA VAL I 399 -19.35 -17.67 -24.93
C VAL I 399 -18.99 -18.70 -25.99
N GLU I 400 -17.69 -18.97 -26.12
CA GLU I 400 -17.20 -20.03 -26.99
C GLU I 400 -16.58 -21.12 -26.13
N VAL I 401 -16.97 -22.37 -26.39
CA VAL I 401 -16.51 -23.53 -25.62
C VAL I 401 -15.78 -24.48 -26.55
N ASN I 402 -14.58 -24.91 -26.14
CA ASN I 402 -13.79 -25.88 -26.88
C ASN I 402 -14.05 -27.26 -26.32
N TRP I 403 -14.51 -28.17 -27.17
CA TRP I 403 -14.77 -29.55 -26.77
C TRP I 403 -14.17 -30.48 -27.81
N ILE I 404 -13.75 -31.66 -27.35
CA ILE I 404 -13.22 -32.67 -28.27
C ILE I 404 -14.39 -33.39 -28.94
N ASP I 405 -14.23 -33.69 -30.23
CA ASP I 405 -15.33 -34.21 -31.04
C ASP I 405 -14.98 -35.62 -31.51
N PRO I 406 -15.44 -36.65 -30.79
CA PRO I 406 -15.13 -38.02 -31.20
C PRO I 406 -15.76 -38.42 -32.52
N ASN I 407 -16.81 -37.72 -32.95
CA ASN I 407 -17.53 -38.14 -34.16
C ASN I 407 -16.66 -38.00 -35.39
N ASN I 408 -16.03 -36.83 -35.58
CA ASN I 408 -15.28 -36.61 -36.81
C ASN I 408 -13.87 -37.19 -36.72
N GLY I 409 -13.02 -36.62 -35.89
CA GLY I 409 -11.64 -37.04 -35.85
C GLY I 409 -10.96 -36.93 -34.50
N TRP I 410 -11.74 -36.83 -33.43
CA TRP I 410 -11.21 -36.57 -32.09
C TRP I 410 -10.37 -35.29 -32.10
N GLU I 411 -10.88 -34.27 -32.76
CA GLU I 411 -10.24 -32.97 -32.84
C GLU I 411 -11.02 -31.96 -32.00
N THR I 412 -10.39 -30.83 -31.72
CA THR I 412 -11.05 -29.78 -30.96
C THR I 412 -12.04 -29.04 -31.85
N ALA I 413 -13.13 -28.59 -31.24
CA ALA I 413 -14.15 -27.85 -31.95
C ALA I 413 -14.73 -26.79 -31.02
N THR I 414 -15.05 -25.63 -31.59
CA THR I 414 -15.55 -24.50 -30.84
C THR I 414 -17.05 -24.36 -31.09
N GLU I 415 -17.81 -24.19 -30.02
CA GLU I 415 -19.25 -24.01 -30.07
C GLU I 415 -19.62 -22.69 -29.42
N LEU I 416 -20.49 -21.93 -30.08
CA LEU I 416 -20.85 -20.59 -29.65
C LEU I 416 -22.24 -20.58 -29.04
N VAL I 417 -22.41 -19.84 -27.95
CA VAL I 417 -23.70 -19.67 -27.29
C VAL I 417 -23.90 -18.20 -26.96
N GLU I 418 -25.08 -17.68 -27.25
CA GLU I 418 -25.37 -16.28 -27.01
C GLU I 418 -26.88 -16.11 -26.85
N ASP I 419 -27.27 -14.95 -26.32
CA ASP I 419 -28.67 -14.58 -26.15
C ASP I 419 -28.95 -13.29 -26.90
N THR I 420 -30.05 -13.29 -27.66
CA THR I 420 -30.38 -12.10 -28.44
C THR I 420 -30.83 -10.95 -27.56
N GLN I 421 -31.61 -11.24 -26.51
CA GLN I 421 -32.09 -10.18 -25.64
C GLN I 421 -30.96 -9.53 -24.86
N ALA I 422 -29.94 -10.32 -24.48
CA ALA I 422 -28.77 -9.72 -23.85
C ALA I 422 -27.97 -8.89 -24.84
N ILE I 423 -28.01 -9.25 -26.12
CA ILE I 423 -27.41 -8.42 -27.16
C ILE I 423 -28.14 -7.08 -27.25
N ALA I 424 -29.47 -7.12 -27.17
CA ALA I 424 -30.25 -5.89 -27.28
C ALA I 424 -30.06 -5.00 -26.05
N ARG I 425 -30.06 -5.60 -24.86
CA ARG I 425 -30.05 -4.80 -23.63
C ARG I 425 -28.66 -4.23 -23.35
N TYR I 426 -27.68 -5.10 -23.14
CA TYR I 426 -26.30 -4.68 -22.93
C TYR I 426 -25.56 -4.77 -24.27
N GLY I 427 -24.24 -4.63 -24.22
CA GLY I 427 -23.43 -4.86 -25.41
C GLY I 427 -23.14 -6.33 -25.59
N ARG I 428 -22.31 -6.62 -26.58
CA ARG I 428 -21.85 -7.98 -26.84
C ARG I 428 -20.51 -8.18 -26.16
N ASN I 429 -20.43 -9.17 -25.26
CA ASN I 429 -19.22 -9.47 -24.51
C ASN I 429 -18.83 -10.91 -24.80
N VAL I 430 -17.77 -11.10 -25.57
CA VAL I 430 -17.35 -12.43 -25.98
C VAL I 430 -16.30 -12.96 -25.01
N THR I 431 -16.43 -14.24 -24.65
CA THR I 431 -15.49 -14.87 -23.74
C THR I 431 -15.26 -16.30 -24.21
N LYS I 432 -14.00 -16.75 -24.13
CA LYS I 432 -13.63 -18.11 -24.51
C LYS I 432 -13.25 -18.91 -23.28
N MET I 433 -13.68 -20.17 -23.26
CA MET I 433 -13.30 -21.09 -22.18
C MET I 433 -13.50 -22.50 -22.71
N ASP I 434 -12.49 -23.35 -22.54
CA ASP I 434 -12.64 -24.74 -22.97
C ASP I 434 -13.43 -25.53 -21.94
N ALA I 435 -14.28 -26.44 -22.44
CA ALA I 435 -15.11 -27.28 -21.58
C ALA I 435 -14.29 -28.50 -21.20
N PHE I 436 -13.69 -28.45 -20.02
CA PHE I 436 -12.76 -29.49 -19.61
C PHE I 436 -13.50 -30.81 -19.38
N GLY I 437 -13.04 -31.87 -20.03
CA GLY I 437 -13.66 -33.16 -19.94
C GLY I 437 -14.81 -33.40 -20.89
N CYS I 438 -15.18 -32.40 -21.69
CA CYS I 438 -16.31 -32.54 -22.60
C CYS I 438 -16.01 -33.52 -23.71
N THR I 439 -17.01 -34.31 -24.08
CA THR I 439 -16.92 -35.21 -25.23
C THR I 439 -18.21 -35.23 -26.05
N SER I 440 -19.11 -34.28 -25.85
CA SER I 440 -20.34 -34.21 -26.61
C SER I 440 -20.79 -32.76 -26.71
N ARG I 441 -21.35 -32.40 -27.86
CA ARG I 441 -21.77 -31.01 -28.07
C ARG I 441 -22.81 -30.59 -27.04
N GLY I 442 -23.67 -31.52 -26.63
CA GLY I 442 -24.69 -31.19 -25.66
C GLY I 442 -24.12 -30.71 -24.34
N GLN I 443 -23.06 -31.36 -23.86
CA GLN I 443 -22.46 -30.98 -22.59
C GLN I 443 -21.81 -29.60 -22.67
N ALA I 444 -21.10 -29.32 -23.76
CA ALA I 444 -20.50 -28.00 -23.93
C ALA I 444 -21.57 -26.92 -24.02
N HIS I 445 -22.65 -27.19 -24.76
CA HIS I 445 -23.73 -26.21 -24.86
C HIS I 445 -24.37 -25.98 -23.51
N ARG I 446 -24.58 -27.05 -22.72
CA ARG I 446 -25.14 -26.89 -21.39
C ARG I 446 -24.23 -26.06 -20.50
N ALA I 447 -22.92 -26.29 -20.57
CA ALA I 447 -22.00 -25.52 -19.75
C ALA I 447 -22.03 -24.04 -20.13
N GLY I 448 -22.01 -23.74 -21.42
CA GLY I 448 -22.09 -22.35 -21.86
C GLY I 448 -23.38 -21.69 -21.44
N LEU I 449 -24.50 -22.40 -21.59
CA LEU I 449 -25.79 -21.86 -21.18
C LEU I 449 -25.82 -21.60 -19.68
N TRP I 450 -25.26 -22.52 -18.90
CA TRP I 450 -25.21 -22.29 -17.46
C TRP I 450 -24.40 -21.05 -17.14
N LEU I 451 -23.26 -20.88 -17.79
CA LEU I 451 -22.43 -19.72 -17.49
C LEU I 451 -23.16 -18.43 -17.82
N ILE I 452 -23.77 -18.35 -19.00
CA ILE I 452 -24.43 -17.11 -19.39
C ILE I 452 -25.66 -16.85 -18.51
N LYS I 453 -26.44 -17.89 -18.19
CA LYS I 453 -27.63 -17.67 -17.38
C LYS I 453 -27.27 -17.28 -15.95
N THR I 454 -26.31 -17.98 -15.34
CA THR I 454 -25.86 -17.62 -14.01
C THR I 454 -25.29 -16.21 -13.98
N GLU I 455 -24.55 -15.82 -15.01
CA GLU I 455 -23.97 -14.50 -15.05
C GLU I 455 -25.01 -13.41 -15.32
N LEU I 456 -26.12 -13.76 -15.98
CA LEU I 456 -27.16 -12.78 -16.28
C LEU I 456 -28.14 -12.59 -15.13
N LEU I 457 -28.51 -13.67 -14.43
CA LEU I 457 -29.54 -13.57 -13.40
C LEU I 457 -28.96 -13.18 -12.04
N GLU I 458 -27.96 -13.91 -11.55
CA GLU I 458 -27.31 -13.58 -10.28
C GLU I 458 -26.39 -12.40 -10.51
N THR I 459 -26.85 -11.21 -10.15
CA THR I 459 -26.13 -9.97 -10.44
C THR I 459 -26.04 -9.05 -9.23
N GLN I 460 -26.41 -9.55 -8.06
CA GLN I 460 -26.46 -8.71 -6.86
C GLN I 460 -25.75 -9.43 -5.72
N THR I 461 -24.92 -8.70 -4.99
CA THR I 461 -24.20 -9.25 -3.85
C THR I 461 -24.35 -8.31 -2.66
N VAL I 462 -24.69 -8.87 -1.51
CA VAL I 462 -24.92 -8.08 -0.30
C VAL I 462 -24.03 -8.58 0.81
N ASP I 463 -23.42 -7.67 1.54
CA ASP I 463 -22.65 -7.99 2.72
C ASP I 463 -23.26 -7.30 3.93
N PHE I 464 -23.15 -7.97 5.08
CA PHE I 464 -23.68 -7.46 6.33
C PHE I 464 -22.96 -8.15 7.48
N SER I 465 -23.39 -7.87 8.70
CA SER I 465 -22.76 -8.42 9.89
C SER I 465 -23.80 -9.16 10.73
N VAL I 466 -23.32 -10.02 11.61
CA VAL I 466 -24.17 -10.94 12.35
C VAL I 466 -23.54 -11.22 13.71
N GLY I 467 -24.38 -11.37 14.73
CA GLY I 467 -23.91 -11.66 16.07
C GLY I 467 -23.30 -13.04 16.18
N ALA I 468 -23.07 -13.45 17.44
CA ALA I 468 -22.38 -14.71 17.69
C ALA I 468 -23.23 -15.91 17.29
N GLU I 469 -24.53 -15.86 17.57
CA GLU I 469 -25.40 -17.00 17.30
C GLU I 469 -25.42 -17.34 15.81
N GLY I 470 -25.58 -16.32 14.96
CA GLY I 470 -25.56 -16.58 13.53
C GLY I 470 -24.19 -17.03 13.04
N LEU I 471 -23.13 -16.47 13.61
CA LEU I 471 -21.79 -16.89 13.23
C LEU I 471 -21.59 -18.38 13.49
N ARG I 472 -22.02 -18.85 14.66
CA ARG I 472 -21.93 -20.28 14.92
C ARG I 472 -22.93 -21.09 14.09
N HIS I 473 -24.05 -20.49 13.71
CA HIS I 473 -25.09 -21.24 13.01
C HIS I 473 -24.65 -21.61 11.60
N VAL I 474 -24.43 -20.61 10.75
CA VAL I 474 -24.13 -20.85 9.35
C VAL I 474 -22.68 -21.30 9.20
N PRO I 475 -22.44 -22.51 8.69
CA PRO I 475 -21.05 -22.97 8.51
C PRO I 475 -20.39 -22.33 7.32
N GLY I 476 -21.13 -22.20 6.22
CA GLY I 476 -20.59 -21.66 5.00
C GLY I 476 -21.28 -22.25 3.79
N ASP I 477 -21.59 -21.38 2.81
CA ASP I 477 -22.20 -21.79 1.55
C ASP I 477 -23.56 -22.44 1.76
N VAL I 478 -24.44 -21.70 2.42
CA VAL I 478 -25.80 -22.13 2.68
C VAL I 478 -26.76 -21.11 2.06
N ILE I 479 -28.05 -21.37 2.13
CA ILE I 479 -29.07 -20.53 1.52
C ILE I 479 -29.92 -19.94 2.64
N GLU I 480 -30.00 -18.62 2.69
CA GLU I 480 -30.81 -17.94 3.70
C GLU I 480 -31.52 -16.76 3.07
N ILE I 481 -32.63 -16.36 3.67
CA ILE I 481 -33.36 -15.18 3.23
C ILE I 481 -32.88 -13.98 4.02
N CYS I 482 -32.64 -12.88 3.33
CA CYS I 482 -32.28 -11.61 3.96
C CYS I 482 -33.40 -10.64 3.65
N ASP I 483 -34.45 -10.67 4.48
CA ASP I 483 -35.59 -9.79 4.26
C ASP I 483 -35.30 -8.42 4.87
N ASP I 484 -35.46 -7.38 4.07
CA ASP I 484 -35.07 -6.03 4.45
C ASP I 484 -36.24 -5.09 4.17
N ASP I 485 -36.72 -4.42 5.21
CA ASP I 485 -37.83 -3.50 5.05
C ASP I 485 -37.43 -2.21 4.35
N TYR I 486 -36.15 -1.86 4.38
CA TYR I 486 -35.71 -0.65 3.68
C TYR I 486 -35.93 -0.79 2.18
N ALA I 487 -35.44 -1.88 1.59
CA ALA I 487 -35.61 -2.10 0.16
C ALA I 487 -37.05 -2.42 -0.17
N GLY I 488 -37.75 -3.12 0.72
CA GLY I 488 -39.13 -3.50 0.47
C GLY I 488 -40.17 -2.46 0.80
N ILE I 489 -39.75 -1.27 1.24
CA ILE I 489 -40.61 -0.18 1.72
C ILE I 489 -41.88 -0.73 2.37
N SER I 490 -41.70 -1.57 3.39
CA SER I 490 -42.82 -2.16 4.12
C SER I 490 -42.34 -2.44 5.53
N THR I 491 -43.06 -3.29 6.26
CA THR I 491 -42.66 -3.71 7.61
C THR I 491 -42.50 -5.23 7.56
N GLY I 492 -41.25 -5.68 7.50
CA GLY I 492 -40.97 -7.09 7.39
C GLY I 492 -41.12 -7.86 8.68
N GLY I 493 -41.08 -7.18 9.82
CA GLY I 493 -41.20 -7.81 11.11
C GLY I 493 -39.88 -7.84 11.86
N ARG I 494 -39.98 -7.93 13.18
CA ARG I 494 -38.83 -7.94 14.06
C ARG I 494 -39.25 -8.55 15.41
N VAL I 495 -38.38 -8.45 16.41
CA VAL I 495 -38.62 -9.12 17.68
C VAL I 495 -39.91 -8.60 18.32
N LEU I 496 -40.76 -9.53 18.74
CA LEU I 496 -41.97 -9.16 19.47
C LEU I 496 -41.65 -8.95 20.94
N ALA I 497 -42.42 -8.06 21.57
CA ALA I 497 -42.13 -7.71 22.96
C ALA I 497 -42.71 -8.75 23.93
N VAL I 498 -44.03 -8.86 23.98
CA VAL I 498 -44.71 -9.76 24.91
C VAL I 498 -45.87 -10.41 24.16
N ASN I 499 -46.36 -11.53 24.69
CA ASN I 499 -47.50 -12.22 24.12
C ASN I 499 -48.40 -12.70 25.26
N SER I 500 -49.59 -13.18 24.88
CA SER I 500 -50.53 -13.75 25.84
C SER I 500 -50.93 -15.15 25.41
N GLN I 501 -51.89 -15.75 26.10
CA GLN I 501 -52.25 -17.14 25.78
C GLN I 501 -53.76 -17.33 25.61
N THR I 502 -54.57 -16.51 26.28
CA THR I 502 -56.01 -16.69 26.22
C THR I 502 -56.54 -16.34 24.83
N ARG I 503 -56.39 -15.08 24.44
CA ARG I 503 -56.73 -14.64 23.10
C ARG I 503 -55.52 -14.72 22.16
N THR I 504 -54.37 -15.13 22.69
CA THR I 504 -53.10 -15.15 21.95
C THR I 504 -52.74 -13.75 21.46
N LEU I 505 -52.94 -12.76 22.32
CA LEU I 505 -52.60 -11.38 22.02
C LEU I 505 -51.09 -11.23 22.00
N THR I 506 -50.50 -11.21 20.80
CA THR I 506 -49.08 -10.95 20.65
C THR I 506 -48.86 -9.46 20.49
N LEU I 507 -48.02 -8.88 21.34
CA LEU I 507 -47.75 -7.45 21.31
C LEU I 507 -46.38 -7.23 20.69
N ASP I 508 -46.36 -6.86 19.41
CA ASP I 508 -45.13 -6.53 18.70
C ASP I 508 -44.74 -5.09 19.02
N ARG I 509 -43.81 -4.53 18.26
CA ARG I 509 -43.40 -3.15 18.47
C ARG I 509 -43.43 -2.31 17.21
N GLU I 510 -43.94 -2.82 16.09
CA GLU I 510 -44.05 -2.03 14.88
C GLU I 510 -45.47 -2.12 14.33
N ILE I 511 -45.91 -1.03 13.70
CA ILE I 511 -47.25 -0.97 13.10
C ILE I 511 -47.22 -1.85 11.85
N THR I 512 -47.86 -3.01 11.92
CA THR I 512 -47.87 -3.93 10.79
C THR I 512 -49.03 -3.61 9.85
N LEU I 513 -49.14 -4.38 8.77
CA LEU I 513 -50.17 -4.16 7.77
C LEU I 513 -50.56 -5.48 7.12
N PRO I 514 -51.83 -5.87 7.20
CA PRO I 514 -52.24 -7.17 6.66
C PRO I 514 -52.48 -7.10 5.16
N SER I 515 -52.69 -8.28 4.57
CA SER I 515 -52.92 -8.39 3.14
C SER I 515 -54.28 -7.79 2.80
N SER I 516 -54.60 -7.79 1.50
CA SER I 516 -55.84 -7.17 1.05
C SER I 516 -57.03 -8.11 1.24
N GLY I 517 -57.04 -9.24 0.53
CA GLY I 517 -58.17 -10.14 0.65
C GLY I 517 -57.89 -11.62 0.50
N THR I 518 -56.62 -12.04 0.47
CA THR I 518 -56.30 -13.42 0.11
C THR I 518 -55.70 -14.23 1.27
N ALA I 519 -54.57 -13.82 1.84
CA ALA I 519 -53.91 -14.62 2.86
C ALA I 519 -52.68 -13.88 3.37
N LEU I 520 -52.20 -14.32 4.53
CA LEU I 520 -50.98 -13.78 5.15
C LEU I 520 -50.61 -14.68 6.31
N ILE I 521 -49.31 -14.86 6.55
CA ILE I 521 -48.83 -15.69 7.64
C ILE I 521 -47.75 -14.94 8.41
N SER I 522 -47.42 -15.46 9.59
CA SER I 522 -46.31 -14.94 10.38
C SER I 522 -45.56 -16.11 10.97
N LEU I 523 -44.23 -16.05 10.91
CA LEU I 523 -43.38 -17.13 11.41
C LEU I 523 -42.57 -16.63 12.60
N VAL I 524 -42.58 -17.43 13.67
CA VAL I 524 -41.84 -17.18 14.89
C VAL I 524 -41.01 -18.42 15.21
N ASP I 525 -40.26 -18.38 16.31
CA ASP I 525 -39.45 -19.50 16.74
C ASP I 525 -40.04 -20.13 17.99
N GLY I 526 -39.65 -21.37 18.25
CA GLY I 526 -40.13 -22.15 19.38
C GLY I 526 -39.07 -22.40 20.41
N SER I 527 -38.99 -23.64 20.89
CA SER I 527 -37.99 -24.03 21.88
C SER I 527 -36.75 -24.63 21.22
N GLY I 528 -36.95 -25.67 20.41
CA GLY I 528 -35.84 -26.30 19.71
C GLY I 528 -35.45 -25.56 18.44
N ASN I 529 -35.60 -24.25 18.47
CA ASN I 529 -35.31 -23.38 17.32
C ASN I 529 -35.93 -23.87 16.01
N PRO I 530 -37.25 -24.10 15.99
CA PRO I 530 -37.90 -24.35 14.69
C PRO I 530 -38.40 -23.07 14.06
N VAL I 531 -39.08 -23.17 12.93
CA VAL I 531 -39.74 -22.04 12.30
C VAL I 531 -41.22 -22.36 12.28
N SER I 532 -41.94 -21.91 13.31
CA SER I 532 -43.37 -22.16 13.43
C SER I 532 -44.12 -21.07 12.68
N VAL I 533 -44.92 -21.47 11.71
CA VAL I 533 -45.71 -20.55 10.90
C VAL I 533 -47.16 -20.59 11.37
N GLU I 534 -47.80 -19.44 11.41
CA GLU I 534 -49.20 -19.36 11.81
C GLU I 534 -49.92 -18.38 10.89
N VAL I 535 -51.08 -18.80 10.39
CA VAL I 535 -51.90 -17.90 9.60
C VAL I 535 -52.45 -16.79 10.50
N GLN I 536 -52.72 -15.63 9.90
CA GLN I 536 -53.24 -14.49 10.62
C GLN I 536 -54.59 -14.07 10.03
N SER I 537 -55.56 -13.79 10.89
CA SER I 537 -56.88 -13.36 10.44
C SER I 537 -57.10 -11.86 10.59
N VAL I 538 -57.00 -11.33 11.81
CA VAL I 538 -57.38 -9.96 12.09
C VAL I 538 -56.34 -9.31 13.00
N THR I 539 -55.99 -8.06 12.66
CA THR I 539 -55.04 -7.27 13.44
C THR I 539 -55.85 -6.35 14.36
N ASP I 540 -55.92 -6.72 15.64
CA ASP I 540 -56.69 -5.97 16.61
C ASP I 540 -55.89 -4.75 17.06
N GLY I 541 -56.45 -3.57 16.83
CA GLY I 541 -55.80 -2.34 17.27
C GLY I 541 -54.56 -1.98 16.49
N VAL I 542 -54.44 -2.44 15.25
CA VAL I 542 -53.35 -2.16 14.31
C VAL I 542 -51.98 -2.53 14.88
N LYS I 543 -51.89 -2.72 16.19
CA LYS I 543 -50.62 -3.04 16.85
C LYS I 543 -50.56 -4.47 17.36
N VAL I 544 -51.67 -5.00 17.88
CA VAL I 544 -51.68 -6.32 18.49
C VAL I 544 -52.08 -7.37 17.48
N LYS I 545 -51.41 -8.51 17.51
CA LYS I 545 -51.68 -9.65 16.65
C LYS I 545 -52.45 -10.72 17.40
N VAL I 546 -53.20 -11.53 16.65
CA VAL I 546 -53.94 -12.66 17.17
C VAL I 546 -53.54 -13.88 16.35
N SER I 547 -52.79 -14.79 16.96
CA SER I 547 -52.38 -16.02 16.29
C SER I 547 -53.34 -17.15 16.66
N ARG I 548 -53.32 -18.20 15.84
CA ARG I 548 -54.28 -19.28 16.05
C ARG I 548 -53.79 -20.24 17.12
N VAL I 549 -52.65 -20.89 16.88
CA VAL I 549 -52.12 -21.87 17.83
C VAL I 549 -50.67 -21.50 18.12
N PRO I 550 -50.41 -20.51 18.96
CA PRO I 550 -49.04 -20.21 19.35
C PRO I 550 -48.48 -21.28 20.28
N ASP I 551 -47.18 -21.50 20.16
CA ASP I 551 -46.48 -22.40 21.07
C ASP I 551 -45.98 -21.62 22.27
N GLY I 552 -46.27 -22.13 23.46
CA GLY I 552 -45.93 -21.44 24.69
C GLY I 552 -44.45 -21.54 25.05
N VAL I 553 -43.59 -21.07 24.15
CA VAL I 553 -42.15 -21.12 24.36
C VAL I 553 -41.46 -19.80 24.04
N ALA I 554 -42.15 -18.85 23.42
CA ALA I 554 -41.57 -17.55 23.16
C ALA I 554 -41.51 -16.75 24.45
N GLU I 555 -40.36 -16.13 24.73
CA GLU I 555 -40.16 -15.46 26.00
C GLU I 555 -40.08 -13.94 25.85
N TYR I 556 -39.02 -13.41 25.22
CA TYR I 556 -39.02 -12.01 24.81
C TYR I 556 -38.32 -11.74 23.49
N SER I 557 -37.33 -12.54 23.11
CA SER I 557 -36.43 -12.17 22.02
C SER I 557 -36.79 -12.85 20.71
N VAL I 558 -37.89 -13.59 20.67
CA VAL I 558 -38.33 -14.21 19.43
C VAL I 558 -38.59 -13.14 18.39
N TRP I 559 -38.07 -13.36 17.18
CA TRP I 559 -38.28 -12.44 16.07
C TRP I 559 -39.33 -13.02 15.13
N GLU I 560 -40.33 -12.22 14.80
CA GLU I 560 -41.41 -12.63 13.92
C GLU I 560 -41.20 -12.03 12.54
N LEU I 561 -41.42 -12.84 11.51
CA LEU I 561 -41.40 -12.36 10.13
C LEU I 561 -42.79 -12.55 9.53
N LYS I 562 -43.31 -11.50 8.90
CA LYS I 562 -44.67 -11.49 8.41
C LYS I 562 -44.61 -11.62 6.89
N LEU I 563 -45.21 -12.71 6.38
CA LEU I 563 -45.12 -13.07 4.97
C LEU I 563 -46.46 -12.85 4.30
N PRO I 564 -46.55 -11.94 3.33
CA PRO I 564 -47.76 -11.81 2.52
C PRO I 564 -47.72 -12.69 1.29
N THR I 565 -48.73 -12.59 0.44
CA THR I 565 -48.71 -13.25 -0.86
C THR I 565 -48.10 -12.32 -1.91
N LEU I 566 -48.08 -12.80 -3.16
CA LEU I 566 -47.57 -12.08 -4.33
C LEU I 566 -46.30 -11.30 -4.02
N ARG I 567 -45.39 -11.89 -3.26
CA ARG I 567 -44.16 -11.25 -2.84
C ARG I 567 -42.98 -12.11 -3.28
N GLN I 568 -42.01 -11.49 -3.94
CA GLN I 568 -40.81 -12.19 -4.40
C GLN I 568 -39.83 -12.26 -3.23
N ARG I 569 -39.87 -13.37 -2.51
CA ARG I 569 -38.96 -13.56 -1.39
C ARG I 569 -37.52 -13.60 -1.86
N LEU I 570 -36.64 -12.90 -1.14
CA LEU I 570 -35.25 -12.71 -1.55
C LEU I 570 -34.38 -13.79 -0.93
N PHE I 571 -33.66 -14.52 -1.78
CA PHE I 571 -32.75 -15.56 -1.33
C PHE I 571 -31.30 -15.10 -1.48
N ARG I 572 -30.42 -15.74 -0.71
CA ARG I 572 -29.01 -15.40 -0.71
C ARG I 572 -28.20 -16.66 -0.42
N CYS I 573 -27.04 -16.76 -1.06
CA CYS I 573 -26.10 -17.84 -0.80
C CYS I 573 -24.81 -17.24 -0.28
N VAL I 574 -24.40 -17.66 0.92
CA VAL I 574 -23.22 -17.07 1.57
C VAL I 574 -21.96 -17.61 0.91
N SER I 575 -21.07 -16.72 0.53
CA SER I 575 -19.80 -17.08 -0.08
C SER I 575 -18.60 -16.76 0.79
N ILE I 576 -18.61 -15.61 1.47
CA ILE I 576 -17.47 -15.17 2.27
C ILE I 576 -17.94 -15.00 3.70
N ARG I 577 -17.21 -15.58 4.65
CA ARG I 577 -17.50 -15.39 6.06
C ARG I 577 -16.22 -15.02 6.78
N GLU I 578 -16.24 -13.93 7.52
CA GLU I 578 -15.07 -13.40 8.20
C GLU I 578 -15.34 -13.31 9.70
N ASN I 579 -14.34 -13.68 10.49
CA ASN I 579 -14.44 -13.70 11.94
C ASN I 579 -13.50 -12.66 12.52
N ASP I 580 -14.00 -11.88 13.48
CA ASP I 580 -13.21 -10.85 14.14
C ASP I 580 -13.24 -11.08 15.65
N ASP I 581 -12.45 -10.28 16.36
CA ASP I 581 -12.26 -10.47 17.80
C ASP I 581 -13.36 -9.87 18.65
N GLY I 582 -14.25 -9.07 18.06
CA GLY I 582 -15.42 -8.61 18.77
C GLY I 582 -16.53 -9.63 18.80
N THR I 583 -16.26 -10.85 18.34
CA THR I 583 -17.23 -11.95 18.30
C THR I 583 -18.47 -11.57 17.48
N TYR I 584 -18.24 -10.94 16.34
CA TYR I 584 -19.26 -10.85 15.31
C TYR I 584 -18.67 -11.33 13.99
N ALA I 585 -19.56 -11.69 13.07
CA ALA I 585 -19.17 -12.25 11.78
C ALA I 585 -19.60 -11.33 10.66
N ILE I 586 -18.77 -11.27 9.62
CA ILE I 586 -19.05 -10.51 8.42
C ILE I 586 -19.39 -11.50 7.32
N THR I 587 -20.61 -11.42 6.77
CA THR I 587 -21.05 -12.34 5.74
C THR I 587 -21.25 -11.59 4.44
N ALA I 588 -20.61 -12.06 3.38
CA ALA I 588 -20.80 -11.57 2.02
C ALA I 588 -21.44 -12.67 1.19
N VAL I 589 -22.61 -12.38 0.61
CA VAL I 589 -23.44 -13.39 -0.03
C VAL I 589 -23.92 -12.86 -1.38
N GLN I 590 -24.40 -13.78 -2.22
CA GLN I 590 -24.92 -13.44 -3.54
C GLN I 590 -26.39 -13.81 -3.65
N HIS I 591 -27.10 -13.02 -4.45
CA HIS I 591 -28.50 -13.25 -4.77
C HIS I 591 -28.61 -14.36 -5.81
N VAL I 592 -29.31 -15.43 -5.49
CA VAL I 592 -29.48 -16.57 -6.38
C VAL I 592 -30.97 -16.80 -6.60
N PRO I 593 -31.40 -17.09 -7.82
CA PRO I 593 -32.76 -17.60 -8.02
C PRO I 593 -32.79 -19.11 -7.99
N GLU I 594 -34.01 -19.65 -7.93
CA GLU I 594 -34.21 -21.08 -7.92
C GLU I 594 -34.68 -21.64 -9.25
N LYS I 595 -35.16 -20.79 -10.15
CA LYS I 595 -35.68 -21.23 -11.45
C LYS I 595 -34.58 -21.15 -12.50
N GLU I 596 -33.58 -21.99 -12.32
CA GLU I 596 -32.49 -22.03 -13.28
C GLU I 596 -32.24 -23.43 -13.83
N ALA I 597 -32.40 -24.47 -13.02
CA ALA I 597 -32.22 -25.83 -13.51
C ALA I 597 -33.25 -26.17 -14.59
N ILE I 598 -34.42 -25.54 -14.55
CA ILE I 598 -35.43 -25.77 -15.57
C ILE I 598 -34.96 -25.24 -16.91
N VAL I 599 -34.48 -23.99 -16.95
CA VAL I 599 -34.02 -23.41 -18.20
C VAL I 599 -32.70 -23.99 -18.65
N ASP I 600 -31.91 -24.55 -17.73
CA ASP I 600 -30.62 -25.11 -18.10
C ASP I 600 -30.77 -26.47 -18.77
N ASN I 601 -31.76 -27.25 -18.34
CA ASN I 601 -32.02 -28.56 -18.93
C ASN I 601 -32.84 -28.40 -20.23
N GLY I 602 -32.30 -27.58 -21.12
CA GLY I 602 -32.88 -27.36 -22.43
C GLY I 602 -31.93 -27.84 -23.51
N ALA I 603 -32.50 -28.32 -24.60
CA ALA I 603 -31.70 -28.91 -25.67
C ALA I 603 -30.83 -27.86 -26.33
N HIS I 604 -29.79 -28.33 -27.03
CA HIS I 604 -28.94 -27.43 -27.79
C HIS I 604 -29.62 -27.14 -29.13
N PHE I 605 -28.87 -26.55 -30.06
CA PHE I 605 -29.42 -26.18 -31.35
C PHE I 605 -29.66 -27.42 -32.21
N ASP I 606 -30.59 -28.27 -31.77
CA ASP I 606 -30.95 -29.50 -32.48
C ASP I 606 -29.75 -30.41 -32.71
N GLY I 607 -28.93 -30.09 -33.71
CA GLY I 607 -27.80 -30.93 -34.04
C GLY I 607 -27.77 -31.29 -35.51
N GLU I 608 -28.94 -31.41 -36.12
CA GLU I 608 -29.08 -31.61 -37.56
C GLU I 608 -28.33 -32.87 -38.02
N GLN I 609 -28.84 -34.01 -37.55
CA GLN I 609 -28.30 -35.32 -37.91
C GLN I 609 -26.85 -35.45 -37.44
N SER I 610 -25.91 -35.16 -38.34
CA SER I 610 -24.48 -35.23 -38.04
C SER I 610 -24.07 -36.60 -37.53
N GLY I 611 -24.60 -37.65 -38.18
CA GLY I 611 -24.26 -39.01 -37.81
C GLY I 611 -22.90 -39.41 -38.31
N THR I 612 -22.49 -40.62 -37.92
CA THR I 612 -21.19 -41.12 -38.34
C THR I 612 -21.16 -41.38 -39.84
N VAL I 613 -21.99 -42.31 -40.31
CA VAL I 613 -22.10 -42.67 -41.72
C VAL I 613 -20.70 -42.95 -42.29
N ASN I 614 -20.03 -41.89 -42.73
CA ASN I 614 -18.67 -41.99 -43.25
C ASN I 614 -17.86 -40.82 -42.70
N GLY I 615 -16.62 -41.10 -42.32
CA GLY I 615 -15.73 -40.06 -41.86
C GLY I 615 -14.43 -40.00 -42.65
N VAL I 616 -14.26 -38.95 -43.44
CA VAL I 616 -13.05 -38.58 -44.19
C VAL I 616 -12.43 -39.75 -44.97
N THR I 617 -12.78 -40.98 -44.62
CA THR I 617 -12.23 -42.14 -45.30
C THR I 617 -12.54 -42.10 -46.79
N PRO I 618 -11.54 -42.18 -47.66
CA PRO I 618 -11.80 -42.08 -49.10
C PRO I 618 -12.48 -43.34 -49.61
N PRO I 619 -13.25 -43.23 -50.68
CA PRO I 619 -13.92 -44.41 -51.23
C PRO I 619 -12.99 -45.19 -52.14
N ALA I 620 -13.49 -46.32 -52.64
CA ALA I 620 -12.69 -47.19 -53.49
C ALA I 620 -12.38 -46.53 -54.82
N VAL I 621 -11.18 -46.78 -55.33
CA VAL I 621 -10.79 -46.27 -56.64
C VAL I 621 -11.52 -47.05 -57.72
N GLN I 622 -12.13 -46.33 -58.65
CA GLN I 622 -12.93 -46.95 -59.69
C GLN I 622 -12.08 -47.26 -60.93
N HIS I 623 -12.58 -48.19 -61.74
CA HIS I 623 -11.99 -48.55 -63.03
C HIS I 623 -10.55 -49.02 -62.88
N LEU I 624 -10.39 -50.14 -62.17
CA LEU I 624 -9.09 -50.78 -62.02
C LEU I 624 -8.77 -51.67 -63.22
N THR I 625 -8.45 -51.02 -64.33
CA THR I 625 -8.11 -51.77 -65.54
C THR I 625 -6.63 -52.14 -65.56
N ALA I 626 -6.37 -53.37 -65.99
CA ALA I 626 -5.03 -53.91 -66.13
C ALA I 626 -4.87 -54.50 -67.54
N GLU I 627 -3.79 -54.13 -68.20
CA GLU I 627 -3.55 -54.49 -69.59
C GLU I 627 -2.27 -55.30 -69.70
N VAL I 628 -2.25 -56.24 -70.64
CA VAL I 628 -1.10 -57.09 -70.90
C VAL I 628 -0.62 -56.81 -72.32
N THR I 629 0.65 -56.45 -72.46
CA THR I 629 1.21 -56.11 -73.76
C THR I 629 2.52 -56.87 -73.98
N ALA I 630 2.89 -57.00 -75.25
CA ALA I 630 4.12 -57.69 -75.66
C ALA I 630 4.95 -56.71 -76.47
N ASP I 631 5.95 -56.11 -75.82
CA ASP I 631 6.83 -55.16 -76.47
C ASP I 631 8.28 -55.57 -76.24
N SER I 632 9.11 -55.35 -77.27
CA SER I 632 10.52 -55.72 -77.24
C SER I 632 10.71 -57.20 -76.92
N GLY I 633 9.78 -58.03 -77.38
CA GLY I 633 9.84 -59.45 -77.09
C GLY I 633 9.62 -59.81 -75.64
N GLU I 634 9.04 -58.91 -74.86
CA GLU I 634 8.84 -59.14 -73.44
C GLU I 634 7.41 -58.78 -73.06
N TYR I 635 6.89 -59.48 -72.06
CA TYR I 635 5.54 -59.24 -71.56
C TYR I 635 5.59 -58.17 -70.46
N GLN I 636 4.73 -57.16 -70.60
CA GLN I 636 4.61 -56.08 -69.64
C GLN I 636 3.14 -55.99 -69.23
N VAL I 637 2.89 -55.58 -67.99
CA VAL I 637 1.52 -55.36 -67.57
C VAL I 637 1.40 -53.94 -67.01
N LEU I 638 0.28 -53.29 -67.31
CA LEU I 638 0.04 -51.92 -66.90
C LEU I 638 -1.26 -51.84 -66.13
N ALA I 639 -1.21 -51.24 -64.94
CA ALA I 639 -2.39 -51.01 -64.13
C ALA I 639 -2.67 -49.51 -64.11
N ARG I 640 -3.86 -49.12 -64.56
CA ARG I 640 -4.25 -47.72 -64.55
C ARG I 640 -5.66 -47.60 -64.01
N TRP I 641 -5.95 -46.45 -63.41
CA TRP I 641 -7.24 -46.22 -62.78
C TRP I 641 -7.56 -44.73 -62.85
N ASP I 642 -8.51 -44.30 -62.04
CA ASP I 642 -8.84 -42.89 -61.90
C ASP I 642 -8.77 -42.50 -60.42
N THR I 643 -8.83 -41.19 -60.17
CA THR I 643 -8.73 -40.69 -58.81
C THR I 643 -10.12 -40.47 -58.23
N PRO I 644 -10.46 -41.10 -57.11
CA PRO I 644 -11.80 -40.92 -56.54
C PRO I 644 -11.93 -39.60 -55.80
N LYS I 645 -13.06 -39.40 -55.12
CA LYS I 645 -13.22 -38.24 -54.25
C LYS I 645 -12.17 -38.26 -53.15
N VAL I 646 -11.59 -37.09 -52.87
CA VAL I 646 -10.37 -37.00 -52.07
C VAL I 646 -10.43 -35.78 -51.18
N VAL I 647 -9.90 -35.90 -49.97
CA VAL I 647 -9.66 -34.77 -49.07
C VAL I 647 -8.16 -34.63 -48.88
N LYS I 648 -7.68 -33.39 -48.88
CA LYS I 648 -6.26 -33.07 -48.75
C LYS I 648 -5.44 -33.69 -49.87
N GLY I 649 -4.86 -34.87 -49.63
CA GLY I 649 -4.07 -35.54 -50.63
C GLY I 649 -4.08 -37.04 -50.40
N VAL I 650 -3.79 -37.78 -51.46
CA VAL I 650 -3.82 -39.24 -51.42
C VAL I 650 -2.59 -39.83 -52.08
N SER I 651 -2.31 -41.08 -51.72
CA SER I 651 -1.34 -41.93 -52.38
C SER I 651 -2.02 -43.25 -52.69
N PHE I 652 -1.45 -44.01 -53.61
CA PHE I 652 -2.02 -45.28 -54.01
C PHE I 652 -1.11 -46.41 -53.54
N LEU I 653 -1.67 -47.34 -52.77
CA LEU I 653 -0.95 -48.51 -52.29
C LEU I 653 -1.47 -49.73 -53.05
N LEU I 654 -0.58 -50.41 -53.77
CA LEU I 654 -0.96 -51.55 -54.58
C LEU I 654 -0.08 -52.74 -54.23
N ARG I 655 -0.71 -53.89 -54.04
CA ARG I 655 -0.01 -55.13 -53.74
C ARG I 655 -0.46 -56.21 -54.71
N LEU I 656 0.42 -57.19 -54.91
CA LEU I 656 0.20 -58.25 -55.89
C LEU I 656 0.31 -59.60 -55.18
N THR I 657 -0.67 -60.46 -55.40
CA THR I 657 -0.67 -61.79 -54.82
C THR I 657 -0.80 -62.82 -55.92
N VAL I 658 -0.19 -63.99 -55.70
CA VAL I 658 -0.16 -65.05 -56.70
C VAL I 658 -0.82 -66.29 -56.10
N THR I 659 -1.79 -66.86 -56.83
CA THR I 659 -2.45 -68.07 -56.38
C THR I 659 -1.48 -69.24 -56.44
N ALA I 660 -1.38 -69.97 -55.33
CA ALA I 660 -0.45 -71.08 -55.23
C ALA I 660 -1.05 -72.35 -55.83
N ASP I 661 -0.22 -73.39 -55.91
CA ASP I 661 -0.66 -74.65 -56.50
C ASP I 661 -1.70 -75.34 -55.62
N ASP I 662 -1.52 -75.30 -54.30
CA ASP I 662 -2.47 -75.94 -53.40
C ASP I 662 -3.76 -75.13 -53.28
N GLY I 663 -3.68 -73.81 -53.41
CA GLY I 663 -4.86 -72.98 -53.32
C GLY I 663 -4.65 -71.73 -52.46
N SER I 664 -3.50 -71.65 -51.80
CA SER I 664 -3.19 -70.51 -50.94
C SER I 664 -2.74 -69.34 -51.82
N GLU I 665 -2.20 -68.30 -51.17
CA GLU I 665 -1.76 -67.11 -51.87
C GLU I 665 -0.32 -66.79 -51.51
N ARG I 666 0.39 -66.19 -52.45
CA ARG I 666 1.76 -65.74 -52.26
C ARG I 666 1.85 -64.27 -52.66
N LEU I 667 2.36 -63.44 -51.77
CA LEU I 667 2.46 -62.01 -52.03
C LEU I 667 3.78 -61.70 -52.74
N VAL I 668 3.68 -61.00 -53.86
CA VAL I 668 4.85 -60.58 -54.63
C VAL I 668 4.91 -59.06 -54.60
N SER I 669 5.81 -58.54 -53.78
CA SER I 669 6.12 -57.11 -53.70
C SER I 669 4.92 -56.24 -53.30
N THR I 670 5.16 -54.94 -53.14
CA THR I 670 4.14 -53.96 -52.86
C THR I 670 4.70 -52.60 -53.23
N ALA I 671 3.81 -51.63 -53.42
CA ALA I 671 4.27 -50.32 -53.86
C ALA I 671 3.32 -49.23 -53.39
N ARG I 672 3.89 -48.16 -52.86
CA ARG I 672 3.16 -46.94 -52.56
C ARG I 672 3.65 -45.85 -53.51
N THR I 673 2.74 -45.30 -54.30
CA THR I 673 3.10 -44.35 -55.35
C THR I 673 2.13 -43.18 -55.33
N THR I 674 2.43 -42.18 -56.17
CA THR I 674 1.54 -41.05 -56.38
C THR I 674 0.96 -41.01 -57.79
N GLU I 675 1.68 -41.51 -58.79
CA GLU I 675 1.19 -41.51 -60.15
C GLU I 675 0.04 -42.49 -60.30
N THR I 676 -0.86 -42.19 -61.23
CA THR I 676 -2.04 -43.03 -61.42
C THR I 676 -1.71 -44.33 -62.13
N THR I 677 -0.70 -44.32 -63.00
CA THR I 677 -0.35 -45.48 -63.80
C THR I 677 0.87 -46.18 -63.23
N TYR I 678 0.81 -47.52 -63.19
CA TYR I 678 1.93 -48.31 -62.71
C TYR I 678 2.18 -49.47 -63.68
N ARG I 679 3.42 -49.95 -63.70
CA ARG I 679 3.83 -50.99 -64.64
C ARG I 679 4.59 -52.09 -63.92
N PHE I 680 4.27 -53.34 -64.23
CA PHE I 680 4.98 -54.50 -63.72
C PHE I 680 5.69 -55.23 -64.85
N THR I 681 6.89 -55.71 -64.55
CA THR I 681 7.79 -56.30 -65.51
C THR I 681 8.35 -57.60 -64.94
N GLN I 682 8.60 -58.57 -65.82
CA GLN I 682 9.23 -59.84 -65.46
C GLN I 682 8.38 -60.62 -64.46
N LEU I 683 7.17 -60.95 -64.88
CA LEU I 683 6.26 -61.76 -64.09
C LEU I 683 6.23 -63.18 -64.65
N ALA I 684 6.15 -64.16 -63.76
CA ALA I 684 6.15 -65.56 -64.17
C ALA I 684 4.94 -66.29 -63.62
N LEU I 685 4.91 -67.61 -63.77
CA LEU I 685 3.83 -68.47 -63.27
C LEU I 685 2.55 -68.12 -64.01
N GLY I 686 1.40 -68.31 -63.37
CA GLY I 686 0.13 -68.12 -64.02
C GLY I 686 -0.74 -67.03 -63.43
N ASN I 687 -1.91 -67.40 -62.93
CA ASN I 687 -2.88 -66.43 -62.48
C ASN I 687 -2.39 -65.69 -61.24
N TYR I 688 -2.79 -64.42 -61.13
CA TYR I 688 -2.51 -63.61 -59.95
C TYR I 688 -3.56 -62.51 -59.86
N ARG I 689 -3.44 -61.69 -58.82
CA ARG I 689 -4.45 -60.69 -58.50
C ARG I 689 -3.78 -59.46 -57.91
N LEU I 690 -4.24 -58.29 -58.34
CA LEU I 690 -3.71 -57.00 -57.89
C LEU I 690 -4.78 -56.28 -57.07
N THR I 691 -4.37 -55.78 -55.91
CA THR I 691 -5.25 -55.04 -55.02
C THR I 691 -4.72 -53.63 -54.85
N VAL I 692 -5.57 -52.64 -55.07
CA VAL I 692 -5.21 -51.23 -55.03
C VAL I 692 -6.11 -50.52 -54.02
N ARG I 693 -5.51 -49.64 -53.23
CA ARG I 693 -6.22 -48.86 -52.23
C ARG I 693 -5.71 -47.42 -52.28
N ALA I 694 -6.56 -46.49 -51.87
CA ALA I 694 -6.23 -45.08 -51.82
C ALA I 694 -6.13 -44.64 -50.37
N VAL I 695 -5.05 -43.93 -50.04
CA VAL I 695 -4.80 -43.50 -48.67
C VAL I 695 -4.74 -41.98 -48.61
N ASN I 696 -5.41 -41.42 -47.60
CA ASN I 696 -5.50 -39.98 -47.41
C ASN I 696 -4.23 -39.44 -46.77
N ALA I 697 -4.28 -38.21 -46.25
CA ALA I 697 -3.08 -37.53 -45.78
C ALA I 697 -2.32 -38.37 -44.75
N TRP I 698 -3.01 -38.83 -43.70
CA TRP I 698 -2.34 -39.72 -42.75
C TRP I 698 -2.10 -41.11 -43.31
N GLY I 699 -2.89 -41.55 -44.28
CA GLY I 699 -2.69 -42.87 -44.85
C GLY I 699 -3.74 -43.85 -44.39
N GLN I 700 -4.94 -43.37 -44.10
CA GLN I 700 -6.02 -44.25 -43.74
C GLN I 700 -6.48 -45.03 -44.98
N GLN I 701 -6.52 -46.35 -44.85
CA GLN I 701 -6.86 -47.20 -45.99
C GLN I 701 -8.32 -46.99 -46.38
N GLY I 702 -8.57 -46.98 -47.68
CA GLY I 702 -9.91 -46.92 -48.21
C GLY I 702 -10.47 -48.30 -48.48
N ASP I 703 -11.53 -48.33 -49.26
CA ASP I 703 -12.13 -49.61 -49.66
C ASP I 703 -11.29 -50.23 -50.77
N PRO I 704 -10.86 -51.47 -50.63
CA PRO I 704 -9.96 -52.07 -51.63
C PRO I 704 -10.65 -52.31 -52.95
N ALA I 705 -9.85 -52.28 -54.02
CA ALA I 705 -10.31 -52.66 -55.35
C ALA I 705 -9.37 -53.73 -55.88
N SER I 706 -9.92 -54.88 -56.28
CA SER I 706 -9.13 -56.03 -56.67
C SER I 706 -9.47 -56.47 -58.08
N VAL I 707 -8.45 -56.77 -58.88
CA VAL I 707 -8.63 -57.30 -60.24
C VAL I 707 -7.69 -58.47 -60.42
N SER I 708 -8.20 -59.59 -60.92
CA SER I 708 -7.43 -60.81 -61.07
C SER I 708 -7.36 -61.20 -62.55
N PHE I 709 -6.21 -61.73 -62.96
CA PHE I 709 -6.03 -62.20 -64.32
C PHE I 709 -4.78 -63.08 -64.37
N ARG I 710 -4.60 -63.76 -65.50
CA ARG I 710 -3.53 -64.73 -65.65
C ARG I 710 -2.68 -64.40 -66.87
N ILE I 711 -1.47 -64.94 -66.87
CA ILE I 711 -0.55 -64.79 -68.00
C ILE I 711 0.07 -66.15 -68.30
N ALA I 712 0.21 -66.45 -69.57
CA ALA I 712 0.81 -67.70 -70.03
C ALA I 712 1.26 -67.52 -71.47
N ALA I 713 2.09 -68.45 -71.93
CA ALA I 713 2.63 -68.44 -73.29
C ALA I 713 2.44 -69.81 -73.93
N PRO I 714 1.21 -70.17 -74.26
CA PRO I 714 0.98 -71.48 -74.91
C PRO I 714 1.63 -71.56 -76.27
N ALA I 715 1.25 -70.65 -77.18
CA ALA I 715 1.84 -70.57 -78.52
C ALA I 715 1.84 -71.92 -79.22
N ALA I 716 0.74 -72.65 -79.11
CA ALA I 716 0.63 -73.94 -79.78
C ALA I 716 0.59 -73.75 -81.28
N PRO I 717 1.44 -74.43 -82.05
CA PRO I 717 1.47 -74.24 -83.50
C PRO I 717 0.13 -74.64 -84.13
N SER I 718 -0.49 -73.69 -84.84
CA SER I 718 -1.76 -73.96 -85.47
C SER I 718 -1.63 -74.96 -86.62
N ARG I 719 -0.58 -74.82 -87.42
CA ARG I 719 -0.38 -75.68 -88.57
C ARG I 719 1.11 -75.76 -88.89
N ILE I 720 1.48 -76.73 -89.72
CA ILE I 720 2.86 -76.96 -90.10
C ILE I 720 3.00 -76.72 -91.60
N GLU I 721 4.07 -76.02 -91.96
CA GLU I 721 4.40 -75.77 -93.36
C GLU I 721 5.79 -76.33 -93.65
N LEU I 722 5.86 -77.25 -94.60
CA LEU I 722 7.12 -77.87 -95.00
C LEU I 722 7.25 -77.84 -96.51
N THR I 723 8.48 -77.73 -96.99
CA THR I 723 8.76 -77.67 -98.41
C THR I 723 9.84 -78.68 -98.78
N PRO I 724 9.51 -79.75 -99.50
CA PRO I 724 10.55 -80.69 -99.94
C PRO I 724 11.39 -80.09 -101.05
N GLY I 725 12.61 -80.60 -101.18
CA GLY I 725 13.47 -80.18 -102.25
C GLY I 725 14.55 -81.19 -102.53
N TYR I 726 15.65 -80.71 -103.11
CA TYR I 726 16.78 -81.56 -103.46
C TYR I 726 17.53 -81.95 -102.20
N PHE I 727 17.20 -83.13 -101.66
CA PHE I 727 17.85 -83.67 -100.47
C PHE I 727 17.74 -82.71 -99.28
N GLN I 728 16.61 -82.03 -99.17
CA GLN I 728 16.41 -81.05 -98.12
C GLN I 728 14.93 -80.86 -97.84
N ILE I 729 14.63 -80.47 -96.61
CA ILE I 729 13.27 -80.12 -96.20
C ILE I 729 13.32 -78.77 -95.51
N THR I 730 12.54 -77.82 -96.03
CA THR I 730 12.45 -76.48 -95.45
C THR I 730 11.27 -76.47 -94.48
N ALA I 731 11.56 -76.34 -93.19
CA ALA I 731 10.54 -76.34 -92.15
C ALA I 731 10.28 -74.91 -91.70
N THR I 732 9.07 -74.41 -91.98
CA THR I 732 8.63 -73.08 -91.59
C THR I 732 7.29 -73.19 -90.87
N PRO I 733 7.28 -73.73 -89.66
CA PRO I 733 6.02 -73.86 -88.92
C PRO I 733 5.45 -72.50 -88.54
N HIS I 734 4.12 -72.47 -88.44
CA HIS I 734 3.39 -71.25 -88.09
C HIS I 734 2.62 -71.48 -86.79
N LEU I 735 1.81 -70.50 -86.42
CA LEU I 735 1.00 -70.59 -85.22
C LEU I 735 -0.22 -69.70 -85.39
N ALA I 736 -1.22 -69.91 -84.54
CA ALA I 736 -2.51 -69.24 -84.69
C ALA I 736 -2.40 -67.74 -84.46
N VAL I 737 -1.95 -67.34 -83.28
CA VAL I 737 -1.86 -65.94 -82.90
C VAL I 737 -0.41 -65.52 -82.90
N TYR I 738 -0.11 -64.43 -83.61
CA TYR I 738 1.27 -63.98 -83.75
C TYR I 738 1.76 -63.41 -82.42
N ASP I 739 3.03 -63.67 -82.12
CA ASP I 739 3.64 -63.23 -80.86
C ASP I 739 5.14 -63.04 -81.06
N PRO I 740 5.63 -61.79 -81.03
CA PRO I 740 7.05 -61.52 -81.30
C PRO I 740 7.97 -61.79 -80.11
N THR I 741 7.75 -62.92 -79.44
CA THR I 741 8.63 -63.34 -78.37
C THR I 741 8.85 -64.85 -78.35
N VAL I 742 8.43 -65.57 -79.40
CA VAL I 742 8.40 -67.03 -79.39
C VAL I 742 9.34 -67.55 -80.47
N GLN I 743 10.22 -68.46 -80.07
CA GLN I 743 11.04 -69.23 -80.98
C GLN I 743 10.48 -70.65 -81.09
N PHE I 744 10.86 -71.35 -82.16
CA PHE I 744 10.41 -72.71 -82.41
C PHE I 744 11.60 -73.64 -82.29
N GLU I 745 11.49 -74.64 -81.42
CA GLU I 745 12.52 -75.65 -81.22
C GLU I 745 12.12 -76.92 -81.96
N PHE I 746 13.05 -77.46 -82.74
CA PHE I 746 12.75 -78.61 -83.60
C PHE I 746 13.51 -79.85 -83.13
N TRP I 747 12.89 -81.00 -83.38
CA TRP I 747 13.40 -82.32 -83.00
C TRP I 747 13.31 -83.21 -84.24
N PHE I 748 14.42 -83.86 -84.58
CA PHE I 748 14.50 -84.67 -85.80
C PHE I 748 14.52 -86.15 -85.44
N SER I 749 13.75 -86.95 -86.18
CA SER I 749 13.76 -88.39 -85.99
C SER I 749 13.53 -89.08 -87.32
N GLU I 750 13.97 -90.34 -87.39
CA GLU I 750 13.77 -91.17 -88.57
C GLU I 750 12.69 -92.22 -88.39
N LYS I 751 12.42 -92.65 -87.16
CA LYS I 751 11.40 -93.64 -86.87
C LYS I 751 10.45 -93.09 -85.81
N GLN I 752 9.16 -93.26 -86.04
CA GLN I 752 8.16 -92.75 -85.09
C GLN I 752 8.28 -93.47 -83.75
N ILE I 753 8.18 -92.69 -82.68
CA ILE I 753 8.28 -93.21 -81.32
C ILE I 753 6.89 -93.34 -80.74
N ALA I 754 6.69 -94.36 -79.90
CA ALA I 754 5.38 -94.62 -79.32
C ALA I 754 5.02 -93.54 -78.29
N ASP I 755 5.80 -93.43 -77.23
CA ASP I 755 5.52 -92.44 -76.20
C ASP I 755 5.84 -91.03 -76.71
N ILE I 756 5.00 -90.07 -76.32
CA ILE I 756 5.15 -88.70 -76.77
C ILE I 756 5.85 -87.81 -75.76
N ARG I 757 6.11 -88.31 -74.55
CA ARG I 757 6.81 -87.55 -73.52
C ARG I 757 8.25 -87.99 -73.34
N GLN I 758 8.79 -88.77 -74.29
CA GLN I 758 10.19 -89.20 -74.26
C GLN I 758 11.01 -88.49 -75.31
N VAL I 759 10.48 -87.40 -75.88
CA VAL I 759 11.14 -86.75 -77.01
C VAL I 759 12.46 -86.13 -76.58
N GLU I 760 12.52 -85.58 -75.37
CA GLU I 760 13.75 -84.93 -74.89
C GLU I 760 14.91 -85.89 -74.79
N THR I 761 14.68 -87.20 -74.76
CA THR I 761 15.73 -88.19 -74.65
C THR I 761 15.88 -89.05 -75.89
N SER I 762 14.76 -89.42 -76.53
CA SER I 762 14.82 -90.31 -77.68
C SER I 762 15.35 -89.59 -78.92
N THR I 763 14.92 -88.36 -79.16
CA THR I 763 15.27 -87.66 -80.39
C THR I 763 16.62 -86.97 -80.27
N ARG I 764 17.03 -86.30 -81.34
CA ARG I 764 18.33 -85.66 -81.45
C ARG I 764 18.14 -84.16 -81.59
N TYR I 765 19.08 -83.40 -81.04
CA TYR I 765 19.01 -81.94 -81.12
C TYR I 765 19.40 -81.43 -82.49
N LEU I 766 18.60 -80.51 -83.01
CA LEU I 766 18.96 -79.84 -84.25
C LEU I 766 18.99 -78.32 -84.10
N GLY I 767 18.08 -77.73 -83.35
CA GLY I 767 18.16 -76.31 -83.10
C GLY I 767 16.84 -75.69 -82.69
N THR I 768 16.92 -74.38 -82.46
CA THR I 768 15.77 -73.54 -82.13
C THR I 768 15.91 -72.24 -82.91
N ALA I 769 14.96 -71.98 -83.80
CA ALA I 769 15.03 -70.82 -84.68
C ALA I 769 13.62 -70.39 -85.05
N LEU I 770 13.50 -69.60 -86.12
CA LEU I 770 12.21 -69.30 -86.73
C LEU I 770 11.91 -70.18 -87.93
N TYR I 771 12.93 -70.71 -88.59
CA TYR I 771 12.80 -71.66 -89.70
C TYR I 771 14.03 -72.53 -89.72
N TRP I 772 13.92 -73.70 -90.35
CA TRP I 772 15.06 -74.61 -90.41
C TRP I 772 15.16 -75.24 -91.79
N ILE I 773 16.37 -75.67 -92.13
CA ILE I 773 16.65 -76.33 -93.40
C ILE I 773 17.31 -77.66 -93.05
N ALA I 774 16.51 -78.72 -92.97
CA ALA I 774 17.03 -80.05 -92.67
C ALA I 774 17.58 -80.65 -93.96
N ALA I 775 18.90 -80.63 -94.10
CA ALA I 775 19.57 -81.17 -95.28
C ALA I 775 20.80 -81.93 -94.83
N SER I 776 20.88 -83.22 -95.18
CA SER I 776 21.98 -84.06 -94.77
C SER I 776 22.38 -84.96 -95.94
N ILE I 777 23.36 -85.83 -95.69
CA ILE I 777 23.81 -86.81 -96.67
C ILE I 777 23.15 -88.17 -96.45
N ASN I 778 22.96 -88.55 -95.19
CA ASN I 778 22.35 -89.85 -94.89
C ASN I 778 20.89 -89.91 -95.30
N ILE I 779 20.24 -88.75 -95.49
CA ILE I 779 18.83 -88.76 -95.86
C ILE I 779 18.68 -89.21 -97.30
N LYS I 780 17.60 -89.93 -97.58
CA LYS I 780 17.31 -90.44 -98.90
C LYS I 780 15.86 -90.16 -99.25
N PRO I 781 15.56 -89.92 -100.53
CA PRO I 781 14.18 -89.68 -100.93
C PRO I 781 13.35 -90.95 -100.78
N GLY I 782 12.04 -90.74 -100.65
CA GLY I 782 11.11 -91.84 -100.48
C GLY I 782 10.94 -92.32 -99.06
N HIS I 783 11.67 -91.75 -98.11
CA HIS I 783 11.56 -92.10 -96.70
C HIS I 783 10.75 -91.03 -95.98
N ASP I 784 10.31 -91.36 -94.77
CA ASP I 784 9.51 -90.47 -93.94
C ASP I 784 10.34 -90.02 -92.76
N TYR I 785 10.35 -88.71 -92.51
CA TYR I 785 11.13 -88.12 -91.43
C TYR I 785 10.21 -87.36 -90.49
N TYR I 786 10.39 -87.57 -89.19
CA TYR I 786 9.48 -87.06 -88.18
C TYR I 786 10.06 -85.80 -87.54
N PHE I 787 9.27 -84.74 -87.55
CA PHE I 787 9.62 -83.46 -86.94
C PHE I 787 8.73 -83.25 -85.73
N TYR I 788 9.36 -83.01 -84.58
CA TYR I 788 8.65 -82.67 -83.35
C TYR I 788 8.97 -81.21 -83.04
N ILE I 789 7.98 -80.35 -83.17
CA ILE I 789 8.16 -78.91 -83.04
C ILE I 789 7.45 -78.43 -81.79
N ARG I 790 8.12 -77.56 -81.03
CA ARG I 790 7.51 -76.94 -79.88
C ARG I 790 7.84 -75.45 -79.87
N SER I 791 7.07 -74.69 -79.11
CA SER I 791 7.24 -73.25 -78.98
C SER I 791 7.86 -72.92 -77.63
N VAL I 792 8.90 -72.09 -77.65
CA VAL I 792 9.60 -71.70 -76.43
C VAL I 792 9.69 -70.18 -76.39
N ASN I 793 9.80 -69.64 -75.18
CA ASN I 793 10.01 -68.22 -74.97
C ASN I 793 10.65 -68.03 -73.60
N THR I 794 10.70 -66.79 -73.12
CA THR I 794 11.24 -66.53 -71.79
C THR I 794 10.37 -67.15 -70.71
N VAL I 795 9.06 -67.11 -70.87
CA VAL I 795 8.15 -67.60 -69.83
C VAL I 795 8.30 -69.11 -69.67
N GLY I 796 8.29 -69.85 -70.78
CA GLY I 796 8.36 -71.29 -70.70
C GLY I 796 8.29 -72.00 -72.03
N LYS I 797 7.57 -73.13 -72.07
CA LYS I 797 7.53 -73.97 -73.25
C LYS I 797 6.09 -74.27 -73.65
N SER I 798 5.91 -75.18 -74.60
CA SER I 798 4.58 -75.50 -75.12
C SER I 798 4.47 -77.01 -75.27
N ALA I 799 3.42 -77.44 -75.97
CA ALA I 799 3.24 -78.85 -76.28
C ALA I 799 4.02 -79.22 -77.54
N PHE I 800 3.93 -80.48 -77.94
CA PHE I 800 4.67 -80.99 -79.09
C PHE I 800 3.74 -81.23 -80.26
N VAL I 801 4.21 -80.86 -81.45
CA VAL I 801 3.47 -81.08 -82.69
C VAL I 801 4.31 -82.00 -83.58
N GLU I 802 3.67 -83.03 -84.12
CA GLU I 802 4.35 -84.04 -84.93
C GLU I 802 4.00 -83.84 -86.40
N ALA I 803 5.03 -83.85 -87.26
CA ALA I 803 4.86 -83.72 -88.69
C ALA I 803 5.74 -84.75 -89.40
N VAL I 804 5.32 -85.13 -90.60
CA VAL I 804 6.03 -86.11 -91.41
C VAL I 804 6.45 -85.45 -92.72
N GLY I 805 7.70 -85.66 -93.12
CA GLY I 805 8.22 -85.02 -94.30
C GLY I 805 8.98 -86.00 -95.18
N ARG I 806 9.01 -85.68 -96.47
CA ARG I 806 9.72 -86.46 -97.48
C ARG I 806 10.48 -85.50 -98.38
N ALA I 807 11.23 -86.05 -99.32
CA ALA I 807 12.00 -85.27 -100.28
C ALA I 807 11.29 -85.23 -101.63
N SER I 808 11.63 -84.21 -102.41
CA SER I 808 11.04 -84.05 -103.73
C SER I 808 11.51 -85.15 -104.67
N ASP I 809 10.62 -85.55 -105.59
CA ASP I 809 10.89 -86.57 -106.59
C ASP I 809 10.50 -86.06 -107.98
N ASP I 810 10.96 -84.85 -108.31
CA ASP I 810 10.63 -84.25 -109.59
C ASP I 810 11.28 -85.03 -110.73
N ALA I 811 10.65 -84.97 -111.90
CA ALA I 811 11.12 -85.67 -113.09
C ALA I 811 11.35 -84.68 -114.22
N GLU I 812 12.28 -85.04 -115.10
CA GLU I 812 12.59 -84.30 -116.32
C GLU I 812 13.14 -82.90 -116.00
N GLY I 813 12.27 -82.02 -115.51
CA GLY I 813 12.66 -80.64 -115.28
C GLY I 813 13.77 -80.46 -114.28
N TYR I 814 13.87 -81.35 -113.29
CA TYR I 814 14.94 -81.21 -112.29
C TYR I 814 16.31 -81.38 -112.93
N LEU I 815 16.41 -82.25 -113.93
CA LEU I 815 17.67 -82.59 -114.56
C LEU I 815 17.92 -81.78 -115.83
N ASP I 816 17.07 -80.79 -116.12
CA ASP I 816 17.27 -79.95 -117.29
C ASP I 816 18.56 -79.15 -117.22
N PHE I 817 19.16 -79.04 -116.04
CA PHE I 817 20.47 -78.39 -115.93
C PHE I 817 21.50 -79.14 -116.77
N PHE I 818 21.46 -80.47 -116.75
CA PHE I 818 22.44 -81.28 -117.48
C PHE I 818 21.98 -81.52 -118.92
N LYS I 819 22.05 -80.45 -119.72
CA LYS I 819 21.64 -80.50 -121.11
C LYS I 819 22.88 -80.69 -121.98
N GLY I 820 23.14 -81.94 -122.37
CA GLY I 820 24.23 -82.26 -123.27
C GLY I 820 25.59 -81.80 -122.79
N LYS I 821 25.90 -82.07 -121.53
CA LYS I 821 27.16 -81.65 -120.93
C LYS I 821 28.09 -82.79 -120.58
N ILE I 822 27.58 -84.03 -120.53
CA ILE I 822 28.43 -85.17 -120.21
C ILE I 822 29.33 -85.49 -121.39
N THR I 823 30.56 -85.92 -121.09
CA THR I 823 31.51 -86.31 -122.12
C THR I 823 32.05 -87.71 -121.82
N GLU I 824 33.08 -88.12 -122.57
CA GLU I 824 33.72 -89.41 -122.32
C GLU I 824 34.22 -89.55 -120.89
N SER I 825 34.66 -88.44 -120.29
CA SER I 825 35.14 -88.49 -118.91
C SER I 825 34.02 -88.88 -117.96
N HIS I 826 32.83 -88.33 -118.16
CA HIS I 826 31.67 -88.68 -117.35
C HIS I 826 30.92 -89.82 -118.04
N LEU I 827 31.45 -91.03 -117.86
CA LEU I 827 30.90 -92.21 -118.51
C LEU I 827 31.39 -93.45 -117.78
N GLY I 828 30.53 -94.47 -117.73
CA GLY I 828 30.92 -95.72 -117.12
C GLY I 828 31.95 -96.46 -117.93
N LYS I 829 32.74 -97.29 -117.25
CA LYS I 829 33.82 -98.03 -117.92
C LYS I 829 33.26 -99.03 -118.92
N GLU I 830 32.22 -99.77 -118.54
CA GLU I 830 31.66 -100.77 -119.44
C GLU I 830 31.04 -100.11 -120.67
N LEU I 831 30.35 -98.99 -120.49
CA LEU I 831 29.80 -98.26 -121.63
C LEU I 831 30.92 -97.75 -122.54
N LEU I 832 31.99 -97.22 -121.94
CA LEU I 832 33.10 -96.70 -122.73
C LEU I 832 33.77 -97.80 -123.54
N GLU I 833 33.99 -98.97 -122.92
CA GLU I 833 34.61 -100.08 -123.63
C GLU I 833 33.66 -100.79 -124.58
N LYS I 834 32.35 -100.56 -124.45
CA LYS I 834 31.37 -101.11 -125.38
C LYS I 834 30.95 -100.11 -126.45
N VAL I 835 30.72 -98.86 -126.05
CA VAL I 835 30.32 -97.82 -127.00
C VAL I 835 31.46 -96.85 -127.24
N MET J 1 -8.68 22.98 -28.10
CA MET J 1 -9.37 24.07 -27.43
C MET J 1 -10.79 23.67 -27.05
N GLN J 2 -11.38 24.43 -26.14
CA GLN J 2 -12.76 24.19 -25.71
C GLN J 2 -13.72 25.15 -26.39
N ASP J 3 -15.00 24.76 -26.38
CA ASP J 3 -16.07 25.61 -26.92
C ASP J 3 -16.54 26.57 -25.83
N ILE J 4 -15.62 27.41 -25.38
CA ILE J 4 -15.88 28.40 -24.34
C ILE J 4 -16.15 29.74 -24.98
N ARG J 5 -17.29 30.34 -24.66
CA ARG J 5 -17.61 31.65 -25.20
C ARG J 5 -16.69 32.71 -24.62
N GLN J 6 -16.58 33.83 -25.34
CA GLN J 6 -15.67 34.90 -24.92
C GLN J 6 -16.11 35.50 -23.58
N GLU J 7 -17.42 35.64 -23.36
CA GLU J 7 -17.89 36.34 -22.17
C GLU J 7 -17.55 35.58 -20.90
N THR J 8 -17.78 34.27 -20.87
CA THR J 8 -17.49 33.51 -19.66
C THR J 8 -15.99 33.43 -19.40
N LEU J 9 -15.19 33.33 -20.46
CA LEU J 9 -13.74 33.33 -20.29
C LEU J 9 -13.26 34.67 -19.74
N ASN J 10 -13.83 35.77 -20.24
CA ASN J 10 -13.48 37.10 -19.72
C ASN J 10 -13.87 37.23 -18.27
N GLU J 11 -15.06 36.75 -17.91
CA GLU J 11 -15.48 36.79 -16.51
C GLU J 11 -14.56 35.94 -15.65
N CYS J 12 -14.15 34.79 -16.15
CA CYS J 12 -13.22 33.94 -15.43
C CYS J 12 -11.80 34.47 -15.56
N THR J 13 -11.61 35.74 -15.19
CA THR J 13 -10.27 36.29 -15.04
C THR J 13 -10.18 37.11 -13.76
N ARG J 14 -11.32 37.64 -13.31
CA ARG J 14 -11.31 38.59 -12.20
C ARG J 14 -11.16 37.88 -10.86
N ALA J 15 -10.71 38.64 -9.87
CA ALA J 15 -10.43 38.07 -8.55
C ALA J 15 -11.71 37.68 -7.83
N GLU J 16 -12.73 38.53 -7.86
CA GLU J 16 -13.97 38.30 -7.13
C GLU J 16 -14.86 37.37 -7.96
N GLN J 17 -14.66 36.07 -7.80
CA GLN J 17 -15.42 35.09 -8.54
C GLN J 17 -16.86 35.04 -8.05
N SER J 18 -17.73 34.51 -8.90
CA SER J 18 -19.10 34.21 -8.51
C SER J 18 -19.16 32.78 -7.98
N ALA J 19 -20.37 32.26 -7.78
CA ALA J 19 -20.55 30.93 -7.23
C ALA J 19 -20.64 29.90 -8.35
N SER J 20 -19.86 28.83 -8.24
CA SER J 20 -19.90 27.76 -9.22
C SER J 20 -21.07 26.83 -8.93
N VAL J 21 -21.83 26.50 -9.96
CA VAL J 21 -22.98 25.61 -9.83
C VAL J 21 -22.80 24.44 -10.79
N VAL J 22 -23.09 23.23 -10.30
CA VAL J 22 -22.96 22.01 -11.08
C VAL J 22 -24.34 21.36 -11.15
N LEU J 23 -24.76 21.01 -12.35
CA LEU J 23 -26.06 20.38 -12.58
C LEU J 23 -25.86 19.09 -13.35
N TRP J 24 -26.72 18.10 -13.06
CA TRP J 24 -26.55 16.76 -13.59
C TRP J 24 -27.82 16.33 -14.30
N GLU J 25 -27.65 15.63 -15.42
CA GLU J 25 -28.76 15.08 -16.18
C GLU J 25 -28.50 13.60 -16.40
N ILE J 26 -29.38 12.75 -15.88
CA ILE J 26 -29.29 11.31 -16.08
C ILE J 26 -30.27 10.94 -17.19
N ASP J 27 -29.73 10.52 -18.33
CA ASP J 27 -30.52 10.15 -19.49
C ASP J 27 -30.57 8.64 -19.62
N LEU J 28 -31.80 8.11 -19.66
CA LEU J 28 -32.03 6.67 -19.72
C LEU J 28 -32.92 6.29 -20.90
N THR J 29 -33.09 7.19 -21.87
CA THR J 29 -33.94 6.89 -23.01
C THR J 29 -33.38 5.73 -23.83
N GLU J 30 -32.06 5.69 -24.00
CA GLU J 30 -31.43 4.61 -24.75
C GLU J 30 -31.55 3.27 -24.05
N VAL J 31 -31.88 3.26 -22.76
CA VAL J 31 -32.01 2.02 -22.01
C VAL J 31 -33.45 1.68 -21.65
N GLY J 32 -34.36 2.66 -21.68
CA GLY J 32 -35.75 2.38 -21.42
C GLY J 32 -36.33 3.17 -20.25
N GLY J 33 -35.73 4.31 -19.94
CA GLY J 33 -36.20 5.12 -18.85
C GLY J 33 -36.54 6.55 -19.25
N GLU J 34 -36.42 7.47 -18.31
CA GLU J 34 -36.70 8.89 -18.54
C GLU J 34 -35.46 9.72 -18.22
N ARG J 35 -35.59 11.03 -18.39
CA ARG J 35 -34.53 11.98 -18.14
C ARG J 35 -34.75 12.61 -16.77
N TYR J 36 -33.76 12.46 -15.89
CA TYR J 36 -33.82 13.02 -14.55
C TYR J 36 -32.86 14.19 -14.42
N PHE J 37 -33.33 15.29 -13.85
CA PHE J 37 -32.54 16.50 -13.67
C PHE J 37 -32.28 16.72 -12.20
N PHE J 38 -31.01 16.84 -11.82
CA PHE J 38 -30.62 17.00 -10.43
C PHE J 38 -29.69 18.19 -10.28
N CYS J 39 -29.80 18.86 -9.14
CA CYS J 39 -28.88 19.90 -8.73
C CYS J 39 -28.54 19.71 -7.26
N ASN J 40 -27.30 20.02 -6.90
CA ASN J 40 -26.85 19.83 -5.53
C ASN J 40 -27.46 20.87 -4.58
N GLU J 41 -28.01 21.95 -5.11
CA GLU J 41 -28.44 23.07 -4.28
C GLU J 41 -29.61 23.77 -4.96
N GLN J 42 -30.37 24.51 -4.16
CA GLN J 42 -31.52 25.26 -4.66
C GLN J 42 -31.26 26.75 -4.53
N ASN J 43 -32.17 27.54 -5.10
CA ASN J 43 -32.00 28.99 -5.16
C ASN J 43 -32.34 29.62 -3.81
N GLU J 44 -32.45 30.94 -3.78
CA GLU J 44 -32.78 31.65 -2.54
C GLU J 44 -34.26 31.60 -2.20
N LYS J 45 -35.11 31.23 -3.16
CA LYS J 45 -36.54 31.14 -2.93
C LYS J 45 -36.97 29.77 -2.42
N GLY J 46 -36.01 28.87 -2.17
CA GLY J 46 -36.36 27.50 -1.82
C GLY J 46 -37.07 26.78 -2.95
N GLU J 47 -36.60 26.98 -4.18
CA GLU J 47 -37.24 26.45 -5.37
C GLU J 47 -36.21 25.75 -6.22
N PRO J 48 -36.63 24.83 -7.09
CA PRO J 48 -35.68 24.19 -8.01
C PRO J 48 -35.04 25.23 -8.91
N VAL J 49 -33.77 25.00 -9.23
CA VAL J 49 -33.00 25.97 -10.02
C VAL J 49 -33.46 25.93 -11.46
N THR J 50 -33.78 27.09 -12.02
CA THR J 50 -34.26 27.17 -13.39
C THR J 50 -33.12 27.58 -14.31
N TRP J 51 -32.83 26.74 -15.29
CA TRP J 51 -31.76 26.99 -16.26
C TRP J 51 -32.29 26.66 -17.65
N GLN J 52 -32.06 27.58 -18.59
CA GLN J 52 -32.51 27.44 -19.97
C GLN J 52 -34.00 27.17 -20.08
N GLY J 53 -34.77 27.50 -19.05
CA GLY J 53 -36.18 27.27 -18.99
C GLY J 53 -36.56 26.02 -18.21
N ARG J 54 -35.73 24.98 -18.25
CA ARG J 54 -36.03 23.76 -17.52
C ARG J 54 -35.63 23.90 -16.06
N GLN J 55 -36.06 22.94 -15.25
CA GLN J 55 -35.88 23.00 -13.81
C GLN J 55 -35.08 21.80 -13.32
N TYR J 56 -34.10 22.08 -12.46
CA TYR J 56 -33.31 21.06 -11.78
C TYR J 56 -33.72 21.06 -10.32
N GLN J 57 -34.16 19.91 -9.83
CA GLN J 57 -34.60 19.80 -8.45
C GLN J 57 -33.41 19.53 -7.53
N PRO J 58 -33.50 19.96 -6.26
CA PRO J 58 -32.39 19.72 -5.33
C PRO J 58 -32.35 18.29 -4.84
N TYR J 59 -31.13 17.76 -4.74
CA TYR J 59 -30.86 16.39 -4.31
C TYR J 59 -29.36 16.25 -4.06
N PRO J 60 -28.94 15.52 -3.02
CA PRO J 60 -27.49 15.45 -2.72
C PRO J 60 -26.74 14.62 -3.73
N ILE J 61 -25.96 15.29 -4.58
CA ILE J 61 -25.18 14.64 -5.62
C ILE J 61 -23.76 15.18 -5.53
N GLN J 62 -22.78 14.28 -5.73
CA GLN J 62 -21.38 14.70 -5.63
C GLN J 62 -20.54 13.88 -6.58
N GLY J 63 -19.87 14.55 -7.52
CA GLY J 63 -18.98 13.87 -8.44
C GLY J 63 -17.53 14.15 -8.12
N SER J 64 -16.71 13.11 -7.99
CA SER J 64 -15.31 13.28 -7.63
C SER J 64 -14.43 12.37 -8.46
N GLY J 65 -13.31 12.90 -8.92
CA GLY J 65 -12.29 12.11 -9.59
C GLY J 65 -12.31 12.16 -11.10
N PHE J 66 -12.54 13.34 -11.67
CA PHE J 66 -12.56 13.50 -13.12
C PHE J 66 -11.14 13.77 -13.61
N GLU J 67 -10.54 12.76 -14.25
CA GLU J 67 -9.12 12.75 -14.58
C GLU J 67 -8.96 12.30 -16.02
N LEU J 68 -8.90 13.26 -16.95
CA LEU J 68 -8.73 12.93 -18.36
C LEU J 68 -7.24 12.75 -18.66
N ASN J 69 -6.91 11.64 -19.32
CA ASN J 69 -5.52 11.29 -19.58
C ASN J 69 -5.45 10.47 -20.86
N GLY J 70 -4.25 10.39 -21.41
CA GLY J 70 -3.99 9.60 -22.59
C GLY J 70 -3.23 8.31 -22.36
N LYS J 71 -2.64 8.12 -21.20
CA LYS J 71 -1.83 6.93 -20.93
C LYS J 71 -2.36 6.23 -19.69
N GLY J 72 -1.81 5.06 -19.41
CA GLY J 72 -2.29 4.27 -18.30
C GLY J 72 -3.71 3.76 -18.54
N THR J 73 -4.47 3.64 -17.46
CA THR J 73 -5.83 3.14 -17.54
C THR J 73 -6.74 4.27 -18.04
N SER J 74 -8.04 3.99 -18.08
CA SER J 74 -9.02 4.97 -18.49
C SER J 74 -9.43 5.83 -17.29
N THR J 75 -10.49 6.60 -17.44
CA THR J 75 -11.01 7.45 -16.37
C THR J 75 -12.25 6.82 -15.77
N ARG J 76 -12.28 6.71 -14.45
CA ARG J 76 -13.43 6.17 -13.73
C ARG J 76 -13.76 7.06 -12.55
N PRO J 77 -14.36 8.23 -12.80
CA PRO J 77 -14.82 9.07 -11.70
C PRO J 77 -16.01 8.47 -10.98
N THR J 78 -16.23 8.93 -9.76
CA THR J 78 -17.24 8.36 -8.88
C THR J 78 -18.34 9.39 -8.62
N LEU J 79 -19.60 8.96 -8.74
CA LEU J 79 -20.76 9.79 -8.45
C LEU J 79 -21.48 9.23 -7.22
N THR J 80 -21.68 10.07 -6.21
CA THR J 80 -22.36 9.68 -4.99
C THR J 80 -23.72 10.37 -4.93
N VAL J 81 -24.75 9.59 -4.64
CA VAL J 81 -26.13 10.06 -4.56
C VAL J 81 -26.74 9.54 -3.27
N SER J 82 -27.44 10.40 -2.54
CA SER J 82 -28.06 9.98 -1.29
C SER J 82 -29.29 9.12 -1.58
N ASN J 83 -29.31 7.91 -1.04
CA ASN J 83 -30.45 7.00 -1.19
C ASN J 83 -31.26 7.04 0.10
N LEU J 84 -32.16 7.99 0.19
CA LEU J 84 -33.11 8.07 1.29
C LEU J 84 -34.51 7.82 0.76
N TYR J 85 -35.38 7.30 1.62
CA TYR J 85 -36.74 6.91 1.27
C TYR J 85 -36.80 5.85 0.18
N GLY J 86 -35.67 5.24 -0.15
CA GLY J 86 -35.63 4.21 -1.18
C GLY J 86 -35.81 4.72 -2.58
N MET J 87 -35.52 6.00 -2.85
CA MET J 87 -35.82 6.55 -4.17
C MET J 87 -34.90 5.97 -5.24
N VAL J 88 -33.60 5.85 -4.94
CA VAL J 88 -32.67 5.29 -5.92
C VAL J 88 -32.96 3.80 -6.13
N THR J 89 -33.22 3.08 -5.03
CA THR J 89 -33.50 1.65 -5.11
C THR J 89 -34.71 1.37 -5.99
N GLY J 90 -35.68 2.27 -6.03
CA GLY J 90 -36.84 2.11 -6.88
C GLY J 90 -36.51 1.97 -8.35
N MET J 91 -35.67 2.86 -8.88
CA MET J 91 -35.29 2.73 -10.28
C MET J 91 -34.24 1.64 -10.47
N ALA J 92 -33.39 1.41 -9.45
CA ALA J 92 -32.38 0.37 -9.58
C ALA J 92 -33.01 -1.01 -9.73
N GLU J 93 -34.08 -1.28 -8.98
CA GLU J 93 -34.77 -2.55 -9.10
C GLU J 93 -35.49 -2.69 -10.43
N ASP J 94 -35.70 -1.59 -11.15
CA ASP J 94 -36.42 -1.59 -12.41
C ASP J 94 -35.52 -1.43 -13.62
N MET J 95 -34.54 -0.54 -13.58
CA MET J 95 -33.71 -0.23 -14.73
C MET J 95 -32.41 -1.02 -14.75
N GLN J 96 -32.41 -2.21 -14.16
CA GLN J 96 -31.24 -3.09 -14.14
C GLN J 96 -30.02 -2.39 -13.54
N SER J 97 -30.22 -1.78 -12.38
CA SER J 97 -29.15 -1.15 -11.60
C SER J 97 -28.44 -0.05 -12.38
N LEU J 98 -29.20 0.70 -13.17
CA LEU J 98 -28.72 1.92 -13.81
C LEU J 98 -27.48 1.66 -14.66
N VAL J 99 -27.48 0.55 -15.37
CA VAL J 99 -26.34 0.11 -16.17
C VAL J 99 -26.63 0.42 -17.64
N GLY J 100 -25.75 1.19 -18.26
CA GLY J 100 -25.87 1.54 -19.66
C GLY J 100 -26.39 2.94 -19.92
N GLY J 101 -26.84 3.66 -18.89
CA GLY J 101 -27.36 4.98 -19.07
C GLY J 101 -26.26 6.00 -19.31
N THR J 102 -26.68 7.26 -19.49
CA THR J 102 -25.76 8.34 -19.76
C THR J 102 -25.93 9.40 -18.69
N VAL J 103 -24.83 10.07 -18.33
CA VAL J 103 -24.85 11.17 -17.39
C VAL J 103 -24.16 12.37 -18.03
N VAL J 104 -24.79 13.54 -17.90
CA VAL J 104 -24.29 14.78 -18.46
C VAL J 104 -24.10 15.77 -17.32
N ARG J 105 -22.88 16.28 -17.18
CA ARG J 105 -22.53 17.24 -16.15
C ARG J 105 -22.34 18.60 -16.81
N ARG J 106 -23.11 19.59 -16.36
CA ARG J 106 -23.00 20.96 -16.85
C ARG J 106 -22.59 21.86 -15.70
N LYS J 107 -21.53 22.64 -15.89
CA LYS J 107 -21.12 23.60 -14.88
C LYS J 107 -21.36 25.01 -15.41
N VAL J 108 -21.89 25.86 -14.53
CA VAL J 108 -22.31 27.22 -14.85
C VAL J 108 -21.82 28.13 -13.72
N TYR J 109 -21.66 29.41 -14.02
CA TYR J 109 -21.38 30.40 -12.99
C TYR J 109 -22.67 31.01 -12.48
N ALA J 110 -22.63 31.52 -11.25
CA ALA J 110 -23.86 31.99 -10.60
C ALA J 110 -24.48 33.17 -11.33
N ARG J 111 -23.66 34.06 -11.87
CA ARG J 111 -24.17 35.31 -12.45
C ARG J 111 -24.85 35.12 -13.79
N PHE J 112 -25.10 33.88 -14.21
CA PHE J 112 -25.74 33.64 -15.50
C PHE J 112 -27.02 32.81 -15.40
N LEU J 113 -27.50 32.56 -14.19
CA LEU J 113 -28.74 31.83 -14.02
C LEU J 113 -29.93 32.70 -14.44
N ASP J 114 -31.10 32.09 -14.52
CA ASP J 114 -32.30 32.82 -14.91
C ASP J 114 -32.68 33.83 -13.83
N ALA J 115 -33.35 34.90 -14.26
CA ALA J 115 -33.68 35.98 -13.34
C ALA J 115 -34.64 35.55 -12.23
N VAL J 116 -35.39 34.47 -12.44
CA VAL J 116 -36.35 34.04 -11.43
C VAL J 116 -35.68 33.44 -10.20
N ASN J 117 -34.38 33.18 -10.24
CA ASN J 117 -33.67 32.66 -9.08
C ASN J 117 -33.23 33.75 -8.11
N PHE J 118 -33.41 35.02 -8.45
CA PHE J 118 -32.96 36.12 -7.60
C PHE J 118 -34.11 37.07 -7.35
N VAL J 119 -34.20 37.57 -6.11
CA VAL J 119 -35.31 38.44 -5.74
C VAL J 119 -35.24 39.75 -6.52
N ASN J 120 -34.05 40.31 -6.69
CA ASN J 120 -33.91 41.54 -7.48
C ASN J 120 -33.96 41.26 -8.97
N GLY J 121 -33.51 40.09 -9.40
CA GLY J 121 -33.50 39.75 -10.81
C GLY J 121 -32.19 40.04 -11.49
N ASN J 122 -31.51 38.99 -11.94
CA ASN J 122 -30.21 39.16 -12.59
C ASN J 122 -30.40 39.78 -13.98
N SER J 123 -29.64 40.84 -14.25
CA SER J 123 -29.65 41.47 -15.56
C SER J 123 -28.53 40.96 -16.47
N TYR J 124 -27.69 40.05 -15.97
CA TYR J 124 -26.57 39.51 -16.74
C TYR J 124 -26.85 38.11 -17.26
N ALA J 125 -28.10 37.67 -17.22
CA ALA J 125 -28.43 36.29 -17.57
C ALA J 125 -28.09 36.01 -19.03
N ASP J 126 -27.57 34.82 -19.28
CA ASP J 126 -27.23 34.37 -20.62
C ASP J 126 -27.24 32.85 -20.67
N PRO J 127 -28.37 32.23 -21.03
CA PRO J 127 -28.51 30.78 -20.96
C PRO J 127 -27.81 30.05 -22.11
N GLU J 128 -26.57 30.43 -22.40
CA GLU J 128 -25.78 29.75 -23.42
C GLU J 128 -24.32 29.62 -23.02
N GLN J 129 -23.97 29.80 -21.75
CA GLN J 129 -22.59 29.77 -21.29
C GLN J 129 -22.46 28.70 -20.21
N GLU J 130 -21.93 27.54 -20.58
CA GLU J 130 -21.75 26.44 -19.64
C GLU J 130 -20.71 25.50 -20.22
N VAL J 131 -20.20 24.61 -19.36
CA VAL J 131 -19.26 23.58 -19.78
C VAL J 131 -19.90 22.21 -19.58
N ILE J 132 -19.84 21.37 -20.60
CA ILE J 132 -20.61 20.14 -20.69
C ILE J 132 -19.68 18.95 -20.82
N SER J 133 -19.95 17.89 -20.05
CA SER J 133 -19.28 16.61 -20.20
C SER J 133 -20.31 15.50 -20.15
N ARG J 134 -19.99 14.37 -20.77
CA ARG J 134 -20.88 13.21 -20.73
C ARG J 134 -20.07 11.94 -20.46
N TRP J 135 -20.71 11.02 -19.72
CA TRP J 135 -20.10 9.76 -19.33
C TRP J 135 -21.18 8.70 -19.32
N ARG J 136 -20.77 7.44 -19.15
CA ARG J 136 -21.70 6.33 -19.04
C ARG J 136 -21.51 5.61 -17.72
N ILE J 137 -22.61 5.22 -17.08
CA ILE J 137 -22.54 4.48 -15.83
C ILE J 137 -22.07 3.08 -16.12
N GLU J 138 -21.10 2.61 -15.32
CA GLU J 138 -20.51 1.28 -15.50
C GLU J 138 -21.06 0.27 -14.50
N GLN J 139 -21.09 0.64 -13.22
CA GLN J 139 -21.59 -0.27 -12.20
C GLN J 139 -22.02 0.54 -10.98
N CYS J 140 -22.87 -0.07 -10.16
CA CYS J 140 -23.28 0.51 -8.88
C CYS J 140 -22.46 -0.19 -7.80
N SER J 141 -21.30 0.39 -7.48
CA SER J 141 -20.34 -0.28 -6.62
C SER J 141 -20.90 -0.53 -5.23
N GLU J 142 -21.79 0.34 -4.75
CA GLU J 142 -22.37 0.20 -3.43
C GLU J 142 -23.62 1.05 -3.33
N LEU J 143 -24.76 0.43 -3.04
CA LEU J 143 -25.99 1.17 -2.77
C LEU J 143 -26.56 0.62 -1.47
N SER J 144 -26.40 1.40 -0.40
CA SER J 144 -26.89 1.05 0.91
C SER J 144 -28.27 1.68 1.12
N ALA J 145 -28.73 1.70 2.37
CA ALA J 145 -29.97 2.38 2.71
C ALA J 145 -29.76 3.86 3.03
N VAL J 146 -28.55 4.37 2.89
CA VAL J 146 -28.29 5.79 3.13
C VAL J 146 -27.63 6.48 1.94
N SER J 147 -27.05 5.74 0.99
CA SER J 147 -26.32 6.37 -0.11
C SER J 147 -26.28 5.40 -1.28
N ALA J 148 -25.52 5.78 -2.31
CA ALA J 148 -25.37 4.99 -3.53
C ALA J 148 -24.20 5.52 -4.34
N SER J 149 -23.26 4.67 -4.69
CA SER J 149 -22.05 5.07 -5.39
C SER J 149 -22.03 4.43 -6.77
N PHE J 150 -21.89 5.26 -7.81
CA PHE J 150 -21.81 4.82 -9.18
C PHE J 150 -20.44 5.10 -9.75
N VAL J 151 -19.95 4.18 -10.55
CA VAL J 151 -18.68 4.34 -11.27
C VAL J 151 -18.99 4.80 -12.68
N LEU J 152 -18.24 5.77 -13.17
CA LEU J 152 -18.45 6.33 -14.50
C LEU J 152 -17.33 5.89 -15.43
N SER J 153 -17.58 6.00 -16.73
CA SER J 153 -16.58 5.63 -17.71
C SER J 153 -16.82 6.39 -19.00
N THR J 154 -15.77 6.46 -19.81
CA THR J 154 -15.89 7.10 -21.11
C THR J 154 -16.65 6.19 -22.07
N PRO J 155 -17.49 6.78 -22.93
CA PRO J 155 -18.26 5.95 -23.87
C PRO J 155 -17.39 5.13 -24.82
N THR J 156 -16.25 5.67 -25.23
CA THR J 156 -15.42 5.04 -26.25
C THR J 156 -14.35 4.14 -25.65
N GLU J 157 -14.34 3.94 -24.33
CA GLU J 157 -13.33 3.11 -23.72
C GLU J 157 -13.47 1.66 -24.17
N THR J 158 -12.33 1.05 -24.48
CA THR J 158 -12.26 -0.33 -24.93
C THR J 158 -11.76 -1.20 -23.78
N ASP J 159 -12.51 -2.25 -23.47
CA ASP J 159 -12.14 -3.16 -22.40
C ASP J 159 -12.88 -4.47 -22.60
N GLY J 160 -12.14 -5.55 -22.78
CA GLY J 160 -12.76 -6.83 -23.05
C GLY J 160 -13.24 -7.01 -24.47
N ALA J 161 -12.91 -6.09 -25.37
CA ALA J 161 -13.31 -6.19 -26.76
C ALA J 161 -12.13 -6.60 -27.63
N VAL J 162 -12.42 -7.39 -28.65
CA VAL J 162 -11.42 -7.87 -29.59
C VAL J 162 -11.67 -7.23 -30.95
N PHE J 163 -10.60 -7.05 -31.73
CA PHE J 163 -10.75 -6.32 -32.98
C PHE J 163 -11.36 -7.19 -34.08
N PRO J 164 -10.80 -8.36 -34.44
CA PRO J 164 -11.41 -9.12 -35.55
C PRO J 164 -12.70 -9.81 -35.14
N GLY J 165 -13.81 -9.08 -35.19
CA GLY J 165 -15.07 -9.63 -34.72
C GLY J 165 -15.53 -10.86 -35.46
N ARG J 166 -15.11 -11.00 -36.72
CA ARG J 166 -15.45 -12.18 -37.50
C ARG J 166 -14.96 -13.45 -36.82
N ILE J 167 -15.79 -14.47 -36.80
CA ILE J 167 -15.45 -15.77 -36.22
C ILE J 167 -15.87 -16.85 -37.20
N MET J 168 -14.96 -17.80 -37.46
CA MET J 168 -15.26 -18.86 -38.41
C MET J 168 -15.96 -20.02 -37.72
N LEU J 169 -17.12 -20.39 -38.24
CA LEU J 169 -17.97 -21.43 -37.64
C LEU J 169 -18.23 -22.52 -38.66
N ALA J 170 -18.79 -23.63 -38.18
CA ALA J 170 -19.06 -24.79 -39.00
C ALA J 170 -20.55 -24.92 -39.33
N ASN J 171 -21.42 -24.92 -38.33
CA ASN J 171 -22.85 -25.11 -38.54
C ASN J 171 -23.69 -24.14 -37.71
N THR J 172 -23.14 -22.98 -37.39
CA THR J 172 -23.86 -21.97 -36.64
C THR J 172 -23.69 -20.61 -37.30
N CYS J 173 -24.79 -19.86 -37.39
CA CYS J 173 -24.72 -18.53 -37.97
C CYS J 173 -24.01 -17.58 -37.02
N THR J 174 -23.68 -16.40 -37.53
CA THR J 174 -22.84 -15.45 -36.80
C THR J 174 -23.52 -14.09 -36.62
N TRP J 175 -24.55 -13.78 -37.39
CA TRP J 175 -25.18 -12.47 -37.33
C TRP J 175 -26.56 -12.60 -36.71
N THR J 176 -27.30 -11.51 -36.73
CA THR J 176 -28.61 -11.43 -36.08
C THR J 176 -29.68 -11.93 -37.03
N TYR J 177 -30.94 -11.68 -36.67
CA TYR J 177 -32.10 -12.11 -37.45
C TYR J 177 -32.68 -10.89 -38.15
N ARG J 178 -32.86 -10.99 -39.47
CA ARG J 178 -33.51 -9.96 -40.27
C ARG J 178 -32.76 -8.64 -40.28
N GLY J 179 -31.60 -8.59 -39.62
CA GLY J 179 -30.93 -7.31 -39.46
C GLY J 179 -30.36 -6.75 -40.74
N ASP J 180 -29.27 -7.33 -41.21
CA ASP J 180 -28.70 -6.87 -42.47
C ASP J 180 -28.34 -8.02 -43.40
N GLU J 181 -27.88 -9.15 -42.86
CA GLU J 181 -27.42 -10.26 -43.68
C GLU J 181 -28.54 -11.25 -43.97
N CYS J 182 -29.33 -11.61 -42.96
CA CYS J 182 -30.52 -12.42 -43.18
C CYS J 182 -31.60 -11.54 -43.81
N GLY J 183 -31.51 -11.40 -45.13
CA GLY J 183 -32.49 -10.62 -45.84
C GLY J 183 -33.83 -11.32 -45.93
N TYR J 184 -34.39 -11.68 -44.78
CA TYR J 184 -35.68 -12.34 -44.71
C TYR J 184 -36.73 -11.33 -44.27
N SER J 185 -37.86 -11.30 -44.97
CA SER J 185 -38.94 -10.39 -44.62
C SER J 185 -40.31 -11.04 -44.76
N GLY J 186 -40.37 -12.37 -44.90
CA GLY J 186 -41.62 -13.06 -45.08
C GLY J 186 -42.29 -13.41 -43.77
N PRO J 187 -43.31 -14.24 -43.82
CA PRO J 187 -44.02 -14.65 -42.60
C PRO J 187 -43.16 -15.54 -41.72
N ALA J 188 -43.46 -15.51 -40.43
CA ALA J 188 -42.77 -16.36 -39.48
C ALA J 188 -43.00 -17.83 -39.79
N VAL J 189 -41.94 -18.62 -39.80
CA VAL J 189 -42.06 -20.03 -40.17
C VAL J 189 -41.47 -20.94 -39.09
N ALA J 190 -40.51 -20.44 -38.32
CA ALA J 190 -39.80 -21.27 -37.36
C ALA J 190 -39.73 -20.57 -36.01
N ASP J 191 -39.19 -21.29 -35.03
CA ASP J 191 -39.04 -20.78 -33.67
C ASP J 191 -37.70 -21.26 -33.14
N GLU J 192 -37.51 -21.16 -31.81
CA GLU J 192 -36.22 -21.44 -31.21
C GLU J 192 -35.75 -22.86 -31.51
N TYR J 193 -36.65 -23.84 -31.42
CA TYR J 193 -36.30 -25.24 -31.57
C TYR J 193 -36.72 -25.81 -32.92
N ASP J 194 -36.91 -24.95 -33.91
CA ASP J 194 -37.30 -25.36 -35.26
C ASP J 194 -38.59 -26.18 -35.24
N GLN J 195 -39.66 -25.52 -34.79
CA GLN J 195 -41.00 -26.06 -34.86
C GLN J 195 -41.85 -25.27 -35.85
N PRO J 196 -42.74 -25.94 -36.58
CA PRO J 196 -43.52 -25.23 -37.59
C PRO J 196 -44.59 -24.32 -37.02
N THR J 197 -44.20 -23.13 -36.61
CA THR J 197 -45.14 -22.12 -36.11
C THR J 197 -45.32 -21.02 -37.13
N SER J 198 -46.43 -20.29 -37.00
CA SER J 198 -46.71 -19.18 -37.91
C SER J 198 -47.08 -17.92 -37.13
N ASP J 199 -46.55 -17.78 -35.92
CA ASP J 199 -46.80 -16.62 -35.07
C ASP J 199 -45.53 -15.78 -35.00
N ILE J 200 -45.70 -14.46 -35.12
CA ILE J 200 -44.55 -13.57 -35.24
C ILE J 200 -43.85 -13.35 -33.91
N THR J 201 -44.56 -13.49 -32.78
CA THR J 201 -43.93 -13.17 -31.50
C THR J 201 -42.94 -14.24 -31.07
N LYS J 202 -43.02 -15.45 -31.65
CA LYS J 202 -42.13 -16.54 -31.30
C LYS J 202 -41.13 -16.88 -32.40
N ASP J 203 -41.03 -16.06 -33.43
CA ASP J 203 -40.13 -16.36 -34.54
C ASP J 203 -38.71 -15.94 -34.19
N LYS J 204 -37.87 -16.92 -33.85
CA LYS J 204 -36.45 -16.67 -33.61
C LYS J 204 -35.66 -17.83 -34.20
N CYS J 205 -34.64 -17.52 -34.98
CA CYS J 205 -33.89 -18.55 -35.67
C CYS J 205 -33.09 -19.39 -34.69
N SER J 206 -32.87 -20.65 -35.05
CA SER J 206 -32.10 -21.56 -34.22
C SER J 206 -30.60 -21.46 -34.46
N LYS J 207 -30.18 -20.61 -35.40
CA LYS J 207 -28.77 -20.47 -35.76
C LYS J 207 -28.18 -21.81 -36.20
N CYS J 208 -28.87 -22.47 -37.13
CA CYS J 208 -28.40 -23.76 -37.63
C CYS J 208 -28.48 -23.80 -39.14
N LEU J 209 -28.17 -24.96 -39.72
CA LEU J 209 -28.41 -25.16 -41.15
C LEU J 209 -29.89 -25.41 -41.41
N SER J 210 -30.55 -26.11 -40.49
CA SER J 210 -31.97 -26.40 -40.66
C SER J 210 -32.82 -25.14 -40.66
N GLY J 211 -32.48 -24.15 -39.83
CA GLY J 211 -33.20 -22.90 -39.86
C GLY J 211 -33.07 -22.20 -41.21
N CYS J 212 -31.86 -22.16 -41.76
CA CYS J 212 -31.67 -21.55 -43.07
C CYS J 212 -32.47 -22.30 -44.14
N LYS J 213 -32.44 -23.63 -44.10
CA LYS J 213 -33.21 -24.40 -45.08
C LYS J 213 -34.70 -24.12 -44.93
N PHE J 214 -35.17 -23.92 -43.70
CA PHE J 214 -36.56 -23.57 -43.48
C PHE J 214 -36.89 -22.20 -44.06
N ARG J 215 -35.96 -21.26 -43.95
CA ARG J 215 -36.21 -19.89 -44.36
C ARG J 215 -35.73 -19.59 -45.77
N ASN J 216 -35.18 -20.58 -46.48
CA ASN J 216 -34.76 -20.43 -47.87
C ASN J 216 -33.79 -19.27 -48.06
N ASN J 217 -32.87 -19.10 -47.12
CA ASN J 217 -31.80 -18.12 -47.25
C ASN J 217 -30.44 -18.78 -47.05
N VAL J 218 -30.32 -20.06 -47.41
CA VAL J 218 -29.08 -20.78 -47.22
C VAL J 218 -27.92 -20.14 -47.99
N GLY J 219 -28.23 -19.37 -49.03
CA GLY J 219 -27.20 -18.63 -49.73
C GLY J 219 -26.53 -17.57 -48.89
N ASN J 220 -27.16 -17.15 -47.81
CA ASN J 220 -26.62 -16.14 -46.89
C ASN J 220 -26.24 -16.76 -45.55
N PHE J 221 -25.61 -17.93 -45.57
CA PHE J 221 -25.22 -18.62 -44.36
C PHE J 221 -23.79 -18.23 -43.98
N GLY J 222 -23.57 -17.92 -42.71
CA GLY J 222 -22.27 -17.51 -42.24
C GLY J 222 -21.37 -18.66 -41.83
N GLY J 223 -21.94 -19.83 -41.61
CA GLY J 223 -21.16 -20.98 -41.23
C GLY J 223 -20.59 -21.74 -42.41
N PHE J 224 -19.27 -21.67 -42.58
CA PHE J 224 -18.62 -22.40 -43.65
C PHE J 224 -18.74 -23.90 -43.39
N LEU J 225 -18.95 -24.67 -44.46
CA LEU J 225 -19.21 -26.10 -44.33
C LEU J 225 -17.92 -26.91 -44.44
N SER J 226 -16.93 -26.51 -43.64
CA SER J 226 -15.65 -27.23 -43.63
C SER J 226 -15.70 -28.44 -42.72
N ILE J 227 -15.88 -28.22 -41.41
CA ILE J 227 -15.92 -29.27 -40.39
C ILE J 227 -14.68 -30.14 -40.48
N ASN J 228 -14.62 -30.99 -41.50
CA ASN J 228 -13.59 -32.01 -41.62
C ASN J 228 -12.29 -31.46 -42.17
N LYS J 229 -11.74 -30.42 -41.53
CA LYS J 229 -10.44 -29.90 -41.90
C LYS J 229 -9.33 -30.35 -40.97
N LEU J 230 -9.67 -30.74 -39.74
CA LEU J 230 -8.68 -31.18 -38.76
C LEU J 230 -8.58 -32.68 -38.67
N SER J 231 -9.60 -33.42 -39.12
CA SER J 231 -9.53 -34.87 -39.13
C SER J 231 -8.49 -35.36 -40.13
N GLN J 232 -8.27 -34.59 -41.19
CA GLN J 232 -7.32 -34.96 -42.24
C GLN J 232 -6.26 -33.89 -42.45
N MET K 1 -24.08 -27.95 7.16
CA MET K 1 -24.51 -27.65 8.51
C MET K 1 -23.46 -28.09 9.52
N GLN K 2 -23.44 -27.45 10.68
CA GLN K 2 -22.50 -27.79 11.74
C GLN K 2 -23.08 -28.87 12.65
N ASP K 3 -22.20 -29.46 13.46
CA ASP K 3 -22.57 -30.50 14.40
C ASP K 3 -22.88 -29.95 15.79
N ILE K 4 -23.23 -28.66 15.88
CA ILE K 4 -23.53 -28.06 17.18
C ILE K 4 -24.85 -28.62 17.71
N ARG K 5 -24.86 -28.96 18.99
CA ARG K 5 -26.04 -29.52 19.61
C ARG K 5 -27.15 -28.47 19.69
N GLN K 6 -28.38 -28.94 19.91
CA GLN K 6 -29.53 -28.05 19.93
C GLN K 6 -29.46 -27.06 21.08
N GLU K 7 -29.01 -27.52 22.25
CA GLU K 7 -29.12 -26.69 23.46
C GLU K 7 -28.17 -25.50 23.39
N THR K 8 -26.93 -25.72 22.95
CA THR K 8 -26.00 -24.60 22.81
C THR K 8 -26.45 -23.63 21.73
N LEU K 9 -27.03 -24.15 20.65
CA LEU K 9 -27.59 -23.28 19.62
C LEU K 9 -28.71 -22.41 20.18
N ASN K 10 -29.57 -23.00 21.00
CA ASN K 10 -30.62 -22.22 21.65
C ASN K 10 -30.02 -21.16 22.58
N GLU K 11 -29.00 -21.53 23.34
CA GLU K 11 -28.43 -20.60 24.30
C GLU K 11 -27.73 -19.43 23.59
N CYS K 12 -27.08 -19.70 22.47
CA CYS K 12 -26.33 -18.65 21.77
C CYS K 12 -27.21 -17.49 21.34
N THR K 13 -28.51 -17.72 21.17
CA THR K 13 -29.41 -16.65 20.78
C THR K 13 -29.92 -15.83 21.96
N ARG K 14 -29.61 -16.24 23.19
CA ARG K 14 -30.10 -15.52 24.36
C ARG K 14 -29.46 -14.14 24.44
N ALA K 15 -30.25 -13.16 24.91
CA ALA K 15 -29.76 -11.78 24.98
C ALA K 15 -28.65 -11.63 26.02
N GLU K 16 -28.69 -12.40 27.09
CA GLU K 16 -27.70 -12.32 28.17
C GLU K 16 -26.84 -13.59 28.11
N GLN K 17 -25.80 -13.56 27.29
CA GLN K 17 -24.94 -14.72 27.13
C GLN K 17 -23.96 -14.82 28.29
N SER K 18 -23.20 -15.91 28.31
CA SER K 18 -22.16 -16.13 29.29
C SER K 18 -20.81 -15.90 28.65
N ALA K 19 -19.76 -16.12 29.43
CA ALA K 19 -18.41 -15.93 28.92
C ALA K 19 -18.08 -16.98 27.87
N SER K 20 -17.18 -16.62 26.96
CA SER K 20 -16.72 -17.51 25.91
C SER K 20 -15.28 -17.92 26.21
N VAL K 21 -15.03 -19.22 26.27
CA VAL K 21 -13.72 -19.77 26.58
C VAL K 21 -13.17 -20.47 25.34
N VAL K 22 -11.89 -20.25 25.06
CA VAL K 22 -11.20 -20.87 23.95
C VAL K 22 -10.06 -21.71 24.50
N LEU K 23 -9.98 -22.97 24.10
CA LEU K 23 -8.97 -23.89 24.58
C LEU K 23 -8.22 -24.47 23.40
N TRP K 24 -6.90 -24.64 23.56
CA TRP K 24 -6.04 -25.05 22.46
C TRP K 24 -5.33 -26.33 22.82
N GLU K 25 -5.18 -27.21 21.83
CA GLU K 25 -4.45 -28.46 21.97
C GLU K 25 -3.40 -28.53 20.87
N ILE K 26 -2.14 -28.67 21.25
CA ILE K 26 -1.05 -28.81 20.30
C ILE K 26 -0.60 -30.27 20.33
N ASP K 27 -0.73 -30.96 19.20
CA ASP K 27 -0.42 -32.36 19.08
C ASP K 27 0.79 -32.51 18.17
N LEU K 28 1.84 -33.14 18.70
CA LEU K 28 3.07 -33.41 17.95
C LEU K 28 3.35 -34.90 17.84
N THR K 29 2.35 -35.75 18.12
CA THR K 29 2.58 -37.19 18.11
C THR K 29 2.95 -37.68 16.72
N GLU K 30 2.35 -37.08 15.68
CA GLU K 30 2.74 -37.41 14.31
C GLU K 30 4.16 -36.97 14.00
N VAL K 31 4.74 -36.12 14.83
CA VAL K 31 6.12 -35.68 14.66
C VAL K 31 7.09 -36.35 15.64
N GLY K 32 6.62 -36.71 16.83
CA GLY K 32 7.49 -37.33 17.82
C GLY K 32 7.54 -36.58 19.13
N GLY K 33 6.50 -35.79 19.40
CA GLY K 33 6.42 -35.06 20.64
C GLY K 33 5.29 -35.53 21.54
N GLU K 34 4.70 -34.62 22.29
CA GLU K 34 3.60 -34.91 23.20
C GLU K 34 2.41 -34.01 22.89
N ARG K 35 1.37 -34.13 23.69
CA ARG K 35 0.17 -33.33 23.57
C ARG K 35 0.16 -32.27 24.66
N TYR K 36 0.09 -31.00 24.25
CA TYR K 36 0.07 -29.89 25.19
C TYR K 36 -1.30 -29.21 25.18
N PHE K 37 -1.85 -28.97 26.37
CA PHE K 37 -3.15 -28.34 26.51
C PHE K 37 -2.97 -26.96 27.11
N PHE K 38 -3.47 -25.94 26.41
CA PHE K 38 -3.35 -24.56 26.84
C PHE K 38 -4.73 -23.91 26.93
N CYS K 39 -4.88 -23.01 27.87
CA CYS K 39 -6.07 -22.18 27.98
C CYS K 39 -5.66 -20.78 28.36
N ASN K 40 -6.21 -19.78 27.68
CA ASN K 40 -5.89 -18.40 27.98
C ASN K 40 -6.45 -17.95 29.33
N GLU K 41 -7.36 -18.73 29.92
CA GLU K 41 -8.05 -18.34 31.14
C GLU K 41 -8.03 -19.48 32.14
N GLN K 42 -8.17 -19.12 33.41
CA GLN K 42 -8.31 -20.10 34.49
C GLN K 42 -9.64 -19.88 35.21
N ASN K 43 -9.88 -20.66 36.25
CA ASN K 43 -11.14 -20.61 36.98
C ASN K 43 -11.04 -19.56 38.09
N GLU K 44 -12.03 -19.53 38.98
CA GLU K 44 -12.04 -18.58 40.07
C GLU K 44 -11.19 -19.02 41.26
N LYS K 45 -10.73 -20.26 41.27
CA LYS K 45 -9.89 -20.77 42.34
C LYS K 45 -8.40 -20.72 41.99
N GLY K 46 -8.04 -20.04 40.91
CA GLY K 46 -6.66 -20.00 40.48
C GLY K 46 -6.11 -21.36 40.10
N GLU K 47 -6.90 -22.14 39.37
CA GLU K 47 -6.55 -23.51 39.01
C GLU K 47 -6.72 -23.69 37.50
N PRO K 48 -6.04 -24.67 36.92
CA PRO K 48 -6.26 -24.97 35.51
C PRO K 48 -7.70 -25.38 35.25
N VAL K 49 -8.20 -25.03 34.06
CA VAL K 49 -9.59 -25.28 33.74
C VAL K 49 -9.80 -26.77 33.47
N THR K 50 -10.79 -27.35 34.11
CA THR K 50 -11.10 -28.76 33.92
C THR K 50 -12.24 -28.90 32.93
N TRP K 51 -11.99 -29.59 31.83
CA TRP K 51 -12.97 -29.83 30.79
C TRP K 51 -12.92 -31.29 30.40
N GLN K 52 -14.08 -31.94 30.36
CA GLN K 52 -14.21 -33.35 30.01
C GLN K 52 -13.33 -34.24 30.87
N GLY K 53 -12.93 -33.75 32.05
CA GLY K 53 -12.04 -34.46 32.93
C GLY K 53 -10.60 -34.02 32.85
N ARG K 54 -10.12 -33.67 31.66
CA ARG K 54 -8.74 -33.27 31.50
C ARG K 54 -8.56 -31.81 31.92
N GLN K 55 -7.31 -31.41 32.11
CA GLN K 55 -6.99 -30.09 32.63
C GLN K 55 -6.20 -29.29 31.59
N TYR K 56 -6.72 -28.12 31.25
CA TYR K 56 -6.01 -27.16 30.42
C TYR K 56 -5.34 -26.17 31.37
N GLN K 57 -4.02 -26.17 31.39
CA GLN K 57 -3.29 -25.28 32.26
C GLN K 57 -3.36 -23.85 31.74
N PRO K 58 -3.37 -22.86 32.64
CA PRO K 58 -3.36 -21.47 32.18
C PRO K 58 -2.02 -21.14 31.54
N TYR K 59 -2.06 -20.58 30.33
CA TYR K 59 -0.85 -20.18 29.65
C TYR K 59 -1.20 -19.14 28.61
N PRO K 60 -0.32 -18.18 28.33
CA PRO K 60 -0.58 -17.19 27.27
C PRO K 60 -0.80 -17.85 25.93
N ILE K 61 -1.82 -17.38 25.22
CA ILE K 61 -2.11 -17.82 23.85
C ILE K 61 -3.16 -16.89 23.26
N GLN K 62 -3.09 -16.64 21.95
CA GLN K 62 -4.09 -15.81 21.29
C GLN K 62 -4.10 -16.12 19.80
N GLY K 63 -5.26 -16.52 19.29
CA GLY K 63 -5.43 -16.81 17.87
C GLY K 63 -6.09 -15.63 17.18
N SER K 64 -5.65 -15.35 15.95
CA SER K 64 -6.15 -14.21 15.21
C SER K 64 -6.33 -14.56 13.75
N GLY K 65 -7.30 -13.91 13.11
CA GLY K 65 -7.54 -14.03 11.69
C GLY K 65 -8.02 -15.38 11.20
N PHE K 66 -8.96 -15.99 11.89
CA PHE K 66 -9.52 -17.27 11.46
C PHE K 66 -10.60 -17.01 10.41
N GLU K 67 -10.30 -17.39 9.17
CA GLU K 67 -11.14 -17.11 8.01
C GLU K 67 -11.30 -18.38 7.20
N LEU K 68 -12.50 -18.57 6.63
CA LEU K 68 -12.73 -19.67 5.71
C LEU K 68 -13.31 -19.14 4.41
N ASN K 69 -12.75 -19.57 3.29
CA ASN K 69 -13.10 -19.03 1.99
C ASN K 69 -12.94 -20.11 0.94
N GLY K 70 -13.60 -19.89 -0.21
CA GLY K 70 -13.52 -20.83 -1.29
C GLY K 70 -12.75 -20.32 -2.48
N LYS K 71 -12.55 -19.01 -2.56
CA LYS K 71 -11.88 -18.39 -3.70
C LYS K 71 -10.61 -17.70 -3.22
N GLY K 72 -9.63 -17.60 -4.12
CA GLY K 72 -8.36 -17.01 -3.77
C GLY K 72 -7.49 -17.96 -2.95
N THR K 73 -6.46 -17.39 -2.34
CA THR K 73 -5.52 -18.18 -1.56
C THR K 73 -6.19 -18.73 -0.31
N SER K 74 -5.73 -19.90 0.11
CA SER K 74 -6.23 -20.48 1.35
C SER K 74 -5.80 -19.63 2.54
N THR K 75 -6.70 -19.44 3.48
CA THR K 75 -6.46 -18.53 4.60
C THR K 75 -5.43 -19.10 5.57
N ARG K 76 -4.66 -18.21 6.17
CA ARG K 76 -3.59 -18.58 7.11
C ARG K 76 -3.76 -17.79 8.40
N PRO K 77 -4.58 -18.28 9.32
CA PRO K 77 -4.68 -17.62 10.63
C PRO K 77 -3.40 -17.77 11.42
N THR K 78 -3.19 -16.83 12.35
CA THR K 78 -1.96 -16.79 13.13
C THR K 78 -2.24 -17.07 14.60
N LEU K 79 -1.18 -17.50 15.29
CA LEU K 79 -1.25 -17.82 16.71
C LEU K 79 -0.06 -17.15 17.41
N THR K 80 -0.32 -16.52 18.55
CA THR K 80 0.72 -15.87 19.33
C THR K 80 0.82 -16.50 20.70
N VAL K 81 2.04 -16.86 21.10
CA VAL K 81 2.32 -17.50 22.38
C VAL K 81 3.47 -16.75 23.03
N SER K 82 3.30 -16.39 24.30
CA SER K 82 4.36 -15.65 25.00
C SER K 82 5.51 -16.58 25.32
N ASN K 83 6.71 -16.23 24.85
CA ASN K 83 7.92 -17.03 25.09
C ASN K 83 8.70 -16.38 26.23
N LEU K 84 8.29 -16.69 27.45
CA LEU K 84 9.00 -16.28 28.65
C LEU K 84 9.57 -17.51 29.33
N TYR K 85 10.72 -17.33 29.99
CA TYR K 85 11.48 -18.42 30.59
C TYR K 85 11.96 -19.40 29.53
N GLY K 86 11.83 -19.03 28.25
CA GLY K 86 12.30 -19.87 27.18
C GLY K 86 11.53 -21.16 26.99
N MET K 87 10.24 -21.18 27.35
CA MET K 87 9.48 -22.42 27.27
C MET K 87 9.32 -22.87 25.82
N VAL K 88 8.98 -21.94 24.93
CA VAL K 88 8.83 -22.28 23.51
C VAL K 88 10.17 -22.66 22.91
N THR K 89 11.22 -21.91 23.24
CA THR K 89 12.56 -22.23 22.76
C THR K 89 13.02 -23.60 23.22
N GLY K 90 12.48 -24.10 24.33
CA GLY K 90 12.86 -25.42 24.80
C GLY K 90 12.47 -26.53 23.85
N MET K 91 11.34 -26.38 23.16
CA MET K 91 10.90 -27.37 22.20
C MET K 91 11.21 -27.00 20.76
N ALA K 92 11.44 -25.72 20.47
CA ALA K 92 11.74 -25.32 19.09
C ALA K 92 13.02 -25.96 18.60
N GLU K 93 14.06 -25.99 19.43
CA GLU K 93 15.32 -26.61 19.04
C GLU K 93 15.26 -28.13 19.09
N ASP K 94 14.22 -28.71 19.67
CA ASP K 94 14.09 -30.16 19.76
C ASP K 94 13.09 -30.72 18.76
N MET K 95 11.98 -30.02 18.51
CA MET K 95 10.94 -30.50 17.62
C MET K 95 10.99 -29.85 16.24
N GLN K 96 12.15 -29.37 15.83
CA GLN K 96 12.35 -28.76 14.51
C GLN K 96 11.38 -27.59 14.30
N SER K 97 11.33 -26.70 15.30
CA SER K 97 10.56 -25.47 15.23
C SER K 97 9.06 -25.71 15.03
N LEU K 98 8.56 -26.81 15.60
CA LEU K 98 7.12 -27.07 15.65
C LEU K 98 6.48 -27.05 14.28
N VAL K 99 7.18 -27.60 13.29
CA VAL K 99 6.71 -27.62 11.91
C VAL K 99 6.15 -29.00 11.63
N GLY K 100 4.90 -29.05 11.15
CA GLY K 100 4.24 -30.29 10.83
C GLY K 100 3.25 -30.78 11.85
N GLY K 101 3.17 -30.14 13.01
CA GLY K 101 2.25 -30.56 14.06
C GLY K 101 0.83 -30.18 13.75
N THR K 102 -0.04 -30.39 14.74
CA THR K 102 -1.46 -30.11 14.59
C THR K 102 -1.93 -29.26 15.76
N VAL K 103 -2.85 -28.33 15.49
CA VAL K 103 -3.46 -27.51 16.52
C VAL K 103 -4.97 -27.67 16.44
N VAL K 104 -5.59 -27.82 17.60
CA VAL K 104 -7.03 -28.02 17.72
C VAL K 104 -7.59 -26.92 18.62
N ARG K 105 -8.53 -26.15 18.09
CA ARG K 105 -9.16 -25.06 18.82
C ARG K 105 -10.59 -25.46 19.16
N ARG K 106 -10.91 -25.46 20.44
CA ARG K 106 -12.26 -25.75 20.90
C ARG K 106 -12.82 -24.52 21.61
N LYS K 107 -13.99 -24.08 21.18
CA LYS K 107 -14.68 -22.97 21.84
C LYS K 107 -15.88 -23.50 22.59
N VAL K 108 -16.09 -22.94 23.78
CA VAL K 108 -17.05 -23.44 24.76
C VAL K 108 -17.67 -22.24 25.47
N TYR K 109 -18.93 -22.38 25.87
CA TYR K 109 -19.56 -21.34 26.66
C TYR K 109 -19.33 -21.59 28.15
N ALA K 110 -19.21 -20.50 28.90
CA ALA K 110 -18.77 -20.61 30.29
C ALA K 110 -19.74 -21.42 31.14
N ARG K 111 -21.01 -21.48 30.78
CA ARG K 111 -21.99 -22.16 31.60
C ARG K 111 -21.98 -23.66 31.42
N PHE K 112 -20.95 -24.23 30.80
CA PHE K 112 -20.88 -25.67 30.59
C PHE K 112 -19.58 -26.28 31.09
N LEU K 113 -18.77 -25.53 31.83
CA LEU K 113 -17.56 -26.10 32.40
C LEU K 113 -17.91 -27.04 33.54
N ASP K 114 -16.93 -27.82 33.98
CA ASP K 114 -17.17 -28.75 35.07
C ASP K 114 -17.44 -28.01 36.38
N ALA K 115 -18.15 -28.69 37.28
CA ALA K 115 -18.59 -28.04 38.51
C ALA K 115 -17.43 -27.58 39.37
N VAL K 116 -16.27 -28.21 39.24
CA VAL K 116 -15.13 -27.86 40.09
C VAL K 116 -14.55 -26.48 39.78
N ASN K 117 -14.96 -25.87 38.67
CA ASN K 117 -14.48 -24.53 38.34
C ASN K 117 -15.29 -23.43 39.03
N PHE K 118 -16.38 -23.78 39.71
CA PHE K 118 -17.22 -22.79 40.37
C PHE K 118 -17.38 -23.17 41.84
N VAL K 119 -17.34 -22.17 42.71
CA VAL K 119 -17.41 -22.43 44.15
C VAL K 119 -18.77 -22.99 44.53
N ASN K 120 -19.84 -22.54 43.88
CA ASN K 120 -21.16 -23.07 44.17
C ASN K 120 -21.44 -24.36 43.41
N GLY K 121 -20.82 -24.53 42.24
CA GLY K 121 -21.03 -25.73 41.44
C GLY K 121 -22.08 -25.54 40.38
N ASN K 122 -21.66 -25.58 39.11
CA ASN K 122 -22.58 -25.40 38.00
C ASN K 122 -23.45 -26.63 37.85
N SER K 123 -24.77 -26.44 37.87
CA SER K 123 -25.69 -27.53 37.63
C SER K 123 -26.05 -27.71 36.16
N TYR K 124 -25.79 -26.68 35.34
CA TYR K 124 -26.08 -26.76 33.91
C TYR K 124 -24.87 -27.23 33.12
N ALA K 125 -24.26 -28.32 33.54
CA ALA K 125 -23.00 -28.79 32.96
C ALA K 125 -23.26 -29.86 31.91
N ASP K 126 -22.57 -29.75 30.79
CA ASP K 126 -22.65 -30.74 29.73
C ASP K 126 -21.31 -30.82 29.00
N PRO K 127 -20.55 -31.89 29.20
CA PRO K 127 -19.19 -31.93 28.65
C PRO K 127 -19.13 -32.31 27.18
N GLU K 128 -20.26 -32.24 26.49
CA GLU K 128 -20.33 -32.60 25.07
C GLU K 128 -20.95 -31.47 24.24
N GLN K 129 -20.57 -30.23 24.54
CA GLN K 129 -21.10 -29.06 23.82
C GLN K 129 -19.94 -28.11 23.56
N GLU K 130 -19.36 -28.19 22.36
CA GLU K 130 -18.22 -27.37 21.99
C GLU K 130 -18.15 -27.30 20.48
N VAL K 131 -17.34 -26.37 19.98
CA VAL K 131 -17.08 -26.25 18.55
C VAL K 131 -15.59 -26.45 18.31
N ILE K 132 -15.25 -27.31 17.36
CA ILE K 132 -13.88 -27.80 17.17
C ILE K 132 -13.38 -27.43 15.79
N SER K 133 -12.13 -26.98 15.71
CA SER K 133 -11.44 -26.76 14.45
C SER K 133 -10.02 -27.31 14.58
N ARG K 134 -9.43 -27.67 13.44
CA ARG K 134 -8.07 -28.18 13.43
C ARG K 134 -7.29 -27.57 12.26
N TRP K 135 -6.02 -27.28 12.52
CA TRP K 135 -5.12 -26.70 11.53
C TRP K 135 -3.74 -27.31 11.74
N ARG K 136 -2.79 -26.95 10.87
CA ARG K 136 -1.42 -27.41 11.00
C ARG K 136 -0.47 -26.21 11.00
N ILE K 137 0.55 -26.28 11.84
CA ILE K 137 1.54 -25.21 11.88
C ILE K 137 2.38 -25.25 10.62
N GLU K 138 2.66 -24.07 10.07
CA GLU K 138 3.40 -23.92 8.82
C GLU K 138 4.81 -23.41 9.05
N GLN K 139 4.97 -22.32 9.81
CA GLN K 139 6.28 -21.79 10.11
C GLN K 139 6.19 -20.92 11.36
N CYS K 140 7.34 -20.68 11.97
CA CYS K 140 7.45 -19.78 13.12
C CYS K 140 8.01 -18.46 12.58
N SER K 141 7.10 -17.54 12.23
CA SER K 141 7.51 -16.31 11.57
C SER K 141 8.35 -15.44 12.48
N GLU K 142 8.05 -15.43 13.78
CA GLU K 142 8.78 -14.61 14.73
C GLU K 142 9.06 -15.42 15.99
N LEU K 143 10.29 -15.33 16.49
CA LEU K 143 10.66 -16.00 17.73
C LEU K 143 11.68 -15.12 18.44
N SER K 144 11.32 -14.63 19.62
CA SER K 144 12.18 -13.71 20.36
C SER K 144 12.16 -14.15 21.82
N ALA K 145 12.66 -13.27 22.68
CA ALA K 145 12.70 -13.53 24.11
C ALA K 145 11.43 -13.07 24.83
N VAL K 146 10.41 -12.61 24.11
CA VAL K 146 9.21 -12.11 24.75
C VAL K 146 7.97 -12.79 24.19
N SER K 147 8.05 -13.34 22.98
CA SER K 147 6.87 -13.88 22.32
C SER K 147 7.30 -14.85 21.24
N ALA K 148 6.30 -15.36 20.49
CA ALA K 148 6.51 -16.29 19.40
C ALA K 148 5.25 -16.34 18.57
N SER K 149 5.40 -16.24 17.25
CA SER K 149 4.28 -16.18 16.33
C SER K 149 4.34 -17.35 15.37
N PHE K 150 3.25 -18.10 15.29
CA PHE K 150 3.13 -19.24 14.40
C PHE K 150 2.06 -18.96 13.34
N VAL K 151 2.31 -19.46 12.14
CA VAL K 151 1.34 -19.37 11.05
C VAL K 151 0.64 -20.71 10.94
N LEU K 152 -0.66 -20.69 10.72
CA LEU K 152 -1.45 -21.90 10.60
C LEU K 152 -1.95 -22.05 9.17
N SER K 153 -2.23 -23.30 8.79
CA SER K 153 -2.71 -23.57 7.44
C SER K 153 -3.62 -24.78 7.46
N THR K 154 -4.45 -24.88 6.42
CA THR K 154 -5.33 -26.03 6.30
C THR K 154 -4.52 -27.27 5.94
N PRO K 155 -4.90 -28.44 6.46
CA PRO K 155 -4.19 -29.67 6.07
C PRO K 155 -4.26 -29.97 4.60
N THR K 156 -5.31 -29.52 3.92
CA THR K 156 -5.59 -29.87 2.53
C THR K 156 -4.89 -28.91 1.56
N GLU K 157 -4.18 -27.90 2.07
CA GLU K 157 -3.57 -26.89 1.23
C GLU K 157 -2.65 -27.53 0.19
N THR K 158 -2.73 -27.06 -1.04
CA THR K 158 -2.06 -27.65 -2.19
C THR K 158 -1.02 -26.70 -2.76
N ASP K 159 -0.24 -26.06 -1.89
CA ASP K 159 0.80 -25.14 -2.33
C ASP K 159 2.07 -25.91 -2.64
N GLY K 160 2.67 -25.61 -3.79
CA GLY K 160 3.93 -26.23 -4.15
C GLY K 160 3.86 -27.71 -4.41
N ALA K 161 2.75 -28.20 -4.97
CA ALA K 161 2.60 -29.60 -5.30
C ALA K 161 2.17 -29.74 -6.75
N VAL K 162 2.60 -30.83 -7.38
CA VAL K 162 2.26 -31.13 -8.77
C VAL K 162 1.39 -32.38 -8.79
N PHE K 163 0.46 -32.44 -9.74
CA PHE K 163 -0.50 -33.54 -9.73
C PHE K 163 0.14 -34.88 -10.12
N PRO K 164 0.63 -35.06 -11.35
CA PRO K 164 1.14 -36.39 -11.73
C PRO K 164 2.57 -36.57 -11.23
N GLY K 165 2.73 -37.42 -10.22
CA GLY K 165 3.99 -37.51 -9.50
C GLY K 165 4.92 -38.60 -9.93
N ARG K 166 5.08 -38.79 -11.23
CA ARG K 166 5.99 -39.79 -11.77
C ARG K 166 7.01 -39.13 -12.69
N ILE K 167 8.23 -39.65 -12.67
CA ILE K 167 9.32 -39.16 -13.51
C ILE K 167 9.47 -40.05 -14.75
N MET K 168 8.61 -41.07 -14.86
CA MET K 168 8.63 -42.04 -15.94
C MET K 168 9.92 -42.84 -15.92
N LEU K 169 11.03 -42.25 -16.37
CA LEU K 169 12.23 -43.05 -16.54
C LEU K 169 13.47 -42.24 -16.17
N ALA K 170 14.54 -42.98 -15.89
CA ALA K 170 15.85 -42.45 -15.58
C ALA K 170 16.82 -43.62 -15.48
N ASN K 171 18.07 -43.35 -15.11
CA ASN K 171 18.98 -44.42 -14.73
C ASN K 171 18.76 -44.88 -13.30
N THR K 172 17.87 -44.23 -12.56
CA THR K 172 17.68 -44.46 -11.13
C THR K 172 16.23 -44.80 -10.82
N CYS K 173 16.03 -45.56 -9.75
CA CYS K 173 14.68 -45.89 -9.29
C CYS K 173 14.04 -44.68 -8.62
N THR K 174 12.71 -44.72 -8.51
CA THR K 174 11.94 -43.59 -8.02
C THR K 174 10.88 -44.03 -7.01
N TRP K 175 11.28 -44.86 -6.06
CA TRP K 175 10.38 -45.34 -5.01
C TRP K 175 11.11 -45.33 -3.68
N THR K 176 10.51 -45.99 -2.70
CA THR K 176 11.08 -46.18 -1.38
C THR K 176 11.78 -47.53 -1.32
N TYR K 177 12.24 -47.86 -0.13
CA TYR K 177 12.88 -49.15 0.14
C TYR K 177 11.96 -49.98 1.02
N ARG K 178 11.74 -51.22 0.61
CA ARG K 178 10.91 -52.16 1.37
C ARG K 178 9.50 -51.63 1.57
N GLY K 179 8.99 -50.92 0.56
CA GLY K 179 7.62 -50.45 0.62
C GLY K 179 6.66 -51.50 0.12
N ASP K 180 5.49 -51.09 -0.36
CA ASP K 180 4.53 -52.02 -0.93
C ASP K 180 4.60 -52.08 -2.44
N GLU K 181 5.61 -51.46 -3.04
CA GLU K 181 5.86 -51.55 -4.47
C GLU K 181 7.22 -52.14 -4.81
N CYS K 182 8.25 -51.83 -4.03
CA CYS K 182 9.55 -52.49 -4.19
C CYS K 182 9.43 -53.99 -3.89
N GLY K 183 8.71 -54.34 -2.83
CA GLY K 183 8.46 -55.73 -2.51
C GLY K 183 9.70 -56.53 -2.16
N TYR K 184 10.56 -55.99 -1.31
CA TYR K 184 11.73 -56.71 -0.84
C TYR K 184 11.61 -56.92 0.66
N SER K 185 11.92 -58.13 1.13
CA SER K 185 11.85 -58.45 2.55
C SER K 185 13.01 -59.32 3.01
N GLY K 186 14.10 -59.38 2.25
CA GLY K 186 15.19 -60.26 2.57
C GLY K 186 16.17 -59.63 3.55
N PRO K 187 17.24 -60.37 3.82
CA PRO K 187 18.28 -59.86 4.73
C PRO K 187 19.09 -58.74 4.08
N ALA K 188 19.78 -57.99 4.93
CA ALA K 188 20.58 -56.86 4.47
C ALA K 188 21.72 -57.34 3.58
N VAL K 189 21.90 -56.67 2.45
CA VAL K 189 22.96 -57.00 1.51
C VAL K 189 23.73 -55.77 1.03
N ALA K 190 23.14 -54.59 1.07
CA ALA K 190 23.78 -53.41 0.50
C ALA K 190 23.48 -52.20 1.38
N ASP K 191 24.27 -51.15 1.20
CA ASP K 191 24.17 -49.95 2.01
C ASP K 191 24.00 -48.72 1.12
N GLU K 192 24.19 -47.53 1.69
CA GLU K 192 24.00 -46.30 0.93
C GLU K 192 24.77 -46.31 -0.39
N TYR K 193 25.98 -46.84 -0.37
CA TYR K 193 26.77 -47.01 -1.57
C TYR K 193 26.71 -48.48 -2.00
N ASP K 194 27.51 -48.84 -3.00
CA ASP K 194 27.55 -50.23 -3.48
C ASP K 194 28.60 -51.04 -2.72
N GLN K 195 28.37 -51.17 -1.41
CA GLN K 195 29.28 -51.90 -0.56
C GLN K 195 28.53 -53.02 0.17
N PRO K 196 29.03 -54.25 0.15
CA PRO K 196 28.34 -55.33 0.85
C PRO K 196 28.31 -55.09 2.35
N THR K 197 27.20 -55.52 2.97
CA THR K 197 27.02 -55.40 4.40
C THR K 197 26.00 -56.44 4.84
N SER K 198 25.97 -56.71 6.14
CA SER K 198 25.06 -57.71 6.68
C SER K 198 24.41 -57.24 7.98
N ASP K 199 24.28 -55.93 8.17
CA ASP K 199 23.64 -55.38 9.35
C ASP K 199 22.34 -54.70 8.95
N ILE K 200 21.30 -54.92 9.75
CA ILE K 200 20.00 -54.32 9.46
C ILE K 200 19.99 -52.82 9.70
N THR K 201 20.90 -52.31 10.54
CA THR K 201 20.90 -50.90 10.87
C THR K 201 21.23 -50.04 9.65
N LYS K 202 22.21 -50.47 8.85
CA LYS K 202 22.68 -49.69 7.71
C LYS K 202 22.22 -50.28 6.38
N ASP K 203 21.03 -50.85 6.35
CA ASP K 203 20.43 -51.31 5.10
C ASP K 203 19.94 -50.11 4.32
N LYS K 204 20.53 -49.87 3.16
CA LYS K 204 20.12 -48.77 2.30
C LYS K 204 20.34 -49.18 0.85
N CYS K 205 19.55 -48.59 -0.04
CA CYS K 205 19.63 -48.88 -1.46
C CYS K 205 20.00 -47.62 -2.22
N SER K 206 20.99 -47.74 -3.11
CA SER K 206 21.40 -46.60 -3.92
C SER K 206 20.39 -46.24 -4.99
N LYS K 207 19.36 -47.07 -5.17
CA LYS K 207 18.31 -46.83 -6.15
C LYS K 207 18.88 -46.71 -7.56
N CYS K 208 19.87 -47.54 -7.86
CA CYS K 208 20.42 -47.68 -9.19
C CYS K 208 20.30 -49.15 -9.61
N LEU K 209 20.74 -49.46 -10.82
CA LEU K 209 20.65 -50.82 -11.32
C LEU K 209 21.51 -51.76 -10.48
N SER K 210 22.65 -51.27 -9.99
CA SER K 210 23.55 -52.10 -9.20
C SER K 210 22.88 -52.58 -7.92
N GLY K 211 22.07 -51.72 -7.29
CA GLY K 211 21.34 -52.15 -6.11
C GLY K 211 20.38 -53.29 -6.41
N CYS K 212 19.64 -53.18 -7.52
CA CYS K 212 18.74 -54.27 -7.91
C CYS K 212 19.50 -55.55 -8.17
N LYS K 213 20.64 -55.46 -8.88
CA LYS K 213 21.44 -56.66 -9.11
C LYS K 213 21.91 -57.26 -7.80
N PHE K 214 22.24 -56.42 -6.83
CA PHE K 214 22.64 -56.91 -5.51
C PHE K 214 21.50 -57.62 -4.82
N ARG K 215 20.28 -57.10 -4.95
CA ARG K 215 19.15 -57.63 -4.20
C ARG K 215 18.34 -58.66 -4.98
N ASN K 216 18.79 -59.04 -6.18
CA ASN K 216 18.13 -60.05 -6.99
C ASN K 216 16.66 -59.70 -7.22
N ASN K 217 16.38 -58.41 -7.37
CA ASN K 217 15.02 -57.91 -7.61
C ASN K 217 15.13 -56.83 -8.68
N VAL K 218 15.03 -57.24 -9.94
CA VAL K 218 15.08 -56.32 -11.06
C VAL K 218 13.71 -56.13 -11.71
N GLY K 219 12.84 -57.13 -11.67
CA GLY K 219 11.53 -57.00 -12.29
C GLY K 219 10.66 -55.92 -11.71
N ASN K 220 11.02 -55.40 -10.54
CA ASN K 220 10.30 -54.29 -9.91
C ASN K 220 11.05 -52.98 -10.01
N PHE K 221 11.88 -52.81 -11.03
CA PHE K 221 12.70 -51.62 -11.16
C PHE K 221 11.90 -50.51 -11.83
N GLY K 222 11.89 -49.32 -11.25
CA GLY K 222 11.09 -48.23 -11.76
C GLY K 222 11.82 -47.29 -12.68
N GLY K 223 12.75 -47.80 -13.47
CA GLY K 223 13.43 -46.99 -14.46
C GLY K 223 13.48 -47.64 -15.83
N PHE K 224 12.85 -47.01 -16.81
CA PHE K 224 12.85 -47.57 -18.16
C PHE K 224 14.22 -47.31 -18.81
N LEU K 225 14.80 -48.36 -19.38
CA LEU K 225 16.18 -48.31 -19.87
C LEU K 225 16.20 -47.88 -21.34
N SER K 226 15.87 -46.61 -21.57
CA SER K 226 15.85 -46.07 -22.92
C SER K 226 17.20 -45.44 -23.29
N ILE K 227 17.58 -44.37 -22.58
CA ILE K 227 18.85 -43.68 -22.78
C ILE K 227 18.94 -43.15 -24.22
N ASN K 228 19.00 -44.05 -25.20
CA ASN K 228 19.34 -43.64 -26.56
C ASN K 228 18.18 -43.07 -27.34
N LYS K 229 16.97 -43.03 -26.76
CA LYS K 229 15.84 -42.42 -27.45
C LYS K 229 16.04 -40.91 -27.58
N LEU K 230 16.70 -40.31 -26.60
CA LEU K 230 16.97 -38.88 -26.65
C LEU K 230 18.09 -38.56 -27.63
N SER K 231 19.08 -39.45 -27.72
CA SER K 231 20.20 -39.24 -28.65
C SER K 231 19.79 -39.60 -30.08
N GLN K 232 19.43 -40.85 -30.30
CA GLN K 232 19.08 -41.33 -31.64
C GLN K 232 17.61 -41.07 -31.95
N MET L 1 35.70 -7.51 4.89
CA MET L 1 36.43 -6.64 5.81
C MET L 1 36.80 -5.33 5.14
N GLN L 2 36.80 -4.25 5.90
CA GLN L 2 37.16 -2.94 5.38
C GLN L 2 38.64 -2.65 5.60
N ASP L 3 39.10 -1.55 5.00
CA ASP L 3 40.47 -1.08 5.16
C ASP L 3 40.60 -0.05 6.27
N ILE L 4 39.69 -0.05 7.24
CA ILE L 4 39.73 0.92 8.32
C ILE L 4 40.93 0.65 9.21
N ARG L 5 41.69 1.69 9.52
CA ARG L 5 42.87 1.54 10.37
C ARG L 5 42.46 1.13 11.78
N GLN L 6 43.45 0.64 12.52
CA GLN L 6 43.17 0.11 13.86
C GLN L 6 42.68 1.21 14.79
N GLU L 7 43.22 2.42 14.66
CA GLU L 7 42.97 3.45 15.66
C GLU L 7 41.52 3.92 15.64
N THR L 8 40.97 4.15 14.44
CA THR L 8 39.57 4.56 14.36
C THR L 8 38.63 3.44 14.79
N LEU L 9 38.99 2.19 14.49
CA LEU L 9 38.19 1.07 14.95
C LEU L 9 38.19 0.99 16.47
N ASN L 10 39.34 1.24 17.08
CA ASN L 10 39.42 1.29 18.54
C ASN L 10 38.56 2.41 19.10
N GLU L 11 38.61 3.58 18.46
CA GLU L 11 37.86 4.73 18.99
C GLU L 11 36.36 4.54 18.84
N CYS L 12 35.94 3.85 17.76
CA CYS L 12 34.51 3.68 17.52
C CYS L 12 33.82 2.86 18.60
N THR L 13 34.57 2.05 19.35
CA THR L 13 34.01 1.26 20.43
C THR L 13 33.96 2.02 21.76
N ARG L 14 34.47 3.23 21.81
CA ARG L 14 34.50 4.00 23.05
C ARG L 14 33.09 4.42 23.46
N ALA L 15 32.90 4.58 24.77
CA ALA L 15 31.59 4.94 25.29
C ALA L 15 31.23 6.39 24.96
N GLU L 16 32.21 7.29 24.97
CA GLU L 16 31.99 8.72 24.72
C GLU L 16 32.64 9.08 23.39
N GLN L 17 31.89 8.93 22.31
CA GLN L 17 32.42 9.20 20.97
C GLN L 17 32.43 10.70 20.72
N SER L 18 32.85 11.09 19.52
CA SER L 18 32.87 12.48 19.11
C SER L 18 31.87 12.67 17.96
N ALA L 19 31.83 13.88 17.42
CA ALA L 19 30.92 14.16 16.32
C ALA L 19 31.32 13.37 15.08
N SER L 20 30.33 12.99 14.28
CA SER L 20 30.55 12.26 13.05
C SER L 20 30.26 13.19 11.89
N VAL L 21 31.30 13.56 11.14
CA VAL L 21 31.18 14.49 10.02
C VAL L 21 31.15 13.70 8.72
N VAL L 22 30.34 14.18 7.78
CA VAL L 22 30.20 13.58 6.46
C VAL L 22 30.52 14.64 5.43
N LEU L 23 31.40 14.31 4.49
CA LEU L 23 31.82 15.22 3.44
C LEU L 23 31.55 14.59 2.08
N TRP L 24 31.25 15.43 1.10
CA TRP L 24 30.82 14.95 -0.21
C TRP L 24 31.66 15.58 -1.31
N GLU L 25 32.00 14.77 -2.30
CA GLU L 25 32.76 15.21 -3.46
C GLU L 25 31.99 14.83 -4.71
N ILE L 26 31.63 15.81 -5.53
CA ILE L 26 30.95 15.57 -6.79
C ILE L 26 31.96 15.78 -7.91
N ASP L 27 32.23 14.71 -8.65
CA ASP L 27 33.20 14.70 -9.74
C ASP L 27 32.47 14.60 -11.07
N LEU L 28 32.70 15.59 -11.93
CA LEU L 28 32.12 15.63 -13.27
C LEU L 28 33.19 15.66 -14.35
N THR L 29 34.43 15.32 -14.01
CA THR L 29 35.51 15.36 -14.98
C THR L 29 35.26 14.39 -16.13
N GLU L 30 34.72 13.21 -15.83
CA GLU L 30 34.36 12.26 -16.86
C GLU L 30 33.18 12.75 -17.70
N VAL L 31 32.50 13.80 -17.26
CA VAL L 31 31.40 14.37 -18.02
C VAL L 31 31.76 15.70 -18.68
N GLY L 32 32.68 16.46 -18.11
CA GLY L 32 33.07 17.73 -18.68
C GLY L 32 32.89 18.89 -17.72
N GLY L 33 32.87 18.60 -16.42
CA GLY L 33 32.71 19.63 -15.42
C GLY L 33 33.91 19.77 -14.51
N GLU L 34 33.66 20.13 -13.24
CA GLU L 34 34.73 20.30 -12.27
C GLU L 34 34.48 19.47 -11.03
N ARG L 35 35.30 19.64 -10.01
CA ARG L 35 35.19 18.91 -8.75
C ARG L 35 34.62 19.84 -7.70
N TYR L 36 33.49 19.46 -7.11
CA TYR L 36 32.83 20.27 -6.09
C TYR L 36 32.90 19.56 -4.75
N PHE L 37 33.24 20.31 -3.70
CA PHE L 37 33.40 19.77 -2.36
C PHE L 37 32.39 20.42 -1.43
N PHE L 38 31.60 19.60 -0.76
CA PHE L 38 30.52 20.07 0.11
C PHE L 38 30.62 19.44 1.48
N CYS L 39 30.19 20.18 2.49
CA CYS L 39 30.07 19.67 3.85
C CYS L 39 28.80 20.21 4.47
N ASN L 40 28.11 19.37 5.24
CA ASN L 40 26.84 19.76 5.83
C ASN L 40 27.02 20.79 6.95
N GLU L 41 28.22 20.93 7.49
CA GLU L 41 28.43 21.72 8.69
C GLU L 41 29.84 22.29 8.66
N GLN L 42 30.05 23.38 9.38
CA GLN L 42 31.31 24.09 9.42
C GLN L 42 31.95 23.97 10.81
N ASN L 43 33.14 24.56 10.93
CA ASN L 43 33.90 24.51 12.17
C ASN L 43 33.42 25.59 13.13
N GLU L 44 34.16 25.81 14.21
CA GLU L 44 33.81 26.83 15.19
C GLU L 44 34.32 28.21 14.84
N LYS L 45 35.19 28.32 13.83
CA LYS L 45 35.72 29.61 13.39
C LYS L 45 34.85 30.25 12.32
N GLY L 46 33.71 29.64 11.99
CA GLY L 46 32.90 30.12 10.88
C GLY L 46 33.60 30.02 9.55
N GLU L 47 34.29 28.91 9.30
CA GLU L 47 35.11 28.73 8.13
C GLU L 47 34.80 27.38 7.50
N PRO L 48 35.09 27.22 6.21
CA PRO L 48 34.94 25.89 5.59
C PRO L 48 35.86 24.87 6.25
N VAL L 49 35.41 23.63 6.26
CA VAL L 49 36.11 22.58 7.00
C VAL L 49 37.35 22.17 6.22
N THR L 50 38.51 22.19 6.88
CA THR L 50 39.76 21.82 6.24
C THR L 50 40.12 20.39 6.59
N TRP L 51 40.22 19.55 5.55
CA TRP L 51 40.55 18.14 5.69
C TRP L 51 41.60 17.79 4.66
N GLN L 52 42.66 17.11 5.10
CA GLN L 52 43.78 16.72 4.25
C GLN L 52 44.38 17.91 3.51
N GLY L 53 44.23 19.11 4.05
CA GLY L 53 44.73 20.31 3.40
C GLY L 53 43.69 21.00 2.55
N ARG L 54 42.81 20.23 1.94
CA ARG L 54 41.78 20.79 1.08
C ARG L 54 40.63 21.32 1.92
N GLN L 55 39.80 22.16 1.31
CA GLN L 55 38.70 22.82 2.01
C GLN L 55 37.37 22.38 1.43
N TYR L 56 36.50 21.88 2.30
CA TYR L 56 35.12 21.58 1.95
C TYR L 56 34.28 22.76 2.40
N GLN L 57 33.62 23.42 1.45
CA GLN L 57 32.83 24.59 1.79
C GLN L 57 31.50 24.15 2.41
N PRO L 58 30.98 24.89 3.37
CA PRO L 58 29.74 24.50 4.02
C PRO L 58 28.51 24.83 3.18
N TYR L 59 27.86 23.80 2.65
CA TYR L 59 26.71 23.98 1.79
C TYR L 59 25.64 22.95 2.16
N PRO L 60 24.38 23.26 1.90
CA PRO L 60 23.31 22.25 2.02
C PRO L 60 23.63 20.91 1.42
N ILE L 61 23.46 19.83 2.20
CA ILE L 61 23.59 18.47 1.68
C ILE L 61 23.02 17.50 2.72
N GLN L 62 22.42 16.41 2.25
CA GLN L 62 21.91 15.39 3.16
C GLN L 62 21.62 14.11 2.39
N GLY L 63 22.19 13.00 2.83
CA GLY L 63 21.98 11.73 2.16
C GLY L 63 21.15 10.78 2.98
N SER L 64 20.44 9.85 2.32
CA SER L 64 19.59 8.92 3.03
C SER L 64 19.46 7.64 2.23
N GLY L 65 19.60 6.51 2.92
CA GLY L 65 19.40 5.20 2.31
C GLY L 65 20.66 4.52 1.82
N PHE L 66 21.84 5.08 2.06
CA PHE L 66 23.07 4.45 1.61
C PHE L 66 23.24 3.09 2.26
N GLU L 67 23.33 2.05 1.44
CA GLU L 67 23.26 0.70 1.96
C GLU L 67 23.83 -0.27 0.93
N LEU L 68 24.31 -1.42 1.42
CA LEU L 68 24.83 -2.48 0.57
C LEU L 68 24.02 -3.74 0.74
N ASN L 69 23.57 -4.31 -0.37
CA ASN L 69 22.66 -5.45 -0.36
C ASN L 69 22.94 -6.33 -1.57
N GLY L 70 22.48 -7.58 -1.49
CA GLY L 70 22.64 -8.51 -2.59
C GLY L 70 21.35 -9.04 -3.17
N LYS L 71 20.31 -9.14 -2.34
CA LYS L 71 19.04 -9.69 -2.76
C LYS L 71 18.18 -8.63 -3.42
N GLY L 72 17.38 -9.07 -4.40
CA GLY L 72 16.47 -8.16 -5.05
C GLY L 72 17.20 -7.10 -5.87
N THR L 73 16.54 -5.95 -6.01
CA THR L 73 17.10 -4.86 -6.79
C THR L 73 18.30 -4.24 -6.07
N SER L 74 19.12 -3.54 -6.85
CA SER L 74 20.27 -2.85 -6.27
C SER L 74 19.81 -1.63 -5.48
N THR L 75 20.62 -1.24 -4.50
CA THR L 75 20.26 -0.13 -3.64
C THR L 75 20.39 1.20 -4.39
N ARG L 76 19.45 2.11 -4.14
CA ARG L 76 19.42 3.43 -4.76
C ARG L 76 19.26 4.50 -3.69
N PRO L 77 20.36 4.87 -3.03
CA PRO L 77 20.28 5.94 -2.02
C PRO L 77 19.90 7.27 -2.65
N THR L 78 19.35 8.15 -1.84
CA THR L 78 18.83 9.44 -2.29
C THR L 78 19.62 10.57 -1.64
N LEU L 79 20.06 11.52 -2.45
CA LEU L 79 20.75 12.71 -1.99
C LEU L 79 19.83 13.93 -2.13
N THR L 80 19.99 14.89 -1.22
CA THR L 80 19.19 16.09 -1.24
C THR L 80 20.08 17.31 -1.00
N VAL L 81 19.91 18.32 -1.83
CA VAL L 81 20.67 19.56 -1.74
C VAL L 81 19.69 20.72 -1.93
N SER L 82 19.80 21.75 -1.08
CA SER L 82 18.89 22.88 -1.17
C SER L 82 19.28 23.76 -2.35
N ASN L 83 18.33 24.01 -3.24
CA ASN L 83 18.56 24.85 -4.41
C ASN L 83 18.02 26.25 -4.11
N LEU L 84 18.86 27.08 -3.52
CA LEU L 84 18.57 28.48 -3.31
C LEU L 84 19.49 29.31 -4.19
N TYR L 85 19.02 30.49 -4.57
CA TYR L 85 19.74 31.39 -5.47
C TYR L 85 19.95 30.80 -6.86
N GLY L 86 19.33 29.67 -7.16
CA GLY L 86 19.48 29.03 -8.45
C GLY L 86 20.82 28.37 -8.69
N MET L 87 21.54 27.98 -7.63
CA MET L 87 22.89 27.48 -7.80
C MET L 87 22.89 26.10 -8.46
N VAL L 88 21.99 25.21 -8.03
CA VAL L 88 21.96 23.87 -8.59
C VAL L 88 21.48 23.89 -10.04
N THR L 89 20.42 24.66 -10.32
CA THR L 89 19.91 24.75 -11.68
C THR L 89 20.95 25.31 -12.64
N GLY L 90 21.86 26.14 -12.13
CA GLY L 90 22.92 26.69 -12.94
C GLY L 90 23.80 25.62 -13.57
N MET L 91 24.23 24.64 -12.78
CA MET L 91 25.01 23.55 -13.35
C MET L 91 24.11 22.51 -14.01
N ALA L 92 22.85 22.42 -13.59
CA ALA L 92 21.96 21.42 -14.20
C ALA L 92 21.67 21.77 -15.65
N GLU L 93 21.46 23.05 -15.95
CA GLU L 93 21.19 23.45 -17.34
C GLU L 93 22.41 23.33 -18.23
N ASP L 94 23.60 23.20 -17.66
CA ASP L 94 24.84 23.16 -18.42
C ASP L 94 25.45 21.77 -18.51
N MET L 95 25.17 20.89 -17.55
CA MET L 95 25.80 19.58 -17.47
C MET L 95 24.84 18.44 -17.76
N GLN L 96 23.68 18.73 -18.32
CA GLN L 96 22.68 17.72 -18.68
C GLN L 96 22.22 16.93 -17.45
N SER L 97 21.67 17.67 -16.49
CA SER L 97 21.03 17.10 -15.30
C SER L 97 22.00 16.34 -14.40
N LEU L 98 23.30 16.56 -14.58
CA LEU L 98 24.32 15.94 -13.73
C LEU L 98 24.22 14.42 -13.75
N VAL L 99 23.88 13.85 -14.89
CA VAL L 99 23.78 12.41 -15.04
C VAL L 99 25.14 11.87 -15.45
N GLY L 100 25.47 10.68 -14.96
CA GLY L 100 26.74 10.05 -15.26
C GLY L 100 27.91 10.51 -14.43
N GLY L 101 27.71 11.47 -13.53
CA GLY L 101 28.78 11.93 -12.66
C GLY L 101 29.06 10.96 -11.54
N THR L 102 30.06 11.29 -10.74
CA THR L 102 30.47 10.46 -9.62
C THR L 102 30.28 11.23 -8.32
N VAL L 103 29.82 10.52 -7.29
CA VAL L 103 29.64 11.09 -5.96
C VAL L 103 30.44 10.25 -4.97
N VAL L 104 31.29 10.91 -4.19
CA VAL L 104 32.14 10.24 -3.21
C VAL L 104 31.75 10.75 -1.83
N ARG L 105 31.39 9.83 -0.96
CA ARG L 105 30.99 10.14 0.41
C ARG L 105 32.11 9.71 1.36
N ARG L 106 32.62 10.67 2.14
CA ARG L 106 33.67 10.42 3.11
C ARG L 106 33.11 10.62 4.51
N LYS L 107 33.34 9.66 5.38
CA LYS L 107 32.87 9.73 6.75
C LYS L 107 34.08 9.77 7.68
N VAL L 108 34.08 10.76 8.58
CA VAL L 108 35.23 11.05 9.44
C VAL L 108 34.71 11.32 10.84
N TYR L 109 35.53 11.04 11.84
CA TYR L 109 35.22 11.40 13.22
C TYR L 109 35.79 12.78 13.53
N ALA L 110 35.11 13.49 14.43
CA ALA L 110 35.45 14.90 14.67
C ALA L 110 36.85 15.06 15.22
N ARG L 111 37.35 14.09 15.97
CA ARG L 111 38.63 14.23 16.65
C ARG L 111 39.83 14.04 15.74
N PHE L 112 39.63 13.99 14.42
CA PHE L 112 40.74 13.81 13.50
C PHE L 112 40.82 14.92 12.46
N LEU L 113 40.07 15.99 12.64
CA LEU L 113 40.10 17.09 11.70
C LEU L 113 41.42 17.86 11.84
N ASP L 114 41.66 18.77 10.90
CA ASP L 114 42.89 19.55 10.95
C ASP L 114 42.87 20.49 12.14
N ALA L 115 44.08 20.85 12.62
CA ALA L 115 44.18 21.65 13.83
C ALA L 115 43.57 23.04 13.66
N VAL L 116 43.47 23.53 12.43
CA VAL L 116 42.95 24.88 12.21
C VAL L 116 41.45 24.98 12.46
N ASN L 117 40.76 23.85 12.63
CA ASN L 117 39.33 23.89 12.92
C ASN L 117 39.02 24.07 14.39
N PHE L 118 40.03 24.09 15.26
CA PHE L 118 39.81 24.21 16.69
C PHE L 118 40.67 25.36 17.24
N VAL L 119 40.10 26.12 18.17
CA VAL L 119 40.80 27.27 18.72
C VAL L 119 42.06 26.84 19.47
N ASN L 120 41.98 25.75 20.23
CA ASN L 120 43.14 25.24 20.94
C ASN L 120 44.04 24.36 20.09
N GLY L 121 43.51 23.79 19.01
CA GLY L 121 44.30 22.93 18.15
C GLY L 121 44.25 21.47 18.56
N ASN L 122 43.80 20.61 17.66
CA ASN L 122 43.67 19.19 17.96
C ASN L 122 45.03 18.51 17.80
N SER L 123 45.56 17.99 18.91
CA SER L 123 46.80 17.23 18.85
C SER L 123 46.60 15.81 18.35
N TYR L 124 45.38 15.30 18.38
CA TYR L 124 45.09 13.95 17.90
C TYR L 124 44.67 13.96 16.43
N ALA L 125 45.47 14.61 15.59
CA ALA L 125 45.14 14.76 14.18
C ALA L 125 45.89 13.72 13.36
N ASP L 126 45.17 13.07 12.45
CA ASP L 126 45.75 12.04 11.60
C ASP L 126 44.91 11.96 10.34
N PRO L 127 45.28 12.70 9.29
CA PRO L 127 44.44 12.81 8.08
C PRO L 127 44.52 11.62 7.14
N GLU L 128 44.42 10.41 7.71
CA GLU L 128 44.33 9.21 6.90
C GLU L 128 43.37 8.18 7.49
N GLN L 129 42.35 8.62 8.22
CA GLN L 129 41.36 7.72 8.83
C GLN L 129 39.98 8.19 8.41
N GLU L 130 39.37 7.49 7.46
CA GLU L 130 38.06 7.84 6.97
C GLU L 130 37.47 6.62 6.27
N VAL L 131 36.17 6.67 6.01
CA VAL L 131 35.47 5.64 5.26
C VAL L 131 34.94 6.24 3.98
N ILE L 132 35.19 5.58 2.85
CA ILE L 132 34.93 6.14 1.52
C ILE L 132 33.93 5.26 0.80
N SER L 133 32.93 5.90 0.18
CA SER L 133 31.98 5.22 -0.69
C SER L 133 31.85 6.01 -1.98
N ARG L 134 31.50 5.32 -3.07
CA ARG L 134 31.39 5.94 -4.37
C ARG L 134 30.14 5.44 -5.09
N TRP L 135 29.41 6.38 -5.70
CA TRP L 135 28.18 6.07 -6.41
C TRP L 135 28.12 6.94 -7.66
N ARG L 136 27.12 6.69 -8.50
CA ARG L 136 26.89 7.50 -9.69
C ARG L 136 25.48 8.06 -9.70
N ILE L 137 25.34 9.32 -10.10
CA ILE L 137 24.02 9.93 -10.19
C ILE L 137 23.25 9.31 -11.35
N GLU L 138 21.97 9.04 -11.13
CA GLU L 138 21.12 8.41 -12.13
C GLU L 138 20.10 9.37 -12.71
N GLN L 139 19.37 10.10 -11.87
CA GLN L 139 18.38 11.06 -12.35
C GLN L 139 18.14 12.12 -11.29
N CYS L 140 17.58 13.24 -11.73
CA CYS L 140 17.22 14.34 -10.83
C CYS L 140 15.70 14.41 -10.81
N SER L 141 15.08 13.79 -9.80
CA SER L 141 13.64 13.68 -9.75
C SER L 141 12.95 14.94 -9.25
N GLU L 142 13.71 15.94 -8.81
CA GLU L 142 13.14 17.15 -8.23
C GLU L 142 14.14 18.28 -8.38
N LEU L 143 13.73 19.37 -9.00
CA LEU L 143 14.57 20.56 -9.13
C LEU L 143 13.74 21.80 -8.83
N SER L 144 12.99 21.73 -7.74
CA SER L 144 12.15 22.84 -7.34
C SER L 144 12.99 24.05 -6.94
N ALA L 145 12.33 25.20 -6.79
CA ALA L 145 13.00 26.43 -6.41
C ALA L 145 13.38 26.46 -4.92
N VAL L 146 13.22 25.35 -4.21
CA VAL L 146 13.59 25.27 -2.80
C VAL L 146 14.63 24.19 -2.53
N SER L 147 14.65 23.10 -3.27
CA SER L 147 15.56 21.99 -3.00
C SER L 147 15.88 21.28 -4.31
N ALA L 148 16.55 20.13 -4.20
CA ALA L 148 16.88 19.32 -5.36
C ALA L 148 17.22 17.90 -4.93
N SER L 149 16.54 16.91 -5.48
CA SER L 149 16.70 15.52 -5.08
C SER L 149 17.37 14.73 -6.19
N PHE L 150 18.38 13.96 -5.84
CA PHE L 150 19.11 13.12 -6.78
C PHE L 150 19.01 11.66 -6.35
N VAL L 151 18.95 10.78 -7.34
CA VAL L 151 18.94 9.34 -7.13
C VAL L 151 20.33 8.81 -7.46
N LEU L 152 20.85 7.94 -6.60
CA LEU L 152 22.18 7.39 -6.77
C LEU L 152 22.08 5.91 -7.12
N SER L 153 23.15 5.39 -7.73
CA SER L 153 23.16 3.99 -8.14
C SER L 153 24.60 3.48 -8.12
N THR L 154 24.71 2.16 -8.10
CA THR L 154 26.02 1.54 -8.12
C THR L 154 26.67 1.72 -9.49
N PRO L 155 27.99 1.95 -9.53
CA PRO L 155 28.66 2.05 -10.84
C PRO L 155 28.51 0.80 -11.69
N THR L 156 28.52 -0.38 -11.07
CA THR L 156 28.44 -1.63 -11.79
C THR L 156 27.01 -2.13 -11.93
N GLU L 157 26.03 -1.26 -11.76
CA GLU L 157 24.64 -1.64 -11.95
C GLU L 157 24.43 -2.10 -13.39
N THR L 158 23.72 -3.21 -13.56
CA THR L 158 23.37 -3.72 -14.88
C THR L 158 21.85 -3.82 -14.97
N ASP L 159 21.30 -3.22 -16.03
CA ASP L 159 19.89 -3.32 -16.39
C ASP L 159 19.69 -2.62 -17.72
N GLY L 160 18.65 -3.02 -18.44
CA GLY L 160 18.44 -2.49 -19.76
C GLY L 160 19.57 -2.79 -20.72
N ALA L 161 20.39 -3.79 -20.41
CA ALA L 161 21.52 -4.16 -21.25
C ALA L 161 21.55 -5.66 -21.44
N VAL L 162 21.97 -6.09 -22.62
CA VAL L 162 22.04 -7.50 -22.97
C VAL L 162 23.50 -7.91 -23.04
N PHE L 163 23.77 -9.19 -22.79
CA PHE L 163 25.15 -9.60 -22.74
C PHE L 163 25.75 -9.72 -24.15
N PRO L 164 25.21 -10.57 -25.04
CA PRO L 164 25.86 -10.72 -26.36
C PRO L 164 25.51 -9.58 -27.31
N GLY L 165 26.27 -8.49 -27.25
CA GLY L 165 25.93 -7.32 -28.04
C GLY L 165 26.41 -7.28 -29.47
N ARG L 166 25.98 -8.23 -30.30
CA ARG L 166 26.22 -8.23 -31.74
C ARG L 166 24.97 -8.72 -32.45
N ILE L 167 24.74 -8.24 -33.67
CA ILE L 167 23.47 -8.43 -34.34
C ILE L 167 23.62 -9.17 -35.68
N MET L 168 24.59 -10.08 -35.79
CA MET L 168 24.80 -10.87 -37.00
C MET L 168 24.96 -9.92 -38.19
N LEU L 169 24.17 -10.06 -39.24
CA LEU L 169 24.39 -9.30 -40.46
C LEU L 169 23.56 -8.04 -40.47
N ALA L 170 23.93 -7.14 -41.38
CA ALA L 170 23.21 -5.92 -41.66
C ALA L 170 23.81 -5.30 -42.91
N ASN L 171 22.98 -4.59 -43.67
CA ASN L 171 23.52 -3.80 -44.77
C ASN L 171 24.41 -2.68 -44.25
N THR L 172 24.30 -2.37 -42.96
CA THR L 172 25.09 -1.33 -42.31
C THR L 172 26.17 -1.95 -41.42
N CYS L 173 27.13 -1.12 -41.01
CA CYS L 173 28.23 -1.55 -40.16
C CYS L 173 27.82 -1.50 -38.69
N THR L 174 28.71 -1.95 -37.81
CA THR L 174 28.39 -1.99 -36.39
C THR L 174 29.54 -1.51 -35.51
N TRP L 175 30.69 -1.16 -36.07
CA TRP L 175 31.81 -0.70 -35.28
C TRP L 175 31.76 0.82 -35.16
N THR L 176 32.82 1.39 -34.61
CA THR L 176 32.94 2.84 -34.46
C THR L 176 34.06 3.35 -35.35
N TYR L 177 33.81 4.47 -36.02
CA TYR L 177 34.79 5.01 -36.96
C TYR L 177 36.06 5.35 -36.20
N ARG L 178 37.21 5.03 -36.80
CA ARG L 178 38.52 5.43 -36.28
C ARG L 178 38.76 4.85 -34.89
N GLY L 179 38.35 3.59 -34.73
CA GLY L 179 38.60 2.88 -33.48
C GLY L 179 39.66 1.83 -33.66
N ASP L 180 39.72 0.86 -32.76
CA ASP L 180 40.68 -0.23 -32.89
C ASP L 180 40.13 -1.41 -33.66
N GLU L 181 38.89 -1.34 -34.13
CA GLU L 181 38.28 -2.39 -34.95
C GLU L 181 38.11 -1.98 -36.40
N CYS L 182 37.65 -0.75 -36.66
CA CYS L 182 37.59 -0.27 -38.04
C CYS L 182 38.98 -0.16 -38.64
N GLY L 183 39.93 0.38 -37.90
CA GLY L 183 41.32 0.40 -38.31
C GLY L 183 41.70 1.47 -39.31
N TYR L 184 40.76 2.30 -39.75
CA TYR L 184 41.09 3.35 -40.70
C TYR L 184 41.76 4.51 -39.99
N SER L 185 42.80 5.06 -40.64
CA SER L 185 43.52 6.20 -40.06
C SER L 185 43.92 7.20 -41.14
N GLY L 186 43.21 7.23 -42.27
CA GLY L 186 43.58 8.08 -43.37
C GLY L 186 42.96 9.46 -43.30
N PRO L 187 43.23 10.28 -44.31
CA PRO L 187 42.64 11.62 -44.35
C PRO L 187 41.15 11.57 -44.66
N ALA L 188 40.51 12.71 -44.44
CA ALA L 188 39.06 12.81 -44.65
C ALA L 188 38.73 12.66 -46.12
N VAL L 189 37.78 11.78 -46.43
CA VAL L 189 37.39 11.54 -47.81
C VAL L 189 35.88 11.67 -47.97
N ALA L 190 35.12 11.36 -46.92
CA ALA L 190 33.68 11.32 -47.01
C ALA L 190 33.06 11.85 -45.74
N ASP L 191 31.80 12.25 -45.83
CA ASP L 191 31.06 12.81 -44.71
C ASP L 191 29.87 11.91 -44.39
N GLU L 192 29.00 12.40 -43.49
CA GLU L 192 27.88 11.60 -43.01
C GLU L 192 26.94 11.25 -44.15
N TYR L 193 26.76 12.15 -45.11
CA TYR L 193 25.82 11.97 -46.20
C TYR L 193 26.49 11.47 -47.47
N ASP L 194 27.74 11.00 -47.36
CA ASP L 194 28.51 10.46 -48.48
C ASP L 194 28.66 11.50 -49.60
N GLN L 195 29.37 12.57 -49.24
CA GLN L 195 29.79 13.61 -50.16
C GLN L 195 31.29 13.77 -50.10
N PRO L 196 31.93 14.19 -51.19
CA PRO L 196 33.40 14.28 -51.20
C PRO L 196 33.92 15.42 -50.34
N THR L 197 34.00 15.17 -49.03
CA THR L 197 34.49 16.17 -48.08
C THR L 197 35.93 15.86 -47.70
N SER L 198 36.81 16.84 -47.86
CA SER L 198 38.21 16.70 -47.49
C SER L 198 38.54 17.45 -46.19
N ASP L 199 37.52 17.79 -45.41
CA ASP L 199 37.69 18.54 -44.18
C ASP L 199 37.45 17.59 -43.00
N ILE L 200 38.36 17.62 -42.03
CA ILE L 200 38.29 16.69 -40.90
C ILE L 200 37.33 17.12 -39.82
N THR L 201 36.87 18.37 -39.84
CA THR L 201 35.98 18.83 -38.78
C THR L 201 34.63 18.13 -38.82
N LYS L 202 34.19 17.70 -40.00
CA LYS L 202 32.89 17.04 -40.13
C LYS L 202 32.98 15.70 -40.83
N ASP L 203 34.07 14.95 -40.64
CA ASP L 203 34.14 13.59 -41.15
C ASP L 203 33.27 12.65 -40.34
N LYS L 204 32.40 11.93 -41.03
CA LYS L 204 31.58 10.89 -40.42
C LYS L 204 31.34 9.81 -41.46
N CYS L 205 31.02 8.60 -41.00
CA CYS L 205 30.71 7.48 -41.87
C CYS L 205 29.23 7.16 -41.76
N SER L 206 28.60 6.90 -42.89
CA SER L 206 27.21 6.45 -42.88
C SER L 206 27.08 5.01 -42.40
N LYS L 207 28.18 4.37 -42.04
CA LYS L 207 28.23 2.97 -41.62
C LYS L 207 27.66 2.03 -42.66
N CYS L 208 27.53 2.48 -43.91
CA CYS L 208 26.92 1.69 -44.96
C CYS L 208 28.01 1.15 -45.88
N LEU L 209 27.62 0.44 -46.94
CA LEU L 209 28.61 -0.20 -47.80
C LEU L 209 29.39 0.82 -48.62
N SER L 210 28.70 1.81 -49.20
CA SER L 210 29.38 2.80 -50.02
C SER L 210 30.35 3.64 -49.20
N GLY L 211 29.95 4.00 -47.97
CA GLY L 211 30.87 4.74 -47.11
C GLY L 211 32.13 3.96 -46.81
N CYS L 212 31.99 2.65 -46.58
CA CYS L 212 33.16 1.81 -46.36
C CYS L 212 34.00 1.71 -47.63
N LYS L 213 33.37 1.61 -48.79
CA LYS L 213 34.12 1.57 -50.04
C LYS L 213 34.90 2.85 -50.25
N PHE L 214 34.37 3.98 -49.79
CA PHE L 214 35.06 5.26 -49.95
C PHE L 214 36.41 5.28 -49.25
N ARG L 215 36.64 4.38 -48.29
CA ARG L 215 37.85 4.40 -47.49
C ARG L 215 38.71 3.16 -47.66
N ASN L 216 38.36 2.27 -48.59
CA ASN L 216 39.17 1.10 -48.92
C ASN L 216 39.46 0.24 -47.69
N ASN L 217 38.48 0.12 -46.80
CA ASN L 217 38.60 -0.77 -45.65
C ASN L 217 37.45 -1.78 -45.63
N VAL L 218 37.00 -2.20 -46.82
CA VAL L 218 35.89 -3.15 -46.89
C VAL L 218 36.24 -4.48 -46.26
N GLY L 219 37.53 -4.75 -46.05
CA GLY L 219 37.92 -5.97 -45.38
C GLY L 219 37.43 -6.03 -43.94
N ASN L 220 37.38 -4.88 -43.27
CA ASN L 220 36.96 -4.82 -41.87
C ASN L 220 35.47 -4.55 -41.71
N PHE L 221 34.69 -4.68 -42.78
CA PHE L 221 33.26 -4.45 -42.71
C PHE L 221 32.62 -5.43 -41.73
N GLY L 222 31.80 -4.91 -40.82
CA GLY L 222 31.16 -5.76 -39.83
C GLY L 222 29.87 -6.40 -40.28
N GLY L 223 29.19 -5.82 -41.27
CA GLY L 223 27.95 -6.41 -41.74
C GLY L 223 28.22 -7.53 -42.73
N PHE L 224 27.43 -8.60 -42.64
CA PHE L 224 27.56 -9.73 -43.55
C PHE L 224 26.60 -9.54 -44.72
N LEU L 225 27.04 -9.94 -45.91
CA LEU L 225 26.29 -9.66 -47.14
C LEU L 225 25.44 -10.87 -47.53
N SER L 226 24.51 -11.21 -46.63
CA SER L 226 23.63 -12.35 -46.87
C SER L 226 22.30 -11.92 -47.47
N ILE L 227 21.52 -11.12 -46.74
CA ILE L 227 20.24 -10.57 -47.19
C ILE L 227 19.26 -11.69 -47.53
N ASN L 228 19.60 -12.53 -48.51
CA ASN L 228 18.68 -13.49 -49.08
C ASN L 228 18.57 -14.77 -48.27
N LYS L 229 18.97 -14.76 -47.00
CA LYS L 229 18.86 -15.97 -46.19
C LYS L 229 17.42 -16.24 -45.78
N LEU L 230 16.60 -15.19 -45.71
CA LEU L 230 15.19 -15.31 -45.33
C LEU L 230 14.28 -15.38 -46.56
N SER L 231 14.54 -14.53 -47.55
CA SER L 231 13.78 -14.60 -48.79
C SER L 231 14.01 -15.93 -49.50
N GLN L 232 15.26 -16.39 -49.54
CA GLN L 232 15.58 -17.65 -50.18
C GLN L 232 16.10 -18.66 -49.16
N MET M 1 7.50 84.04 7.29
CA MET M 1 8.80 83.63 6.77
C MET M 1 9.41 82.51 7.61
N ALA M 2 10.29 81.74 6.98
CA ALA M 2 10.94 80.60 7.61
C ALA M 2 12.43 80.89 7.74
N VAL M 3 13.00 80.50 8.87
CA VAL M 3 14.41 80.73 9.17
C VAL M 3 15.23 79.51 8.81
N LYS M 4 16.43 79.74 8.29
CA LYS M 4 17.32 78.66 7.88
C LYS M 4 18.12 78.14 9.06
N ILE M 5 18.21 76.82 9.18
CA ILE M 5 18.99 76.15 10.22
C ILE M 5 19.92 75.17 9.53
N SER M 6 21.22 75.38 9.70
CA SER M 6 22.24 74.54 9.09
C SER M 6 23.33 74.23 10.10
N GLY M 7 23.90 73.04 10.01
CA GLY M 7 24.98 72.69 10.91
C GLY M 7 25.41 71.26 10.71
N VAL M 8 26.26 70.79 11.63
CA VAL M 8 26.72 69.41 11.68
C VAL M 8 26.48 68.89 13.08
N LEU M 9 25.88 67.70 13.18
CA LEU M 9 25.63 67.06 14.46
C LEU M 9 26.62 65.94 14.67
N LYS M 10 27.23 65.90 15.86
CA LYS M 10 28.23 64.89 16.18
C LYS M 10 27.95 64.28 17.55
N ASP M 11 28.86 63.45 18.03
CA ASP M 11 28.72 62.81 19.33
C ASP M 11 29.88 63.26 20.24
N GLY M 12 29.94 62.67 21.42
CA GLY M 12 30.96 63.06 22.39
C GLY M 12 32.38 62.78 21.92
N THR M 13 32.56 61.74 21.12
CA THR M 13 33.88 61.33 20.65
C THR M 13 34.26 61.98 19.33
N GLY M 14 33.58 63.06 18.94
CA GLY M 14 33.94 63.78 17.73
C GLY M 14 33.76 63.00 16.46
N LYS M 15 32.65 62.26 16.35
CA LYS M 15 32.34 61.52 15.13
C LYS M 15 30.91 61.81 14.68
N PRO M 16 30.65 61.84 13.37
CA PRO M 16 29.28 62.07 12.90
C PRO M 16 28.38 60.88 13.20
N VAL M 17 27.10 61.16 13.34
CA VAL M 17 26.09 60.12 13.54
C VAL M 17 25.52 59.72 12.19
N GLN M 18 25.47 58.43 11.93
CA GLN M 18 25.02 57.89 10.65
C GLN M 18 23.65 57.26 10.78
N ASN M 19 22.92 57.23 9.65
CA ASN M 19 21.57 56.69 9.58
C ASN M 19 20.63 57.37 10.57
N CYS M 20 20.80 58.68 10.75
CA CYS M 20 20.03 59.44 11.71
C CYS M 20 18.89 60.18 11.01
N THR M 21 17.99 60.73 11.82
CA THR M 21 16.86 61.48 11.28
C THR M 21 16.38 62.47 12.33
N ILE M 22 16.21 63.73 11.93
CA ILE M 22 15.69 64.77 12.80
C ILE M 22 14.23 65.00 12.44
N GLN M 23 13.37 65.02 13.46
CA GLN M 23 11.95 65.22 13.29
C GLN M 23 11.50 66.39 14.16
N LEU M 24 10.64 67.24 13.60
CA LEU M 24 10.08 68.37 14.33
C LEU M 24 8.56 68.20 14.38
N LYS M 25 8.01 68.26 15.58
CA LYS M 25 6.58 68.10 15.81
C LYS M 25 6.02 69.43 16.31
N ALA M 26 4.98 69.92 15.65
CA ALA M 26 4.38 71.20 16.01
C ALA M 26 3.42 71.00 17.18
N ARG M 27 3.80 71.48 18.36
CA ARG M 27 2.94 71.35 19.53
C ARG M 27 1.92 72.48 19.66
N ARG M 28 2.03 73.52 18.84
CA ARG M 28 1.12 74.65 18.91
C ARG M 28 0.72 75.04 17.49
N ASN M 29 -0.58 75.28 17.30
CA ASN M 29 -1.07 75.67 15.97
C ASN M 29 -0.65 77.10 15.65
N SER M 30 -0.24 77.31 14.40
CA SER M 30 0.22 78.61 13.96
C SER M 30 -0.51 79.00 12.67
N THR M 31 -0.24 80.21 12.20
CA THR M 31 -0.90 80.72 11.00
C THR M 31 -0.43 80.03 9.73
N THR M 32 0.64 79.23 9.79
CA THR M 32 1.15 78.54 8.62
C THR M 32 1.39 77.06 8.84
N VAL M 33 1.49 76.59 10.08
CA VAL M 33 1.76 75.20 10.39
C VAL M 33 0.64 74.66 11.27
N VAL M 34 0.10 73.51 10.88
CA VAL M 34 -0.99 72.88 11.61
C VAL M 34 -0.41 72.10 12.79
N VAL M 35 -1.19 72.01 13.86
CA VAL M 35 -0.71 71.33 15.06
C VAL M 35 -0.63 69.82 14.81
N ASN M 36 0.21 69.16 15.62
CA ASN M 36 0.40 67.72 15.55
C ASN M 36 0.85 67.28 14.15
N THR M 37 1.73 68.05 13.53
CA THR M 37 2.30 67.73 12.23
C THR M 37 3.81 67.60 12.39
N VAL M 38 4.40 66.59 11.75
CA VAL M 38 5.82 66.30 11.90
C VAL M 38 6.51 66.49 10.55
N GLY M 39 7.63 67.18 10.57
CA GLY M 39 8.51 67.26 9.42
C GLY M 39 9.83 66.57 9.72
N SER M 40 10.27 65.69 8.83
CA SER M 40 11.44 64.86 9.08
C SER M 40 12.47 65.04 7.98
N GLU M 41 13.74 64.89 8.35
CA GLU M 41 14.82 64.95 7.37
C GLU M 41 16.01 64.17 7.88
N ASN M 42 16.68 63.45 6.97
CA ASN M 42 17.84 62.65 7.32
C ASN M 42 19.12 63.31 6.85
N PRO M 43 20.14 63.42 7.70
CA PRO M 43 21.40 64.04 7.27
C PRO M 43 22.13 63.19 6.25
N ASP M 44 23.20 63.76 5.72
CA ASP M 44 24.05 63.07 4.76
C ASP M 44 24.99 62.12 5.48
N GLU M 45 25.94 61.53 4.74
CA GLU M 45 26.91 60.65 5.36
C GLU M 45 27.93 61.41 6.20
N ALA M 46 28.05 62.72 6.02
CA ALA M 46 28.96 63.53 6.81
C ALA M 46 28.27 64.24 7.97
N GLY M 47 26.98 64.01 8.18
CA GLY M 47 26.27 64.61 9.30
C GLY M 47 25.85 66.05 9.10
N ARG M 48 25.86 66.55 7.87
CA ARG M 48 25.44 67.93 7.60
C ARG M 48 23.93 68.00 7.42
N TYR M 49 23.28 68.90 8.13
CA TYR M 49 21.86 69.13 8.01
C TYR M 49 21.62 70.59 7.62
N SER M 50 20.63 70.80 6.77
CA SER M 50 20.26 72.14 6.31
C SER M 50 18.78 72.14 5.98
N MET M 51 17.99 72.93 6.70
CA MET M 51 16.55 72.92 6.52
C MET M 51 15.97 74.28 6.91
N ASP M 52 14.84 74.61 6.30
CA ASP M 52 14.18 75.91 6.51
C ASP M 52 12.92 75.71 7.36
N VAL M 53 13.01 76.08 8.64
CA VAL M 53 11.94 75.80 9.60
C VAL M 53 11.05 77.02 9.74
N GLU M 54 9.75 76.79 9.87
CA GLU M 54 8.80 77.87 10.10
C GLU M 54 8.84 78.33 11.56
N TYR M 55 8.35 79.54 11.77
CA TYR M 55 8.25 80.08 13.12
C TYR M 55 7.21 79.29 13.91
N GLY M 56 7.39 79.25 15.23
CA GLY M 56 6.49 78.57 16.12
C GLY M 56 7.23 77.79 17.17
N GLN M 57 6.51 76.97 17.91
CA GLN M 57 7.08 76.15 18.98
C GLN M 57 7.00 74.69 18.56
N TYR M 58 8.16 74.01 18.59
CA TYR M 58 8.27 72.64 18.13
C TYR M 58 8.98 71.79 19.16
N SER M 59 8.73 70.48 19.07
CA SER M 59 9.48 69.47 19.81
C SER M 59 10.38 68.73 18.84
N VAL M 60 11.67 68.63 19.18
CA VAL M 60 12.65 68.01 18.30
C VAL M 60 12.96 66.61 18.78
N ILE M 61 12.96 65.66 17.85
CA ILE M 61 13.16 64.25 18.14
C ILE M 61 14.26 63.71 17.24
N LEU M 62 15.19 62.96 17.83
CA LEU M 62 16.28 62.33 17.10
C LEU M 62 15.98 60.83 16.97
N GLN M 63 16.09 60.31 15.77
CA GLN M 63 15.82 58.90 15.50
C GLN M 63 17.05 58.25 14.90
N VAL M 64 17.42 57.09 15.45
CA VAL M 64 18.52 56.28 14.93
C VAL M 64 18.00 54.85 14.80
N ASP M 65 18.46 54.16 13.75
CA ASP M 65 17.99 52.81 13.44
C ASP M 65 18.38 51.87 14.58
N GLY M 66 17.39 51.42 15.34
CA GLY M 66 17.62 50.50 16.43
C GLY M 66 17.37 51.13 17.79
N PHE M 67 17.79 52.36 17.96
CA PHE M 67 17.61 53.06 19.22
C PHE M 67 16.19 53.58 19.35
N PRO M 68 15.68 53.70 20.58
CA PRO M 68 14.38 54.34 20.77
C PRO M 68 14.44 55.80 20.41
N PRO M 69 13.35 56.39 19.93
CA PRO M 69 13.35 57.82 19.57
C PRO M 69 13.63 58.69 20.78
N SER M 70 14.69 59.48 20.71
CA SER M 70 15.08 60.36 21.81
C SER M 70 14.45 61.73 21.65
N HIS M 71 14.03 62.30 22.78
CA HIS M 71 13.40 63.62 22.82
C HIS M 71 14.48 64.63 23.19
N ALA M 72 15.07 65.25 22.16
CA ALA M 72 16.17 66.18 22.40
C ALA M 72 15.72 67.40 23.18
N GLY M 73 14.55 67.94 22.87
CA GLY M 73 14.06 69.09 23.60
C GLY M 73 12.97 69.81 22.82
N THR M 74 12.79 71.09 23.16
CA THR M 74 11.78 71.94 22.54
C THR M 74 12.41 73.25 22.10
N ILE M 75 12.07 73.70 20.90
CA ILE M 75 12.61 74.92 20.34
C ILE M 75 11.48 75.89 20.04
N THR M 76 11.82 77.18 20.02
CA THR M 76 10.88 78.25 19.66
C THR M 76 11.57 79.16 18.66
N VAL M 77 10.94 79.34 17.50
CA VAL M 77 11.46 80.21 16.45
C VAL M 77 10.52 81.41 16.33
N TYR M 78 11.01 82.58 16.72
CA TYR M 78 10.23 83.81 16.64
C TYR M 78 10.47 84.46 15.27
N GLU M 79 9.93 85.66 15.09
CA GLU M 79 10.15 86.41 13.86
C GLU M 79 11.41 87.26 13.89
N ASP M 80 12.07 87.35 15.04
CA ASP M 80 13.31 88.09 15.19
C ASP M 80 14.52 87.18 15.29
N SER M 81 14.36 85.89 15.03
CA SER M 81 15.45 84.94 15.13
C SER M 81 16.32 84.99 13.88
N GLN M 82 17.61 84.68 14.07
CA GLN M 82 18.62 84.70 13.03
C GLN M 82 19.10 83.28 12.71
N PRO M 83 19.61 83.06 11.49
CA PRO M 83 20.04 81.70 11.12
C PRO M 83 21.13 81.19 12.04
N GLY M 84 21.09 79.89 12.29
CA GLY M 84 22.09 79.24 13.13
C GLY M 84 21.86 77.76 13.18
N THR M 85 22.77 77.06 13.85
CA THR M 85 22.65 75.62 14.00
C THR M 85 21.53 75.28 14.97
N LEU M 86 21.03 74.04 14.85
CA LEU M 86 19.91 73.60 15.68
C LEU M 86 20.27 73.56 17.16
N ASN M 87 21.55 73.37 17.48
CA ASN M 87 21.96 73.28 18.88
C ASN M 87 21.72 74.58 19.62
N ASP M 88 21.94 75.72 18.97
CA ASP M 88 21.80 77.01 19.64
C ASP M 88 20.38 77.21 20.15
N PHE M 89 19.38 76.77 19.38
CA PHE M 89 18.00 76.88 19.84
C PHE M 89 17.76 76.00 21.06
N LEU M 90 18.41 74.84 21.12
CA LEU M 90 18.29 73.98 22.30
C LEU M 90 18.90 74.64 23.53
N CYS M 91 20.09 75.23 23.39
CA CYS M 91 20.75 75.81 24.56
C CYS M 91 20.30 77.24 24.85
N ALA M 92 19.39 77.79 24.05
CA ALA M 92 18.90 79.13 24.30
C ALA M 92 18.13 79.20 25.61
N MET M 93 18.22 80.37 26.26
CA MET M 93 17.53 80.57 27.52
C MET M 93 16.02 80.59 27.28
N THR M 94 15.27 79.92 28.14
CA THR M 94 13.83 79.82 27.99
C THR M 94 13.10 80.50 29.14
N MET N 1 -53.70 63.68 8.64
CA MET N 1 -53.01 64.27 7.50
C MET N 1 -51.50 64.26 7.69
N ALA N 2 -50.76 64.22 6.59
CA ALA N 2 -49.31 64.12 6.62
C ALA N 2 -48.69 65.41 6.12
N VAL N 3 -47.85 66.03 6.96
CA VAL N 3 -47.10 67.21 6.56
C VAL N 3 -45.99 66.82 5.59
N LYS N 4 -45.71 67.70 4.65
CA LYS N 4 -44.74 67.47 3.58
C LYS N 4 -43.36 67.92 4.06
N ILE N 5 -42.40 67.01 4.04
CA ILE N 5 -41.02 67.30 4.43
C ILE N 5 -40.11 67.00 3.25
N SER N 6 -39.68 68.04 2.55
CA SER N 6 -38.81 67.86 1.39
C SER N 6 -37.59 68.76 1.53
N GLY N 7 -36.51 68.35 0.88
CA GLY N 7 -35.31 69.16 0.89
C GLY N 7 -34.14 68.40 0.32
N VAL N 8 -32.95 68.97 0.53
CA VAL N 8 -31.69 68.35 0.15
C VAL N 8 -30.85 68.16 1.40
N LEU N 9 -30.16 67.02 1.47
CA LEU N 9 -29.33 66.70 2.62
C LEU N 9 -27.87 66.69 2.15
N LYS N 10 -27.08 67.62 2.67
CA LYS N 10 -25.69 67.76 2.32
C LYS N 10 -24.84 67.67 3.58
N ASP N 11 -23.54 67.86 3.41
CA ASP N 11 -22.58 67.80 4.50
C ASP N 11 -21.94 69.17 4.71
N GLY N 12 -20.92 69.21 5.56
CA GLY N 12 -20.29 70.48 5.87
C GLY N 12 -19.64 71.16 4.67
N THR N 13 -19.01 70.38 3.81
CA THR N 13 -18.29 70.92 2.65
C THR N 13 -19.18 71.09 1.42
N GLY N 14 -20.48 71.24 1.62
CA GLY N 14 -21.39 71.50 0.51
C GLY N 14 -21.46 70.40 -0.51
N LYS N 15 -21.49 69.15 -0.07
CA LYS N 15 -21.60 67.99 -0.94
C LYS N 15 -22.73 67.09 -0.48
N PRO N 16 -23.41 66.42 -1.40
CA PRO N 16 -24.47 65.49 -1.01
C PRO N 16 -23.90 64.26 -0.34
N VAL N 17 -24.74 63.61 0.47
CA VAL N 17 -24.38 62.37 1.15
C VAL N 17 -25.03 61.22 0.40
N GLN N 18 -24.25 60.17 0.15
CA GLN N 18 -24.73 59.01 -0.58
C GLN N 18 -24.81 57.79 0.32
N ASN N 19 -25.51 56.78 -0.17
CA ASN N 19 -25.80 55.55 0.60
C ASN N 19 -26.41 55.88 1.95
N CYS N 20 -27.13 57.00 2.05
CA CYS N 20 -27.71 57.43 3.30
C CYS N 20 -29.13 56.89 3.44
N THR N 21 -29.65 56.96 4.66
CA THR N 21 -31.01 56.54 4.95
C THR N 21 -31.53 57.37 6.11
N ILE N 22 -32.75 57.84 5.98
CA ILE N 22 -33.43 58.62 7.02
C ILE N 22 -34.50 57.73 7.65
N GLN N 23 -34.48 57.63 8.98
CA GLN N 23 -35.44 56.84 9.73
C GLN N 23 -36.11 57.73 10.77
N LEU N 24 -37.40 57.53 10.97
CA LEU N 24 -38.14 58.23 12.02
C LEU N 24 -38.84 57.20 12.90
N LYS N 25 -38.58 57.28 14.21
CA LYS N 25 -39.14 56.36 15.19
C LYS N 25 -40.15 57.10 16.06
N ALA N 26 -41.36 56.56 16.17
CA ALA N 26 -42.43 57.21 16.91
C ALA N 26 -42.16 57.10 18.40
N ARG N 27 -41.89 58.23 19.07
CA ARG N 27 -41.64 58.20 20.50
C ARG N 27 -42.92 57.94 21.29
N ARG N 28 -44.03 58.52 20.87
CA ARG N 28 -45.29 58.37 21.58
C ARG N 28 -46.40 57.97 20.62
N ASN N 29 -47.38 57.24 21.14
CA ASN N 29 -48.46 56.73 20.30
C ASN N 29 -49.46 57.83 20.01
N SER N 30 -49.94 57.87 18.76
CA SER N 30 -50.89 58.88 18.34
C SER N 30 -52.15 58.25 17.76
N THR N 31 -53.03 59.08 17.19
CA THR N 31 -54.28 58.58 16.65
C THR N 31 -54.11 57.85 15.32
N THR N 32 -52.93 57.90 14.71
CA THR N 32 -52.76 57.30 13.40
C THR N 32 -51.58 56.34 13.34
N VAL N 33 -50.55 56.58 14.15
CA VAL N 33 -49.35 55.75 14.16
C VAL N 33 -49.19 55.14 15.55
N VAL N 34 -48.59 53.95 15.60
CA VAL N 34 -48.41 53.22 16.84
C VAL N 34 -46.98 53.39 17.33
N VAL N 35 -46.82 53.48 18.66
CA VAL N 35 -45.52 53.76 19.24
C VAL N 35 -44.56 52.61 18.94
N ASN N 36 -43.26 52.94 18.93
CA ASN N 36 -42.19 51.99 18.60
C ASN N 36 -42.38 51.42 17.19
N THR N 37 -42.57 52.32 16.22
CA THR N 37 -42.63 51.96 14.82
C THR N 37 -41.73 52.92 14.04
N VAL N 38 -40.97 52.38 13.10
CA VAL N 38 -39.95 53.15 12.38
C VAL N 38 -40.31 53.21 10.91
N GLY N 39 -40.17 54.38 10.33
CA GLY N 39 -40.30 54.56 8.89
C GLY N 39 -39.00 55.04 8.29
N SER N 40 -38.47 54.32 7.31
CA SER N 40 -37.16 54.60 6.75
C SER N 40 -37.26 54.72 5.23
N GLU N 41 -36.42 55.58 4.67
CA GLU N 41 -36.37 55.72 3.21
C GLU N 41 -35.02 56.29 2.81
N ASN N 42 -34.47 55.81 1.67
CA ASN N 42 -33.13 56.17 1.16
C ASN N 42 -33.23 57.33 0.17
N PRO N 43 -32.56 58.44 0.44
CA PRO N 43 -32.56 59.56 -0.51
C PRO N 43 -31.85 59.19 -1.82
N ASP N 44 -32.14 59.97 -2.85
CA ASP N 44 -31.60 59.71 -4.17
C ASP N 44 -30.10 60.04 -4.22
N GLU N 45 -29.52 59.86 -5.40
CA GLU N 45 -28.09 60.14 -5.58
C GLU N 45 -27.76 61.62 -5.44
N ALA N 46 -28.74 62.50 -5.59
CA ALA N 46 -28.53 63.93 -5.46
C ALA N 46 -28.84 64.44 -4.06
N GLY N 47 -29.17 63.56 -3.12
CA GLY N 47 -29.43 63.97 -1.76
C GLY N 47 -30.77 64.65 -1.55
N ARG N 48 -31.73 64.43 -2.43
CA ARG N 48 -33.06 65.02 -2.31
C ARG N 48 -34.00 64.03 -1.62
N TYR N 49 -34.66 64.48 -0.56
CA TYR N 49 -35.58 63.67 0.20
C TYR N 49 -36.97 64.30 0.19
N SER N 50 -37.98 63.44 0.21
CA SER N 50 -39.37 63.87 0.17
C SER N 50 -40.20 62.90 0.99
N MET N 51 -40.85 63.40 2.05
CA MET N 51 -41.61 62.60 2.99
C MET N 51 -42.99 63.20 3.18
N ASP N 52 -43.94 62.36 3.56
CA ASP N 52 -45.25 62.77 4.06
C ASP N 52 -45.39 62.15 5.45
N VAL N 53 -45.11 62.95 6.48
CA VAL N 53 -44.96 62.47 7.85
C VAL N 53 -46.16 62.93 8.68
N GLU N 54 -46.76 62.01 9.41
CA GLU N 54 -47.92 62.32 10.23
C GLU N 54 -47.51 63.18 11.44
N TYR N 55 -48.51 63.72 12.12
CA TYR N 55 -48.26 64.54 13.29
C TYR N 55 -47.82 63.69 14.48
N GLY N 56 -47.09 64.30 15.39
CA GLY N 56 -46.68 63.63 16.60
C GLY N 56 -45.23 63.90 16.92
N GLN N 57 -44.67 63.06 17.79
CA GLN N 57 -43.31 63.18 18.26
C GLN N 57 -42.48 62.02 17.71
N TYR N 58 -41.36 62.33 17.07
CA TYR N 58 -40.50 61.31 16.49
C TYR N 58 -39.05 61.59 16.85
N SER N 59 -38.25 60.52 16.81
CA SER N 59 -36.81 60.61 16.89
C SER N 59 -36.23 60.32 15.51
N VAL N 60 -35.30 61.17 15.08
CA VAL N 60 -34.73 61.10 13.74
C VAL N 60 -33.38 60.42 13.80
N ILE N 61 -33.20 59.39 12.98
CA ILE N 61 -31.98 58.58 12.96
C ILE N 61 -31.41 58.61 11.54
N LEU N 62 -30.11 58.87 11.44
CA LEU N 62 -29.40 58.89 10.17
C LEU N 62 -28.56 57.62 10.07
N GLN N 63 -28.75 56.86 8.99
CA GLN N 63 -28.04 55.61 8.78
C GLN N 63 -27.13 55.75 7.56
N VAL N 64 -25.87 55.37 7.72
CA VAL N 64 -24.90 55.42 6.64
C VAL N 64 -24.22 54.07 6.56
N ASP N 65 -23.95 53.63 5.34
CA ASP N 65 -23.33 52.32 5.11
C ASP N 65 -21.89 52.37 5.61
N GLY N 66 -21.67 51.81 6.80
CA GLY N 66 -20.35 51.81 7.40
C GLY N 66 -20.31 52.55 8.72
N PHE N 67 -21.03 53.65 8.80
CA PHE N 67 -21.04 54.44 10.01
C PHE N 67 -22.01 53.85 11.03
N PRO N 68 -21.78 54.08 12.32
CA PRO N 68 -22.79 53.74 13.31
C PRO N 68 -24.01 54.63 13.15
N PRO N 69 -25.20 54.14 13.52
CA PRO N 69 -26.40 54.97 13.40
C PRO N 69 -26.33 56.21 14.27
N SER N 70 -26.52 57.37 13.67
CA SER N 70 -26.45 58.64 14.38
C SER N 70 -27.82 59.04 14.91
N HIS N 71 -27.80 59.72 16.05
CA HIS N 71 -29.01 60.24 16.68
C HIS N 71 -29.08 61.74 16.38
N ALA N 72 -29.73 62.08 15.28
CA ALA N 72 -29.81 63.48 14.88
C ALA N 72 -30.56 64.31 15.91
N GLY N 73 -31.60 63.75 16.49
CA GLY N 73 -32.35 64.43 17.53
C GLY N 73 -33.81 64.01 17.50
N THR N 74 -34.68 64.95 17.86
CA THR N 74 -36.12 64.71 17.92
C THR N 74 -36.85 65.80 17.15
N ILE N 75 -37.99 65.45 16.59
CA ILE N 75 -38.88 66.40 15.93
C ILE N 75 -40.27 66.26 16.55
N THR N 76 -40.98 67.38 16.61
CA THR N 76 -42.34 67.43 17.15
C THR N 76 -43.18 68.19 16.13
N VAL N 77 -43.97 67.47 15.34
CA VAL N 77 -44.77 68.06 14.29
C VAL N 77 -46.21 68.19 14.79
N TYR N 78 -46.69 69.43 14.83
CA TYR N 78 -48.05 69.72 15.25
C TYR N 78 -48.98 69.71 14.04
N GLU N 79 -50.29 69.88 14.31
CA GLU N 79 -51.27 69.86 13.23
C GLU N 79 -51.24 71.11 12.37
N ASP N 80 -50.67 72.20 12.88
CA ASP N 80 -50.59 73.45 12.14
C ASP N 80 -49.27 73.62 11.39
N SER N 81 -48.44 72.58 11.35
CA SER N 81 -47.15 72.68 10.71
C SER N 81 -47.30 72.88 9.20
N GLN N 82 -46.33 73.57 8.61
CA GLN N 82 -46.29 73.87 7.19
C GLN N 82 -45.12 73.13 6.55
N PRO N 83 -45.18 72.87 5.24
CA PRO N 83 -44.11 72.11 4.61
C PRO N 83 -42.77 72.83 4.65
N GLY N 84 -41.70 72.05 4.73
CA GLY N 84 -40.36 72.60 4.84
C GLY N 84 -39.36 71.50 5.04
N THR N 85 -38.10 71.90 5.10
CA THR N 85 -37.03 70.93 5.27
C THR N 85 -36.95 70.45 6.70
N LEU N 86 -36.44 69.23 6.87
CA LEU N 86 -36.33 68.62 8.19
C LEU N 86 -35.31 69.34 9.08
N ASN N 87 -34.36 70.03 8.46
CA ASN N 87 -33.40 70.84 9.21
C ASN N 87 -34.08 71.94 10.00
N ASP N 88 -35.13 72.57 9.44
CA ASP N 88 -35.90 73.56 10.19
C ASP N 88 -36.56 72.94 11.42
N PHE N 89 -36.97 71.67 11.30
CA PHE N 89 -37.62 70.99 12.42
C PHE N 89 -36.66 70.63 13.54
N LEU N 90 -35.43 70.18 13.27
CA LEU N 90 -34.55 70.03 14.44
C LEU N 90 -34.16 71.37 15.05
N CYS N 91 -33.98 72.42 14.24
CA CYS N 91 -33.52 73.68 14.81
C CYS N 91 -34.66 74.50 15.41
N ALA N 92 -35.89 74.01 15.35
CA ALA N 92 -37.01 74.74 15.90
C ALA N 92 -36.89 74.84 17.41
N MET N 93 -37.41 75.94 17.95
CA MET N 93 -37.37 76.16 19.39
C MET N 93 -38.32 75.22 20.10
N THR N 94 -37.88 74.68 21.22
CA THR N 94 -38.69 73.75 22.00
C THR N 94 -39.01 74.32 23.38
N MET O 1 -25.40 80.12 1.77
CA MET O 1 -24.21 80.32 0.96
C MET O 1 -23.03 79.53 1.53
N ALA O 2 -22.07 79.22 0.66
CA ALA O 2 -20.86 78.50 1.05
C ALA O 2 -19.67 79.42 0.94
N VAL O 3 -18.96 79.63 2.04
CA VAL O 3 -17.78 80.48 2.04
C VAL O 3 -16.59 79.70 1.50
N LYS O 4 -15.78 80.36 0.68
CA LYS O 4 -14.63 79.74 0.06
C LYS O 4 -13.48 79.63 1.05
N ILE O 5 -12.96 78.43 1.25
CA ILE O 5 -11.78 78.21 2.08
C ILE O 5 -10.76 77.48 1.23
N SER O 6 -9.66 78.17 0.92
CA SER O 6 -8.63 77.58 0.08
C SER O 6 -7.27 77.97 0.62
N GLY O 7 -6.27 77.17 0.27
CA GLY O 7 -4.91 77.48 0.68
C GLY O 7 -3.98 76.30 0.42
N VAL O 8 -2.79 76.41 1.00
CA VAL O 8 -1.80 75.34 0.96
C VAL O 8 -1.36 75.06 2.40
N LEU O 9 -1.36 73.78 2.78
CA LEU O 9 -1.01 73.36 4.13
C LEU O 9 0.38 72.73 4.10
N LYS O 10 1.28 73.25 4.93
CA LYS O 10 2.65 72.79 5.01
C LYS O 10 2.95 72.33 6.43
N ASP O 11 3.94 71.45 6.55
CA ASP O 11 4.36 70.97 7.86
C ASP O 11 5.26 72.02 8.51
N GLY O 12 5.91 71.66 9.61
CA GLY O 12 6.78 72.58 10.31
C GLY O 12 8.11 72.83 9.65
N THR O 13 8.37 72.20 8.50
CA THR O 13 9.63 72.33 7.78
C THR O 13 9.42 73.12 6.49
N GLY O 14 8.21 73.61 6.26
CA GLY O 14 7.93 74.36 5.05
C GLY O 14 7.94 73.50 3.81
N LYS O 15 7.38 72.29 3.90
CA LYS O 15 7.25 71.38 2.78
C LYS O 15 5.80 70.92 2.74
N PRO O 16 5.19 70.86 1.56
CA PRO O 16 3.80 70.39 1.48
C PRO O 16 3.67 68.97 1.99
N VAL O 17 2.61 68.72 2.75
CA VAL O 17 2.35 67.40 3.33
C VAL O 17 1.36 66.67 2.43
N GLN O 18 1.75 65.47 1.99
CA GLN O 18 0.95 64.70 1.05
C GLN O 18 0.21 63.59 1.79
N ASN O 19 -0.62 62.84 1.03
CA ASN O 19 -1.49 61.81 1.60
C ASN O 19 -2.36 62.36 2.71
N CYS O 20 -2.82 63.59 2.54
CA CYS O 20 -3.58 64.30 3.56
C CYS O 20 -5.06 63.97 3.45
N THR O 21 -5.78 64.20 4.55
CA THR O 21 -7.23 64.10 4.55
C THR O 21 -7.75 64.98 5.68
N ILE O 22 -8.49 66.02 5.33
CA ILE O 22 -9.08 66.92 6.30
C ILE O 22 -10.58 66.65 6.37
N GLN O 23 -11.08 66.49 7.59
CA GLN O 23 -12.48 66.22 7.85
C GLN O 23 -13.08 67.35 8.69
N LEU O 24 -14.32 67.69 8.37
CA LEU O 24 -15.10 68.64 9.14
C LEU O 24 -16.22 67.89 9.83
N LYS O 25 -16.32 68.06 11.16
CA LYS O 25 -17.27 67.36 11.99
C LYS O 25 -18.24 68.36 12.59
N ALA O 26 -19.49 68.33 12.14
CA ALA O 26 -20.49 69.26 12.64
C ALA O 26 -20.82 68.94 14.10
N ARG O 27 -21.01 69.99 14.91
CA ARG O 27 -21.37 69.82 16.30
C ARG O 27 -22.78 70.24 16.63
N ARG O 28 -23.44 71.02 15.78
CA ARG O 28 -24.78 71.51 16.09
C ARG O 28 -25.59 71.57 14.81
N ASN O 29 -26.91 71.53 14.98
CA ASN O 29 -27.83 71.64 13.85
C ASN O 29 -27.82 73.08 13.33
N SER O 30 -27.62 73.23 12.03
CA SER O 30 -27.56 74.54 11.40
C SER O 30 -28.67 74.63 10.36
N THR O 31 -28.63 75.71 9.58
CA THR O 31 -29.69 75.95 8.59
C THR O 31 -29.72 74.84 7.55
N THR O 32 -28.57 74.34 7.13
CA THR O 32 -28.51 73.37 6.04
C THR O 32 -27.54 72.23 6.30
N VAL O 33 -27.13 72.03 7.56
CA VAL O 33 -26.23 70.94 7.92
C VAL O 33 -26.81 70.22 9.13
N VAL O 34 -26.84 68.89 9.06
CA VAL O 34 -27.36 68.06 10.15
C VAL O 34 -26.21 67.71 11.09
N VAL O 35 -26.51 67.62 12.39
CA VAL O 35 -25.48 67.31 13.35
C VAL O 35 -24.95 65.90 13.11
N ASN O 36 -23.73 65.65 13.61
CA ASN O 36 -23.06 64.36 13.49
C ASN O 36 -22.90 63.94 12.02
N THR O 37 -22.47 64.88 11.19
CA THR O 37 -22.19 64.63 9.79
C THR O 37 -20.76 65.04 9.48
N VAL O 38 -20.07 64.23 8.67
CA VAL O 38 -18.66 64.43 8.38
C VAL O 38 -18.49 64.85 6.93
N GLY O 39 -17.49 65.69 6.69
CA GLY O 39 -17.14 66.09 5.35
C GLY O 39 -15.65 65.97 5.08
N SER O 40 -15.28 65.21 4.06
CA SER O 40 -13.88 64.87 3.81
C SER O 40 -13.34 65.61 2.60
N GLU O 41 -12.04 65.88 2.64
CA GLU O 41 -11.34 66.52 1.52
C GLU O 41 -9.89 66.07 1.49
N ASN O 42 -9.43 65.62 0.32
CA ASN O 42 -8.05 65.19 0.15
C ASN O 42 -7.31 66.15 -0.76
N PRO O 43 -6.31 66.88 -0.25
CA PRO O 43 -5.59 67.83 -1.10
C PRO O 43 -4.75 67.15 -2.16
N ASP O 44 -4.11 67.96 -3.03
CA ASP O 44 -3.29 67.45 -4.11
C ASP O 44 -1.87 67.20 -3.61
N GLU O 45 -0.95 66.91 -4.53
CA GLU O 45 0.43 66.65 -4.14
C GLU O 45 1.13 67.94 -3.69
N ALA O 46 0.66 69.09 -4.16
CA ALA O 46 1.27 70.36 -3.80
C ALA O 46 0.74 70.91 -2.48
N GLY O 47 -0.19 70.21 -1.83
CA GLY O 47 -0.77 70.68 -0.59
C GLY O 47 -1.91 71.67 -0.75
N ARG O 48 -2.40 71.87 -1.97
CA ARG O 48 -3.47 72.82 -2.19
C ARG O 48 -4.81 72.20 -1.84
N TYR O 49 -5.57 72.89 -1.00
CA TYR O 49 -6.91 72.47 -0.61
C TYR O 49 -7.89 73.58 -0.94
N SER O 50 -9.11 73.18 -1.33
CA SER O 50 -10.13 74.10 -1.81
C SER O 50 -11.49 73.53 -1.43
N MET O 51 -12.27 74.28 -0.65
CA MET O 51 -13.56 73.83 -0.17
C MET O 51 -14.55 74.97 -0.18
N ASP O 52 -15.83 74.63 -0.26
CA ASP O 52 -16.94 75.58 -0.13
C ASP O 52 -17.72 75.17 1.12
N VAL O 53 -17.33 75.72 2.26
CA VAL O 53 -17.83 75.24 3.54
C VAL O 53 -19.02 76.08 3.98
N GLU O 54 -20.00 75.44 4.61
CA GLU O 54 -21.19 76.14 5.07
C GLU O 54 -20.95 76.77 6.44
N TYR O 55 -21.87 77.63 6.84
CA TYR O 55 -21.74 78.35 8.09
C TYR O 55 -22.24 77.50 9.25
N GLY O 56 -21.60 77.65 10.40
CA GLY O 56 -21.95 76.90 11.58
C GLY O 56 -20.71 76.58 12.40
N GLN O 57 -20.87 75.66 13.34
CA GLN O 57 -19.79 75.25 14.23
C GLN O 57 -19.26 73.89 13.79
N TYR O 58 -17.96 73.81 13.54
CA TYR O 58 -17.34 72.59 13.06
C TYR O 58 -16.14 72.26 13.94
N SER O 59 -15.69 71.01 13.85
CA SER O 59 -14.43 70.58 14.44
C SER O 59 -13.54 70.06 13.32
N VAL O 60 -12.28 70.47 13.31
CA VAL O 60 -11.38 70.08 12.23
C VAL O 60 -10.63 68.82 12.63
N ILE O 61 -10.42 67.93 11.66
CA ILE O 61 -9.74 66.66 11.89
C ILE O 61 -8.73 66.46 10.77
N LEU O 62 -7.51 66.07 11.13
CA LEU O 62 -6.43 65.90 10.18
C LEU O 62 -5.90 64.47 10.25
N GLN O 63 -5.83 63.80 9.11
CA GLN O 63 -5.28 62.44 9.03
C GLN O 63 -4.27 62.37 7.91
N VAL O 64 -3.07 61.87 8.21
CA VAL O 64 -2.04 61.69 7.19
C VAL O 64 -1.71 60.21 7.06
N ASP O 65 -2.48 59.49 6.24
CA ASP O 65 -2.25 58.09 5.92
C ASP O 65 -1.77 57.26 7.12
N GLY O 66 -2.38 57.54 8.27
CA GLY O 66 -1.98 56.92 9.52
C GLY O 66 -1.78 57.86 10.69
N PHE O 67 -1.96 59.16 10.51
CA PHE O 67 -2.06 60.03 11.67
C PHE O 67 -3.43 59.91 12.30
N PRO O 68 -3.53 59.82 13.63
CA PRO O 68 -4.83 59.88 14.27
C PRO O 68 -5.47 61.23 14.05
N PRO O 69 -6.79 61.32 14.07
CA PRO O 69 -7.45 62.63 13.92
C PRO O 69 -6.88 63.66 14.87
N SER O 70 -6.19 64.65 14.32
CA SER O 70 -5.54 65.69 15.10
C SER O 70 -6.54 66.83 15.30
N HIS O 71 -7.17 66.86 16.47
CA HIS O 71 -8.20 67.85 16.75
C HIS O 71 -7.52 69.19 16.96
N ALA O 72 -7.21 69.86 15.84
CA ALA O 72 -6.62 71.18 15.90
C ALA O 72 -7.55 72.20 16.52
N GLY O 73 -8.86 71.94 16.54
CA GLY O 73 -9.80 72.82 17.19
C GLY O 73 -11.13 72.95 16.49
N THR O 74 -12.00 73.76 17.07
CA THR O 74 -13.31 74.03 16.51
C THR O 74 -13.32 75.38 15.82
N ILE O 75 -13.97 75.44 14.67
CA ILE O 75 -14.11 76.66 13.89
C ILE O 75 -15.57 77.06 13.90
N THR O 76 -15.82 78.36 13.73
CA THR O 76 -17.16 78.89 13.63
C THR O 76 -17.24 79.82 12.43
N VAL O 77 -18.24 79.60 11.58
CA VAL O 77 -18.47 80.42 10.41
C VAL O 77 -19.81 81.13 10.62
N TYR O 78 -19.75 82.45 10.75
CA TYR O 78 -20.89 83.31 10.99
C TYR O 78 -21.06 84.29 9.83
N GLU O 79 -22.22 84.95 9.79
CA GLU O 79 -22.65 85.64 8.56
C GLU O 79 -22.06 87.04 8.40
N ASP O 80 -20.75 87.16 8.59
CA ASP O 80 -19.99 88.30 8.08
C ASP O 80 -18.61 87.88 7.62
N SER O 81 -18.30 86.59 7.63
CA SER O 81 -16.95 86.11 7.36
C SER O 81 -16.60 86.33 5.88
N GLN O 82 -15.30 86.41 5.63
CA GLN O 82 -14.73 86.61 4.32
C GLN O 82 -13.85 85.41 3.96
N PRO O 83 -13.67 85.12 2.67
CA PRO O 83 -12.88 83.94 2.28
C PRO O 83 -11.43 84.07 2.73
N GLY O 84 -10.84 82.93 3.09
CA GLY O 84 -9.47 82.89 3.56
C GLY O 84 -8.93 81.48 3.64
N THR O 85 -7.97 81.24 4.53
CA THR O 85 -7.39 79.94 4.73
C THR O 85 -7.94 79.28 6.00
N LEU O 86 -7.82 77.95 6.05
CA LEU O 86 -8.38 77.21 7.17
C LEU O 86 -7.69 77.57 8.48
N ASN O 87 -6.37 77.76 8.44
CA ASN O 87 -5.63 78.07 9.66
C ASN O 87 -6.05 79.40 10.29
N ASP O 88 -6.66 80.30 9.50
CA ASP O 88 -7.13 81.56 10.05
C ASP O 88 -8.20 81.35 11.11
N PHE O 89 -9.16 80.45 10.82
CA PHE O 89 -10.20 80.14 11.81
C PHE O 89 -9.59 79.51 13.05
N LEU O 90 -8.61 78.64 12.86
CA LEU O 90 -7.93 78.03 14.01
C LEU O 90 -7.23 79.08 14.86
N CYS O 91 -6.63 80.08 14.23
CA CYS O 91 -5.95 81.14 14.94
C CYS O 91 -6.84 82.35 15.25
N ALA O 92 -8.08 82.35 14.79
CA ALA O 92 -8.97 83.47 15.05
C ALA O 92 -9.39 83.52 16.52
N MET O 93 -9.59 84.73 17.02
CA MET O 93 -10.02 84.93 18.40
C MET O 93 -11.48 84.53 18.53
N THR O 94 -11.74 83.45 19.27
CA THR O 94 -13.10 82.97 19.47
C THR O 94 -13.69 83.54 20.75
N MET P 1 36.40 72.97 20.17
CA MET P 1 37.63 72.17 20.23
C MET P 1 37.45 70.95 21.12
N ALA P 2 38.17 69.88 20.78
CA ALA P 2 38.06 68.60 21.49
C ALA P 2 39.38 68.26 22.14
N VAL P 3 39.35 68.02 23.44
CA VAL P 3 40.54 67.59 24.16
C VAL P 3 40.85 66.15 23.80
N LYS P 4 42.13 65.85 23.62
CA LYS P 4 42.57 64.50 23.27
C LYS P 4 42.81 63.70 24.55
N ILE P 5 42.01 62.67 24.78
CA ILE P 5 42.14 61.79 25.93
C ILE P 5 42.74 60.48 25.43
N SER P 6 43.93 60.16 25.92
CA SER P 6 44.64 58.96 25.51
C SER P 6 45.20 58.26 26.74
N GLY P 7 45.33 56.94 26.64
CA GLY P 7 45.89 56.17 27.73
C GLY P 7 45.85 54.69 27.45
N VAL P 8 46.18 53.92 28.48
CA VAL P 8 46.17 52.47 28.46
C VAL P 8 45.25 51.98 29.57
N LEU P 9 44.32 51.09 29.23
CA LEU P 9 43.32 50.60 30.17
C LEU P 9 43.73 49.21 30.65
N LYS P 10 43.83 49.06 31.97
CA LYS P 10 44.30 47.83 32.59
C LYS P 10 43.31 47.36 33.63
N ASP P 11 43.37 46.07 33.94
CA ASP P 11 42.57 45.49 35.01
C ASP P 11 43.34 45.55 36.33
N GLY P 12 42.86 44.83 37.34
CA GLY P 12 43.50 44.85 38.64
C GLY P 12 44.76 44.05 38.77
N THR P 13 45.12 43.27 37.74
CA THR P 13 46.32 42.45 37.76
C THR P 13 47.43 43.03 36.89
N GLY P 14 47.35 44.30 36.55
CA GLY P 14 48.35 44.91 35.67
C GLY P 14 48.40 44.29 34.30
N LYS P 15 47.23 43.97 33.73
CA LYS P 15 47.13 43.32 32.44
C LYS P 15 46.12 44.06 31.57
N PRO P 16 46.33 44.06 30.25
CA PRO P 16 45.33 44.67 29.37
C PRO P 16 44.04 43.87 29.34
N VAL P 17 42.94 44.58 29.15
CA VAL P 17 41.60 43.99 29.06
C VAL P 17 41.08 44.20 27.64
N GLN P 18 40.71 43.12 26.98
CA GLN P 18 40.31 43.15 25.58
C GLN P 18 38.78 43.06 25.46
N ASN P 19 38.30 43.18 24.23
CA ASN P 19 36.87 43.13 23.91
C ASN P 19 36.09 44.22 24.64
N CYS P 20 36.72 45.37 24.83
CA CYS P 20 36.15 46.46 25.59
C CYS P 20 35.28 47.35 24.70
N THR P 21 34.59 48.30 25.34
CA THR P 21 33.89 49.36 24.62
C THR P 21 33.68 50.53 25.57
N ILE P 22 34.30 51.67 25.28
CA ILE P 22 34.14 52.87 26.08
C ILE P 22 33.18 53.80 25.36
N GLN P 23 32.17 54.29 26.06
CA GLN P 23 31.21 55.22 25.48
C GLN P 23 31.00 56.39 26.43
N LEU P 24 30.50 57.49 25.89
CA LEU P 24 30.17 58.68 26.66
C LEU P 24 28.72 59.04 26.39
N LYS P 25 27.88 58.96 27.42
CA LYS P 25 26.47 59.29 27.31
C LYS P 25 26.30 60.77 27.62
N ALA P 26 25.75 61.52 26.67
CA ALA P 26 25.53 62.95 26.89
C ALA P 26 24.35 63.16 27.82
N ARG P 27 24.56 63.93 28.89
CA ARG P 27 23.52 64.19 29.86
C ARG P 27 22.92 65.59 29.74
N ARG P 28 23.70 66.57 29.29
CA ARG P 28 23.23 67.94 29.15
C ARG P 28 23.58 68.44 27.76
N ASN P 29 22.65 69.19 27.16
CA ASN P 29 22.91 69.80 25.87
C ASN P 29 24.07 70.78 25.98
N SER P 30 25.00 70.69 25.04
CA SER P 30 26.18 71.55 25.00
C SER P 30 26.14 72.40 23.74
N THR P 31 27.21 73.15 23.52
CA THR P 31 27.31 73.99 22.34
C THR P 31 27.36 73.19 21.05
N THR P 32 27.93 71.97 21.10
CA THR P 32 28.12 71.18 19.89
C THR P 32 27.72 69.71 20.03
N VAL P 33 27.21 69.29 21.18
CA VAL P 33 26.79 67.90 21.39
C VAL P 33 25.34 67.90 21.84
N VAL P 34 24.53 67.06 21.22
CA VAL P 34 23.11 66.94 21.53
C VAL P 34 22.94 65.97 22.69
N VAL P 35 21.95 66.25 23.54
CA VAL P 35 21.68 65.37 24.67
C VAL P 35 21.22 64.00 24.17
N ASN P 36 21.62 62.96 24.91
CA ASN P 36 21.27 61.57 24.59
C ASN P 36 21.89 61.12 23.27
N THR P 37 23.20 61.30 23.16
CA THR P 37 23.97 60.82 22.02
C THR P 37 25.18 60.06 22.52
N VAL P 38 25.42 58.89 21.94
CA VAL P 38 26.49 58.00 22.39
C VAL P 38 27.55 57.90 21.31
N GLY P 39 28.80 57.74 21.75
CA GLY P 39 29.90 57.51 20.85
C GLY P 39 30.80 56.40 21.34
N SER P 40 30.93 55.34 20.55
CA SER P 40 31.65 54.16 20.97
C SER P 40 33.13 54.24 20.60
N GLU P 41 33.96 53.55 21.37
CA GLU P 41 35.38 53.45 21.09
C GLU P 41 35.88 52.08 21.55
N ASN P 42 36.48 51.34 20.63
CA ASN P 42 37.02 50.02 20.92
C ASN P 42 38.53 50.09 20.97
N PRO P 43 39.15 49.74 22.09
CA PRO P 43 40.61 49.84 22.20
C PRO P 43 41.30 48.70 21.45
N ASP P 44 42.62 48.82 21.36
CA ASP P 44 43.43 47.85 20.63
C ASP P 44 43.64 46.61 21.50
N GLU P 45 44.52 45.72 21.05
CA GLU P 45 44.86 44.54 21.84
C GLU P 45 45.62 44.90 23.10
N ALA P 46 46.42 45.97 23.08
CA ALA P 46 47.21 46.37 24.23
C ALA P 46 46.47 47.28 25.18
N GLY P 47 45.19 47.55 24.93
CA GLY P 47 44.43 48.42 25.80
C GLY P 47 44.61 49.90 25.56
N ARG P 48 45.26 50.28 24.47
CA ARG P 48 45.44 51.70 24.17
C ARG P 48 44.16 52.30 23.64
N TYR P 49 43.76 53.44 24.20
CA TYR P 49 42.58 54.17 23.75
C TYR P 49 42.95 55.63 23.54
N SER P 50 42.30 56.25 22.57
CA SER P 50 42.52 57.65 22.24
C SER P 50 41.27 58.22 21.58
N MET P 51 40.72 59.28 22.17
CA MET P 51 39.51 59.91 21.68
C MET P 51 39.69 61.42 21.67
N ASP P 52 38.88 62.09 20.85
CA ASP P 52 38.81 63.54 20.82
C ASP P 52 37.42 63.92 21.35
N VAL P 53 37.39 64.48 22.56
CA VAL P 53 36.15 64.68 23.29
C VAL P 53 35.85 66.17 23.37
N GLU P 54 34.65 66.55 22.95
CA GLU P 54 34.21 67.93 23.03
C GLU P 54 33.86 68.29 24.47
N TYR P 55 33.97 69.58 24.78
CA TYR P 55 33.72 70.05 26.13
C TYR P 55 32.25 69.93 26.48
N GLY P 56 31.98 69.71 27.76
CA GLY P 56 30.63 69.57 28.26
C GLY P 56 30.56 68.52 29.34
N GLN P 57 29.33 68.06 29.61
CA GLN P 57 29.09 67.07 30.64
C GLN P 57 28.79 65.72 29.98
N TYR P 58 29.44 64.66 30.46
CA TYR P 58 29.20 63.32 29.95
C TYR P 58 29.14 62.36 31.11
N SER P 59 28.62 61.17 30.85
CA SER P 59 28.70 60.04 31.76
C SER P 59 29.51 58.95 31.08
N VAL P 60 30.67 58.61 31.64
CA VAL P 60 31.51 57.61 31.01
C VAL P 60 30.97 56.23 31.35
N ILE P 61 30.83 55.39 30.34
CA ILE P 61 30.22 54.07 30.51
C ILE P 61 31.13 53.04 29.86
N LEU P 62 31.46 51.99 30.60
CA LEU P 62 32.48 51.03 30.22
C LEU P 62 31.80 49.66 30.07
N GLN P 63 31.57 49.24 28.83
CA GLN P 63 30.85 48.02 28.54
C GLN P 63 31.84 46.95 28.09
N VAL P 64 31.87 45.83 28.82
CA VAL P 64 32.73 44.70 28.51
C VAL P 64 31.84 43.49 28.28
N ASP P 65 32.34 42.54 27.49
CA ASP P 65 31.59 41.31 27.23
C ASP P 65 31.55 40.46 28.49
N GLY P 66 30.57 40.73 29.36
CA GLY P 66 30.60 40.24 30.71
C GLY P 66 29.72 41.10 31.59
N PHE P 67 30.31 41.66 32.66
CA PHE P 67 29.66 42.59 33.57
C PHE P 67 28.83 43.61 32.78
N PRO P 68 27.67 44.01 33.30
CA PRO P 68 26.82 44.95 32.56
C PRO P 68 27.49 46.31 32.44
N PRO P 69 26.86 47.26 31.73
CA PRO P 69 27.43 48.62 31.63
C PRO P 69 27.90 49.16 32.97
N SER P 70 29.20 49.45 33.05
CA SER P 70 29.84 49.83 34.30
C SER P 70 29.97 51.35 34.37
N HIS P 71 29.40 51.93 35.41
CA HIS P 71 29.37 53.38 35.56
C HIS P 71 30.56 53.81 36.40
N ALA P 72 31.69 54.05 35.74
CA ALA P 72 32.83 54.64 36.43
C ALA P 72 32.51 56.03 36.95
N GLY P 73 31.54 56.71 36.35
CA GLY P 73 31.08 57.99 36.85
C GLY P 73 30.71 58.99 35.78
N THR P 74 30.51 60.23 36.19
CA THR P 74 30.30 61.34 35.27
C THR P 74 31.59 62.14 35.15
N ILE P 75 31.84 62.64 33.95
CA ILE P 75 33.04 63.40 33.64
C ILE P 75 32.63 64.77 33.08
N THR P 76 33.48 65.76 33.32
CA THR P 76 33.19 67.13 32.96
C THR P 76 34.41 67.73 32.25
N VAL P 77 34.16 68.44 31.15
CA VAL P 77 35.21 69.04 30.34
C VAL P 77 34.90 70.53 30.23
N TYR P 78 35.55 71.33 31.07
CA TYR P 78 35.55 72.78 30.94
C TYR P 78 36.56 73.22 29.88
N GLU P 79 36.60 74.52 29.61
CA GLU P 79 37.59 75.07 28.68
C GLU P 79 38.84 75.56 29.39
N ASP P 80 39.40 74.71 30.26
CA ASP P 80 40.75 74.92 30.76
C ASP P 80 41.54 73.62 30.90
N SER P 81 40.93 72.46 30.71
CA SER P 81 41.59 71.20 30.94
C SER P 81 42.64 70.92 29.86
N GLN P 82 43.60 70.08 30.21
CA GLN P 82 44.70 69.67 29.35
C GLN P 82 44.54 68.23 28.92
N PRO P 83 45.10 67.83 27.78
CA PRO P 83 45.02 66.43 27.36
C PRO P 83 45.66 65.51 28.38
N GLY P 84 45.04 64.35 28.56
CA GLY P 84 45.52 63.39 29.54
C GLY P 84 44.81 62.05 29.44
N THR P 85 44.74 61.31 30.54
CA THR P 85 44.07 60.03 30.56
C THR P 85 42.70 60.16 31.20
N LEU P 86 41.84 59.19 30.87
CA LEU P 86 40.45 59.24 31.32
C LEU P 86 40.35 59.05 32.83
N ASN P 87 41.25 58.24 33.40
CA ASN P 87 41.24 58.01 34.84
C ASN P 87 41.46 59.30 35.62
N ASP P 88 42.19 60.26 35.06
CA ASP P 88 42.33 61.55 35.71
C ASP P 88 40.97 62.25 35.81
N PHE P 89 40.19 62.20 34.73
CA PHE P 89 38.86 62.80 34.76
C PHE P 89 37.95 62.10 35.77
N LEU P 90 38.02 60.77 35.84
CA LEU P 90 37.23 60.07 36.86
C LEU P 90 37.67 60.45 38.27
N CYS P 91 38.98 60.54 38.49
CA CYS P 91 39.50 60.85 39.82
C CYS P 91 39.54 62.33 40.12
N ALA P 92 39.19 63.18 39.16
CA ALA P 92 39.24 64.62 39.38
C ALA P 92 38.19 65.06 40.39
N MET P 93 38.52 66.12 41.13
CA MET P 93 37.58 66.72 42.07
C MET P 93 36.49 67.45 41.30
N THR P 94 35.24 67.19 41.67
CA THR P 94 34.10 67.79 40.96
C THR P 94 33.47 68.90 41.79
N MET Q 1 52.80 51.35 40.19
CA MET Q 1 53.50 50.07 40.29
C MET Q 1 52.59 48.99 40.87
N ALA Q 2 52.75 47.77 40.37
CA ALA Q 2 51.95 46.64 40.83
C ALA Q 2 52.78 45.82 41.82
N VAL Q 3 52.33 45.77 43.07
CA VAL Q 3 53.05 45.02 44.09
C VAL Q 3 52.96 43.54 43.80
N LYS Q 4 53.93 42.79 44.28
CA LYS Q 4 54.06 41.37 43.99
C LYS Q 4 53.33 40.57 45.06
N ILE Q 5 52.40 39.72 44.64
CA ILE Q 5 51.71 38.80 45.53
C ILE Q 5 51.97 37.39 44.98
N SER Q 6 52.80 36.63 45.68
CA SER Q 6 53.14 35.27 45.27
C SER Q 6 53.04 34.34 46.47
N GLY Q 7 52.82 33.06 46.17
CA GLY Q 7 52.79 32.07 47.23
C GLY Q 7 52.11 30.79 46.76
N VAL Q 8 51.63 30.02 47.73
CA VAL Q 8 50.88 28.80 47.46
C VAL Q 8 49.60 28.83 48.26
N LEU Q 9 48.51 28.38 47.64
CA LEU Q 9 47.21 28.30 48.29
C LEU Q 9 46.81 26.83 48.37
N LYS Q 10 46.54 26.37 49.58
CA LYS Q 10 46.14 24.99 49.82
C LYS Q 10 44.84 24.97 50.59
N ASP Q 11 44.37 23.77 50.90
CA ASP Q 11 43.11 23.57 51.61
C ASP Q 11 43.36 23.44 53.11
N GLY Q 12 42.31 23.07 53.84
CA GLY Q 12 42.41 22.99 55.29
C GLY Q 12 43.34 21.89 55.76
N THR Q 13 43.28 20.73 55.12
CA THR Q 13 44.05 19.57 55.56
C THR Q 13 45.45 19.51 54.98
N GLY Q 14 45.89 20.55 54.28
CA GLY Q 14 47.26 20.61 53.80
C GLY Q 14 47.47 20.13 52.38
N LYS Q 15 46.42 20.05 51.57
CA LYS Q 15 46.58 19.62 50.19
C LYS Q 15 46.35 20.79 49.25
N PRO Q 16 47.05 20.82 48.12
CA PRO Q 16 46.78 21.87 47.12
C PRO Q 16 45.42 21.65 46.48
N VAL Q 17 44.83 22.74 45.99
CA VAL Q 17 43.54 22.71 45.30
C VAL Q 17 43.78 22.88 43.81
N GLN Q 18 43.15 22.03 43.01
CA GLN Q 18 43.30 22.06 41.57
C GLN Q 18 42.05 22.63 40.91
N ASN Q 19 42.19 22.97 39.63
CA ASN Q 19 41.11 23.57 38.83
C ASN Q 19 40.54 24.82 39.50
N CYS Q 20 41.37 25.55 40.21
CA CYS Q 20 40.95 26.73 40.93
C CYS Q 20 41.21 27.99 40.10
N THR Q 21 40.66 29.10 40.57
CA THR Q 21 40.83 30.39 39.91
C THR Q 21 40.68 31.49 40.95
N ILE Q 22 41.56 32.48 40.88
CA ILE Q 22 41.55 33.62 41.79
C ILE Q 22 41.09 34.84 40.99
N GLN Q 23 40.11 35.57 41.52
CA GLN Q 23 39.55 36.72 40.85
C GLN Q 23 39.65 37.93 41.76
N LEU Q 24 40.08 39.06 41.20
CA LEU Q 24 40.12 40.33 41.91
C LEU Q 24 39.19 41.31 41.21
N LYS Q 25 38.22 41.84 41.95
CA LYS Q 25 37.25 42.79 41.42
C LYS Q 25 37.47 44.14 42.07
N ALA Q 26 37.66 45.17 41.25
CA ALA Q 26 37.95 46.51 41.76
C ALA Q 26 36.65 47.13 42.27
N ARG Q 27 36.53 47.26 43.58
CA ARG Q 27 35.32 47.84 44.16
C ARG Q 27 35.30 49.37 44.02
N ARG Q 28 36.45 50.02 44.04
CA ARG Q 28 36.54 51.47 43.91
C ARG Q 28 37.55 51.84 42.84
N ASN Q 29 37.32 52.97 42.19
CA ASN Q 29 38.13 53.37 41.05
C ASN Q 29 39.42 54.04 41.53
N SER Q 30 40.49 53.84 40.78
CA SER Q 30 41.80 54.40 41.14
C SER Q 30 42.44 55.09 39.95
N THR Q 31 43.65 55.60 40.15
CA THR Q 31 44.33 56.33 39.09
C THR Q 31 44.68 55.44 37.91
N THR Q 32 44.84 54.13 38.14
CA THR Q 32 45.23 53.21 37.09
C THR Q 32 44.26 52.06 36.85
N VAL Q 33 43.33 51.82 37.77
CA VAL Q 33 42.38 50.71 37.66
C VAL Q 33 40.97 51.28 37.72
N VAL Q 34 40.15 50.88 36.75
CA VAL Q 34 38.77 51.37 36.65
C VAL Q 34 37.86 50.44 37.44
N VAL Q 35 36.82 51.04 38.03
CA VAL Q 35 35.92 50.29 38.91
C VAL Q 35 35.17 49.23 38.12
N ASN Q 36 34.74 48.18 38.83
CA ASN Q 36 33.94 47.10 38.25
C ASN Q 36 34.67 46.42 37.09
N THR Q 37 35.94 46.11 37.31
CA THR Q 37 36.75 45.35 36.37
C THR Q 37 37.41 44.20 37.09
N VAL Q 38 37.34 43.01 36.50
CA VAL Q 38 37.80 41.80 37.17
C VAL Q 38 39.05 41.28 36.48
N GLY Q 39 39.95 40.73 37.29
CA GLY Q 39 41.16 40.11 36.80
C GLY Q 39 41.34 38.72 37.37
N SER Q 40 41.58 37.74 36.52
CA SER Q 40 41.58 36.34 36.94
C SER Q 40 42.78 35.62 36.34
N GLU Q 41 43.21 34.56 37.04
CA GLU Q 41 44.28 33.69 36.54
C GLU Q 41 44.20 32.40 37.33
N ASN Q 42 44.32 31.27 36.63
CA ASN Q 42 44.20 29.97 37.29
C ASN Q 42 45.55 29.52 37.81
N PRO Q 43 45.66 29.15 39.08
CA PRO Q 43 46.94 28.68 39.62
C PRO Q 43 47.35 27.34 39.01
N ASP Q 44 48.64 27.05 39.11
CA ASP Q 44 49.20 25.86 38.49
C ASP Q 44 48.74 24.61 39.26
N GLU Q 45 49.24 23.45 38.80
CA GLU Q 45 48.88 22.19 39.42
C GLU Q 45 49.43 22.05 40.84
N ALA Q 46 50.46 22.81 41.19
CA ALA Q 46 51.04 22.77 42.51
C ALA Q 46 50.46 23.83 43.45
N GLY Q 47 49.47 24.58 43.00
CA GLY Q 47 48.85 25.59 43.85
C GLY Q 47 49.65 26.85 44.01
N ARG Q 48 50.68 27.06 43.20
CA ARG Q 48 51.51 28.25 43.28
C ARG Q 48 50.91 29.36 42.42
N TYR Q 49 50.76 30.54 43.01
CA TYR Q 49 50.20 31.69 42.34
C TYR Q 49 51.19 32.84 42.39
N SER Q 50 51.17 33.65 41.33
CA SER Q 50 52.08 34.79 41.19
C SER Q 50 51.36 35.88 40.42
N MET Q 51 51.08 37.01 41.09
CA MET Q 51 50.35 38.12 40.49
C MET Q 51 51.05 39.42 40.81
N ASP Q 52 50.84 40.41 39.95
CA ASP Q 52 51.27 41.78 40.18
C ASP Q 52 50.02 42.65 40.24
N VAL Q 53 49.67 43.09 41.45
CA VAL Q 53 48.38 43.74 41.72
C VAL Q 53 48.62 45.22 41.96
N GLU Q 54 47.86 46.07 41.26
CA GLU Q 54 47.96 47.50 41.44
C GLU Q 54 47.38 47.92 42.79
N TYR Q 55 47.73 49.14 43.20
CA TYR Q 55 47.23 49.67 44.46
C TYR Q 55 45.73 49.93 44.38
N GLY Q 56 45.08 49.85 45.54
CA GLY Q 56 43.64 50.10 45.60
C GLY Q 56 42.89 49.10 46.44
N GLN Q 57 41.56 49.15 46.37
CA GLN Q 57 40.69 48.27 47.15
C GLN Q 57 40.03 47.26 46.22
N TYR Q 58 40.16 45.98 46.56
CA TYR Q 58 39.62 44.92 45.73
C TYR Q 58 38.83 43.94 46.58
N SER Q 59 37.95 43.20 45.92
CA SER Q 59 37.27 42.06 46.50
C SER Q 59 37.84 40.79 45.88
N VAL Q 60 38.17 39.81 46.72
CA VAL Q 60 38.81 38.58 46.28
C VAL Q 60 37.77 37.47 46.21
N ILE Q 61 37.71 36.79 45.07
CA ILE Q 61 36.74 35.72 44.83
C ILE Q 61 37.50 34.46 44.45
N LEU Q 62 37.14 33.35 45.09
CA LEU Q 62 37.71 32.05 44.80
C LEU Q 62 36.70 31.26 43.97
N GLN Q 63 37.17 30.69 42.85
CA GLN Q 63 36.30 29.98 41.93
C GLN Q 63 36.84 28.58 41.73
N VAL Q 64 35.96 27.58 41.86
CA VAL Q 64 36.34 26.19 41.67
C VAL Q 64 35.34 25.56 40.72
N ASP Q 65 35.81 24.60 39.93
CA ASP Q 65 34.97 23.94 38.93
C ASP Q 65 33.98 23.05 39.66
N GLY Q 66 32.76 23.55 39.86
CA GLY Q 66 31.72 22.81 40.53
C GLY Q 66 31.14 23.53 41.72
N PHE Q 67 31.98 24.18 42.51
CA PHE Q 67 31.46 24.93 43.66
C PHE Q 67 30.94 26.29 43.21
N PRO Q 68 30.02 26.88 43.98
CA PRO Q 68 29.65 28.27 43.72
C PRO Q 68 30.81 29.19 44.04
N PRO Q 69 30.87 30.37 43.41
CA PRO Q 69 31.97 31.30 43.69
C PRO Q 69 31.94 31.76 45.13
N SER Q 70 33.07 31.59 45.82
CA SER Q 70 33.19 31.97 47.21
C SER Q 70 33.68 33.41 47.33
N HIS Q 71 33.26 34.08 48.40
CA HIS Q 71 33.66 35.45 48.71
C HIS Q 71 34.67 35.40 49.84
N ALA Q 72 35.95 35.35 49.48
CA ALA Q 72 37.00 35.29 50.50
C ALA Q 72 37.01 36.54 51.36
N GLY Q 73 36.83 37.70 50.74
CA GLY Q 73 36.82 38.95 51.50
C GLY Q 73 37.27 40.10 50.63
N THR Q 74 37.88 41.09 51.26
CA THR Q 74 38.37 42.28 50.59
C THR Q 74 39.81 42.55 51.01
N ILE Q 75 40.58 43.14 50.11
CA ILE Q 75 41.96 43.50 50.35
C ILE Q 75 42.17 44.96 49.97
N THR Q 76 43.18 45.56 50.58
CA THR Q 76 43.51 46.98 50.35
C THR Q 76 45.03 47.08 50.21
N VAL Q 77 45.48 47.35 48.99
CA VAL Q 77 46.91 47.51 48.71
C VAL Q 77 47.25 48.99 48.75
N TYR Q 78 48.14 49.37 49.66
CA TYR Q 78 48.57 50.76 49.83
C TYR Q 78 49.89 50.96 49.09
N GLU Q 79 50.41 52.18 49.21
CA GLU Q 79 51.69 52.52 48.58
C GLU Q 79 52.89 52.00 49.36
N ASP Q 80 52.70 51.59 50.61
CA ASP Q 80 53.78 51.12 51.46
C ASP Q 80 53.75 49.60 51.65
N SER Q 81 53.03 48.88 50.79
CA SER Q 81 52.93 47.44 50.93
C SER Q 81 54.21 46.75 50.49
N GLN Q 82 54.41 45.53 50.97
CA GLN Q 82 55.56 44.71 50.67
C GLN Q 82 55.09 43.38 50.10
N PRO Q 83 55.92 42.72 49.30
CA PRO Q 83 55.49 41.45 48.68
C PRO Q 83 55.27 40.37 49.72
N GLY Q 84 54.32 39.49 49.43
CA GLY Q 84 54.03 38.39 50.32
C GLY Q 84 52.82 37.61 49.83
N THR Q 85 52.41 36.64 50.63
CA THR Q 85 51.27 35.82 50.30
C THR Q 85 49.98 36.61 50.45
N LEU Q 86 49.00 36.29 49.60
CA LEU Q 86 47.71 36.98 49.67
C LEU Q 86 46.99 36.67 50.98
N ASN Q 87 47.27 35.51 51.57
CA ASN Q 87 46.59 35.12 52.81
C ASN Q 87 46.81 36.14 53.91
N ASP Q 88 47.93 36.86 53.88
CA ASP Q 88 48.16 37.91 54.86
C ASP Q 88 47.13 39.03 54.74
N PHE Q 89 46.82 39.44 53.51
CA PHE Q 89 46.01 40.63 53.32
C PHE Q 89 44.61 40.48 53.89
N LEU Q 90 44.06 39.26 53.91
CA LEU Q 90 42.76 39.08 54.52
C LEU Q 90 42.84 39.17 56.04
N CYS Q 91 43.91 38.67 56.64
CA CYS Q 91 44.02 38.69 58.09
C CYS Q 91 44.64 39.97 58.62
N ALA Q 92 45.01 40.90 57.74
CA ALA Q 92 45.54 42.17 58.18
C ALA Q 92 44.48 42.97 58.93
N MET Q 93 44.93 43.72 59.93
CA MET Q 93 44.01 44.52 60.74
C MET Q 93 43.45 45.67 59.94
N THR Q 94 42.14 45.86 59.98
CA THR Q 94 41.48 46.92 59.22
C THR Q 94 40.96 48.00 60.14
N MET R 1 53.32 24.72 60.74
CA MET R 1 53.50 23.27 60.65
C MET R 1 52.15 22.56 60.63
N ALA R 2 52.16 21.30 60.19
CA ALA R 2 50.95 20.51 60.06
C ALA R 2 50.89 19.50 61.18
N VAL R 3 49.84 19.57 61.99
CA VAL R 3 49.66 18.62 63.09
C VAL R 3 49.00 17.36 62.56
N LYS R 4 49.61 16.22 62.89
CA LYS R 4 49.10 14.92 62.44
C LYS R 4 47.89 14.52 63.27
N ILE R 5 46.81 14.13 62.59
CA ILE R 5 45.62 13.61 63.23
C ILE R 5 45.31 12.26 62.60
N SER R 6 45.42 11.20 63.38
CA SER R 6 45.24 9.85 62.85
C SER R 6 44.48 9.00 63.86
N GLY R 7 43.90 7.92 63.36
CA GLY R 7 43.21 6.98 64.23
C GLY R 7 42.30 6.08 63.43
N VAL R 8 41.35 5.47 64.14
CA VAL R 8 40.31 4.65 63.55
C VAL R 8 38.97 5.24 63.95
N LEU R 9 37.95 4.99 63.14
CA LEU R 9 36.60 5.50 63.39
C LEU R 9 35.63 4.31 63.36
N LYS R 10 35.01 4.05 64.51
CA LYS R 10 34.11 2.93 64.69
C LYS R 10 32.70 3.46 64.96
N ASP R 11 31.70 2.70 64.54
CA ASP R 11 30.32 3.07 64.79
C ASP R 11 29.94 2.70 66.24
N GLY R 12 28.65 2.72 66.53
CA GLY R 12 28.20 2.43 67.88
C GLY R 12 28.27 0.99 68.31
N THR R 13 28.58 0.07 67.37
CA THR R 13 28.64 -1.35 67.68
C THR R 13 30.06 -1.90 67.55
N GLY R 14 31.07 -1.06 67.74
CA GLY R 14 32.45 -1.53 67.70
C GLY R 14 32.86 -2.11 66.36
N LYS R 15 32.47 -1.44 65.27
CA LYS R 15 32.75 -1.88 63.91
C LYS R 15 33.23 -0.71 63.08
N PRO R 16 34.28 -0.89 62.29
CA PRO R 16 34.70 0.18 61.38
C PRO R 16 33.66 0.40 60.30
N VAL R 17 33.52 1.66 59.90
CA VAL R 17 32.54 2.07 58.90
C VAL R 17 33.23 2.21 57.56
N GLN R 18 32.56 1.78 56.50
CA GLN R 18 33.09 1.87 55.15
C GLN R 18 32.33 2.92 54.36
N ASN R 19 32.89 3.29 53.19
CA ASN R 19 32.32 4.31 52.31
C ASN R 19 32.21 5.65 53.02
N CYS R 20 33.10 5.90 53.97
CA CYS R 20 33.07 7.12 54.76
C CYS R 20 33.77 8.26 54.03
N THR R 21 33.61 9.48 54.56
CA THR R 21 34.30 10.65 54.04
C THR R 21 34.25 11.73 55.11
N ILE R 22 35.39 12.37 55.37
CA ILE R 22 35.47 13.45 56.33
C ILE R 22 35.97 14.71 55.63
N GLN R 23 35.33 15.84 55.91
CA GLN R 23 35.67 17.11 55.31
C GLN R 23 35.93 18.14 56.40
N LEU R 24 36.84 19.06 56.12
CA LEU R 24 37.14 20.17 57.02
C LEU R 24 36.73 21.46 56.32
N LYS R 25 35.69 22.10 56.84
CA LYS R 25 35.17 23.34 56.27
C LYS R 25 35.81 24.51 57.01
N ALA R 26 36.67 25.26 56.32
CA ALA R 26 37.33 26.39 56.96
C ALA R 26 36.34 27.50 57.21
N ARG R 27 36.33 28.02 58.44
CA ARG R 27 35.33 29.00 58.84
C ARG R 27 35.91 30.37 59.14
N ARG R 28 37.23 30.52 59.15
CA ARG R 28 37.84 31.82 59.40
C ARG R 28 39.17 31.90 58.65
N ASN R 29 39.54 33.11 58.24
CA ASN R 29 40.81 33.31 57.57
C ASN R 29 41.96 33.09 58.56
N SER R 30 42.91 32.26 58.17
CA SER R 30 44.10 31.97 58.96
C SER R 30 45.33 32.40 58.15
N THR R 31 46.49 32.31 58.80
CA THR R 31 47.72 32.69 58.14
C THR R 31 48.14 31.71 57.06
N THR R 32 47.47 30.56 56.96
CA THR R 32 47.85 29.54 55.99
C THR R 32 46.67 29.00 55.18
N VAL R 33 45.44 29.12 55.66
CA VAL R 33 44.29 28.50 55.02
C VAL R 33 43.27 29.58 54.68
N VAL R 34 42.75 29.54 53.46
CA VAL R 34 41.75 30.50 53.00
C VAL R 34 40.38 30.09 53.52
N VAL R 35 39.57 31.08 53.88
CA VAL R 35 38.23 30.79 54.39
C VAL R 35 37.35 30.19 53.28
N ASN R 36 36.37 29.39 53.70
CA ASN R 36 35.53 28.61 52.79
C ASN R 36 36.37 27.72 51.87
N THR R 37 37.04 26.74 52.46
CA THR R 37 37.76 25.72 51.72
C THR R 37 37.50 24.37 52.36
N VAL R 38 37.49 23.32 51.55
CA VAL R 38 37.16 21.97 52.01
C VAL R 38 38.32 21.04 51.71
N GLY R 39 38.43 19.99 52.51
CA GLY R 39 39.43 18.96 52.30
C GLY R 39 38.89 17.58 52.61
N SER R 40 38.95 16.67 51.65
CA SER R 40 38.35 15.36 51.77
C SER R 40 39.41 14.30 52.08
N GLU R 41 39.01 13.31 52.88
CA GLU R 41 39.89 12.21 53.25
C GLU R 41 39.04 10.98 53.47
N ASN R 42 39.08 10.04 52.53
CA ASN R 42 38.28 8.82 52.64
C ASN R 42 39.09 7.74 53.34
N PRO R 43 38.64 7.22 54.47
CA PRO R 43 39.40 6.19 55.19
C PRO R 43 39.45 4.89 54.40
N ASP R 44 40.27 3.97 54.89
CA ASP R 44 40.44 2.67 54.26
C ASP R 44 39.31 1.73 54.67
N GLU R 45 39.44 0.45 54.32
CA GLU R 45 38.40 -0.51 54.66
C GLU R 45 38.38 -0.85 56.14
N ALA R 46 39.49 -0.63 56.85
CA ALA R 46 39.58 -0.92 58.27
C ALA R 46 39.24 0.27 59.14
N GLY R 47 38.84 1.39 58.55
CA GLY R 47 38.49 2.57 59.31
C GLY R 47 39.64 3.47 59.69
N ARG R 48 40.85 3.21 59.19
CA ARG R 48 41.99 4.03 59.54
C ARG R 48 41.99 5.32 58.73
N TYR R 49 42.14 6.45 59.42
CA TYR R 49 42.24 7.75 58.80
C TYR R 49 43.50 8.45 59.30
N SER R 50 44.10 9.25 58.42
CA SER R 50 45.34 9.96 58.73
C SER R 50 45.41 11.23 57.90
N MET R 51 45.39 12.39 58.57
CA MET R 51 45.50 13.67 57.90
C MET R 51 46.56 14.52 58.60
N ASP R 52 46.85 15.66 57.97
CA ASP R 52 47.95 16.54 58.36
C ASP R 52 47.42 17.96 58.57
N VAL R 53 46.41 18.10 59.41
CA VAL R 53 45.62 19.32 59.40
C VAL R 53 46.44 20.50 59.88
N GLU R 54 46.05 21.71 59.48
CA GLU R 54 46.75 22.91 59.85
C GLU R 54 46.03 23.62 61.00
N TYR R 55 46.67 24.64 61.55
CA TYR R 55 46.11 25.38 62.66
C TYR R 55 45.03 26.34 62.17
N GLY R 56 43.93 26.39 62.91
CA GLY R 56 42.82 27.24 62.55
C GLY R 56 41.53 26.66 63.11
N GLN R 57 40.42 27.26 62.68
CA GLN R 57 39.09 26.84 63.09
C GLN R 57 38.42 26.12 61.92
N TYR R 58 37.95 24.91 62.16
CA TYR R 58 37.37 24.09 61.12
C TYR R 58 36.03 23.54 61.59
N SER R 59 35.18 23.18 60.63
CA SER R 59 33.94 22.48 60.88
C SER R 59 34.06 21.07 60.33
N VAL R 60 33.79 20.07 61.16
CA VAL R 60 33.93 18.68 60.74
C VAL R 60 32.65 18.24 60.03
N ILE R 61 32.82 17.67 58.84
CA ILE R 61 31.72 17.22 58.01
C ILE R 61 31.87 15.72 57.82
N LEU R 62 30.86 14.96 58.23
CA LEU R 62 30.87 13.51 58.11
C LEU R 62 29.87 13.10 57.04
N GLN R 63 30.38 12.67 55.88
CA GLN R 63 29.55 12.24 54.78
C GLN R 63 29.77 10.75 54.58
N VAL R 64 28.72 9.96 54.81
CA VAL R 64 28.83 8.51 54.84
C VAL R 64 27.96 7.93 53.73
N ASP R 65 27.90 8.64 52.60
CA ASP R 65 27.04 8.36 51.45
C ASP R 65 25.67 7.90 51.92
N GLY R 66 24.98 8.79 52.62
CA GLY R 66 23.84 8.44 53.44
C GLY R 66 23.27 9.66 54.14
N PHE R 67 23.11 9.57 55.46
CA PHE R 67 22.68 10.69 56.29
C PHE R 67 23.42 11.97 55.92
N PRO R 68 22.82 13.14 56.07
CA PRO R 68 23.47 14.38 55.65
C PRO R 68 24.71 14.63 56.48
N PRO R 69 25.59 15.50 56.01
CA PRO R 69 26.79 15.84 56.79
C PRO R 69 26.43 16.26 58.22
N SER R 70 27.11 15.65 59.18
CA SER R 70 26.84 15.86 60.59
C SER R 70 27.95 16.73 61.17
N HIS R 71 27.61 17.95 61.55
CA HIS R 71 28.59 18.86 62.14
C HIS R 71 28.94 18.35 63.52
N ALA R 72 30.09 17.66 63.62
CA ALA R 72 30.53 17.20 64.93
C ALA R 72 30.80 18.38 65.86
N GLY R 73 31.41 19.44 65.34
CA GLY R 73 31.69 20.62 66.12
C GLY R 73 32.78 21.45 65.49
N THR R 74 32.93 22.67 66.00
CA THR R 74 33.96 23.59 65.52
C THR R 74 35.26 23.29 66.24
N ILE R 75 36.17 22.62 65.52
CA ILE R 75 37.47 22.26 66.10
C ILE R 75 38.44 23.41 65.92
N THR R 76 39.14 23.78 66.99
CA THR R 76 40.17 24.80 66.97
C THR R 76 41.52 24.15 67.23
N VAL R 77 42.47 24.38 66.34
CA VAL R 77 43.81 23.82 66.47
C VAL R 77 44.71 24.92 67.00
N TYR R 78 44.81 24.99 68.33
CA TYR R 78 45.71 25.93 68.96
C TYR R 78 47.15 25.45 68.76
N GLU R 79 48.07 26.40 68.59
CA GLU R 79 49.47 26.06 68.36
C GLU R 79 50.18 25.73 69.66
N ASP R 80 49.58 24.86 70.47
CA ASP R 80 50.24 24.30 71.64
C ASP R 80 49.93 22.82 71.83
N SER R 81 49.10 22.22 70.98
CA SER R 81 48.61 20.87 71.20
C SER R 81 49.57 19.84 70.61
N GLN R 82 49.30 18.58 70.92
CA GLN R 82 50.07 17.43 70.49
C GLN R 82 49.19 16.53 69.63
N PRO R 83 49.78 15.73 68.74
CA PRO R 83 48.96 14.91 67.85
C PRO R 83 48.14 13.88 68.61
N GLY R 84 46.97 13.59 68.06
CA GLY R 84 46.06 12.63 68.65
C GLY R 84 45.06 12.16 67.62
N THR R 85 43.90 11.72 68.08
CA THR R 85 42.84 11.30 67.17
C THR R 85 41.84 12.43 66.96
N LEU R 86 40.93 12.20 66.00
CA LEU R 86 39.99 13.22 65.58
C LEU R 86 38.97 13.51 66.67
N ASN R 87 38.60 12.50 67.45
CA ASN R 87 37.55 12.65 68.45
C ASN R 87 37.97 13.52 69.64
N ASP R 88 39.26 13.61 69.95
CA ASP R 88 39.67 14.39 71.10
C ASP R 88 39.29 15.86 70.92
N PHE R 89 39.42 16.39 69.70
CA PHE R 89 39.12 17.79 69.47
C PHE R 89 37.66 18.09 69.74
N LEU R 90 36.76 17.21 69.31
CA LEU R 90 35.35 17.33 69.66
C LEU R 90 35.16 17.19 71.16
N CYS R 91 35.82 16.22 71.79
CA CYS R 91 35.64 16.03 73.23
C CYS R 91 36.47 16.99 74.06
N ALA R 92 37.34 17.80 73.46
CA ALA R 92 38.10 18.77 74.24
C ALA R 92 37.20 19.90 74.73
N MET R 93 37.60 20.50 75.85
CA MET R 93 36.84 21.59 76.45
C MET R 93 37.17 22.88 75.71
N THR R 94 36.20 23.40 74.97
CA THR R 94 36.38 24.64 74.22
C THR R 94 36.05 25.85 75.07
N MET S 1 35.71 0.91 76.81
CA MET S 1 35.47 -0.47 76.42
C MET S 1 34.06 -0.67 75.90
N ALA S 2 33.77 -1.89 75.43
CA ALA S 2 32.47 -2.22 74.84
C ALA S 2 31.79 -3.27 75.70
N VAL S 3 30.51 -3.08 75.96
CA VAL S 3 29.69 -3.99 76.74
C VAL S 3 28.97 -4.94 75.80
N LYS S 4 28.84 -6.20 76.21
CA LYS S 4 28.15 -7.21 75.42
C LYS S 4 26.65 -7.13 75.66
N ILE S 5 25.89 -7.08 74.57
CA ILE S 5 24.43 -7.11 74.61
C ILE S 5 23.99 -8.34 73.86
N SER S 6 23.42 -9.31 74.57
CA SER S 6 23.01 -10.56 73.98
C SER S 6 21.66 -10.98 74.54
N GLY S 7 20.91 -11.72 73.73
CA GLY S 7 19.62 -12.22 74.17
C GLY S 7 18.80 -12.72 73.01
N VAL S 8 17.51 -12.93 73.27
CA VAL S 8 16.56 -13.39 72.27
C VAL S 8 15.44 -12.35 72.17
N LEU S 9 15.13 -11.93 70.95
CA LEU S 9 14.11 -10.93 70.70
C LEU S 9 12.82 -11.63 70.32
N LYS S 10 11.82 -11.55 71.18
CA LYS S 10 10.55 -12.24 71.02
C LYS S 10 9.42 -11.21 70.89
N ASP S 11 8.22 -11.70 70.66
CA ASP S 11 7.04 -10.86 70.52
C ASP S 11 6.05 -11.16 71.63
N GLY S 12 4.86 -10.56 71.52
CA GLY S 12 3.88 -10.69 72.59
C GLY S 12 3.37 -12.10 72.77
N THR S 13 3.22 -12.85 71.67
CA THR S 13 2.66 -14.19 71.71
C THR S 13 3.74 -15.27 71.76
N GLY S 14 4.92 -14.95 72.29
CA GLY S 14 5.95 -15.96 72.49
C GLY S 14 6.48 -16.58 71.22
N LYS S 15 6.72 -15.78 70.19
CA LYS S 15 7.30 -16.27 68.94
C LYS S 15 8.46 -15.37 68.51
N PRO S 16 9.46 -15.92 67.84
CA PRO S 16 10.55 -15.08 67.33
C PRO S 16 10.06 -14.16 66.22
N VAL S 17 10.72 -13.02 66.09
CA VAL S 17 10.43 -12.04 65.04
C VAL S 17 11.46 -12.22 63.93
N GLN S 18 10.98 -12.55 62.74
CA GLN S 18 11.86 -12.84 61.62
C GLN S 18 12.04 -11.61 60.74
N ASN S 19 13.11 -11.64 59.93
CA ASN S 19 13.47 -10.55 59.02
C ASN S 19 13.62 -9.22 59.76
N CYS S 20 14.16 -9.26 60.97
CA CYS S 20 14.27 -8.08 61.82
C CYS S 20 15.67 -7.49 61.76
N THR S 21 15.78 -6.25 62.20
CA THR S 21 17.07 -5.57 62.27
C THR S 21 17.04 -4.57 63.41
N ILE S 22 18.13 -4.53 64.18
CA ILE S 22 18.29 -3.57 65.27
C ILE S 22 19.32 -2.53 64.83
N GLN S 23 18.97 -1.26 64.96
CA GLN S 23 19.84 -0.15 64.62
C GLN S 23 20.10 0.69 65.85
N LEU S 24 21.35 1.04 66.09
CA LEU S 24 21.73 1.92 67.18
C LEU S 24 22.29 3.21 66.61
N LYS S 25 21.74 4.34 67.07
CA LYS S 25 22.11 5.66 66.59
C LYS S 25 22.83 6.40 67.71
N ALA S 26 24.01 6.95 67.39
CA ALA S 26 24.81 7.68 68.37
C ALA S 26 24.23 9.08 68.57
N ARG S 27 23.55 9.28 69.70
CA ARG S 27 22.90 10.57 69.93
C ARG S 27 23.91 11.63 70.37
N ARG S 28 24.95 11.24 71.10
CA ARG S 28 25.91 12.17 71.65
C ARG S 28 27.33 11.71 71.33
N ASN S 29 28.18 12.66 70.96
CA ASN S 29 29.55 12.33 70.57
C ASN S 29 30.35 11.87 71.78
N SER S 30 31.17 10.85 71.58
CA SER S 30 32.03 10.34 72.63
C SER S 30 33.46 10.16 72.09
N THR S 31 34.32 9.58 72.91
CA THR S 31 35.73 9.42 72.54
C THR S 31 35.95 8.29 71.56
N THR S 32 34.95 7.46 71.28
CA THR S 32 35.13 6.30 70.43
C THR S 32 34.17 6.23 69.24
N VAL S 33 32.95 6.74 69.37
CA VAL S 33 31.95 6.65 68.32
C VAL S 33 31.54 8.07 67.94
N VAL S 34 31.46 8.32 66.63
CA VAL S 34 31.12 9.64 66.12
C VAL S 34 29.60 9.81 66.15
N VAL S 35 29.15 11.06 66.26
CA VAL S 35 27.73 11.33 66.41
C VAL S 35 27.02 11.23 65.07
N ASN S 36 25.70 10.96 65.12
CA ASN S 36 24.90 10.63 63.94
C ASN S 36 25.54 9.51 63.12
N THR S 37 25.98 8.45 63.80
CA THR S 37 26.45 7.23 63.14
C THR S 37 25.56 6.09 63.58
N VAL S 38 25.17 5.25 62.63
CA VAL S 38 24.22 4.17 62.89
C VAL S 38 24.91 2.83 62.67
N GLY S 39 24.75 1.93 63.64
CA GLY S 39 25.24 0.57 63.52
C GLY S 39 24.08 -0.41 63.53
N SER S 40 23.99 -1.28 62.53
CA SER S 40 22.85 -2.14 62.35
C SER S 40 23.28 -3.61 62.36
N GLU S 41 22.40 -4.47 62.88
CA GLU S 41 22.66 -5.90 62.81
C GLU S 41 21.35 -6.66 62.83
N ASN S 42 21.34 -7.82 62.16
CA ASN S 42 20.13 -8.60 61.97
C ASN S 42 20.22 -9.90 62.75
N PRO S 43 19.21 -10.26 63.53
CA PRO S 43 19.25 -11.54 64.26
C PRO S 43 19.15 -12.72 63.31
N ASP S 44 19.34 -13.91 63.88
CA ASP S 44 19.25 -15.15 63.13
C ASP S 44 17.78 -15.53 62.93
N GLU S 45 17.54 -16.73 62.41
CA GLU S 45 16.18 -17.21 62.23
C GLU S 45 15.50 -17.57 63.56
N ALA S 46 16.26 -17.69 64.63
CA ALA S 46 15.71 -17.96 65.95
C ALA S 46 15.54 -16.70 66.79
N GLY S 47 15.82 -15.53 66.23
CA GLY S 47 15.67 -14.29 66.97
C GLY S 47 16.72 -14.03 68.02
N ARG S 48 17.92 -14.56 67.85
CA ARG S 48 18.99 -14.39 68.81
C ARG S 48 19.93 -13.28 68.33
N TYR S 49 20.27 -12.36 69.23
CA TYR S 49 21.18 -11.27 68.92
C TYR S 49 22.34 -11.29 69.91
N SER S 50 23.51 -10.87 69.42
CA SER S 50 24.71 -10.76 70.24
C SER S 50 25.62 -9.72 69.61
N MET S 51 25.87 -8.63 70.32
CA MET S 51 26.65 -7.51 69.81
C MET S 51 27.54 -6.99 70.93
N ASP S 52 28.52 -6.17 70.55
CA ASP S 52 29.41 -5.50 71.48
C ASP S 52 29.32 -4.00 71.22
N VAL S 53 28.58 -3.29 72.07
CA VAL S 53 28.27 -1.88 71.85
C VAL S 53 29.17 -1.02 72.73
N GLU S 54 29.56 0.14 72.22
CA GLU S 54 30.41 1.06 72.96
C GLU S 54 29.58 1.84 73.98
N TYR S 55 30.27 2.44 74.94
CA TYR S 55 29.60 3.26 75.94
C TYR S 55 29.01 4.52 75.31
N GLY S 56 27.98 5.05 75.94
CA GLY S 56 27.40 6.30 75.53
C GLY S 56 25.89 6.22 75.49
N GLN S 57 25.23 7.25 74.97
CA GLN S 57 23.79 7.26 74.82
C GLN S 57 23.41 7.13 73.37
N TYR S 58 22.46 6.22 73.13
CA TYR S 58 22.05 5.79 71.81
C TYR S 58 20.53 5.70 71.73
N SER S 59 20.06 5.80 70.50
CA SER S 59 18.66 5.60 70.16
C SER S 59 18.52 4.27 69.43
N VAL S 60 17.56 3.46 69.86
CA VAL S 60 17.37 2.12 69.33
C VAL S 60 16.18 2.10 68.37
N ILE S 61 16.39 1.55 67.18
CA ILE S 61 15.38 1.50 66.12
C ILE S 61 15.19 0.05 65.71
N LEU S 62 13.93 -0.38 65.63
CA LEU S 62 13.59 -1.72 65.17
C LEU S 62 13.07 -1.65 63.75
N GLN S 63 13.67 -2.43 62.86
CA GLN S 63 13.36 -2.37 61.44
C GLN S 63 12.83 -3.74 61.03
N VAL S 64 11.60 -3.76 60.51
CA VAL S 64 10.97 -4.99 60.04
C VAL S 64 10.50 -4.74 58.61
N ASP S 65 10.69 -5.74 57.75
CA ASP S 65 10.35 -5.56 56.34
C ASP S 65 8.84 -5.38 56.16
N GLY S 66 8.46 -4.18 55.73
CA GLY S 66 7.07 -3.85 55.52
C GLY S 66 6.60 -2.83 56.53
N PHE S 67 7.00 -3.01 57.79
CA PHE S 67 6.52 -2.14 58.86
C PHE S 67 7.29 -0.82 58.88
N PRO S 68 6.70 0.23 59.45
CA PRO S 68 7.45 1.47 59.65
C PRO S 68 8.54 1.26 60.68
N PRO S 69 9.66 1.99 60.55
CA PRO S 69 10.74 1.88 61.54
C PRO S 69 10.28 2.35 62.91
N SER S 70 10.19 1.43 63.85
CA SER S 70 9.73 1.74 65.20
C SER S 70 10.88 2.27 66.06
N HIS S 71 10.55 3.25 66.90
CA HIS S 71 11.52 3.86 67.81
C HIS S 71 11.34 3.20 69.18
N ALA S 72 12.16 2.18 69.44
CA ALA S 72 12.02 1.41 70.68
C ALA S 72 12.29 2.28 71.89
N GLY S 73 13.30 3.14 71.83
CA GLY S 73 13.57 4.03 72.95
C GLY S 73 15.02 4.50 72.90
N THR S 74 15.48 4.97 74.07
CA THR S 74 16.84 5.49 74.24
C THR S 74 17.51 4.76 75.39
N ILE S 75 18.72 4.25 75.12
CA ILE S 75 19.54 3.61 76.14
C ILE S 75 20.71 4.53 76.46
N THR S 76 21.24 4.39 77.67
CA THR S 76 22.45 5.09 78.09
C THR S 76 23.37 4.12 78.81
N VAL S 77 24.30 3.52 78.06
CA VAL S 77 25.22 2.54 78.61
C VAL S 77 26.48 3.23 79.12
N TYR S 78 26.81 2.97 80.39
CA TYR S 78 27.88 3.67 81.08
C TYR S 78 29.15 2.83 81.11
N GLU S 79 30.16 3.33 81.82
CA GLU S 79 31.42 2.60 81.94
C GLU S 79 31.28 1.38 82.84
N ASP S 80 30.45 1.48 83.88
CA ASP S 80 30.28 0.40 84.85
C ASP S 80 29.20 -0.59 84.48
N SER S 81 28.53 -0.41 83.34
CA SER S 81 27.40 -1.26 82.98
C SER S 81 27.85 -2.69 82.74
N GLN S 82 27.03 -3.66 83.24
CA GLN S 82 27.20 -5.10 83.17
C GLN S 82 26.53 -5.66 81.91
N PRO S 83 27.03 -6.78 81.39
CA PRO S 83 26.40 -7.38 80.20
C PRO S 83 24.97 -7.83 80.51
N GLY S 84 24.12 -7.74 79.49
CA GLY S 84 22.74 -8.16 79.63
C GLY S 84 21.98 -7.93 78.36
N THR S 85 20.70 -8.32 78.40
CA THR S 85 19.81 -8.12 77.26
C THR S 85 19.42 -6.66 77.12
N LEU S 86 19.23 -6.21 75.88
CA LEU S 86 18.97 -4.79 75.64
C LEU S 86 17.64 -4.34 76.24
N ASN S 87 16.68 -5.27 76.37
CA ASN S 87 15.42 -4.91 77.01
C ASN S 87 15.64 -4.47 78.45
N ASP S 88 16.62 -5.06 79.14
CA ASP S 88 16.95 -4.61 80.49
C ASP S 88 17.39 -3.16 80.49
N PHE S 89 18.23 -2.77 79.52
CA PHE S 89 18.65 -1.37 79.41
C PHE S 89 17.46 -0.48 79.04
N LEU S 90 16.51 -1.00 78.27
CA LEU S 90 15.35 -0.21 77.89
C LEU S 90 14.50 0.13 79.12
N CYS S 91 14.28 -0.84 80.00
CA CYS S 91 13.42 -0.61 81.16
C CYS S 91 14.18 -0.04 82.36
N ALA S 92 15.48 0.20 82.22
CA ALA S 92 16.27 0.73 83.33
C ALA S 92 15.76 2.12 83.72
N MET S 93 15.85 2.40 85.01
CA MET S 93 15.40 3.69 85.53
C MET S 93 16.25 4.81 84.95
N THR S 94 15.58 5.87 84.51
CA THR S 94 16.26 6.98 83.87
C THR S 94 16.07 8.27 84.66
N MET T 1 7.71 -16.35 82.17
CA MET T 1 6.67 -17.34 81.91
C MET T 1 5.47 -16.72 81.19
N ALA T 2 4.80 -17.53 80.38
CA ALA T 2 3.72 -17.06 79.52
C ALA T 2 2.43 -17.78 79.88
N VAL T 3 1.41 -16.99 80.22
CA VAL T 3 0.10 -17.55 80.53
C VAL T 3 -0.51 -18.14 79.27
N LYS T 4 -1.14 -19.30 79.41
CA LYS T 4 -1.81 -19.94 78.29
C LYS T 4 -3.21 -19.36 78.14
N ILE T 5 -3.47 -18.71 77.01
CA ILE T 5 -4.77 -18.13 76.71
C ILE T 5 -5.42 -19.03 75.66
N SER T 6 -6.51 -19.70 76.03
CA SER T 6 -7.19 -20.62 75.14
C SER T 6 -8.68 -20.40 75.23
N GLY T 7 -9.36 -20.57 74.10
CA GLY T 7 -10.80 -20.40 74.09
C GLY T 7 -11.38 -20.60 72.71
N VAL T 8 -12.68 -20.32 72.61
CA VAL T 8 -13.42 -20.41 71.35
C VAL T 8 -14.06 -19.05 71.10
N LEU T 9 -13.91 -18.55 69.87
CA LEU T 9 -14.41 -17.23 69.49
C LEU T 9 -15.71 -17.41 68.71
N LYS T 10 -16.78 -16.78 69.20
CA LYS T 10 -18.09 -16.85 68.58
C LYS T 10 -18.62 -15.45 68.36
N ASP T 11 -19.54 -15.33 67.40
CA ASP T 11 -20.20 -14.05 67.14
C ASP T 11 -21.43 -13.94 68.03
N GLY T 12 -22.26 -12.91 67.78
CA GLY T 12 -23.41 -12.69 68.63
C GLY T 12 -24.55 -13.66 68.42
N THR T 13 -24.50 -14.46 67.36
CA THR T 13 -25.54 -15.42 67.04
C THR T 13 -25.14 -16.85 67.37
N GLY T 14 -24.12 -17.05 68.20
CA GLY T 14 -23.75 -18.37 68.66
C GLY T 14 -23.23 -19.30 67.60
N LYS T 15 -22.48 -18.79 66.64
CA LYS T 15 -21.77 -19.61 65.67
C LYS T 15 -20.31 -19.16 65.58
N PRO T 16 -19.40 -20.07 65.22
CA PRO T 16 -18.00 -19.67 65.07
C PRO T 16 -17.81 -18.69 63.94
N VAL T 17 -16.82 -17.81 64.10
CA VAL T 17 -16.48 -16.81 63.10
C VAL T 17 -15.10 -17.16 62.54
N GLN T 18 -15.00 -17.25 61.22
CA GLN T 18 -13.81 -17.71 60.54
C GLN T 18 -13.03 -16.52 59.97
N ASN T 19 -11.84 -16.83 59.46
CA ASN T 19 -10.94 -15.86 58.83
C ASN T 19 -10.48 -14.77 59.79
N CYS T 20 -10.50 -15.04 61.09
CA CYS T 20 -10.13 -14.04 62.07
C CYS T 20 -8.62 -13.83 62.12
N THR T 21 -8.21 -12.85 62.93
CA THR T 21 -6.80 -12.58 63.17
C THR T 21 -6.71 -11.77 64.45
N ILE T 22 -6.13 -12.36 65.49
CA ILE T 22 -5.97 -11.69 66.78
C ILE T 22 -4.55 -11.18 66.88
N GLN T 23 -4.39 -9.89 67.16
CA GLN T 23 -3.09 -9.26 67.33
C GLN T 23 -2.99 -8.64 68.72
N LEU T 24 -1.79 -8.69 69.28
CA LEU T 24 -1.51 -8.10 70.59
C LEU T 24 -0.45 -7.03 70.42
N LYS T 25 -0.87 -5.77 70.45
CA LYS T 25 0.01 -4.63 70.25
C LYS T 25 0.59 -4.21 71.60
N ALA T 26 1.91 -4.29 71.73
CA ALA T 26 2.55 -3.92 72.99
C ALA T 26 2.54 -2.41 73.19
N ARG T 27 2.27 -2.00 74.44
CA ARG T 27 2.26 -0.58 74.78
C ARG T 27 3.41 -0.15 75.68
N ARG T 28 3.92 -1.04 76.52
CA ARG T 28 5.02 -0.71 77.41
C ARG T 28 6.05 -1.83 77.37
N ASN T 29 7.32 -1.45 77.35
CA ASN T 29 8.41 -2.41 77.36
C ASN T 29 8.38 -3.23 78.65
N SER T 30 8.56 -4.53 78.51
CA SER T 30 8.60 -5.45 79.64
C SER T 30 9.97 -6.12 79.67
N THR T 31 10.10 -7.12 80.55
CA THR T 31 11.37 -7.82 80.68
C THR T 31 11.74 -8.57 79.41
N THR T 32 10.74 -8.94 78.59
CA THR T 32 11.01 -9.71 77.39
C THR T 32 10.18 -9.28 76.18
N VAL T 33 9.55 -8.10 76.22
CA VAL T 33 8.75 -7.62 75.10
C VAL T 33 9.12 -6.17 74.82
N VAL T 34 9.37 -5.85 73.56
CA VAL T 34 9.72 -4.49 73.13
C VAL T 34 8.43 -3.78 72.71
N VAL T 35 8.42 -2.45 72.84
CA VAL T 35 7.26 -1.70 72.41
C VAL T 35 7.07 -1.81 70.89
N ASN T 36 5.83 -1.58 70.46
CA ASN T 36 5.47 -1.55 69.04
C ASN T 36 5.77 -2.88 68.35
N THR T 37 5.47 -3.98 69.06
CA THR T 37 5.65 -5.31 68.52
C THR T 37 4.31 -6.05 68.51
N VAL T 38 4.03 -6.72 67.39
CA VAL T 38 2.74 -7.38 67.19
C VAL T 38 2.96 -8.87 67.01
N GLY T 39 1.95 -9.64 67.39
CA GLY T 39 1.97 -11.08 67.19
C GLY T 39 0.63 -11.60 66.72
N SER T 40 0.60 -12.24 65.55
CA SER T 40 -0.64 -12.70 64.94
C SER T 40 -0.99 -14.11 65.40
N GLU T 41 -2.26 -14.47 65.22
CA GLU T 41 -2.74 -15.81 65.56
C GLU T 41 -4.03 -16.04 64.79
N ASN T 42 -4.00 -16.97 63.83
CA ASN T 42 -5.18 -17.32 63.07
C ASN T 42 -5.84 -18.54 63.67
N PRO T 43 -7.10 -18.45 64.08
CA PRO T 43 -7.77 -19.60 64.71
C PRO T 43 -8.21 -20.62 63.65
N ASP T 44 -8.77 -21.73 64.14
CA ASP T 44 -9.21 -22.81 63.28
C ASP T 44 -10.59 -22.46 62.70
N GLU T 45 -11.22 -23.45 62.07
CA GLU T 45 -12.57 -23.24 61.54
C GLU T 45 -13.61 -23.18 62.65
N ALA T 46 -13.35 -23.77 63.80
CA ALA T 46 -14.27 -23.77 64.92
C ALA T 46 -14.06 -22.60 65.88
N GLY T 47 -13.14 -21.70 65.56
CA GLY T 47 -12.88 -20.55 66.41
C GLY T 47 -11.97 -20.83 67.59
N ARG T 48 -11.32 -21.99 67.62
CA ARG T 48 -10.42 -22.30 68.73
C ARG T 48 -9.12 -21.53 68.58
N TYR T 49 -8.72 -20.84 69.64
CA TYR T 49 -7.47 -20.11 69.69
C TYR T 49 -6.72 -20.49 70.95
N SER T 50 -5.38 -20.54 70.85
CA SER T 50 -4.52 -20.88 71.98
C SER T 50 -3.16 -20.25 71.76
N MET T 51 -2.78 -19.34 72.64
CA MET T 51 -1.51 -18.63 72.57
C MET T 51 -0.84 -18.64 73.93
N ASP T 52 0.45 -18.28 73.94
CA ASP T 52 1.22 -18.09 75.16
C ASP T 52 1.58 -16.61 75.25
N VAL T 53 1.08 -15.94 76.28
CA VAL T 53 1.17 -14.48 76.41
C VAL T 53 2.13 -14.15 77.54
N GLU T 54 3.15 -13.37 77.23
CA GLU T 54 4.06 -12.88 78.26
C GLU T 54 3.42 -11.75 79.05
N TYR T 55 3.81 -11.64 80.32
CA TYR T 55 3.21 -10.64 81.20
C TYR T 55 3.58 -9.23 80.76
N GLY T 56 2.64 -8.31 80.95
CA GLY T 56 2.78 -6.94 80.52
C GLY T 56 1.44 -6.39 80.06
N GLN T 57 1.48 -5.23 79.41
CA GLN T 57 0.28 -4.59 78.89
C GLN T 57 0.23 -4.72 77.38
N TYR T 58 -0.93 -5.15 76.87
CA TYR T 58 -1.14 -5.27 75.44
C TYR T 58 -2.48 -4.67 75.08
N SER T 59 -2.67 -4.38 73.80
CA SER T 59 -3.94 -3.95 73.25
C SER T 59 -4.39 -4.99 72.23
N VAL T 60 -5.63 -5.44 72.35
CA VAL T 60 -6.13 -6.52 71.50
C VAL T 60 -6.68 -5.92 70.22
N ILE T 61 -6.38 -6.57 69.09
CA ILE T 61 -6.84 -6.13 67.77
C ILE T 61 -7.48 -7.33 67.09
N LEU T 62 -8.70 -7.15 66.60
CA LEU T 62 -9.46 -8.23 65.97
C LEU T 62 -9.66 -7.87 64.49
N GLN T 63 -8.73 -8.32 63.65
CA GLN T 63 -8.81 -8.09 62.21
C GLN T 63 -9.52 -9.28 61.58
N VAL T 64 -10.68 -9.04 61.00
CA VAL T 64 -11.56 -10.12 60.54
C VAL T 64 -11.61 -9.98 59.01
N ASP T 65 -10.51 -9.49 58.45
CA ASP T 65 -10.40 -9.14 57.03
C ASP T 65 -11.67 -8.45 56.55
N GLY T 66 -11.91 -7.28 57.13
CA GLY T 66 -13.19 -6.62 57.12
C GLY T 66 -13.07 -5.27 57.79
N PHE T 67 -13.96 -4.99 58.75
CA PHE T 67 -13.89 -3.79 59.58
C PHE T 67 -12.47 -3.51 60.03
N PRO T 68 -12.10 -2.24 60.22
CA PRO T 68 -10.77 -1.91 60.73
C PRO T 68 -10.50 -2.61 62.05
N PRO T 69 -9.27 -2.57 62.52
CA PRO T 69 -8.97 -3.12 63.85
C PRO T 69 -9.90 -2.53 64.92
N SER T 70 -10.33 -3.38 65.83
CA SER T 70 -11.34 -3.04 66.83
C SER T 70 -10.69 -2.95 68.19
N HIS T 71 -10.88 -1.83 68.88
CA HIS T 71 -10.44 -1.71 70.27
C HIS T 71 -11.37 -2.53 71.14
N ALA T 72 -11.21 -3.85 71.07
CA ALA T 72 -11.89 -4.71 72.02
C ALA T 72 -11.35 -4.51 73.43
N GLY T 73 -10.18 -3.87 73.56
CA GLY T 73 -9.69 -3.46 74.86
C GLY T 73 -8.19 -3.56 75.04
N THR T 74 -7.73 -3.22 76.22
CA THR T 74 -6.37 -3.47 76.65
C THR T 74 -6.38 -4.55 77.73
N ILE T 75 -5.35 -5.38 77.73
CA ILE T 75 -5.25 -6.52 78.64
C ILE T 75 -3.92 -6.43 79.38
N THR T 76 -3.98 -6.56 80.70
CA THR T 76 -2.81 -6.52 81.55
C THR T 76 -2.59 -7.88 82.16
N VAL T 77 -1.35 -8.36 82.11
CA VAL T 77 -0.97 -9.65 82.65
C VAL T 77 0.08 -9.40 83.72
N TYR T 78 -0.33 -9.55 84.99
CA TYR T 78 0.58 -9.48 86.12
C TYR T 78 1.10 -10.89 86.43
N GLU T 79 1.92 -11.01 87.47
CA GLU T 79 2.43 -12.31 87.88
C GLU T 79 1.56 -12.94 88.96
N ASP T 80 0.25 -12.96 88.74
CA ASP T 80 -0.66 -13.76 89.57
C ASP T 80 -1.78 -14.41 88.79
N SER T 81 -1.96 -14.08 87.50
CA SER T 81 -3.10 -14.56 86.74
C SER T 81 -2.97 -16.06 86.43
N GLN T 82 -4.10 -16.66 86.10
CA GLN T 82 -4.21 -18.07 85.75
C GLN T 82 -4.65 -18.23 84.31
N PRO T 83 -4.32 -19.35 83.68
CA PRO T 83 -4.74 -19.57 82.29
C PRO T 83 -6.25 -19.53 82.15
N GLY T 84 -6.72 -18.96 81.05
CA GLY T 84 -8.14 -18.83 80.83
C GLY T 84 -8.43 -18.30 79.44
N THR T 85 -9.70 -17.99 79.22
CA THR T 85 -10.14 -17.47 77.93
C THR T 85 -9.75 -16.00 77.78
N LEU T 86 -9.71 -15.54 76.52
CA LEU T 86 -9.35 -14.16 76.25
C LEU T 86 -10.37 -13.19 76.84
N ASN T 87 -11.66 -13.50 76.70
CA ASN T 87 -12.71 -12.58 77.13
C ASN T 87 -12.63 -12.25 78.62
N ASP T 88 -12.06 -13.14 79.43
CA ASP T 88 -11.97 -12.88 80.86
C ASP T 88 -11.12 -11.64 81.14
N PHE T 89 -9.98 -11.51 80.48
CA PHE T 89 -9.12 -10.34 80.69
C PHE T 89 -9.79 -9.07 80.23
N LEU T 90 -10.44 -9.10 79.07
CA LEU T 90 -11.11 -7.90 78.57
C LEU T 90 -12.26 -7.49 79.49
N CYS T 91 -12.97 -8.47 80.05
CA CYS T 91 -14.03 -8.19 81.02
C CYS T 91 -13.52 -7.98 82.43
N ALA T 92 -12.23 -8.26 82.69
CA ALA T 92 -11.71 -8.16 84.04
C ALA T 92 -11.66 -6.71 84.52
N MET T 93 -11.74 -6.54 85.84
CA MET T 93 -11.63 -5.22 86.45
C MET T 93 -10.19 -4.73 86.31
N THR T 94 -10.03 -3.49 85.88
CA THR T 94 -8.70 -2.92 85.68
C THR T 94 -8.37 -1.90 86.76
N MET U 1 -25.03 -19.40 77.47
CA MET U 1 -26.19 -19.93 76.74
C MET U 1 -26.77 -18.89 75.81
N ALA U 2 -27.56 -19.33 74.84
CA ALA U 2 -28.17 -18.45 73.84
C ALA U 2 -29.69 -18.58 73.91
N VAL U 3 -30.37 -17.45 74.02
CA VAL U 3 -31.82 -17.40 73.95
C VAL U 3 -32.25 -17.61 72.51
N LYS U 4 -33.33 -18.37 72.32
CA LYS U 4 -33.85 -18.65 70.98
C LYS U 4 -34.86 -17.58 70.58
N ILE U 5 -34.65 -16.98 69.41
CA ILE U 5 -35.55 -15.99 68.84
C ILE U 5 -36.06 -16.53 67.52
N SER U 6 -37.36 -16.79 67.44
CA SER U 6 -37.96 -17.36 66.24
C SER U 6 -39.23 -16.58 65.91
N GLY U 7 -39.51 -16.44 64.62
CA GLY U 7 -40.71 -15.75 64.21
C GLY U 7 -40.76 -15.55 62.72
N VAL U 8 -41.69 -14.70 62.30
CA VAL U 8 -41.86 -14.30 60.90
C VAL U 8 -41.92 -12.79 60.85
N LEU U 9 -41.15 -12.18 59.95
CA LEU U 9 -41.17 -10.74 59.78
C LEU U 9 -41.98 -10.39 58.53
N LYS U 10 -42.95 -9.51 58.70
CA LYS U 10 -43.86 -9.10 57.64
C LYS U 10 -43.63 -7.63 57.31
N ASP U 11 -44.47 -7.10 56.41
CA ASP U 11 -44.40 -5.70 56.04
C ASP U 11 -45.74 -5.03 56.29
N GLY U 12 -45.91 -3.80 55.79
CA GLY U 12 -47.15 -3.08 56.06
C GLY U 12 -48.37 -3.78 55.49
N THR U 13 -48.25 -4.37 54.31
CA THR U 13 -49.36 -5.00 53.63
C THR U 13 -49.49 -6.49 53.95
N GLY U 14 -48.92 -6.93 55.06
CA GLY U 14 -49.06 -8.32 55.46
C GLY U 14 -48.42 -9.32 54.53
N LYS U 15 -47.23 -9.01 54.04
CA LYS U 15 -46.52 -9.89 53.13
C LYS U 15 -45.10 -10.17 53.65
N PRO U 16 -44.57 -11.37 53.38
CA PRO U 16 -43.18 -11.64 53.75
C PRO U 16 -42.23 -10.83 52.89
N VAL U 17 -41.04 -10.58 53.45
CA VAL U 17 -39.97 -9.88 52.73
C VAL U 17 -38.96 -10.92 52.25
N GLN U 18 -38.57 -10.80 50.99
CA GLN U 18 -37.65 -11.76 50.38
C GLN U 18 -36.31 -11.10 50.10
N ASN U 19 -35.30 -11.95 49.87
CA ASN U 19 -33.92 -11.51 49.62
C ASN U 19 -33.43 -10.59 50.74
N CYS U 20 -33.90 -10.84 51.95
CA CYS U 20 -33.58 -10.02 53.11
C CYS U 20 -32.45 -10.66 53.92
N THR U 21 -32.00 -9.92 54.93
CA THR U 21 -30.94 -10.40 55.81
C THR U 21 -31.06 -9.67 57.14
N ILE U 22 -30.90 -10.42 58.23
CA ILE U 22 -30.91 -9.86 59.57
C ILE U 22 -29.48 -9.90 60.10
N GLN U 23 -29.01 -8.78 60.63
CA GLN U 23 -27.66 -8.66 61.17
C GLN U 23 -27.72 -8.15 62.60
N LEU U 24 -26.94 -8.76 63.48
CA LEU U 24 -26.80 -8.31 64.86
C LEU U 24 -25.35 -7.95 65.12
N LYS U 25 -25.12 -6.72 65.58
CA LYS U 25 -23.80 -6.19 65.86
C LYS U 25 -23.65 -5.96 67.35
N ALA U 26 -22.62 -6.53 67.95
CA ALA U 26 -22.39 -6.36 69.39
C ALA U 26 -21.63 -5.06 69.63
N ARG U 27 -22.25 -4.13 70.35
CA ARG U 27 -21.61 -2.86 70.66
C ARG U 27 -21.00 -2.82 72.05
N ARG U 28 -21.05 -3.90 72.80
CA ARG U 28 -20.38 -3.96 74.10
C ARG U 28 -19.84 -5.36 74.31
N ASN U 29 -18.70 -5.44 74.98
CA ASN U 29 -18.03 -6.72 75.19
C ASN U 29 -18.69 -7.50 76.31
N SER U 30 -18.79 -8.82 76.11
CA SER U 30 -19.40 -9.70 77.08
C SER U 30 -18.43 -10.85 77.37
N THR U 31 -18.85 -11.75 78.25
CA THR U 31 -18.02 -12.90 78.60
C THR U 31 -17.90 -13.91 77.48
N THR U 32 -18.70 -13.78 76.42
CA THR U 32 -18.69 -14.76 75.33
C THR U 32 -18.62 -14.14 73.93
N VAL U 33 -18.93 -12.86 73.78
CA VAL U 33 -18.98 -12.22 72.46
C VAL U 33 -18.09 -10.99 72.49
N VAL U 34 -17.20 -10.88 71.50
CA VAL U 34 -16.28 -9.77 71.38
C VAL U 34 -16.96 -8.61 70.68
N VAL U 35 -16.64 -7.39 71.13
CA VAL U 35 -17.30 -6.19 70.60
C VAL U 35 -17.00 -6.03 69.12
N ASN U 36 -17.88 -5.30 68.43
CA ASN U 36 -17.74 -4.99 67.01
C ASN U 36 -17.63 -6.26 66.16
N THR U 37 -18.47 -7.24 66.47
CA THR U 37 -18.57 -8.46 65.68
C THR U 37 -20.03 -8.62 65.23
N VAL U 38 -20.21 -8.96 63.96
CA VAL U 38 -21.53 -8.97 63.34
C VAL U 38 -21.90 -10.41 62.99
N GLY U 39 -23.16 -10.77 63.26
CA GLY U 39 -23.70 -12.04 62.81
C GLY U 39 -24.89 -11.84 61.90
N SER U 40 -24.82 -12.41 60.69
CA SER U 40 -25.80 -12.15 59.64
C SER U 40 -26.44 -13.45 59.19
N GLU U 41 -27.71 -13.39 58.82
CA GLU U 41 -28.42 -14.58 58.37
C GLU U 41 -29.56 -14.15 57.47
N ASN U 42 -29.73 -14.85 56.34
CA ASN U 42 -30.76 -14.49 55.37
C ASN U 42 -31.99 -15.35 55.59
N PRO U 43 -33.15 -14.76 55.89
CA PRO U 43 -34.34 -15.57 56.17
C PRO U 43 -34.84 -16.31 54.93
N ASP U 44 -35.61 -17.37 55.18
CA ASP U 44 -36.09 -18.23 54.12
C ASP U 44 -37.12 -17.48 53.26
N GLU U 45 -37.62 -18.17 52.24
CA GLU U 45 -38.59 -17.59 51.32
C GLU U 45 -39.91 -17.27 52.00
N ALA U 46 -40.22 -17.92 53.13
CA ALA U 46 -41.46 -17.68 53.85
C ALA U 46 -41.31 -16.65 54.95
N GLY U 47 -40.13 -16.06 55.11
CA GLY U 47 -39.92 -15.05 56.13
C GLY U 47 -39.75 -15.59 57.53
N ARG U 48 -39.53 -16.89 57.69
CA ARG U 48 -39.35 -17.49 59.01
C ARG U 48 -37.88 -17.44 59.40
N TYR U 49 -37.60 -16.82 60.54
CA TYR U 49 -36.26 -16.73 61.09
C TYR U 49 -36.20 -17.50 62.40
N SER U 50 -35.08 -18.19 62.61
CA SER U 50 -34.85 -18.98 63.82
C SER U 50 -33.38 -18.83 64.21
N MET U 51 -33.12 -18.12 65.30
CA MET U 51 -31.78 -17.80 65.74
C MET U 51 -31.59 -18.18 67.19
N ASP U 52 -30.33 -18.36 67.57
CA ASP U 52 -29.90 -18.38 68.96
C ASP U 52 -28.93 -17.23 69.17
N VAL U 53 -29.17 -16.42 70.19
CA VAL U 53 -28.42 -15.19 70.40
C VAL U 53 -27.90 -15.17 71.83
N GLU U 54 -26.64 -14.79 71.99
CA GLU U 54 -26.04 -14.70 73.32
C GLU U 54 -26.49 -13.43 74.03
N TYR U 55 -26.32 -13.42 75.34
CA TYR U 55 -26.71 -12.28 76.16
C TYR U 55 -25.82 -11.08 75.85
N GLY U 56 -26.37 -9.88 76.02
CA GLY U 56 -25.63 -8.66 75.82
C GLY U 56 -26.47 -7.63 75.10
N GLN U 57 -25.82 -6.54 74.72
CA GLN U 57 -26.47 -5.40 74.06
C GLN U 57 -26.12 -5.43 72.59
N TYR U 58 -27.14 -5.49 71.73
CA TYR U 58 -26.94 -5.64 70.30
C TYR U 58 -27.67 -4.55 69.53
N SER U 59 -27.10 -4.19 68.38
CA SER U 59 -27.75 -3.35 67.40
C SER U 59 -28.25 -4.24 66.28
N VAL U 60 -29.55 -4.13 66.00
CA VAL U 60 -30.22 -4.95 64.99
C VAL U 60 -30.33 -4.13 63.72
N ILE U 61 -29.90 -4.74 62.60
CA ILE U 61 -29.81 -4.09 61.30
C ILE U 61 -30.53 -4.96 60.28
N LEU U 62 -31.36 -4.35 59.46
CA LEU U 62 -32.07 -5.02 58.39
C LEU U 62 -31.42 -4.69 57.05
N GLN U 63 -31.16 -5.71 56.25
CA GLN U 63 -30.52 -5.54 54.94
C GLN U 63 -31.43 -6.10 53.86
N VAL U 64 -31.62 -5.34 52.79
CA VAL U 64 -32.44 -5.75 51.66
C VAL U 64 -31.66 -5.49 50.38
N ASP U 65 -31.71 -6.44 49.45
CA ASP U 65 -31.00 -6.30 48.18
C ASP U 65 -31.65 -5.19 47.37
N GLY U 66 -30.99 -4.04 47.32
CA GLY U 66 -31.53 -2.88 46.63
C GLY U 66 -31.70 -1.70 47.56
N PHE U 67 -32.12 -1.96 48.79
CA PHE U 67 -32.27 -0.87 49.76
C PHE U 67 -30.96 -0.65 50.51
N PRO U 68 -30.73 0.56 51.00
CA PRO U 68 -29.60 0.79 51.91
C PRO U 68 -29.84 0.07 53.23
N PRO U 69 -28.79 -0.32 53.93
CA PRO U 69 -28.97 -0.98 55.23
C PRO U 69 -29.68 -0.11 56.24
N SER U 70 -30.88 -0.52 56.67
CA SER U 70 -31.64 0.24 57.64
C SER U 70 -31.25 -0.15 59.06
N HIS U 71 -31.40 0.79 59.98
CA HIS U 71 -31.05 0.61 61.39
C HIS U 71 -32.33 0.26 62.14
N ALA U 72 -32.58 -1.05 62.30
CA ALA U 72 -33.76 -1.48 63.03
C ALA U 72 -33.74 -0.98 64.48
N GLY U 73 -32.59 -1.05 65.12
CA GLY U 73 -32.49 -0.37 66.40
C GLY U 73 -31.74 -1.21 67.43
N THR U 74 -32.33 -1.26 68.62
CA THR U 74 -31.69 -1.80 69.83
C THR U 74 -32.38 -3.07 70.30
N ILE U 75 -31.57 -4.05 70.70
CA ILE U 75 -32.05 -5.16 71.52
C ILE U 75 -31.06 -5.37 72.65
N THR U 76 -31.56 -5.95 73.74
CA THR U 76 -30.73 -6.24 74.91
C THR U 76 -31.23 -7.54 75.50
N VAL U 77 -30.39 -8.57 75.48
CA VAL U 77 -30.74 -9.89 75.97
C VAL U 77 -30.12 -10.07 77.35
N TYR U 78 -30.97 -10.24 78.36
CA TYR U 78 -30.53 -10.46 79.72
C TYR U 78 -30.36 -11.96 79.96
N GLU U 79 -30.13 -12.33 81.21
CA GLU U 79 -30.13 -13.73 81.63
C GLU U 79 -31.54 -14.24 81.96
N ASP U 80 -32.52 -13.34 82.00
CA ASP U 80 -33.88 -13.69 82.38
C ASP U 80 -34.84 -13.62 81.18
N SER U 81 -34.31 -13.77 79.96
CA SER U 81 -35.13 -13.62 78.78
C SER U 81 -35.88 -14.90 78.45
N GLN U 82 -37.03 -14.75 77.80
CA GLN U 82 -37.87 -15.84 77.36
C GLN U 82 -37.85 -15.93 75.83
N PRO U 83 -37.92 -17.12 75.25
CA PRO U 83 -37.93 -17.23 73.79
C PRO U 83 -39.16 -16.58 73.16
N GLY U 84 -38.94 -15.70 72.19
CA GLY U 84 -40.03 -15.02 71.52
C GLY U 84 -39.64 -14.45 70.17
N THR U 85 -40.50 -13.60 69.61
CA THR U 85 -40.21 -12.99 68.31
C THR U 85 -39.19 -11.87 68.47
N LEU U 86 -38.50 -11.56 67.37
CA LEU U 86 -37.54 -10.48 67.38
C LEU U 86 -38.23 -9.13 67.55
N ASN U 87 -39.45 -8.99 67.04
CA ASN U 87 -40.17 -7.73 67.16
C ASN U 87 -40.47 -7.39 68.62
N ASP U 88 -40.55 -8.40 69.49
CA ASP U 88 -40.85 -8.15 70.89
C ASP U 88 -39.75 -7.31 71.53
N PHE U 89 -38.49 -7.62 71.23
CA PHE U 89 -37.38 -6.98 71.91
C PHE U 89 -37.28 -5.49 71.58
N LEU U 90 -37.65 -5.09 70.37
CA LEU U 90 -37.58 -3.67 70.03
C LEU U 90 -38.61 -2.85 70.80
N CYS U 91 -39.83 -3.37 70.95
CA CYS U 91 -40.87 -2.63 71.63
C CYS U 91 -40.80 -2.74 73.14
N ALA U 92 -39.87 -3.54 73.66
CA ALA U 92 -39.75 -3.68 75.11
C ALA U 92 -39.35 -2.37 75.75
N MET U 93 -39.88 -2.12 76.95
CA MET U 93 -39.59 -0.88 77.65
C MET U 93 -38.13 -0.84 78.09
N THR U 94 -37.50 0.33 77.92
CA THR U 94 -36.10 0.51 78.27
C THR U 94 -35.94 1.50 79.41
N MET V 1 -54.14 -9.46 63.68
CA MET V 1 -55.07 -9.48 62.55
C MET V 1 -54.79 -8.36 61.56
N ALA V 2 -55.29 -8.51 60.33
CA ALA V 2 -55.07 -7.53 59.28
C ALA V 2 -56.43 -6.98 58.84
N VAL V 3 -56.61 -5.67 58.96
CA VAL V 3 -57.85 -5.05 58.54
C VAL V 3 -57.85 -4.91 57.03
N LYS V 4 -58.98 -5.23 56.42
CA LYS V 4 -59.11 -5.19 54.96
C LYS V 4 -59.39 -3.76 54.52
N ILE V 5 -58.48 -3.19 53.75
CA ILE V 5 -58.65 -1.84 53.21
C ILE V 5 -58.76 -1.97 51.70
N SER V 6 -59.93 -1.63 51.16
CA SER V 6 -60.19 -1.80 49.74
C SER V 6 -60.95 -0.58 49.23
N GLY V 7 -60.86 -0.38 47.92
CA GLY V 7 -61.59 0.71 47.30
C GLY V 7 -61.15 0.91 45.87
N VAL V 8 -61.54 2.05 45.31
CA VAL V 8 -61.14 2.47 43.98
C VAL V 8 -60.66 3.92 44.07
N LEU V 9 -59.50 4.19 43.48
CA LEU V 9 -58.88 5.50 43.54
C LEU V 9 -59.09 6.22 42.21
N LYS V 10 -59.55 7.47 42.28
CA LYS V 10 -59.85 8.29 41.12
C LYS V 10 -59.15 9.63 41.24
N ASP V 11 -58.84 10.22 40.09
CA ASP V 11 -58.23 11.54 40.07
C ASP V 11 -59.31 12.61 40.24
N GLY V 12 -58.92 13.86 40.01
CA GLY V 12 -59.87 14.96 40.09
C GLY V 12 -60.92 14.96 39.01
N THR V 13 -60.69 14.23 37.92
CA THR V 13 -61.64 14.11 36.82
C THR V 13 -62.65 12.99 37.08
N GLY V 14 -62.40 12.16 38.09
CA GLY V 14 -63.26 11.02 38.33
C GLY V 14 -63.05 9.87 37.36
N LYS V 15 -61.80 9.61 37.00
CA LYS V 15 -61.40 8.56 36.08
C LYS V 15 -60.27 7.75 36.73
N PRO V 16 -60.32 6.42 36.63
CA PRO V 16 -59.34 5.59 37.36
C PRO V 16 -57.91 5.89 36.94
N VAL V 17 -57.01 5.92 37.93
CA VAL V 17 -55.63 6.31 37.69
C VAL V 17 -54.77 5.06 37.57
N GLN V 18 -54.31 4.77 36.35
CA GLN V 18 -53.50 3.58 36.11
C GLN V 18 -52.03 3.88 36.35
N ASN V 19 -51.22 2.83 36.28
CA ASN V 19 -49.76 2.91 36.47
C ASN V 19 -49.39 3.52 37.82
N CYS V 20 -50.16 3.20 38.85
CA CYS V 20 -49.89 3.71 40.19
C CYS V 20 -49.16 2.66 41.02
N THR V 21 -48.71 3.08 42.20
CA THR V 21 -48.16 2.15 43.18
C THR V 21 -48.26 2.82 44.54
N ILE V 22 -49.03 2.22 45.45
CA ILE V 22 -49.20 2.75 46.79
C ILE V 22 -48.35 1.92 47.74
N GLN V 23 -47.54 2.59 48.56
CA GLN V 23 -46.72 1.94 49.57
C GLN V 23 -47.05 2.52 50.93
N LEU V 24 -46.72 1.75 51.97
CA LEU V 24 -46.96 2.15 53.34
C LEU V 24 -45.63 2.09 54.09
N LYS V 25 -45.14 3.25 54.52
CA LYS V 25 -43.85 3.38 55.18
C LYS V 25 -44.08 3.32 56.69
N ALA V 26 -43.59 2.26 57.33
CA ALA V 26 -43.74 2.13 58.77
C ALA V 26 -42.83 3.14 59.48
N ARG V 27 -43.37 3.81 60.50
CA ARG V 27 -42.60 4.79 61.25
C ARG V 27 -42.22 4.37 62.66
N ARG V 28 -42.92 3.39 63.24
CA ARG V 28 -42.64 2.96 64.60
C ARG V 28 -42.78 1.45 64.68
N ASN V 29 -41.99 0.85 65.57
CA ASN V 29 -42.05 -0.60 65.77
C ASN V 29 -43.40 -1.00 66.35
N SER V 30 -43.99 -2.04 65.77
CA SER V 30 -45.30 -2.51 66.19
C SER V 30 -45.24 -3.98 66.56
N THR V 31 -46.40 -4.60 66.78
CA THR V 31 -46.45 -5.98 67.23
C THR V 31 -45.81 -6.93 66.21
N THR V 32 -46.07 -6.69 64.92
CA THR V 32 -45.61 -7.61 63.88
C THR V 32 -45.00 -6.91 62.69
N VAL V 33 -44.62 -5.64 62.81
CA VAL V 33 -44.02 -4.88 61.71
C VAL V 33 -42.77 -4.17 62.22
N VAL V 34 -41.68 -4.29 61.47
CA VAL V 34 -40.41 -3.65 61.81
C VAL V 34 -40.38 -2.26 61.19
N VAL V 35 -39.77 -1.31 61.91
CA VAL V 35 -39.70 0.05 61.41
C VAL V 35 -38.77 0.10 60.20
N ASN V 36 -38.99 1.09 59.32
CA ASN V 36 -38.33 1.17 58.01
C ASN V 36 -38.59 -0.11 57.19
N THR V 37 -39.86 -0.34 56.90
CA THR V 37 -40.27 -1.43 56.03
C THR V 37 -41.37 -0.94 55.10
N VAL V 38 -41.31 -1.34 53.84
CA VAL V 38 -42.24 -0.84 52.83
C VAL V 38 -42.97 -2.01 52.19
N GLY V 39 -44.24 -1.78 51.85
CA GLY V 39 -45.04 -2.77 51.15
C GLY V 39 -45.78 -2.15 49.98
N SER V 40 -45.51 -2.63 48.78
CA SER V 40 -46.05 -2.02 47.58
C SER V 40 -47.33 -2.70 47.12
N GLU V 41 -48.20 -1.92 46.49
CA GLU V 41 -49.45 -2.44 45.92
C GLU V 41 -49.74 -1.70 44.62
N ASN V 42 -49.83 -2.44 43.52
CA ASN V 42 -50.16 -1.87 42.23
C ASN V 42 -51.61 -2.20 41.89
N PRO V 43 -52.49 -1.22 41.78
CA PRO V 43 -53.90 -1.50 41.48
C PRO V 43 -54.07 -2.03 40.06
N ASP V 44 -55.29 -2.45 39.76
CA ASP V 44 -55.63 -2.99 38.46
C ASP V 44 -55.88 -1.85 37.47
N GLU V 45 -56.40 -2.19 36.29
CA GLU V 45 -56.67 -1.17 35.28
C GLU V 45 -57.90 -0.34 35.62
N ALA V 46 -58.77 -0.82 36.50
CA ALA V 46 -59.96 -0.10 36.89
C ALA V 46 -59.78 0.76 38.12
N GLY V 47 -58.57 0.81 38.67
CA GLY V 47 -58.31 1.59 39.87
C GLY V 47 -58.65 0.88 41.16
N ARG V 48 -59.00 -0.40 41.12
CA ARG V 48 -59.36 -1.11 42.34
C ARG V 48 -58.11 -1.53 43.10
N TYR V 49 -58.10 -1.29 44.40
CA TYR V 49 -57.02 -1.69 45.28
C TYR V 49 -57.60 -2.41 46.48
N SER V 50 -56.84 -3.38 47.00
CA SER V 50 -57.27 -4.19 48.12
C SER V 50 -56.05 -4.68 48.88
N MET V 51 -56.00 -4.38 50.18
CA MET V 51 -54.86 -4.72 51.01
C MET V 51 -55.34 -5.29 52.33
N ASP V 52 -54.44 -6.01 53.00
CA ASP V 52 -54.63 -6.49 54.37
C ASP V 52 -53.59 -5.77 55.22
N VAL V 53 -54.00 -4.65 55.80
CA VAL V 53 -53.10 -3.74 56.50
C VAL V 53 -53.03 -4.12 57.97
N GLU V 54 -51.81 -4.21 58.50
CA GLU V 54 -51.63 -4.48 59.91
C GLU V 54 -51.77 -3.20 60.72
N TYR V 55 -52.16 -3.36 61.98
CA TYR V 55 -52.35 -2.22 62.87
C TYR V 55 -51.03 -1.57 63.18
N GLY V 56 -51.04 -0.24 63.32
CA GLY V 56 -49.85 0.51 63.62
C GLY V 56 -49.89 1.88 62.97
N GLN V 57 -48.76 2.59 63.06
CA GLN V 57 -48.63 3.94 62.51
C GLN V 57 -47.80 3.88 61.24
N TYR V 58 -48.41 4.28 60.12
CA TYR V 58 -47.78 4.22 58.81
C TYR V 58 -47.83 5.60 58.18
N SER V 59 -47.12 5.76 57.06
CA SER V 59 -47.26 6.92 56.20
C SER V 59 -47.55 6.44 54.79
N VAL V 60 -48.61 6.98 54.18
CA VAL V 60 -49.03 6.52 52.87
C VAL V 60 -48.26 7.28 51.80
N ILE V 61 -47.61 6.54 50.91
CA ILE V 61 -46.76 7.12 49.87
C ILE V 61 -47.26 6.58 48.53
N LEU V 62 -47.96 7.42 47.77
CA LEU V 62 -48.53 7.05 46.48
C LEU V 62 -47.60 7.59 45.40
N GLN V 63 -46.95 6.69 44.68
CA GLN V 63 -46.05 7.07 43.59
C GLN V 63 -46.59 6.57 42.26
N VAL V 64 -46.67 7.45 41.29
CA VAL V 64 -47.06 7.12 39.94
C VAL V 64 -45.81 7.28 39.08
N ASP V 65 -45.84 6.70 37.88
CA ASP V 65 -44.73 6.89 36.93
C ASP V 65 -44.85 8.32 36.44
N GLY V 66 -44.37 9.24 37.27
CA GLY V 66 -44.66 10.65 37.12
C GLY V 66 -44.25 11.46 38.32
N PHE V 67 -45.19 12.25 38.85
CA PHE V 67 -45.01 13.16 39.96
C PHE V 67 -44.24 12.50 41.10
N PRO V 68 -43.48 13.25 41.89
CA PRO V 68 -42.70 12.64 42.97
C PRO V 68 -43.60 11.95 43.96
N PRO V 69 -43.05 11.11 44.84
CA PRO V 69 -43.87 10.46 45.86
C PRO V 69 -44.79 11.42 46.60
N SER V 70 -46.09 11.22 46.45
CA SER V 70 -47.09 12.13 47.00
C SER V 70 -47.52 11.59 48.36
N HIS V 71 -46.79 12.00 49.40
CA HIS V 71 -47.13 11.59 50.76
C HIS V 71 -48.42 12.28 51.16
N ALA V 72 -49.54 11.59 50.99
CA ALA V 72 -50.83 12.15 51.39
C ALA V 72 -50.90 12.39 52.89
N GLY V 73 -50.12 11.66 53.68
CA GLY V 73 -50.11 11.84 55.11
C GLY V 73 -49.90 10.54 55.87
N THR V 74 -49.92 10.61 57.19
CA THR V 74 -49.74 9.46 58.05
C THR V 74 -51.10 8.91 58.47
N ILE V 75 -51.15 7.60 58.69
CA ILE V 75 -52.36 6.91 59.13
C ILE V 75 -52.03 6.08 60.36
N THR V 76 -53.05 5.83 61.18
CA THR V 76 -52.92 4.99 62.35
C THR V 76 -54.06 3.99 62.36
N VAL V 77 -53.72 2.73 62.58
CA VAL V 77 -54.71 1.65 62.67
C VAL V 77 -54.64 1.11 64.09
N TYR V 78 -55.64 1.45 64.89
CA TYR V 78 -55.79 0.97 66.25
C TYR V 78 -56.79 -0.18 66.30
N GLU V 79 -56.97 -0.75 67.49
CA GLU V 79 -57.83 -1.92 67.63
C GLU V 79 -59.28 -1.56 67.84
N ASP V 80 -59.79 -0.65 67.01
CA ASP V 80 -61.22 -0.35 66.95
C ASP V 80 -61.71 -0.13 65.53
N SER V 81 -60.81 -0.15 64.54
CA SER V 81 -61.16 0.23 63.19
C SER V 81 -61.99 -0.85 62.51
N GLN V 82 -62.78 -0.42 61.53
CA GLN V 82 -63.59 -1.27 60.68
C GLN V 82 -63.08 -1.18 59.25
N PRO V 83 -63.24 -2.23 58.44
CA PRO V 83 -62.76 -2.18 57.06
C PRO V 83 -63.43 -1.08 56.27
N GLY V 84 -62.65 -0.43 55.41
CA GLY V 84 -63.14 0.66 54.60
C GLY V 84 -62.19 0.97 53.47
N THR V 85 -62.12 2.25 53.11
CA THR V 85 -61.26 2.71 52.04
C THR V 85 -60.04 3.43 52.60
N LEU V 86 -59.00 3.52 51.77
CA LEU V 86 -57.76 4.16 52.19
C LEU V 86 -57.98 5.64 52.50
N ASN V 87 -58.78 6.32 51.68
CA ASN V 87 -58.98 7.75 51.87
C ASN V 87 -59.67 8.07 53.18
N ASP V 88 -60.39 7.09 53.75
CA ASP V 88 -61.02 7.32 55.05
C ASP V 88 -59.98 7.56 56.13
N PHE V 89 -58.91 6.77 56.14
CA PHE V 89 -57.83 6.99 57.10
C PHE V 89 -57.17 8.34 56.86
N LEU V 90 -57.03 8.73 55.60
CA LEU V 90 -56.44 10.03 55.27
C LEU V 90 -57.30 11.16 55.80
N CYS V 91 -58.62 11.03 55.69
CA CYS V 91 -59.54 12.07 56.12
C CYS V 91 -60.03 11.90 57.56
N ALA V 92 -59.62 10.83 58.25
CA ALA V 92 -60.06 10.62 59.61
C ALA V 92 -59.44 11.65 60.55
N MET V 93 -60.17 12.00 61.60
CA MET V 93 -59.73 13.00 62.56
C MET V 93 -58.70 12.37 63.49
N THR V 94 -57.43 12.73 63.31
CA THR V 94 -56.36 12.20 64.14
C THR V 94 -56.25 12.98 65.44
N MET W 1 -70.85 14.03 45.02
CA MET W 1 -71.02 13.64 43.62
C MET W 1 -70.15 14.49 42.71
N ALA W 2 -70.24 14.23 41.41
CA ALA W 2 -69.46 14.92 40.41
C ALA W 2 -70.34 15.93 39.68
N VAL W 3 -69.90 17.17 39.64
CA VAL W 3 -70.62 18.24 38.95
C VAL W 3 -70.09 18.38 37.54
N LYS W 4 -70.99 18.65 36.60
CA LYS W 4 -70.63 18.74 35.20
C LYS W 4 -70.04 20.11 34.89
N ILE W 5 -68.93 20.12 34.15
CA ILE W 5 -68.31 21.34 33.66
C ILE W 5 -68.16 21.18 32.16
N SER W 6 -68.94 21.94 31.40
CA SER W 6 -68.96 21.86 29.95
C SER W 6 -69.01 23.25 29.36
N GLY W 7 -68.44 23.41 28.18
CA GLY W 7 -68.46 24.70 27.51
C GLY W 7 -67.49 24.73 26.36
N VAL W 8 -67.13 25.94 25.96
CA VAL W 8 -66.12 26.15 24.92
C VAL W 8 -65.12 27.18 25.42
N LEU W 9 -63.88 27.04 24.99
CA LEU W 9 -62.81 27.95 25.37
C LEU W 9 -62.35 28.71 24.12
N LYS W 10 -62.34 30.03 24.21
CA LYS W 10 -61.91 30.89 23.13
C LYS W 10 -60.56 31.51 23.51
N ASP W 11 -60.04 32.35 22.62
CA ASP W 11 -58.87 33.15 22.91
C ASP W 11 -59.30 34.61 23.05
N GLY W 12 -58.31 35.50 23.19
CA GLY W 12 -58.62 36.90 23.41
C GLY W 12 -59.39 37.54 22.27
N THR W 13 -59.16 37.07 21.04
CA THR W 13 -59.77 37.66 19.85
C THR W 13 -60.99 36.88 19.36
N GLY W 14 -61.47 35.92 20.15
CA GLY W 14 -62.64 35.17 19.76
C GLY W 14 -62.38 33.94 18.90
N LYS W 15 -61.14 33.47 18.85
CA LYS W 15 -60.79 32.30 18.05
C LYS W 15 -60.60 31.08 18.94
N PRO W 16 -60.89 29.88 18.45
CA PRO W 16 -60.61 28.68 19.24
C PRO W 16 -59.11 28.45 19.39
N VAL W 17 -58.74 27.80 20.49
CA VAL W 17 -57.36 27.45 20.78
C VAL W 17 -57.19 25.96 20.54
N GLN W 18 -56.22 25.60 19.71
CA GLN W 18 -56.00 24.22 19.31
C GLN W 18 -54.83 23.60 20.04
N ASN W 19 -54.79 22.26 20.03
CA ASN W 19 -53.72 21.48 20.67
C ASN W 19 -53.59 21.84 22.16
N CYS W 20 -54.74 21.99 22.82
CA CYS W 20 -54.78 22.44 24.20
C CYS W 20 -55.07 21.29 25.15
N THR W 21 -54.86 21.54 26.43
CA THR W 21 -55.09 20.54 27.46
C THR W 21 -55.30 21.25 28.80
N ILE W 22 -56.25 20.74 29.59
CA ILE W 22 -56.55 21.27 30.91
C ILE W 22 -56.08 20.27 31.96
N GLN W 23 -55.39 20.77 32.98
CA GLN W 23 -54.90 19.94 34.07
C GLN W 23 -55.53 20.41 35.37
N LEU W 24 -56.03 19.47 36.17
CA LEU W 24 -56.65 19.79 37.46
C LEU W 24 -55.86 19.10 38.56
N LYS W 25 -54.96 19.85 39.19
CA LYS W 25 -54.12 19.33 40.26
C LYS W 25 -54.84 19.48 41.59
N ALA W 26 -55.03 18.39 42.31
CA ALA W 26 -55.72 18.42 43.61
C ALA W 26 -54.71 18.83 44.68
N ARG W 27 -54.84 20.05 45.20
CA ARG W 27 -53.92 20.51 46.24
C ARG W 27 -54.36 20.12 47.64
N ARG W 28 -55.54 19.55 47.82
CA ARG W 28 -55.99 19.14 49.13
C ARG W 28 -56.66 17.77 49.03
N ASN W 29 -56.39 16.92 50.02
CA ASN W 29 -56.94 15.57 50.02
C ASN W 29 -58.43 15.59 50.34
N SER W 30 -59.19 14.73 49.65
CA SER W 30 -60.62 14.63 49.89
C SER W 30 -61.03 13.18 50.03
N THR W 31 -62.32 12.94 50.26
CA THR W 31 -62.80 11.58 50.47
C THR W 31 -62.65 10.73 49.22
N THR W 32 -62.85 11.31 48.03
CA THR W 32 -62.80 10.55 46.80
C THR W 32 -61.59 10.84 45.93
N VAL W 33 -60.88 11.94 46.19
CA VAL W 33 -59.75 12.36 45.38
C VAL W 33 -58.50 12.40 46.24
N VAL W 34 -57.41 11.85 45.74
CA VAL W 34 -56.13 11.84 46.42
C VAL W 34 -55.34 13.10 46.04
N VAL W 35 -54.57 13.61 46.99
CA VAL W 35 -53.84 14.86 46.75
C VAL W 35 -52.67 14.59 45.80
N ASN W 36 -52.31 15.64 45.05
CA ASN W 36 -51.21 15.59 44.08
C ASN W 36 -51.51 14.64 42.93
N THR W 37 -52.75 14.67 42.44
CA THR W 37 -53.16 13.90 41.28
C THR W 37 -53.87 14.83 40.31
N VAL W 38 -53.68 14.58 39.02
CA VAL W 38 -54.24 15.47 37.99
C VAL W 38 -55.17 14.67 37.10
N GLY W 39 -55.92 15.41 36.28
CA GLY W 39 -56.71 14.82 35.22
C GLY W 39 -56.48 15.55 33.92
N SER W 40 -56.11 14.81 32.88
CA SER W 40 -55.75 15.39 31.59
C SER W 40 -56.81 15.05 30.56
N GLU W 41 -57.14 16.04 29.73
CA GLU W 41 -58.13 15.87 28.67
C GLU W 41 -57.85 16.89 27.58
N ASN W 42 -58.09 16.51 26.33
CA ASN W 42 -57.83 17.41 25.22
C ASN W 42 -59.13 17.90 24.60
N PRO W 43 -59.33 19.20 24.47
CA PRO W 43 -60.48 19.70 23.72
C PRO W 43 -60.31 19.49 22.22
N ASP W 44 -61.41 19.66 21.51
CA ASP W 44 -61.39 19.57 20.06
C ASP W 44 -60.75 20.83 19.47
N GLU W 45 -60.76 20.91 18.14
CA GLU W 45 -60.24 22.11 17.47
C GLU W 45 -61.10 23.33 17.80
N ALA W 46 -62.39 23.13 17.99
CA ALA W 46 -63.26 24.23 18.39
C ALA W 46 -63.01 24.68 19.82
N GLY W 47 -62.31 23.87 20.62
CA GLY W 47 -62.05 24.20 22.00
C GLY W 47 -63.11 23.75 22.99
N ARG W 48 -64.12 23.00 22.53
CA ARG W 48 -65.18 22.55 23.41
C ARG W 48 -64.67 21.50 24.39
N TYR W 49 -65.24 21.49 25.58
CA TYR W 49 -64.86 20.57 26.64
C TYR W 49 -66.11 20.15 27.41
N SER W 50 -66.05 18.95 27.99
CA SER W 50 -67.16 18.39 28.76
C SER W 50 -66.57 17.33 29.71
N MET W 51 -66.64 17.60 31.01
CA MET W 51 -65.98 16.73 31.98
C MET W 51 -66.68 16.83 33.33
N ASP W 52 -66.70 15.72 34.07
CA ASP W 52 -67.41 15.64 35.34
C ASP W 52 -66.40 15.71 36.48
N VAL W 53 -66.32 16.87 37.14
CA VAL W 53 -65.31 17.08 38.17
C VAL W 53 -65.87 16.67 39.53
N GLU W 54 -65.03 16.03 40.33
CA GLU W 54 -65.40 15.72 41.71
C GLU W 54 -65.28 16.97 42.58
N TYR W 55 -66.02 16.96 43.68
CA TYR W 55 -65.99 18.09 44.59
C TYR W 55 -64.61 18.21 45.24
N GLY W 56 -64.25 19.43 45.64
CA GLY W 56 -62.99 19.68 46.29
C GLY W 56 -62.33 20.90 45.70
N GLN W 57 -61.09 21.14 46.07
CA GLN W 57 -60.34 22.29 45.57
C GLN W 57 -59.29 21.77 44.59
N TYR W 58 -59.12 22.48 43.48
CA TYR W 58 -58.11 22.12 42.50
C TYR W 58 -57.45 23.37 41.94
N SER W 59 -56.29 23.16 41.33
CA SER W 59 -55.58 24.19 40.59
C SER W 59 -55.64 23.85 39.10
N VAL W 60 -55.99 24.83 38.28
CA VAL W 60 -56.20 24.62 36.86
C VAL W 60 -54.96 25.10 36.12
N ILE W 61 -54.45 24.24 35.23
CA ILE W 61 -53.25 24.53 34.46
C ILE W 61 -53.60 24.38 32.98
N LEU W 62 -53.24 25.38 32.18
CA LEU W 62 -53.46 25.36 30.75
C LEU W 62 -52.18 24.96 30.05
N GLN W 63 -52.24 23.88 29.26
CA GLN W 63 -51.06 23.34 28.60
C GLN W 63 -51.31 23.35 27.11
N VAL W 64 -50.52 24.13 26.38
CA VAL W 64 -50.64 24.23 24.93
C VAL W 64 -49.27 23.97 24.33
N ASP W 65 -49.24 23.20 23.25
CA ASP W 65 -47.99 22.74 22.64
C ASP W 65 -47.12 23.92 22.21
N GLY W 66 -45.93 24.03 22.81
CA GLY W 66 -45.00 25.08 22.46
C GLY W 66 -44.79 26.10 23.56
N PHE W 67 -45.86 26.41 24.30
CA PHE W 67 -45.79 27.40 25.36
C PHE W 67 -45.48 26.75 26.70
N PRO W 68 -44.89 27.50 27.63
CA PRO W 68 -44.78 26.99 28.99
C PRO W 68 -46.15 26.84 29.62
N PRO W 69 -46.32 25.88 30.52
CA PRO W 69 -47.63 25.69 31.16
C PRO W 69 -48.04 26.93 31.94
N SER W 70 -49.29 27.34 31.75
CA SER W 70 -49.83 28.51 32.41
C SER W 70 -50.76 28.11 33.55
N HIS W 71 -50.67 28.85 34.66
CA HIS W 71 -51.47 28.59 35.84
C HIS W 71 -52.70 29.48 35.78
N ALA W 72 -53.81 28.92 35.28
CA ALA W 72 -55.01 29.73 35.08
C ALA W 72 -55.57 30.23 36.41
N GLY W 73 -55.63 29.37 37.43
CA GLY W 73 -56.16 29.80 38.70
C GLY W 73 -56.52 28.61 39.58
N THR W 74 -57.41 28.88 40.54
CA THR W 74 -57.82 27.91 41.55
C THR W 74 -59.34 27.83 41.60
N ILE W 75 -59.88 26.61 41.65
CA ILE W 75 -61.31 26.40 41.71
C ILE W 75 -61.66 25.61 42.96
N THR W 76 -62.89 25.80 43.43
CA THR W 76 -63.43 25.06 44.57
C THR W 76 -64.86 24.63 44.23
N VAL W 77 -65.05 23.35 43.98
CA VAL W 77 -66.35 22.79 43.61
C VAL W 77 -66.98 22.21 44.88
N TYR W 78 -67.96 22.92 45.43
CA TYR W 78 -68.66 22.48 46.62
C TYR W 78 -69.77 21.51 46.24
N GLU W 79 -70.54 21.06 47.23
CA GLU W 79 -71.66 20.18 46.98
C GLU W 79 -72.90 20.91 46.49
N ASP W 80 -72.95 22.24 46.65
CA ASP W 80 -74.08 23.04 46.19
C ASP W 80 -73.78 23.74 44.87
N SER W 81 -72.67 23.42 44.22
CA SER W 81 -72.30 24.06 42.96
C SER W 81 -73.09 23.46 41.81
N GLN W 82 -73.64 24.32 40.95
CA GLN W 82 -74.45 24.01 39.78
C GLN W 82 -73.58 23.87 38.54
N PRO W 83 -74.02 23.08 37.55
CA PRO W 83 -73.21 22.92 36.33
C PRO W 83 -73.03 24.25 35.61
N GLY W 84 -71.88 24.39 34.97
CA GLY W 84 -71.58 25.60 34.23
C GLY W 84 -70.24 25.49 33.54
N THR W 85 -69.82 26.62 32.97
CA THR W 85 -68.52 26.68 32.30
C THR W 85 -67.40 26.80 33.33
N LEU W 86 -66.18 26.47 32.89
CA LEU W 86 -65.02 26.52 33.76
C LEU W 86 -64.65 27.94 34.16
N ASN W 87 -64.91 28.92 33.30
CA ASN W 87 -64.55 30.30 33.61
C ASN W 87 -65.33 30.84 34.79
N ASP W 88 -66.56 30.36 35.00
CA ASP W 88 -67.39 30.88 36.08
C ASP W 88 -66.74 30.64 37.44
N PHE W 89 -66.14 29.47 37.61
CA PHE W 89 -65.49 29.16 38.89
C PHE W 89 -64.24 30.02 39.08
N LEU W 90 -63.53 30.30 38.00
CA LEU W 90 -62.39 31.22 38.08
C LEU W 90 -62.83 32.61 38.52
N CYS W 91 -63.88 33.13 37.90
CA CYS W 91 -64.29 34.51 38.20
C CYS W 91 -65.20 34.60 39.41
N ALA W 92 -65.54 33.47 40.05
CA ALA W 92 -66.38 33.51 41.23
C ALA W 92 -65.66 34.19 42.39
N MET W 93 -66.44 34.77 43.29
CA MET W 93 -65.89 35.45 44.46
C MET W 93 -65.28 34.41 45.39
N THR W 94 -64.09 34.72 45.92
CA THR W 94 -63.38 33.79 46.78
C THR W 94 -63.15 34.38 48.17
N MET X 1 -70.58 39.10 23.46
CA MET X 1 -70.59 39.76 22.17
C MET X 1 -69.20 40.31 21.83
N ALA X 2 -68.86 40.26 20.54
CA ALA X 2 -67.50 40.55 20.07
C ALA X 2 -67.48 41.92 19.41
N VAL X 3 -66.76 42.86 20.02
CA VAL X 3 -66.60 44.19 19.46
C VAL X 3 -65.68 44.11 18.25
N LYS X 4 -66.13 44.69 17.13
CA LYS X 4 -65.37 44.66 15.90
C LYS X 4 -64.37 45.81 15.87
N ILE X 5 -63.10 45.49 15.70
CA ILE X 5 -62.03 46.46 15.60
C ILE X 5 -61.46 46.39 14.20
N SER X 6 -61.68 47.43 13.40
CA SER X 6 -61.21 47.45 12.02
C SER X 6 -60.45 48.74 11.77
N GLY X 7 -59.41 48.64 10.94
CA GLY X 7 -58.64 49.82 10.64
C GLY X 7 -57.47 49.50 9.72
N VAL X 8 -56.64 50.53 9.51
CA VAL X 8 -55.43 50.43 8.71
C VAL X 8 -54.25 50.87 9.56
N LEU X 9 -53.20 50.06 9.56
CA LEU X 9 -52.02 50.31 10.38
C LEU X 9 -50.92 50.90 9.52
N LYS X 10 -50.42 52.06 9.92
CA LYS X 10 -49.40 52.79 9.18
C LYS X 10 -48.24 53.14 10.09
N ASP X 11 -47.08 53.37 9.47
CA ASP X 11 -45.91 53.82 10.20
C ASP X 11 -45.92 55.34 10.28
N GLY X 12 -44.80 55.93 10.71
CA GLY X 12 -44.73 57.37 10.87
C GLY X 12 -44.60 58.15 9.59
N THR X 13 -44.42 57.47 8.46
CA THR X 13 -44.26 58.11 7.16
C THR X 13 -45.48 57.94 6.26
N GLY X 14 -46.64 57.64 6.83
CA GLY X 14 -47.86 57.54 6.05
C GLY X 14 -47.85 56.43 5.01
N LYS X 15 -47.21 55.32 5.33
CA LYS X 15 -47.15 54.17 4.45
C LYS X 15 -47.51 52.90 5.22
N PRO X 16 -48.09 51.90 4.56
CA PRO X 16 -48.40 50.65 5.24
C PRO X 16 -47.14 49.92 5.66
N VAL X 17 -47.23 49.21 6.78
CA VAL X 17 -46.14 48.42 7.31
C VAL X 17 -46.54 46.95 7.22
N GLN X 18 -45.71 46.14 6.58
CA GLN X 18 -46.03 44.76 6.29
C GLN X 18 -45.35 43.82 7.30
N ASN X 19 -45.72 42.54 7.21
CA ASN X 19 -45.18 41.47 8.04
C ASN X 19 -45.49 41.65 9.52
N CYS X 20 -46.52 42.44 9.85
CA CYS X 20 -46.82 42.72 11.24
C CYS X 20 -47.47 41.52 11.91
N THR X 21 -47.72 41.68 13.21
CA THR X 21 -48.44 40.67 14.00
C THR X 21 -48.94 41.36 15.25
N ILE X 22 -50.26 41.40 15.43
CA ILE X 22 -50.86 42.00 16.61
C ILE X 22 -51.35 40.89 17.52
N GLN X 23 -50.92 40.93 18.78
CA GLN X 23 -51.32 39.95 19.77
C GLN X 23 -52.08 40.64 20.90
N LEU X 24 -53.09 39.95 21.41
CA LEU X 24 -53.90 40.45 22.53
C LEU X 24 -53.72 39.50 23.70
N LYS X 25 -52.83 39.85 24.61
CA LYS X 25 -52.53 39.03 25.78
C LYS X 25 -53.57 39.31 26.85
N ALA X 26 -54.17 38.26 27.38
CA ALA X 26 -55.19 38.40 28.41
C ALA X 26 -54.53 38.44 29.78
N ARG X 27 -54.70 39.56 30.50
CA ARG X 27 -54.09 39.72 31.80
C ARG X 27 -55.05 39.52 32.96
N ARG X 28 -56.36 39.59 32.72
CA ARG X 28 -57.35 39.31 33.75
C ARG X 28 -58.45 38.44 33.15
N ASN X 29 -58.92 37.49 33.95
CA ASN X 29 -59.99 36.61 33.50
C ASN X 29 -61.27 37.39 33.26
N SER X 30 -61.86 37.17 32.08
CA SER X 30 -63.16 37.73 31.72
C SER X 30 -64.18 36.61 31.71
N THR X 31 -65.40 36.94 31.30
CA THR X 31 -66.48 35.96 31.32
C THR X 31 -66.21 34.81 30.36
N THR X 32 -65.51 35.06 29.26
CA THR X 32 -65.28 34.03 28.24
C THR X 32 -63.83 33.94 27.79
N VAL X 33 -62.88 34.54 28.50
CA VAL X 33 -61.48 34.48 28.15
C VAL X 33 -60.66 34.17 29.39
N VAL X 34 -59.74 33.22 29.27
CA VAL X 34 -58.87 32.81 30.38
C VAL X 34 -57.62 33.68 30.36
N VAL X 35 -56.97 33.79 31.53
CA VAL X 35 -55.71 34.54 31.59
C VAL X 35 -54.63 33.83 30.78
N ASN X 36 -53.61 34.60 30.41
CA ASN X 36 -52.44 34.09 29.69
C ASN X 36 -52.84 33.39 28.39
N THR X 37 -53.75 34.02 27.66
CA THR X 37 -54.18 33.53 26.36
C THR X 37 -53.93 34.60 25.31
N VAL X 38 -53.37 34.19 24.18
CA VAL X 38 -52.95 35.12 23.13
C VAL X 38 -53.71 34.81 21.85
N GLY X 39 -53.84 35.83 21.01
CA GLY X 39 -54.44 35.68 19.70
C GLY X 39 -53.70 36.49 18.65
N SER X 40 -53.23 35.85 17.60
CA SER X 40 -52.41 36.50 16.59
C SER X 40 -53.21 36.71 15.30
N GLU X 41 -53.18 37.94 14.80
CA GLU X 41 -53.83 38.28 13.54
C GLU X 41 -52.82 39.04 12.69
N ASN X 42 -52.43 38.46 11.57
CA ASN X 42 -51.50 39.12 10.66
C ASN X 42 -52.28 39.94 9.64
N PRO X 43 -51.97 41.22 9.48
CA PRO X 43 -52.69 42.05 8.52
C PRO X 43 -52.21 41.77 7.09
N ASP X 44 -52.96 42.29 6.13
CA ASP X 44 -52.65 42.10 4.72
C ASP X 44 -51.54 43.07 4.29
N GLU X 45 -51.32 43.16 2.98
CA GLU X 45 -50.28 44.03 2.46
C GLU X 45 -50.60 45.50 2.67
N ALA X 46 -51.86 45.89 2.65
CA ALA X 46 -52.26 47.28 2.81
C ALA X 46 -52.39 47.69 4.27
N GLY X 47 -52.16 46.78 5.21
CA GLY X 47 -52.25 47.12 6.61
C GLY X 47 -53.64 47.08 7.20
N ARG X 48 -54.62 46.58 6.46
CA ARG X 48 -55.97 46.50 6.99
C ARG X 48 -56.09 45.33 7.96
N TYR X 49 -56.65 45.61 9.14
CA TYR X 49 -56.85 44.61 10.17
C TYR X 49 -58.28 44.66 10.67
N SER X 50 -58.78 43.50 11.08
CA SER X 50 -60.15 43.36 11.57
C SER X 50 -60.20 42.23 12.59
N MET X 51 -60.59 42.55 13.82
CA MET X 51 -60.63 41.62 14.93
C MET X 51 -62.01 41.68 15.60
N ASP X 52 -62.27 40.66 16.42
CA ASP X 52 -63.57 40.43 17.05
C ASP X 52 -63.41 40.32 18.56
N VAL X 53 -62.79 41.32 19.17
CA VAL X 53 -62.30 41.19 20.54
C VAL X 53 -63.47 41.03 21.51
N GLU X 54 -63.25 40.26 22.57
CA GLU X 54 -64.23 40.14 23.63
C GLU X 54 -63.99 41.18 24.71
N TYR X 55 -65.05 41.50 25.45
CA TYR X 55 -64.96 42.52 26.49
C TYR X 55 -64.02 42.06 27.59
N GLY X 56 -63.27 43.00 28.15
CA GLY X 56 -62.32 42.69 29.19
C GLY X 56 -61.08 43.54 29.06
N GLN X 57 -60.04 43.16 29.81
CA GLN X 57 -58.82 43.94 29.90
C GLN X 57 -57.68 43.19 29.23
N TYR X 58 -57.05 43.82 28.23
CA TYR X 58 -56.07 43.17 27.38
C TYR X 58 -54.80 43.99 27.30
N SER X 59 -53.73 43.36 26.83
CA SER X 59 -52.49 44.05 26.52
C SER X 59 -52.14 43.81 25.05
N VAL X 60 -51.86 44.88 24.34
CA VAL X 60 -51.57 44.79 22.90
C VAL X 60 -50.07 44.61 22.72
N ILE X 61 -49.70 43.72 21.79
CA ILE X 61 -48.31 43.43 21.49
C ILE X 61 -48.13 43.56 19.98
N LEU X 62 -47.20 44.41 19.56
CA LEU X 62 -46.90 44.64 18.14
C LEU X 62 -45.59 43.95 17.81
N GLN X 63 -45.67 42.73 17.29
CA GLN X 63 -44.50 41.96 16.89
C GLN X 63 -44.37 42.07 15.38
N VAL X 64 -43.29 42.70 14.92
CA VAL X 64 -43.13 43.03 13.51
C VAL X 64 -41.94 42.23 12.97
N ASP X 65 -41.76 41.01 13.50
CA ASP X 65 -40.63 40.14 13.20
C ASP X 65 -39.34 40.95 13.20
N GLY X 66 -38.99 41.50 14.35
CA GLY X 66 -38.02 42.56 14.47
C GLY X 66 -37.90 42.99 15.92
N PHE X 67 -38.05 44.28 16.19
CA PHE X 67 -38.07 44.82 17.55
C PHE X 67 -38.90 43.94 18.49
N PRO X 68 -38.53 43.86 19.76
CA PRO X 68 -39.26 43.01 20.70
C PRO X 68 -40.73 43.41 20.78
N PRO X 69 -41.56 42.59 21.41
CA PRO X 69 -42.96 42.98 21.63
C PRO X 69 -43.06 44.36 22.27
N SER X 70 -43.98 45.15 21.76
CA SER X 70 -44.11 46.56 22.14
C SER X 70 -45.33 46.72 23.04
N HIS X 71 -45.08 47.02 24.31
CA HIS X 71 -46.17 47.36 25.23
C HIS X 71 -46.63 48.77 24.89
N ALA X 72 -47.49 48.86 23.87
CA ALA X 72 -48.05 50.14 23.48
C ALA X 72 -49.11 50.63 24.44
N GLY X 73 -49.50 49.82 25.42
CA GLY X 73 -50.46 50.23 26.43
C GLY X 73 -51.61 49.26 26.57
N THR X 74 -52.06 49.03 27.79
CA THR X 74 -53.20 48.15 28.01
C THR X 74 -54.46 48.76 27.42
N ILE X 75 -55.36 47.91 26.95
CA ILE X 75 -56.63 48.33 26.38
C ILE X 75 -57.76 47.71 27.18
N THR X 76 -58.89 48.40 27.21
CA THR X 76 -60.07 47.94 27.94
C THR X 76 -61.26 47.93 27.00
N VAL X 77 -62.06 46.88 27.09
CA VAL X 77 -63.27 46.73 26.28
C VAL X 77 -64.43 46.62 27.26
N TYR X 78 -65.05 47.76 27.55
CA TYR X 78 -66.26 47.82 28.36
C TYR X 78 -67.47 47.38 27.55
N GLU X 79 -68.53 47.01 28.23
CA GLU X 79 -69.77 46.65 27.54
C GLU X 79 -70.72 47.84 27.41
N ASP X 80 -70.18 48.96 26.92
CA ASP X 80 -71.01 50.06 26.44
C ASP X 80 -70.41 50.78 25.26
N SER X 81 -69.27 50.31 24.73
CA SER X 81 -68.54 51.04 23.69
C SER X 81 -69.09 50.68 22.32
N GLN X 82 -68.45 51.20 21.27
CA GLN X 82 -68.86 51.02 19.90
C GLN X 82 -67.67 50.54 19.08
N PRO X 83 -67.92 49.81 17.98
CA PRO X 83 -66.81 49.36 17.13
C PRO X 83 -66.05 50.54 16.56
N GLY X 84 -64.74 50.36 16.44
CA GLY X 84 -63.87 51.40 15.95
C GLY X 84 -62.50 50.86 15.58
N THR X 85 -61.54 51.76 15.50
CA THR X 85 -60.17 51.40 15.18
C THR X 85 -59.38 51.09 16.44
N LEU X 86 -58.25 50.42 16.25
CA LEU X 86 -57.43 50.00 17.39
C LEU X 86 -56.88 51.20 18.13
N ASN X 87 -56.39 52.20 17.40
CA ASN X 87 -55.71 53.33 18.02
C ASN X 87 -56.59 54.09 18.99
N ASP X 88 -57.92 54.05 18.79
CA ASP X 88 -58.82 54.77 19.68
C ASP X 88 -58.71 54.26 21.12
N PHE X 89 -58.66 52.93 21.28
CA PHE X 89 -58.59 52.36 22.62
C PHE X 89 -57.30 52.74 23.33
N LEU X 90 -56.16 52.66 22.63
CA LEU X 90 -54.89 53.03 23.23
C LEU X 90 -54.85 54.51 23.55
N CYS X 91 -55.45 55.35 22.69
CA CYS X 91 -55.53 56.78 22.96
C CYS X 91 -56.68 57.15 23.89
N ALA X 92 -57.56 56.21 24.22
CA ALA X 92 -58.71 56.51 25.06
C ALA X 92 -58.28 56.82 26.48
N MET X 93 -59.09 57.63 27.16
CA MET X 93 -58.86 57.95 28.57
C MET X 93 -59.22 56.73 29.42
N THR X 94 -58.30 56.34 30.29
CA THR X 94 -58.49 55.16 31.13
C THR X 94 -58.92 55.56 32.54
N MET Y 1 -16.08 49.74 -3.14
CA MET Y 1 -15.64 49.20 -1.85
C MET Y 1 -16.06 50.11 -0.70
N LYS Y 2 -16.64 49.52 0.34
CA LYS Y 2 -17.10 50.28 1.49
C LYS Y 2 -15.96 50.42 2.51
N THR Y 3 -16.24 51.11 3.61
CA THR Y 3 -15.27 51.30 4.69
C THR Y 3 -15.81 50.67 5.96
N PHE Y 4 -15.06 50.84 7.05
CA PHE Y 4 -15.44 50.28 8.35
C PHE Y 4 -15.11 51.33 9.42
N ARG Y 5 -16.09 52.17 9.75
CA ARG Y 5 -15.91 53.25 10.69
C ARG Y 5 -16.26 52.88 12.12
N TRP Y 6 -16.70 51.66 12.39
CA TRP Y 6 -16.99 51.26 13.75
C TRP Y 6 -15.72 51.26 14.59
N LYS Y 7 -15.86 51.64 15.86
CA LYS Y 7 -14.73 51.75 16.76
C LYS Y 7 -14.46 50.42 17.46
N VAL Y 8 -13.20 50.19 17.80
CA VAL Y 8 -12.74 48.91 18.33
C VAL Y 8 -12.38 49.08 19.79
N LYS Y 9 -12.79 48.12 20.62
CA LYS Y 9 -12.50 48.14 22.04
C LYS Y 9 -11.03 47.79 22.28
N PRO Y 10 -10.46 48.24 23.39
CA PRO Y 10 -9.08 47.84 23.73
C PRO Y 10 -8.94 46.34 23.90
N GLY Y 11 -7.78 45.83 23.50
CA GLY Y 11 -7.50 44.41 23.54
C GLY Y 11 -7.12 43.80 22.21
N MET Y 12 -7.08 44.60 21.14
CA MET Y 12 -6.70 44.08 19.83
C MET Y 12 -5.28 43.56 19.84
N ASP Y 13 -5.07 42.42 19.20
CA ASP Y 13 -3.73 41.89 18.97
C ASP Y 13 -3.41 41.91 17.49
N VAL Y 14 -2.12 42.08 17.18
CA VAL Y 14 -1.66 42.31 15.82
C VAL Y 14 -0.69 41.19 15.45
N ALA Y 15 -1.02 39.97 15.88
CA ALA Y 15 -0.13 38.83 15.63
C ALA Y 15 0.19 38.71 14.15
N SER Y 16 1.47 38.58 13.85
CA SER Y 16 1.95 38.54 12.47
C SER Y 16 3.07 37.52 12.33
N VAL Y 17 3.02 36.76 11.23
CA VAL Y 17 4.03 35.74 10.94
C VAL Y 17 4.42 35.86 9.48
N PRO Y 18 5.62 36.34 9.17
CA PRO Y 18 6.05 36.39 7.78
C PRO Y 18 6.37 35.02 7.24
N SER Y 19 6.34 34.91 5.91
CA SER Y 19 6.59 33.65 5.22
C SER Y 19 8.02 33.65 4.70
N VAL Y 20 8.81 32.68 5.16
CA VAL Y 20 10.20 32.50 4.75
C VAL Y 20 10.41 31.05 4.35
N ARG Y 21 11.58 30.78 3.78
CA ARG Y 21 11.95 29.44 3.34
C ARG Y 21 13.10 28.93 4.19
N LYS Y 22 12.82 27.96 5.05
CA LYS Y 22 13.80 27.34 5.93
C LYS Y 22 14.32 26.04 5.32
N VAL Y 23 15.60 25.77 5.55
CA VAL Y 23 16.20 24.47 5.25
C VAL Y 23 17.35 24.24 6.22
N ARG Y 24 17.31 23.13 6.94
CA ARG Y 24 18.13 22.95 8.13
C ARG Y 24 19.30 22.01 7.87
N PHE Y 25 20.42 22.31 8.53
CA PHE Y 25 21.67 21.56 8.40
C PHE Y 25 22.25 21.34 9.80
N GLY Y 26 23.29 20.50 9.86
CA GLY Y 26 23.85 20.09 11.15
C GLY Y 26 24.27 21.24 12.03
N ASP Y 27 25.35 21.93 11.66
CA ASP Y 27 25.79 23.12 12.39
C ASP Y 27 25.22 24.37 11.74
N GLY Y 28 23.90 24.32 11.51
CA GLY Y 28 23.22 25.47 10.94
C GLY Y 28 23.72 25.82 9.55
N TYR Y 29 24.13 27.08 9.38
CA TYR Y 29 24.35 27.68 8.07
C TYR Y 29 23.11 27.51 7.19
N SER Y 30 21.95 27.69 7.80
CA SER Y 30 20.68 27.58 7.08
C SER Y 30 20.47 28.83 6.23
N GLN Y 31 20.22 28.64 4.95
CA GLN Y 31 19.91 29.76 4.08
C GLN Y 31 18.48 30.24 4.31
N ARG Y 32 18.27 31.52 4.04
CA ARG Y 32 16.96 32.14 4.21
C ARG Y 32 16.63 32.95 2.97
N ALA Y 33 15.36 32.93 2.60
CA ALA Y 33 14.88 33.67 1.45
C ALA Y 33 13.60 34.41 1.82
N PRO Y 34 13.35 35.56 1.19
CA PRO Y 34 12.16 36.34 1.54
C PRO Y 34 10.86 35.78 0.99
N ALA Y 35 10.90 34.68 0.24
CA ALA Y 35 9.70 34.04 -0.33
C ALA Y 35 9.03 35.06 -1.23
N GLY Y 36 7.71 35.26 -1.13
CA GLY Y 36 7.03 36.21 -2.00
C GLY Y 36 7.35 37.64 -1.65
N LEU Y 37 6.89 38.55 -2.51
CA LEU Y 37 7.11 39.98 -2.27
C LEU Y 37 6.32 40.45 -1.05
N ASN Y 38 5.02 40.16 -1.01
CA ASN Y 38 4.18 40.51 0.13
C ASN Y 38 4.19 39.38 1.16
N ALA Y 39 5.34 39.23 1.82
CA ALA Y 39 5.52 38.12 2.74
C ALA Y 39 4.57 38.21 3.92
N ASN Y 40 4.54 39.35 4.59
CA ASN Y 40 3.75 39.49 5.81
C ASN Y 40 2.34 39.96 5.50
N LEU Y 41 1.38 39.45 6.28
CA LEU Y 41 -0.03 39.83 6.20
C LEU Y 41 -0.56 39.78 7.63
N LYS Y 42 -0.81 40.95 8.22
CA LYS Y 42 -1.22 41.02 9.60
C LYS Y 42 -2.58 40.36 9.80
N THR Y 43 -2.80 39.87 11.02
CA THR Y 43 -4.07 39.27 11.41
C THR Y 43 -4.51 39.89 12.73
N TYR Y 44 -5.61 40.64 12.68
CA TYR Y 44 -6.14 41.36 13.83
C TYR Y 44 -7.30 40.59 14.45
N SER Y 45 -7.52 40.85 15.74
CA SER Y 45 -8.71 40.38 16.43
C SER Y 45 -9.44 41.60 16.96
N VAL Y 46 -10.60 41.90 16.37
CA VAL Y 46 -11.33 43.13 16.63
C VAL Y 46 -12.45 42.82 17.61
N THR Y 47 -12.51 43.59 18.69
CA THR Y 47 -13.56 43.47 19.69
C THR Y 47 -14.38 44.74 19.73
N LEU Y 48 -15.70 44.60 19.68
CA LEU Y 48 -16.62 45.74 19.75
C LEU Y 48 -17.68 45.43 20.80
N SER Y 49 -18.33 46.48 21.29
CA SER Y 49 -19.46 46.33 22.20
C SER Y 49 -20.46 47.44 21.90
N VAL Y 50 -21.59 47.08 21.32
CA VAL Y 50 -22.58 48.08 20.92
C VAL Y 50 -23.91 47.78 21.60
N PRO Y 51 -24.73 48.78 21.90
CA PRO Y 51 -26.08 48.50 22.39
C PRO Y 51 -26.89 47.75 21.35
N ARG Y 52 -27.81 46.92 21.83
CA ARG Y 52 -28.50 45.97 20.96
C ARG Y 52 -29.22 46.65 19.81
N GLU Y 53 -29.67 47.89 19.99
CA GLU Y 53 -30.52 48.55 19.01
C GLU Y 53 -29.92 48.49 17.60
N GLU Y 54 -28.66 48.88 17.47
CA GLU Y 54 -28.03 48.90 16.16
C GLU Y 54 -27.21 47.65 15.87
N ALA Y 55 -27.23 46.67 16.77
CA ALA Y 55 -26.43 45.47 16.54
C ALA Y 55 -26.75 44.84 15.19
N THR Y 56 -28.03 44.66 14.90
CA THR Y 56 -28.44 44.06 13.63
C THR Y 56 -27.78 44.77 12.46
N VAL Y 57 -27.71 46.11 12.52
CA VAL Y 57 -27.14 46.86 11.40
C VAL Y 57 -25.73 46.36 11.11
N LEU Y 58 -24.89 46.28 12.13
CA LEU Y 58 -23.53 45.81 11.91
C LEU Y 58 -23.55 44.41 11.33
N GLU Y 59 -24.40 43.53 11.88
CA GLU Y 59 -24.51 42.18 11.36
C GLU Y 59 -24.77 42.22 9.86
N SER Y 60 -25.74 43.05 9.44
CA SER Y 60 -26.07 43.10 8.01
C SER Y 60 -24.85 43.48 7.19
N PHE Y 61 -24.08 44.46 7.67
CA PHE Y 61 -22.86 44.83 6.96
C PHE Y 61 -21.94 43.63 6.82
N LEU Y 62 -21.68 42.93 7.94
CA LEU Y 62 -20.80 41.78 7.88
C LEU Y 62 -21.44 40.66 7.07
N GLU Y 63 -22.77 40.66 6.95
CA GLU Y 63 -23.42 39.71 6.08
C GLU Y 63 -23.30 40.11 4.61
N GLU Y 64 -23.29 41.42 4.35
CA GLU Y 64 -23.23 41.88 2.97
C GLU Y 64 -21.94 41.45 2.30
N HIS Y 65 -20.82 41.60 3.01
CA HIS Y 65 -19.53 41.23 2.45
C HIS Y 65 -19.30 39.72 2.46
N GLY Y 66 -20.01 39.00 3.33
CA GLY Y 66 -19.77 37.57 3.45
C GLY Y 66 -18.35 37.31 3.90
N GLY Y 67 -17.70 36.32 3.29
CA GLY Y 67 -16.32 36.04 3.59
C GLY Y 67 -15.48 36.03 2.34
N TRP Y 68 -15.94 36.75 1.32
CA TRP Y 68 -15.28 36.78 0.03
C TRP Y 68 -15.04 38.18 -0.51
N LYS Y 69 -15.59 39.21 0.12
CA LYS Y 69 -15.44 40.58 -0.35
C LYS Y 69 -14.60 41.37 0.64
N SER Y 70 -13.59 42.05 0.13
CA SER Y 70 -12.69 42.85 0.96
C SER Y 70 -13.22 44.26 1.13
N PHE Y 71 -12.87 44.87 2.25
CA PHE Y 71 -13.27 46.26 2.50
C PHE Y 71 -12.10 47.02 3.10
N LEU Y 72 -12.03 48.31 2.78
CA LEU Y 72 -10.97 49.14 3.34
C LEU Y 72 -11.19 49.36 4.83
N TRP Y 73 -10.08 49.49 5.55
CA TRP Y 73 -10.11 49.75 6.98
C TRP Y 73 -8.78 50.36 7.39
N THR Y 74 -8.86 51.27 8.35
CA THR Y 74 -7.68 51.90 8.92
C THR Y 74 -7.52 51.43 10.35
N PRO Y 75 -6.54 50.57 10.65
CA PRO Y 75 -6.32 50.16 12.03
C PRO Y 75 -6.00 51.38 12.88
N PRO Y 76 -6.39 51.38 14.15
CA PRO Y 76 -6.13 52.55 14.99
C PRO Y 76 -4.65 52.86 15.04
N TYR Y 77 -4.29 54.06 14.56
CA TYR Y 77 -2.88 54.48 14.50
C TYR Y 77 -2.16 53.59 13.48
N GLU Y 78 -0.84 53.76 13.32
CA GLU Y 78 -0.02 53.05 12.34
C GLU Y 78 -0.23 53.63 10.95
N TRP Y 79 0.88 54.02 10.32
CA TRP Y 79 0.90 54.76 9.07
C TRP Y 79 0.58 53.84 7.89
N ARG Y 80 -0.66 53.36 7.88
CA ARG Y 80 -1.11 52.44 6.84
C ARG Y 80 -2.63 52.43 6.79
N GLN Y 81 -3.15 52.26 5.56
CA GLN Y 81 -4.55 52.02 5.29
C GLN Y 81 -4.64 50.72 4.50
N ILE Y 82 -5.39 49.75 5.02
CA ILE Y 82 -5.31 48.40 4.48
C ILE Y 82 -6.68 47.94 4.03
N LYS Y 83 -6.72 46.79 3.37
CA LYS Y 83 -7.96 46.15 2.96
C LYS Y 83 -8.05 44.78 3.60
N VAL Y 84 -9.19 44.49 4.23
CA VAL Y 84 -9.32 43.36 5.13
C VAL Y 84 -10.54 42.53 4.72
N THR Y 85 -10.52 41.26 5.13
CA THR Y 85 -11.70 40.40 5.05
C THR Y 85 -11.89 39.70 6.40
N CYS Y 86 -13.15 39.39 6.72
CA CYS Y 86 -13.46 38.72 7.97
C CYS Y 86 -14.36 37.52 7.70
N ALA Y 87 -14.16 36.46 8.48
CA ALA Y 87 -14.94 35.25 8.29
C ALA Y 87 -15.33 34.52 9.57
N LYS Y 88 -15.06 35.07 10.75
CA LYS Y 88 -15.30 34.35 12.00
C LYS Y 88 -15.87 35.28 13.07
N TRP Y 89 -16.84 36.10 12.72
CA TRP Y 89 -17.43 37.00 13.70
C TRP Y 89 -18.38 36.23 14.62
N SER Y 90 -18.51 36.72 15.85
CA SER Y 90 -19.32 36.08 16.87
C SER Y 90 -19.81 37.14 17.85
N SER Y 91 -20.99 36.91 18.41
CA SER Y 91 -21.64 37.91 19.26
C SER Y 91 -22.14 37.27 20.56
N ARG Y 92 -22.17 38.08 21.62
CA ARG Y 92 -22.63 37.66 22.93
C ARG Y 92 -23.73 38.62 23.40
N VAL Y 93 -24.98 38.27 23.09
CA VAL Y 93 -26.12 39.08 23.55
C VAL Y 93 -26.41 38.71 24.99
N SER Y 94 -26.35 39.69 25.90
CA SER Y 94 -26.62 39.40 27.30
C SER Y 94 -27.86 40.11 27.82
N MET Y 95 -27.84 41.44 28.00
CA MET Y 95 -29.08 42.09 28.41
C MET Y 95 -29.40 43.33 27.56
N LEU Y 96 -28.46 44.23 27.46
CA LEU Y 96 -28.65 45.51 26.77
C LEU Y 96 -27.60 45.74 25.70
N ARG Y 97 -26.35 45.42 25.97
CA ARG Y 97 -25.27 45.53 25.00
C ARG Y 97 -24.87 44.15 24.51
N VAL Y 98 -24.37 44.10 23.29
CA VAL Y 98 -23.83 42.89 22.70
C VAL Y 98 -22.39 43.16 22.31
N GLU Y 99 -21.50 42.26 22.65
CA GLU Y 99 -20.09 42.35 22.28
C GLU Y 99 -19.79 41.39 21.16
N PHE Y 100 -19.13 41.91 20.13
CA PHE Y 100 -18.69 41.15 18.97
C PHE Y 100 -17.20 40.89 19.10
N SER Y 101 -16.79 39.64 18.85
CA SER Y 101 -15.38 39.26 18.87
C SER Y 101 -15.06 38.67 17.50
N ALA Y 102 -14.71 39.52 16.55
CA ALA Y 102 -14.47 39.10 15.19
C ALA Y 102 -12.97 39.06 14.92
N GLU Y 103 -12.60 38.43 13.81
CA GLU Y 103 -11.21 38.33 13.39
C GLU Y 103 -11.09 38.89 11.98
N PHE Y 104 -10.03 39.65 11.74
CA PHE Y 104 -9.83 40.40 10.51
C PHE Y 104 -8.50 39.96 9.91
N GLU Y 105 -8.50 39.59 8.65
CA GLU Y 105 -7.29 39.12 7.98
C GLU Y 105 -6.96 40.07 6.83
N GLN Y 106 -5.70 40.50 6.78
CA GLN Y 106 -5.24 41.38 5.73
C GLN Y 106 -5.14 40.62 4.41
N VAL Y 107 -5.51 41.28 3.32
CA VAL Y 107 -5.37 40.73 1.99
C VAL Y 107 -5.01 41.86 1.03
N VAL Y 108 -4.10 41.57 0.12
CA VAL Y 108 -3.73 42.52 -0.93
C VAL Y 108 -4.86 42.50 -1.96
N ASN Y 109 -4.99 43.58 -2.73
CA ASN Y 109 -6.05 43.73 -3.73
C ASN Y 109 -6.32 42.46 -4.53
N MET Z 1 24.47 45.50 8.33
CA MET Z 1 24.18 44.76 9.56
C MET Z 1 23.76 45.70 10.68
N LYS Z 2 22.48 45.68 11.01
CA LYS Z 2 21.95 46.56 12.05
C LYS Z 2 22.20 45.95 13.43
N THR Z 3 21.74 46.64 14.46
CA THR Z 3 21.90 46.20 15.83
C THR Z 3 20.60 46.44 16.59
N PHE Z 4 20.54 45.96 17.82
CA PHE Z 4 19.34 46.04 18.64
C PHE Z 4 19.67 46.76 19.93
N ARG Z 5 18.86 47.75 20.30
CA ARG Z 5 19.10 48.53 21.50
C ARG Z 5 17.86 48.75 22.35
N TRP Z 6 16.71 48.19 22.00
CA TRP Z 6 15.54 48.35 22.83
C TRP Z 6 15.68 47.55 24.11
N LYS Z 7 15.37 48.18 25.23
CA LYS Z 7 15.48 47.56 26.54
C LYS Z 7 14.33 46.59 26.78
N VAL Z 8 14.59 45.60 27.64
CA VAL Z 8 13.74 44.43 27.80
C VAL Z 8 13.18 44.40 29.22
N LYS Z 9 11.89 44.06 29.34
CA LYS Z 9 11.14 43.98 30.59
C LYS Z 9 11.51 42.72 31.36
N PRO Z 10 11.40 42.75 32.69
CA PRO Z 10 11.68 41.55 33.49
C PRO Z 10 10.70 40.42 33.18
N GLY Z 11 11.17 39.20 33.39
CA GLY Z 11 10.42 38.01 33.04
C GLY Z 11 10.86 37.35 31.76
N MET Z 12 11.92 37.83 31.13
CA MET Z 12 12.40 37.24 29.89
C MET Z 12 12.85 35.80 30.14
N ASP Z 13 12.57 34.93 29.18
CA ASP Z 13 12.81 33.51 29.34
C ASP Z 13 13.88 33.07 28.35
N VAL Z 14 14.60 32.01 28.71
CA VAL Z 14 15.62 31.44 27.83
C VAL Z 14 15.57 29.92 27.94
N ALA Z 15 15.63 29.24 26.81
CA ALA Z 15 15.59 27.80 26.76
C ALA Z 15 16.73 27.29 25.89
N SER Z 16 17.20 26.08 26.19
CA SER Z 16 18.32 25.50 25.46
C SER Z 16 18.18 23.99 25.46
N VAL Z 17 18.14 23.39 24.27
CA VAL Z 17 18.14 21.94 24.13
C VAL Z 17 19.30 21.55 23.23
N PRO Z 18 20.39 21.01 23.78
CA PRO Z 18 21.52 20.60 22.93
C PRO Z 18 21.19 19.32 22.17
N SER Z 19 21.43 19.34 20.86
CA SER Z 19 21.18 18.17 20.04
C SER Z 19 22.29 17.14 20.25
N VAL Z 20 21.91 15.95 20.72
CA VAL Z 20 22.86 14.88 20.99
C VAL Z 20 22.41 13.61 20.29
N ARG Z 21 23.35 12.70 20.11
CA ARG Z 21 23.10 11.43 19.42
C ARG Z 21 23.03 10.34 20.49
N LYS Z 22 21.84 10.12 21.02
CA LYS Z 22 21.62 9.13 22.06
C LYS Z 22 21.25 7.79 21.46
N VAL Z 23 21.94 6.74 21.87
CA VAL Z 23 21.54 5.37 21.52
C VAL Z 23 21.76 4.49 22.74
N ARG Z 24 20.71 3.81 23.18
CA ARG Z 24 20.72 3.00 24.38
C ARG Z 24 21.05 1.56 24.04
N PHE Z 25 21.93 0.95 24.80
CA PHE Z 25 22.34 -0.44 24.58
C PHE Z 25 21.56 -1.35 25.52
N GLY Z 26 21.96 -2.62 25.56
CA GLY Z 26 21.28 -3.64 26.34
C GLY Z 26 21.05 -3.27 27.80
N ASP Z 27 22.14 -3.06 28.54
CA ASP Z 27 22.08 -2.66 29.95
C ASP Z 27 22.89 -1.37 30.07
N GLY Z 28 22.18 -0.24 29.97
CA GLY Z 28 22.88 1.04 29.95
C GLY Z 28 23.81 1.11 28.75
N TYR Z 29 25.06 1.51 29.00
CA TYR Z 29 26.07 1.64 27.96
C TYR Z 29 25.59 2.59 26.85
N SER Z 30 24.80 3.58 27.22
CA SER Z 30 24.16 4.47 26.25
C SER Z 30 25.23 5.32 25.57
N GLN Z 31 25.50 5.03 24.29
CA GLN Z 31 26.42 5.85 23.51
C GLN Z 31 25.82 7.23 23.25
N ARG Z 32 26.59 8.26 23.55
CA ARG Z 32 26.18 9.64 23.34
C ARG Z 32 27.25 10.39 22.57
N ALA Z 33 26.81 11.24 21.65
CA ALA Z 33 27.70 12.05 20.83
C ALA Z 33 27.17 13.46 20.76
N PRO Z 34 28.05 14.46 20.57
CA PRO Z 34 27.59 15.86 20.55
C PRO Z 34 26.83 16.25 19.30
N ALA Z 35 26.65 15.36 18.32
CA ALA Z 35 25.97 15.67 17.05
C ALA Z 35 26.76 16.80 16.38
N GLY Z 36 26.13 17.91 16.02
CA GLY Z 36 26.86 18.99 15.37
C GLY Z 36 27.90 19.62 16.27
N LEU Z 37 28.82 20.34 15.65
CA LEU Z 37 29.91 20.97 16.39
C LEU Z 37 29.37 22.03 17.35
N ASN Z 38 28.72 23.06 16.82
CA ASN Z 38 28.07 24.07 17.66
C ASN Z 38 26.59 23.74 17.81
N ALA Z 39 26.34 22.65 18.56
CA ALA Z 39 24.98 22.13 18.67
C ALA Z 39 24.10 23.02 19.56
N ASN Z 40 24.68 23.61 20.60
CA ASN Z 40 23.89 24.34 21.59
C ASN Z 40 23.60 25.74 21.07
N LEU Z 41 22.33 26.01 20.78
CA LEU Z 41 21.89 27.34 20.34
C LEU Z 41 20.66 27.72 21.16
N LYS Z 42 20.78 28.77 21.97
CA LYS Z 42 19.71 29.15 22.86
C LYS Z 42 18.56 29.81 22.10
N THR Z 43 17.39 29.82 22.73
CA THR Z 43 16.21 30.51 22.22
C THR Z 43 15.60 31.34 23.33
N TYR Z 44 15.42 32.63 23.07
CA TYR Z 44 14.93 33.56 24.07
C TYR Z 44 13.48 33.94 23.79
N SER Z 45 12.73 34.19 24.84
CA SER Z 45 11.39 34.75 24.77
C SER Z 45 11.43 36.11 25.45
N VAL Z 46 11.19 37.16 24.67
CA VAL Z 46 11.42 38.54 25.09
C VAL Z 46 10.12 39.32 24.98
N THR Z 47 9.81 40.08 26.03
CA THR Z 47 8.64 40.95 26.07
C THR Z 47 9.07 42.38 26.35
N LEU Z 48 8.52 43.32 25.58
CA LEU Z 48 8.76 44.75 25.76
C LEU Z 48 7.43 45.45 26.01
N SER Z 49 7.51 46.72 26.39
CA SER Z 49 6.31 47.54 26.60
C SER Z 49 6.68 48.97 26.29
N VAL Z 50 6.09 49.53 25.23
CA VAL Z 50 6.45 50.88 24.80
C VAL Z 50 5.20 51.71 24.57
N PRO Z 51 5.23 53.02 24.79
CA PRO Z 51 4.08 53.85 24.45
C PRO Z 51 3.86 53.86 22.94
N ARG Z 52 2.62 54.17 22.56
CA ARG Z 52 2.19 53.97 21.18
C ARG Z 52 2.97 54.81 20.19
N GLU Z 53 3.66 55.86 20.63
CA GLU Z 53 4.35 56.75 19.70
C GLU Z 53 5.44 56.01 18.93
N GLU Z 54 6.25 55.19 19.61
CA GLU Z 54 7.32 54.46 18.96
C GLU Z 54 6.94 53.03 18.57
N ALA Z 55 5.65 52.67 18.69
CA ALA Z 55 5.21 51.37 18.22
C ALA Z 55 5.46 51.23 16.72
N THR Z 56 5.19 52.30 15.95
CA THR Z 56 5.48 52.27 14.53
C THR Z 56 6.96 52.08 14.27
N VAL Z 57 7.82 52.75 15.05
CA VAL Z 57 9.26 52.64 14.83
C VAL Z 57 9.72 51.20 15.06
N LEU Z 58 9.30 50.60 16.18
CA LEU Z 58 9.69 49.24 16.46
C LEU Z 58 9.15 48.27 15.41
N GLU Z 59 7.90 48.46 15.01
CA GLU Z 59 7.31 47.59 13.99
C GLU Z 59 8.04 47.71 12.66
N SER Z 60 8.42 48.93 12.27
CA SER Z 60 9.13 49.12 11.02
C SER Z 60 10.51 48.46 11.07
N PHE Z 61 11.21 48.59 12.20
CA PHE Z 61 12.51 47.92 12.31
C PHE Z 61 12.36 46.41 12.23
N LEU Z 62 11.34 45.87 12.90
CA LEU Z 62 11.10 44.43 12.86
C LEU Z 62 10.67 43.97 11.48
N GLU Z 63 10.01 44.84 10.71
CA GLU Z 63 9.58 44.51 9.36
C GLU Z 63 10.75 44.52 8.38
N GLU Z 64 11.69 45.45 8.58
CA GLU Z 64 12.79 45.59 7.63
C GLU Z 64 13.53 44.27 7.46
N HIS Z 65 13.85 43.60 8.57
CA HIS Z 65 14.58 42.34 8.50
C HIS Z 65 13.70 41.18 8.08
N GLY Z 66 12.38 41.33 8.14
CA GLY Z 66 11.49 40.23 7.80
C GLY Z 66 11.72 39.06 8.73
N GLY Z 67 11.84 37.87 8.15
CA GLY Z 67 12.17 36.68 8.92
C GLY Z 67 13.36 35.95 8.32
N TRP Z 68 14.15 36.66 7.52
CA TRP Z 68 15.26 36.08 6.80
C TRP Z 68 16.58 36.79 7.03
N LYS Z 69 16.62 37.85 7.83
CA LYS Z 69 17.84 38.58 8.09
C LYS Z 69 18.18 38.48 9.58
N SER Z 70 19.47 38.42 9.87
CA SER Z 70 19.96 38.34 11.24
C SER Z 70 20.47 39.70 11.69
N PHE Z 71 20.30 39.98 12.98
CA PHE Z 71 20.78 41.22 13.55
C PHE Z 71 21.50 40.94 14.85
N LEU Z 72 22.56 41.69 15.10
CA LEU Z 72 23.33 41.53 16.33
C LEU Z 72 22.53 42.04 17.52
N TRP Z 73 22.60 41.30 18.63
CA TRP Z 73 21.90 41.71 19.84
C TRP Z 73 22.67 41.18 21.04
N THR Z 74 22.85 42.03 22.05
CA THR Z 74 23.57 41.64 23.25
C THR Z 74 22.58 41.33 24.35
N PRO Z 75 22.40 40.06 24.74
CA PRO Z 75 21.48 39.76 25.82
C PRO Z 75 21.93 40.41 27.11
N PRO Z 76 21.00 40.71 28.03
CA PRO Z 76 21.37 41.44 29.24
C PRO Z 76 22.37 40.66 30.08
N TYR Z 77 23.48 41.34 30.44
CA TYR Z 77 24.54 40.83 31.31
C TYR Z 77 25.35 39.70 30.72
N GLU Z 78 24.89 39.08 29.64
CA GLU Z 78 25.64 37.96 29.08
C GLU Z 78 26.90 38.49 28.40
N TRP Z 79 27.88 37.61 28.26
CA TRP Z 79 29.20 38.06 27.84
C TRP Z 79 29.28 38.15 26.32
N ARG Z 80 29.13 37.01 25.64
CA ARG Z 80 29.29 37.01 24.20
C ARG Z 80 28.11 37.71 23.53
N GLN Z 81 28.43 38.63 22.63
CA GLN Z 81 27.40 39.21 21.77
C GLN Z 81 27.06 38.23 20.65
N ILE Z 82 25.77 38.02 20.43
CA ILE Z 82 25.31 37.03 19.46
C ILE Z 82 24.55 37.73 18.35
N LYS Z 83 24.27 36.98 17.29
CA LYS Z 83 23.42 37.42 16.21
C LYS Z 83 22.18 36.53 16.16
N VAL Z 84 21.02 37.14 15.97
CA VAL Z 84 19.75 36.44 16.19
C VAL Z 84 18.78 36.82 15.08
N THR Z 85 17.83 35.91 14.82
CA THR Z 85 16.72 36.13 13.90
C THR Z 85 15.42 35.77 14.58
N CYS Z 86 14.34 36.42 14.16
CA CYS Z 86 13.02 36.16 14.71
C CYS Z 86 12.02 36.02 13.58
N ALA Z 87 10.96 35.25 13.82
CA ALA Z 87 9.94 35.01 12.81
C ALA Z 87 8.52 35.10 13.36
N LYS Z 88 8.34 35.47 14.63
CA LYS Z 88 7.01 35.59 15.22
C LYS Z 88 7.02 36.74 16.21
N TRP Z 89 6.00 37.60 16.13
CA TRP Z 89 5.85 38.66 17.12
C TRP Z 89 4.39 39.06 17.18
N SER Z 90 3.95 39.51 18.35
CA SER Z 90 2.58 39.92 18.56
C SER Z 90 2.57 41.11 19.51
N SER Z 91 1.45 41.81 19.54
CA SER Z 91 1.36 43.02 20.37
C SER Z 91 -0.06 43.19 20.90
N ARG Z 92 -0.15 43.84 22.04
CA ARG Z 92 -1.43 44.24 22.66
C ARG Z 92 -1.41 45.76 22.78
N VAL Z 93 -2.35 46.42 22.11
CA VAL Z 93 -2.49 47.87 22.19
C VAL Z 93 -3.71 48.17 23.05
N SER Z 94 -3.49 48.66 24.26
CA SER Z 94 -4.62 48.85 25.19
C SER Z 94 -5.20 50.25 25.12
N MET Z 95 -4.48 51.24 25.65
CA MET Z 95 -4.92 52.61 25.46
C MET Z 95 -3.77 53.56 25.17
N LEU Z 96 -2.67 53.39 25.90
CA LEU Z 96 -1.51 54.26 25.82
C LEU Z 96 -0.23 53.50 25.52
N ARG Z 97 -0.05 52.34 26.14
CA ARG Z 97 1.15 51.53 25.96
C ARG Z 97 0.79 50.24 25.26
N VAL Z 98 1.58 49.87 24.26
CA VAL Z 98 1.46 48.60 23.57
C VAL Z 98 2.57 47.69 24.07
N GLU Z 99 2.21 46.46 24.41
CA GLU Z 99 3.18 45.48 24.90
C GLU Z 99 3.44 44.46 23.81
N PHE Z 100 4.73 44.15 23.59
CA PHE Z 100 5.19 43.31 22.51
C PHE Z 100 5.71 42.00 23.08
N SER Z 101 5.34 40.90 22.44
CA SER Z 101 5.85 39.58 22.80
C SER Z 101 6.45 38.93 21.57
N ALA Z 102 7.69 38.44 21.70
CA ALA Z 102 8.39 37.87 20.56
C ALA Z 102 9.36 36.82 21.04
N GLU Z 103 9.85 36.01 20.11
CA GLU Z 103 10.87 35.02 20.39
C GLU Z 103 12.06 35.26 19.47
N PHE Z 104 13.25 35.19 20.05
CA PHE Z 104 14.51 35.44 19.35
C PHE Z 104 15.30 34.15 19.33
N GLU Z 105 15.50 33.59 18.14
CA GLU Z 105 16.17 32.31 17.98
C GLU Z 105 17.61 32.56 17.53
N GLN Z 106 18.56 32.22 18.39
CA GLN Z 106 19.96 32.43 18.06
C GLN Z 106 20.35 31.58 16.86
N VAL Z 107 21.08 32.19 15.93
CA VAL Z 107 21.54 31.50 14.74
C VAL Z 107 23.03 31.79 14.55
N VAL Z 108 23.72 30.82 13.96
CA VAL Z 108 25.14 30.97 13.63
C VAL Z 108 25.26 31.87 12.41
N ASN Z 109 26.49 32.29 12.10
CA ASN Z 109 26.75 33.19 10.97
C ASN Z 109 26.09 32.74 9.68
N MET AA 1 36.07 13.32 35.54
CA MET AA 1 34.68 13.59 35.86
C MET AA 1 34.55 14.62 36.97
N LYS AA 2 33.83 15.71 36.67
CA LYS AA 2 33.62 16.78 37.63
C LYS AA 2 32.47 16.40 38.57
N THR AA 3 32.05 17.34 39.41
CA THR AA 3 30.95 17.09 40.32
C THR AA 3 29.92 18.21 40.23
N PHE AA 4 28.92 18.18 41.12
CA PHE AA 4 27.85 19.17 41.14
C PHE AA 4 27.54 19.48 42.60
N ARG AA 5 28.12 20.55 43.11
CA ARG AA 5 28.00 20.91 44.52
C ARG AA 5 27.02 22.05 44.78
N TRP AA 6 26.31 22.52 43.76
CA TRP AA 6 25.31 23.55 43.97
C TRP AA 6 24.15 23.01 44.81
N LYS AA 7 23.60 23.87 45.66
CA LYS AA 7 22.48 23.48 46.50
C LYS AA 7 21.18 23.52 45.70
N VAL AA 8 20.19 22.79 46.19
CA VAL AA 8 18.92 22.60 45.49
C VAL AA 8 17.78 23.08 46.37
N LYS AA 9 16.87 23.84 45.78
CA LYS AA 9 15.73 24.41 46.49
C LYS AA 9 14.68 23.34 46.77
N PRO AA 10 13.81 23.57 47.76
CA PRO AA 10 12.72 22.63 48.01
C PRO AA 10 11.78 22.53 46.83
N GLY AA 11 11.21 21.34 46.66
CA GLY AA 11 10.33 21.05 45.55
C GLY AA 11 10.93 20.17 44.48
N MET AA 12 12.14 19.66 44.68
CA MET AA 12 12.74 18.74 43.72
C MET AA 12 11.87 17.51 43.55
N ASP AA 13 11.71 17.06 42.31
CA ASP AA 13 10.80 15.96 42.01
C ASP AA 13 11.60 14.75 41.55
N VAL AA 14 11.12 13.57 41.92
CA VAL AA 14 11.76 12.31 41.55
C VAL AA 14 10.75 11.40 40.89
N ALA AA 15 11.11 10.84 39.74
CA ALA AA 15 10.24 9.93 39.01
C ALA AA 15 10.98 8.62 38.76
N SER AA 16 10.23 7.54 38.71
CA SER AA 16 10.81 6.21 38.55
C SER AA 16 9.83 5.32 37.80
N VAL AA 17 10.24 4.82 36.65
CA VAL AA 17 9.43 3.91 35.85
C VAL AA 17 10.29 2.71 35.48
N PRO AA 18 10.35 1.67 36.32
CA PRO AA 18 11.15 0.49 35.98
C PRO AA 18 10.58 -0.22 34.76
N SER AA 19 11.49 -0.82 33.99
CA SER AA 19 11.10 -1.49 32.75
C SER AA 19 10.76 -2.95 33.02
N VAL AA 20 9.56 -3.35 32.61
CA VAL AA 20 9.09 -4.72 32.74
C VAL AA 20 8.52 -5.17 31.40
N ARG AA 21 8.41 -6.49 31.23
CA ARG AA 21 7.86 -7.08 30.02
C ARG AA 21 6.42 -7.52 30.25
N LYS AA 22 5.52 -6.54 30.25
CA LYS AA 22 4.09 -6.82 30.30
C LYS AA 22 3.63 -7.60 29.08
N VAL AA 23 2.66 -8.48 29.29
CA VAL AA 23 1.93 -9.13 28.21
C VAL AA 23 0.61 -9.66 28.76
N ARG AA 24 -0.50 -9.35 28.08
CA ARG AA 24 -1.82 -9.49 28.66
C ARG AA 24 -2.56 -10.71 28.11
N PHE AA 25 -3.35 -11.34 28.97
CA PHE AA 25 -4.03 -12.59 28.66
C PHE AA 25 -5.49 -12.46 29.09
N GLY AA 26 -6.22 -13.57 29.01
CA GLY AA 26 -7.63 -13.57 29.30
C GLY AA 26 -8.00 -13.09 30.68
N ASP AA 27 -7.64 -13.86 31.71
CA ASP AA 27 -7.96 -13.51 33.10
C ASP AA 27 -6.64 -13.47 33.88
N GLY AA 28 -5.96 -12.32 33.78
CA GLY AA 28 -4.69 -12.18 34.47
C GLY AA 28 -3.68 -13.21 34.04
N TYR AA 29 -3.03 -13.82 35.03
CA TYR AA 29 -1.84 -14.66 34.82
C TYR AA 29 -0.79 -13.92 34.01
N SER AA 30 -0.78 -12.59 34.12
CA SER AA 30 0.13 -11.76 33.34
C SER AA 30 1.56 -12.05 33.79
N GLN AA 31 2.29 -12.80 32.98
CA GLN AA 31 3.66 -13.15 33.33
C GLN AA 31 4.54 -11.91 33.30
N ARG AA 32 5.47 -11.84 34.25
CA ARG AA 32 6.29 -10.66 34.44
C ARG AA 32 7.75 -11.06 34.47
N ALA AA 33 8.59 -10.20 33.89
CA ALA AA 33 10.02 -10.43 33.88
C ALA AA 33 10.74 -9.13 34.24
N PRO AA 34 11.92 -9.24 34.86
CA PRO AA 34 12.63 -8.03 35.29
C PRO AA 34 13.32 -7.27 34.17
N ALA AA 35 13.23 -7.74 32.93
CA ALA AA 35 13.83 -7.08 31.76
C ALA AA 35 15.34 -6.99 31.99
N GLY AA 36 15.95 -5.82 31.86
CA GLY AA 36 17.38 -5.71 32.05
C GLY AA 36 17.79 -5.85 33.52
N LEU AA 37 19.09 -5.76 33.74
CA LEU AA 37 19.61 -5.86 35.10
C LEU AA 37 19.30 -4.60 35.90
N ASN AA 38 19.85 -3.46 35.48
CA ASN AA 38 19.55 -2.18 36.13
C ASN AA 38 18.39 -1.51 35.38
N ALA AA 39 17.20 -2.05 35.63
CA ALA AA 39 16.02 -1.63 34.88
C ALA AA 39 15.66 -0.18 35.17
N ASN AA 40 15.51 0.17 36.45
CA ASN AA 40 15.02 1.49 36.79
C ASN AA 40 16.14 2.52 36.78
N LEU AA 41 15.78 3.74 36.39
CA LEU AA 41 16.74 4.85 36.36
C LEU AA 41 15.97 6.10 36.75
N LYS AA 42 16.21 6.58 37.96
CA LYS AA 42 15.47 7.72 38.50
C LYS AA 42 15.70 8.95 37.62
N THR AA 43 14.65 9.76 37.46
CA THR AA 43 14.75 11.05 36.78
C THR AA 43 14.41 12.15 37.76
N TYR AA 44 15.31 13.12 37.88
CA TYR AA 44 15.18 14.20 38.85
C TYR AA 44 14.81 15.50 38.14
N SER AA 45 13.98 16.30 38.81
CA SER AA 45 13.65 17.65 38.37
C SER AA 45 14.13 18.59 39.45
N VAL AA 46 15.09 19.45 39.11
CA VAL AA 46 15.87 20.21 40.06
C VAL AA 46 15.66 21.70 39.80
N THR AA 47 15.36 22.45 40.86
CA THR AA 47 15.20 23.89 40.79
C THR AA 47 16.24 24.57 41.66
N LEU AA 48 16.89 25.59 41.12
CA LEU AA 48 17.88 26.38 41.82
C LEU AA 48 17.56 27.86 41.64
N SER AA 49 18.13 28.69 42.52
CA SER AA 49 17.97 30.14 42.40
C SER AA 49 19.29 30.78 42.82
N VAL AA 50 19.94 31.46 41.88
CA VAL AA 50 21.22 32.10 42.18
C VAL AA 50 21.17 33.56 41.77
N PRO AA 51 21.91 34.44 42.43
CA PRO AA 51 22.02 35.81 41.93
C PRO AA 51 22.75 35.83 40.59
N ARG AA 52 22.50 36.88 39.81
CA ARG AA 52 22.96 36.90 38.43
C ARG AA 52 24.47 36.83 38.29
N GLU AA 53 25.23 37.12 39.33
CA GLU AA 53 26.68 37.17 39.21
C GLU AA 53 27.25 35.82 38.77
N GLU AA 54 26.80 34.73 39.39
CA GLU AA 54 27.32 33.40 39.07
C GLU AA 54 26.40 32.60 38.17
N ALA AA 55 25.32 33.22 37.67
CA ALA AA 55 24.49 32.54 36.68
C ALA AA 55 25.30 32.18 35.45
N THR AA 56 26.18 33.09 35.02
CA THR AA 56 27.04 32.80 33.89
C THR AA 56 27.96 31.62 34.18
N VAL AA 57 28.48 31.52 35.40
CA VAL AA 57 29.36 30.42 35.75
C VAL AA 57 28.60 29.10 35.68
N LEU AA 58 27.39 29.06 36.25
CA LEU AA 58 26.59 27.84 36.20
C LEU AA 58 26.26 27.47 34.75
N GLU AA 59 25.89 28.47 33.95
CA GLU AA 59 25.56 28.20 32.56
C GLU AA 59 26.76 27.64 31.80
N SER AA 60 27.94 28.20 32.04
CA SER AA 60 29.15 27.70 31.39
C SER AA 60 29.46 26.28 31.81
N PHE AA 61 29.29 25.97 33.09
CA PHE AA 61 29.53 24.59 33.54
C PHE AA 61 28.57 23.63 32.86
N LEU AA 62 27.29 24.01 32.77
CA LEU AA 62 26.33 23.11 32.15
C LEU AA 62 26.55 22.99 30.65
N GLU AA 63 27.03 24.06 30.01
CA GLU AA 63 27.30 24.02 28.58
C GLU AA 63 28.52 23.16 28.28
N GLU AA 64 29.52 23.19 29.17
CA GLU AA 64 30.74 22.43 28.93
C GLU AA 64 30.45 20.94 28.80
N HIS AA 65 29.57 20.42 29.65
CA HIS AA 65 29.20 19.01 29.55
C HIS AA 65 28.28 18.75 28.37
N GLY AA 66 27.55 19.76 27.92
CA GLY AA 66 26.59 19.55 26.85
C GLY AA 66 25.51 18.59 27.29
N GLY AA 67 25.10 17.71 26.38
CA GLY AA 67 24.11 16.70 26.71
C GLY AA 67 24.63 15.31 26.44
N TRP AA 68 25.95 15.15 26.52
CA TRP AA 68 26.61 13.90 26.19
C TRP AA 68 27.64 13.46 27.20
N LYS AA 69 27.97 14.28 28.19
CA LYS AA 69 28.99 13.95 29.17
C LYS AA 69 28.35 13.81 30.55
N SER AA 70 28.80 12.81 31.30
CA SER AA 70 28.27 12.53 32.62
C SER AA 70 29.10 13.21 33.69
N PHE AA 71 28.47 13.46 34.84
CA PHE AA 71 29.15 14.07 35.97
C PHE AA 71 28.55 13.51 37.26
N LEU AA 72 29.40 13.34 38.26
CA LEU AA 72 28.94 12.83 39.55
C LEU AA 72 28.04 13.85 40.23
N TRP AA 73 27.05 13.35 40.97
CA TRP AA 73 26.17 14.21 41.73
C TRP AA 73 25.57 13.39 42.86
N THR AA 74 25.45 14.02 44.03
CA THR AA 74 24.90 13.34 45.20
C THR AA 74 23.50 13.88 45.48
N PRO AA 75 22.45 13.10 45.28
CA PRO AA 75 21.11 13.58 45.63
C PRO AA 75 21.03 13.87 47.11
N PRO AA 76 20.19 14.82 47.52
CA PRO AA 76 20.18 15.25 48.92
C PRO AA 76 19.78 14.12 49.85
N TYR AA 77 20.69 13.77 50.77
CA TYR AA 77 20.46 12.81 51.84
C TYR AA 77 20.38 11.37 51.35
N GLU AA 78 20.31 11.17 50.04
CA GLU AA 78 20.16 9.82 49.52
C GLU AA 78 21.49 9.09 49.56
N TRP AA 79 21.43 7.79 49.79
CA TRP AA 79 22.59 6.97 50.12
C TRP AA 79 23.43 6.60 48.89
N ARG AA 80 23.20 7.22 47.74
CA ARG AA 80 23.84 6.80 46.50
C ARG AA 80 24.61 7.96 45.88
N GLN AA 81 25.79 7.66 45.34
CA GLN AA 81 26.55 8.60 44.54
C GLN AA 81 26.35 8.27 43.06
N ILE AA 82 25.23 8.74 42.53
CA ILE AA 82 24.85 8.38 41.16
C ILE AA 82 25.55 9.29 40.16
N LYS AA 83 25.61 8.83 38.92
CA LYS AA 83 26.10 9.60 37.79
C LYS AA 83 24.93 9.99 36.91
N VAL AA 84 24.85 11.26 36.54
CA VAL AA 84 23.66 11.80 35.90
C VAL AA 84 24.07 12.74 34.78
N THR AA 85 23.24 12.79 33.74
CA THR AA 85 23.41 13.71 32.62
C THR AA 85 22.14 14.53 32.43
N CYS AA 86 22.30 15.75 31.92
CA CYS AA 86 21.18 16.65 31.74
C CYS AA 86 21.14 17.13 30.30
N ALA AA 87 19.93 17.30 29.77
CA ALA AA 87 19.74 17.79 28.42
C ALA AA 87 18.68 18.88 28.31
N LYS AA 88 18.03 19.26 29.40
CA LYS AA 88 17.05 20.34 29.38
C LYS AA 88 17.22 21.21 30.61
N TRP AA 89 17.41 22.51 30.38
CA TRP AA 89 17.49 23.48 31.46
C TRP AA 89 17.05 24.82 30.94
N SER AA 90 16.40 25.59 31.81
CA SER AA 90 15.90 26.92 31.47
C SER AA 90 16.13 27.84 32.66
N SER AA 91 16.19 29.13 32.40
CA SER AA 91 16.44 30.10 33.47
C SER AA 91 15.52 31.31 33.31
N ARG AA 92 14.99 31.77 34.43
CA ARG AA 92 14.07 32.91 34.46
C ARG AA 92 14.76 34.13 35.06
N VAL AA 93 15.43 34.90 34.19
CA VAL AA 93 16.06 36.14 34.63
C VAL AA 93 14.98 37.17 34.86
N SER AA 94 14.87 37.69 36.09
CA SER AA 94 13.85 38.68 36.38
C SER AA 94 14.42 40.05 36.73
N MET AA 95 15.05 40.24 37.90
CA MET AA 95 15.76 41.49 38.13
C MET AA 95 17.08 41.30 38.85
N LEU AA 96 17.08 40.47 39.89
CA LEU AA 96 18.25 40.30 40.75
C LEU AA 96 18.70 38.85 40.82
N ARG AA 97 17.77 37.93 41.05
CA ARG AA 97 18.07 36.51 41.07
C ARG AA 97 17.48 35.87 39.82
N VAL AA 98 18.10 34.77 39.39
CA VAL AA 98 17.62 33.97 38.29
C VAL AA 98 17.46 32.54 38.78
N GLU AA 99 16.30 31.95 38.49
CA GLU AA 99 16.00 30.59 38.88
C GLU AA 99 16.16 29.66 37.69
N PHE AA 100 16.90 28.59 37.90
CA PHE AA 100 17.15 27.55 36.91
C PHE AA 100 16.24 26.36 37.19
N SER AA 101 15.54 25.91 36.16
CA SER AA 101 14.78 24.67 36.21
C SER AA 101 15.43 23.69 35.25
N ALA AA 102 15.89 22.56 35.76
CA ALA AA 102 16.63 21.61 34.94
C ALA AA 102 16.13 20.21 35.20
N GLU AA 103 16.36 19.32 34.24
CA GLU AA 103 16.03 17.91 34.41
C GLU AA 103 17.32 17.08 34.32
N PHE AA 104 17.40 16.05 35.16
CA PHE AA 104 18.61 15.26 35.34
C PHE AA 104 18.22 13.80 35.18
N GLU AA 105 18.73 13.14 34.15
CA GLU AA 105 18.41 11.73 33.91
C GLU AA 105 19.58 10.85 34.34
N GLN AA 106 19.29 9.85 35.17
CA GLN AA 106 20.33 8.97 35.65
C GLN AA 106 20.81 8.05 34.54
N VAL AA 107 22.11 7.74 34.57
CA VAL AA 107 22.70 6.85 33.60
C VAL AA 107 23.86 6.11 34.27
N VAL AA 108 24.01 4.83 33.94
CA VAL AA 108 25.14 4.04 34.42
C VAL AA 108 26.35 4.46 33.61
N ASN AA 109 27.55 4.20 34.14
CA ASN AA 109 28.81 4.57 33.50
C ASN AA 109 28.80 4.33 31.99
N MET BA 1 6.25 -14.13 50.11
CA MET BA 1 5.50 -12.94 49.75
C MET BA 1 5.51 -11.93 50.88
N LYS BA 2 5.80 -10.68 50.54
CA LYS BA 2 5.88 -9.62 51.52
C LYS BA 2 4.51 -8.96 51.69
N THR BA 3 4.38 -8.14 52.73
CA THR BA 3 3.14 -7.44 53.02
C THR BA 3 3.41 -5.95 53.13
N PHE BA 4 2.39 -5.16 52.85
CA PHE BA 4 2.49 -3.70 52.83
C PHE BA 4 1.67 -3.16 54.00
N ARG BA 5 2.36 -2.71 55.04
CA ARG BA 5 1.71 -2.21 56.25
C ARG BA 5 1.83 -0.70 56.41
N TRP BA 6 2.29 0.01 55.39
CA TRP BA 6 2.37 1.46 55.47
C TRP BA 6 0.97 2.08 55.46
N LYS BA 7 0.81 3.15 56.21
CA LYS BA 7 -0.49 3.77 56.40
C LYS BA 7 -0.72 4.86 55.36
N VAL BA 8 -1.96 4.97 54.91
CA VAL BA 8 -2.33 5.77 53.74
C VAL BA 8 -3.14 6.98 54.17
N LYS BA 9 -2.96 8.09 53.44
CA LYS BA 9 -3.58 9.39 53.69
C LYS BA 9 -4.97 9.47 53.07
N PRO BA 10 -5.81 10.37 53.55
CA PRO BA 10 -7.13 10.57 52.94
C PRO BA 10 -7.04 11.07 51.51
N GLY BA 11 -8.06 10.75 50.72
CA GLY BA 11 -8.07 11.08 49.32
C GLY BA 11 -7.65 9.96 48.39
N MET BA 12 -7.51 8.74 48.89
CA MET BA 12 -7.16 7.62 48.03
C MET BA 12 -8.25 7.42 46.99
N ASP BA 13 -7.83 7.02 45.79
CA ASP BA 13 -8.77 6.81 44.69
C ASP BA 13 -8.91 5.33 44.40
N VAL BA 14 -10.11 4.90 44.04
CA VAL BA 14 -10.33 3.54 43.55
C VAL BA 14 -11.08 3.69 42.22
N ALA BA 15 -10.58 3.00 41.20
CA ALA BA 15 -11.22 2.99 39.90
C ALA BA 15 -11.50 1.56 39.46
N SER BA 16 -12.59 1.38 38.73
CA SER BA 16 -13.01 0.05 38.31
C SER BA 16 -13.72 0.16 36.98
N VAL BA 17 -13.16 -0.46 35.95
CA VAL BA 17 -13.79 -0.58 34.65
C VAL BA 17 -13.87 -2.06 34.31
N PRO BA 18 -15.05 -2.67 34.43
CA PRO BA 18 -15.19 -4.09 34.07
C PRO BA 18 -14.99 -4.27 32.57
N SER BA 19 -14.40 -5.40 32.22
CA SER BA 19 -14.19 -5.76 30.81
C SER BA 19 -15.39 -6.57 30.35
N VAL BA 20 -16.21 -5.97 29.48
CA VAL BA 20 -17.41 -6.61 29.00
C VAL BA 20 -17.37 -6.70 27.49
N ARG BA 21 -18.08 -7.69 26.95
CA ARG BA 21 -18.20 -7.93 25.52
C ARG BA 21 -19.54 -7.34 25.08
N LYS BA 22 -19.48 -6.22 24.36
CA LYS BA 22 -20.67 -5.48 23.97
C LYS BA 22 -20.82 -5.51 22.46
N VAL BA 23 -22.01 -5.88 21.98
CA VAL BA 23 -22.35 -5.74 20.57
C VAL BA 23 -23.75 -5.19 20.45
N ARG BA 24 -23.90 -4.10 19.69
CA ARG BA 24 -25.18 -3.41 19.55
C ARG BA 24 -25.89 -3.84 18.27
N PHE BA 25 -27.19 -4.07 18.36
CA PHE BA 25 -27.99 -4.56 17.26
C PHE BA 25 -28.83 -3.43 16.67
N GLY BA 26 -29.76 -3.80 15.80
CA GLY BA 26 -30.58 -2.86 15.04
C GLY BA 26 -31.23 -1.73 15.81
N ASP BA 27 -32.14 -2.04 16.73
CA ASP BA 27 -32.85 -1.03 17.51
C ASP BA 27 -32.59 -1.19 19.00
N GLY BA 28 -31.34 -1.49 19.36
CA GLY BA 28 -30.99 -1.83 20.72
C GLY BA 28 -30.66 -3.30 20.85
N TYR BA 29 -31.10 -3.94 21.92
CA TYR BA 29 -30.94 -5.38 22.10
C TYR BA 29 -29.47 -5.80 22.01
N SER BA 30 -28.60 -5.01 22.64
CA SER BA 30 -27.18 -5.27 22.59
C SER BA 30 -26.85 -6.52 23.39
N GLN BA 31 -26.22 -7.49 22.75
CA GLN BA 31 -25.70 -8.65 23.47
C GLN BA 31 -24.51 -8.24 24.33
N ARG BA 32 -24.56 -8.63 25.60
CA ARG BA 32 -23.52 -8.30 26.56
C ARG BA 32 -23.04 -9.58 27.22
N ALA BA 33 -21.72 -9.67 27.38
CA ALA BA 33 -21.07 -10.84 27.98
C ALA BA 33 -20.05 -10.37 29.00
N PRO BA 34 -19.75 -11.20 30.01
CA PRO BA 34 -18.79 -10.78 31.04
C PRO BA 34 -17.33 -10.88 30.63
N ALA BA 35 -17.02 -11.33 29.42
CA ALA BA 35 -15.64 -11.51 28.94
C ALA BA 35 -14.95 -12.50 29.90
N GLY BA 36 -13.76 -12.18 30.41
CA GLY BA 36 -13.08 -13.11 31.30
C GLY BA 36 -13.84 -13.32 32.59
N LEU BA 37 -13.52 -14.44 33.25
CA LEU BA 37 -14.24 -14.81 34.47
C LEU BA 37 -14.02 -13.79 35.58
N ASN BA 38 -12.77 -13.40 35.82
CA ASN BA 38 -12.46 -12.38 36.82
C ASN BA 38 -12.26 -11.03 36.11
N ALA BA 39 -13.36 -10.52 35.58
CA ALA BA 39 -13.31 -9.32 34.75
C ALA BA 39 -12.91 -8.09 35.55
N ASN BA 40 -13.43 -7.94 36.75
CA ASN BA 40 -13.22 -6.73 37.54
C ASN BA 40 -11.91 -6.80 38.31
N LEU BA 41 -11.08 -5.76 38.14
CA LEU BA 41 -9.81 -5.65 38.85
C LEU BA 41 -9.62 -4.19 39.20
N LYS BA 42 -9.74 -3.85 40.48
CA LYS BA 42 -9.68 -2.46 40.90
C LYS BA 42 -8.27 -1.89 40.71
N THR BA 43 -8.20 -0.57 40.56
CA THR BA 43 -6.94 0.16 40.49
C THR BA 43 -6.97 1.27 41.51
N TYR BA 44 -6.02 1.29 42.43
CA TYR BA 44 -5.97 2.28 43.49
C TYR BA 44 -4.94 3.35 43.18
N SER BA 45 -5.21 4.56 43.66
CA SER BA 45 -4.26 5.67 43.63
C SER BA 45 -4.01 6.03 45.09
N VAL BA 46 -2.78 5.79 45.55
CA VAL BA 46 -2.44 5.84 46.96
C VAL BA 46 -1.36 6.89 47.18
N THR BA 47 -1.59 7.78 48.14
CA THR BA 47 -0.63 8.81 48.52
C THR BA 47 -0.26 8.65 49.97
N LEU BA 48 1.05 8.70 50.25
CA LEU BA 48 1.58 8.67 51.61
C LEU BA 48 2.32 9.98 51.86
N SER BA 49 2.64 10.22 53.13
CA SER BA 49 3.46 11.37 53.50
C SER BA 49 4.29 10.98 54.71
N VAL BA 50 5.59 10.77 54.52
CA VAL BA 50 6.45 10.30 55.60
C VAL BA 50 7.65 11.23 55.75
N PRO BA 51 8.21 11.37 56.95
CA PRO BA 51 9.43 12.17 57.10
C PRO BA 51 10.60 11.52 56.38
N ARG BA 52 11.58 12.36 56.03
CA ARG BA 52 12.68 11.92 55.18
C ARG BA 52 13.46 10.76 55.80
N GLU BA 53 13.50 10.66 57.13
CA GLU BA 53 14.31 9.64 57.78
C GLU BA 53 13.99 8.24 57.28
N GLU BA 54 12.72 7.85 57.29
CA GLU BA 54 12.33 6.54 56.77
C GLU BA 54 12.00 6.56 55.29
N ALA BA 55 12.12 7.72 54.64
CA ALA BA 55 11.81 7.79 53.21
C ALA BA 55 12.60 6.76 52.42
N THR BA 56 13.92 6.71 52.67
CA THR BA 56 14.77 5.73 51.99
C THR BA 56 14.19 4.33 52.11
N VAL BA 57 13.70 3.98 53.30
CA VAL BA 57 13.18 2.64 53.53
C VAL BA 57 12.11 2.32 52.50
N LEU BA 58 11.15 3.23 52.32
CA LEU BA 58 10.11 2.99 51.31
C LEU BA 58 10.73 2.66 49.98
N GLU BA 59 11.64 3.52 49.51
CA GLU BA 59 12.27 3.28 48.21
C GLU BA 59 12.89 1.90 48.17
N SER BA 60 13.63 1.53 49.23
CA SER BA 60 14.27 0.23 49.25
C SER BA 60 13.25 -0.87 49.05
N PHE BA 61 12.15 -0.84 49.82
CA PHE BA 61 11.12 -1.85 49.63
C PHE BA 61 10.54 -1.76 48.23
N LEU BA 62 10.24 -0.54 47.78
CA LEU BA 62 9.68 -0.38 46.45
C LEU BA 62 10.70 -0.71 45.38
N GLU BA 63 11.99 -0.71 45.72
CA GLU BA 63 13.00 -1.14 44.79
C GLU BA 63 13.09 -2.66 44.74
N GLU BA 64 12.77 -3.32 45.85
CA GLU BA 64 12.99 -4.77 45.94
C GLU BA 64 12.10 -5.50 44.95
N HIS BA 65 10.82 -5.15 44.90
CA HIS BA 65 9.88 -5.85 44.02
C HIS BA 65 10.02 -5.41 42.57
N GLY BA 66 10.66 -4.28 42.31
CA GLY BA 66 10.69 -3.76 40.95
C GLY BA 66 9.28 -3.49 40.46
N GLY BA 67 8.97 -3.97 39.26
CA GLY BA 67 7.63 -3.86 38.73
C GLY BA 67 7.13 -5.21 38.25
N TRP BA 68 7.73 -6.28 38.75
CA TRP BA 68 7.42 -7.63 38.30
C TRP BA 68 7.02 -8.58 39.42
N LYS BA 69 7.05 -8.14 40.67
CA LYS BA 69 6.67 -8.98 41.79
C LYS BA 69 5.41 -8.42 42.44
N SER BA 70 4.57 -9.32 42.93
CA SER BA 70 3.33 -8.94 43.58
C SER BA 70 3.45 -9.12 45.09
N PHE BA 71 2.81 -8.23 45.83
CA PHE BA 71 2.83 -8.27 47.28
C PHE BA 71 1.41 -8.12 47.81
N LEU BA 72 1.14 -8.76 48.94
CA LEU BA 72 -0.17 -8.69 49.56
C LEU BA 72 -0.35 -7.36 50.27
N TRP BA 73 -1.55 -6.80 50.15
CA TRP BA 73 -1.87 -5.54 50.79
C TRP BA 73 -3.37 -5.48 51.06
N THR BA 74 -3.73 -5.26 52.31
CA THR BA 74 -5.15 -5.17 52.69
C THR BA 74 -5.61 -3.73 52.58
N PRO BA 75 -6.55 -3.40 51.70
CA PRO BA 75 -7.03 -2.03 51.62
C PRO BA 75 -7.77 -1.64 52.88
N PRO BA 76 -7.89 -0.35 53.18
CA PRO BA 76 -8.49 0.08 54.45
C PRO BA 76 -9.96 -0.30 54.55
N TYR BA 77 -10.28 -1.06 55.60
CA TYR BA 77 -11.65 -1.45 55.97
C TYR BA 77 -12.23 -2.47 55.00
N GLU BA 78 -11.55 -2.70 53.88
CA GLU BA 78 -12.11 -3.57 52.86
C GLU BA 78 -11.94 -5.03 53.25
N TRP BA 79 -12.95 -5.81 52.94
CA TRP BA 79 -13.11 -7.20 53.34
C TRP BA 79 -12.17 -8.15 52.62
N ARG BA 80 -11.19 -7.64 51.89
CA ARG BA 80 -10.36 -8.44 51.00
C ARG BA 80 -8.89 -8.35 51.40
N GLN BA 81 -8.18 -9.47 51.25
CA GLN BA 81 -6.72 -9.50 51.35
C GLN BA 81 -6.18 -9.80 49.95
N ILE BA 82 -5.89 -8.73 49.22
CA ILE BA 82 -5.57 -8.85 47.80
C ILE BA 82 -4.07 -8.74 47.57
N LYS BA 83 -3.63 -9.06 46.36
CA LYS BA 83 -2.24 -8.93 45.96
C LYS BA 83 -2.16 -7.94 44.79
N VAL BA 84 -1.16 -7.06 44.84
CA VAL BA 84 -1.16 -5.88 43.99
C VAL BA 84 0.28 -5.50 43.63
N THR BA 85 0.46 -4.96 42.43
CA THR BA 85 1.76 -4.49 41.97
C THR BA 85 1.70 -3.01 41.59
N CYS BA 86 2.85 -2.34 41.70
CA CYS BA 86 2.94 -0.93 41.36
C CYS BA 86 4.22 -0.70 40.55
N ALA BA 87 4.14 0.25 39.61
CA ALA BA 87 5.28 0.52 38.74
C ALA BA 87 5.48 2.01 38.45
N LYS BA 88 4.78 2.91 39.15
CA LYS BA 88 4.81 4.32 38.79
C LYS BA 88 4.87 5.21 40.04
N TRP BA 89 5.75 4.89 40.97
CA TRP BA 89 5.84 5.69 42.19
C TRP BA 89 6.68 6.94 41.95
N SER BA 90 6.32 8.02 42.63
CA SER BA 90 7.04 9.28 42.55
C SER BA 90 7.01 9.96 43.91
N SER BA 91 7.96 10.84 44.15
CA SER BA 91 8.12 11.46 45.46
C SER BA 91 8.35 12.96 45.33
N ARG BA 92 7.85 13.71 46.32
CA ARG BA 92 8.05 15.16 46.38
C ARG BA 92 8.79 15.52 47.66
N VAL BA 93 10.12 15.49 47.59
CA VAL BA 93 10.94 15.88 48.73
C VAL BA 93 10.98 17.40 48.81
N SER BA 94 10.52 17.96 49.94
CA SER BA 94 10.52 19.42 50.05
C SER BA 94 11.46 19.92 51.14
N MET BA 95 11.16 19.72 52.42
CA MET BA 95 12.12 20.12 53.44
C MET BA 95 12.36 19.03 54.47
N LEU BA 96 11.29 18.52 55.03
CA LEU BA 96 11.29 17.60 56.17
C LEU BA 96 10.49 16.34 55.90
N ARG BA 97 9.37 16.45 55.20
CA ARG BA 97 8.50 15.33 54.90
C ARG BA 97 8.35 15.20 53.39
N VAL BA 98 8.50 13.97 52.89
CA VAL BA 98 8.32 13.68 51.47
C VAL BA 98 6.99 12.98 51.30
N GLU BA 99 6.25 13.37 50.27
CA GLU BA 99 4.97 12.76 49.95
C GLU BA 99 5.13 11.87 48.72
N PHE BA 100 4.57 10.67 48.82
CA PHE BA 100 4.63 9.66 47.78
C PHE BA 100 3.27 9.56 47.11
N SER BA 101 3.27 9.45 45.78
CA SER BA 101 2.01 9.37 45.02
C SER BA 101 2.15 8.23 44.02
N ALA BA 102 1.73 7.04 44.41
CA ALA BA 102 1.87 5.85 43.57
C ALA BA 102 0.49 5.32 43.19
N GLU BA 103 0.50 4.37 42.26
CA GLU BA 103 -0.71 3.68 41.85
C GLU BA 103 -0.52 2.18 42.01
N PHE BA 104 -1.53 1.52 42.55
CA PHE BA 104 -1.48 0.11 42.91
C PHE BA 104 -2.51 -0.64 42.07
N GLU BA 105 -2.04 -1.51 41.19
CA GLU BA 105 -2.90 -2.24 40.27
C GLU BA 105 -3.10 -3.66 40.81
N GLN BA 106 -4.35 -4.03 40.99
CA GLN BA 106 -4.68 -5.38 41.44
C GLN BA 106 -4.37 -6.38 40.35
N VAL BA 107 -3.90 -7.56 40.75
CA VAL BA 107 -3.56 -8.62 39.81
C VAL BA 107 -3.91 -9.95 40.44
N VAL BA 108 -4.45 -10.86 39.62
CA VAL BA 108 -4.79 -12.20 40.07
C VAL BA 108 -3.49 -12.96 40.34
N ASN BA 109 -3.60 -14.11 40.99
CA ASN BA 109 -2.44 -14.92 41.34
C ASN BA 109 -1.60 -15.26 40.11
N MET CA 1 -34.82 -9.84 38.59
CA MET CA 1 -34.42 -8.49 38.26
C MET CA 1 -34.45 -7.59 39.49
N LYS CA 2 -33.28 -7.11 39.88
CA LYS CA 2 -33.17 -6.25 41.05
C LYS CA 2 -33.54 -4.81 40.69
N THR CA 3 -33.58 -3.95 41.70
CA THR CA 3 -33.84 -2.53 41.52
C THR CA 3 -32.71 -1.73 42.15
N PHE CA 4 -32.81 -0.40 42.04
CA PHE CA 4 -31.82 0.52 42.58
C PHE CA 4 -32.56 1.59 43.37
N ARG CA 5 -32.54 1.47 44.70
CA ARG CA 5 -33.27 2.37 45.57
C ARG CA 5 -32.37 3.34 46.33
N TRP CA 6 -31.07 3.34 46.07
CA TRP CA 6 -30.19 4.30 46.72
C TRP CA 6 -30.50 5.71 46.22
N LYS CA 7 -30.27 6.69 47.09
CA LYS CA 7 -30.57 8.07 46.76
C LYS CA 7 -29.47 8.68 45.91
N VAL CA 8 -29.83 9.71 45.15
CA VAL CA 8 -28.91 10.38 44.23
C VAL CA 8 -28.76 11.82 44.68
N LYS CA 9 -27.50 12.27 44.79
CA LYS CA 9 -27.22 13.61 45.26
C LYS CA 9 -27.53 14.64 44.18
N PRO CA 10 -27.72 15.91 44.56
CA PRO CA 10 -27.98 16.94 43.54
C PRO CA 10 -26.79 17.13 42.62
N GLY CA 11 -27.10 17.51 41.39
CA GLY CA 11 -26.11 17.72 40.37
C GLY CA 11 -25.95 16.60 39.37
N MET CA 12 -26.79 15.56 39.46
CA MET CA 12 -26.70 14.47 38.50
C MET CA 12 -26.98 14.98 37.10
N ASP CA 13 -26.14 14.59 36.15
CA ASP CA 13 -26.18 15.14 34.81
C ASP CA 13 -26.91 14.19 33.87
N VAL CA 14 -27.63 14.76 32.91
CA VAL CA 14 -28.37 13.99 31.92
C VAL CA 14 -27.93 14.44 30.53
N ALA CA 15 -27.59 13.48 29.67
CA ALA CA 15 -27.18 13.76 28.31
C ALA CA 15 -28.03 12.95 27.35
N SER CA 16 -28.22 13.47 26.15
CA SER CA 16 -29.07 12.82 25.17
C SER CA 16 -28.63 13.22 23.77
N VAL CA 17 -28.23 12.24 22.97
CA VAL CA 17 -27.83 12.47 21.58
C VAL CA 17 -28.58 11.49 20.70
N PRO CA 18 -29.72 11.87 20.13
CA PRO CA 18 -30.45 10.95 19.25
C PRO CA 18 -29.67 10.68 17.99
N SER CA 19 -29.90 9.50 17.42
CA SER CA 19 -29.20 9.07 16.22
C SER CA 19 -30.00 9.47 14.99
N VAL CA 20 -29.36 10.19 14.08
CA VAL CA 20 -29.99 10.63 12.83
C VAL CA 20 -29.03 10.34 11.69
N ARG CA 21 -29.60 10.26 10.49
CA ARG CA 21 -28.82 10.01 9.27
C ARG CA 21 -28.61 11.31 8.51
N LYS CA 22 -27.65 12.09 9.01
CA LYS CA 22 -27.23 13.31 8.32
C LYS CA 22 -26.72 12.99 6.92
N VAL CA 23 -27.14 13.80 5.95
CA VAL CA 23 -26.57 13.77 4.60
C VAL CA 23 -26.80 15.14 3.98
N ARG CA 24 -25.73 15.72 3.44
CA ARG CA 24 -25.71 17.15 3.14
C ARG CA 24 -25.86 17.40 1.65
N PHE CA 25 -26.45 18.55 1.32
CA PHE CA 25 -26.60 19.03 -0.04
C PHE CA 25 -25.53 20.06 -0.32
N GLY CA 26 -25.63 20.73 -1.47
CA GLY CA 26 -24.82 21.91 -1.71
C GLY CA 26 -25.06 22.95 -0.63
N ASP CA 27 -26.30 23.44 -0.55
CA ASP CA 27 -26.72 24.31 0.53
C ASP CA 27 -28.12 23.92 0.95
N GLY CA 28 -28.29 23.61 2.24
CA GLY CA 28 -29.61 23.37 2.78
C GLY CA 28 -30.24 22.08 2.26
N TYR CA 29 -31.53 21.95 2.55
CA TYR CA 29 -32.35 20.79 2.18
C TYR CA 29 -31.81 19.47 2.72
N SER CA 30 -30.84 19.52 3.63
CA SER CA 30 -30.17 18.31 4.11
C SER CA 30 -31.17 17.29 4.62
N GLN CA 31 -31.27 16.15 3.92
CA GLN CA 31 -32.26 15.15 4.25
C GLN CA 31 -31.91 14.48 5.58
N ARG CA 32 -32.95 14.16 6.35
CA ARG CA 32 -32.77 13.58 7.67
C ARG CA 32 -33.75 12.44 7.85
N ALA CA 33 -33.34 11.42 8.58
CA ALA CA 33 -34.18 10.28 8.88
C ALA CA 33 -34.08 9.93 10.35
N PRO CA 34 -35.14 9.34 10.93
CA PRO CA 34 -35.12 9.05 12.36
C PRO CA 34 -34.31 7.82 12.75
N ALA CA 35 -33.63 7.18 11.81
CA ALA CA 35 -32.77 6.01 12.08
C ALA CA 35 -33.65 4.91 12.69
N GLY CA 36 -33.20 4.27 13.76
CA GLY CA 36 -33.98 3.18 14.35
C GLY CA 36 -35.18 3.68 15.12
N LEU CA 37 -35.93 2.72 15.67
CA LEU CA 37 -37.12 3.05 16.45
C LEU CA 37 -36.74 3.76 17.75
N ASN CA 38 -35.82 3.17 18.51
CA ASN CA 38 -35.37 3.78 19.77
C ASN CA 38 -34.09 4.56 19.49
N ALA CA 39 -34.29 5.81 19.08
CA ALA CA 39 -33.16 6.64 18.66
C ALA CA 39 -32.34 7.11 19.85
N ASN CA 40 -32.94 7.90 20.73
CA ASN CA 40 -32.21 8.50 21.84
C ASN CA 40 -32.23 7.57 23.06
N LEU CA 41 -31.09 7.49 23.73
CA LEU CA 41 -30.94 6.68 24.93
C LEU CA 41 -30.17 7.54 25.94
N LYS CA 42 -30.88 8.07 26.94
CA LYS CA 42 -30.30 9.03 27.85
C LYS CA 42 -29.15 8.42 28.63
N THR CA 43 -28.14 9.24 28.92
CA THR CA 43 -26.99 8.85 29.71
C THR CA 43 -26.96 9.70 30.98
N TYR CA 44 -26.91 9.02 32.13
CA TYR CA 44 -26.99 9.67 33.43
C TYR CA 44 -25.63 9.64 34.12
N SER CA 45 -25.28 10.72 34.78
CA SER CA 45 -24.10 10.80 35.64
C SER CA 45 -24.60 11.02 37.06
N VAL CA 46 -24.43 10.01 37.91
CA VAL CA 46 -25.04 9.96 39.22
C VAL CA 46 -23.96 10.00 40.29
N THR CA 47 -24.12 10.90 41.26
CA THR CA 47 -23.22 11.00 42.39
C THR CA 47 -23.95 10.61 43.67
N LEU CA 48 -23.29 9.80 44.49
CA LEU CA 48 -23.83 9.35 45.76
C LEU CA 48 -22.82 9.62 46.86
N SER CA 49 -23.28 9.59 48.11
CA SER CA 49 -22.39 9.75 49.26
C SER CA 49 -22.95 8.95 50.41
N VAL CA 50 -22.18 7.96 50.89
CA VAL CA 50 -22.66 7.08 51.95
C VAL CA 50 -21.60 6.99 53.04
N PRO CA 51 -21.99 6.81 54.30
CA PRO CA 51 -21.00 6.56 55.35
C PRO CA 51 -20.24 5.29 55.06
N ARG CA 52 -18.99 5.25 55.53
CA ARG CA 52 -18.07 4.17 55.16
C ARG CA 52 -18.67 2.81 55.44
N GLU CA 53 -19.31 2.64 56.59
CA GLU CA 53 -19.85 1.34 56.98
C GLU CA 53 -20.79 0.76 55.94
N GLU CA 54 -21.52 1.61 55.21
CA GLU CA 54 -22.47 1.16 54.21
C GLU CA 54 -21.82 0.86 52.87
N ALA CA 55 -20.68 1.48 52.58
CA ALA CA 55 -20.17 1.50 51.20
C ALA CA 55 -20.03 0.12 50.61
N THR CA 56 -19.45 -0.82 51.37
CA THR CA 56 -19.21 -2.16 50.85
C THR CA 56 -20.47 -2.74 50.22
N VAL CA 57 -21.61 -2.57 50.88
CA VAL CA 57 -22.85 -3.13 50.36
C VAL CA 57 -23.07 -2.66 48.93
N LEU CA 58 -23.05 -1.35 48.71
CA LEU CA 58 -23.25 -0.82 47.37
C LEU CA 58 -22.25 -1.44 46.41
N GLU CA 59 -20.97 -1.49 46.81
CA GLU CA 59 -19.95 -2.08 45.95
C GLU CA 59 -20.37 -3.48 45.52
N SER CA 60 -20.77 -4.31 46.48
CA SER CA 60 -21.13 -5.68 46.15
C SER CA 60 -22.25 -5.70 45.12
N PHE CA 61 -23.24 -4.82 45.27
CA PHE CA 61 -24.32 -4.76 44.29
C PHE CA 61 -23.75 -4.47 42.91
N LEU CA 62 -22.93 -3.42 42.81
CA LEU CA 62 -22.34 -3.09 41.52
C LEU CA 62 -21.38 -4.18 41.05
N GLU CA 63 -20.87 -4.98 41.99
CA GLU CA 63 -20.07 -6.14 41.58
C GLU CA 63 -20.97 -7.25 41.05
N GLU CA 64 -22.13 -7.45 41.68
CA GLU CA 64 -23.00 -8.55 41.28
C GLU CA 64 -23.49 -8.37 39.85
N HIS CA 65 -23.88 -7.15 39.50
CA HIS CA 65 -24.40 -6.88 38.16
C HIS CA 65 -23.28 -6.82 37.12
N GLY CA 66 -22.06 -6.52 37.55
CA GLY CA 66 -20.97 -6.37 36.59
C GLY CA 66 -21.25 -5.23 35.64
N GLY CA 67 -20.88 -5.43 34.38
CA GLY CA 67 -21.16 -4.44 33.35
C GLY CA 67 -21.94 -5.04 32.20
N TRP CA 68 -22.67 -6.11 32.51
CA TRP CA 68 -23.38 -6.87 31.48
C TRP CA 68 -24.82 -7.19 31.86
N LYS CA 69 -25.25 -6.89 33.07
CA LYS CA 69 -26.60 -7.21 33.53
C LYS CA 69 -27.35 -5.92 33.81
N SER CA 70 -28.63 -5.91 33.44
CA SER CA 70 -29.48 -4.73 33.57
C SER CA 70 -30.28 -4.78 34.87
N PHE CA 71 -30.63 -3.60 35.37
CA PHE CA 71 -31.42 -3.49 36.58
C PHE CA 71 -32.34 -2.29 36.48
N LEU CA 72 -33.55 -2.42 37.02
CA LEU CA 72 -34.51 -1.33 36.99
C LEU CA 72 -34.05 -0.18 37.87
N TRP CA 73 -34.38 1.03 37.45
CA TRP CA 73 -34.06 2.22 38.24
C TRP CA 73 -35.01 3.33 37.83
N THR CA 74 -35.46 4.10 38.82
CA THR CA 74 -36.40 5.18 38.57
C THR CA 74 -35.67 6.51 38.69
N PRO CA 75 -35.48 7.25 37.60
CA PRO CA 75 -34.89 8.57 37.73
C PRO CA 75 -35.76 9.47 38.57
N PRO CA 76 -35.18 10.43 39.29
CA PRO CA 76 -35.96 11.25 40.22
C PRO CA 76 -37.05 12.03 39.50
N TYR CA 77 -38.30 11.79 39.90
CA TYR CA 77 -39.50 12.51 39.48
C TYR CA 77 -39.85 12.13 38.04
N GLU CA 78 -38.96 11.46 37.32
CA GLU CA 78 -39.19 11.22 35.90
C GLU CA 78 -40.25 10.14 35.69
N TRP CA 79 -41.13 10.39 34.72
CA TRP CA 79 -42.30 9.57 34.46
C TRP CA 79 -41.98 8.17 33.95
N ARG CA 80 -40.71 7.82 33.80
CA ARG CA 80 -40.32 6.58 33.15
C ARG CA 80 -39.66 5.64 34.16
N GLN CA 81 -39.97 4.35 34.03
CA GLN CA 81 -39.28 3.28 34.75
C GLN CA 81 -38.30 2.63 33.78
N ILE CA 82 -37.15 3.27 33.60
CA ILE CA 82 -36.20 2.81 32.60
C ILE CA 82 -35.37 1.66 33.16
N LYS CA 83 -34.72 0.92 32.26
CA LYS CA 83 -33.77 -0.11 32.61
C LYS CA 83 -32.38 0.34 32.17
N VAL CA 84 -31.42 0.27 33.09
CA VAL CA 84 -30.12 0.91 32.91
C VAL CA 84 -29.02 -0.03 33.37
N THR CA 85 -27.87 0.06 32.71
CA THR CA 85 -26.67 -0.68 33.08
C THR CA 85 -25.53 0.30 33.28
N CYS CA 86 -24.57 -0.08 34.14
CA CYS CA 86 -23.43 0.77 34.44
C CYS CA 86 -22.14 0.01 34.19
N ALA CA 87 -21.12 0.76 33.75
CA ALA CA 87 -19.82 0.17 33.49
C ALA CA 87 -18.67 1.05 33.95
N LYS CA 88 -18.95 2.13 34.69
CA LYS CA 88 -17.89 3.02 35.17
C LYS CA 88 -18.34 3.62 36.49
N TRP CA 89 -17.54 3.41 37.53
CA TRP CA 89 -17.82 3.98 38.84
C TRP CA 89 -16.52 4.13 39.61
N SER CA 90 -16.45 5.15 40.46
CA SER CA 90 -15.28 5.45 41.25
C SER CA 90 -15.72 6.02 42.59
N SER CA 91 -14.82 6.03 43.56
CA SER CA 91 -15.19 6.52 44.87
C SER CA 91 -14.00 7.19 45.55
N ARG CA 92 -14.32 8.06 46.51
CA ARG CA 92 -13.33 8.81 47.28
C ARG CA 92 -13.50 8.46 48.76
N VAL CA 93 -12.63 7.60 49.29
CA VAL CA 93 -12.68 7.23 50.70
C VAL CA 93 -11.86 8.25 51.48
N SER CA 94 -12.52 9.23 52.10
CA SER CA 94 -11.72 10.28 52.71
C SER CA 94 -11.43 10.06 54.20
N MET CA 95 -12.42 10.21 55.07
CA MET CA 95 -12.19 9.83 56.46
C MET CA 95 -13.38 9.11 57.08
N LEU CA 96 -14.59 9.59 56.81
CA LEU CA 96 -15.80 9.05 57.41
C LEU CA 96 -16.80 8.57 56.38
N ARG CA 97 -17.09 9.38 55.37
CA ARG CA 97 -18.04 9.04 54.35
C ARG CA 97 -17.36 9.04 52.99
N VAL CA 98 -17.75 8.10 52.14
CA VAL CA 98 -17.18 7.92 50.82
C VAL CA 98 -18.24 8.34 49.80
N GLU CA 99 -17.81 9.09 48.80
CA GLU CA 99 -18.69 9.53 47.72
C GLU CA 99 -18.35 8.78 46.44
N PHE CA 100 -19.39 8.30 45.78
CA PHE CA 100 -19.28 7.57 44.53
C PHE CA 100 -19.70 8.46 43.38
N SER CA 101 -19.00 8.33 42.25
CA SER CA 101 -19.42 8.90 40.98
C SER CA 101 -19.54 7.76 39.98
N ALA CA 102 -20.72 7.59 39.38
CA ALA CA 102 -20.96 6.50 38.47
C ALA CA 102 -21.67 7.01 37.23
N GLU CA 103 -21.53 6.28 36.13
CA GLU CA 103 -22.27 6.56 34.91
C GLU CA 103 -23.27 5.45 34.64
N PHE CA 104 -24.47 5.83 34.20
CA PHE CA 104 -25.56 4.90 33.98
C PHE CA 104 -26.06 5.11 32.55
N GLU CA 105 -25.99 4.07 31.72
CA GLU CA 105 -26.40 4.17 30.33
C GLU CA 105 -27.71 3.42 30.11
N GLN CA 106 -28.70 4.10 29.55
CA GLN CA 106 -29.99 3.48 29.29
C GLN CA 106 -29.86 2.43 28.19
N VAL CA 107 -30.56 1.32 28.37
CA VAL CA 107 -30.57 0.24 27.39
C VAL CA 107 -31.97 -0.33 27.33
N VAL CA 108 -32.42 -0.67 26.12
CA VAL CA 108 -33.68 -1.36 25.93
C VAL CA 108 -33.50 -2.80 26.39
N ASN CA 109 -34.60 -3.53 26.56
CA ASN CA 109 -34.56 -4.90 27.06
C ASN CA 109 -33.58 -5.77 26.28
N MET DA 1 -45.98 22.27 11.51
CA MET DA 1 -44.68 22.71 11.99
C MET DA 1 -44.86 23.54 13.26
N LYS DA 2 -44.30 23.06 14.35
CA LYS DA 2 -44.50 23.68 15.66
C LYS DA 2 -43.60 24.90 15.81
N THR DA 3 -43.75 25.60 16.93
CA THR DA 3 -42.97 26.79 17.23
C THR DA 3 -42.25 26.59 18.57
N PHE DA 4 -41.55 27.63 19.00
CA PHE DA 4 -40.74 27.58 20.22
C PHE DA 4 -40.88 28.92 20.91
N ARG DA 5 -41.68 28.96 21.98
CA ARG DA 5 -41.94 30.20 22.70
C ARG DA 5 -41.35 30.22 24.11
N TRP DA 6 -40.52 29.24 24.45
CA TRP DA 6 -39.92 29.22 25.78
C TRP DA 6 -38.93 30.35 25.94
N LYS DA 7 -38.86 30.90 27.15
CA LYS DA 7 -37.95 31.99 27.44
C LYS DA 7 -36.50 31.52 27.37
N VAL DA 8 -35.61 32.46 27.07
CA VAL DA 8 -34.18 32.18 26.93
C VAL DA 8 -33.42 33.03 27.94
N LYS DA 9 -32.54 32.38 28.70
CA LYS DA 9 -31.75 33.10 29.70
C LYS DA 9 -30.70 33.97 29.01
N PRO DA 10 -30.27 35.05 29.67
CA PRO DA 10 -29.24 35.91 29.08
C PRO DA 10 -27.91 35.18 28.95
N GLY DA 11 -27.10 35.65 28.01
CA GLY DA 11 -25.84 35.00 27.71
C GLY DA 11 -25.86 34.07 26.51
N MET DA 12 -26.91 34.11 25.70
CA MET DA 12 -26.98 33.31 24.49
C MET DA 12 -25.78 33.59 23.60
N ASP DA 13 -25.18 32.54 23.06
CA ASP DA 13 -24.01 32.67 22.21
C ASP DA 13 -24.40 32.48 20.75
N VAL DA 14 -23.72 33.19 19.86
CA VAL DA 14 -24.01 33.12 18.43
C VAL DA 14 -22.70 32.84 17.70
N ALA DA 15 -22.77 31.96 16.70
CA ALA DA 15 -21.60 31.63 15.91
C ALA DA 15 -21.99 31.64 14.43
N SER DA 16 -21.04 32.04 13.60
CA SER DA 16 -21.29 32.14 12.16
C SER DA 16 -19.97 32.01 11.42
N VAL DA 17 -19.85 30.99 10.58
CA VAL DA 17 -18.67 30.81 9.74
C VAL DA 17 -19.15 30.66 8.30
N PRO DA 18 -19.09 31.70 7.49
CA PRO DA 18 -19.50 31.58 6.09
C PRO DA 18 -18.57 30.65 5.33
N SER DA 19 -19.14 29.81 4.47
CA SER DA 19 -18.35 28.91 3.64
C SER DA 19 -17.88 29.64 2.41
N VAL DA 20 -16.56 29.78 2.26
CA VAL DA 20 -15.96 30.51 1.16
C VAL DA 20 -14.97 29.61 0.44
N ARG DA 21 -14.65 30.00 -0.79
CA ARG DA 21 -13.78 29.23 -1.67
C ARG DA 21 -12.45 29.98 -1.78
N LYS DA 22 -11.50 29.63 -0.92
CA LYS DA 22 -10.24 30.35 -0.82
C LYS DA 22 -9.16 29.62 -1.62
N VAL DA 23 -8.44 30.39 -2.44
CA VAL DA 23 -7.26 29.90 -3.15
C VAL DA 23 -6.28 31.05 -3.30
N ARG DA 24 -5.03 30.82 -2.90
CA ARG DA 24 -4.03 31.87 -2.82
C ARG DA 24 -2.97 31.66 -3.91
N PHE DA 25 -2.41 32.76 -4.40
CA PHE DA 25 -1.44 32.74 -5.49
C PHE DA 25 -0.10 33.24 -4.95
N GLY DA 26 0.84 33.46 -5.86
CA GLY DA 26 2.19 33.88 -5.51
C GLY DA 26 2.27 35.07 -4.58
N ASP DA 27 1.86 36.25 -5.06
CA ASP DA 27 1.73 37.44 -4.22
C ASP DA 27 0.24 37.77 -4.12
N GLY DA 28 -0.41 37.21 -3.12
CA GLY DA 28 -1.83 37.45 -2.94
C GLY DA 28 -2.61 36.99 -4.15
N TYR DA 29 -3.39 37.90 -4.74
CA TYR DA 29 -4.23 37.59 -5.89
C TYR DA 29 -5.16 36.43 -5.58
N SER DA 30 -5.60 36.36 -4.32
CA SER DA 30 -6.37 35.21 -3.84
C SER DA 30 -7.79 35.28 -4.38
N GLN DA 31 -8.15 34.32 -5.23
CA GLN DA 31 -9.52 34.22 -5.71
C GLN DA 31 -10.44 33.77 -4.59
N ARG DA 32 -11.56 34.46 -4.42
CA ARG DA 32 -12.54 34.12 -3.40
C ARG DA 32 -13.92 34.04 -4.04
N ALA DA 33 -14.70 33.06 -3.60
CA ALA DA 33 -16.04 32.83 -4.11
C ALA DA 33 -16.98 32.53 -2.96
N PRO DA 34 -18.27 32.85 -3.10
CA PRO DA 34 -19.22 32.64 -1.99
C PRO DA 34 -19.62 31.19 -1.78
N ALA DA 35 -19.14 30.25 -2.58
CA ALA DA 35 -19.51 28.83 -2.48
C ALA DA 35 -21.02 28.73 -2.70
N GLY DA 36 -21.77 28.16 -1.76
CA GLY DA 36 -23.20 28.01 -1.96
C GLY DA 36 -23.92 29.35 -2.01
N LEU DA 37 -25.15 29.32 -2.53
CA LEU DA 37 -25.93 30.54 -2.68
C LEU DA 37 -26.24 31.18 -1.33
N ASN DA 38 -26.70 30.38 -0.37
CA ASN DA 38 -26.89 30.83 1.01
C ASN DA 38 -25.88 30.09 1.87
N ALA DA 39 -24.69 30.69 2.02
CA ALA DA 39 -23.56 29.98 2.62
C ALA DA 39 -23.65 29.96 4.14
N ASN DA 40 -23.62 31.15 4.76
CA ASN DA 40 -23.49 31.20 6.21
C ASN DA 40 -24.83 30.93 6.89
N LEU DA 41 -24.81 30.03 7.87
CA LEU DA 41 -25.97 29.67 8.66
C LEU DA 41 -25.58 29.75 10.13
N LYS DA 42 -26.15 30.71 10.85
CA LYS DA 42 -25.78 30.93 12.24
C LYS DA 42 -26.17 29.74 13.11
N THR DA 43 -25.36 29.45 14.12
CA THR DA 43 -25.67 28.44 15.12
C THR DA 43 -25.69 29.10 16.49
N TYR DA 44 -26.74 28.84 17.25
CA TYR DA 44 -26.92 29.45 18.56
C TYR DA 44 -26.64 28.46 19.67
N SER DA 45 -26.12 28.96 20.77
CA SER DA 45 -25.96 28.21 22.01
C SER DA 45 -26.89 28.85 23.03
N VAL DA 46 -27.92 28.12 23.43
CA VAL DA 46 -29.02 28.68 24.21
C VAL DA 46 -29.16 27.90 25.51
N THR DA 47 -29.27 28.62 26.62
CA THR DA 47 -29.47 28.02 27.93
C THR DA 47 -30.78 28.53 28.52
N LEU DA 48 -31.51 27.61 29.15
CA LEU DA 48 -32.77 27.91 29.82
C LEU DA 48 -32.67 27.43 31.27
N SER DA 49 -33.56 27.95 32.11
CA SER DA 49 -33.61 27.50 33.51
C SER DA 49 -35.07 27.53 33.96
N VAL DA 50 -35.63 26.36 34.21
CA VAL DA 50 -37.05 26.27 34.57
C VAL DA 50 -37.22 25.42 35.81
N PRO DA 51 -38.26 25.64 36.61
CA PRO DA 51 -38.54 24.72 37.72
C PRO DA 51 -38.87 23.33 37.20
N ARG DA 52 -38.74 22.35 38.10
CA ARG DA 52 -38.82 20.95 37.68
C ARG DA 52 -40.18 20.58 37.11
N GLU DA 53 -41.24 21.31 37.45
CA GLU DA 53 -42.60 20.89 37.11
C GLU DA 53 -42.77 20.72 35.61
N GLU DA 54 -42.33 21.69 34.81
CA GLU DA 54 -42.47 21.62 33.36
C GLU DA 54 -41.17 21.20 32.66
N ALA DA 55 -40.17 20.75 33.42
CA ALA DA 55 -39.02 20.13 32.78
C ALA DA 55 -39.44 18.93 31.95
N THR DA 56 -40.42 18.17 32.45
CA THR DA 56 -40.95 17.04 31.69
C THR DA 56 -41.60 17.51 30.40
N VAL DA 57 -42.33 18.62 30.45
CA VAL DA 57 -42.99 19.13 29.25
C VAL DA 57 -41.95 19.56 28.21
N LEU DA 58 -40.93 20.28 28.65
CA LEU DA 58 -39.87 20.68 27.73
C LEU DA 58 -39.17 19.47 27.13
N GLU DA 59 -38.87 18.48 27.97
CA GLU DA 59 -38.21 17.27 27.48
C GLU DA 59 -39.08 16.54 26.47
N SER DA 60 -40.38 16.45 26.72
CA SER DA 60 -41.28 15.80 25.77
C SER DA 60 -41.34 16.54 24.45
N PHE DA 61 -41.43 17.87 24.49
CA PHE DA 61 -41.45 18.63 23.24
C PHE DA 61 -40.15 18.45 22.47
N LEU DA 62 -39.02 18.47 23.16
CA LEU DA 62 -37.74 18.25 22.48
C LEU DA 62 -37.62 16.82 21.96
N GLU DA 63 -38.28 15.87 22.60
CA GLU DA 63 -38.25 14.48 22.15
C GLU DA 63 -39.11 14.28 20.91
N GLU DA 64 -40.23 15.00 20.82
CA GLU DA 64 -41.16 14.79 19.72
C GLU DA 64 -40.47 15.01 18.38
N HIS DA 65 -39.75 16.12 18.24
CA HIS DA 65 -39.07 16.42 16.99
C HIS DA 65 -37.84 15.55 16.76
N GLY DA 66 -37.39 14.83 17.79
CA GLY DA 66 -36.21 14.01 17.64
C GLY DA 66 -35.00 14.85 17.30
N GLY DA 67 -34.23 14.41 16.31
CA GLY DA 67 -33.09 15.17 15.84
C GLY DA 67 -33.15 15.42 14.36
N TRP DA 68 -34.34 15.27 13.77
CA TRP DA 68 -34.53 15.42 12.34
C TRP DA 68 -35.58 16.44 11.94
N LYS DA 69 -36.69 16.52 12.66
CA LYS DA 69 -37.71 17.50 12.33
C LYS DA 69 -37.24 18.90 12.71
N SER DA 70 -37.64 19.88 11.91
CA SER DA 70 -37.31 21.28 12.17
C SER DA 70 -38.52 22.00 12.75
N PHE DA 71 -38.26 23.11 13.42
CA PHE DA 71 -39.33 23.89 14.01
C PHE DA 71 -39.00 25.36 13.94
N LEU DA 72 -40.01 26.19 13.71
CA LEU DA 72 -39.82 27.63 13.64
C LEU DA 72 -39.50 28.19 15.01
N TRP DA 73 -38.62 29.18 15.03
CA TRP DA 73 -38.24 29.84 16.28
C TRP DA 73 -37.73 31.24 15.96
N THR DA 74 -38.21 32.23 16.71
CA THR DA 74 -37.82 33.61 16.49
C THR DA 74 -36.72 33.98 17.47
N PRO DA 75 -35.50 34.27 17.01
CA PRO DA 75 -34.47 34.73 17.92
C PRO DA 75 -34.86 36.05 18.55
N PRO DA 76 -34.33 36.36 19.75
CA PRO DA 76 -34.77 37.56 20.46
C PRO DA 76 -34.41 38.83 19.71
N TYR DA 77 -35.45 39.60 19.36
CA TYR DA 77 -35.33 40.93 18.75
C TYR DA 77 -34.86 40.83 17.29
N GLU DA 78 -34.47 39.65 16.85
CA GLU DA 78 -33.89 39.53 15.52
C GLU DA 78 -35.00 39.58 14.47
N TRP DA 79 -34.68 40.23 13.36
CA TRP DA 79 -35.59 40.58 12.28
C TRP DA 79 -36.10 39.38 11.50
N ARG DA 80 -35.71 38.15 11.84
CA ARG DA 80 -36.04 36.99 11.04
C ARG DA 80 -36.82 35.98 11.86
N GLN DA 81 -37.69 35.23 11.18
CA GLN DA 81 -38.43 34.11 11.75
C GLN DA 81 -37.89 32.84 11.10
N ILE DA 82 -36.80 32.33 11.66
CA ILE DA 82 -36.06 31.23 11.05
C ILE DA 82 -36.60 29.90 11.54
N LYS DA 83 -36.22 28.83 10.86
CA LYS DA 83 -36.52 27.47 11.27
C LYS DA 83 -35.23 26.75 11.64
N VAL DA 84 -35.25 26.03 12.75
CA VAL DA 84 -34.04 25.50 13.36
C VAL DA 84 -34.27 24.04 13.77
N THR DA 85 -33.15 23.31 13.92
CA THR DA 85 -33.14 21.96 14.45
C THR DA 85 -32.01 21.82 15.46
N CYS DA 86 -32.19 20.88 16.39
CA CYS DA 86 -31.20 20.61 17.42
C CYS DA 86 -30.99 19.11 17.54
N ALA DA 87 -29.78 18.72 17.95
CA ALA DA 87 -29.45 17.32 18.12
C ALA DA 87 -28.68 17.01 19.40
N LYS DA 88 -28.49 18.00 20.29
CA LYS DA 88 -27.78 17.79 21.54
C LYS DA 88 -28.42 18.66 22.61
N TRP DA 89 -28.75 18.07 23.75
CA TRP DA 89 -29.24 18.85 24.88
C TRP DA 89 -28.93 18.11 26.17
N SER DA 90 -28.66 18.89 27.22
CA SER DA 90 -28.28 18.34 28.51
C SER DA 90 -28.95 19.16 29.61
N SER DA 91 -29.03 18.58 30.80
CA SER DA 91 -29.71 19.23 31.91
C SER DA 91 -28.98 18.95 33.21
N ARG DA 92 -28.93 19.97 34.08
CA ARG DA 92 -28.34 19.85 35.41
C ARG DA 92 -29.49 19.88 36.42
N VAL DA 93 -30.01 18.70 36.76
CA VAL DA 93 -31.17 18.63 37.63
C VAL DA 93 -30.75 18.96 39.06
N SER DA 94 -31.46 19.91 39.67
CA SER DA 94 -31.30 20.18 41.10
C SER DA 94 -32.63 19.95 41.78
N MET DA 95 -32.72 20.21 43.08
CA MET DA 95 -33.94 19.93 43.81
C MET DA 95 -35.01 21.01 43.63
N LEU DA 96 -34.66 22.16 43.07
CA LEU DA 96 -35.64 23.21 42.83
C LEU DA 96 -35.79 23.53 41.34
N ARG DA 97 -34.70 23.80 40.65
CA ARG DA 97 -34.74 24.18 39.24
C ARG DA 97 -33.77 23.32 38.44
N VAL DA 98 -34.07 23.17 37.16
CA VAL DA 98 -33.20 22.47 36.22
C VAL DA 98 -32.85 23.43 35.09
N GLU DA 99 -31.60 23.39 34.66
CA GLU DA 99 -31.12 24.25 33.60
C GLU DA 99 -30.74 23.41 32.38
N PHE DA 100 -31.20 23.83 31.22
CA PHE DA 100 -30.93 23.17 29.95
C PHE DA 100 -29.89 23.97 29.19
N SER DA 101 -29.00 23.28 28.49
CA SER DA 101 -27.96 23.93 27.71
C SER DA 101 -27.89 23.22 26.35
N ALA DA 102 -28.56 23.79 25.35
CA ALA DA 102 -28.68 23.17 24.06
C ALA DA 102 -28.07 24.05 22.98
N GLU DA 103 -27.92 23.47 21.80
CA GLU DA 103 -27.43 24.18 20.62
C GLU DA 103 -28.47 24.06 19.51
N PHE DA 104 -28.70 25.18 18.81
CA PHE DA 104 -29.74 25.29 17.79
C PHE DA 104 -29.05 25.65 16.48
N GLU DA 105 -29.06 24.73 15.53
CA GLU DA 105 -28.38 24.92 14.25
C GLU DA 105 -29.39 25.28 13.18
N GLN DA 106 -29.24 26.45 12.57
CA GLN DA 106 -30.19 26.93 11.59
C GLN DA 106 -30.09 26.14 10.31
N VAL DA 107 -31.25 25.72 9.76
CA VAL DA 107 -31.33 25.07 8.47
C VAL DA 107 -32.41 25.76 7.65
N VAL DA 108 -32.24 25.73 6.33
CA VAL DA 108 -33.27 26.25 5.44
C VAL DA 108 -34.23 25.13 5.06
N ASN DA 109 -35.40 25.51 4.56
CA ASN DA 109 -36.47 24.59 4.15
C ASN DA 109 -35.97 23.25 3.60
N VAL EA 1 -49.80 70.60 58.70
CA VAL EA 1 -50.33 70.39 57.35
C VAL EA 1 -49.36 69.60 56.48
N PRO EA 2 -49.84 68.49 55.91
CA PRO EA 2 -48.99 67.64 55.07
C PRO EA 2 -48.94 68.15 53.65
N ASN EA 3 -47.77 68.60 53.22
CA ASN EA 3 -47.54 69.05 51.85
C ASN EA 3 -46.04 69.15 51.62
N PRO EA 4 -45.59 68.94 50.38
CA PRO EA 4 -44.14 68.98 50.10
C PRO EA 4 -43.57 70.38 50.10
N THR EA 5 -42.30 70.49 49.70
CA THR EA 5 -41.48 71.70 49.56
C THR EA 5 -40.96 72.21 50.91
N MET EA 6 -41.30 71.56 52.03
CA MET EA 6 -40.64 71.81 53.30
C MET EA 6 -40.29 70.48 53.94
N PRO EA 7 -39.23 70.43 54.74
CA PRO EA 7 -38.82 69.16 55.33
C PRO EA 7 -39.84 68.68 56.36
N VAL EA 8 -39.84 67.37 56.59
CA VAL EA 8 -40.73 66.74 57.54
C VAL EA 8 -39.92 65.90 58.52
N LYS EA 9 -40.35 65.89 59.77
CA LYS EA 9 -39.63 65.15 60.80
C LYS EA 9 -39.72 63.64 60.58
N GLY EA 10 -40.84 63.17 60.06
CA GLY EA 10 -41.02 61.74 59.85
C GLY EA 10 -41.42 60.99 61.10
N ALA EA 11 -42.59 61.32 61.64
CA ALA EA 11 -43.07 60.70 62.86
C ALA EA 11 -43.90 59.44 62.57
N GLY EA 12 -44.92 59.56 61.72
CA GLY EA 12 -45.78 58.43 61.46
C GLY EA 12 -45.12 57.32 60.66
N THR EA 13 -44.85 57.58 59.39
CA THR EA 13 -44.15 56.65 58.50
C THR EA 13 -44.76 55.25 58.57
N THR EA 14 -46.01 55.15 58.16
CA THR EA 14 -46.71 53.87 58.21
C THR EA 14 -46.23 52.94 57.11
N LEU EA 15 -46.48 51.65 57.30
CA LEU EA 15 -46.08 50.60 56.37
C LEU EA 15 -47.30 49.73 56.07
N TRP EA 16 -47.57 49.51 54.78
CA TRP EA 16 -48.72 48.73 54.36
C TRP EA 16 -48.28 47.64 53.41
N VAL EA 17 -49.01 46.53 53.41
CA VAL EA 17 -48.73 45.39 52.54
C VAL EA 17 -50.00 45.02 51.80
N TYR EA 18 -49.87 44.77 50.50
CA TYR EA 18 -51.00 44.45 49.65
C TYR EA 18 -51.59 43.08 50.00
N LYS EA 19 -52.92 42.97 49.89
CA LYS EA 19 -53.61 41.71 50.12
C LYS EA 19 -54.52 41.31 48.97
N GLY EA 20 -55.13 42.27 48.29
CA GLY EA 20 -56.09 41.99 47.23
C GLY EA 20 -55.44 41.73 45.90
N SER EA 21 -56.25 41.80 44.84
CA SER EA 21 -55.81 41.57 43.48
C SER EA 21 -56.11 42.80 42.63
N GLY EA 22 -55.13 43.20 41.84
CA GLY EA 22 -55.25 44.37 41.00
C GLY EA 22 -53.89 44.95 40.69
N ASP EA 23 -53.88 46.24 40.35
CA ASP EA 23 -52.63 46.93 40.04
C ASP EA 23 -52.24 47.80 41.22
N PRO EA 24 -51.14 47.49 41.91
CA PRO EA 24 -50.72 48.34 43.03
C PRO EA 24 -50.41 49.76 42.62
N TYR EA 25 -49.88 49.94 41.41
CA TYR EA 25 -49.52 51.27 40.92
C TYR EA 25 -50.72 52.08 40.44
N ALA EA 26 -51.90 51.47 40.35
CA ALA EA 26 -53.05 52.18 39.82
C ALA EA 26 -53.40 53.39 40.69
N ASN EA 27 -53.48 53.19 42.01
CA ASN EA 27 -53.75 54.29 42.92
C ASN EA 27 -53.32 53.88 44.33
N PRO EA 28 -52.07 54.15 44.70
CA PRO EA 28 -51.62 53.78 46.05
C PRO EA 28 -52.14 54.69 47.14
N LEU EA 29 -52.75 55.83 46.80
CA LEU EA 29 -53.21 56.76 47.82
C LEU EA 29 -54.36 56.21 48.65
N SER EA 30 -55.09 55.23 48.13
CA SER EA 30 -56.24 54.67 48.84
C SER EA 30 -55.81 53.42 49.60
N ASP EA 31 -56.06 53.41 50.91
CA ASP EA 31 -55.76 52.28 51.77
C ASP EA 31 -56.95 51.36 51.94
N VAL EA 32 -57.82 51.27 50.92
CA VAL EA 32 -59.06 50.51 51.04
C VAL EA 32 -58.81 49.02 51.10
N ASP EA 33 -57.62 48.55 50.75
CA ASP EA 33 -57.37 47.13 50.58
C ASP EA 33 -56.17 46.60 51.36
N TRP EA 34 -55.17 47.43 51.65
CA TRP EA 34 -53.92 46.94 52.20
C TRP EA 34 -53.95 46.98 53.72
N SER EA 35 -53.17 46.12 54.34
CA SER EA 35 -53.11 45.98 55.79
C SER EA 35 -51.87 46.67 56.35
N ARG EA 36 -52.03 47.37 57.46
CA ARG EA 36 -50.96 48.11 58.09
C ARG EA 36 -50.21 47.23 59.09
N LEU EA 37 -48.89 47.42 59.15
CA LEU EA 37 -48.05 46.78 60.14
C LEU EA 37 -47.88 47.71 61.35
N ALA EA 38 -47.90 47.14 62.54
CA ALA EA 38 -48.05 47.91 63.77
C ALA EA 38 -46.75 47.95 64.55
N LYS EA 39 -46.39 49.15 65.02
CA LYS EA 39 -45.27 49.38 65.93
C LYS EA 39 -43.96 48.86 65.34
N VAL EA 40 -43.56 49.50 64.25
CA VAL EA 40 -42.24 49.28 63.67
C VAL EA 40 -41.22 50.07 64.45
N LYS EA 41 -40.17 49.39 64.92
CA LYS EA 41 -39.14 50.05 65.73
C LYS EA 41 -38.27 50.95 64.85
N ASP EA 42 -37.63 50.36 63.84
CA ASP EA 42 -36.84 51.14 62.90
C ASP EA 42 -36.95 50.54 61.51
N LEU EA 43 -36.65 51.35 60.51
CA LEU EA 43 -36.83 51.00 59.11
C LEU EA 43 -35.67 51.55 58.30
N THR EA 44 -35.16 50.75 57.37
CA THR EA 44 -34.18 51.21 56.39
C THR EA 44 -34.67 50.82 55.01
N PRO EA 45 -35.11 51.78 54.19
CA PRO EA 45 -35.56 51.44 52.83
C PRO EA 45 -34.39 51.10 51.93
N GLY EA 46 -34.70 50.40 50.85
CA GLY EA 46 -33.69 50.04 49.88
C GLY EA 46 -33.19 51.22 49.09
N GLU EA 47 -32.00 51.06 48.53
CA GLU EA 47 -31.36 52.10 47.73
C GLU EA 47 -31.25 51.62 46.29
N LEU EA 48 -31.51 52.52 45.35
CA LEU EA 48 -31.57 52.17 43.93
C LEU EA 48 -30.18 52.32 43.32
N THR EA 49 -29.42 51.22 43.33
CA THR EA 49 -28.07 51.25 42.80
C THR EA 49 -28.11 51.18 41.27
N ALA EA 50 -26.92 51.12 40.67
CA ALA EA 50 -26.79 50.99 39.22
C ALA EA 50 -25.62 50.06 38.94
N GLU EA 51 -25.16 50.05 37.69
CA GLU EA 51 -24.01 49.25 37.32
C GLU EA 51 -23.29 49.99 36.21
N SER EA 52 -21.96 50.01 36.26
CA SER EA 52 -21.14 50.78 35.34
C SER EA 52 -20.56 49.86 34.27
N TYR EA 53 -20.75 50.23 33.01
CA TYR EA 53 -20.19 49.49 31.89
C TYR EA 53 -19.11 50.32 31.19
N ASP EA 54 -18.06 49.63 30.75
CA ASP EA 54 -16.92 50.29 30.15
C ASP EA 54 -17.29 50.97 28.84
N ASP EA 55 -16.71 52.15 28.60
CA ASP EA 55 -16.93 52.88 27.37
C ASP EA 55 -15.63 53.41 26.76
N SER EA 56 -14.47 53.08 27.33
CA SER EA 56 -13.21 53.57 26.80
C SER EA 56 -12.96 53.01 25.39
N TYR EA 57 -12.47 53.88 24.51
CA TYR EA 57 -12.33 53.58 23.10
C TYR EA 57 -10.91 53.93 22.64
N LEU EA 58 -10.47 53.30 21.56
CA LEU EA 58 -9.12 53.51 21.06
C LEU EA 58 -8.94 54.86 20.37
N ASP EA 59 -9.76 55.12 19.35
CA ASP EA 59 -9.55 56.26 18.47
C ASP EA 59 -10.10 57.56 19.04
N ASP EA 60 -10.66 57.56 20.24
CA ASP EA 60 -11.20 58.78 20.81
C ASP EA 60 -10.11 59.81 21.02
N GLU EA 61 -10.46 61.08 20.85
CA GLU EA 61 -9.50 62.16 20.99
C GLU EA 61 -8.93 62.20 22.41
N ASP EA 62 -9.79 61.99 23.40
CA ASP EA 62 -9.37 62.03 24.80
C ASP EA 62 -8.77 60.68 25.19
N ALA EA 63 -7.56 60.73 25.71
CA ALA EA 63 -6.90 59.56 26.27
C ALA EA 63 -6.66 59.81 27.75
N ASP EA 64 -6.01 58.84 28.41
CA ASP EA 64 -5.67 58.88 29.84
C ASP EA 64 -6.82 59.41 30.70
N TRP EA 65 -8.06 59.12 30.31
CA TRP EA 65 -9.22 59.46 31.12
C TRP EA 65 -10.27 58.39 30.86
N THR EA 66 -10.56 57.58 31.88
CA THR EA 66 -11.51 56.50 31.73
C THR EA 66 -12.90 57.04 31.44
N ALA EA 67 -13.65 56.31 30.62
CA ALA EA 67 -15.01 56.65 30.25
C ALA EA 67 -15.91 55.47 30.60
N THR EA 68 -16.94 55.72 31.41
CA THR EA 68 -17.82 54.67 31.89
C THR EA 68 -19.26 55.15 31.83
N GLY EA 69 -20.15 54.30 31.32
CA GLY EA 69 -21.56 54.59 31.27
C GLY EA 69 -22.37 53.75 32.25
N GLN EA 70 -23.68 53.95 32.21
CA GLN EA 70 -24.59 53.31 33.16
C GLN EA 70 -25.51 52.33 32.45
N GLY EA 71 -25.75 51.20 33.08
CA GLY EA 71 -26.67 50.21 32.55
C GLY EA 71 -27.09 49.17 33.58
N GLN EA 72 -28.29 48.61 33.42
CA GLN EA 72 -28.82 47.58 34.31
C GLN EA 72 -28.90 48.08 35.76
N LYS EA 73 -29.76 49.07 35.97
CA LYS EA 73 -30.01 49.54 37.32
C LYS EA 73 -30.89 48.54 38.07
N SER EA 74 -30.69 48.45 39.39
CA SER EA 74 -31.40 47.49 40.22
C SER EA 74 -31.87 48.15 41.50
N ALA EA 75 -32.93 47.59 42.09
CA ALA EA 75 -33.42 48.06 43.37
C ALA EA 75 -32.59 47.46 44.49
N GLY EA 76 -32.78 48.00 45.70
CA GLY EA 76 -32.03 47.59 46.87
C GLY EA 76 -32.76 46.57 47.72
N ASP EA 77 -32.39 46.56 49.00
CA ASP EA 77 -33.01 45.70 50.00
C ASP EA 77 -33.63 46.55 51.10
N THR EA 78 -34.86 46.26 51.45
CA THR EA 78 -35.56 46.96 52.52
C THR EA 78 -35.48 46.12 53.79
N SER EA 79 -35.41 46.79 54.94
CA SER EA 79 -35.38 46.08 56.22
C SER EA 79 -36.18 46.86 57.25
N PHE EA 80 -36.78 46.15 58.20
CA PHE EA 80 -37.51 46.82 59.25
C PHE EA 80 -37.68 45.88 60.44
N THR EA 81 -37.72 46.46 61.63
CA THR EA 81 -37.91 45.71 62.87
C THR EA 81 -39.19 46.15 63.54
N LEU EA 82 -40.03 45.17 63.89
CA LEU EA 82 -41.27 45.40 64.60
C LEU EA 82 -41.18 44.77 65.99
N ALA EA 83 -42.19 45.08 66.81
CA ALA EA 83 -42.34 44.43 68.11
C ALA EA 83 -42.99 43.08 67.85
N TRP EA 84 -42.27 42.00 68.16
CA TRP EA 84 -42.73 40.65 67.89
C TRP EA 84 -44.12 40.43 68.48
N MET EA 85 -45.09 40.11 67.63
CA MET EA 85 -46.50 40.11 68.03
C MET EA 85 -47.27 39.12 67.17
N PRO EA 86 -47.20 37.83 67.48
CA PRO EA 86 -47.87 36.82 66.64
C PRO EA 86 -49.39 36.91 66.68
N GLY EA 87 -49.97 37.65 67.62
CA GLY EA 87 -51.42 37.71 67.70
C GLY EA 87 -52.06 38.39 66.50
N GLU EA 88 -51.49 39.51 66.06
CA GLU EA 88 -52.06 40.26 64.96
C GLU EA 88 -51.90 39.53 63.64
N GLN EA 89 -52.89 39.70 62.76
CA GLN EA 89 -52.88 39.00 61.48
C GLN EA 89 -51.81 39.53 60.53
N GLY EA 90 -51.27 40.72 60.79
CA GLY EA 90 -50.26 41.30 59.93
C GLY EA 90 -49.03 40.43 59.75
N GLN EA 91 -48.27 40.23 60.82
CA GLN EA 91 -47.09 39.40 60.71
C GLN EA 91 -47.41 37.92 60.57
N GLN EA 92 -48.62 37.49 60.92
CA GLN EA 92 -49.05 36.14 60.56
C GLN EA 92 -49.05 35.97 59.04
N ALA EA 93 -49.70 36.91 58.35
CA ALA EA 93 -49.69 36.89 56.89
C ALA EA 93 -48.29 37.09 56.34
N LEU EA 94 -47.46 37.88 57.02
CA LEU EA 94 -46.08 38.06 56.59
C LEU EA 94 -45.31 36.75 56.61
N LEU EA 95 -45.47 35.99 57.69
CA LEU EA 95 -44.77 34.71 57.80
C LEU EA 95 -45.34 33.68 56.84
N ALA EA 96 -46.66 33.68 56.62
CA ALA EA 96 -47.23 32.80 55.62
C ALA EA 96 -46.71 33.14 54.23
N TRP EA 97 -46.56 34.43 53.95
CA TRP EA 97 -45.98 34.88 52.70
C TRP EA 97 -44.54 34.40 52.55
N PHE EA 98 -43.75 34.50 53.62
CA PHE EA 98 -42.38 33.99 53.57
C PHE EA 98 -42.35 32.50 53.29
N ASN EA 99 -43.18 31.74 54.02
CA ASN EA 99 -43.15 30.29 53.87
C ASN EA 99 -43.59 29.88 52.47
N GLU EA 100 -44.66 30.47 51.96
CA GLU EA 100 -45.11 30.15 50.61
C GLU EA 100 -44.17 30.76 49.58
N GLY EA 101 -43.67 31.96 49.84
CA GLY EA 101 -42.61 32.54 49.04
C GLY EA 101 -42.97 33.01 47.65
N ASP EA 102 -43.80 34.04 47.54
CA ASP EA 102 -44.13 34.66 46.27
C ASP EA 102 -43.87 36.15 46.33
N THR EA 103 -43.63 36.75 45.17
CA THR EA 103 -43.43 38.18 45.09
C THR EA 103 -44.72 38.93 45.42
N ARG EA 104 -44.60 39.96 46.24
CA ARG EA 104 -45.75 40.73 46.68
C ARG EA 104 -45.36 42.20 46.74
N ALA EA 105 -46.37 43.07 46.71
CA ALA EA 105 -46.18 44.51 46.71
C ALA EA 105 -46.52 45.11 48.06
N TYR EA 106 -45.89 46.24 48.37
CA TYR EA 106 -46.12 46.92 49.64
C TYR EA 106 -45.78 48.40 49.46
N LYS EA 107 -46.15 49.20 50.45
CA LYS EA 107 -45.91 50.64 50.37
C LYS EA 107 -45.46 51.20 51.71
N ILE EA 108 -44.76 52.32 51.63
CA ILE EA 108 -44.39 53.12 52.80
C ILE EA 108 -45.03 54.49 52.63
N ARG EA 109 -45.74 54.94 53.66
CA ARG EA 109 -46.36 56.25 53.69
C ARG EA 109 -45.55 57.20 54.55
N PHE EA 110 -45.79 58.49 54.38
CA PHE EA 110 -45.03 59.50 55.07
C PHE EA 110 -45.95 60.57 55.63
N PRO EA 111 -45.52 61.27 56.68
CA PRO EA 111 -46.29 62.44 57.15
C PRO EA 111 -46.36 63.53 56.11
N ASN EA 112 -45.45 63.53 55.13
CA ASN EA 112 -45.51 64.51 54.05
C ASN EA 112 -46.79 64.37 53.25
N GLY EA 113 -47.22 63.14 52.99
CA GLY EA 113 -48.43 62.86 52.23
C GLY EA 113 -48.20 61.99 51.01
N THR EA 114 -46.97 61.85 50.54
CA THR EA 114 -46.67 61.02 49.39
C THR EA 114 -46.34 59.60 49.84
N VAL EA 115 -46.57 58.65 48.93
CA VAL EA 115 -46.39 57.23 49.23
C VAL EA 115 -45.40 56.64 48.23
N ASP EA 116 -44.62 55.67 48.71
CA ASP EA 116 -43.67 54.94 47.90
C ASP EA 116 -44.11 53.50 47.84
N VAL EA 117 -44.08 52.89 46.65
CA VAL EA 117 -44.55 51.53 46.46
C VAL EA 117 -43.41 50.68 45.92
N PHE EA 118 -43.26 49.47 46.46
CA PHE EA 118 -42.23 48.53 46.10
C PHE EA 118 -42.87 47.17 45.86
N ARG EA 119 -42.13 46.28 45.20
CA ARG EA 119 -42.55 44.89 45.08
C ARG EA 119 -41.33 43.99 45.15
N GLY EA 120 -41.45 42.90 45.89
CA GLY EA 120 -40.33 42.00 46.07
C GLY EA 120 -40.70 40.81 46.91
N TRP EA 121 -39.67 40.12 47.41
CA TRP EA 121 -39.87 38.94 48.24
C TRP EA 121 -38.97 39.00 49.46
N VAL EA 122 -39.47 38.45 50.56
CA VAL EA 122 -38.76 38.50 51.83
C VAL EA 122 -37.65 37.46 51.85
N SER EA 123 -36.54 37.77 52.53
CA SER EA 123 -35.40 36.87 52.57
C SER EA 123 -34.88 36.55 53.96
N SER EA 124 -35.43 37.13 55.02
CA SER EA 124 -34.93 36.82 56.34
C SER EA 124 -35.96 37.18 57.39
N ILE EA 125 -35.91 36.48 58.52
CA ILE EA 125 -36.72 36.76 59.70
C ILE EA 125 -35.85 36.56 60.93
N GLY EA 126 -35.69 37.61 61.75
CA GLY EA 126 -34.84 37.56 62.91
C GLY EA 126 -35.63 37.71 64.21
N LYS EA 127 -34.89 37.67 65.31
CA LYS EA 127 -35.51 37.75 66.62
C LYS EA 127 -34.47 38.20 67.65
N ALA EA 128 -34.97 38.74 68.75
CA ALA EA 128 -34.16 39.08 69.91
C ALA EA 128 -34.94 38.70 71.17
N VAL EA 129 -34.21 38.49 72.26
CA VAL EA 129 -34.82 37.99 73.49
C VAL EA 129 -34.62 38.97 74.64
N THR EA 130 -34.56 40.26 74.33
CA THR EA 130 -34.56 41.32 75.33
C THR EA 130 -35.42 42.45 74.79
N VAL EA 131 -36.63 42.60 75.35
CA VAL EA 131 -37.69 43.39 74.74
C VAL EA 131 -37.88 42.84 73.33
N ILE EA 132 -38.58 41.71 73.22
CA ILE EA 132 -38.53 40.88 72.02
C ILE EA 132 -39.00 41.66 70.80
N THR EA 133 -38.21 41.60 69.73
CA THR EA 133 -38.51 42.26 68.48
C THR EA 133 -38.17 41.33 67.32
N ARG EA 134 -38.91 41.48 66.23
CA ARG EA 134 -38.71 40.66 65.03
C ARG EA 134 -38.18 41.56 63.92
N THR EA 135 -37.03 41.18 63.35
CA THR EA 135 -36.39 41.91 62.26
C THR EA 135 -36.60 41.14 60.97
N VAL EA 136 -37.10 41.83 59.95
CA VAL EA 136 -37.44 41.20 58.68
C VAL EA 136 -36.99 42.09 57.53
N LYS EA 137 -36.36 41.49 56.53
CA LYS EA 137 -35.86 42.22 55.38
C LYS EA 137 -36.28 41.52 54.09
N VAL EA 138 -36.53 42.32 53.06
CA VAL EA 138 -36.97 41.84 51.76
C VAL EA 138 -36.07 42.40 50.69
N THR EA 139 -36.03 41.73 49.54
CA THR EA 139 -35.33 42.20 48.35
C THR EA 139 -36.35 42.49 47.27
N ASN EA 140 -36.25 43.66 46.65
CA ASN EA 140 -37.20 44.06 45.64
C ASN EA 140 -36.83 43.46 44.28
N VAL EA 141 -37.83 43.38 43.41
CA VAL EA 141 -37.67 42.86 42.06
C VAL EA 141 -38.46 43.75 41.12
N GLY EA 142 -37.88 44.06 39.96
CA GLY EA 142 -38.54 44.90 38.99
C GLY EA 142 -38.47 46.37 39.37
N ARG EA 143 -39.18 47.18 38.59
CA ARG EA 143 -39.15 48.63 38.79
C ARG EA 143 -40.07 49.03 39.93
N PRO EA 144 -39.60 49.80 40.91
CA PRO EA 144 -40.50 50.47 41.84
C PRO EA 144 -40.91 51.83 41.30
N SER EA 145 -41.98 52.37 41.87
CA SER EA 145 -42.46 53.70 41.52
C SER EA 145 -42.16 54.63 42.69
N MET EA 146 -41.35 55.64 42.44
CA MET EA 146 -40.96 56.58 43.47
C MET EA 146 -42.07 57.63 43.67
N ALA EA 147 -41.92 58.43 44.72
CA ALA EA 147 -42.94 59.43 45.04
C ALA EA 147 -42.92 60.58 44.03
N GLU EA 148 -41.77 60.84 43.40
CA GLU EA 148 -41.69 61.94 42.45
C GLU EA 148 -42.56 61.70 41.23
N ASP EA 149 -42.64 60.45 40.76
CA ASP EA 149 -43.50 60.16 39.62
C ASP EA 149 -44.96 60.47 39.89
N ARG EA 150 -45.39 60.38 41.14
CA ARG EA 150 -46.77 60.71 41.50
C ARG EA 150 -47.01 62.20 41.63
N SER EA 151 -45.98 62.97 41.99
CA SER EA 151 -46.15 64.40 42.23
C SER EA 151 -46.39 65.17 40.93
N THR EA 152 -46.00 64.62 39.79
CA THR EA 152 -46.18 65.30 38.51
C THR EA 152 -47.62 65.19 38.04
N VAL FA 1 -15.31 89.78 51.24
CA VAL FA 1 -14.86 89.92 49.86
C VAL FA 1 -14.34 88.60 49.32
N PRO FA 2 -14.92 88.13 48.21
CA PRO FA 2 -14.51 86.84 47.65
C PRO FA 2 -13.29 86.94 46.76
N ASN FA 3 -12.17 86.38 47.20
CA ASN FA 3 -10.94 86.29 46.41
C ASN FA 3 -9.95 85.31 47.03
N PRO FA 4 -9.06 84.72 46.24
CA PRO FA 4 -8.07 83.79 46.80
C PRO FA 4 -6.96 84.49 47.57
N THR FA 5 -5.94 83.73 47.95
CA THR FA 5 -4.75 84.10 48.72
C THR FA 5 -5.04 84.22 50.21
N MET FA 6 -6.27 83.93 50.66
CA MET FA 6 -6.55 83.72 52.07
C MET FA 6 -7.53 82.57 52.18
N PRO FA 7 -7.34 81.65 53.13
CA PRO FA 7 -8.21 80.48 53.22
C PRO FA 7 -9.64 80.87 53.55
N VAL FA 8 -10.57 80.00 53.15
CA VAL FA 8 -12.00 80.27 53.27
C VAL FA 8 -12.64 79.12 54.05
N LYS FA 9 -13.57 79.46 54.94
CA LYS FA 9 -14.31 78.46 55.70
C LYS FA 9 -15.12 77.57 54.76
N GLY FA 10 -15.76 78.16 53.77
CA GLY FA 10 -16.56 77.39 52.84
C GLY FA 10 -17.96 77.09 53.36
N ALA FA 11 -18.73 78.13 53.61
CA ALA FA 11 -20.07 77.98 54.18
C ALA FA 11 -21.14 77.83 53.12
N GLY FA 12 -21.11 78.67 52.08
CA GLY FA 12 -22.15 78.62 51.06
C GLY FA 12 -22.10 77.37 50.21
N THR FA 13 -21.08 77.28 49.35
CA THR FA 13 -20.81 76.09 48.53
C THR FA 13 -22.08 75.57 47.85
N THR FA 14 -22.64 76.39 46.97
CA THR FA 14 -23.86 76.02 46.28
C THR FA 14 -23.60 74.89 45.29
N LEU FA 15 -24.68 74.22 44.89
CA LEU FA 15 -24.61 73.11 43.96
C LEU FA 15 -25.57 73.37 42.81
N TRP FA 16 -25.08 73.24 41.58
CA TRP FA 16 -25.87 73.52 40.39
C TRP FA 16 -25.77 72.35 39.41
N VAL FA 17 -26.84 72.17 38.63
CA VAL FA 17 -26.90 71.14 37.61
C VAL FA 17 -27.32 71.78 36.29
N TYR FA 18 -26.61 71.46 35.22
CA TYR FA 18 -26.93 72.01 33.91
C TYR FA 18 -28.27 71.48 33.42
N LYS FA 19 -29.03 72.34 32.73
CA LYS FA 19 -30.29 71.96 32.11
C LYS FA 19 -30.29 72.18 30.60
N GLY FA 20 -29.70 73.27 30.13
CA GLY FA 20 -29.75 73.63 28.73
C GLY FA 20 -28.69 72.93 27.90
N SER FA 21 -28.50 73.43 26.68
CA SER FA 21 -27.59 72.85 25.71
C SER FA 21 -26.50 73.85 25.35
N GLY FA 22 -25.32 73.32 25.05
CA GLY FA 22 -24.17 74.13 24.72
C GLY FA 22 -22.93 73.51 25.34
N ASP FA 23 -21.93 74.36 25.58
CA ASP FA 23 -20.70 73.92 26.23
C ASP FA 23 -20.70 74.36 27.68
N PRO FA 24 -20.82 73.44 28.64
CA PRO FA 24 -20.73 73.84 30.05
C PRO FA 24 -19.39 74.48 30.40
N TYR FA 25 -18.31 74.07 29.73
CA TYR FA 25 -16.99 74.62 30.02
C TYR FA 25 -16.78 76.01 29.44
N ALA FA 26 -17.68 76.48 28.58
CA ALA FA 26 -17.46 77.77 27.92
C ALA FA 26 -17.48 78.92 28.93
N ASN FA 27 -18.43 78.91 29.86
CA ASN FA 27 -18.53 79.99 30.83
C ASN FA 27 -19.30 79.49 32.05
N PRO FA 28 -18.66 78.73 32.93
CA PRO FA 28 -19.36 78.27 34.15
C PRO FA 28 -19.68 79.40 35.12
N LEU FA 29 -19.08 80.58 34.96
CA LEU FA 29 -19.37 81.70 35.84
C LEU FA 29 -20.79 82.23 35.66
N SER FA 30 -21.41 81.98 34.51
CA SER FA 30 -22.76 82.45 34.24
C SER FA 30 -23.76 81.41 34.70
N ASP FA 31 -24.64 81.79 35.63
CA ASP FA 31 -25.69 80.92 36.14
C ASP FA 31 -27.02 81.19 35.44
N VAL FA 32 -26.96 81.54 34.16
CA VAL FA 32 -28.16 81.89 33.41
C VAL FA 32 -29.08 80.68 33.26
N ASP FA 33 -28.50 79.50 33.08
CA ASP FA 33 -29.28 78.31 32.74
C ASP FA 33 -29.27 77.24 33.82
N TRP FA 34 -28.22 77.13 34.61
CA TRP FA 34 -28.11 76.00 35.53
C TRP FA 34 -29.09 76.14 36.68
N SER FA 35 -29.55 75.00 37.18
CA SER FA 35 -30.55 74.95 38.25
C SER FA 35 -29.87 74.66 39.58
N ARG FA 36 -30.26 75.39 40.61
CA ARG FA 36 -29.66 75.23 41.93
C ARG FA 36 -30.38 74.16 42.73
N LEU FA 37 -29.61 73.42 43.53
CA LEU FA 37 -30.15 72.48 44.51
C LEU FA 37 -30.10 73.12 45.89
N ALA FA 38 -31.16 72.94 46.67
CA ALA FA 38 -31.36 73.66 47.91
C ALA FA 38 -31.17 72.75 49.11
N LYS FA 39 -30.59 73.32 50.18
CA LYS FA 39 -30.45 72.67 51.48
C LYS FA 39 -29.66 71.36 51.37
N VAL FA 40 -28.40 71.52 51.00
CA VAL FA 40 -27.45 70.40 51.00
C VAL FA 40 -27.02 70.14 52.43
N LYS FA 41 -27.25 68.91 52.91
CA LYS FA 41 -26.82 68.55 54.27
C LYS FA 41 -25.31 68.35 54.33
N ASP FA 42 -24.78 67.50 53.46
CA ASP FA 42 -23.35 67.20 53.45
C ASP FA 42 -22.92 66.92 52.02
N LEU FA 43 -21.63 67.15 51.75
CA LEU FA 43 -21.09 66.98 50.40
C LEU FA 43 -19.68 66.39 50.49
N THR FA 44 -19.39 65.45 49.58
CA THR FA 44 -18.04 64.91 49.42
C THR FA 44 -17.72 64.94 47.93
N PRO FA 45 -16.68 65.66 47.51
CA PRO FA 45 -16.40 65.78 46.08
C PRO FA 45 -15.61 64.59 45.56
N GLY FA 46 -15.39 64.60 44.24
CA GLY FA 46 -14.70 63.50 43.60
C GLY FA 46 -13.22 63.46 43.93
N GLU FA 47 -12.64 62.28 43.72
CA GLU FA 47 -11.23 62.00 44.02
C GLU FA 47 -10.53 61.61 42.72
N LEU FA 48 -9.75 62.53 42.16
CA LEU FA 48 -9.08 62.31 40.88
C LEU FA 48 -7.84 61.45 41.12
N THR FA 49 -8.01 60.14 41.02
CA THR FA 49 -6.90 59.21 41.18
C THR FA 49 -6.27 58.90 39.83
N ALA FA 50 -5.20 58.10 39.85
CA ALA FA 50 -4.51 57.68 38.64
C ALA FA 50 -4.18 56.20 38.76
N GLU FA 51 -3.43 55.68 37.80
CA GLU FA 51 -3.03 54.28 37.82
C GLU FA 51 -1.54 54.19 37.51
N SER FA 52 -0.93 53.12 38.00
CA SER FA 52 0.51 52.94 37.93
C SER FA 52 0.86 51.80 36.98
N TYR FA 53 1.84 52.04 36.11
CA TYR FA 53 2.34 51.02 35.21
C TYR FA 53 3.83 50.78 35.48
N ASP FA 54 4.25 49.55 35.27
CA ASP FA 54 5.63 49.15 35.55
C ASP FA 54 6.60 49.83 34.58
N ASP FA 55 7.78 50.16 35.10
CA ASP FA 55 8.83 50.76 34.29
C ASP FA 55 10.21 50.14 34.51
N SER FA 56 10.32 49.05 35.26
CA SER FA 56 11.60 48.42 35.48
C SER FA 56 12.06 47.69 34.22
N TYR FA 57 13.37 47.64 34.03
CA TYR FA 57 13.95 47.05 32.82
C TYR FA 57 15.14 46.17 33.19
N LEU FA 58 15.49 45.27 32.28
CA LEU FA 58 16.63 44.39 32.52
C LEU FA 58 17.93 45.18 32.62
N ASP FA 59 18.14 46.10 31.70
CA ASP FA 59 19.43 46.80 31.60
C ASP FA 59 19.46 48.10 32.39
N ASP FA 60 18.55 48.27 33.35
CA ASP FA 60 18.54 49.48 34.16
C ASP FA 60 19.84 49.59 34.95
N GLU FA 61 20.31 50.82 35.10
CA GLU FA 61 21.55 51.08 35.80
C GLU FA 61 21.39 51.09 37.30
N ASP FA 62 20.16 51.14 37.80
CA ASP FA 62 19.88 51.15 39.22
C ASP FA 62 18.94 49.99 39.52
N ALA FA 63 19.49 48.91 40.06
CA ALA FA 63 18.72 47.73 40.40
C ALA FA 63 18.21 47.83 41.83
N ASP FA 64 17.53 46.78 42.28
CA ASP FA 64 17.00 46.66 43.65
C ASP FA 64 16.24 47.91 44.08
N TRP FA 65 15.64 48.63 43.13
CA TRP FA 65 14.76 49.75 43.45
C TRP FA 65 13.67 49.81 42.39
N THR FA 66 12.43 49.59 42.81
CA THR FA 66 11.31 49.53 41.88
C THR FA 66 11.06 50.89 41.25
N ALA FA 67 10.62 50.87 39.99
CA ALA FA 67 10.30 52.07 39.24
C ALA FA 67 8.95 51.90 38.57
N THR FA 68 8.16 52.97 38.57
CA THR FA 68 6.84 52.94 37.98
C THR FA 68 6.43 54.33 37.55
N GLY FA 69 5.48 54.39 36.60
CA GLY FA 69 4.98 55.66 36.11
C GLY FA 69 3.46 55.70 36.21
N GLN FA 70 2.90 56.86 35.88
CA GLN FA 70 1.47 57.07 35.97
C GLN FA 70 0.83 57.00 34.58
N GLY FA 71 -0.38 56.46 34.53
CA GLY FA 71 -1.11 56.40 33.28
C GLY FA 71 -2.59 56.16 33.54
N GLN FA 72 -3.42 56.68 32.64
CA GLN FA 72 -4.87 56.47 32.67
C GLN FA 72 -5.48 56.98 33.99
N LYS FA 73 -5.36 58.29 34.20
CA LYS FA 73 -5.94 58.91 35.37
C LYS FA 73 -7.46 58.96 35.24
N SER FA 74 -8.15 58.83 36.37
CA SER FA 74 -9.60 58.72 36.40
C SER FA 74 -10.18 59.65 37.46
N ALA FA 75 -11.36 60.18 37.18
CA ALA FA 75 -12.08 60.98 38.16
C ALA FA 75 -12.73 60.06 39.20
N GLY FA 76 -13.10 60.66 40.32
CA GLY FA 76 -13.68 59.93 41.43
C GLY FA 76 -15.19 59.93 41.40
N ASP FA 77 -15.79 59.74 42.58
CA ASP FA 77 -17.22 59.70 42.76
C ASP FA 77 -17.64 60.82 43.70
N THR FA 78 -18.69 61.55 43.33
CA THR FA 78 -19.22 62.63 44.13
C THR FA 78 -20.45 62.15 44.89
N SER FA 79 -20.62 62.63 46.12
CA SER FA 79 -21.77 62.26 46.92
C SER FA 79 -22.32 63.50 47.63
N PHE FA 80 -23.64 63.55 47.77
CA PHE FA 80 -24.23 64.65 48.50
C PHE FA 80 -25.57 64.22 49.10
N THR FA 81 -25.85 64.75 50.28
CA THR FA 81 -27.07 64.44 51.02
C THR FA 81 -27.93 65.70 51.07
N LEU FA 82 -29.19 65.58 50.66
CA LEU FA 82 -30.12 66.68 50.61
C LEU FA 82 -31.31 66.42 51.51
N ALA FA 83 -32.04 67.48 51.84
CA ALA FA 83 -33.33 67.31 52.47
C ALA FA 83 -34.33 66.80 51.44
N TRP FA 84 -35.08 65.76 51.80
CA TRP FA 84 -35.96 65.11 50.83
C TRP FA 84 -37.07 66.06 50.42
N MET FA 85 -37.03 66.53 49.17
CA MET FA 85 -37.91 67.58 48.67
C MET FA 85 -38.67 67.04 47.47
N PRO FA 86 -39.74 66.28 47.69
CA PRO FA 86 -40.49 65.70 46.56
C PRO FA 86 -41.26 66.71 45.74
N GLY FA 87 -41.37 67.96 46.20
CA GLY FA 87 -42.12 68.97 45.47
C GLY FA 87 -41.26 69.87 44.60
N GLU FA 88 -40.08 70.23 45.11
CA GLU FA 88 -39.21 71.15 44.39
C GLU FA 88 -38.70 70.49 43.10
N GLN FA 89 -38.68 71.29 42.03
CA GLN FA 89 -38.50 70.73 40.68
C GLN FA 89 -37.13 70.10 40.49
N GLY FA 90 -36.11 70.60 41.18
CA GLY FA 90 -34.76 70.08 40.98
C GLY FA 90 -34.65 68.61 41.32
N GLN FA 91 -35.28 68.19 42.42
CA GLN FA 91 -35.24 66.78 42.81
C GLN FA 91 -35.97 65.90 41.80
N GLN FA 92 -37.10 66.38 41.27
CA GLN FA 92 -37.79 65.64 40.22
C GLN FA 92 -36.91 65.49 39.00
N ALA FA 93 -36.21 66.56 38.61
CA ALA FA 93 -35.30 66.48 37.47
C ALA FA 93 -34.17 65.50 37.74
N LEU FA 94 -33.65 65.49 38.98
CA LEU FA 94 -32.57 64.57 39.33
C LEU FA 94 -33.02 63.13 39.23
N LEU FA 95 -34.20 62.82 39.76
CA LEU FA 95 -34.68 61.44 39.68
C LEU FA 95 -35.02 61.05 38.25
N ALA FA 96 -35.54 61.98 37.45
CA ALA FA 96 -35.76 61.68 36.04
C ALA FA 96 -34.45 61.41 35.32
N TRP FA 97 -33.41 62.16 35.67
CA TRP FA 97 -32.09 61.92 35.12
C TRP FA 97 -31.59 60.53 35.49
N PHE FA 98 -31.78 60.14 36.74
CA PHE FA 98 -31.36 58.79 37.14
C PHE FA 98 -32.14 57.72 36.38
N ASN FA 99 -33.46 57.91 36.23
CA ASN FA 99 -34.28 56.91 35.57
C ASN FA 99 -33.89 56.76 34.10
N GLU FA 100 -33.78 57.88 33.39
CA GLU FA 100 -33.41 57.83 31.98
C GLU FA 100 -31.93 57.53 31.79
N GLY FA 101 -31.08 58.11 32.63
CA GLY FA 101 -29.68 57.73 32.68
C GLY FA 101 -28.80 58.13 31.52
N ASP FA 102 -28.54 59.43 31.37
CA ASP FA 102 -27.57 59.92 30.41
C ASP FA 102 -26.55 60.79 31.14
N THR FA 103 -25.38 60.94 30.52
CA THR FA 103 -24.34 61.77 31.12
C THR FA 103 -24.77 63.23 31.14
N ARG FA 104 -24.61 63.88 32.28
CA ARG FA 104 -24.98 65.27 32.45
C ARG FA 104 -23.87 65.98 33.22
N ALA FA 105 -23.80 67.30 33.04
CA ALA FA 105 -22.76 68.11 33.66
C ALA FA 105 -23.35 68.93 34.81
N TYR FA 106 -22.52 69.17 35.82
CA TYR FA 106 -22.94 69.92 37.00
C TYR FA 106 -21.74 70.67 37.55
N LYS FA 107 -22.00 71.50 38.56
CA LYS FA 107 -20.93 72.31 39.14
C LYS FA 107 -21.20 72.54 40.62
N ILE FA 108 -20.13 72.89 41.32
CA ILE FA 108 -20.19 73.32 42.71
C ILE FA 108 -19.50 74.68 42.81
N ARG FA 109 -20.10 75.59 43.55
CA ARG FA 109 -19.60 76.95 43.71
C ARG FA 109 -19.18 77.20 45.15
N PHE FA 110 -18.04 77.86 45.31
CA PHE FA 110 -17.45 78.15 46.61
C PHE FA 110 -17.59 79.63 46.93
N PRO FA 111 -17.64 79.99 48.22
CA PRO FA 111 -17.71 81.41 48.57
C PRO FA 111 -16.49 82.20 48.15
N ASN FA 112 -15.36 81.54 47.88
CA ASN FA 112 -14.18 82.26 47.43
C ASN FA 112 -14.38 82.86 46.05
N GLY FA 113 -15.38 82.39 45.30
CA GLY FA 113 -15.76 82.97 44.04
C GLY FA 113 -15.53 82.09 42.83
N THR FA 114 -14.72 81.05 42.94
CA THR FA 114 -14.45 80.17 41.82
C THR FA 114 -15.42 78.99 41.83
N VAL FA 115 -15.51 78.32 40.67
CA VAL FA 115 -16.47 77.24 40.47
C VAL FA 115 -15.76 76.02 39.90
N ASP FA 116 -16.29 74.84 40.26
CA ASP FA 116 -15.72 73.57 39.85
C ASP FA 116 -16.78 72.77 39.11
N VAL FA 117 -16.44 72.28 37.92
CA VAL FA 117 -17.43 71.67 37.02
C VAL FA 117 -17.02 70.23 36.75
N PHE FA 118 -17.98 69.32 36.88
CA PHE FA 118 -17.83 67.90 36.62
C PHE FA 118 -18.88 67.47 35.59
N ARG FA 119 -18.71 66.25 35.08
CA ARG FA 119 -19.75 65.63 34.27
C ARG FA 119 -19.74 64.13 34.50
N GLY FA 120 -20.93 63.54 34.58
CA GLY FA 120 -21.04 62.11 34.87
C GLY FA 120 -22.48 61.67 34.92
N TRP FA 121 -22.69 60.49 35.54
CA TRP FA 121 -24.01 59.92 35.68
C TRP FA 121 -24.23 59.42 37.11
N VAL FA 122 -25.48 59.46 37.55
CA VAL FA 122 -25.84 59.09 38.92
C VAL FA 122 -25.98 57.58 39.03
N SER FA 123 -25.49 57.02 40.14
CA SER FA 123 -25.49 55.57 40.33
C SER FA 123 -26.17 55.10 41.60
N SER FA 124 -26.48 55.98 42.55
CA SER FA 124 -27.05 55.54 43.81
C SER FA 124 -28.02 56.58 44.36
N ILE FA 125 -29.14 56.12 44.90
CA ILE FA 125 -30.14 56.97 45.54
C ILE FA 125 -30.54 56.31 46.86
N GLY FA 126 -30.36 57.03 47.97
CA GLY FA 126 -30.67 56.52 49.28
C GLY FA 126 -31.62 57.43 50.05
N LYS FA 127 -32.08 56.91 51.19
CA LYS FA 127 -33.09 57.60 51.99
C LYS FA 127 -32.90 57.24 53.46
N ALA FA 128 -33.53 58.05 54.32
CA ALA FA 128 -33.57 57.82 55.76
C ALA FA 128 -34.97 58.15 56.26
N VAL FA 129 -35.29 57.69 57.47
CA VAL FA 129 -36.64 57.82 58.00
C VAL FA 129 -36.70 58.62 59.28
N THR FA 130 -35.58 59.19 59.72
CA THR FA 130 -35.57 60.09 60.87
C THR FA 130 -34.95 61.40 60.43
N VAL FA 131 -35.77 62.45 60.34
CA VAL FA 131 -35.41 63.69 59.65
C VAL FA 131 -34.97 63.30 58.24
N ILE FA 132 -35.95 63.03 57.38
CA ILE FA 132 -35.69 62.34 56.11
C ILE FA 132 -34.68 63.11 55.27
N THR FA 133 -33.64 62.40 54.84
CA THR FA 133 -32.66 62.92 53.89
C THR FA 133 -32.51 61.94 52.75
N ARG FA 134 -32.17 62.48 51.58
CA ARG FA 134 -31.92 61.68 50.39
C ARG FA 134 -30.44 61.78 50.02
N THR FA 135 -29.79 60.64 49.85
CA THR FA 135 -28.38 60.58 49.53
C THR FA 135 -28.21 60.23 48.05
N VAL FA 136 -27.48 61.07 47.32
CA VAL FA 136 -27.29 60.90 45.89
C VAL FA 136 -25.80 60.78 45.62
N LYS FA 137 -25.42 59.77 44.85
CA LYS FA 137 -24.03 59.52 44.48
C LYS FA 137 -23.92 59.43 42.97
N VAL FA 138 -22.95 60.14 42.40
CA VAL FA 138 -22.72 60.14 40.97
C VAL FA 138 -21.26 59.79 40.70
N THR FA 139 -21.01 59.24 39.51
CA THR FA 139 -19.67 58.90 39.05
C THR FA 139 -19.37 59.72 37.80
N ASN FA 140 -18.19 60.33 37.78
CA ASN FA 140 -17.82 61.20 36.68
C ASN FA 140 -17.28 60.39 35.51
N VAL FA 141 -17.29 61.01 34.34
CA VAL FA 141 -16.75 60.43 33.12
C VAL FA 141 -15.99 61.51 32.37
N GLY FA 142 -14.78 61.18 31.91
CA GLY FA 142 -13.99 62.12 31.16
C GLY FA 142 -13.26 63.10 32.06
N ARG FA 143 -12.45 63.93 31.43
CA ARG FA 143 -11.62 64.87 32.19
C ARG FA 143 -12.47 66.02 32.70
N PRO FA 144 -12.39 66.34 33.99
CA PRO FA 144 -13.02 67.56 34.49
C PRO FA 144 -12.09 68.75 34.37
N SER FA 145 -12.68 69.93 34.25
CA SER FA 145 -11.92 71.17 34.21
C SER FA 145 -11.97 71.78 35.61
N MET FA 146 -10.84 71.72 36.31
CA MET FA 146 -10.78 72.16 37.70
C MET FA 146 -10.80 73.68 37.77
N ALA FA 147 -10.87 74.20 39.00
CA ALA FA 147 -10.85 75.65 39.19
C ALA FA 147 -9.52 76.24 38.77
N GLU FA 148 -8.43 75.47 38.92
CA GLU FA 148 -7.11 76.00 38.58
C GLU FA 148 -7.00 76.32 37.10
N ASP FA 149 -7.58 75.47 36.25
CA ASP FA 149 -7.53 75.73 34.81
C ASP FA 149 -8.25 77.03 34.45
N ARG FA 150 -9.23 77.43 35.26
CA ARG FA 150 -9.88 78.72 35.03
C ARG FA 150 -9.12 79.87 35.65
N SER FA 151 -8.42 79.64 36.76
CA SER FA 151 -7.74 80.72 37.45
C SER FA 151 -6.62 81.34 36.62
N THR FA 152 -6.05 80.60 35.68
CA THR FA 152 -5.01 81.14 34.81
C THR FA 152 -5.62 81.95 33.68
N VAL GA 1 18.89 76.54 68.71
CA VAL GA 1 19.96 76.24 67.78
C VAL GA 1 19.67 74.92 67.04
N PRO GA 2 19.75 74.96 65.71
CA PRO GA 2 19.48 73.75 64.92
C PRO GA 2 20.70 72.86 64.78
N ASN GA 3 20.67 71.69 65.42
CA ASN GA 3 21.77 70.74 65.37
C ASN GA 3 21.28 69.37 65.77
N PRO GA 4 21.85 68.31 65.20
CA PRO GA 4 21.39 66.95 65.53
C PRO GA 4 21.88 66.48 66.88
N THR GA 5 21.62 65.20 67.16
CA THR GA 5 21.92 64.44 68.38
C THR GA 5 20.95 64.75 69.51
N MET GA 6 20.18 65.82 69.42
CA MET GA 6 19.08 66.11 70.33
C MET GA 6 17.78 65.94 69.56
N PRO GA 7 16.71 65.54 70.24
CA PRO GA 7 15.41 65.46 69.56
C PRO GA 7 14.87 66.84 69.23
N VAL GA 8 14.03 66.90 68.19
CA VAL GA 8 13.44 68.16 67.74
C VAL GA 8 11.93 68.00 67.68
N LYS GA 9 11.22 69.05 68.09
CA LYS GA 9 9.76 69.02 68.13
C LYS GA 9 9.17 68.95 66.72
N GLY GA 10 9.78 69.63 65.76
CA GLY GA 10 9.26 69.64 64.41
C GLY GA 10 8.13 70.63 64.18
N ALA GA 11 8.43 71.92 64.31
CA ALA GA 11 7.44 72.97 64.09
C ALA GA 11 7.41 73.43 62.63
N GLY GA 12 8.56 73.76 62.06
CA GLY GA 12 8.60 74.26 60.70
C GLY GA 12 8.29 73.19 59.66
N THR GA 13 9.23 72.27 59.45
CA THR GA 13 9.09 71.16 58.51
C THR GA 13 8.52 71.63 57.17
N THR GA 14 9.28 72.50 56.50
CA THR GA 14 8.83 73.05 55.25
C THR GA 14 8.89 72.01 54.13
N LEU GA 15 8.15 72.27 53.06
CA LEU GA 15 8.10 71.38 51.91
C LEU GA 15 8.36 72.21 50.66
N TRP GA 16 9.30 71.76 49.83
CA TRP GA 16 9.68 72.48 48.63
C TRP GA 16 9.59 71.54 47.44
N VAL GA 17 9.38 72.12 46.26
CA VAL GA 17 9.31 71.37 45.02
C VAL GA 17 10.23 72.02 44.00
N TYR GA 18 10.92 71.20 43.20
CA TYR GA 18 11.88 71.67 42.23
C TYR GA 18 11.18 72.27 41.01
N LYS GA 19 11.80 73.28 40.41
CA LYS GA 19 11.26 73.90 39.21
C LYS GA 19 12.28 73.95 38.09
N GLY GA 20 13.56 74.12 38.43
CA GLY GA 20 14.61 74.29 37.46
C GLY GA 20 15.12 72.98 36.89
N SER GA 21 16.28 73.06 36.24
CA SER GA 21 16.90 71.91 35.62
C SER GA 21 18.30 71.72 36.19
N GLY GA 22 18.63 70.49 36.53
CA GLY GA 22 19.91 70.16 37.13
C GLY GA 22 19.80 68.88 37.93
N ASP GA 23 20.74 68.70 38.85
CA ASP GA 23 20.75 67.54 39.70
C ASP GA 23 20.20 67.90 41.07
N PRO GA 24 19.03 67.38 41.47
CA PRO GA 24 18.49 67.73 42.79
C PRO GA 24 19.40 67.32 43.94
N TYR GA 25 20.13 66.22 43.80
CA TYR GA 25 20.99 65.74 44.85
C TYR GA 25 22.34 66.45 44.89
N ALA GA 26 22.62 67.32 43.93
CA ALA GA 26 23.91 67.99 43.90
C ALA GA 26 24.14 68.83 45.15
N ASN GA 27 23.14 69.62 45.54
CA ASN GA 27 23.22 70.40 46.77
C ASN GA 27 21.81 70.78 47.20
N PRO GA 28 21.12 69.90 47.93
CA PRO GA 28 19.75 70.21 48.35
C PRO GA 28 19.66 71.35 49.35
N LEU GA 29 20.75 71.71 50.02
CA LEU GA 29 20.69 72.70 51.09
C LEU GA 29 20.36 74.09 50.58
N SER GA 30 20.56 74.37 49.30
CA SER GA 30 20.31 75.70 48.75
C SER GA 30 18.91 75.77 48.19
N ASP GA 31 18.17 76.80 48.59
CA ASP GA 31 16.78 77.01 48.17
C ASP GA 31 16.65 78.08 47.10
N VAL GA 32 17.68 78.24 46.26
CA VAL GA 32 17.66 79.30 45.25
C VAL GA 32 16.61 79.02 44.19
N ASP GA 33 16.32 77.76 43.91
CA ASP GA 33 15.51 77.38 42.77
C ASP GA 33 14.17 76.76 43.11
N TRP GA 34 14.00 76.23 44.31
CA TRP GA 34 12.81 75.47 44.66
C TRP GA 34 11.73 76.36 45.23
N SER GA 35 10.47 75.97 45.02
CA SER GA 35 9.33 76.74 45.47
C SER GA 35 8.66 76.05 46.66
N ARG GA 36 8.32 76.85 47.67
CA ARG GA 36 7.76 76.31 48.91
C ARG GA 36 6.24 76.15 48.80
N LEU GA 37 5.72 75.14 49.47
CA LEU GA 37 4.27 74.95 49.63
C LEU GA 37 3.84 75.51 50.97
N ALA GA 38 2.78 76.33 50.96
CA ALA GA 38 2.42 77.16 52.10
C ALA GA 38 1.25 76.57 52.87
N LYS GA 39 1.37 76.59 54.19
CA LYS GA 39 0.31 76.22 55.13
C LYS GA 39 -0.19 74.79 54.86
N VAL GA 40 0.72 73.85 55.08
CA VAL GA 40 0.36 72.44 55.07
C VAL GA 40 -0.30 72.08 56.39
N LYS GA 41 -1.44 71.41 56.33
CA LYS GA 41 -2.15 71.03 57.55
C LYS GA 41 -1.45 69.86 58.23
N ASP GA 42 -1.17 68.79 57.48
CA ASP GA 42 -0.45 67.65 58.03
C ASP GA 42 0.28 66.92 56.91
N LEU GA 43 1.27 66.12 57.31
CA LEU GA 43 2.14 65.41 56.38
C LEU GA 43 2.43 64.02 56.90
N THR GA 44 2.57 63.06 55.98
CA THR GA 44 3.00 61.71 56.25
C THR GA 44 3.98 61.27 55.17
N PRO GA 45 5.27 61.15 55.49
CA PRO GA 45 6.24 60.74 54.47
C PRO GA 45 6.14 59.26 54.16
N GLY GA 46 6.69 58.89 53.00
CA GLY GA 46 6.71 57.50 52.62
C GLY GA 46 7.66 56.67 53.46
N GLU GA 47 7.43 55.37 53.45
CA GLU GA 47 8.26 54.42 54.19
C GLU GA 47 8.94 53.48 53.22
N LEU GA 48 10.21 53.17 53.49
CA LEU GA 48 11.06 52.41 52.58
C LEU GA 48 10.94 50.93 52.92
N THR GA 49 10.09 50.22 52.17
CA THR GA 49 9.90 48.80 52.39
C THR GA 49 10.97 47.99 51.65
N ALA GA 50 10.81 46.67 51.64
CA ALA GA 50 11.71 45.76 50.94
C ALA GA 50 10.89 44.59 50.44
N GLU GA 51 11.58 43.55 49.96
CA GLU GA 51 10.91 42.33 49.52
C GLU GA 51 11.69 41.16 50.09
N SER GA 52 10.98 40.12 50.53
CA SER GA 52 11.61 38.96 51.14
C SER GA 52 11.64 37.82 50.13
N TYR GA 53 12.83 37.28 49.87
CA TYR GA 53 13.01 36.18 48.94
C TYR GA 53 13.48 34.93 49.67
N ASP GA 54 12.94 33.79 49.26
CA ASP GA 54 13.25 32.52 49.90
C ASP GA 54 14.72 32.15 49.72
N ASP GA 55 15.28 31.50 50.76
CA ASP GA 55 16.69 31.11 50.75
C ASP GA 55 16.91 29.68 51.25
N SER GA 56 15.88 28.98 51.71
CA SER GA 56 16.05 27.65 52.26
C SER GA 56 16.54 26.68 51.18
N TYR GA 57 17.29 25.67 51.61
CA TYR GA 57 17.92 24.72 50.71
C TYR GA 57 17.78 23.31 51.27
N LEU GA 58 17.87 22.32 50.36
CA LEU GA 58 17.74 20.92 50.78
C LEU GA 58 18.90 20.50 51.66
N ASP GA 59 20.12 20.75 51.22
CA ASP GA 59 21.29 20.30 51.95
C ASP GA 59 21.70 21.25 53.06
N ASP GA 60 20.93 22.31 53.29
CA ASP GA 60 21.23 23.23 54.38
C ASP GA 60 21.26 22.47 55.70
N GLU GA 61 22.30 22.71 56.49
CA GLU GA 61 22.55 21.90 57.66
C GLU GA 61 21.53 22.14 58.77
N ASP GA 62 20.97 23.34 58.85
CA ASP GA 62 19.96 23.68 59.84
C ASP GA 62 18.59 23.61 59.19
N ALA GA 63 17.74 22.71 59.68
CA ALA GA 63 16.38 22.58 59.23
C ALA GA 63 15.44 23.09 60.31
N ASP GA 64 14.14 22.94 60.06
CA ASP GA 64 13.09 23.35 61.00
C ASP GA 64 13.13 24.85 61.28
N TRP GA 65 13.74 25.62 60.40
CA TRP GA 65 13.80 27.07 60.57
C TRP GA 65 13.87 27.71 59.19
N THR GA 66 12.91 28.57 58.88
CA THR GA 66 12.89 29.21 57.57
C THR GA 66 14.06 30.18 57.43
N ALA GA 67 14.48 30.38 56.18
CA ALA GA 67 15.59 31.29 55.86
C ALA GA 67 15.13 32.19 54.73
N THR GA 68 15.14 33.50 54.97
CA THR GA 68 14.66 34.48 54.01
C THR GA 68 15.63 35.65 53.94
N GLY GA 69 15.96 36.09 52.72
CA GLY GA 69 16.81 37.24 52.51
C GLY GA 69 16.02 38.44 52.00
N GLN GA 70 16.74 39.56 51.88
CA GLN GA 70 16.14 40.82 51.48
C GLN GA 70 16.57 41.21 50.07
N GLY GA 71 15.61 41.67 49.27
CA GLY GA 71 15.88 42.12 47.92
C GLY GA 71 14.76 42.99 47.41
N GLN GA 72 15.10 43.79 46.39
CA GLN GA 72 14.15 44.66 45.70
C GLN GA 72 13.44 45.60 46.68
N LYS GA 73 14.23 46.46 47.31
CA LYS GA 73 13.66 47.47 48.19
C LYS GA 73 13.02 48.58 47.37
N SER GA 74 11.93 49.14 47.89
CA SER GA 74 11.16 50.16 47.18
C SER GA 74 10.82 51.30 48.12
N ALA GA 75 10.67 52.49 47.55
CA ALA GA 75 10.24 53.65 48.31
C ALA GA 75 8.73 53.61 48.52
N GLY GA 76 8.25 54.45 49.45
CA GLY GA 76 6.87 54.47 49.83
C GLY GA 76 6.08 55.56 49.11
N ASP GA 77 4.94 55.89 49.71
CA ASP GA 77 4.04 56.92 49.21
C ASP GA 77 3.98 58.07 50.20
N THR GA 78 4.15 59.30 49.71
CA THR GA 78 4.07 60.48 50.53
C THR GA 78 2.68 61.08 50.41
N SER GA 79 2.18 61.66 51.50
CA SER GA 79 0.88 62.31 51.47
C SER GA 79 0.93 63.56 52.32
N PHE GA 80 0.15 64.56 51.95
CA PHE GA 80 0.03 65.74 52.78
C PHE GA 80 -1.25 66.49 52.43
N THR GA 81 -1.86 67.07 53.47
CA THR GA 81 -3.04 67.90 53.32
C THR GA 81 -2.69 69.32 53.72
N LEU GA 82 -3.12 70.27 52.90
CA LEU GA 82 -2.90 71.69 53.13
C LEU GA 82 -4.20 72.44 52.92
N ALA GA 83 -4.14 73.76 53.05
CA ALA GA 83 -5.32 74.60 52.83
C ALA GA 83 -5.50 74.81 51.33
N TRP GA 84 -6.67 74.46 50.81
CA TRP GA 84 -6.92 74.56 49.38
C TRP GA 84 -6.87 76.02 48.93
N MET GA 85 -5.97 76.32 48.00
CA MET GA 85 -5.68 77.70 47.61
C MET GA 85 -5.55 77.76 46.09
N PRO GA 86 -6.55 78.28 45.39
CA PRO GA 86 -6.45 78.37 43.93
C PRO GA 86 -5.69 79.61 43.47
N GLY GA 87 -5.14 80.37 44.41
CA GLY GA 87 -4.46 81.61 44.07
C GLY GA 87 -2.95 81.47 43.95
N GLU GA 88 -2.33 80.81 44.93
CA GLU GA 88 -0.88 80.73 44.97
C GLU GA 88 -0.35 79.93 43.79
N GLN GA 89 0.83 80.33 43.30
CA GLN GA 89 1.43 79.68 42.16
C GLN GA 89 1.87 78.24 42.48
N GLY GA 90 2.13 77.93 43.74
CA GLY GA 90 2.58 76.60 44.09
C GLY GA 90 1.55 75.53 43.77
N GLN GA 91 0.29 75.77 44.15
CA GLN GA 91 -0.75 74.80 43.85
C GLN GA 91 -1.07 74.77 42.36
N GLN GA 92 -0.95 75.91 41.67
CA GLN GA 92 -1.10 75.93 40.23
C GLN GA 92 -0.08 75.00 39.58
N ALA GA 93 1.19 75.13 39.99
CA ALA GA 93 2.24 74.26 39.47
C ALA GA 93 1.98 72.80 39.84
N LEU GA 94 1.48 72.57 41.05
CA LEU GA 94 1.19 71.20 41.47
C LEU GA 94 0.15 70.55 40.58
N LEU GA 95 -0.93 71.27 40.29
CA LEU GA 95 -1.97 70.69 39.45
C LEU GA 95 -1.54 70.57 38.00
N ALA GA 96 -0.76 71.53 37.50
CA ALA GA 96 -0.21 71.38 36.15
C ALA GA 96 0.70 70.17 36.06
N TRP GA 97 1.50 69.94 37.09
CA TRP GA 97 2.36 68.77 37.16
C TRP GA 97 1.54 67.49 37.16
N PHE GA 98 0.45 67.46 37.93
CA PHE GA 98 -0.41 66.28 37.91
C PHE GA 98 -1.01 66.05 36.54
N ASN GA 99 -1.56 67.09 35.93
CA ASN GA 99 -2.26 66.94 34.66
C ASN GA 99 -1.30 66.50 33.56
N GLU GA 100 -0.11 67.10 33.50
CA GLU GA 100 0.87 66.68 32.51
C GLU GA 100 1.50 65.35 32.92
N GLY GA 101 1.71 65.14 34.21
CA GLY GA 101 2.07 63.84 34.75
C GLY GA 101 3.47 63.34 34.41
N ASP GA 102 4.49 64.00 34.95
CA ASP GA 102 5.87 63.56 34.79
C ASP GA 102 6.53 63.43 36.16
N THR GA 103 7.57 62.61 36.22
CA THR GA 103 8.31 62.45 37.45
C THR GA 103 9.05 63.74 37.79
N ARG GA 104 8.96 64.14 39.06
CA ARG GA 104 9.59 65.37 39.52
C ARG GA 104 10.16 65.14 40.91
N ALA GA 105 11.11 65.98 41.28
CA ALA GA 105 11.79 65.88 42.56
C ALA GA 105 11.30 66.95 43.53
N TYR GA 106 11.33 66.63 44.81
CA TYR GA 106 10.89 67.55 45.85
C TYR GA 106 11.63 67.23 47.14
N LYS GA 107 11.44 68.07 48.16
CA LYS GA 107 12.16 67.88 49.41
C LYS GA 107 11.32 68.34 50.59
N ILE GA 108 11.72 67.86 51.76
CA ILE GA 108 11.18 68.29 53.04
C ILE GA 108 12.34 68.70 53.94
N ARG GA 109 12.20 69.85 54.59
CA ARG GA 109 13.22 70.39 55.47
C ARG GA 109 12.68 70.43 56.90
N PHE GA 110 13.55 70.10 57.85
CA PHE GA 110 13.23 69.98 59.26
C PHE GA 110 13.86 71.11 60.05
N PRO GA 111 13.33 71.42 61.24
CA PRO GA 111 13.97 72.43 62.08
C PRO GA 111 15.37 72.05 62.54
N ASN GA 112 15.71 70.75 62.50
CA ASN GA 112 17.05 70.33 62.91
C ASN GA 112 18.12 70.88 61.97
N GLY GA 113 17.80 71.02 60.68
CA GLY GA 113 18.72 71.55 59.71
C GLY GA 113 19.03 70.65 58.53
N THR GA 114 18.60 69.40 58.54
CA THR GA 114 18.87 68.47 57.46
C THR GA 114 17.65 68.35 56.55
N VAL GA 115 17.90 68.08 55.27
CA VAL GA 115 16.86 68.07 54.26
C VAL GA 115 16.79 66.68 53.62
N ASP GA 116 15.58 66.31 53.20
CA ASP GA 116 15.32 65.02 52.59
C ASP GA 116 14.74 65.22 51.20
N VAL GA 117 15.31 64.56 50.20
CA VAL GA 117 14.89 64.74 48.81
C VAL GA 117 14.33 63.42 48.29
N PHE GA 118 13.15 63.50 47.67
CA PHE GA 118 12.51 62.38 47.00
C PHE GA 118 12.24 62.76 45.55
N ARG GA 119 11.92 61.76 44.75
CA ARG GA 119 11.45 62.00 43.39
C ARG GA 119 10.36 60.99 43.06
N GLY GA 120 9.29 61.47 42.44
CA GLY GA 120 8.18 60.60 42.12
C GLY GA 120 7.12 61.32 41.32
N TRP GA 121 5.93 60.73 41.26
CA TRP GA 121 4.81 61.30 40.54
C TRP GA 121 3.56 61.24 41.41
N VAL GA 122 2.71 62.26 41.25
CA VAL GA 122 1.52 62.42 42.09
C VAL GA 122 0.40 61.55 41.54
N SER GA 123 -0.47 61.06 42.44
CA SER GA 123 -1.51 60.12 42.07
C SER GA 123 -2.88 60.41 42.64
N SER GA 124 -3.06 61.47 43.41
CA SER GA 124 -4.38 61.78 43.96
C SER GA 124 -4.46 63.25 44.33
N ILE GA 125 -5.68 63.80 44.23
CA ILE GA 125 -5.97 65.18 44.64
C ILE GA 125 -7.33 65.17 45.31
N GLY GA 126 -7.35 65.29 46.64
CA GLY GA 126 -8.58 65.26 47.40
C GLY GA 126 -9.10 66.65 47.74
N LYS GA 127 -10.24 66.67 48.42
CA LYS GA 127 -10.86 67.93 48.81
C LYS GA 127 -11.81 67.67 49.97
N ALA GA 128 -12.11 68.74 50.71
CA ALA GA 128 -13.10 68.71 51.77
C ALA GA 128 -13.84 70.05 51.78
N VAL GA 129 -15.07 70.03 52.28
CA VAL GA 129 -15.91 71.23 52.23
C VAL GA 129 -16.31 71.69 53.62
N THR GA 130 -15.43 71.46 54.59
CA THR GA 130 -15.59 72.03 55.94
C THR GA 130 -14.22 72.55 56.35
N VAL GA 131 -14.03 73.87 56.28
CA VAL GA 131 -12.72 74.49 56.29
C VAL GA 131 -11.92 73.88 55.15
N ILE GA 132 -12.00 74.50 53.96
CA ILE GA 132 -11.60 73.84 52.73
C ILE GA 132 -10.13 73.44 52.79
N THR GA 133 -9.87 72.15 52.56
CA THR GA 133 -8.52 71.61 52.55
C THR GA 133 -8.34 70.73 51.31
N ARG GA 134 -7.12 70.72 50.79
CA ARG GA 134 -6.75 69.88 49.66
C ARG GA 134 -5.74 68.84 50.12
N THR GA 135 -6.04 67.58 49.85
CA THR GA 135 -5.17 66.46 50.20
C THR GA 135 -4.56 65.91 48.94
N VAL GA 136 -3.24 65.74 48.93
CA VAL GA 136 -2.52 65.30 47.75
C VAL GA 136 -1.46 64.29 48.15
N LYS GA 137 -1.33 63.23 47.35
CA LYS GA 137 -0.38 62.16 47.64
C LYS GA 137 0.36 61.77 46.37
N VAL GA 138 1.63 61.41 46.54
CA VAL GA 138 2.51 61.03 45.45
C VAL GA 138 3.13 59.67 45.77
N THR GA 139 3.54 58.98 44.71
CA THR GA 139 4.28 57.73 44.83
C THR GA 139 5.68 57.95 44.29
N ASN GA 140 6.68 57.47 45.03
CA ASN GA 140 8.06 57.71 44.68
C ASN GA 140 8.56 56.67 43.67
N VAL GA 141 9.67 57.00 43.03
CA VAL GA 141 10.30 56.14 42.05
C VAL GA 141 11.80 56.36 42.12
N GLY GA 142 12.57 55.27 42.10
CA GLY GA 142 14.01 55.37 42.18
C GLY GA 142 14.49 55.56 43.60
N ARG GA 143 15.80 55.70 43.74
CA ARG GA 143 16.40 55.81 45.06
C ARG GA 143 16.20 57.22 45.61
N PRO GA 144 15.65 57.37 46.80
CA PRO GA 144 15.70 58.66 47.49
C PRO GA 144 16.94 58.75 48.38
N SER GA 145 17.48 59.97 48.46
CA SER GA 145 18.67 60.21 49.27
C SER GA 145 18.23 60.61 50.66
N MET GA 146 18.46 59.74 51.63
CA MET GA 146 18.03 59.98 53.00
C MET GA 146 18.83 61.11 53.62
N ALA GA 147 18.32 61.65 54.73
CA ALA GA 147 19.00 62.73 55.43
C ALA GA 147 20.25 62.26 56.14
N GLU GA 148 20.44 60.96 56.29
CA GLU GA 148 21.60 60.41 56.99
C GLU GA 148 22.81 60.22 56.09
N ASP GA 149 22.71 60.61 54.82
CA ASP GA 149 23.88 60.58 53.93
C ASP GA 149 24.60 61.91 53.87
N ARG GA 150 23.89 63.02 54.00
CA ARG GA 150 24.53 64.33 53.97
C ARG GA 150 25.36 64.59 55.22
N SER GA 151 24.94 64.02 56.36
CA SER GA 151 25.62 64.29 57.62
C SER GA 151 27.04 63.77 57.62
N THR GA 152 27.31 62.68 56.92
CA THR GA 152 28.65 62.11 56.86
C THR GA 152 29.63 63.04 56.14
N VAL HA 1 18.36 44.42 92.56
CA VAL HA 1 19.22 43.30 92.22
C VAL HA 1 18.68 42.56 91.01
N PRO HA 2 19.51 42.41 89.96
CA PRO HA 2 19.09 41.67 88.77
C PRO HA 2 19.26 40.17 88.97
N ASN HA 3 18.14 39.47 89.12
CA ASN HA 3 18.17 38.04 89.39
C ASN HA 3 16.75 37.52 89.16
N PRO HA 4 16.59 36.41 88.43
CA PRO HA 4 15.24 35.87 88.16
C PRO HA 4 14.55 35.34 89.40
N THR HA 5 13.40 34.69 89.21
CA THR HA 5 12.51 34.11 90.22
C THR HA 5 11.65 35.19 90.88
N MET HA 6 11.76 36.44 90.47
CA MET HA 6 10.80 37.48 90.79
C MET HA 6 10.57 38.27 89.52
N PRO HA 7 9.32 38.56 89.18
CA PRO HA 7 9.03 39.26 87.92
C PRO HA 7 9.60 40.67 87.94
N VAL HA 8 9.85 41.20 86.74
CA VAL HA 8 10.54 42.47 86.56
C VAL HA 8 9.65 43.41 85.76
N LYS HA 9 9.64 44.68 86.16
CA LYS HA 9 8.88 45.70 85.43
C LYS HA 9 9.41 45.85 84.01
N GLY HA 10 10.73 45.81 83.83
CA GLY HA 10 11.31 45.98 82.52
C GLY HA 10 11.37 47.43 82.08
N ALA HA 11 12.12 48.25 82.82
CA ALA HA 11 12.22 49.67 82.54
C ALA HA 11 13.39 49.99 81.60
N GLY HA 12 14.58 49.45 81.89
CA GLY HA 12 15.74 49.76 81.09
C GLY HA 12 15.65 49.24 79.67
N THR HA 13 15.71 47.91 79.52
CA THR HA 13 15.52 47.23 78.23
C THR HA 13 16.37 47.86 77.12
N THR HA 14 17.69 47.78 77.30
CA THR HA 14 18.61 48.33 76.31
C THR HA 14 18.60 47.47 75.04
N LEU HA 15 19.01 48.09 73.93
CA LEU HA 15 19.06 47.46 72.63
C LEU HA 15 20.44 47.64 72.03
N TRP HA 16 21.03 46.54 71.54
CA TRP HA 16 22.38 46.55 71.00
C TRP HA 16 22.41 45.88 69.64
N VAL HA 17 23.33 46.33 68.80
CA VAL HA 17 23.52 45.78 67.46
C VAL HA 17 24.99 45.41 67.31
N TYR HA 18 25.25 44.22 66.77
CA TYR HA 18 26.62 43.75 66.59
C TYR HA 18 27.34 44.57 65.54
N LYS HA 19 28.64 44.77 65.74
CA LYS HA 19 29.45 45.49 64.77
C LYS HA 19 30.71 44.73 64.36
N GLY HA 20 31.17 43.79 65.18
CA GLY HA 20 32.42 43.11 64.94
C GLY HA 20 32.25 41.82 64.17
N SER HA 21 33.27 40.97 64.27
CA SER HA 21 33.31 39.67 63.60
C SER HA 21 33.58 38.58 64.62
N GLY HA 22 32.91 37.45 64.45
CA GLY HA 22 33.04 36.34 65.37
C GLY HA 22 31.69 35.64 65.51
N ASP HA 23 31.50 35.03 66.67
CA ASP HA 23 30.25 34.34 66.97
C ASP HA 23 29.43 35.17 67.96
N PRO HA 24 28.34 35.79 67.53
CA PRO HA 24 27.49 36.51 68.49
C PRO HA 24 26.91 35.61 69.57
N TYR HA 25 26.74 34.32 69.28
CA TYR HA 25 26.19 33.40 70.26
C TYR HA 25 27.22 32.93 71.28
N ALA HA 26 28.50 33.24 71.08
CA ALA HA 26 29.54 32.74 71.96
C ALA HA 26 29.40 33.32 73.37
N ASN HA 27 29.28 34.64 73.47
CA ASN HA 27 29.19 35.27 74.78
C ASN HA 27 28.49 36.61 74.62
N PRO HA 28 27.15 36.63 74.56
CA PRO HA 28 26.42 37.90 74.46
C PRO HA 28 26.49 38.74 75.72
N LEU HA 29 26.95 38.18 76.84
CA LEU HA 29 27.04 38.94 78.09
C LEU HA 29 28.12 40.02 78.04
N SER HA 30 29.06 39.92 77.10
CA SER HA 30 30.12 40.90 76.97
C SER HA 30 29.71 41.95 75.94
N ASP HA 31 29.63 43.21 76.37
CA ASP HA 31 29.27 44.32 75.49
C ASP HA 31 30.50 45.05 74.99
N VAL HA 32 31.60 44.32 74.77
CA VAL HA 32 32.85 44.94 74.36
C VAL HA 32 32.72 45.53 72.97
N ASP HA 33 31.98 44.87 72.08
CA ASP HA 33 31.96 45.23 70.67
C ASP HA 33 30.63 45.80 70.20
N TRP HA 34 29.51 45.43 70.81
CA TRP HA 34 28.22 45.81 70.25
C TRP HA 34 27.90 47.26 70.57
N SER HA 35 27.14 47.88 69.67
CA SER HA 35 26.80 49.29 69.78
C SER HA 35 25.38 49.46 70.30
N ARG HA 36 25.20 50.37 71.24
CA ARG HA 36 23.91 50.60 71.87
C ARG HA 36 23.10 51.61 71.08
N LEU HA 37 21.78 51.41 71.05
CA LEU HA 37 20.85 52.38 70.50
C LEU HA 37 20.23 53.19 71.64
N ALA HA 38 20.03 54.48 71.41
CA ALA HA 38 19.66 55.43 72.44
C ALA HA 38 18.21 55.88 72.28
N LYS HA 39 17.50 55.95 73.40
CA LYS HA 39 16.14 56.52 73.48
C LYS HA 39 15.17 55.77 72.56
N VAL HA 40 14.94 54.51 72.91
CA VAL HA 40 13.92 53.70 72.26
C VAL HA 40 12.56 54.09 72.83
N LYS HA 41 11.64 54.50 71.95
CA LYS HA 41 10.32 54.88 72.41
C LYS HA 41 9.50 53.66 72.81
N ASP HA 42 9.28 52.74 71.87
CA ASP HA 42 8.59 51.49 72.16
C ASP HA 42 9.19 50.37 71.33
N LEU HA 43 8.96 49.13 71.79
CA LEU HA 43 9.57 47.95 71.18
C LEU HA 43 8.58 46.80 71.21
N THR HA 44 8.53 46.02 70.13
CA THR HA 44 7.75 44.79 70.06
C THR HA 44 8.68 43.70 69.55
N PRO HA 45 8.88 42.63 70.29
CA PRO HA 45 9.83 41.59 69.86
C PRO HA 45 9.18 40.57 68.94
N GLY HA 46 9.99 39.62 68.49
CA GLY HA 46 9.55 38.66 67.50
C GLY HA 46 8.60 37.61 68.06
N GLU HA 47 7.94 36.91 67.15
CA GLU HA 47 6.98 35.88 67.47
C GLU HA 47 7.44 34.56 66.85
N LEU HA 48 7.79 33.59 67.69
CA LEU HA 48 8.32 32.32 67.22
C LEU HA 48 7.15 31.37 66.93
N THR HA 49 6.57 31.52 65.75
CA THR HA 49 5.47 30.67 65.35
C THR HA 49 5.98 29.40 64.66
N ALA HA 50 5.08 28.44 64.48
CA ALA HA 50 5.40 27.21 63.78
C ALA HA 50 4.37 26.95 62.69
N GLU HA 51 4.43 25.78 62.05
CA GLU HA 51 3.46 25.45 61.00
C GLU HA 51 2.85 24.09 61.29
N SER HA 52 1.63 23.89 60.81
CA SER HA 52 0.89 22.66 61.05
C SER HA 52 0.86 21.81 59.80
N TYR HA 53 1.06 20.51 59.98
CA TYR HA 53 1.03 19.56 58.87
C TYR HA 53 0.07 18.42 59.20
N ASP HA 54 -0.55 17.89 58.15
CA ASP HA 54 -1.59 16.87 58.32
C ASP HA 54 -0.99 15.57 58.85
N ASP HA 55 -1.72 14.93 59.76
CA ASP HA 55 -1.30 13.65 60.32
C ASP HA 55 -2.43 12.64 60.39
N SER HA 56 -3.56 12.90 59.74
CA SER HA 56 -4.66 11.96 59.73
C SER HA 56 -4.37 10.80 58.79
N TYR HA 57 -4.89 9.63 59.14
CA TYR HA 57 -4.61 8.40 58.41
C TYR HA 57 -5.91 7.60 58.26
N LEU HA 58 -5.97 6.76 57.23
CA LEU HA 58 -7.20 6.04 56.93
C LEU HA 58 -7.50 4.97 57.98
N ASP HA 59 -6.52 4.15 58.31
CA ASP HA 59 -6.74 2.99 59.17
C ASP HA 59 -6.62 3.33 60.65
N ASP HA 60 -6.56 4.61 61.01
CA ASP HA 60 -6.51 4.98 62.42
C ASP HA 60 -7.75 4.47 63.13
N GLU HA 61 -7.55 3.98 64.35
CA GLU HA 61 -8.63 3.39 65.13
C GLU HA 61 -9.48 4.46 65.82
N ASP HA 62 -9.08 5.71 65.74
CA ASP HA 62 -9.88 6.84 66.22
C ASP HA 62 -10.16 7.74 65.03
N ALA HA 63 -11.44 7.97 64.75
CA ALA HA 63 -11.85 8.79 63.63
C ALA HA 63 -12.60 10.01 64.14
N ASP HA 64 -13.17 10.78 63.21
CA ASP HA 64 -13.93 12.00 63.50
C ASP HA 64 -13.22 12.92 64.48
N TRP HA 65 -11.89 12.89 64.47
CA TRP HA 65 -11.09 13.81 65.28
C TRP HA 65 -9.79 14.10 64.54
N THR HA 66 -9.61 15.35 64.14
CA THR HA 66 -8.45 15.74 63.34
C THR HA 66 -7.18 15.62 64.15
N ALA HA 67 -6.07 15.38 63.46
CA ALA HA 67 -4.76 15.24 64.09
C ALA HA 67 -3.72 15.93 63.23
N THR HA 68 -3.10 16.97 63.78
CA THR HA 68 -2.08 17.73 63.05
C THR HA 68 -0.80 17.81 63.88
N GLY HA 69 0.33 17.64 63.21
CA GLY HA 69 1.63 17.77 63.84
C GLY HA 69 2.28 19.11 63.55
N GLN HA 70 3.40 19.35 64.21
CA GLN HA 70 4.10 20.63 64.14
C GLN HA 70 5.38 20.47 63.32
N GLY HA 71 5.63 21.44 62.45
CA GLY HA 71 6.86 21.46 61.66
C GLY HA 71 7.15 22.84 61.13
N GLN HA 72 8.42 23.04 60.79
CA GLN HA 72 8.92 24.26 60.13
C GLN HA 72 8.58 25.51 60.95
N LYS HA 73 9.12 25.57 62.16
CA LYS HA 73 8.94 26.74 63.00
C LYS HA 73 9.81 27.89 62.50
N SER HA 74 9.26 29.10 62.59
CA SER HA 74 9.91 30.28 62.06
C SER HA 74 9.85 31.41 63.08
N ALA HA 75 10.87 32.26 63.05
CA ALA HA 75 10.88 33.45 63.88
C ALA HA 75 9.94 34.50 63.31
N GLY HA 76 9.64 35.50 64.13
CA GLY HA 76 8.72 36.57 63.77
C GLY HA 76 9.43 37.81 63.29
N ASP HA 77 8.76 38.95 63.47
CA ASP HA 77 9.28 40.25 63.06
C ASP HA 77 9.40 41.14 64.28
N THR HA 78 10.56 41.78 64.42
CA THR HA 78 10.80 42.71 65.50
C THR HA 78 10.57 44.13 65.00
N SER HA 79 10.11 45.00 65.89
CA SER HA 79 9.85 46.39 65.51
C SER HA 79 10.20 47.30 66.67
N PHE HA 80 10.74 48.48 66.37
CA PHE HA 80 11.02 49.42 67.43
C PHE HA 80 11.03 50.84 66.88
N THR HA 81 10.67 51.78 67.74
CA THR HA 81 10.60 53.19 67.39
C THR HA 81 11.62 53.97 68.22
N LEU HA 82 12.44 54.75 67.54
CA LEU HA 82 13.49 55.54 68.17
C LEU HA 82 13.25 57.01 67.96
N ALA HA 83 13.85 57.83 68.82
CA ALA HA 83 13.90 59.25 68.56
C ALA HA 83 14.83 59.52 67.40
N TRP HA 84 14.37 60.30 66.42
CA TRP HA 84 15.15 60.52 65.21
C TRP HA 84 16.48 61.17 65.55
N MET HA 85 17.58 60.44 65.35
CA MET HA 85 18.90 60.83 65.85
C MET HA 85 19.89 60.80 64.69
N PRO HA 86 19.78 61.73 63.75
CA PRO HA 86 20.71 61.72 62.60
C PRO HA 86 22.16 61.93 63.00
N GLY HA 87 22.43 62.68 64.06
CA GLY HA 87 23.81 62.90 64.47
C GLY HA 87 24.48 61.65 64.99
N GLU HA 88 23.76 60.84 65.75
CA GLU HA 88 24.34 59.64 66.35
C GLU HA 88 24.78 58.66 65.27
N GLN HA 89 25.90 58.00 65.53
CA GLN HA 89 26.43 57.02 64.58
C GLN HA 89 25.58 55.77 64.50
N GLY HA 90 24.81 55.46 65.54
CA GLY HA 90 24.01 54.25 65.53
C GLY HA 90 22.98 54.25 64.41
N GLN HA 91 22.25 55.36 64.25
CA GLN HA 91 21.26 55.44 63.20
C GLN HA 91 21.91 55.47 61.82
N GLN HA 92 23.08 56.09 61.70
CA GLN HA 92 23.80 56.06 60.43
C GLN HA 92 24.17 54.63 60.05
N ALA HA 93 24.66 53.86 61.02
CA ALA HA 93 25.00 52.47 60.77
C ALA HA 93 23.75 51.66 60.43
N LEU HA 94 22.65 51.93 61.11
CA LEU HA 94 21.41 51.21 60.84
C LEU HA 94 20.94 51.47 59.41
N LEU HA 95 20.97 52.72 58.97
CA LEU HA 95 20.53 53.03 57.62
C LEU HA 95 21.50 52.47 56.58
N ALA HA 96 22.80 52.48 56.87
CA ALA HA 96 23.74 51.85 55.95
C ALA HA 96 23.48 50.35 55.85
N TRP HA 97 23.14 49.72 56.97
CA TRP HA 97 22.77 48.31 56.96
C TRP HA 97 21.54 48.08 56.10
N PHE HA 98 20.53 48.95 56.22
CA PHE HA 98 19.36 48.82 55.36
C PHE HA 98 19.72 48.96 53.90
N ASN HA 99 20.55 49.94 53.56
CA ASN HA 99 20.85 50.21 52.16
C ASN HA 99 21.65 49.06 51.55
N GLU HA 100 22.70 48.62 52.23
CA GLU HA 100 23.55 47.57 51.66
C GLU HA 100 22.90 46.20 51.81
N GLY HA 101 22.15 45.98 52.89
CA GLY HA 101 21.28 44.83 52.99
C GLY HA 101 21.91 43.47 53.18
N ASP HA 102 22.52 43.23 54.34
CA ASP HA 102 23.02 41.91 54.71
C ASP HA 102 22.39 41.47 56.02
N THR HA 103 22.47 40.18 56.30
CA THR HA 103 22.00 39.66 57.57
C THR HA 103 22.96 40.06 58.69
N ARG HA 104 22.41 40.61 59.77
CA ARG HA 104 23.20 41.07 60.89
C ARG HA 104 22.54 40.61 62.18
N ALA HA 105 23.34 40.48 63.23
CA ALA HA 105 22.86 40.02 64.52
C ALA HA 105 22.76 41.17 65.50
N TYR HA 106 21.82 41.04 66.43
CA TYR HA 106 21.58 42.07 67.43
C TYR HA 106 21.03 41.41 68.69
N LYS HA 107 20.98 42.17 69.78
CA LYS HA 107 20.46 41.64 71.03
C LYS HA 107 19.68 42.71 71.76
N ILE HA 108 18.83 42.24 72.67
CA ILE HA 108 18.07 43.09 73.59
C ILE HA 108 18.37 42.62 75.00
N ARG HA 109 18.67 43.56 75.89
CA ARG HA 109 19.04 43.26 77.27
C ARG HA 109 17.90 43.64 78.19
N PHE HA 110 17.79 42.93 79.31
CA PHE HA 110 16.73 43.16 80.26
C PHE HA 110 17.29 43.55 81.61
N PRO HA 111 16.54 44.32 82.41
CA PRO HA 111 16.98 44.59 83.78
C PRO HA 111 17.04 43.33 84.64
N ASN HA 112 16.41 42.25 84.20
CA ASN HA 112 16.51 40.98 84.90
C ASN HA 112 17.96 40.50 84.94
N GLY HA 113 18.69 40.69 83.84
CA GLY HA 113 20.10 40.36 83.82
C GLY HA 113 20.48 39.52 82.63
N THR HA 114 19.50 38.84 82.03
CA THR HA 114 19.73 38.02 80.86
C THR HA 114 19.43 38.79 79.57
N VAL HA 115 19.95 38.27 78.46
CA VAL HA 115 19.86 38.92 77.16
C VAL HA 115 19.25 37.96 76.13
N ASP HA 116 18.71 38.54 75.08
CA ASP HA 116 18.11 37.80 73.97
C ASP HA 116 18.74 38.25 72.66
N VAL HA 117 19.21 37.29 71.86
CA VAL HA 117 19.96 37.58 70.65
C VAL HA 117 19.20 37.05 69.44
N PHE HA 118 19.00 37.92 68.45
CA PHE HA 118 18.35 37.60 67.19
C PHE HA 118 19.31 37.89 66.05
N ARG HA 119 18.98 37.39 64.85
CA ARG HA 119 19.71 37.76 63.65
C ARG HA 119 18.74 37.83 62.48
N GLY HA 120 18.91 38.85 61.65
CA GLY HA 120 18.04 39.03 60.50
C GLY HA 120 18.40 40.25 59.71
N TRP HA 121 17.45 40.71 58.91
CA TRP HA 121 17.64 41.90 58.08
C TRP HA 121 16.45 42.84 58.24
N VAL HA 122 16.72 44.14 58.11
CA VAL HA 122 15.67 45.15 58.25
C VAL HA 122 14.84 45.18 56.97
N SER HA 123 13.57 45.61 57.10
CA SER HA 123 12.66 45.61 55.98
C SER HA 123 11.83 46.88 55.84
N SER HA 124 11.67 47.66 56.90
CA SER HA 124 10.83 48.86 56.83
C SER HA 124 11.44 49.98 57.65
N ILE HA 125 11.38 51.20 57.11
CA ILE HA 125 11.85 52.40 57.78
C ILE HA 125 10.76 53.47 57.63
N GLY HA 126 10.21 53.92 58.76
CA GLY HA 126 9.15 54.90 58.76
C GLY HA 126 9.49 56.10 59.63
N LYS HA 127 8.62 57.11 59.55
CA LYS HA 127 8.86 58.38 60.20
C LYS HA 127 7.54 59.06 60.53
N ALA HA 128 7.62 60.07 61.41
CA ALA HA 128 6.49 60.91 61.78
C ALA HA 128 6.95 62.36 61.78
N VAL HA 129 5.98 63.28 61.76
CA VAL HA 129 6.29 64.70 61.61
C VAL HA 129 5.83 65.52 62.80
N THR HA 130 5.36 64.87 63.87
CA THR HA 130 5.03 65.57 65.11
C THR HA 130 5.78 64.88 66.23
N VAL HA 131 6.79 65.57 66.78
CA VAL HA 131 7.80 64.95 67.64
C VAL HA 131 8.39 63.78 66.87
N ILE HA 132 9.33 64.08 65.97
CA ILE HA 132 9.74 63.11 64.97
C ILE HA 132 10.31 61.86 65.64
N THR HA 133 9.78 60.71 65.24
CA THR HA 133 10.32 59.41 65.61
C THR HA 133 10.54 58.61 64.33
N ARG HA 134 11.49 57.68 64.39
CA ARG HA 134 11.78 56.78 63.28
C ARG HA 134 11.35 55.37 63.68
N THR HA 135 10.52 54.76 62.86
CA THR HA 135 10.01 53.42 63.11
C THR HA 135 10.75 52.45 62.20
N VAL HA 136 11.37 51.43 62.80
CA VAL HA 136 12.17 50.48 62.03
C VAL HA 136 11.75 49.06 62.41
N LYS HA 137 11.54 48.23 61.39
CA LYS HA 137 11.11 46.85 61.54
C LYS HA 137 12.08 45.92 60.84
N VAL HA 138 12.41 44.81 61.49
CA VAL HA 138 13.34 43.82 60.95
C VAL HA 138 12.69 42.45 61.01
N THR HA 139 13.14 41.56 60.13
CA THR HA 139 12.69 40.18 60.07
C THR HA 139 13.88 39.27 60.33
N ASN HA 140 13.70 38.30 61.22
CA ASN HA 140 14.78 37.41 61.60
C ASN HA 140 14.92 36.27 60.59
N VAL HA 141 16.08 35.62 60.64
CA VAL HA 141 16.38 34.48 59.79
C VAL HA 141 17.14 33.46 60.62
N GLY HA 142 16.79 32.18 60.49
CA GLY HA 142 17.48 31.14 61.21
C GLY HA 142 17.03 31.04 62.64
N ARG HA 143 17.56 30.04 63.33
CA ARG HA 143 17.16 29.79 64.70
C ARG HA 143 17.79 30.81 65.63
N PRO HA 144 17.02 31.45 66.52
CA PRO HA 144 17.60 32.28 67.56
C PRO HA 144 17.85 31.50 68.83
N SER HA 145 18.67 32.08 69.69
CA SER HA 145 18.97 31.52 71.01
C SER HA 145 18.22 32.34 72.05
N MET HA 146 17.28 31.70 72.73
CA MET HA 146 16.46 32.39 73.73
C MET HA 146 17.28 32.63 74.99
N ALA HA 147 16.68 33.34 75.94
CA ALA HA 147 17.36 33.58 77.21
C ALA HA 147 17.45 32.30 78.03
N GLU HA 148 16.53 31.36 77.81
CA GLU HA 148 16.53 30.12 78.59
C GLU HA 148 17.76 29.28 78.29
N ASP HA 149 18.20 29.25 77.03
CA ASP HA 149 19.36 28.43 76.68
C ASP HA 149 20.62 28.89 77.40
N ARG HA 150 20.66 30.14 77.89
CA ARG HA 150 21.80 30.63 78.63
C ARG HA 150 21.70 30.35 80.12
N SER HA 151 20.49 30.30 80.67
CA SER HA 151 20.32 30.11 82.10
C SER HA 151 20.67 28.69 82.54
N THR HA 152 20.65 27.73 81.62
CA THR HA 152 21.03 26.36 81.97
C THR HA 152 22.54 26.20 81.95
N VAL IA 1 -16.90 25.33 99.96
CA VAL IA 1 -16.82 23.91 99.67
C VAL IA 1 -16.82 23.68 98.16
N PRO IA 2 -15.81 22.97 97.67
CA PRO IA 2 -15.68 22.75 96.21
C PRO IA 2 -16.53 21.58 95.76
N ASN IA 3 -17.60 21.88 95.03
CA ASN IA 3 -18.50 20.86 94.51
C ASN IA 3 -19.36 21.47 93.41
N PRO IA 4 -19.80 20.68 92.44
CA PRO IA 4 -20.63 21.21 91.35
C PRO IA 4 -22.05 21.50 91.76
N THR IA 5 -22.89 21.87 90.78
CA THR IA 5 -24.30 22.23 90.86
C THR IA 5 -24.51 23.66 91.36
N MET IA 6 -23.45 24.38 91.71
CA MET IA 6 -23.51 25.80 92.02
C MET IA 6 -22.41 26.51 91.24
N PRO IA 7 -22.64 27.74 90.80
CA PRO IA 7 -21.61 28.44 90.02
C PRO IA 7 -20.41 28.78 90.88
N VAL IA 8 -19.25 28.84 90.23
CA VAL IA 8 -18.00 29.18 90.90
C VAL IA 8 -17.35 30.36 90.17
N LYS IA 9 -16.67 31.20 90.93
CA LYS IA 9 -16.09 32.42 90.37
C LYS IA 9 -14.84 32.13 89.53
N GLY IA 10 -14.12 31.06 89.84
CA GLY IA 10 -12.91 30.74 89.10
C GLY IA 10 -11.72 31.58 89.51
N ALA IA 11 -11.29 31.42 90.77
CA ALA IA 11 -10.16 32.18 91.31
C ALA IA 11 -8.84 31.43 91.12
N GLY IA 12 -8.79 30.16 91.53
CA GLY IA 12 -7.56 29.40 91.45
C GLY IA 12 -7.13 29.11 90.03
N THR IA 13 -7.91 28.28 89.34
CA THR IA 13 -7.70 27.89 87.93
C THR IA 13 -6.23 27.56 87.65
N THR IA 14 -5.73 26.56 88.36
CA THR IA 14 -4.34 26.16 88.18
C THR IA 14 -4.14 25.47 86.83
N LEU IA 15 -2.88 25.45 86.39
CA LEU IA 15 -2.51 24.83 85.11
C LEU IA 15 -1.29 23.95 85.34
N TRP IA 16 -1.34 22.72 84.83
CA TRP IA 16 -0.26 21.77 85.00
C TRP IA 16 0.10 21.15 83.65
N VAL IA 17 1.33 20.68 83.55
CA VAL IA 17 1.83 20.00 82.37
C VAL IA 17 2.44 18.66 82.81
N TYR IA 18 2.16 17.61 82.05
CA TYR IA 18 2.65 16.29 82.36
C TYR IA 18 4.15 16.19 82.12
N LYS IA 19 4.83 15.41 82.96
CA LYS IA 19 6.26 15.19 82.81
C LYS IA 19 6.65 13.72 82.73
N GLY IA 20 5.92 12.84 83.41
CA GLY IA 20 6.27 11.44 83.46
C GLY IA 20 5.71 10.66 82.28
N SER IA 21 5.68 9.34 82.45
CA SER IA 21 5.22 8.42 81.42
C SER IA 21 4.07 7.59 81.96
N GLY IA 22 3.04 7.42 81.14
CA GLY IA 22 1.86 6.68 81.53
C GLY IA 22 0.64 7.18 80.76
N ASP IA 23 -0.52 6.95 81.34
CA ASP IA 23 -1.76 7.38 80.72
C ASP IA 23 -2.28 8.62 81.43
N PRO IA 24 -2.29 9.79 80.79
CA PRO IA 24 -2.80 10.99 81.47
C PRO IA 24 -4.25 10.87 81.88
N TYR IA 25 -5.07 10.17 81.10
CA TYR IA 25 -6.48 10.01 81.41
C TYR IA 25 -6.75 8.96 82.47
N ALA IA 26 -5.74 8.20 82.89
CA ALA IA 26 -5.95 7.14 83.86
C ALA IA 26 -6.47 7.70 85.17
N ASN IA 27 -5.87 8.78 85.67
CA ASN IA 27 -6.33 9.41 86.90
C ASN IA 27 -5.80 10.84 86.94
N PRO IA 28 -6.47 11.78 86.27
CA PRO IA 28 -6.01 13.18 86.29
C PRO IA 28 -6.10 13.84 87.66
N LEU IA 29 -6.88 13.28 88.59
CA LEU IA 29 -7.08 13.93 89.87
C LEU IA 29 -5.82 13.99 90.72
N SER IA 30 -4.85 13.11 90.48
CA SER IA 30 -3.63 13.07 91.28
C SER IA 30 -2.55 13.92 90.63
N ASP IA 31 -1.99 14.84 91.41
CA ASP IA 31 -0.92 15.72 90.95
C ASP IA 31 0.46 15.22 91.39
N VAL IA 32 0.63 13.91 91.46
CA VAL IA 32 1.89 13.35 91.93
C VAL IA 32 3.02 13.66 90.97
N ASP IA 33 2.73 13.73 89.67
CA ASP IA 33 3.77 13.78 88.65
C ASP IA 33 3.77 15.06 87.84
N TRP IA 34 2.68 15.83 87.83
CA TRP IA 34 2.55 16.95 86.91
C TRP IA 34 3.16 18.21 87.53
N SER IA 35 3.65 19.10 86.67
CA SER IA 35 4.30 20.33 87.11
C SER IA 35 3.38 21.52 86.90
N ARG IA 36 3.28 22.37 87.91
CA ARG IA 36 2.40 23.53 87.88
C ARG IA 36 3.09 24.71 87.21
N LEU IA 37 2.30 25.51 86.48
CA LEU IA 37 2.76 26.77 85.92
C LEU IA 37 2.25 27.91 86.82
N ALA IA 38 3.16 28.81 87.18
CA ALA IA 38 2.90 29.77 88.25
C ALA IA 38 2.62 31.16 87.69
N LYS IA 39 1.63 31.83 88.29
CA LYS IA 39 1.29 33.23 88.00
C LYS IA 39 0.98 33.43 86.52
N VAL IA 40 -0.10 32.77 86.09
CA VAL IA 40 -0.66 33.03 84.77
C VAL IA 40 -1.45 34.33 84.82
N LYS IA 41 -1.23 35.18 83.83
CA LYS IA 41 -1.98 36.44 83.77
C LYS IA 41 -3.40 36.21 83.30
N ASP IA 42 -3.56 35.46 82.21
CA ASP IA 42 -4.90 35.10 81.75
C ASP IA 42 -4.84 33.84 80.89
N LEU IA 43 -6.00 33.24 80.69
CA LEU IA 43 -6.13 31.95 80.03
C LEU IA 43 -7.42 31.92 79.21
N THR IA 44 -7.30 31.52 77.95
CA THR IA 44 -8.45 31.24 77.09
C THR IA 44 -8.35 29.79 76.60
N PRO IA 45 -9.21 28.89 77.08
CA PRO IA 45 -9.13 27.50 76.64
C PRO IA 45 -9.68 27.34 75.22
N GLY IA 46 -9.32 26.20 74.62
CA GLY IA 46 -9.79 25.90 73.29
C GLY IA 46 -11.26 25.55 73.26
N GLU IA 47 -11.85 25.71 72.07
CA GLU IA 47 -13.27 25.43 71.85
C GLU IA 47 -13.39 24.27 70.87
N LEU IA 48 -14.32 23.36 71.15
CA LEU IA 48 -14.45 22.11 70.40
C LEU IA 48 -15.41 22.35 69.24
N THR IA 49 -14.86 22.72 68.09
CA THR IA 49 -15.68 22.98 66.92
C THR IA 49 -16.06 21.66 66.23
N ALA IA 50 -16.80 21.79 65.13
CA ALA IA 50 -17.19 20.65 64.31
C ALA IA 50 -17.10 21.08 62.85
N GLU IA 51 -17.68 20.28 61.95
CA GLU IA 51 -17.72 20.65 60.55
C GLU IA 51 -18.92 19.97 59.90
N SER IA 52 -19.59 20.71 59.02
CA SER IA 52 -20.87 20.30 58.45
C SER IA 52 -20.64 19.64 57.11
N TYR IA 53 -21.31 18.52 56.89
CA TYR IA 53 -21.34 17.85 55.60
C TYR IA 53 -22.76 17.86 55.04
N ASP IA 54 -22.86 18.03 53.73
CA ASP IA 54 -24.16 18.16 53.08
C ASP IA 54 -24.94 16.85 53.13
N ASP IA 55 -26.25 16.97 53.25
CA ASP IA 55 -27.14 15.81 53.33
C ASP IA 55 -28.36 15.91 52.43
N SER IA 56 -28.61 17.07 51.80
CA SER IA 56 -29.80 17.26 51.00
C SER IA 56 -29.86 16.27 49.83
N TYR IA 57 -31.06 15.76 49.56
CA TYR IA 57 -31.28 14.75 48.53
C TYR IA 57 -32.41 15.19 47.61
N LEU IA 58 -32.43 14.62 46.41
CA LEU IA 58 -33.46 14.93 45.42
C LEU IA 58 -34.84 14.45 45.82
N ASP IA 59 -34.99 13.15 46.02
CA ASP IA 59 -36.30 12.55 46.21
C ASP IA 59 -36.89 12.81 47.59
N ASP IA 60 -36.14 13.45 48.49
CA ASP IA 60 -36.68 13.78 49.81
C ASP IA 60 -37.92 14.64 49.67
N GLU IA 61 -38.94 14.34 50.49
CA GLU IA 61 -40.20 15.06 50.39
C GLU IA 61 -40.02 16.55 50.69
N ASP IA 62 -39.22 16.87 51.69
CA ASP IA 62 -39.01 18.26 52.08
C ASP IA 62 -37.99 18.90 51.16
N ALA IA 63 -38.44 19.82 50.32
CA ALA IA 63 -37.58 20.61 49.46
C ALA IA 63 -37.46 22.01 50.04
N ASP IA 64 -36.74 22.88 49.33
CA ASP IA 64 -36.49 24.26 49.72
C ASP IA 64 -36.14 24.39 51.21
N TRP IA 65 -35.40 23.42 51.73
CA TRP IA 65 -34.95 23.46 53.12
C TRP IA 65 -33.64 22.69 53.19
N THR IA 66 -32.54 23.40 53.40
CA THR IA 66 -31.23 22.76 53.41
C THR IA 66 -31.14 21.74 54.55
N ALA IA 67 -30.42 20.66 54.29
CA ALA IA 67 -30.19 19.61 55.28
C ALA IA 67 -28.70 19.29 55.32
N THR IA 68 -28.16 19.13 56.53
CA THR IA 68 -26.75 18.86 56.69
C THR IA 68 -26.52 18.23 58.06
N GLY IA 69 -25.46 17.43 58.15
CA GLY IA 69 -25.08 16.77 59.37
C GLY IA 69 -23.66 17.15 59.80
N GLN IA 70 -23.24 16.57 60.92
CA GLN IA 70 -21.92 16.84 61.46
C GLN IA 70 -20.97 15.69 61.19
N GLY IA 71 -19.67 16.00 61.21
CA GLY IA 71 -18.63 15.02 61.00
C GLY IA 71 -17.24 15.60 61.13
N GLN IA 72 -16.29 14.81 61.61
CA GLN IA 72 -14.91 15.22 61.78
C GLN IA 72 -14.80 16.45 62.70
N LYS IA 73 -15.18 16.25 63.96
CA LYS IA 73 -15.02 17.31 64.94
C LYS IA 73 -13.57 17.42 65.37
N SER IA 74 -13.14 18.64 65.66
CA SER IA 74 -11.76 18.91 66.04
C SER IA 74 -11.70 19.77 67.28
N ALA IA 75 -10.65 19.59 68.07
CA ALA IA 75 -10.42 20.43 69.23
C ALA IA 75 -9.88 21.79 68.82
N GLY IA 76 -9.94 22.74 69.74
CA GLY IA 76 -9.53 24.10 69.48
C GLY IA 76 -8.09 24.38 69.87
N ASP IA 77 -7.79 25.67 70.02
CA ASP IA 77 -6.47 26.14 70.39
C ASP IA 77 -6.55 26.82 71.76
N THR IA 78 -5.62 26.46 72.63
CA THR IA 78 -5.54 27.05 73.97
C THR IA 78 -4.50 28.16 73.96
N SER IA 79 -4.75 29.21 74.72
CA SER IA 79 -3.79 30.31 74.84
C SER IA 79 -3.71 30.74 76.28
N PHE IA 80 -2.52 31.16 76.71
CA PHE IA 80 -2.41 31.69 78.06
C PHE IA 80 -1.16 32.56 78.16
N THR IA 81 -1.30 33.65 78.90
CA THR IA 81 -0.22 34.59 79.16
C THR IA 81 0.12 34.55 80.63
N LEU IA 82 1.40 34.37 80.94
CA LEU IA 82 1.94 34.37 82.29
C LEU IA 82 2.98 35.48 82.41
N ALA IA 83 3.54 35.61 83.62
CA ALA IA 83 4.66 36.49 83.83
C ALA IA 83 5.93 35.83 83.31
N TRP IA 84 6.71 36.57 82.50
CA TRP IA 84 7.89 36.00 81.88
C TRP IA 84 8.90 35.59 82.95
N MET IA 85 9.10 34.29 83.12
CA MET IA 85 9.83 33.74 84.26
C MET IA 85 10.92 32.81 83.76
N PRO IA 86 12.08 33.36 83.40
CA PRO IA 86 13.17 32.52 82.89
C PRO IA 86 13.92 31.74 83.95
N GLY IA 87 13.49 31.80 85.21
CA GLY IA 87 14.18 31.09 86.27
C GLY IA 87 13.55 29.75 86.62
N GLU IA 88 12.24 29.72 86.76
CA GLU IA 88 11.55 28.51 87.16
C GLU IA 88 11.63 27.46 86.05
N GLN IA 89 11.62 26.19 86.47
CA GLN IA 89 11.75 25.08 85.54
C GLN IA 89 10.52 24.92 84.64
N GLY IA 90 9.39 25.51 85.01
CA GLY IA 90 8.18 25.38 84.23
C GLY IA 90 8.32 25.86 82.80
N GLN IA 91 8.60 27.16 82.63
CA GLN IA 91 8.76 27.67 81.28
C GLN IA 91 10.07 27.23 80.63
N GLN IA 92 11.08 26.85 81.41
CA GLN IA 92 12.25 26.22 80.81
C GLN IA 92 11.86 24.94 80.08
N ALA IA 93 11.11 24.07 80.76
CA ALA IA 93 10.61 22.85 80.13
C ALA IA 93 9.64 23.17 79.00
N LEU IA 94 8.81 24.21 79.16
CA LEU IA 94 7.88 24.58 78.10
C LEU IA 94 8.61 24.98 76.83
N LEU IA 95 9.66 25.78 76.96
CA LEU IA 95 10.43 26.20 75.80
C LEU IA 95 11.27 25.08 75.21
N ALA IA 96 11.81 24.19 76.04
CA ALA IA 96 12.49 23.03 75.51
C ALA IA 96 11.52 22.13 74.74
N TRP IA 97 10.30 21.98 75.27
CA TRP IA 97 9.27 21.23 74.58
C TRP IA 97 8.95 21.85 73.23
N PHE IA 98 8.81 23.18 73.19
CA PHE IA 98 8.55 23.83 71.91
C PHE IA 98 9.70 23.63 70.94
N ASN IA 99 10.94 23.82 71.39
CA ASN IA 99 12.08 23.69 70.50
C ASN IA 99 12.18 22.28 69.93
N GLU IA 100 12.00 21.27 70.77
CA GLU IA 100 12.04 19.91 70.25
C GLU IA 100 10.74 19.54 69.55
N GLY IA 101 9.61 20.03 70.05
CA GLY IA 101 8.35 19.95 69.33
C GLY IA 101 7.69 18.59 69.21
N ASP IA 102 7.19 18.05 70.30
CA ASP IA 102 6.39 16.83 70.29
C ASP IA 102 5.04 17.08 70.94
N THR IA 103 4.10 16.17 70.68
CA THR IA 103 2.81 16.24 71.34
C THR IA 103 2.94 15.88 72.81
N ARG IA 104 2.32 16.69 73.67
CA ARG IA 104 2.37 16.47 75.11
C ARG IA 104 1.00 16.76 75.69
N ALA IA 105 0.73 16.19 76.86
CA ALA IA 105 -0.54 16.35 77.54
C ALA IA 105 -0.41 17.33 78.69
N TYR IA 106 -1.49 18.10 78.91
CA TYR IA 106 -1.53 19.09 79.98
C TYR IA 106 -2.94 19.12 80.55
N LYS IA 107 -3.11 19.86 81.65
CA LYS IA 107 -4.37 19.82 82.37
C LYS IA 107 -4.65 21.16 83.03
N ILE IA 108 -5.94 21.46 83.18
CA ILE IA 108 -6.40 22.65 83.89
C ILE IA 108 -7.36 22.21 85.00
N ARG IA 109 -7.22 22.81 86.18
CA ARG IA 109 -8.00 22.51 87.37
C ARG IA 109 -8.80 23.72 87.81
N PHE IA 110 -9.97 23.48 88.40
CA PHE IA 110 -10.93 24.51 88.80
C PHE IA 110 -11.09 24.54 90.31
N PRO IA 111 -11.39 25.71 90.90
CA PRO IA 111 -11.70 25.70 92.33
C PRO IA 111 -12.82 24.78 92.50
N ASN IA 112 -13.56 24.54 91.38
CA ASN IA 112 -14.73 23.69 91.48
C ASN IA 112 -14.30 22.37 92.05
N GLY IA 113 -13.17 21.87 91.57
CA GLY IA 113 -12.69 20.53 91.84
C GLY IA 113 -12.46 19.69 90.61
N THR IA 114 -13.29 19.84 89.57
CA THR IA 114 -13.21 19.01 88.37
C THR IA 114 -12.01 19.40 87.52
N VAL IA 115 -11.52 18.43 86.75
CA VAL IA 115 -10.23 18.51 86.06
C VAL IA 115 -10.42 18.27 84.56
N ASP IA 116 -9.69 19.05 83.76
CA ASP IA 116 -9.75 18.91 82.31
C ASP IA 116 -8.37 18.57 81.80
N VAL IA 117 -8.29 17.65 80.85
CA VAL IA 117 -7.02 17.21 80.29
C VAL IA 117 -7.09 17.36 78.78
N PHE IA 118 -6.08 18.02 78.22
CA PHE IA 118 -5.90 18.17 76.78
C PHE IA 118 -4.55 17.59 76.38
N ARG IA 119 -4.34 17.44 75.08
CA ARG IA 119 -3.02 17.07 74.56
C ARG IA 119 -2.83 17.75 73.21
N GLY IA 120 -1.63 18.28 73.01
CA GLY IA 120 -1.34 19.00 71.78
C GLY IA 120 0.10 19.46 71.72
N TRP IA 121 0.36 20.41 70.84
CA TRP IA 121 1.70 20.96 70.66
C TRP IA 121 1.64 22.48 70.56
N VAL IA 122 2.71 23.14 71.02
CA VAL IA 122 2.76 24.58 71.14
C VAL IA 122 3.17 25.21 69.81
N SER IA 123 2.56 26.35 69.47
CA SER IA 123 2.83 27.00 68.20
C SER IA 123 3.13 28.49 68.27
N SER IA 124 3.25 29.07 69.47
CA SER IA 124 3.61 30.49 69.55
C SER IA 124 4.15 30.80 70.95
N ILE IA 125 5.14 31.68 70.99
CA ILE IA 125 5.72 32.19 72.23
C ILE IA 125 6.00 33.67 72.06
N GLY IA 126 5.18 34.52 72.66
CA GLY IA 126 5.31 35.96 72.53
C GLY IA 126 5.96 36.61 73.73
N LYS IA 127 6.02 37.95 73.67
CA LYS IA 127 6.63 38.72 74.74
C LYS IA 127 6.10 40.15 74.69
N ALA IA 128 6.18 40.82 75.84
CA ALA IA 128 5.88 42.24 75.95
C ALA IA 128 6.93 42.90 76.84
N VAL IA 129 7.16 44.19 76.63
CA VAL IA 129 8.22 44.88 77.35
C VAL IA 129 7.66 45.99 78.22
N THR IA 130 6.44 45.79 78.73
CA THR IA 130 5.84 46.68 79.72
C THR IA 130 5.17 45.80 80.76
N VAL IA 131 5.80 45.67 81.92
CA VAL IA 131 5.49 44.60 82.87
C VAL IA 131 5.65 43.28 82.12
N ILE IA 132 6.88 42.78 82.04
CA ILE IA 132 7.22 41.72 81.09
C ILE IA 132 6.33 40.51 81.30
N THR IA 133 5.73 40.03 80.22
CA THR IA 133 4.86 38.87 80.24
C THR IA 133 5.11 38.03 79.00
N ARG IA 134 4.92 36.72 79.15
CA ARG IA 134 5.11 35.76 78.07
C ARG IA 134 3.77 35.12 77.72
N THR IA 135 3.39 35.21 76.45
CA THR IA 135 2.15 34.63 75.95
C THR IA 135 2.46 33.43 75.09
N VAL IA 136 1.81 32.31 75.37
CA VAL IA 136 2.07 31.06 74.66
C VAL IA 136 0.74 30.40 74.32
N LYS IA 137 0.65 29.88 73.10
CA LYS IA 137 -0.56 29.20 72.64
C LYS IA 137 -0.19 27.85 72.05
N VAL IA 138 -1.09 26.89 72.23
CA VAL IA 138 -0.91 25.53 71.74
C VAL IA 138 -2.15 25.13 70.95
N THR IA 139 -1.98 24.15 70.07
CA THR IA 139 -3.06 23.56 69.31
C THR IA 139 -3.20 22.10 69.73
N ASN IA 140 -4.44 21.68 69.99
CA ASN IA 140 -4.71 20.34 70.48
C ASN IA 140 -4.77 19.35 69.32
N VAL IA 141 -4.51 18.08 69.66
CA VAL IA 141 -4.58 16.98 68.70
C VAL IA 141 -5.25 15.79 69.39
N GLY IA 142 -6.15 15.14 68.68
CA GLY IA 142 -6.81 13.96 69.22
C GLY IA 142 -7.97 14.32 70.13
N ARG IA 143 -8.51 13.29 70.77
CA ARG IA 143 -9.69 13.48 71.59
C ARG IA 143 -9.31 14.01 72.97
N PRO IA 144 -9.89 15.13 73.41
CA PRO IA 144 -9.76 15.55 74.79
C PRO IA 144 -10.88 14.96 75.65
N SER IA 145 -10.61 14.91 76.96
CA SER IA 145 -11.55 14.39 77.93
C SER IA 145 -12.06 15.56 78.77
N MET IA 146 -13.34 15.89 78.62
CA MET IA 146 -13.92 17.00 79.37
C MET IA 146 -14.19 16.56 80.80
N ALA IA 147 -14.65 17.49 81.64
CA ALA IA 147 -14.94 17.17 83.03
C ALA IA 147 -16.23 16.38 83.17
N GLU IA 148 -17.16 16.53 82.23
CA GLU IA 148 -18.43 15.83 82.31
C GLU IA 148 -18.26 14.33 82.22
N ASP IA 149 -17.33 13.86 81.39
CA ASP IA 149 -17.07 12.43 81.34
C ASP IA 149 -16.56 11.91 82.68
N ARG IA 150 -15.69 12.67 83.34
CA ARG IA 150 -15.20 12.26 84.66
C ARG IA 150 -16.31 12.28 85.69
N SER IA 151 -17.23 13.25 85.59
CA SER IA 151 -18.28 13.38 86.60
C SER IA 151 -19.20 12.15 86.65
N THR IA 152 -19.30 11.41 85.55
CA THR IA 152 -20.15 10.22 85.52
C THR IA 152 -19.51 9.08 86.29
N VAL JA 1 -50.82 38.14 82.86
CA VAL JA 1 -51.59 37.27 81.98
C VAL JA 1 -50.85 37.06 80.66
N PRO JA 2 -50.54 35.79 80.35
CA PRO JA 2 -49.79 35.47 79.13
C PRO JA 2 -50.72 35.33 77.93
N ASN JA 3 -50.63 36.28 77.00
CA ASN JA 3 -51.40 36.25 75.77
C ASN JA 3 -50.84 37.31 74.81
N PRO JA 4 -51.01 37.11 73.51
CA PRO JA 4 -50.50 38.09 72.52
C PRO JA 4 -51.36 39.34 72.45
N THR JA 5 -51.08 40.19 71.45
CA THR JA 5 -51.67 41.49 71.16
C THR JA 5 -51.10 42.58 72.07
N MET JA 6 -50.15 42.26 72.94
CA MET JA 6 -49.40 43.26 73.68
C MET JA 6 -47.95 42.78 73.76
N PRO JA 7 -46.99 43.69 73.63
CA PRO JA 7 -45.58 43.28 73.62
C PRO JA 7 -45.16 42.72 74.98
N VAL JA 8 -44.15 41.87 74.94
CA VAL JA 8 -43.67 41.16 76.13
C VAL JA 8 -42.20 41.50 76.35
N LYS JA 9 -41.85 41.81 77.60
CA LYS JA 9 -40.47 42.18 77.91
C LYS JA 9 -39.51 41.02 77.69
N GLY JA 10 -39.97 39.78 77.82
CA GLY JA 10 -39.13 38.62 77.61
C GLY JA 10 -38.19 38.33 78.76
N ALA JA 11 -38.76 38.02 79.93
CA ALA JA 11 -37.97 37.78 81.12
C ALA JA 11 -37.62 36.31 81.31
N GLY JA 12 -38.62 35.43 81.32
CA GLY JA 12 -38.37 34.03 81.58
C GLY JA 12 -37.63 33.33 80.47
N THR JA 13 -38.30 33.13 79.33
CA THR JA 13 -37.71 32.56 78.12
C THR JA 13 -36.92 31.29 78.42
N THR JA 14 -37.63 30.28 78.90
CA THR JA 14 -36.98 29.02 79.26
C THR JA 14 -36.52 28.28 78.02
N LEU JA 15 -35.58 27.34 78.21
CA LEU JA 15 -35.04 26.54 77.12
C LEU JA 15 -35.16 25.07 77.50
N TRP JA 16 -35.70 24.27 76.58
CA TRP JA 16 -35.93 22.86 76.80
C TRP JA 16 -35.31 22.06 75.66
N VAL JA 17 -34.89 20.84 75.98
CA VAL JA 17 -34.36 19.91 74.99
C VAL JA 17 -35.14 18.61 75.07
N TYR JA 18 -35.55 18.08 73.92
CA TYR JA 18 -36.33 16.85 73.90
C TYR JA 18 -35.47 15.66 74.32
N LYS JA 19 -36.11 14.70 74.97
CA LYS JA 19 -35.43 13.52 75.50
C LYS JA 19 -36.06 12.22 75.04
N GLY JA 20 -37.37 12.16 74.92
CA GLY JA 20 -38.08 10.94 74.59
C GLY JA 20 -38.17 10.68 73.11
N SER JA 21 -39.14 9.84 72.74
CA SER JA 21 -39.37 9.44 71.36
C SER JA 21 -40.79 9.80 70.95
N GLY JA 22 -40.96 10.14 69.68
CA GLY JA 22 -42.26 10.53 69.16
C GLY JA 22 -42.15 11.71 68.24
N ASP JA 23 -43.22 12.49 68.12
CA ASP JA 23 -43.21 13.68 67.28
C ASP JA 23 -43.12 14.92 68.16
N PRO JA 24 -41.98 15.62 68.18
CA PRO JA 24 -41.92 16.87 68.96
C PRO JA 24 -42.91 17.91 68.50
N TYR JA 25 -43.29 17.91 67.22
CA TYR JA 25 -44.25 18.88 66.70
C TYR JA 25 -45.68 18.54 67.06
N ALA JA 26 -45.94 17.34 67.57
CA ALA JA 26 -47.32 16.94 67.87
C ALA JA 26 -47.94 17.81 68.95
N ASN JA 27 -47.20 18.07 70.03
CA ASN JA 27 -47.74 18.87 71.12
C ASN JA 27 -46.58 19.47 71.92
N PRO JA 28 -45.92 20.49 71.39
CA PRO JA 28 -44.83 21.13 72.14
C PRO JA 28 -45.30 21.84 73.40
N LEU JA 29 -46.60 22.11 73.53
CA LEU JA 29 -47.11 22.77 74.72
C LEU JA 29 -47.01 21.88 75.97
N SER JA 30 -46.82 20.58 75.80
CA SER JA 30 -46.70 19.66 76.93
C SER JA 30 -45.23 19.46 77.25
N ASP JA 31 -44.85 19.76 78.49
CA ASP JA 31 -43.47 19.60 78.95
C ASP JA 31 -43.30 18.31 79.74
N VAL JA 32 -44.03 17.26 79.35
CA VAL JA 32 -44.01 16.01 80.10
C VAL JA 32 -42.64 15.34 80.02
N ASP JA 33 -41.98 15.44 78.86
CA ASP JA 33 -40.77 14.69 78.60
C ASP JA 33 -39.52 15.54 78.46
N TRP JA 34 -39.65 16.79 78.00
CA TRP JA 34 -38.47 17.59 77.70
C TRP JA 34 -37.76 18.01 78.99
N SER JA 35 -36.45 18.21 78.88
CA SER JA 35 -35.61 18.58 80.02
C SER JA 35 -35.25 20.06 79.92
N ARG JA 36 -35.41 20.79 81.01
CA ARG JA 36 -35.10 22.22 81.02
C ARG JA 36 -33.63 22.46 81.30
N LEU JA 37 -33.11 23.54 80.73
CA LEU JA 37 -31.75 24.00 81.00
C LEU JA 37 -31.81 25.17 81.98
N ALA JA 38 -30.85 25.21 82.89
CA ALA JA 38 -30.91 26.11 84.04
C ALA JA 38 -29.93 27.26 83.90
N LYS JA 39 -30.43 28.47 84.20
CA LYS JA 39 -29.62 29.68 84.32
C LYS JA 39 -28.84 29.97 83.03
N VAL JA 40 -29.59 30.28 81.98
CA VAL JA 40 -28.99 30.69 80.72
C VAL JA 40 -28.57 32.15 80.82
N LYS JA 41 -27.28 32.40 80.63
CA LYS JA 41 -26.76 33.77 80.64
C LYS JA 41 -27.36 34.58 79.51
N ASP JA 42 -27.28 34.07 78.29
CA ASP JA 42 -27.68 34.82 77.11
C ASP JA 42 -28.10 33.86 76.01
N LEU JA 43 -28.92 34.36 75.08
CA LEU JA 43 -29.42 33.55 73.97
C LEU JA 43 -29.55 34.38 72.71
N THR JA 44 -29.20 33.78 71.57
CA THR JA 44 -29.43 34.37 70.25
C THR JA 44 -30.05 33.31 69.36
N PRO JA 45 -31.29 33.49 68.92
CA PRO JA 45 -31.98 32.43 68.15
C PRO JA 45 -31.50 32.39 66.70
N GLY JA 46 -31.99 31.37 66.00
CA GLY JA 46 -31.62 31.18 64.60
C GLY JA 46 -32.23 32.23 63.69
N GLU JA 47 -31.71 32.26 62.46
CA GLU JA 47 -32.07 33.27 61.47
C GLU JA 47 -32.57 32.57 60.22
N LEU JA 48 -33.84 32.76 59.88
CA LEU JA 48 -34.49 32.06 58.76
C LEU JA 48 -34.19 32.81 57.47
N THR JA 49 -33.12 32.42 56.79
CA THR JA 49 -32.71 33.08 55.56
C THR JA 49 -33.20 32.28 54.35
N ALA JA 50 -32.87 32.78 53.16
CA ALA JA 50 -33.21 32.11 51.90
C ALA JA 50 -32.09 32.38 50.90
N GLU JA 51 -32.28 31.95 49.66
CA GLU JA 51 -31.31 32.17 48.60
C GLU JA 51 -31.99 32.79 47.40
N SER JA 52 -31.21 33.50 46.60
CA SER JA 52 -31.71 34.23 45.45
C SER JA 52 -31.24 33.55 44.16
N TYR JA 53 -32.17 33.34 43.24
CA TYR JA 53 -31.88 32.76 41.94
C TYR JA 53 -32.27 33.75 40.85
N ASP JA 54 -31.55 33.69 39.73
CA ASP JA 54 -31.77 34.63 38.64
C ASP JA 54 -33.06 34.30 37.92
N ASP JA 55 -33.92 35.32 37.75
CA ASP JA 55 -35.15 35.17 37.01
C ASP JA 55 -35.22 36.00 35.74
N SER JA 56 -34.33 36.96 35.56
CA SER JA 56 -34.35 37.76 34.34
C SER JA 56 -33.96 36.91 33.14
N TYR JA 57 -34.70 37.09 32.05
CA TYR JA 57 -34.49 36.32 30.83
C TYR JA 57 -34.22 37.27 29.67
N LEU JA 58 -33.53 36.75 28.65
CA LEU JA 58 -33.07 37.57 27.54
C LEU JA 58 -34.24 38.26 26.85
N ASP JA 59 -35.28 37.51 26.55
CA ASP JA 59 -36.49 38.09 25.99
C ASP JA 59 -37.33 38.66 27.13
N ASP JA 60 -37.45 39.98 27.18
CA ASP JA 60 -38.21 40.65 28.22
C ASP JA 60 -38.64 42.01 27.69
N GLU JA 61 -39.64 42.59 28.35
CA GLU JA 61 -40.09 43.94 28.00
C GLU JA 61 -39.45 44.98 28.90
N ASP JA 62 -39.52 44.78 30.21
CA ASP JA 62 -38.84 45.67 31.14
C ASP JA 62 -37.36 45.31 31.18
N ALA JA 63 -36.53 46.16 30.58
CA ALA JA 63 -35.09 45.94 30.55
C ALA JA 63 -34.43 46.83 31.61
N ASP JA 64 -33.10 46.77 31.63
CA ASP JA 64 -32.25 47.50 32.58
C ASP JA 64 -32.79 47.47 34.01
N TRP JA 65 -33.39 46.36 34.41
CA TRP JA 65 -33.83 46.19 35.78
C TRP JA 65 -33.72 44.72 36.15
N THR JA 66 -32.99 44.42 37.21
CA THR JA 66 -32.73 43.04 37.60
C THR JA 66 -34.00 42.41 38.16
N ALA JA 67 -34.07 41.08 38.06
CA ALA JA 67 -35.23 40.33 38.53
C ALA JA 67 -34.75 39.00 39.10
N THR JA 68 -34.83 38.86 40.41
CA THR JA 68 -34.40 37.65 41.11
C THR JA 68 -35.55 37.09 41.93
N GLY JA 69 -35.65 35.76 41.95
CA GLY JA 69 -36.64 35.06 42.76
C GLY JA 69 -36.00 34.35 43.94
N GLN JA 70 -36.85 33.80 44.79
CA GLN JA 70 -36.41 33.16 46.01
C GLN JA 70 -36.44 31.64 45.89
N GLY JA 71 -35.45 31.00 46.51
CA GLY JA 71 -35.40 29.55 46.58
C GLY JA 71 -34.44 29.09 47.65
N GLN JA 72 -34.63 27.86 48.14
CA GLN JA 72 -33.75 27.24 49.12
C GLN JA 72 -33.66 28.05 50.41
N LYS JA 73 -34.79 28.21 51.07
CA LYS JA 73 -34.78 28.85 52.38
C LYS JA 73 -34.18 27.92 53.41
N SER JA 74 -33.37 28.47 54.30
CA SER JA 74 -32.62 27.68 55.26
C SER JA 74 -32.72 28.30 56.65
N ALA JA 75 -32.71 27.44 57.66
CA ALA JA 75 -32.68 27.90 59.03
C ALA JA 75 -31.28 28.36 59.41
N GLY JA 76 -31.20 29.14 60.48
CA GLY JA 76 -29.95 29.72 60.93
C GLY JA 76 -29.28 28.89 62.01
N ASP JA 77 -28.41 29.55 62.76
CA ASP JA 77 -27.67 28.92 63.85
C ASP JA 77 -28.09 29.55 65.17
N THR JA 78 -28.42 28.70 66.14
CA THR JA 78 -28.78 29.14 67.47
C THR JA 78 -27.57 29.12 68.38
N SER JA 79 -27.51 30.06 69.32
CA SER JA 79 -26.40 30.10 70.26
C SER JA 79 -26.93 30.47 71.64
N PHE JA 80 -26.31 29.92 72.67
CA PHE JA 80 -26.70 30.30 74.02
C PHE JA 80 -25.52 30.09 74.96
N THR JA 81 -25.34 31.06 75.84
CA THR JA 81 -24.32 31.00 76.89
C THR JA 81 -25.03 30.77 78.21
N LEU JA 82 -24.59 29.76 78.95
CA LEU JA 82 -25.16 29.45 80.26
C LEU JA 82 -24.05 29.32 81.29
N ALA JA 83 -24.45 29.21 82.55
CA ALA JA 83 -23.49 29.02 83.62
C ALA JA 83 -22.94 27.60 83.59
N TRP JA 84 -21.62 27.45 83.74
CA TRP JA 84 -21.00 26.14 83.71
C TRP JA 84 -21.46 25.30 84.89
N MET JA 85 -22.19 24.22 84.60
CA MET JA 85 -22.85 23.41 85.62
C MET JA 85 -22.45 21.95 85.41
N PRO JA 86 -21.23 21.58 85.80
CA PRO JA 86 -20.76 20.22 85.49
C PRO JA 86 -21.48 19.14 86.26
N GLY JA 87 -22.33 19.52 87.21
CA GLY JA 87 -23.04 18.55 88.03
C GLY JA 87 -24.44 18.24 87.52
N GLU JA 88 -25.13 19.24 86.99
CA GLU JA 88 -26.49 19.04 86.52
C GLU JA 88 -26.52 18.07 85.34
N GLN JA 89 -27.64 17.34 85.24
CA GLN JA 89 -27.74 16.29 84.24
C GLN JA 89 -27.96 16.85 82.83
N GLY JA 90 -28.58 18.02 82.72
CA GLY JA 90 -28.94 18.52 81.40
C GLY JA 90 -27.74 18.75 80.50
N GLN JA 91 -26.73 19.43 81.01
CA GLN JA 91 -25.55 19.68 80.18
C GLN JA 91 -24.63 18.47 80.08
N GLN JA 92 -24.71 17.53 81.02
CA GLN JA 92 -24.06 16.23 80.79
C GLN JA 92 -24.67 15.56 79.57
N ALA JA 93 -26.00 15.56 79.46
CA ALA JA 93 -26.66 15.03 78.28
C ALA JA 93 -26.30 15.85 77.05
N LEU JA 94 -26.17 17.16 77.20
CA LEU JA 94 -25.82 18.01 76.07
C LEU JA 94 -24.43 17.67 75.52
N LEU JA 95 -23.45 17.49 76.40
CA LEU JA 95 -22.12 17.13 75.94
C LEU JA 95 -22.08 15.72 75.39
N ALA JA 96 -22.87 14.80 75.96
CA ALA JA 96 -22.97 13.47 75.37
C ALA JA 96 -23.56 13.54 73.97
N TRP JA 97 -24.55 14.40 73.78
CA TRP JA 97 -25.13 14.62 72.46
C TRP JA 97 -24.09 15.15 71.48
N PHE JA 98 -23.29 16.13 71.92
CA PHE JA 98 -22.24 16.65 71.05
C PHE JA 98 -21.24 15.58 70.68
N ASN JA 99 -20.83 14.77 71.66
CA ASN JA 99 -19.83 13.75 71.41
C ASN JA 99 -20.34 12.70 70.44
N GLU JA 100 -21.55 12.18 70.70
CA GLU JA 100 -22.08 11.13 69.84
C GLU JA 100 -22.58 11.71 68.50
N GLY JA 101 -23.24 12.87 68.56
CA GLY JA 101 -23.53 13.63 67.36
C GLY JA 101 -24.66 13.16 66.45
N ASP JA 102 -25.90 13.22 66.93
CA ASP JA 102 -27.06 13.01 66.07
C ASP JA 102 -27.96 14.25 66.13
N THR JA 103 -28.87 14.33 65.16
CA THR JA 103 -29.83 15.43 65.14
C THR JA 103 -30.85 15.25 66.26
N ARG JA 104 -31.07 16.32 67.01
CA ARG JA 104 -32.01 16.32 68.12
C ARG JA 104 -32.86 17.58 68.05
N ALA JA 105 -34.04 17.50 68.64
CA ALA JA 105 -35.00 18.60 68.64
C ALA JA 105 -35.04 19.27 70.00
N TYR JA 106 -35.24 20.59 69.99
CA TYR JA 106 -35.29 21.38 71.21
C TYR JA 106 -36.29 22.51 71.00
N LYS JA 107 -36.58 23.24 72.08
CA LYS JA 107 -37.56 24.30 72.02
C LYS JA 107 -37.18 25.42 72.98
N ILE JA 108 -37.77 26.58 72.75
CA ILE JA 108 -37.64 27.76 73.61
C ILE JA 108 -39.03 28.27 73.92
N ARG JA 109 -39.27 28.60 75.18
CA ARG JA 109 -40.58 29.05 75.65
C ARG JA 109 -40.46 30.51 76.09
N PHE JA 110 -41.45 31.29 75.74
CA PHE JA 110 -41.56 32.70 76.02
C PHE JA 110 -42.59 32.96 77.11
N PRO JA 111 -42.43 34.02 77.90
CA PRO JA 111 -43.49 34.41 78.84
C PRO JA 111 -44.77 34.82 78.16
N ASN JA 112 -44.74 35.05 76.84
CA ASN JA 112 -45.96 35.35 76.09
C ASN JA 112 -46.94 34.18 76.17
N GLY JA 113 -46.43 32.95 76.06
CA GLY JA 113 -47.28 31.79 76.20
C GLY JA 113 -47.06 30.75 75.13
N THR JA 114 -46.52 31.16 73.99
CA THR JA 114 -46.25 30.25 72.89
C THR JA 114 -44.80 29.78 72.91
N VAL JA 115 -44.55 28.68 72.21
CA VAL JA 115 -43.24 28.04 72.20
C VAL JA 115 -42.73 27.97 70.77
N ASP JA 116 -41.42 27.75 70.64
CA ASP JA 116 -40.73 27.67 69.35
C ASP JA 116 -39.88 26.42 69.33
N VAL JA 117 -40.00 25.63 68.28
CA VAL JA 117 -39.33 24.33 68.20
C VAL JA 117 -38.37 24.34 67.02
N PHE JA 118 -37.14 23.89 67.28
CA PHE JA 118 -36.09 23.75 66.28
C PHE JA 118 -35.53 22.33 66.36
N ARG JA 119 -34.79 21.94 65.33
CA ARG JA 119 -34.07 20.67 65.37
C ARG JA 119 -32.75 20.80 64.62
N GLY JA 120 -31.70 20.23 65.19
CA GLY JA 120 -30.38 20.35 64.59
C GLY JA 120 -29.34 19.62 65.40
N TRP JA 121 -28.08 19.98 65.17
CA TRP JA 121 -26.96 19.38 65.88
C TRP JA 121 -26.00 20.46 66.36
N VAL JA 122 -25.34 20.19 67.48
CA VAL JA 122 -24.44 21.15 68.12
C VAL JA 122 -23.07 21.08 67.43
N SER JA 123 -22.49 22.26 67.18
CA SER JA 123 -21.22 22.35 66.46
C SER JA 123 -20.12 23.08 67.20
N SER JA 124 -20.41 23.76 68.31
CA SER JA 124 -19.38 24.51 69.01
C SER JA 124 -19.64 24.50 70.51
N ILE JA 125 -18.57 24.36 71.28
CA ILE JA 125 -18.63 24.39 72.74
C ILE JA 125 -17.51 25.30 73.24
N GLY JA 126 -17.87 26.33 74.00
CA GLY JA 126 -16.91 27.28 74.52
C GLY JA 126 -16.93 27.36 76.03
N LYS JA 127 -15.96 28.10 76.57
CA LYS JA 127 -15.71 28.16 78.01
C LYS JA 127 -15.05 29.49 78.33
N ALA JA 128 -14.84 29.74 79.63
CA ALA JA 128 -14.22 30.95 80.12
C ALA JA 128 -13.41 30.64 81.37
N VAL JA 129 -12.98 31.68 82.07
CA VAL JA 129 -12.15 31.54 83.26
C VAL JA 129 -12.77 32.25 84.47
N THR JA 130 -13.11 33.53 84.33
CA THR JA 130 -13.73 34.28 85.42
C THR JA 130 -15.24 34.24 85.28
N VAL JA 131 -15.92 33.88 86.38
CA VAL JA 131 -17.33 33.53 86.36
C VAL JA 131 -17.60 32.61 85.17
N ILE JA 132 -17.08 31.38 85.24
CA ILE JA 132 -17.03 30.49 84.10
C ILE JA 132 -18.41 30.31 83.49
N THR JA 133 -18.49 30.53 82.17
CA THR JA 133 -19.70 30.27 81.40
C THR JA 133 -19.36 29.34 80.24
N ARG JA 134 -20.33 28.51 79.87
CA ARG JA 134 -20.21 27.63 78.72
C ARG JA 134 -21.09 28.14 77.59
N THR JA 135 -20.50 28.28 76.41
CA THR JA 135 -21.21 28.77 75.22
C THR JA 135 -21.43 27.61 74.26
N VAL JA 136 -22.69 27.37 73.91
CA VAL JA 136 -23.08 26.26 73.05
C VAL JA 136 -23.75 26.84 71.80
N LYS JA 137 -23.28 26.41 70.64
CA LYS JA 137 -23.83 26.82 69.35
C LYS JA 137 -24.29 25.59 68.59
N VAL JA 138 -25.51 25.65 68.05
CA VAL JA 138 -26.06 24.54 67.28
C VAL JA 138 -26.53 25.07 65.93
N THR JA 139 -26.52 24.18 64.94
CA THR JA 139 -26.98 24.49 63.59
C THR JA 139 -28.20 23.63 63.30
N ASN JA 140 -29.25 24.26 62.77
CA ASN JA 140 -30.51 23.59 62.54
C ASN JA 140 -30.46 22.78 61.24
N VAL JA 141 -31.51 21.98 61.03
CA VAL JA 141 -31.65 21.18 59.83
C VAL JA 141 -33.14 20.95 59.59
N GLY JA 142 -33.56 21.10 58.35
CA GLY JA 142 -34.95 20.89 58.00
C GLY JA 142 -35.81 22.07 58.39
N ARG JA 143 -37.08 21.98 58.02
CA ARG JA 143 -38.00 23.09 58.26
C ARG JA 143 -38.37 23.14 59.75
N PRO JA 144 -38.40 24.33 60.34
CA PRO JA 144 -38.94 24.47 61.69
C PRO JA 144 -40.41 24.87 61.66
N SER JA 145 -41.09 24.63 62.78
CA SER JA 145 -42.47 25.06 62.97
C SER JA 145 -42.47 26.24 63.92
N MET JA 146 -42.75 27.43 63.39
CA MET JA 146 -42.68 28.66 64.16
C MET JA 146 -43.87 28.76 65.11
N ALA JA 147 -43.89 29.83 65.91
CA ALA JA 147 -45.00 30.04 66.83
C ALA JA 147 -46.29 30.36 66.09
N GLU JA 148 -46.18 31.06 64.96
CA GLU JA 148 -47.37 31.45 64.22
C GLU JA 148 -48.14 30.25 63.71
N ASP JA 149 -47.43 29.20 63.29
CA ASP JA 149 -48.12 28.00 62.81
C ASP JA 149 -48.99 27.39 63.91
N ARG JA 150 -48.55 27.46 65.16
CA ARG JA 150 -49.38 27.00 66.26
C ARG JA 150 -50.47 28.01 66.61
N SER JA 151 -50.20 29.31 66.39
CA SER JA 151 -51.15 30.34 66.80
C SER JA 151 -52.47 30.23 66.05
N THR JA 152 -52.46 29.71 64.83
CA THR JA 152 -53.69 29.54 64.07
C THR JA 152 -54.38 28.22 64.45
#